data_6RWB
#
_entry.id   6RWB
#
_cell.length_a   1.00
_cell.length_b   1.00
_cell.length_c   1.00
_cell.angle_alpha   90.00
_cell.angle_beta   90.00
_cell.angle_gamma   90.00
#
_symmetry.space_group_name_H-M   'P 1'
#
_entity_poly.entity_id   1
_entity_poly.type   'polypeptide(L)'
_entity_poly.pdbx_seq_one_letter_code
;MASQDNIDHTASVIADTDNTIHQQAKAEERHRQAARRATQLRNDPVLSGINKLAFSVAPKILQPEARTDLSLAEGIPERA
NEYADPASIQSLFSPGRYLCELYHVAKELHEDGNKLHIDKRRPDLQDLVLNNSNMNQEVSSLEILLNVLQTKTPLDELTK
DTEAHANDSSFTLPYDDNLTVINAILEDKAISLREIAVLLTEESDFSPTPALVQEQLGLNPASYALIDIKSPLDESYAKR
LAHATQLSVEQLQWLNKNAIENSSNKNDPAKLEILAVISEYRRLHQRYGLSVDPFIAIINAVNTTHTNENKTSFFQQIFS
TLDVDAGFNFLDQGSWEVIIRKALGITAEELLRIAKYCFGKSSISNVKMNSKKFSQLYRMAMIPRTLGVSFSQAEYLWQL
YSHSDENIMEKIAQGNALTIIDAIIVLENTLQWMSEQKLDITTLQAMLTKQYSTTATPELFNFLSNIYQTLGKQVYSESL
KPNLYRSLANGFHLKANVVAGLVNWLAKNDSEFTLERFWQNISMTFAEEPSLHQLEVHQPLLIQCQKLSQYVLIAQWAEL
SEQEIALILLPNGIDNRGSAPSPSITLLKLLSEFKLCQQEAKVSQSELFDIMQQLITDTNEKQEKLRNSADKVIRSIAKS
IGSINNSMDDIDSTISIRNGSATLFPPEHPMYKALKLEVSNLEKSKIQLEGKKKEEEIKLEQAKDNIQSLINNWDSEIII
RLADAYHWDINIANSMFILIFGEKINFTFHYENRNDYHYEEHYGYRFEQKPMYSFDKKLTNGFGSILLLKNHIYIAEKLK
IHPGTIIKIKNYIFDDKSNELENIANKLRVNLGSPTSTVLNKINESRRDALVNYYLAKNVSGDEKIKTAEQLYQYLLLDT
KIGHEVKTSPIAEAISSLQIYINRCVDGEENDLHEKNISTHFSSDNFLHGWNSYNKRYARWAGKEKLMYYAADYIDPTLR
YNKTELFNTFEQSINNSRLTEKSVKSALQSYLISYEKLAQIDTIKELYVENIKTHFFLGKTRESPCQYYWRSGEQLSNDS
HHLRWSEWKKVECNINGTEEKFFINLSWYRNRLYVDWLNKTAFKTDEGKGKSEYHYNAAYKNDNNAWNDNISNMKIGLPW
EQSKDIDEIPPIFINQDNVNSNSKNETYFITSGSTINNIPLFHGGYLEGEIKISFDKNKVKFTLEKPFERINEKSDYVIQ
INADMSDFNEIKNEKGESVTVEIKKNFNIMAYSLDEEYLGGNSFNRITFDTNIIHELDGDISLLPPDSLPLVEKLQTSVD
ELLSYSTQKDKIGLDAFSGSYGIYFWEFFFHIPFLASMRFLNEQRFDLAQHWLKYLLNSAGYRDRNGNLLKEGDNILYWN
SLPLQQDTDWDKNTLTLPTDDPDVIAMQDPMQYKLAIFMRTLDLIISQGDQAYRQLERDTLAEAKIYYIQASQLLGSRPD
LNRGHQWENIKLAEESRQAENGHFLPPYNEILLSYWDKLEIRLYNLRHNLNLDGQPLHLPLFATPVDPKALQRQHGAGNG
INSGEQMATAQTSLYRFPLLIERAKSAVSSVIQFGNSLQSVLERQDNEAMTLLFQQQQQKVLQHTKDIQNNNIQVLQANL
EATNSLKSAAKQRSKHYKELLDNGISSREQSGLDLRIDAGAVNIASVAPLMLAAALDTAPNVFGLADGGSHWGAVPYATS
ATLQISAGLTESRANINDIKANYDRREQEWTLQKNQADKDAEQLAHQYTSVQEQLNMAQKQRNLAELEQGHADALYQMQS
TRFTGKELYNWMAGRLSGLYFQLFDATQPLCLMAKAVLEKEVDKAKTDGLFIRSGWNDLYQGLLAGEDLQLNLQKLENVW
LMEEQRALEVERTVSLAQHYQQLSDHKFNLAEIVTGYMAQDKDQKTGNEQDFVELKNSTLIASLSIKGLNLVEDYPETMH
LGDIRRIKQISVSLPALLGPYQDVQATLDYAGENTHLAKGCTALAISRGMNDSGQFQLDFNDGKYLPFEGIDISDKGTLV
LRFPNATSKQKLLLQSLSDIILHIRYTIRS
;
_entity_poly.pdbx_strand_id   A,B,C,D,E
#
# COMPACT_ATOMS: atom_id res chain seq x y z
N ALA A 58 7.43 80.93 -1.35
CA ALA A 58 7.47 79.58 -1.94
C ALA A 58 8.80 79.16 -2.61
N PRO A 59 9.53 80.05 -3.31
CA PRO A 59 10.92 79.69 -3.65
C PRO A 59 11.87 79.72 -2.45
N LYS A 60 11.50 80.41 -1.38
CA LYS A 60 12.31 80.41 -0.17
C LYS A 60 12.28 79.07 0.55
N ILE A 61 11.28 78.23 0.28
CA ILE A 61 11.32 76.85 0.72
C ILE A 61 12.18 76.04 -0.25
N LEU A 62 12.17 76.41 -1.53
CA LEU A 62 12.89 75.65 -2.55
C LEU A 62 14.39 75.83 -2.46
N GLN A 63 14.86 76.97 -1.95
CA GLN A 63 16.30 77.25 -1.88
C GLN A 63 17.09 76.35 -0.93
N PRO A 64 16.63 76.00 0.29
CA PRO A 64 17.35 74.95 1.04
C PRO A 64 17.22 73.59 0.39
N GLU A 65 16.12 73.32 -0.30
CA GLU A 65 16.00 72.10 -1.09
C GLU A 65 16.92 72.13 -2.32
N ALA A 66 17.30 73.32 -2.78
CA ALA A 66 18.18 73.46 -3.94
C ALA A 66 19.66 73.41 -3.58
N ARG A 67 20.03 73.90 -2.40
CA ARG A 67 21.46 74.02 -2.09
C ARG A 67 22.05 72.70 -1.60
N THR A 68 21.29 71.91 -0.83
CA THR A 68 21.89 70.74 -0.20
C THR A 68 21.95 69.55 -1.15
N ASP A 69 20.77 69.01 -1.52
CA ASP A 69 20.48 67.95 -2.48
C ASP A 69 20.95 66.55 -2.04
N LEU A 70 21.87 66.50 -1.06
CA LEU A 70 22.56 65.32 -0.58
C LEU A 70 23.54 65.80 0.49
N SER A 71 24.24 64.89 1.16
CA SER A 71 25.34 65.30 2.02
C SER A 71 26.55 64.38 1.90
N LEU A 72 26.61 63.55 0.87
CA LEU A 72 27.85 62.93 0.44
C LEU A 72 28.52 63.94 -0.48
N ALA A 73 29.87 64.01 -0.41
CA ALA A 73 30.57 65.11 -1.05
C ALA A 73 30.51 64.99 -2.57
N GLU A 74 31.14 63.95 -3.13
CA GLU A 74 31.08 63.52 -4.54
C GLU A 74 31.76 64.52 -5.50
N GLY A 75 32.16 65.68 -5.01
CA GLY A 75 32.89 66.64 -5.81
C GLY A 75 32.06 67.37 -6.86
N ILE A 76 31.56 66.64 -7.85
CA ILE A 76 31.07 67.24 -9.08
C ILE A 76 29.66 67.82 -8.89
N PRO A 77 28.69 67.15 -8.18
CA PRO A 77 27.53 67.92 -7.73
C PRO A 77 27.83 68.67 -6.44
N GLU A 78 27.01 69.67 -6.10
CA GLU A 78 27.21 70.50 -4.93
C GLU A 78 26.41 69.92 -3.77
N ARG A 79 27.05 69.79 -2.61
CA ARG A 79 26.44 69.19 -1.43
C ARG A 79 26.61 70.10 -0.23
N ALA A 80 25.64 70.05 0.67
CA ALA A 80 25.72 70.68 1.99
C ALA A 80 25.56 69.61 3.06
N ASN A 81 26.09 69.91 4.24
CA ASN A 81 26.24 68.91 5.30
C ASN A 81 24.93 68.66 6.04
N GLU A 82 25.04 67.98 7.19
CA GLU A 82 24.01 67.85 8.23
C GLU A 82 22.77 67.11 7.69
N TYR A 83 23.01 65.85 7.34
CA TYR A 83 21.97 64.94 6.85
C TYR A 83 21.31 64.23 8.03
N ALA A 84 20.56 63.17 7.72
CA ALA A 84 20.01 62.28 8.74
C ALA A 84 19.90 60.88 8.15
N ASP A 85 19.79 59.90 9.02
CA ASP A 85 19.53 58.53 8.60
C ASP A 85 18.08 58.45 8.10
N PRO A 86 17.83 57.99 6.89
CA PRO A 86 16.46 57.69 6.49
C PRO A 86 15.93 56.48 7.23
N ALA A 87 14.60 56.36 7.22
CA ALA A 87 13.82 55.44 8.08
C ALA A 87 14.19 55.62 9.55
N SER A 88 14.06 56.87 10.01
CA SER A 88 14.21 57.20 11.41
C SER A 88 13.39 58.45 11.68
N ILE A 89 13.05 58.66 12.95
CA ILE A 89 12.26 59.83 13.36
C ILE A 89 13.05 61.11 13.11
N GLN A 90 14.37 61.06 13.22
CA GLN A 90 15.22 62.22 13.04
C GLN A 90 15.33 62.64 11.57
N SER A 91 14.80 61.86 10.64
CA SER A 91 14.69 62.26 9.25
C SER A 91 13.59 63.32 9.07
N LEU A 92 13.49 63.85 7.86
CA LEU A 92 12.55 64.93 7.57
C LEU A 92 11.28 64.43 6.88
N PHE A 93 11.31 63.23 6.32
CA PHE A 93 10.12 62.65 5.70
C PHE A 93 9.55 61.50 6.52
N SER A 94 9.75 61.56 7.84
CA SER A 94 9.40 60.48 8.74
C SER A 94 7.93 60.53 9.10
N PRO A 95 7.39 59.46 9.70
CA PRO A 95 6.10 59.60 10.39
C PRO A 95 6.16 60.53 11.59
N GLY A 96 7.34 60.75 12.18
CA GLY A 96 7.46 61.71 13.27
C GLY A 96 7.27 63.14 12.79
N ARG A 97 7.84 63.49 11.64
CA ARG A 97 7.66 64.83 11.10
C ARG A 97 6.22 65.04 10.63
N TYR A 98 5.62 64.00 10.03
CA TYR A 98 4.22 64.08 9.63
C TYR A 98 3.30 64.21 10.83
N LEU A 99 3.63 63.52 11.92
CA LEU A 99 2.85 63.64 13.15
C LEU A 99 3.02 65.02 13.78
N CYS A 100 4.23 65.58 13.73
CA CYS A 100 4.48 66.91 14.26
C CYS A 100 3.72 67.97 13.48
N GLU A 101 3.74 67.87 12.14
CA GLU A 101 3.01 68.81 11.30
C GLU A 101 1.51 68.68 11.49
N LEU A 102 1.02 67.44 11.60
CA LEU A 102 -0.40 67.20 11.76
C LEU A 102 -0.88 67.67 13.13
N TYR A 103 -0.05 67.54 14.16
CA TYR A 103 -0.42 68.00 15.48
C TYR A 103 -0.42 69.51 15.59
N HIS A 104 0.59 70.18 15.00
CA HIS A 104 0.61 71.63 15.09
C HIS A 104 -0.40 72.28 14.16
N VAL A 105 -0.88 71.57 13.14
CA VAL A 105 -2.10 72.01 12.46
C VAL A 105 -3.32 71.78 13.35
N ALA A 106 -3.39 70.62 13.99
CA ALA A 106 -4.62 70.17 14.62
C ALA A 106 -4.92 70.88 15.92
N LYS A 107 -3.92 71.40 16.62
CA LYS A 107 -4.20 72.09 17.87
C LYS A 107 -4.49 73.57 17.66
N GLU A 108 -4.73 74.01 16.42
CA GLU A 108 -5.06 75.39 16.13
C GLU A 108 -6.47 75.54 15.56
N LEU A 109 -7.29 74.49 15.66
CA LEU A 109 -8.63 74.52 15.06
C LEU A 109 -9.75 74.76 16.05
N HIS A 110 -9.50 74.63 17.35
CA HIS A 110 -10.45 75.01 18.38
C HIS A 110 -9.77 76.00 19.33
N GLU A 111 -10.60 76.70 20.09
CA GLU A 111 -10.09 77.50 21.19
C GLU A 111 -9.58 76.57 22.28
N ASP A 112 -8.53 77.01 22.99
CA ASP A 112 -7.91 76.19 24.04
C ASP A 112 -8.85 75.93 25.21
N GLY A 113 -9.82 76.81 25.46
CA GLY A 113 -10.77 76.60 26.54
C GLY A 113 -11.89 75.64 26.23
N ASN A 114 -12.04 75.21 24.97
CA ASN A 114 -13.12 74.31 24.60
C ASN A 114 -12.89 72.91 25.15
N LYS A 115 -13.98 72.15 25.20
CA LYS A 115 -13.92 70.73 25.54
C LYS A 115 -13.59 69.87 24.34
N LEU A 116 -13.57 70.45 23.14
CA LEU A 116 -13.28 69.72 21.91
C LEU A 116 -11.82 69.84 21.50
N HIS A 117 -11.02 70.63 22.23
CA HIS A 117 -9.60 70.75 21.98
C HIS A 117 -8.91 69.42 22.30
N ILE A 118 -7.79 69.16 21.61
CA ILE A 118 -7.13 67.87 21.72
C ILE A 118 -6.52 67.68 23.10
N ASP A 119 -5.85 68.71 23.61
CA ASP A 119 -5.24 68.63 24.93
C ASP A 119 -6.28 68.60 26.05
N LYS A 120 -7.53 68.97 25.76
CA LYS A 120 -8.61 68.80 26.71
C LYS A 120 -9.29 67.45 26.58
N ARG A 121 -9.39 66.89 25.36
CA ARG A 121 -9.99 65.59 25.21
C ARG A 121 -9.00 64.44 25.38
N ARG A 122 -7.73 64.64 25.00
CA ARG A 122 -6.68 63.64 25.18
C ARG A 122 -5.40 64.33 25.60
N PRO A 123 -5.09 64.36 26.89
CA PRO A 123 -3.78 64.87 27.33
C PRO A 123 -2.62 63.95 27.03
N ASP A 124 -2.87 62.74 26.50
CA ASP A 124 -1.80 61.80 26.22
C ASP A 124 -0.96 62.24 25.01
N LEU A 125 -1.60 62.80 23.99
CA LEU A 125 -0.90 63.17 22.76
C LEU A 125 0.04 64.34 22.95
N GLN A 126 -0.14 65.15 23.99
CA GLN A 126 0.76 66.26 24.24
C GLN A 126 2.12 65.77 24.74
N ASP A 127 2.16 64.61 25.39
CA ASP A 127 3.37 64.12 26.04
C ASP A 127 3.91 62.86 25.34
N LEU A 128 3.60 62.69 24.06
CA LEU A 128 4.12 61.56 23.30
C LEU A 128 5.56 61.82 22.91
N VAL A 129 6.44 60.86 23.19
CA VAL A 129 7.86 61.02 22.94
C VAL A 129 8.15 60.62 21.49
N LEU A 130 8.67 61.57 20.70
CA LEU A 130 9.12 61.28 19.36
C LEU A 130 10.43 60.50 19.40
N ASN A 131 10.33 59.18 19.36
CA ASN A 131 11.48 58.31 19.50
C ASN A 131 11.36 57.21 18.45
N ASN A 132 12.50 56.69 18.01
CA ASN A 132 12.47 55.60 17.04
C ASN A 132 11.98 54.29 17.67
N SER A 133 12.09 54.16 18.99
CA SER A 133 11.42 53.08 19.70
C SER A 133 9.91 53.22 19.60
N ASN A 134 9.40 54.45 19.70
CA ASN A 134 7.97 54.68 19.50
C ASN A 134 7.58 54.53 18.04
N MET A 135 8.54 54.57 17.12
CA MET A 135 8.23 54.37 15.70
C MET A 135 8.13 52.90 15.36
N ASN A 136 9.11 52.10 15.78
CA ASN A 136 9.28 50.77 15.21
C ASN A 136 8.80 49.61 16.09
N GLN A 137 8.50 49.85 17.36
CA GLN A 137 8.07 48.77 18.24
C GLN A 137 6.62 48.41 17.94
N GLU A 138 6.35 47.11 17.79
CA GLU A 138 5.01 46.61 17.50
C GLU A 138 4.24 46.47 18.81
N VAL A 139 3.79 47.60 19.32
CA VAL A 139 2.90 47.62 20.47
C VAL A 139 1.51 47.21 20.02
N SER A 140 0.85 46.36 20.78
CA SER A 140 -0.49 45.95 20.40
C SER A 140 -1.51 47.04 20.73
N SER A 141 -2.58 47.09 19.93
CA SER A 141 -3.74 47.86 20.29
C SER A 141 -4.50 47.13 21.40
N LEU A 142 -5.53 47.81 21.94
CA LEU A 142 -6.30 47.46 23.15
C LEU A 142 -5.46 47.61 24.42
N GLU A 143 -4.19 48.00 24.29
CA GLU A 143 -3.42 48.46 25.43
C GLU A 143 -3.46 49.98 25.53
N ILE A 144 -3.38 50.64 24.38
CA ILE A 144 -3.42 52.11 24.35
C ILE A 144 -4.81 52.60 24.73
N LEU A 145 -5.85 51.90 24.25
CA LEU A 145 -7.23 52.24 24.60
C LEU A 145 -7.47 52.11 26.09
N LEU A 146 -7.00 51.03 26.70
CA LEU A 146 -7.18 50.85 28.14
C LEU A 146 -6.36 51.86 28.92
N ASN A 147 -5.18 52.25 28.44
CA ASN A 147 -4.39 53.26 29.14
C ASN A 147 -5.07 54.63 29.09
N VAL A 148 -5.66 54.99 27.94
CA VAL A 148 -6.34 56.28 27.83
C VAL A 148 -7.63 56.27 28.66
N LEU A 149 -8.34 55.14 28.70
CA LEU A 149 -9.56 55.08 29.51
C LEU A 149 -9.25 55.05 31.01
N GLN A 150 -8.16 54.42 31.42
CA GLN A 150 -7.75 54.42 32.81
C GLN A 150 -7.05 55.70 33.22
N THR A 151 -6.68 56.56 32.27
CA THR A 151 -6.15 57.88 32.62
C THR A 151 -7.22 58.72 33.32
N LYS A 152 -8.46 58.69 32.83
CA LYS A 152 -9.51 59.49 33.46
C LYS A 152 -10.03 58.82 34.72
N THR A 153 -10.61 57.63 34.60
CA THR A 153 -11.14 56.90 35.73
C THR A 153 -10.37 55.60 35.92
N PRO A 154 -9.84 55.35 37.11
CA PRO A 154 -9.03 54.13 37.32
C PRO A 154 -9.88 52.88 37.33
N LEU A 155 -9.18 51.74 37.39
CA LEU A 155 -9.87 50.45 37.30
C LEU A 155 -10.54 50.07 38.60
N ASP A 156 -10.04 50.56 39.74
CA ASP A 156 -10.64 50.22 41.03
C ASP A 156 -11.97 50.91 41.24
N GLU A 157 -12.25 51.97 40.49
CA GLU A 157 -13.55 52.63 40.54
C GLU A 157 -14.66 51.71 40.04
N LEU A 158 -14.35 50.79 39.12
CA LEU A 158 -15.35 49.85 38.62
C LEU A 158 -15.72 48.82 39.69
N THR A 159 -14.74 48.36 40.47
CA THR A 159 -15.03 47.42 41.54
C THR A 159 -15.78 48.10 42.68
N LYS A 160 -15.44 49.36 42.96
CA LYS A 160 -16.09 50.12 44.02
C LYS A 160 -17.44 50.70 43.58
N ASP A 161 -17.80 50.53 42.30
CA ASP A 161 -18.94 51.24 41.71
C ASP A 161 -20.27 50.74 42.27
N THR A 162 -21.26 51.63 42.26
CA THR A 162 -22.62 51.30 42.67
C THR A 162 -23.39 50.68 41.50
N GLU A 163 -24.70 50.59 41.65
CA GLU A 163 -25.56 49.80 40.78
C GLU A 163 -26.51 50.71 39.99
N ALA A 164 -27.34 50.07 39.16
CA ALA A 164 -28.53 50.65 38.52
C ALA A 164 -28.17 51.85 37.63
N HIS A 165 -27.43 51.56 36.57
CA HIS A 165 -26.89 52.60 35.71
C HIS A 165 -27.85 52.90 34.57
N ALA A 166 -27.48 53.82 33.69
CA ALA A 166 -28.42 54.47 32.78
C ALA A 166 -28.66 53.68 31.50
N ASN A 167 -29.11 52.43 31.66
CA ASN A 167 -29.67 51.59 30.60
C ASN A 167 -28.69 51.35 29.45
N ASP A 168 -27.58 50.72 29.80
CA ASP A 168 -26.56 50.39 28.81
C ASP A 168 -26.79 49.02 28.21
N SER A 169 -26.25 48.83 27.00
CA SER A 169 -26.33 47.53 26.35
C SER A 169 -25.34 46.56 27.00
N SER A 170 -25.72 45.28 26.98
CA SER A 170 -24.95 44.11 27.41
C SER A 170 -24.68 44.03 28.91
N PHE A 171 -25.08 45.07 29.67
CA PHE A 171 -25.17 45.07 31.14
C PHE A 171 -23.87 44.70 31.84
N THR A 172 -22.74 45.15 31.30
CA THR A 172 -21.46 44.80 31.87
C THR A 172 -21.02 45.75 32.97
N LEU A 173 -21.78 46.80 33.25
CA LEU A 173 -21.28 47.91 34.06
C LEU A 173 -21.25 47.61 35.56
N PRO A 174 -22.23 46.90 36.20
CA PRO A 174 -21.98 46.45 37.59
C PRO A 174 -20.93 45.36 37.61
N TYR A 175 -19.67 45.79 37.57
CA TYR A 175 -18.54 44.97 37.14
C TYR A 175 -17.63 44.66 38.31
N ASP A 176 -17.14 43.43 38.34
CA ASP A 176 -16.12 43.00 39.28
C ASP A 176 -14.98 42.39 38.47
N ASP A 177 -13.79 42.97 38.59
CA ASP A 177 -12.64 42.47 37.85
C ASP A 177 -12.20 41.12 38.39
N ASN A 178 -12.41 40.87 39.69
CA ASN A 178 -11.86 39.69 40.33
C ASN A 178 -12.54 38.42 39.86
N LEU A 179 -13.86 38.43 39.75
CA LEU A 179 -14.58 37.26 39.24
C LEU A 179 -14.26 37.01 37.78
N THR A 180 -14.01 38.07 37.01
CA THR A 180 -13.63 37.92 35.61
C THR A 180 -12.23 37.29 35.48
N VAL A 181 -11.30 37.70 36.34
CA VAL A 181 -9.96 37.13 36.34
C VAL A 181 -10.01 35.66 36.73
N ILE A 182 -10.78 35.33 37.77
CA ILE A 182 -10.92 33.94 38.23
C ILE A 182 -11.55 33.08 37.14
N ASN A 183 -12.60 33.59 36.48
CA ASN A 183 -13.28 32.84 35.44
C ASN A 183 -12.38 32.63 34.22
N ALA A 184 -11.62 33.66 33.82
CA ALA A 184 -10.77 33.51 32.63
C ALA A 184 -9.56 32.63 32.91
N ILE A 185 -9.03 32.67 34.14
CA ILE A 185 -7.98 31.73 34.53
C ILE A 185 -8.52 30.31 34.55
N LEU A 186 -9.78 30.14 34.97
CA LEU A 186 -10.36 28.81 34.97
C LEU A 186 -10.87 28.35 33.61
N GLU A 187 -10.91 29.23 32.61
CA GLU A 187 -11.31 28.82 31.26
C GLU A 187 -10.33 27.81 30.67
N ASP A 188 -9.07 28.21 30.49
CA ASP A 188 -8.12 27.38 29.76
C ASP A 188 -7.64 26.17 30.55
N LYS A 189 -7.80 26.18 31.87
CA LYS A 189 -7.37 25.07 32.71
C LYS A 189 -8.38 23.92 32.73
N ALA A 190 -9.50 24.06 32.02
CA ALA A 190 -10.59 23.06 31.94
C ALA A 190 -11.13 22.72 33.33
N ILE A 191 -11.43 23.76 34.11
CA ILE A 191 -12.01 23.64 35.44
C ILE A 191 -13.10 24.68 35.54
N SER A 192 -14.34 24.26 35.71
CA SER A 192 -15.37 25.24 36.04
C SER A 192 -15.45 25.39 37.55
N LEU A 193 -16.20 26.40 37.99
CA LEU A 193 -16.50 26.50 39.42
C LEU A 193 -17.38 25.35 39.88
N ARG A 194 -18.21 24.82 38.99
CA ARG A 194 -18.97 23.61 39.33
C ARG A 194 -18.06 22.40 39.38
N GLU A 195 -17.09 22.31 38.47
CA GLU A 195 -16.17 21.17 38.49
C GLU A 195 -15.22 21.25 39.68
N ILE A 196 -14.87 22.46 40.12
CA ILE A 196 -14.08 22.60 41.34
C ILE A 196 -14.94 22.47 42.58
N ALA A 197 -16.27 22.52 42.44
CA ALA A 197 -17.15 22.29 43.57
C ALA A 197 -17.58 20.84 43.72
N VAL A 198 -17.53 20.05 42.64
CA VAL A 198 -17.86 18.63 42.73
C VAL A 198 -16.75 17.87 43.44
N LEU A 199 -15.50 18.14 43.05
CA LEU A 199 -14.34 17.45 43.65
C LEU A 199 -14.13 17.82 45.11
N LEU A 200 -14.55 19.01 45.53
CA LEU A 200 -14.29 19.49 46.88
C LEU A 200 -15.53 19.46 47.75
N THR A 201 -16.42 18.51 47.51
CA THR A 201 -17.64 18.35 48.29
C THR A 201 -17.58 17.03 49.04
N GLU A 202 -17.60 17.11 50.37
CA GLU A 202 -17.61 15.90 51.19
C GLU A 202 -18.97 15.21 51.16
N GLU A 203 -20.01 15.92 50.75
CA GLU A 203 -21.39 15.45 50.80
C GLU A 203 -21.74 14.76 49.48
N SER A 204 -23.04 14.56 49.24
CA SER A 204 -23.59 14.07 47.99
C SER A 204 -23.66 15.18 46.95
N ASP A 205 -24.49 14.98 45.91
CA ASP A 205 -24.74 16.00 44.90
C ASP A 205 -25.18 17.32 45.53
N PHE A 206 -24.64 18.41 44.99
CA PHE A 206 -24.57 19.67 45.72
C PHE A 206 -25.91 20.38 45.76
N SER A 207 -26.17 21.04 46.89
CA SER A 207 -27.23 22.04 46.94
C SER A 207 -26.81 23.24 46.09
N PRO A 208 -27.76 23.93 45.45
CA PRO A 208 -27.39 25.01 44.53
C PRO A 208 -26.90 26.25 45.23
N THR A 209 -25.60 26.29 45.55
CA THR A 209 -25.02 27.45 46.21
C THR A 209 -24.98 28.64 45.26
N PRO A 210 -25.19 29.86 45.76
CA PRO A 210 -25.28 31.03 44.88
C PRO A 210 -23.97 31.55 44.34
N ALA A 211 -22.86 30.85 44.53
CA ALA A 211 -21.66 31.14 43.76
C ALA A 211 -21.57 30.30 42.50
N LEU A 212 -22.42 29.28 42.39
CA LEU A 212 -22.48 28.47 41.18
C LEU A 212 -23.49 28.98 40.19
N VAL A 213 -24.47 29.77 40.64
CA VAL A 213 -25.37 30.44 39.71
C VAL A 213 -24.62 31.54 38.96
N GLN A 214 -23.64 32.17 39.60
CA GLN A 214 -22.93 33.29 39.00
C GLN A 214 -21.96 32.86 37.91
N GLU A 215 -21.60 31.58 37.85
CA GLU A 215 -20.63 31.10 36.87
C GLU A 215 -21.29 30.69 35.57
N GLN A 216 -22.37 29.90 35.66
CA GLN A 216 -23.05 29.46 34.44
C GLN A 216 -23.92 30.57 33.88
N LEU A 217 -24.91 31.01 34.66
CA LEU A 217 -25.61 32.25 34.37
C LEU A 217 -24.64 33.40 34.58
N GLY A 218 -24.21 34.03 33.50
CA GLY A 218 -23.20 35.08 33.54
C GLY A 218 -23.60 36.28 34.36
N LEU A 219 -22.99 36.43 35.53
CA LEU A 219 -23.55 37.29 36.56
C LEU A 219 -22.49 37.57 37.62
N ASN A 220 -22.43 38.81 38.08
CA ASN A 220 -21.50 39.28 39.09
C ASN A 220 -22.08 39.12 40.48
N PRO A 221 -21.25 39.11 41.54
CA PRO A 221 -21.80 39.16 42.90
C PRO A 221 -22.37 40.52 43.27
N ALA A 222 -22.10 41.56 42.49
CA ALA A 222 -22.80 42.83 42.65
C ALA A 222 -24.08 42.90 41.86
N SER A 223 -24.15 42.18 40.73
CA SER A 223 -25.41 42.06 40.01
C SER A 223 -26.36 41.10 40.71
N TYR A 224 -25.83 40.17 41.52
CA TYR A 224 -26.66 39.24 42.25
C TYR A 224 -27.39 39.90 43.40
N ALA A 225 -26.87 41.03 43.89
CA ALA A 225 -27.45 41.73 45.03
C ALA A 225 -28.48 42.78 44.62
N LEU A 226 -28.93 42.77 43.36
CA LEU A 226 -29.91 43.74 42.90
C LEU A 226 -31.08 43.13 42.16
N ILE A 227 -30.97 41.90 41.67
CA ILE A 227 -31.93 41.36 40.70
C ILE A 227 -33.01 40.57 41.43
N ASP A 228 -33.32 41.00 42.66
CA ASP A 228 -34.49 40.59 43.44
C ASP A 228 -35.75 40.52 42.58
N ILE A 229 -36.58 39.52 42.86
CA ILE A 229 -37.56 39.02 41.92
C ILE A 229 -38.98 39.21 42.44
N LYS A 230 -39.92 39.25 41.50
CA LYS A 230 -41.36 39.12 41.75
C LYS A 230 -41.90 38.18 40.69
N SER A 231 -43.23 38.09 40.57
CA SER A 231 -43.74 37.18 39.56
C SER A 231 -43.69 37.77 38.14
N PRO A 232 -43.98 39.08 37.91
CA PRO A 232 -43.25 39.77 36.84
C PRO A 232 -42.08 40.52 37.43
N LEU A 233 -40.93 40.57 36.76
CA LEU A 233 -39.76 41.17 37.41
C LEU A 233 -39.79 42.69 37.31
N ASP A 234 -39.60 43.18 36.08
CA ASP A 234 -39.44 44.58 35.71
C ASP A 234 -39.22 44.55 34.20
N GLU A 235 -39.15 45.73 33.60
CA GLU A 235 -38.56 45.85 32.27
C GLU A 235 -37.08 46.17 32.33
N SER A 236 -36.43 45.96 33.48
CA SER A 236 -35.00 46.15 33.65
C SER A 236 -34.28 44.86 34.03
N TYR A 237 -34.75 44.16 35.07
CA TYR A 237 -34.08 42.95 35.52
C TYR A 237 -34.31 41.80 34.56
N ALA A 238 -35.48 41.79 33.90
CA ALA A 238 -35.75 40.81 32.86
C ALA A 238 -34.79 40.97 31.70
N LYS A 239 -34.40 42.21 31.38
CA LYS A 239 -33.39 42.44 30.34
C LYS A 239 -32.02 41.94 30.78
N ARG A 240 -31.69 42.10 32.07
CA ARG A 240 -30.41 41.61 32.58
C ARG A 240 -30.34 40.08 32.52
N LEU A 241 -31.39 39.40 32.96
CA LEU A 241 -31.38 37.96 32.91
C LEU A 241 -31.53 37.43 31.49
N ALA A 242 -32.18 38.20 30.61
CA ALA A 242 -32.32 37.79 29.22
C ALA A 242 -31.07 38.03 28.41
N HIS A 243 -30.18 38.91 28.87
CA HIS A 243 -28.85 38.98 28.31
C HIS A 243 -27.91 37.98 28.94
N ALA A 244 -28.12 37.66 30.22
CA ALA A 244 -27.31 36.64 30.88
C ALA A 244 -27.59 35.26 30.31
N THR A 245 -28.87 34.96 30.09
CA THR A 245 -29.24 33.83 29.24
C THR A 245 -29.14 34.25 27.78
N GLN A 246 -29.31 33.29 26.88
CA GLN A 246 -29.41 33.60 25.46
C GLN A 246 -30.87 33.63 25.02
N LEU A 247 -31.68 34.43 25.71
CA LEU A 247 -33.12 34.40 25.55
C LEU A 247 -33.65 35.80 25.30
N SER A 248 -34.97 35.87 25.10
CA SER A 248 -35.67 37.13 24.98
C SER A 248 -36.31 37.48 26.32
N VAL A 249 -37.15 38.51 26.34
CA VAL A 249 -37.75 38.98 27.59
C VAL A 249 -39.02 38.20 27.92
N GLU A 250 -39.82 37.88 26.90
CA GLU A 250 -41.11 37.23 27.12
C GLU A 250 -40.92 35.80 27.62
N GLN A 251 -40.01 35.05 27.00
CA GLN A 251 -39.75 33.67 27.41
C GLN A 251 -39.18 33.61 28.82
N LEU A 252 -38.38 34.60 29.20
CA LEU A 252 -37.86 34.61 30.55
C LEU A 252 -38.90 35.06 31.57
N GLN A 253 -39.88 35.87 31.13
CA GLN A 253 -41.03 36.11 31.99
C GLN A 253 -41.90 34.88 32.15
N TRP A 254 -41.97 34.02 31.11
CA TRP A 254 -42.61 32.71 31.27
C TRP A 254 -41.86 31.86 32.28
N LEU A 255 -40.52 31.85 32.20
CA LEU A 255 -39.71 31.09 33.15
C LEU A 255 -39.92 31.57 34.59
N ASN A 256 -40.01 32.88 34.80
CA ASN A 256 -40.19 33.38 36.16
C ASN A 256 -41.62 33.22 36.64
N LYS A 257 -42.60 33.26 35.73
CA LYS A 257 -43.97 32.96 36.12
C LYS A 257 -44.12 31.49 36.50
N ASN A 258 -43.36 30.62 35.84
CA ASN A 258 -43.49 29.19 36.09
C ASN A 258 -42.71 28.75 37.33
N ALA A 259 -41.41 29.06 37.39
CA ALA A 259 -40.53 28.50 38.42
C ALA A 259 -40.87 28.96 39.83
N ILE A 260 -41.56 30.09 39.98
CA ILE A 260 -42.04 30.48 41.30
C ILE A 260 -43.17 29.56 41.76
N GLU A 261 -43.98 29.06 40.82
CA GLU A 261 -45.07 28.16 41.19
C GLU A 261 -44.56 26.81 41.67
N ASN A 262 -43.53 26.27 41.03
CA ASN A 262 -42.96 24.99 41.46
C ASN A 262 -41.75 25.22 42.36
N SER A 263 -41.99 25.97 43.43
CA SER A 263 -40.94 26.32 44.39
C SER A 263 -41.39 25.96 45.79
N SER A 264 -40.65 26.45 46.79
CA SER A 264 -41.02 26.20 48.18
C SER A 264 -42.35 26.86 48.54
N ASN A 265 -42.44 28.18 48.40
CA ASN A 265 -43.66 28.90 48.72
C ASN A 265 -44.06 29.79 47.54
N LYS A 266 -45.38 29.95 47.38
CA LYS A 266 -45.95 30.70 46.26
C LYS A 266 -45.79 32.20 46.41
N ASN A 267 -45.53 32.70 47.62
CA ASN A 267 -45.46 34.14 47.88
C ASN A 267 -44.08 34.72 47.59
N ASP A 268 -43.29 34.05 46.75
CA ASP A 268 -41.93 34.36 46.33
C ASP A 268 -40.96 34.62 47.47
N PRO A 269 -40.53 33.60 48.23
CA PRO A 269 -39.23 33.70 48.89
C PRO A 269 -38.17 33.11 47.97
N ALA A 270 -36.92 33.06 48.44
CA ALA A 270 -35.84 32.24 47.87
C ALA A 270 -35.53 32.61 46.40
N LYS A 271 -34.99 33.82 46.27
CA LYS A 271 -34.34 34.25 45.01
C LYS A 271 -33.32 33.24 44.51
N LEU A 272 -32.58 32.63 45.43
CA LEU A 272 -31.58 31.60 45.15
C LEU A 272 -32.17 30.44 44.36
N GLU A 273 -33.38 30.00 44.70
CA GLU A 273 -33.99 28.86 44.03
C GLU A 273 -34.37 29.17 42.60
N ILE A 274 -34.94 30.34 42.36
CA ILE A 274 -35.36 30.72 41.01
C ILE A 274 -34.15 30.96 40.11
N LEU A 275 -33.12 31.60 40.65
CA LEU A 275 -31.90 31.78 39.87
C LEU A 275 -31.17 30.45 39.66
N ALA A 276 -31.33 29.50 40.58
CA ALA A 276 -30.77 28.16 40.38
C ALA A 276 -31.49 27.42 39.25
N VAL A 277 -32.81 27.58 39.18
CA VAL A 277 -33.58 27.00 38.07
C VAL A 277 -33.14 27.60 36.74
N ILE A 278 -32.89 28.91 36.71
CA ILE A 278 -32.42 29.54 35.48
C ILE A 278 -31.00 29.08 35.12
N SER A 279 -30.14 28.91 36.13
CA SER A 279 -28.75 28.50 35.87
C SER A 279 -28.68 27.05 35.38
N GLU A 280 -29.49 26.17 35.94
CA GLU A 280 -29.48 24.80 35.46
C GLU A 280 -30.48 24.56 34.34
N TYR A 281 -31.17 25.61 33.89
CA TYR A 281 -31.61 25.67 32.50
C TYR A 281 -30.44 25.96 31.56
N ARG A 282 -29.58 26.91 31.96
CA ARG A 282 -28.44 27.29 31.12
C ARG A 282 -27.47 26.13 30.92
N ARG A 283 -27.27 25.32 31.95
CA ARG A 283 -26.42 24.12 31.83
C ARG A 283 -26.98 23.14 30.81
N LEU A 284 -28.27 22.84 30.90
CA LEU A 284 -28.88 21.85 30.01
C LEU A 284 -29.02 22.39 28.58
N HIS A 285 -29.18 23.70 28.42
CA HIS A 285 -29.18 24.26 27.08
C HIS A 285 -27.78 24.40 26.52
N GLN A 286 -26.75 24.44 27.37
CA GLN A 286 -25.39 24.42 26.84
C GLN A 286 -25.00 23.01 26.41
N ARG A 287 -25.43 21.99 27.16
CA ARG A 287 -25.04 20.63 26.86
C ARG A 287 -26.01 19.91 25.91
N TYR A 288 -27.24 20.42 25.77
CA TYR A 288 -28.22 19.81 24.88
C TYR A 288 -28.97 20.90 24.14
N GLY A 289 -30.09 20.53 23.53
CA GLY A 289 -30.89 21.49 22.79
C GLY A 289 -32.18 21.84 23.50
N LEU A 290 -32.18 21.73 24.84
CA LEU A 290 -33.35 22.01 25.64
C LEU A 290 -33.63 23.51 25.65
N SER A 291 -34.63 23.93 24.87
CA SER A 291 -35.04 25.33 24.80
C SER A 291 -35.96 25.65 25.98
N VAL A 292 -36.66 26.79 25.88
CA VAL A 292 -37.41 27.30 27.03
C VAL A 292 -38.64 26.44 27.31
N ASP A 293 -39.39 26.11 26.26
CA ASP A 293 -40.67 25.43 26.40
C ASP A 293 -40.57 23.98 26.88
N PRO A 294 -39.64 23.12 26.38
CA PRO A 294 -39.51 21.80 27.01
C PRO A 294 -39.00 21.84 28.43
N PHE A 295 -38.15 22.82 28.78
CA PHE A 295 -37.67 22.93 30.16
C PHE A 295 -38.80 23.33 31.09
N ILE A 296 -39.62 24.30 30.68
CA ILE A 296 -40.82 24.67 31.42
C ILE A 296 -41.74 23.47 31.58
N ALA A 297 -41.98 22.74 30.47
CA ALA A 297 -42.86 21.58 30.51
C ALA A 297 -42.30 20.44 31.35
N ILE A 298 -40.98 20.40 31.56
CA ILE A 298 -40.42 19.51 32.56
C ILE A 298 -40.78 19.99 33.96
N ILE A 299 -40.59 21.28 34.24
CA ILE A 299 -40.82 21.75 35.61
C ILE A 299 -42.27 22.11 35.87
N ASN A 300 -42.94 22.79 34.94
CA ASN A 300 -44.29 23.31 35.18
C ASN A 300 -45.14 23.06 33.94
N ALA A 301 -46.25 23.80 33.86
CA ALA A 301 -47.28 23.58 32.85
C ALA A 301 -46.75 23.69 31.43
N VAL A 302 -47.25 22.82 30.56
CA VAL A 302 -46.91 22.91 29.14
C VAL A 302 -47.57 24.15 28.57
N ASN A 303 -46.84 24.88 27.72
CA ASN A 303 -47.28 26.19 27.24
C ASN A 303 -48.45 26.00 26.28
N THR A 304 -49.63 26.43 26.71
CA THR A 304 -50.85 26.29 25.92
C THR A 304 -51.31 27.58 25.27
N THR A 305 -50.63 28.69 25.53
CA THR A 305 -51.03 29.98 24.99
C THR A 305 -50.52 30.12 23.55
N HIS A 306 -51.43 30.26 22.60
CA HIS A 306 -51.02 30.56 21.24
C HIS A 306 -50.62 32.02 21.15
N THR A 307 -49.43 32.26 20.58
CA THR A 307 -48.75 33.53 20.70
C THR A 307 -48.42 34.04 19.30
N ASN A 308 -47.51 35.02 19.23
CA ASN A 308 -47.04 35.62 17.99
C ASN A 308 -45.99 34.78 17.27
N GLU A 309 -45.96 33.47 17.54
CA GLU A 309 -45.14 32.49 16.83
C GLU A 309 -45.77 32.15 15.48
N ASN A 310 -45.33 31.05 14.87
CA ASN A 310 -45.78 30.65 13.54
C ASN A 310 -47.28 30.39 13.48
N LYS A 311 -47.75 29.36 14.17
CA LYS A 311 -49.20 29.22 14.24
C LYS A 311 -49.73 28.97 15.65
N THR A 312 -49.03 28.18 16.46
CA THR A 312 -49.64 27.56 17.62
C THR A 312 -48.67 27.55 18.78
N SER A 313 -49.11 26.92 19.87
CA SER A 313 -48.36 26.85 21.11
C SER A 313 -47.54 25.56 21.15
N PHE A 314 -46.80 25.39 22.24
CA PHE A 314 -45.97 24.19 22.42
C PHE A 314 -46.82 22.97 22.71
N PHE A 315 -47.99 23.17 23.33
CA PHE A 315 -48.85 22.06 23.69
C PHE A 315 -49.44 21.39 22.46
N GLN A 316 -49.98 22.17 21.53
CA GLN A 316 -50.48 21.61 20.29
C GLN A 316 -49.35 21.20 19.34
N GLN A 317 -48.15 21.73 19.55
CA GLN A 317 -47.00 21.27 18.78
C GLN A 317 -46.60 19.85 19.21
N ILE A 318 -46.66 19.57 20.51
CA ILE A 318 -46.26 18.26 21.01
C ILE A 318 -47.44 17.30 21.02
N PHE A 319 -48.49 17.63 21.78
CA PHE A 319 -49.71 16.85 21.81
C PHE A 319 -50.63 17.38 20.72
N SER A 320 -50.79 16.61 19.65
CA SER A 320 -51.30 17.13 18.37
C SER A 320 -52.74 17.62 18.48
N THR A 321 -53.62 16.82 19.10
CA THR A 321 -55.00 17.25 19.30
C THR A 321 -55.54 16.62 20.59
N LEU A 322 -55.42 17.36 21.69
CA LEU A 322 -56.03 17.01 22.96
C LEU A 322 -56.70 18.25 23.54
N ASP A 323 -57.23 18.11 24.75
CA ASP A 323 -57.90 19.20 25.45
C ASP A 323 -57.34 19.32 26.86
N VAL A 324 -56.85 20.50 27.19
CA VAL A 324 -56.60 20.84 28.58
C VAL A 324 -57.92 20.85 29.33
N ASP A 325 -57.93 20.25 30.52
CA ASP A 325 -59.12 19.95 31.32
C ASP A 325 -60.11 19.08 30.53
N ALA A 326 -59.64 17.87 30.20
CA ALA A 326 -60.48 16.82 29.65
C ALA A 326 -60.40 15.60 30.55
N GLY A 327 -61.38 14.71 30.40
CA GLY A 327 -61.34 13.45 31.11
C GLY A 327 -60.39 12.47 30.47
N PHE A 328 -59.68 11.73 31.30
CA PHE A 328 -58.70 10.77 30.80
C PHE A 328 -58.80 9.50 31.65
N ASN A 329 -59.51 8.50 31.13
CA ASN A 329 -59.56 7.18 31.74
C ASN A 329 -58.37 6.33 31.28
N PHE A 330 -57.16 6.80 31.62
CA PHE A 330 -55.96 6.04 31.28
C PHE A 330 -55.69 4.91 32.26
N LEU A 331 -56.57 4.66 33.21
CA LEU A 331 -56.57 3.37 33.88
C LEU A 331 -56.86 2.25 32.89
N ASP A 332 -57.79 2.49 31.96
CA ASP A 332 -57.95 1.52 30.88
C ASP A 332 -57.21 1.94 29.61
N GLN A 333 -57.76 2.94 28.90
CA GLN A 333 -57.26 3.37 27.59
C GLN A 333 -58.08 4.53 27.04
N GLY A 334 -57.70 5.01 25.86
CA GLY A 334 -58.52 5.96 25.14
C GLY A 334 -57.96 6.21 23.75
N SER A 335 -58.52 7.21 23.09
CA SER A 335 -57.98 7.67 21.80
C SER A 335 -56.86 8.67 21.96
N TRP A 336 -56.70 9.24 23.16
CA TRP A 336 -55.55 10.07 23.48
C TRP A 336 -54.28 9.26 23.61
N GLU A 337 -54.42 7.97 23.89
CA GLU A 337 -53.29 7.09 24.21
C GLU A 337 -52.39 6.87 22.99
N VAL A 338 -52.91 7.08 21.79
CA VAL A 338 -52.08 7.08 20.60
C VAL A 338 -51.21 8.34 20.57
N ILE A 339 -51.80 9.50 20.86
CA ILE A 339 -51.11 10.77 20.68
C ILE A 339 -50.08 11.00 21.79
N ILE A 340 -50.34 10.51 23.00
CA ILE A 340 -49.37 10.65 24.09
C ILE A 340 -48.13 9.79 23.80
N ARG A 341 -48.32 8.62 23.20
CA ARG A 341 -47.17 7.82 22.79
C ARG A 341 -46.50 8.36 21.53
N LYS A 342 -47.24 9.09 20.68
CA LYS A 342 -46.60 9.86 19.61
C LYS A 342 -45.65 10.89 20.20
N ALA A 343 -46.12 11.61 21.22
CA ALA A 343 -45.35 12.70 21.79
C ALA A 343 -44.16 12.19 22.57
N LEU A 344 -44.41 11.39 23.61
CA LEU A 344 -43.38 11.07 24.59
C LEU A 344 -42.53 9.88 24.20
N GLY A 345 -43.02 8.98 23.35
CA GLY A 345 -42.26 7.83 22.94
C GLY A 345 -42.33 6.65 23.86
N ILE A 346 -43.42 6.49 24.59
CA ILE A 346 -43.55 5.47 25.63
C ILE A 346 -44.21 4.24 25.02
N THR A 347 -43.94 3.08 25.62
CA THR A 347 -44.70 1.87 25.33
C THR A 347 -46.00 1.89 26.15
N ALA A 348 -46.72 0.76 26.18
CA ALA A 348 -48.00 0.73 26.87
C ALA A 348 -47.84 0.53 28.37
N GLU A 349 -47.10 -0.50 28.78
CA GLU A 349 -46.97 -0.78 30.20
C GLU A 349 -46.06 0.22 30.89
N GLU A 350 -45.09 0.78 30.17
CA GLU A 350 -44.30 1.87 30.75
C GLU A 350 -45.16 3.13 30.94
N LEU A 351 -46.14 3.36 30.07
CA LEU A 351 -47.10 4.44 30.29
C LEU A 351 -48.00 4.15 31.48
N LEU A 352 -48.36 2.87 31.67
CA LEU A 352 -49.16 2.51 32.83
C LEU A 352 -48.37 2.69 34.12
N ARG A 353 -47.08 2.33 34.12
CA ARG A 353 -46.24 2.51 35.30
C ARG A 353 -45.96 3.98 35.53
N ILE A 354 -45.87 4.78 34.47
CA ILE A 354 -45.58 6.19 34.62
C ILE A 354 -46.84 6.94 35.05
N ALA A 355 -48.01 6.33 34.89
CA ALA A 355 -49.25 6.82 35.46
C ALA A 355 -49.53 6.27 36.85
N LYS A 356 -48.89 5.16 37.23
CA LYS A 356 -48.95 4.69 38.62
C LYS A 356 -48.30 5.69 39.55
N TYR A 357 -47.10 6.15 39.20
CA TYR A 357 -46.52 7.32 39.83
C TYR A 357 -47.20 8.57 39.29
N CYS A 358 -46.93 9.70 39.94
CA CYS A 358 -47.44 11.05 39.68
C CYS A 358 -48.96 11.19 39.80
N PHE A 359 -49.67 10.12 40.14
CA PHE A 359 -51.07 10.19 40.53
C PHE A 359 -51.42 9.29 41.70
N GLY A 360 -50.57 8.34 42.07
CA GLY A 360 -50.90 7.35 43.08
C GLY A 360 -51.74 6.22 42.52
N LYS A 361 -51.75 5.11 43.23
CA LYS A 361 -52.55 3.96 42.80
C LYS A 361 -53.94 3.98 43.42
N SER A 362 -54.60 5.11 43.37
CA SER A 362 -55.97 5.23 43.86
C SER A 362 -56.88 5.96 42.88
N SER A 363 -56.37 6.98 42.20
CA SER A 363 -57.17 7.84 41.34
C SER A 363 -56.61 7.83 39.93
N ILE A 364 -56.33 6.65 39.39
CA ILE A 364 -55.83 6.57 38.02
C ILE A 364 -56.97 6.75 37.03
N SER A 365 -58.20 6.45 37.46
CA SER A 365 -59.31 6.36 36.51
C SER A 365 -59.80 7.74 36.07
N ASN A 366 -60.32 8.53 36.99
CA ASN A 366 -60.97 9.79 36.66
C ASN A 366 -60.02 10.94 36.99
N VAL A 367 -59.26 11.38 35.98
CA VAL A 367 -58.31 12.47 36.13
C VAL A 367 -58.69 13.56 35.14
N LYS A 368 -58.84 14.79 35.65
CA LYS A 368 -59.07 15.95 34.80
C LYS A 368 -57.74 16.66 34.62
N MET A 369 -57.02 16.27 33.57
CA MET A 369 -55.66 16.76 33.34
C MET A 369 -55.72 18.18 32.79
N ASN A 370 -55.29 19.15 33.60
CA ASN A 370 -55.01 20.49 33.08
C ASN A 370 -53.59 20.50 32.53
N SER A 371 -53.07 21.70 32.26
CA SER A 371 -51.72 21.82 31.73
C SER A 371 -50.64 21.43 32.73
N LYS A 372 -50.96 21.35 34.02
CA LYS A 372 -49.98 20.94 35.02
C LYS A 372 -49.91 19.42 35.17
N LYS A 373 -50.99 18.70 34.83
CA LYS A 373 -50.95 17.25 34.91
C LYS A 373 -50.27 16.63 33.70
N PHE A 374 -50.28 17.31 32.55
CA PHE A 374 -49.47 16.84 31.42
C PHE A 374 -47.99 17.01 31.68
N SER A 375 -47.62 17.92 32.58
CA SER A 375 -46.23 18.05 32.98
C SER A 375 -45.76 16.85 33.77
N GLN A 376 -46.66 16.23 34.54
CA GLN A 376 -46.32 15.04 35.30
C GLN A 376 -45.96 13.87 34.40
N LEU A 377 -46.49 13.85 33.17
CA LEU A 377 -46.16 12.82 32.19
C LEU A 377 -44.99 13.20 31.30
N TYR A 378 -44.89 14.48 30.92
CA TYR A 378 -43.77 14.94 30.10
C TYR A 378 -42.47 14.90 30.88
N ARG A 379 -42.55 15.16 32.19
CA ARG A 379 -41.38 15.26 33.06
C ARG A 379 -40.69 13.92 33.20
N MET A 380 -41.43 12.88 33.54
CA MET A 380 -40.89 11.55 33.81
C MET A 380 -40.50 10.80 32.55
N ALA A 381 -40.77 11.35 31.36
CA ALA A 381 -40.48 10.66 30.12
C ALA A 381 -39.64 11.46 29.15
N MET A 382 -39.31 12.72 29.45
CA MET A 382 -38.35 13.45 28.63
C MET A 382 -36.97 13.58 29.25
N ILE A 383 -36.85 13.41 30.56
CA ILE A 383 -35.53 13.28 31.19
C ILE A 383 -34.72 12.11 30.64
N PRO A 384 -35.28 10.91 30.38
CA PRO A 384 -34.45 9.89 29.70
C PRO A 384 -34.08 10.23 28.27
N ARG A 385 -35.00 10.72 27.45
CA ARG A 385 -34.73 10.87 26.03
C ARG A 385 -33.81 12.05 25.70
N THR A 386 -33.78 13.09 26.54
CA THR A 386 -32.76 14.12 26.35
C THR A 386 -31.39 13.63 26.76
N LEU A 387 -31.32 12.61 27.61
CA LEU A 387 -30.08 11.90 27.87
C LEU A 387 -29.99 10.75 26.87
N GLY A 388 -29.04 9.83 27.06
CA GLY A 388 -28.94 8.69 26.18
C GLY A 388 -29.60 7.45 26.74
N VAL A 389 -30.66 7.63 27.53
CA VAL A 389 -31.23 6.57 28.35
C VAL A 389 -32.65 6.30 27.86
N SER A 390 -33.07 5.04 27.92
CA SER A 390 -34.47 4.70 27.71
C SER A 390 -35.23 4.85 29.02
N PHE A 391 -36.45 4.32 29.06
CA PHE A 391 -37.37 4.65 30.15
C PHE A 391 -37.22 3.68 31.33
N SER A 392 -37.24 2.37 31.06
CA SER A 392 -37.05 1.40 32.12
C SER A 392 -35.63 1.43 32.67
N GLN A 393 -34.65 1.79 31.82
CA GLN A 393 -33.28 1.94 32.28
C GLN A 393 -33.14 3.12 33.24
N ALA A 394 -33.80 4.24 32.93
CA ALA A 394 -33.74 5.39 33.84
C ALA A 394 -34.53 5.14 35.11
N GLU A 395 -35.64 4.40 35.02
CA GLU A 395 -36.37 3.98 36.21
C GLU A 395 -35.50 3.10 37.10
N TYR A 396 -34.75 2.18 36.49
CA TYR A 396 -33.89 1.28 37.25
C TYR A 396 -32.72 2.02 37.89
N LEU A 397 -32.13 2.97 37.15
CA LEU A 397 -31.00 3.73 37.70
C LEU A 397 -31.45 4.73 38.76
N TRP A 398 -32.70 5.21 38.69
CA TRP A 398 -33.26 5.99 39.79
C TRP A 398 -33.53 5.11 41.01
N GLN A 399 -34.08 3.92 40.80
CA GLN A 399 -34.48 3.10 41.93
C GLN A 399 -33.32 2.37 42.60
N LEU A 400 -32.21 2.16 41.91
CA LEU A 400 -31.05 1.58 42.59
C LEU A 400 -30.40 2.58 43.53
N TYR A 401 -30.24 3.83 43.07
CA TYR A 401 -29.66 4.90 43.89
C TYR A 401 -30.71 5.33 44.90
N SER A 402 -30.89 4.52 45.93
CA SER A 402 -31.98 4.65 46.89
C SER A 402 -31.58 3.89 48.15
N HIS A 403 -32.55 3.66 49.02
CA HIS A 403 -32.43 2.71 50.12
C HIS A 403 -33.71 1.88 50.17
N SER A 404 -33.81 1.03 51.19
CA SER A 404 -34.80 -0.05 51.21
C SER A 404 -36.22 0.41 51.55
N ASP A 405 -36.44 1.69 51.88
CA ASP A 405 -37.72 2.10 52.43
C ASP A 405 -38.51 3.03 51.52
N GLU A 406 -37.91 4.13 51.07
CA GLU A 406 -38.67 5.21 50.45
C GLU A 406 -39.05 4.89 49.01
N ASN A 407 -39.61 5.87 48.33
CA ASN A 407 -40.04 5.76 46.94
C ASN A 407 -39.59 7.04 46.25
N ILE A 408 -38.41 6.99 45.62
CA ILE A 408 -37.83 8.19 45.02
C ILE A 408 -38.56 8.59 43.75
N MET A 409 -39.20 7.64 43.06
CA MET A 409 -39.92 7.94 41.82
C MET A 409 -41.12 8.85 42.07
N GLU A 410 -41.78 8.71 43.22
CA GLU A 410 -42.88 9.59 43.57
C GLU A 410 -42.37 11.01 43.85
N LYS A 411 -41.19 11.13 44.44
CA LYS A 411 -40.62 12.44 44.73
C LYS A 411 -40.10 13.11 43.46
N ILE A 412 -39.60 12.32 42.51
CA ILE A 412 -39.17 12.85 41.23
C ILE A 412 -40.39 13.28 40.41
N ALA A 413 -41.47 12.53 40.48
CA ALA A 413 -42.67 12.88 39.72
C ALA A 413 -43.40 14.06 40.35
N GLN A 414 -43.84 13.90 41.61
CA GLN A 414 -44.55 14.97 42.32
C GLN A 414 -43.57 15.66 43.26
N GLY A 415 -42.85 16.64 42.73
CA GLY A 415 -41.82 17.32 43.50
C GLY A 415 -41.66 18.77 43.09
N ASN A 416 -40.65 19.39 43.68
CA ASN A 416 -40.32 20.79 43.42
C ASN A 416 -39.44 20.89 42.17
N ALA A 417 -38.85 22.06 41.95
CA ALA A 417 -37.92 22.22 40.85
C ALA A 417 -36.50 21.78 41.23
N LEU A 418 -36.15 21.93 42.51
CA LEU A 418 -34.81 21.51 42.94
C LEU A 418 -34.71 20.00 42.99
N THR A 419 -35.77 19.31 43.37
CA THR A 419 -35.74 17.85 43.38
C THR A 419 -35.72 17.28 41.96
N ILE A 420 -36.46 17.90 41.05
CA ILE A 420 -36.47 17.41 39.68
C ILE A 420 -35.17 17.76 38.95
N ILE A 421 -34.46 18.80 39.37
CA ILE A 421 -33.14 19.00 38.77
C ILE A 421 -32.09 18.14 39.47
N ASP A 422 -32.32 17.75 40.74
CA ASP A 422 -31.43 16.85 41.44
C ASP A 422 -31.48 15.45 40.83
N ALA A 423 -32.66 15.03 40.38
CA ALA A 423 -32.78 13.73 39.69
C ALA A 423 -32.00 13.73 38.38
N ILE A 424 -31.98 14.86 37.67
CA ILE A 424 -31.23 14.97 36.43
C ILE A 424 -29.73 14.94 36.71
N ILE A 425 -29.31 15.55 37.82
CA ILE A 425 -27.91 15.48 38.24
C ILE A 425 -27.51 14.05 38.60
N VAL A 426 -28.42 13.31 39.25
CA VAL A 426 -28.15 11.92 39.60
C VAL A 426 -27.99 11.05 38.35
N LEU A 427 -28.88 11.21 37.35
CA LEU A 427 -28.74 10.46 36.11
C LEU A 427 -27.48 10.86 35.35
N GLU A 428 -27.14 12.16 35.36
CA GLU A 428 -25.90 12.64 34.75
C GLU A 428 -24.67 11.96 35.35
N ASN A 429 -24.57 11.97 36.68
CA ASN A 429 -23.44 11.35 37.38
C ASN A 429 -23.39 9.85 37.19
N THR A 430 -24.53 9.16 37.28
CA THR A 430 -24.55 7.71 37.17
C THR A 430 -24.22 7.25 35.76
N LEU A 431 -24.77 7.92 34.75
CA LEU A 431 -24.48 7.54 33.36
C LEU A 431 -23.04 7.85 32.99
N GLN A 432 -22.48 8.96 33.50
CA GLN A 432 -21.08 9.25 33.23
C GLN A 432 -20.16 8.26 33.92
N TRP A 433 -20.50 7.85 35.14
CA TRP A 433 -19.70 6.87 35.86
C TRP A 433 -19.76 5.50 35.21
N MET A 434 -20.93 5.10 34.70
CA MET A 434 -21.03 3.79 34.07
C MET A 434 -20.39 3.77 32.69
N SER A 435 -20.50 4.87 31.94
CA SER A 435 -19.83 4.96 30.66
C SER A 435 -18.32 5.09 30.81
N GLU A 436 -17.86 5.55 31.98
CA GLU A 436 -16.44 5.64 32.26
C GLU A 436 -15.78 4.25 32.34
N GLN A 437 -16.53 3.23 32.75
CA GLN A 437 -15.96 1.92 33.02
C GLN A 437 -16.55 0.81 32.16
N LYS A 438 -17.31 1.15 31.12
CA LYS A 438 -17.94 0.21 30.18
C LYS A 438 -18.85 -0.80 30.88
N LEU A 439 -19.49 -0.36 31.96
CA LEU A 439 -20.35 -1.21 32.76
C LEU A 439 -21.78 -1.07 32.24
N ASP A 440 -22.27 -2.12 31.60
CA ASP A 440 -23.62 -2.10 31.05
C ASP A 440 -24.65 -2.27 32.16
N ILE A 441 -25.92 -2.07 31.79
CA ILE A 441 -27.02 -2.26 32.72
C ILE A 441 -27.32 -3.75 32.89
N THR A 442 -26.92 -4.58 31.93
CA THR A 442 -27.04 -6.02 32.06
C THR A 442 -26.12 -6.56 33.15
N THR A 443 -24.86 -6.14 33.14
CA THR A 443 -23.90 -6.57 34.16
C THR A 443 -24.27 -6.02 35.53
N LEU A 444 -24.72 -4.76 35.57
CA LEU A 444 -25.13 -4.14 36.83
C LEU A 444 -26.38 -4.82 37.39
N GLN A 445 -27.28 -5.27 36.51
CA GLN A 445 -28.44 -6.05 36.93
C GLN A 445 -28.02 -7.41 37.46
N ALA A 446 -27.04 -8.05 36.80
CA ALA A 446 -26.54 -9.33 37.29
C ALA A 446 -25.81 -9.20 38.61
N MET A 447 -25.28 -8.02 38.93
CA MET A 447 -24.56 -7.82 40.18
C MET A 447 -25.43 -7.26 41.31
N LEU A 448 -26.58 -6.64 41.02
CA LEU A 448 -27.30 -5.94 42.07
C LEU A 448 -28.75 -6.37 42.28
N THR A 449 -29.20 -7.50 41.72
CA THR A 449 -30.61 -7.84 41.94
C THR A 449 -30.82 -8.59 43.26
N LYS A 450 -32.10 -8.77 43.58
CA LYS A 450 -32.56 -9.41 44.81
C LYS A 450 -33.64 -10.45 44.52
N GLN A 451 -33.76 -10.91 43.28
CA GLN A 451 -34.89 -11.74 42.88
C GLN A 451 -34.72 -13.18 43.34
N TYR A 452 -33.65 -13.84 42.86
CA TYR A 452 -33.24 -15.20 43.26
C TYR A 452 -34.33 -16.23 42.96
N SER A 453 -34.56 -16.42 41.66
CA SER A 453 -35.53 -17.39 41.18
C SER A 453 -35.15 -18.80 41.60
N THR A 454 -36.12 -19.53 42.16
CA THR A 454 -35.89 -20.87 42.68
C THR A 454 -35.84 -21.85 41.53
N THR A 455 -34.63 -22.28 41.18
CA THR A 455 -34.43 -23.24 40.09
C THR A 455 -33.18 -24.05 40.40
N ALA A 456 -33.36 -25.36 40.55
CA ALA A 456 -32.24 -26.25 40.84
C ALA A 456 -31.55 -26.60 39.53
N THR A 457 -30.44 -25.90 39.26
CA THR A 457 -29.65 -26.20 38.09
C THR A 457 -28.77 -27.42 38.35
N PRO A 458 -28.47 -28.20 37.31
CA PRO A 458 -27.53 -29.33 37.50
C PRO A 458 -26.11 -28.89 37.79
N GLU A 459 -25.74 -27.65 37.45
CA GLU A 459 -24.43 -27.12 37.83
C GLU A 459 -24.28 -27.02 39.34
N LEU A 460 -25.33 -26.56 40.03
CA LEU A 460 -25.29 -26.52 41.48
C LEU A 460 -25.26 -27.90 42.10
N PHE A 461 -25.94 -28.88 41.48
CA PHE A 461 -25.93 -30.24 42.01
C PHE A 461 -24.54 -30.85 41.89
N ASN A 462 -23.91 -30.69 40.71
CA ASN A 462 -22.55 -31.20 40.55
C ASN A 462 -21.53 -30.39 41.34
N PHE A 463 -21.83 -29.13 41.67
CA PHE A 463 -20.93 -28.34 42.50
C PHE A 463 -21.02 -28.78 43.96
N LEU A 464 -22.23 -28.95 44.47
CA LEU A 464 -22.42 -29.29 45.87
C LEU A 464 -22.30 -30.79 46.14
N SER A 465 -22.14 -31.61 45.10
CA SER A 465 -21.79 -33.00 45.35
C SER A 465 -20.32 -33.15 45.70
N ASN A 466 -19.46 -32.24 45.22
CA ASN A 466 -18.06 -32.23 45.65
C ASN A 466 -17.93 -31.84 47.12
N ILE A 467 -18.71 -30.85 47.55
CA ILE A 467 -18.55 -30.28 48.88
C ILE A 467 -18.99 -31.26 49.96
N TYR A 468 -19.78 -32.28 49.61
CA TYR A 468 -20.19 -33.31 50.55
C TYR A 468 -19.55 -34.66 50.29
N GLN A 469 -19.16 -34.94 49.05
CA GLN A 469 -18.62 -36.25 48.73
C GLN A 469 -17.13 -36.33 49.05
N THR A 470 -16.43 -35.19 48.99
CA THR A 470 -15.07 -35.13 49.52
C THR A 470 -15.08 -34.99 51.03
N LEU A 471 -15.71 -33.94 51.53
CA LEU A 471 -15.81 -33.66 52.96
C LEU A 471 -17.03 -34.40 53.47
N GLY A 472 -16.82 -35.53 54.13
CA GLY A 472 -17.90 -36.39 54.57
C GLY A 472 -18.76 -35.78 55.67
N LYS A 473 -19.74 -36.56 56.12
CA LYS A 473 -20.67 -36.08 57.13
C LYS A 473 -19.97 -35.88 58.47
N GLN A 474 -20.00 -34.63 58.95
CA GLN A 474 -19.29 -34.24 60.16
C GLN A 474 -20.21 -33.39 61.01
N VAL A 475 -19.67 -32.87 62.12
CA VAL A 475 -20.46 -32.23 63.17
C VAL A 475 -20.26 -30.71 63.15
N TYR A 476 -19.61 -30.19 62.10
CA TYR A 476 -19.16 -28.79 61.99
C TYR A 476 -18.24 -28.43 63.17
N SER A 477 -17.07 -29.04 63.15
CA SER A 477 -15.98 -28.52 63.97
C SER A 477 -15.38 -27.28 63.30
N GLU A 478 -14.46 -26.63 63.99
CA GLU A 478 -13.75 -25.52 63.38
C GLU A 478 -12.55 -25.98 62.57
N SER A 479 -12.23 -27.26 62.60
CA SER A 479 -11.30 -27.84 61.63
C SER A 479 -11.98 -28.07 60.29
N LEU A 480 -13.31 -28.23 60.30
CA LEU A 480 -14.09 -28.31 59.07
C LEU A 480 -14.08 -27.00 58.29
N LYS A 481 -13.83 -25.89 58.98
CA LYS A 481 -13.99 -24.58 58.36
C LYS A 481 -12.92 -24.24 57.30
N PRO A 482 -11.60 -24.47 57.53
CA PRO A 482 -10.67 -24.25 56.41
C PRO A 482 -10.83 -25.24 55.28
N ASN A 483 -11.25 -26.47 55.58
CA ASN A 483 -11.57 -27.44 54.54
C ASN A 483 -12.72 -26.95 53.67
N LEU A 484 -13.73 -26.36 54.30
CA LEU A 484 -14.90 -25.89 53.57
C LEU A 484 -14.54 -24.68 52.71
N TYR A 485 -13.70 -23.77 53.23
CA TYR A 485 -13.26 -22.66 52.39
C TYR A 485 -12.37 -23.12 51.25
N ARG A 486 -11.48 -24.09 51.50
CA ARG A 486 -10.59 -24.58 50.46
C ARG A 486 -11.35 -25.28 49.34
N SER A 487 -12.34 -26.09 49.70
CA SER A 487 -13.09 -26.81 48.68
C SER A 487 -14.07 -25.91 47.95
N LEU A 488 -14.66 -24.90 48.61
CA LEU A 488 -15.45 -23.91 47.88
C LEU A 488 -14.57 -23.05 46.97
N ALA A 489 -13.33 -22.77 47.38
CA ALA A 489 -12.45 -21.96 46.56
C ALA A 489 -11.98 -22.72 45.33
N ASN A 490 -11.68 -24.00 45.48
CA ASN A 490 -11.27 -24.82 44.35
C ASN A 490 -12.44 -25.29 43.51
N GLY A 491 -13.67 -25.20 44.01
CA GLY A 491 -14.83 -25.47 43.18
C GLY A 491 -14.98 -24.44 42.07
N PHE A 492 -14.89 -23.16 42.43
CA PHE A 492 -14.70 -22.10 41.45
C PHE A 492 -13.22 -22.03 41.10
N HIS A 493 -12.83 -21.04 40.30
CA HIS A 493 -11.41 -20.75 40.11
C HIS A 493 -11.03 -19.56 40.98
N LEU A 494 -11.07 -19.77 42.30
CA LEU A 494 -10.82 -18.70 43.25
C LEU A 494 -9.66 -19.06 44.18
N LYS A 495 -9.40 -18.19 45.15
CA LYS A 495 -8.41 -18.42 46.18
C LYS A 495 -9.10 -18.68 47.50
N ALA A 496 -8.38 -19.32 48.42
CA ALA A 496 -8.98 -19.73 49.69
C ALA A 496 -9.26 -18.54 50.59
N ASN A 497 -8.35 -17.57 50.63
CA ASN A 497 -8.55 -16.42 51.49
C ASN A 497 -9.58 -15.45 50.93
N VAL A 498 -9.77 -15.46 49.61
CA VAL A 498 -10.81 -14.63 49.01
C VAL A 498 -12.19 -15.16 49.38
N VAL A 499 -12.37 -16.49 49.34
CA VAL A 499 -13.64 -17.10 49.75
C VAL A 499 -13.83 -16.97 51.25
N ALA A 500 -12.76 -17.07 52.03
CA ALA A 500 -12.87 -16.87 53.47
C ALA A 500 -13.20 -15.41 53.81
N GLY A 501 -12.83 -14.48 52.93
CA GLY A 501 -13.30 -13.12 53.09
C GLY A 501 -14.75 -12.94 52.68
N LEU A 502 -15.16 -13.58 51.59
CA LEU A 502 -16.50 -13.35 51.06
C LEU A 502 -17.59 -14.03 51.88
N VAL A 503 -17.28 -15.16 52.53
CA VAL A 503 -18.29 -15.79 53.37
C VAL A 503 -18.49 -15.00 54.65
N ASN A 504 -17.41 -14.47 55.21
CA ASN A 504 -17.52 -13.58 56.38
C ASN A 504 -18.14 -12.25 55.99
N TRP A 505 -17.94 -11.83 54.74
CA TRP A 505 -18.65 -10.68 54.19
C TRP A 505 -20.15 -10.92 54.17
N LEU A 506 -20.58 -12.07 53.66
CA LEU A 506 -21.98 -12.46 53.63
C LEU A 506 -22.47 -12.96 54.99
N ALA A 507 -21.58 -13.12 55.98
CA ALA A 507 -22.05 -13.45 57.31
C ALA A 507 -22.73 -12.27 58.01
N LYS A 508 -22.58 -11.05 57.49
CA LYS A 508 -23.14 -9.86 58.11
C LYS A 508 -24.36 -9.33 57.35
N ASN A 509 -24.22 -9.07 56.06
CA ASN A 509 -25.39 -8.78 55.24
C ASN A 509 -26.15 -10.08 55.01
N ASP A 510 -27.48 -10.03 55.12
CA ASP A 510 -28.37 -11.20 55.10
C ASP A 510 -27.96 -12.20 56.19
N SER A 511 -28.20 -11.78 57.44
CA SER A 511 -27.80 -12.52 58.64
C SER A 511 -28.48 -13.88 58.81
N GLU A 512 -29.44 -14.22 57.94
CA GLU A 512 -29.93 -15.59 57.87
C GLU A 512 -28.83 -16.54 57.38
N PHE A 513 -27.94 -16.06 56.52
CA PHE A 513 -26.83 -16.88 56.06
C PHE A 513 -25.81 -17.08 57.16
N THR A 514 -25.40 -18.33 57.35
CA THR A 514 -24.29 -18.67 58.22
C THR A 514 -23.59 -19.85 57.57
N LEU A 515 -22.26 -19.90 57.68
CA LEU A 515 -21.51 -21.01 57.11
C LEU A 515 -21.86 -22.33 57.77
N GLU A 516 -22.16 -22.30 59.07
CA GLU A 516 -22.69 -23.48 59.75
C GLU A 516 -24.04 -23.88 59.19
N ARG A 517 -24.92 -22.90 58.95
CA ARG A 517 -26.22 -23.18 58.35
C ARG A 517 -26.07 -23.65 56.92
N PHE A 518 -25.07 -23.16 56.20
CA PHE A 518 -24.82 -23.63 54.84
C PHE A 518 -24.36 -25.08 54.84
N TRP A 519 -23.50 -25.47 55.79
CA TRP A 519 -23.08 -26.85 55.86
C TRP A 519 -24.20 -27.77 56.34
N GLN A 520 -25.06 -27.28 57.24
CA GLN A 520 -26.22 -28.06 57.65
C GLN A 520 -27.21 -28.24 56.52
N ASN A 521 -27.38 -27.22 55.68
CA ASN A 521 -28.27 -27.35 54.53
C ASN A 521 -27.68 -28.26 53.46
N ILE A 522 -26.35 -28.32 53.35
CA ILE A 522 -25.73 -29.31 52.48
C ILE A 522 -25.95 -30.71 53.03
N SER A 523 -25.80 -30.89 54.34
CA SER A 523 -25.90 -32.22 54.91
C SER A 523 -27.34 -32.71 55.04
N MET A 524 -28.33 -31.82 54.97
CA MET A 524 -29.73 -32.24 54.95
C MET A 524 -30.06 -33.02 53.68
N THR A 525 -29.80 -32.42 52.53
CA THR A 525 -29.86 -33.14 51.26
C THR A 525 -28.56 -33.93 51.09
N PHE A 526 -28.38 -34.50 49.89
CA PHE A 526 -27.24 -35.34 49.54
C PHE A 526 -27.11 -36.52 50.51
N ALA A 527 -28.24 -37.20 50.70
CA ALA A 527 -28.36 -38.37 51.55
C ALA A 527 -27.85 -39.62 50.84
N GLU A 528 -28.26 -40.80 51.33
CA GLU A 528 -27.94 -42.05 50.66
C GLU A 528 -28.47 -42.11 49.22
N GLU A 529 -29.55 -41.37 48.92
CA GLU A 529 -30.06 -41.23 47.57
C GLU A 529 -30.29 -39.76 47.26
N PRO A 530 -29.28 -39.06 46.73
CA PRO A 530 -29.47 -37.68 46.29
C PRO A 530 -30.03 -37.61 44.87
N SER A 531 -30.73 -36.51 44.61
CA SER A 531 -31.32 -36.26 43.30
C SER A 531 -31.51 -34.76 43.15
N LEU A 532 -32.12 -34.38 42.03
CA LEU A 532 -32.32 -32.97 41.71
C LEU A 532 -33.60 -32.41 42.31
N HIS A 533 -34.60 -33.26 42.54
CA HIS A 533 -35.83 -32.80 43.18
C HIS A 533 -35.63 -32.49 44.65
N GLN A 534 -34.62 -33.10 45.28
CA GLN A 534 -34.29 -32.74 46.65
C GLN A 534 -33.74 -31.33 46.75
N LEU A 535 -33.04 -30.86 45.71
CA LEU A 535 -32.69 -29.44 45.66
C LEU A 535 -33.87 -28.56 45.31
N GLU A 536 -34.80 -29.05 44.49
CA GLU A 536 -35.99 -28.27 44.17
C GLU A 536 -36.88 -28.07 45.40
N VAL A 537 -36.88 -29.03 46.32
CA VAL A 537 -37.63 -28.84 47.56
C VAL A 537 -36.91 -27.85 48.47
N HIS A 538 -35.62 -28.06 48.71
CA HIS A 538 -34.87 -27.29 49.71
C HIS A 538 -34.34 -26.01 49.05
N GLN A 539 -35.26 -25.07 48.85
CA GLN A 539 -34.98 -23.75 48.29
C GLN A 539 -34.04 -22.79 49.05
N PRO A 540 -33.78 -22.88 50.37
CA PRO A 540 -32.73 -22.01 50.94
C PRO A 540 -31.33 -22.26 50.38
N LEU A 541 -30.97 -23.48 49.98
CA LEU A 541 -29.72 -23.66 49.26
C LEU A 541 -29.73 -22.95 47.92
N LEU A 542 -30.88 -22.96 47.23
CA LEU A 542 -30.97 -22.25 45.96
C LEU A 542 -30.97 -20.75 46.14
N ILE A 543 -31.31 -20.25 47.33
CA ILE A 543 -31.10 -18.84 47.61
C ILE A 543 -29.64 -18.56 47.93
N GLN A 544 -29.05 -19.39 48.82
CA GLN A 544 -27.71 -19.11 49.35
C GLN A 544 -26.61 -19.27 48.32
N CYS A 545 -26.75 -20.22 47.38
CA CYS A 545 -25.69 -20.42 46.40
C CYS A 545 -25.70 -19.31 45.36
N GLN A 546 -26.88 -18.85 44.95
CA GLN A 546 -26.97 -17.69 44.08
C GLN A 546 -26.52 -16.41 44.78
N LYS A 547 -26.79 -16.34 46.10
CA LYS A 547 -26.31 -15.22 46.90
C LYS A 547 -24.79 -15.20 46.97
N LEU A 548 -24.17 -16.38 47.11
CA LEU A 548 -22.71 -16.47 47.04
C LEU A 548 -22.20 -16.09 45.66
N SER A 549 -22.89 -16.51 44.60
CA SER A 549 -22.45 -16.24 43.25
C SER A 549 -22.50 -14.76 42.92
N GLN A 550 -23.42 -14.02 43.54
CA GLN A 550 -23.46 -12.57 43.34
C GLN A 550 -22.20 -11.89 43.88
N TYR A 551 -21.78 -12.25 45.10
CA TYR A 551 -20.56 -11.66 45.65
C TYR A 551 -19.32 -12.18 44.95
N VAL A 552 -19.39 -13.38 44.37
CA VAL A 552 -18.28 -13.85 43.53
C VAL A 552 -18.19 -13.01 42.26
N LEU A 553 -19.33 -12.63 41.67
CA LEU A 553 -19.31 -11.75 40.51
C LEU A 553 -18.78 -10.36 40.87
N ILE A 554 -19.12 -9.87 42.06
CA ILE A 554 -18.62 -8.57 42.50
C ILE A 554 -17.12 -8.63 42.77
N ALA A 555 -16.64 -9.74 43.32
CA ALA A 555 -15.21 -9.87 43.59
C ALA A 555 -14.40 -10.10 42.32
N GLN A 556 -15.00 -10.71 41.30
CA GLN A 556 -14.31 -10.87 40.03
C GLN A 556 -14.34 -9.59 39.20
N TRP A 557 -15.42 -8.80 39.31
CA TRP A 557 -15.49 -7.54 38.57
C TRP A 557 -14.53 -6.52 39.14
N ALA A 558 -14.59 -6.28 40.45
CA ALA A 558 -13.70 -5.34 41.10
C ALA A 558 -12.29 -5.88 41.28
N GLU A 559 -12.09 -7.19 41.01
CA GLU A 559 -10.79 -7.86 41.06
C GLU A 559 -10.15 -7.75 42.44
N LEU A 560 -10.91 -8.14 43.45
CA LEU A 560 -10.48 -7.97 44.83
C LEU A 560 -9.41 -8.98 45.20
N SER A 561 -8.40 -8.50 45.93
CA SER A 561 -7.44 -9.37 46.58
C SER A 561 -8.01 -9.88 47.90
N GLU A 562 -7.18 -10.58 48.67
CA GLU A 562 -7.67 -11.03 49.98
C GLU A 562 -7.52 -9.94 51.02
N GLN A 563 -6.47 -9.12 50.93
CA GLN A 563 -6.30 -8.01 51.85
C GLN A 563 -7.15 -6.82 51.48
N GLU A 564 -7.59 -6.71 50.22
CA GLU A 564 -8.60 -5.73 49.87
C GLU A 564 -9.93 -6.06 50.56
N ILE A 565 -10.29 -7.33 50.61
CA ILE A 565 -11.49 -7.74 51.34
C ILE A 565 -11.29 -7.60 52.84
N ALA A 566 -10.09 -7.94 53.31
CA ALA A 566 -9.78 -7.88 54.75
C ALA A 566 -9.76 -6.44 55.26
N LEU A 567 -9.49 -5.47 54.38
CA LEU A 567 -9.54 -4.07 54.78
C LEU A 567 -10.97 -3.59 54.93
N ILE A 568 -11.91 -4.13 54.15
CA ILE A 568 -13.30 -3.73 54.27
C ILE A 568 -14.02 -4.55 55.34
N LEU A 569 -13.47 -5.69 55.74
CA LEU A 569 -14.00 -6.47 56.86
C LEU A 569 -13.49 -5.99 58.21
N LEU A 570 -12.85 -4.83 58.27
CA LEU A 570 -12.55 -4.18 59.54
C LEU A 570 -13.86 -3.78 60.21
N PRO A 571 -13.91 -3.74 61.56
CA PRO A 571 -15.20 -3.58 62.26
C PRO A 571 -15.91 -2.25 62.03
N ASN A 572 -15.27 -1.26 61.43
CA ASN A 572 -16.01 -0.09 60.95
C ASN A 572 -15.67 0.19 59.49
N GLY A 573 -14.45 -0.15 59.09
CA GLY A 573 -14.05 -0.08 57.69
C GLY A 573 -13.92 1.30 57.13
N ILE A 574 -14.82 1.65 56.19
CA ILE A 574 -14.73 2.92 55.47
C ILE A 574 -15.43 4.05 56.24
N ASP A 575 -16.07 3.73 57.37
CA ASP A 575 -16.72 4.60 58.35
C ASP A 575 -17.96 5.31 57.82
N ASN A 576 -18.39 5.08 56.57
CA ASN A 576 -19.70 5.55 56.13
C ASN A 576 -20.80 4.77 56.83
N ARG A 577 -20.64 3.45 56.90
CA ARG A 577 -21.50 2.58 57.70
C ARG A 577 -20.62 1.63 58.48
N GLY A 578 -21.20 0.60 59.09
CA GLY A 578 -20.45 -0.37 59.85
C GLY A 578 -19.63 -1.31 59.00
N SER A 579 -19.32 -2.46 59.59
CA SER A 579 -18.53 -3.47 58.89
C SER A 579 -19.37 -4.15 57.81
N ALA A 580 -18.69 -4.55 56.72
CA ALA A 580 -19.25 -5.24 55.55
C ALA A 580 -20.45 -4.51 54.95
N PRO A 581 -20.23 -3.43 54.20
CA PRO A 581 -21.36 -2.70 53.60
C PRO A 581 -22.05 -3.52 52.52
N SER A 582 -23.35 -3.25 52.39
CA SER A 582 -24.21 -4.01 51.50
C SER A 582 -23.92 -3.68 50.03
N PRO A 583 -24.12 -4.63 49.11
CA PRO A 583 -23.82 -4.36 47.69
C PRO A 583 -24.83 -3.47 47.01
N SER A 584 -24.64 -2.15 47.14
CA SER A 584 -25.41 -1.13 46.44
C SER A 584 -24.52 -0.48 45.39
N ILE A 585 -25.01 0.60 44.78
CA ILE A 585 -24.15 1.39 43.90
C ILE A 585 -23.06 2.09 44.71
N THR A 586 -23.33 2.42 45.97
CA THR A 586 -22.37 3.12 46.82
C THR A 586 -21.12 2.29 47.05
N LEU A 587 -21.28 1.01 47.40
CA LEU A 587 -20.15 0.09 47.50
C LEU A 587 -19.46 -0.10 46.16
N LEU A 588 -20.24 -0.20 45.09
CA LEU A 588 -19.71 -0.57 43.80
C LEU A 588 -19.01 0.58 43.09
N LYS A 589 -19.16 1.81 43.60
CA LYS A 589 -18.33 2.94 43.19
C LYS A 589 -17.24 3.27 44.21
N LEU A 590 -17.44 2.89 45.48
CA LEU A 590 -16.36 2.92 46.46
C LEU A 590 -15.20 2.03 46.03
N LEU A 591 -15.52 0.84 45.52
CA LEU A 591 -14.49 -0.06 45.01
C LEU A 591 -13.80 0.50 43.76
N SER A 592 -14.54 1.27 42.96
CA SER A 592 -13.97 1.89 41.77
C SER A 592 -12.97 2.98 42.15
N GLU A 593 -13.35 3.85 43.09
CA GLU A 593 -12.43 4.85 43.61
C GLU A 593 -11.27 4.22 44.36
N PHE A 594 -11.49 3.05 44.96
CA PHE A 594 -10.43 2.29 45.62
C PHE A 594 -9.41 1.77 44.62
N LYS A 595 -9.89 1.26 43.47
CA LYS A 595 -8.97 0.82 42.42
C LYS A 595 -8.24 2.01 41.80
N LEU A 596 -8.89 3.18 41.74
CA LEU A 596 -8.21 4.39 41.30
C LEU A 596 -7.10 4.78 42.28
N CYS A 597 -7.34 4.58 43.58
CA CYS A 597 -6.31 4.80 44.59
C CYS A 597 -5.14 3.84 44.41
N GLN A 598 -5.43 2.59 44.06
CA GLN A 598 -4.34 1.64 43.80
C GLN A 598 -3.58 1.99 42.53
N GLN A 599 -4.23 2.63 41.56
CA GLN A 599 -3.53 2.99 40.33
C GLN A 599 -2.68 4.25 40.51
N GLU A 600 -3.12 5.19 41.35
CA GLU A 600 -2.46 6.49 41.40
C GLU A 600 -1.13 6.45 42.15
N ALA A 601 -0.96 5.52 43.10
CA ALA A 601 0.07 5.67 44.13
C ALA A 601 1.49 5.41 43.63
N LYS A 602 1.67 4.53 42.65
CA LYS A 602 2.96 4.18 42.04
C LYS A 602 3.95 3.59 43.04
N VAL A 603 3.46 2.99 44.12
CA VAL A 603 4.29 2.29 45.10
C VAL A 603 3.71 0.89 45.31
N SER A 604 4.30 0.16 46.24
CA SER A 604 3.76 -1.14 46.64
C SER A 604 2.41 -0.96 47.30
N GLN A 605 1.46 -1.83 46.98
CA GLN A 605 0.10 -1.61 47.45
C GLN A 605 -0.12 -2.12 48.86
N SER A 606 0.69 -3.07 49.35
CA SER A 606 0.56 -3.48 50.74
C SER A 606 0.98 -2.37 51.69
N GLU A 607 1.89 -1.50 51.25
CA GLU A 607 2.16 -0.25 51.94
C GLU A 607 0.90 0.60 52.06
N LEU A 608 0.12 0.68 50.98
CA LEU A 608 -1.13 1.43 51.00
C LEU A 608 -2.14 0.80 51.93
N PHE A 609 -2.20 -0.54 51.99
CA PHE A 609 -3.15 -1.17 52.89
C PHE A 609 -2.75 -0.98 54.34
N ASP A 610 -1.44 -0.95 54.63
CA ASP A 610 -1.02 -0.68 56.01
C ASP A 610 -1.31 0.75 56.41
N ILE A 611 -1.03 1.72 55.52
CA ILE A 611 -1.32 3.13 55.80
C ILE A 611 -2.82 3.36 55.99
N MET A 612 -3.63 2.78 55.10
CA MET A 612 -5.06 2.88 55.20
C MET A 612 -5.61 2.16 56.43
N GLN A 613 -4.92 1.11 56.87
CA GLN A 613 -5.34 0.41 58.09
C GLN A 613 -5.04 1.24 59.33
N GLN A 614 -3.90 1.93 59.36
CA GLN A 614 -3.68 2.86 60.47
C GLN A 614 -4.62 4.06 60.41
N LEU A 615 -5.09 4.43 59.21
CA LEU A 615 -6.12 5.47 59.14
C LEU A 615 -7.48 4.97 59.61
N ILE A 616 -7.74 3.67 59.51
CA ILE A 616 -8.99 3.12 60.02
C ILE A 616 -8.89 2.79 61.51
N THR A 617 -7.79 2.18 61.94
CA THR A 617 -7.62 1.80 63.34
C THR A 617 -7.29 3.04 64.19
N ASP A 618 -7.01 2.82 65.48
CA ASP A 618 -6.99 3.90 66.45
C ASP A 618 -5.63 4.22 67.04
N THR A 619 -4.60 3.40 66.75
CA THR A 619 -3.25 3.48 67.36
C THR A 619 -3.29 3.46 68.88
N ASN A 620 -4.24 2.74 69.44
CA ASN A 620 -4.27 2.40 70.85
C ASN A 620 -4.39 0.91 71.09
N GLU A 621 -5.19 0.23 70.26
CA GLU A 621 -5.18 -1.23 70.25
C GLU A 621 -3.94 -1.76 69.55
N LYS A 622 -3.42 -1.00 68.58
CA LYS A 622 -2.26 -1.44 67.83
C LYS A 622 -1.00 -1.42 68.69
N GLN A 623 -0.84 -0.38 69.51
CA GLN A 623 0.35 -0.26 70.35
C GLN A 623 0.36 -1.34 71.44
N GLU A 624 -0.78 -1.58 72.08
CA GLU A 624 -0.83 -2.64 73.08
C GLU A 624 -0.72 -4.02 72.45
N LYS A 625 -1.18 -4.17 71.20
CA LYS A 625 -1.02 -5.45 70.52
C LYS A 625 0.44 -5.70 70.17
N LEU A 626 1.17 -4.65 69.80
CA LEU A 626 2.61 -4.78 69.58
C LEU A 626 3.34 -5.09 70.88
N ARG A 627 2.90 -4.47 71.99
CA ARG A 627 3.50 -4.79 73.29
C ARG A 627 3.23 -6.22 73.72
N ASN A 628 2.04 -6.75 73.42
CA ASN A 628 1.72 -8.14 73.74
C ASN A 628 2.55 -9.11 72.89
N SER A 629 2.62 -8.86 71.57
CA SER A 629 3.44 -9.70 70.70
C SER A 629 4.94 -9.51 70.93
N ALA A 630 5.32 -8.47 71.65
CA ALA A 630 6.72 -8.25 72.01
C ALA A 630 7.08 -8.99 73.30
N ASP A 631 6.21 -8.89 74.31
CA ASP A 631 6.42 -9.66 75.53
C ASP A 631 6.28 -11.16 75.31
N LYS A 632 5.56 -11.56 74.24
CA LYS A 632 5.51 -12.98 73.89
C LYS A 632 6.89 -13.50 73.47
N VAL A 633 7.64 -12.71 72.68
CA VAL A 633 8.93 -13.23 72.26
C VAL A 633 9.98 -13.09 73.37
N ILE A 634 9.82 -12.09 74.25
CA ILE A 634 10.65 -12.05 75.47
C ILE A 634 10.42 -13.29 76.32
N ARG A 635 9.15 -13.66 76.49
CA ARG A 635 8.78 -14.86 77.25
C ARG A 635 9.34 -16.13 76.61
N SER A 636 9.30 -16.21 75.28
CA SER A 636 9.76 -17.42 74.60
C SER A 636 11.28 -17.56 74.67
N ILE A 637 12.02 -16.47 74.53
CA ILE A 637 13.48 -16.56 74.59
C ILE A 637 13.94 -16.84 76.03
N ALA A 638 13.28 -16.22 77.02
CA ALA A 638 13.59 -16.53 78.41
C ALA A 638 13.24 -17.97 78.77
N LYS A 639 12.15 -18.50 78.20
CA LYS A 639 11.78 -19.89 78.44
C LYS A 639 12.75 -20.86 77.78
N SER A 640 13.30 -20.48 76.61
CA SER A 640 14.30 -21.34 75.97
C SER A 640 15.60 -21.38 76.78
N ILE A 641 16.01 -20.23 77.33
CA ILE A 641 17.22 -20.23 78.17
C ILE A 641 16.97 -20.98 79.48
N GLY A 642 15.77 -20.84 80.06
CA GLY A 642 15.44 -21.60 81.25
C GLY A 642 15.33 -23.10 81.01
N SER A 643 14.98 -23.49 79.78
CA SER A 643 14.94 -24.92 79.46
C SER A 643 16.31 -25.47 79.10
N ILE A 644 17.23 -24.63 78.62
CA ILE A 644 18.54 -25.15 78.28
C ILE A 644 19.47 -25.18 79.50
N ASN A 645 19.21 -24.30 80.49
CA ASN A 645 20.05 -24.29 81.69
C ASN A 645 19.78 -25.52 82.55
N ASN A 646 18.56 -26.07 82.48
CA ASN A 646 18.25 -27.31 83.18
C ASN A 646 19.03 -28.48 82.62
N SER A 647 19.14 -28.57 81.29
CA SER A 647 19.90 -29.65 80.67
C SER A 647 21.39 -29.49 80.91
N MET A 648 21.88 -28.23 80.94
CA MET A 648 23.28 -28.00 81.27
C MET A 648 23.58 -28.40 82.71
N ASP A 649 22.65 -28.11 83.63
CA ASP A 649 22.81 -28.51 85.03
C ASP A 649 22.76 -30.03 85.18
N ASP A 650 21.93 -30.69 84.36
CA ASP A 650 21.84 -32.15 84.39
C ASP A 650 23.15 -32.79 83.90
N ILE A 651 23.71 -32.26 82.80
CA ILE A 651 24.98 -32.79 82.29
C ILE A 651 26.11 -32.52 83.27
N ASP A 652 26.11 -31.35 83.91
CA ASP A 652 27.14 -31.03 84.90
C ASP A 652 27.04 -31.93 86.13
N SER A 653 25.81 -32.24 86.56
CA SER A 653 25.62 -33.13 87.70
C SER A 653 26.06 -34.55 87.38
N THR A 654 25.74 -35.04 86.17
CA THR A 654 26.18 -36.39 85.80
C THR A 654 27.69 -36.48 85.62
N ILE A 655 28.33 -35.42 85.12
CA ILE A 655 29.78 -35.43 85.00
C ILE A 655 30.44 -35.37 86.38
N SER A 656 29.84 -34.62 87.31
CA SER A 656 30.36 -34.59 88.68
C SER A 656 30.19 -35.94 89.38
N ILE A 657 29.08 -36.64 89.11
CA ILE A 657 28.87 -37.97 89.68
C ILE A 657 29.88 -38.96 89.10
N ARG A 658 30.08 -38.94 87.78
CA ARG A 658 31.02 -39.88 87.17
C ARG A 658 32.48 -39.54 87.47
N ASN A 659 32.77 -38.30 87.86
CA ASN A 659 34.10 -37.99 88.35
C ASN A 659 34.27 -38.43 89.81
N GLY A 660 33.22 -38.28 90.62
CA GLY A 660 33.30 -38.72 92.00
C GLY A 660 33.34 -40.22 92.17
N SER A 661 32.73 -40.97 91.25
CA SER A 661 32.71 -42.42 91.33
C SER A 661 34.02 -43.05 90.82
N ALA A 662 34.91 -42.27 90.23
CA ALA A 662 36.17 -42.80 89.74
C ALA A 662 37.18 -42.92 90.87
N THR A 663 37.87 -44.05 90.91
CA THR A 663 38.97 -44.34 91.84
C THR A 663 40.23 -44.55 91.02
N LEU A 664 41.27 -45.09 91.69
CA LEU A 664 42.59 -45.23 91.08
C LEU A 664 42.56 -46.17 89.88
N PHE A 665 41.96 -47.37 90.04
CA PHE A 665 41.82 -48.42 89.03
C PHE A 665 43.13 -48.80 88.36
N PRO A 666 44.00 -49.58 89.02
CA PRO A 666 45.30 -49.95 88.43
C PRO A 666 45.22 -50.79 87.15
N PRO A 667 44.08 -51.43 86.81
CA PRO A 667 43.86 -51.67 85.38
C PRO A 667 43.32 -50.42 84.71
N GLU A 668 44.10 -49.85 83.79
CA GLU A 668 43.73 -48.58 83.16
C GLU A 668 42.92 -48.79 81.90
N HIS A 669 43.52 -49.42 80.89
CA HIS A 669 42.78 -49.78 79.69
C HIS A 669 41.71 -50.87 79.86
N PRO A 670 41.78 -51.83 80.86
CA PRO A 670 40.58 -52.65 81.07
C PRO A 670 39.39 -51.89 81.65
N MET A 671 39.61 -51.12 82.71
CA MET A 671 38.46 -50.64 83.46
C MET A 671 38.40 -49.12 83.57
N TYR A 672 39.53 -48.44 83.71
CA TYR A 672 39.54 -46.99 83.84
C TYR A 672 39.26 -46.30 82.51
N LYS A 673 39.51 -46.99 81.39
CA LYS A 673 39.35 -46.38 80.07
C LYS A 673 37.92 -46.62 79.54
N ALA A 674 36.96 -46.28 80.39
CA ALA A 674 35.58 -46.13 79.98
C ALA A 674 34.91 -44.88 80.52
N LEU A 675 35.34 -44.38 81.67
CA LEU A 675 34.79 -43.15 82.23
C LEU A 675 35.38 -41.90 81.59
N LYS A 676 36.62 -41.98 81.10
CA LYS A 676 37.26 -40.82 80.49
C LYS A 676 36.57 -40.43 79.19
N LEU A 677 36.23 -41.42 78.35
CA LEU A 677 35.47 -41.13 77.14
C LEU A 677 34.06 -40.68 77.46
N GLU A 678 33.47 -41.25 78.52
CA GLU A 678 32.10 -40.91 78.91
C GLU A 678 32.01 -39.50 79.51
N VAL A 679 33.13 -38.96 80.01
CA VAL A 679 33.16 -37.56 80.42
C VAL A 679 33.50 -36.66 79.24
N SER A 680 34.48 -37.06 78.42
CA SER A 680 34.95 -36.23 77.32
C SER A 680 33.93 -36.10 76.19
N ASN A 681 33.02 -37.06 76.05
CA ASN A 681 31.96 -36.90 75.06
C ASN A 681 30.89 -35.93 75.53
N LEU A 682 30.63 -35.87 76.84
CA LEU A 682 29.67 -34.92 77.37
C LEU A 682 30.26 -33.52 77.52
N GLU A 683 31.59 -33.41 77.55
CA GLU A 683 32.24 -32.10 77.49
C GLU A 683 31.88 -31.36 76.20
N LYS A 684 31.81 -32.08 75.08
CA LYS A 684 31.39 -31.48 73.82
C LYS A 684 29.94 -31.04 73.87
N SER A 685 29.08 -31.76 74.60
CA SER A 685 27.70 -31.34 74.77
C SER A 685 27.62 -30.07 75.62
N LYS A 686 28.49 -29.96 76.63
CA LYS A 686 28.57 -28.71 77.39
C LYS A 686 29.00 -27.54 76.52
N ILE A 687 29.96 -27.77 75.63
CA ILE A 687 30.42 -26.72 74.72
C ILE A 687 29.30 -26.33 73.74
N GLN A 688 28.52 -27.31 73.28
CA GLN A 688 27.40 -27.00 72.38
C GLN A 688 26.29 -26.22 73.10
N LEU A 689 26.01 -26.57 74.35
CA LEU A 689 24.98 -25.82 75.09
C LEU A 689 25.44 -24.41 75.40
N GLU A 690 26.73 -24.22 75.69
CA GLU A 690 27.25 -22.87 75.86
C GLU A 690 27.24 -22.09 74.56
N GLY A 691 27.46 -22.77 73.42
CA GLY A 691 27.36 -22.10 72.13
C GLY A 691 25.95 -21.68 71.79
N LYS A 692 24.95 -22.45 72.23
CA LYS A 692 23.56 -22.01 72.08
C LYS A 692 23.24 -20.86 73.01
N LYS A 693 23.78 -20.90 74.24
CA LYS A 693 23.46 -19.88 75.24
C LYS A 693 24.06 -18.52 74.87
N LYS A 694 25.27 -18.53 74.29
CA LYS A 694 25.91 -17.28 73.91
C LYS A 694 25.27 -16.60 72.71
N GLU A 695 24.35 -17.25 72.02
CA GLU A 695 23.52 -16.59 71.01
C GLU A 695 22.12 -16.28 71.50
N GLU A 696 21.57 -17.09 72.42
CA GLU A 696 20.28 -16.75 73.00
C GLU A 696 20.37 -15.55 73.94
N GLU A 697 21.54 -15.28 74.52
CA GLU A 697 21.72 -14.03 75.25
C GLU A 697 21.68 -12.83 74.32
N ILE A 698 22.23 -12.97 73.10
CA ILE A 698 22.13 -11.91 72.09
C ILE A 698 20.68 -11.75 71.65
N LYS A 699 19.92 -12.85 71.61
CA LYS A 699 18.49 -12.77 71.32
C LYS A 699 17.75 -11.97 72.39
N LEU A 700 18.07 -12.21 73.68
CA LEU A 700 17.49 -11.42 74.77
C LEU A 700 17.84 -9.94 74.66
N GLU A 701 19.10 -9.64 74.35
CA GLU A 701 19.53 -8.24 74.28
C GLU A 701 18.87 -7.51 73.11
N GLN A 702 18.77 -8.18 71.95
CA GLN A 702 18.13 -7.56 70.80
C GLN A 702 16.63 -7.39 71.01
N ALA A 703 15.99 -8.34 71.72
CA ALA A 703 14.58 -8.20 72.06
C ALA A 703 14.37 -7.02 72.99
N LYS A 704 15.10 -6.98 74.11
CA LYS A 704 14.95 -5.88 75.07
C LYS A 704 15.39 -4.53 74.52
N ASP A 705 16.17 -4.49 73.44
CA ASP A 705 16.43 -3.24 72.76
C ASP A 705 15.29 -2.85 71.81
N ASN A 706 14.78 -3.80 71.03
CA ASN A 706 13.75 -3.46 70.04
C ASN A 706 12.35 -3.39 70.62
N ILE A 707 12.19 -3.63 71.92
CA ILE A 707 10.89 -3.59 72.56
C ILE A 707 10.73 -2.39 73.49
N GLN A 708 11.82 -1.87 74.02
CA GLN A 708 11.79 -0.65 74.82
C GLN A 708 11.91 0.61 73.95
N SER A 709 11.49 0.55 72.69
CA SER A 709 11.58 1.69 71.78
C SER A 709 10.28 1.94 71.03
N LEU A 710 9.16 1.41 71.52
CA LEU A 710 7.87 1.57 70.86
C LEU A 710 7.07 2.67 71.56
N ILE A 711 7.46 3.92 71.31
CA ILE A 711 6.88 5.06 72.03
C ILE A 711 6.32 6.07 71.03
N ASN A 712 6.92 6.12 69.84
CA ASN A 712 6.86 7.30 68.98
C ASN A 712 5.65 7.33 68.03
N ASN A 713 4.55 6.69 68.41
CA ASN A 713 3.32 6.74 67.61
C ASN A 713 2.58 8.02 67.97
N TRP A 714 2.55 8.99 67.05
CA TRP A 714 2.03 10.31 67.33
C TRP A 714 1.01 10.77 66.28
N ASP A 715 0.56 9.85 65.41
CA ASP A 715 -0.57 9.99 64.48
C ASP A 715 -0.35 10.98 63.34
N SER A 716 0.76 11.72 63.35
CA SER A 716 1.05 12.62 62.25
C SER A 716 1.96 11.97 61.21
N GLU A 717 2.54 10.81 61.52
CA GLU A 717 3.43 10.11 60.62
C GLU A 717 2.70 9.37 59.52
N ILE A 718 1.38 9.18 59.66
CA ILE A 718 0.62 8.44 58.67
C ILE A 718 0.39 9.28 57.42
N ILE A 719 0.16 10.57 57.60
CA ILE A 719 0.03 11.46 56.45
C ILE A 719 1.39 11.71 55.83
N ILE A 720 2.45 11.61 56.63
CA ILE A 720 3.81 11.60 56.08
C ILE A 720 4.03 10.35 55.23
N ARG A 721 3.46 9.21 55.64
CA ARG A 721 3.52 8.01 54.81
C ARG A 721 2.66 8.14 53.56
N LEU A 722 1.57 8.90 53.62
CA LEU A 722 0.78 9.19 52.42
C LEU A 722 1.58 10.06 51.45
N ALA A 723 2.25 11.09 51.96
CA ALA A 723 3.11 11.92 51.12
C ALA A 723 4.35 11.18 50.64
N ASP A 724 4.72 10.09 51.30
CA ASP A 724 5.74 9.20 50.77
C ASP A 724 5.18 8.34 49.64
N ALA A 725 3.99 7.78 49.83
CA ALA A 725 3.41 6.84 48.85
C ALA A 725 2.94 7.58 47.60
N TYR A 726 1.95 8.44 47.75
CA TYR A 726 1.63 9.37 46.68
C TYR A 726 2.70 10.44 46.62
N HIS A 727 3.12 10.80 45.40
CA HIS A 727 4.25 11.72 45.24
C HIS A 727 3.80 13.15 45.55
N TRP A 728 3.63 13.40 46.84
CA TRP A 728 3.27 14.69 47.40
C TRP A 728 4.46 15.25 48.15
N ASP A 729 4.24 16.34 48.87
CA ASP A 729 5.23 16.88 49.79
C ASP A 729 4.60 16.99 51.17
N ILE A 730 5.47 17.16 52.17
CA ILE A 730 5.04 17.06 53.57
C ILE A 730 4.17 18.26 53.95
N ASN A 731 4.59 19.45 53.54
CA ASN A 731 3.99 20.69 54.02
C ASN A 731 2.57 20.86 53.49
N ILE A 732 2.38 20.67 52.18
CA ILE A 732 1.07 20.86 51.58
C ILE A 732 0.11 19.77 52.04
N ALA A 733 0.56 18.51 52.07
CA ALA A 733 -0.32 17.42 52.43
C ALA A 733 -0.65 17.38 53.92
N ASN A 734 0.12 18.06 54.77
CA ASN A 734 -0.29 18.17 56.16
C ASN A 734 -1.10 19.42 56.44
N SER A 735 -0.75 20.53 55.79
CA SER A 735 -1.52 21.77 55.97
C SER A 735 -2.91 21.65 55.39
N MET A 736 -3.08 20.91 54.28
CA MET A 736 -4.41 20.67 53.75
C MET A 736 -5.25 19.81 54.69
N PHE A 737 -4.64 18.78 55.29
CA PHE A 737 -5.38 17.91 56.20
C PHE A 737 -5.85 18.69 57.43
N ILE A 738 -4.96 19.49 58.02
CA ILE A 738 -5.34 20.28 59.19
C ILE A 738 -6.38 21.33 58.83
N LEU A 739 -6.17 22.08 57.75
CA LEU A 739 -7.08 23.16 57.44
C LEU A 739 -8.40 22.68 56.82
N ILE A 740 -8.50 21.43 56.37
CA ILE A 740 -9.81 20.87 56.03
C ILE A 740 -10.52 20.39 57.28
N PHE A 741 -9.86 19.52 58.05
CA PHE A 741 -10.57 18.79 59.09
C PHE A 741 -10.55 19.48 60.44
N GLY A 742 -10.03 20.71 60.54
CA GLY A 742 -10.00 21.41 61.81
C GLY A 742 -11.36 21.78 62.37
N GLU A 743 -12.40 21.81 61.52
CA GLU A 743 -13.75 22.04 62.01
C GLU A 743 -14.37 20.79 62.61
N LYS A 744 -13.91 19.61 62.19
CA LYS A 744 -14.55 18.36 62.56
C LYS A 744 -13.81 17.61 63.67
N ILE A 745 -12.48 17.62 63.66
CA ILE A 745 -11.70 16.94 64.69
C ILE A 745 -10.79 17.93 65.39
N ASN A 746 -10.01 17.45 66.36
CA ASN A 746 -9.40 18.31 67.38
C ASN A 746 -8.12 19.01 66.93
N PHE A 747 -7.12 18.24 66.47
CA PHE A 747 -5.77 18.71 66.12
C PHE A 747 -5.10 19.41 67.30
N THR A 748 -4.81 18.63 68.33
CA THR A 748 -3.94 19.09 69.40
C THR A 748 -2.49 18.95 68.96
N PHE A 749 -1.78 20.07 68.89
CA PHE A 749 -0.40 20.06 68.43
C PHE A 749 0.54 19.63 69.56
N HIS A 750 1.84 19.70 69.29
CA HIS A 750 2.85 19.22 70.21
C HIS A 750 3.53 20.39 70.91
N TYR A 751 3.91 20.17 72.17
CA TYR A 751 4.50 21.18 73.02
C TYR A 751 5.92 21.51 72.55
N GLU A 752 6.44 22.65 73.03
CA GLU A 752 7.75 23.22 72.66
C GLU A 752 7.83 23.51 71.17
N ASN A 753 6.69 23.85 70.57
CA ASN A 753 6.62 24.13 69.13
C ASN A 753 5.70 25.30 68.83
N ARG A 754 5.69 26.32 69.71
CA ARG A 754 4.84 27.50 69.48
C ARG A 754 5.32 28.30 68.28
N ASN A 755 6.59 28.69 68.26
CA ASN A 755 7.14 29.40 67.11
C ASN A 755 7.40 28.48 65.92
N ASP A 756 7.33 27.17 66.11
CA ASP A 756 7.68 26.22 65.06
C ASP A 756 6.57 26.13 64.02
N TYR A 757 5.31 26.22 64.43
CA TYR A 757 4.17 26.10 63.54
C TYR A 757 3.59 27.49 63.31
N HIS A 758 4.13 28.20 62.33
CA HIS A 758 3.59 29.49 61.96
C HIS A 758 2.29 29.30 61.17
N TYR A 759 1.24 29.99 61.60
CA TYR A 759 -0.04 29.94 60.91
C TYR A 759 -0.42 31.34 60.44
N GLU A 760 -0.82 31.45 59.18
CA GLU A 760 -1.39 32.66 58.63
C GLU A 760 -2.59 32.30 57.76
N GLU A 761 -3.34 33.34 57.37
CA GLU A 761 -4.62 33.11 56.72
C GLU A 761 -4.43 32.71 55.26
N HIS A 762 -3.44 33.29 54.58
CA HIS A 762 -3.30 33.08 53.15
C HIS A 762 -2.58 31.77 52.83
N TYR A 763 -1.56 31.41 53.60
CA TYR A 763 -0.80 30.18 53.41
C TYR A 763 -0.53 29.60 54.80
N GLY A 764 -1.46 28.76 55.27
CA GLY A 764 -1.43 28.30 56.63
C GLY A 764 -0.51 27.12 56.87
N TYR A 765 0.07 27.09 58.07
CA TYR A 765 0.84 25.97 58.62
C TYR A 765 2.05 25.65 57.75
N ARG A 766 3.05 26.53 57.83
CA ARG A 766 4.26 26.39 57.03
C ARG A 766 5.15 25.23 57.44
N PHE A 767 5.05 24.77 58.70
CA PHE A 767 5.74 23.59 59.23
C PHE A 767 7.26 23.69 59.07
N GLU A 768 7.84 24.62 59.84
CA GLU A 768 9.28 24.86 59.81
C GLU A 768 10.09 23.62 60.20
N GLN A 769 9.52 22.71 60.97
CA GLN A 769 10.13 21.41 61.25
C GLN A 769 9.16 20.30 60.90
N LYS A 770 9.45 19.08 61.34
CA LYS A 770 8.55 17.96 61.10
C LYS A 770 7.22 18.16 61.83
N PRO A 771 6.09 17.96 61.16
CA PRO A 771 4.79 18.18 61.81
C PRO A 771 4.42 17.07 62.78
N MET A 772 4.04 17.46 63.99
CA MET A 772 3.79 16.52 65.09
C MET A 772 2.45 16.88 65.70
N TYR A 773 1.40 16.13 65.38
CA TYR A 773 0.08 16.43 65.90
C TYR A 773 -0.78 15.17 65.98
N SER A 774 -1.57 15.07 67.04
CA SER A 774 -2.61 14.06 67.19
C SER A 774 -3.94 14.66 66.77
N PHE A 775 -4.83 13.84 66.21
CA PHE A 775 -6.02 14.41 65.61
C PHE A 775 -7.31 13.65 65.89
N ASP A 776 -7.32 12.76 66.90
CA ASP A 776 -8.54 12.16 67.46
C ASP A 776 -9.32 11.37 66.41
N LYS A 777 -8.77 10.22 66.04
CA LYS A 777 -9.29 9.37 64.97
C LYS A 777 -10.66 8.77 65.25
N LYS A 778 -11.10 7.91 64.31
CA LYS A 778 -12.44 7.30 64.21
C LYS A 778 -13.57 8.34 64.39
N LEU A 779 -13.35 9.53 63.84
CA LEU A 779 -14.38 10.55 63.71
C LEU A 779 -14.47 11.09 62.31
N THR A 780 -13.39 11.00 61.52
CA THR A 780 -13.41 11.20 60.09
C THR A 780 -13.91 9.95 59.39
N ASN A 781 -13.93 9.99 58.06
CA ASN A 781 -14.20 8.82 57.24
C ASN A 781 -12.86 8.31 56.73
N GLY A 782 -12.47 7.11 57.17
CA GLY A 782 -11.10 6.62 57.08
C GLY A 782 -10.58 6.40 55.68
N PHE A 783 -11.44 6.36 54.67
CA PHE A 783 -11.01 6.24 53.29
C PHE A 783 -11.54 7.34 52.38
N GLY A 784 -12.70 7.92 52.68
CA GLY A 784 -13.15 9.08 51.93
C GLY A 784 -12.32 10.32 52.18
N SER A 785 -11.58 10.38 53.29
CA SER A 785 -10.72 11.52 53.56
C SER A 785 -9.51 11.52 52.63
N ILE A 786 -9.00 10.33 52.29
CA ILE A 786 -7.96 10.23 51.27
C ILE A 786 -8.48 10.71 49.92
N LEU A 787 -9.74 10.38 49.61
CA LEU A 787 -10.36 10.82 48.38
C LEU A 787 -10.61 12.32 48.37
N LEU A 788 -10.80 12.93 49.54
CA LEU A 788 -10.87 14.39 49.60
C LEU A 788 -9.49 15.00 49.38
N LEU A 789 -8.49 14.49 50.10
CA LEU A 789 -7.12 15.04 50.04
C LEU A 789 -6.51 14.91 48.66
N LYS A 790 -6.85 13.86 47.91
CA LYS A 790 -6.37 13.74 46.54
C LYS A 790 -6.87 14.88 45.66
N ASN A 791 -8.17 15.15 45.69
CA ASN A 791 -8.70 16.19 44.82
C ASN A 791 -8.28 17.58 45.28
N HIS A 792 -8.13 17.78 46.59
CA HIS A 792 -7.62 19.05 47.10
C HIS A 792 -6.18 19.30 46.67
N ILE A 793 -5.30 18.31 46.82
CA ILE A 793 -3.91 18.49 46.41
C ILE A 793 -3.79 18.47 44.88
N TYR A 794 -4.74 17.84 44.20
CA TYR A 794 -4.74 17.84 42.74
C TYR A 794 -5.11 19.22 42.19
N ILE A 795 -6.05 19.90 42.84
CA ILE A 795 -6.34 21.28 42.45
C ILE A 795 -5.20 22.21 42.88
N ALA A 796 -4.52 21.89 43.99
CA ALA A 796 -3.36 22.66 44.41
C ALA A 796 -2.21 22.55 43.41
N GLU A 797 -2.03 21.36 42.83
CA GLU A 797 -0.95 21.15 41.86
C GLU A 797 -1.36 21.52 40.44
N LYS A 798 -2.65 21.59 40.16
CA LYS A 798 -3.10 21.90 38.82
C LYS A 798 -3.21 23.41 38.59
N LEU A 799 -3.90 24.10 39.49
CA LEU A 799 -4.00 25.55 39.35
C LEU A 799 -2.84 26.29 39.98
N LYS A 800 -1.98 25.58 40.72
CA LYS A 800 -0.76 26.10 41.34
C LYS A 800 -1.06 27.28 42.27
N ILE A 801 -1.88 26.99 43.28
CA ILE A 801 -2.28 27.97 44.27
C ILE A 801 -1.61 27.56 45.57
N HIS A 802 -1.74 28.36 46.61
CA HIS A 802 -1.37 27.91 47.93
C HIS A 802 -2.44 26.94 48.46
N PRO A 803 -2.07 26.05 49.37
CA PRO A 803 -3.07 25.26 50.08
C PRO A 803 -3.94 26.07 51.03
N GLY A 804 -3.52 27.26 51.44
CA GLY A 804 -4.32 28.05 52.34
C GLY A 804 -5.45 28.84 51.71
N THR A 805 -5.57 28.82 50.38
CA THR A 805 -6.60 29.58 49.69
C THR A 805 -7.58 28.72 48.90
N ILE A 806 -7.34 27.42 48.77
CA ILE A 806 -8.36 26.52 48.23
C ILE A 806 -9.54 26.46 49.18
N ILE A 807 -9.28 26.56 50.47
CA ILE A 807 -10.36 26.64 51.45
C ILE A 807 -11.04 28.00 51.44
N LYS A 808 -10.36 29.05 50.99
CA LYS A 808 -11.05 30.31 50.76
C LYS A 808 -11.92 30.25 49.50
N ILE A 809 -11.49 29.50 48.49
CA ILE A 809 -12.35 29.19 47.35
C ILE A 809 -13.58 28.40 47.81
N LYS A 810 -13.37 27.46 48.74
CA LYS A 810 -14.48 26.70 49.30
C LYS A 810 -15.42 27.58 50.10
N ASN A 811 -14.87 28.57 50.81
CA ASN A 811 -15.71 29.51 51.53
C ASN A 811 -16.53 30.37 50.58
N TYR A 812 -15.91 30.82 49.47
CA TYR A 812 -16.64 31.61 48.48
C TYR A 812 -17.71 30.78 47.79
N ILE A 813 -17.48 29.50 47.56
CA ILE A 813 -18.48 28.67 46.89
C ILE A 813 -19.60 28.27 47.85
N PHE A 814 -19.25 27.60 48.95
CA PHE A 814 -20.24 26.96 49.80
C PHE A 814 -20.76 27.87 50.91
N ASP A 815 -20.09 28.98 51.21
CA ASP A 815 -20.51 29.86 52.29
C ASP A 815 -20.64 31.32 51.86
N ASP A 816 -20.13 31.68 50.68
CA ASP A 816 -20.49 32.88 49.94
C ASP A 816 -20.10 34.17 50.66
N LYS A 817 -18.83 34.26 51.05
CA LYS A 817 -18.34 35.47 51.71
C LYS A 817 -18.29 36.65 50.76
N SER A 818 -17.76 36.42 49.54
CA SER A 818 -17.62 37.39 48.45
C SER A 818 -16.73 38.58 48.79
N ASN A 819 -16.02 38.52 49.92
CA ASN A 819 -14.96 39.47 50.24
C ASN A 819 -13.60 38.87 50.00
N GLU A 820 -13.53 37.60 49.61
CA GLU A 820 -12.29 36.89 49.39
C GLU A 820 -11.82 36.96 47.94
N LEU A 821 -12.58 37.62 47.07
CA LEU A 821 -12.24 37.64 45.65
C LEU A 821 -10.98 38.46 45.38
N GLU A 822 -10.71 39.46 46.21
CA GLU A 822 -9.47 40.22 46.11
C GLU A 822 -8.24 39.38 46.47
N ASN A 823 -8.43 38.26 47.17
CA ASN A 823 -7.35 37.34 47.47
C ASN A 823 -7.21 36.27 46.38
N ILE A 824 -8.33 35.65 46.02
CA ILE A 824 -8.31 34.54 45.05
C ILE A 824 -7.91 35.04 43.68
N ALA A 825 -8.32 36.26 43.31
CA ALA A 825 -7.92 36.80 42.02
C ALA A 825 -6.45 37.18 42.03
N ASN A 826 -5.93 37.64 43.16
CA ASN A 826 -4.52 37.97 43.24
C ASN A 826 -3.62 36.76 43.32
N LYS A 827 -4.14 35.61 43.74
CA LYS A 827 -3.30 34.43 43.86
C LYS A 827 -3.72 33.28 42.95
N LEU A 828 -4.64 33.51 42.01
CA LEU A 828 -4.73 32.67 40.81
C LEU A 828 -3.89 33.21 39.68
N ARG A 829 -3.22 34.34 39.90
CA ARG A 829 -2.36 35.01 38.95
C ARG A 829 -0.92 34.54 39.08
N VAL A 830 -0.69 33.51 39.90
CA VAL A 830 0.67 33.18 40.37
C VAL A 830 1.47 32.51 39.27
N ASN A 831 1.03 31.35 38.81
CA ASN A 831 1.64 30.72 37.66
C ASN A 831 0.74 30.76 36.43
N LEU A 832 -0.48 31.24 36.57
CA LEU A 832 -1.41 31.38 35.46
C LEU A 832 -1.60 32.87 35.15
N GLY A 833 -2.00 33.14 33.92
CA GLY A 833 -2.15 34.51 33.48
C GLY A 833 -0.83 35.21 33.31
N SER A 834 0.09 34.58 32.59
CA SER A 834 1.37 35.18 32.30
C SER A 834 1.22 36.34 31.32
N PRO A 835 2.11 37.34 31.38
CA PRO A 835 1.99 38.48 30.45
C PRO A 835 2.31 38.14 28.99
N THR A 836 2.78 36.93 28.69
CA THR A 836 2.90 36.44 27.33
C THR A 836 2.01 35.21 27.21
N SER A 837 0.72 35.46 26.98
CA SER A 837 -0.29 34.40 26.85
C SER A 837 -1.49 34.98 26.11
N THR A 838 -2.60 34.25 26.12
CA THR A 838 -3.84 34.70 25.50
C THR A 838 -4.95 34.98 26.50
N VAL A 839 -4.79 34.56 27.76
CA VAL A 839 -5.82 34.79 28.76
C VAL A 839 -5.92 36.28 29.09
N LEU A 840 -4.78 36.97 29.11
CA LEU A 840 -4.76 38.39 29.42
C LEU A 840 -5.39 39.23 28.31
N ASN A 841 -5.41 38.70 27.07
CA ASN A 841 -6.19 39.33 26.02
C ASN A 841 -7.69 39.29 26.32
N LYS A 842 -8.17 38.16 26.85
CA LYS A 842 -9.59 38.07 27.21
C LYS A 842 -9.89 38.91 28.45
N ILE A 843 -8.92 39.03 29.35
CA ILE A 843 -9.03 39.97 30.47
C ILE A 843 -9.22 41.40 29.97
N ASN A 844 -8.40 41.80 28.99
CA ASN A 844 -8.50 43.16 28.46
C ASN A 844 -9.78 43.38 27.67
N GLU A 845 -10.24 42.36 26.95
CA GLU A 845 -11.50 42.47 26.22
C GLU A 845 -12.69 42.58 27.16
N SER A 846 -12.66 41.87 28.29
CA SER A 846 -13.73 42.04 29.26
C SER A 846 -13.59 43.34 30.06
N ARG A 847 -12.38 43.89 30.15
CA ARG A 847 -12.21 45.17 30.84
C ARG A 847 -12.66 46.35 30.00
N ARG A 848 -12.46 46.30 28.67
CA ARG A 848 -12.86 47.45 27.86
C ARG A 848 -14.38 47.56 27.76
N ASP A 849 -15.10 46.43 27.86
CA ASP A 849 -16.56 46.49 27.79
C ASP A 849 -17.14 47.13 29.04
N ALA A 850 -16.45 47.00 30.17
CA ALA A 850 -16.85 47.71 31.38
C ALA A 850 -16.42 49.17 31.32
N LEU A 851 -15.20 49.45 30.86
CA LEU A 851 -14.68 50.81 30.88
C LEU A 851 -15.40 51.72 29.89
N VAL A 852 -15.74 51.21 28.69
CA VAL A 852 -16.43 52.01 27.70
C VAL A 852 -17.85 52.34 28.17
N ASN A 853 -18.55 51.34 28.72
CA ASN A 853 -19.91 51.57 29.20
C ASN A 853 -19.94 52.47 30.43
N TYR A 854 -18.93 52.34 31.30
CA TYR A 854 -18.86 53.24 32.45
C TYR A 854 -18.48 54.65 32.04
N TYR A 855 -17.67 54.80 30.99
CA TYR A 855 -17.35 56.14 30.53
C TYR A 855 -18.53 56.75 29.79
N LEU A 856 -19.39 55.93 29.19
CA LEU A 856 -20.63 56.46 28.64
C LEU A 856 -21.61 56.80 29.75
N ALA A 857 -21.50 56.14 30.90
CA ALA A 857 -22.40 56.43 32.01
C ALA A 857 -22.04 57.73 32.72
N LYS A 858 -20.75 57.94 32.99
CA LYS A 858 -20.31 59.07 33.81
C LYS A 858 -19.04 59.69 33.23
N ASN A 859 -18.79 60.93 33.66
CA ASN A 859 -17.48 61.60 33.57
C ASN A 859 -17.00 61.83 32.14
N VAL A 860 -17.82 62.53 31.34
CA VAL A 860 -17.36 63.15 30.10
C VAL A 860 -17.75 64.62 30.26
N SER A 861 -17.41 65.46 29.29
CA SER A 861 -18.10 66.75 29.16
C SER A 861 -19.52 66.45 28.70
N GLY A 862 -20.49 66.63 29.59
CA GLY A 862 -21.86 66.24 29.33
C GLY A 862 -22.60 67.10 28.32
N ASP A 863 -22.02 68.23 27.91
CA ASP A 863 -22.67 69.09 26.93
C ASP A 863 -22.68 68.45 25.54
N GLU A 864 -21.75 67.53 25.27
CA GLU A 864 -21.74 66.81 24.01
C GLU A 864 -22.57 65.54 24.16
N LYS A 865 -23.42 65.26 23.18
CA LYS A 865 -24.29 64.09 23.21
C LYS A 865 -23.50 62.83 22.89
N ILE A 866 -22.93 62.19 23.91
CA ILE A 866 -22.14 60.98 23.75
C ILE A 866 -22.87 59.88 24.50
N LYS A 867 -23.50 58.97 23.77
CA LYS A 867 -24.35 57.96 24.39
C LYS A 867 -23.96 56.55 23.99
N THR A 868 -23.48 56.38 22.76
CA THR A 868 -23.12 55.06 22.24
C THR A 868 -21.61 54.96 22.08
N ALA A 869 -21.15 53.81 21.62
CA ALA A 869 -19.72 53.59 21.46
C ALA A 869 -19.16 54.29 20.24
N GLU A 870 -19.98 54.54 19.22
CA GLU A 870 -19.50 55.29 18.06
C GLU A 870 -19.34 56.77 18.39
N GLN A 871 -20.19 57.30 19.26
CA GLN A 871 -20.01 58.67 19.77
C GLN A 871 -18.69 58.79 20.53
N LEU A 872 -18.39 57.79 21.35
CA LEU A 872 -17.12 57.77 22.06
C LEU A 872 -15.95 57.57 21.12
N TYR A 873 -16.15 56.84 20.02
CA TYR A 873 -15.11 56.68 19.02
C TYR A 873 -14.81 57.99 18.32
N GLN A 874 -15.86 58.78 18.04
CA GLN A 874 -15.65 60.10 17.48
C GLN A 874 -15.02 61.05 18.49
N TYR A 875 -15.27 60.83 19.78
CA TYR A 875 -14.75 61.74 20.80
C TYR A 875 -13.28 61.45 21.14
N LEU A 876 -13.00 60.26 21.66
CA LEU A 876 -11.66 59.93 22.13
C LEU A 876 -10.72 59.44 21.04
N LEU A 877 -11.17 59.37 19.78
CA LEU A 877 -10.35 59.11 18.60
C LEU A 877 -9.66 57.76 18.63
N LEU A 878 -10.18 56.80 19.39
CA LEU A 878 -9.54 55.51 19.59
C LEU A 878 -10.59 54.41 19.51
N ASP A 879 -10.21 53.26 18.95
CA ASP A 879 -11.15 52.22 18.58
C ASP A 879 -11.67 51.53 19.83
N THR A 880 -12.86 51.92 20.27
CA THR A 880 -13.49 51.39 21.47
C THR A 880 -14.17 50.05 21.26
N LYS A 881 -13.99 49.40 20.11
CA LYS A 881 -14.54 48.08 19.86
C LYS A 881 -13.51 47.16 19.22
N ILE A 882 -12.23 47.47 19.37
CA ILE A 882 -11.18 46.73 18.69
C ILE A 882 -10.89 45.43 19.44
N GLY A 883 -10.46 44.40 18.70
CA GLY A 883 -10.08 43.14 19.29
C GLY A 883 -8.67 43.18 19.83
N HIS A 884 -8.13 42.00 20.10
CA HIS A 884 -6.80 41.89 20.69
C HIS A 884 -5.71 41.57 19.66
N GLU A 885 -6.09 41.20 18.44
CA GLU A 885 -5.11 40.75 17.45
C GLU A 885 -4.49 41.89 16.67
N VAL A 886 -5.04 43.09 16.75
CA VAL A 886 -4.54 44.22 15.97
C VAL A 886 -3.40 44.88 16.73
N LYS A 887 -2.27 45.09 16.06
CA LYS A 887 -1.09 45.69 16.66
C LYS A 887 -0.72 46.96 15.90
N THR A 888 -0.33 47.99 16.63
CA THR A 888 -0.09 49.31 16.04
C THR A 888 0.92 50.07 16.88
N SER A 889 2.01 50.51 16.24
CA SER A 889 3.02 51.34 16.90
C SER A 889 2.41 52.67 17.34
N PRO A 890 2.91 53.25 18.45
CA PRO A 890 2.20 54.41 19.05
C PRO A 890 2.22 55.68 18.20
N ILE A 891 3.27 55.91 17.43
CA ILE A 891 3.28 57.07 16.53
C ILE A 891 2.27 56.87 15.40
N ALA A 892 2.10 55.63 14.93
CA ALA A 892 1.09 55.35 13.92
C ALA A 892 -0.32 55.52 14.47
N GLU A 893 -0.53 55.17 15.74
CA GLU A 893 -1.84 55.37 16.35
C GLU A 893 -2.12 56.84 16.60
N ALA A 894 -1.09 57.62 16.94
CA ALA A 894 -1.27 59.06 17.08
C ALA A 894 -1.58 59.72 15.74
N ILE A 895 -0.92 59.26 14.67
CA ILE A 895 -1.21 59.73 13.33
C ILE A 895 -2.64 59.41 12.93
N SER A 896 -3.11 58.20 13.24
CA SER A 896 -4.48 57.82 12.89
C SER A 896 -5.51 58.61 13.70
N SER A 897 -5.23 58.88 14.98
CA SER A 897 -6.15 59.67 15.79
C SER A 897 -6.22 61.11 15.31
N LEU A 898 -5.08 61.70 14.94
CA LEU A 898 -5.13 63.06 14.44
C LEU A 898 -5.73 63.14 13.03
N GLN A 899 -5.60 62.08 12.23
CA GLN A 899 -6.25 62.08 10.92
C GLN A 899 -7.77 61.99 11.06
N ILE A 900 -8.25 61.21 12.04
CA ILE A 900 -9.68 61.17 12.35
C ILE A 900 -10.16 62.53 12.85
N TYR A 901 -9.33 63.21 13.66
CA TYR A 901 -9.72 64.52 14.18
C TYR A 901 -9.78 65.57 13.09
N ILE A 902 -8.81 65.60 12.16
CA ILE A 902 -8.84 66.55 11.06
C ILE A 902 -10.00 66.25 10.12
N ASN A 903 -10.26 64.97 9.83
CA ASN A 903 -11.37 64.62 8.96
C ASN A 903 -12.72 64.95 9.59
N ARG A 904 -12.81 64.96 10.92
CA ARG A 904 -14.04 65.44 11.54
C ARG A 904 -14.12 66.96 11.55
N CYS A 905 -12.99 67.65 11.71
CA CYS A 905 -13.06 69.11 11.83
C CYS A 905 -13.21 69.81 10.49
N VAL A 906 -12.72 69.20 9.41
CA VAL A 906 -12.87 69.79 8.08
C VAL A 906 -14.31 69.69 7.60
N ASP A 907 -14.97 68.56 7.85
CA ASP A 907 -16.30 68.29 7.34
C ASP A 907 -17.42 68.98 8.13
N GLY A 908 -17.10 69.93 9.00
CA GLY A 908 -18.12 70.74 9.65
C GLY A 908 -18.90 70.05 10.74
N GLU A 909 -18.47 68.87 11.18
CA GLU A 909 -19.20 68.15 12.22
C GLU A 909 -18.90 68.64 13.61
N GLU A 910 -17.92 69.53 13.77
CA GLU A 910 -17.63 70.15 15.06
C GLU A 910 -18.59 71.31 15.26
N ASN A 911 -19.25 71.36 16.41
CA ASN A 911 -20.32 72.32 16.64
C ASN A 911 -19.76 73.73 16.86
N ASP A 912 -18.97 73.91 17.91
CA ASP A 912 -18.31 75.17 18.19
C ASP A 912 -16.83 75.02 17.88
N LEU A 913 -16.32 75.87 16.99
CA LEU A 913 -14.95 75.74 16.53
C LEU A 913 -14.44 77.11 16.09
N HIS A 914 -13.16 77.16 15.78
CA HIS A 914 -12.44 78.43 15.63
C HIS A 914 -12.32 78.77 14.15
N GLU A 915 -13.01 79.82 13.73
CA GLU A 915 -13.16 80.13 12.31
C GLU A 915 -12.01 80.92 11.74
N LYS A 916 -11.40 81.82 12.52
CA LYS A 916 -10.41 82.72 11.94
C LYS A 916 -9.02 82.09 11.80
N ASN A 917 -8.84 80.84 12.20
CA ASN A 917 -7.71 80.05 11.75
C ASN A 917 -8.06 79.11 10.61
N ILE A 918 -9.31 78.67 10.55
CA ILE A 918 -9.80 77.92 9.39
C ILE A 918 -9.75 78.78 8.14
N SER A 919 -9.98 80.09 8.28
CA SER A 919 -9.77 81.04 7.20
C SER A 919 -8.31 81.13 6.75
N THR A 920 -7.36 80.75 7.62
CA THR A 920 -5.95 80.78 7.25
C THR A 920 -5.46 79.44 6.72
N HIS A 921 -6.02 78.33 7.19
CA HIS A 921 -5.56 77.02 6.77
C HIS A 921 -6.23 76.52 5.50
N PHE A 922 -7.35 77.12 5.09
CA PHE A 922 -8.00 76.80 3.82
C PHE A 922 -7.72 77.86 2.76
N SER A 923 -6.49 78.39 2.75
CA SER A 923 -6.07 79.37 1.76
C SER A 923 -5.71 78.70 0.44
N SER A 924 -4.98 79.43 -0.42
CA SER A 924 -4.56 78.86 -1.69
C SER A 924 -3.59 77.71 -1.50
N ASP A 925 -2.52 77.94 -0.73
CA ASP A 925 -1.51 76.90 -0.46
C ASP A 925 -1.19 76.85 1.03
N ASN A 926 -1.98 76.10 1.78
CA ASN A 926 -1.66 75.74 3.16
C ASN A 926 -1.99 74.26 3.34
N PHE A 927 -2.05 73.83 4.59
CA PHE A 927 -2.13 72.40 4.87
C PHE A 927 -3.51 71.85 4.58
N LEU A 928 -4.56 72.54 5.04
CA LEU A 928 -5.90 71.98 4.91
C LEU A 928 -6.51 72.19 3.52
N HIS A 929 -5.89 73.00 2.67
CA HIS A 929 -6.38 73.09 1.30
C HIS A 929 -5.98 71.86 0.49
N GLY A 930 -4.75 71.42 0.65
CA GLY A 930 -4.32 70.18 0.02
C GLY A 930 -4.49 69.00 0.95
N TRP A 931 -5.55 69.02 1.75
CA TRP A 931 -5.85 67.89 2.63
C TRP A 931 -6.27 66.68 1.82
N ASN A 932 -7.39 66.80 1.08
CA ASN A 932 -7.91 65.69 0.29
C ASN A 932 -6.99 65.32 -0.86
N SER A 933 -6.23 66.28 -1.37
CA SER A 933 -5.28 65.99 -2.43
C SER A 933 -4.07 65.23 -1.91
N TYR A 934 -3.41 65.78 -0.89
CA TYR A 934 -2.15 65.19 -0.47
C TYR A 934 -2.12 64.73 0.98
N ASN A 935 -2.68 65.50 1.90
CA ASN A 935 -2.31 65.38 3.30
C ASN A 935 -3.17 64.39 4.08
N LYS A 936 -4.12 63.71 3.44
CA LYS A 936 -4.92 62.70 4.14
C LYS A 936 -4.13 61.45 4.49
N ARG A 937 -2.95 61.27 3.90
CA ARG A 937 -2.29 59.99 3.92
C ARG A 937 -0.80 60.23 4.04
N TYR A 938 -0.11 59.37 4.80
CA TYR A 938 1.33 59.52 4.95
C TYR A 938 2.06 59.22 3.66
N ALA A 939 1.56 58.26 2.88
CA ALA A 939 2.22 57.88 1.63
C ALA A 939 2.16 59.01 0.60
N ARG A 940 0.99 59.65 0.45
CA ARG A 940 0.86 60.73 -0.52
C ARG A 940 1.61 61.98 -0.06
N TRP A 941 1.61 62.24 1.25
CA TRP A 941 2.38 63.36 1.79
C TRP A 941 3.87 63.16 1.60
N ALA A 942 4.35 61.93 1.83
CA ALA A 942 5.75 61.61 1.61
C ALA A 942 6.11 61.71 0.14
N GLY A 943 5.20 61.29 -0.74
CA GLY A 943 5.46 61.41 -2.18
C GLY A 943 5.56 62.85 -2.63
N LYS A 944 4.74 63.72 -2.06
CA LYS A 944 4.84 65.14 -2.42
C LYS A 944 6.08 65.80 -1.83
N GLU A 945 6.40 65.50 -0.57
CA GLU A 945 7.58 66.12 0.02
C GLU A 945 8.88 65.57 -0.53
N LYS A 946 8.87 64.37 -1.11
CA LYS A 946 10.06 63.84 -1.77
C LYS A 946 10.12 64.22 -3.25
N LEU A 947 8.97 64.47 -3.89
CA LEU A 947 9.01 64.91 -5.28
C LEU A 947 9.52 66.34 -5.39
N MET A 948 9.30 67.15 -4.37
CA MET A 948 9.82 68.51 -4.37
C MET A 948 11.24 68.59 -3.87
N TYR A 949 11.71 67.56 -3.15
CA TYR A 949 13.08 67.52 -2.67
C TYR A 949 13.97 66.63 -3.53
N TYR A 950 13.40 65.66 -4.24
CA TYR A 950 14.12 64.90 -5.27
C TYR A 950 13.26 64.85 -6.53
N ALA A 951 13.47 65.80 -7.43
CA ALA A 951 12.92 65.66 -8.77
C ALA A 951 13.70 64.63 -9.58
N ALA A 952 14.91 64.28 -9.15
CA ALA A 952 15.76 63.36 -9.90
C ALA A 952 15.25 61.92 -9.82
N ASP A 953 14.64 61.54 -8.71
CA ASP A 953 14.22 60.16 -8.53
C ASP A 953 12.97 59.85 -9.34
N TYR A 954 12.17 60.85 -9.67
CA TYR A 954 10.86 60.66 -10.26
C TYR A 954 10.80 61.14 -11.70
N ILE A 955 11.94 61.21 -12.39
CA ILE A 955 12.03 61.85 -13.69
C ILE A 955 12.27 60.78 -14.75
N ASP A 956 11.86 61.09 -15.98
CA ASP A 956 12.00 60.18 -17.11
C ASP A 956 11.98 60.98 -18.39
N PRO A 957 12.65 60.52 -19.44
CA PRO A 957 12.67 61.28 -20.70
C PRO A 957 11.37 61.22 -21.47
N THR A 958 10.54 60.20 -21.21
CA THR A 958 9.31 60.03 -21.98
C THR A 958 8.21 60.95 -21.48
N LEU A 959 7.82 60.80 -20.22
CA LEU A 959 6.76 61.61 -19.63
C LEU A 959 7.33 62.97 -19.26
N ARG A 960 7.05 63.98 -20.08
CA ARG A 960 7.58 65.31 -19.82
C ARG A 960 6.57 66.35 -20.29
N TYR A 961 6.44 67.42 -19.52
CA TYR A 961 5.65 68.56 -19.93
C TYR A 961 6.45 69.41 -20.92
N ASN A 962 5.72 70.13 -21.79
CA ASN A 962 6.25 70.97 -22.87
C ASN A 962 7.13 70.16 -23.82
N LYS A 963 6.59 69.06 -24.32
CA LYS A 963 7.22 68.34 -25.42
C LYS A 963 6.80 68.98 -26.73
N THR A 964 7.80 69.28 -27.58
CA THR A 964 7.51 69.85 -28.87
C THR A 964 6.95 68.79 -29.81
N GLU A 965 6.39 69.25 -30.93
CA GLU A 965 5.91 68.33 -31.96
C GLU A 965 7.08 67.62 -32.63
N LEU A 966 8.22 68.31 -32.73
CA LEU A 966 9.42 67.69 -33.26
C LEU A 966 9.95 66.62 -32.32
N PHE A 967 9.72 66.78 -31.02
CA PHE A 967 10.08 65.74 -30.07
C PHE A 967 9.19 64.52 -30.22
N ASN A 968 7.92 64.73 -30.58
CA ASN A 968 7.04 63.59 -30.85
C ASN A 968 7.41 62.92 -32.16
N THR A 969 7.94 63.68 -33.12
CA THR A 969 8.41 63.06 -34.35
C THR A 969 9.68 62.25 -34.10
N PHE A 970 10.60 62.77 -33.28
CA PHE A 970 11.82 62.04 -32.95
C PHE A 970 11.53 60.81 -32.10
N GLU A 971 10.67 60.96 -31.10
CA GLU A 971 10.45 59.93 -30.09
C GLU A 971 9.81 58.68 -30.68
N GLN A 972 9.01 58.83 -31.72
CA GLN A 972 8.34 57.73 -32.37
C GLN A 972 8.93 57.43 -33.74
N SER A 973 10.16 57.88 -33.98
CA SER A 973 10.97 57.44 -35.11
C SER A 973 12.05 56.46 -34.69
N ILE A 974 12.53 56.57 -33.45
CA ILE A 974 13.50 55.64 -32.90
C ILE A 974 12.80 54.52 -32.13
N ASN A 975 11.50 54.33 -32.36
CA ASN A 975 10.71 53.37 -31.61
C ASN A 975 10.79 51.98 -32.23
N ASN A 976 12.00 51.49 -32.48
CA ASN A 976 12.23 50.18 -33.04
C ASN A 976 12.28 49.14 -31.92
N SER A 977 12.72 47.93 -32.23
CA SER A 977 12.95 46.90 -31.23
C SER A 977 14.42 46.53 -31.09
N ARG A 978 15.08 46.12 -32.17
CA ARG A 978 16.51 45.87 -32.12
C ARG A 978 17.17 47.05 -32.81
N LEU A 979 17.38 48.12 -32.05
CA LEU A 979 17.85 49.38 -32.59
C LEU A 979 19.29 49.30 -33.10
N THR A 980 19.56 50.11 -34.10
CA THR A 980 20.91 50.40 -34.56
C THR A 980 21.18 51.88 -34.38
N GLU A 981 22.42 52.28 -34.57
CA GLU A 981 22.76 53.69 -34.46
C GLU A 981 22.39 54.47 -35.72
N LYS A 982 22.19 53.76 -36.84
CA LYS A 982 21.77 54.42 -38.08
C LYS A 982 20.38 55.02 -37.94
N SER A 983 19.48 54.33 -37.24
CA SER A 983 18.11 54.82 -37.11
C SER A 983 18.03 56.06 -36.24
N VAL A 984 18.79 56.09 -35.13
CA VAL A 984 18.77 57.26 -34.27
C VAL A 984 19.54 58.42 -34.90
N LYS A 985 20.55 58.14 -35.72
CA LYS A 985 21.18 59.23 -36.47
C LYS A 985 20.28 59.77 -37.57
N SER A 986 19.46 58.92 -38.19
CA SER A 986 18.52 59.40 -39.19
C SER A 986 17.41 60.24 -38.57
N ALA A 987 16.93 59.83 -37.39
CA ALA A 987 15.95 60.65 -36.69
C ALA A 987 16.55 61.95 -36.18
N LEU A 988 17.85 61.93 -35.84
CA LEU A 988 18.53 63.17 -35.45
C LEU A 988 18.67 64.12 -36.64
N GLN A 989 18.98 63.57 -37.83
CA GLN A 989 19.05 64.38 -39.03
C GLN A 989 17.69 64.98 -39.36
N SER A 990 16.62 64.19 -39.21
CA SER A 990 15.28 64.71 -39.45
C SER A 990 14.89 65.79 -38.45
N TYR A 991 15.37 65.66 -37.21
CA TYR A 991 15.12 66.70 -36.21
C TYR A 991 15.83 68.00 -36.58
N LEU A 992 17.10 67.92 -37.00
CA LEU A 992 17.79 69.15 -37.38
C LEU A 992 17.25 69.77 -38.65
N ILE A 993 16.79 68.95 -39.60
CA ILE A 993 16.19 69.49 -40.82
C ILE A 993 14.87 70.16 -40.51
N SER A 994 14.11 69.62 -39.56
CA SER A 994 12.88 70.28 -39.15
C SER A 994 13.14 71.52 -38.31
N TYR A 995 14.24 71.55 -37.56
CA TYR A 995 14.58 72.73 -36.78
C TYR A 995 15.07 73.86 -37.66
N GLU A 996 15.79 73.53 -38.74
CA GLU A 996 16.38 74.57 -39.59
C GLU A 996 15.32 75.38 -40.33
N LYS A 997 14.13 74.81 -40.55
CA LYS A 997 13.03 75.58 -41.09
C LYS A 997 12.51 76.58 -40.08
N LEU A 998 12.33 76.15 -38.82
CA LEU A 998 11.82 77.02 -37.77
C LEU A 998 12.82 78.08 -37.36
N ALA A 999 14.11 77.85 -37.61
CA ALA A 999 15.13 78.84 -37.31
C ALA A 999 15.21 79.94 -38.36
N GLN A 1000 14.33 79.94 -39.36
CA GLN A 1000 14.32 80.94 -40.41
C GLN A 1000 13.00 81.70 -40.47
N ILE A 1001 12.14 81.55 -39.48
CA ILE A 1001 10.84 82.21 -39.49
C ILE A 1001 11.03 83.69 -39.23
N ASP A 1002 10.39 84.51 -40.04
CA ASP A 1002 10.63 85.95 -40.10
C ASP A 1002 9.47 86.65 -39.40
N THR A 1003 9.72 87.21 -38.22
CA THR A 1003 8.66 87.80 -37.41
C THR A 1003 8.20 89.12 -38.01
N ILE A 1004 6.91 89.19 -38.34
CA ILE A 1004 6.32 90.36 -39.00
C ILE A 1004 5.50 91.20 -38.02
N LYS A 1005 4.47 90.60 -37.42
CA LYS A 1005 3.45 91.33 -36.70
C LYS A 1005 3.49 90.95 -35.23
N GLU A 1006 3.37 91.94 -34.35
CA GLU A 1006 3.37 91.73 -32.92
C GLU A 1006 2.02 92.13 -32.35
N LEU A 1007 1.75 91.67 -31.14
CA LEU A 1007 0.50 92.00 -30.43
C LEU A 1007 0.72 91.74 -28.96
N TYR A 1008 0.59 92.78 -28.13
CA TYR A 1008 0.71 92.64 -26.69
C TYR A 1008 -0.68 92.73 -26.07
N VAL A 1009 -1.20 91.59 -25.64
CA VAL A 1009 -2.44 91.56 -24.88
C VAL A 1009 -2.13 91.99 -23.45
N GLU A 1010 -2.93 92.90 -22.91
CA GLU A 1010 -2.66 93.43 -21.58
C GLU A 1010 -3.40 92.69 -20.48
N ASN A 1011 -4.58 92.13 -20.77
CA ASN A 1011 -5.32 91.38 -19.76
C ASN A 1011 -4.60 90.06 -19.46
N ILE A 1012 -4.51 89.18 -20.45
CA ILE A 1012 -3.63 88.03 -20.38
C ILE A 1012 -2.25 88.52 -20.76
N LYS A 1013 -1.29 88.40 -19.85
CA LYS A 1013 -0.01 89.10 -19.99
C LYS A 1013 0.88 88.45 -21.04
N THR A 1014 0.45 88.41 -22.30
CA THR A 1014 1.14 87.65 -23.32
C THR A 1014 1.44 88.50 -24.54
N HIS A 1015 2.53 88.15 -25.22
CA HIS A 1015 2.83 88.62 -26.55
C HIS A 1015 2.31 87.60 -27.56
N PHE A 1016 2.03 88.05 -28.77
CA PHE A 1016 1.71 87.17 -29.87
C PHE A 1016 2.43 87.63 -31.11
N PHE A 1017 3.05 86.69 -31.82
CA PHE A 1017 3.84 87.01 -32.98
C PHE A 1017 3.27 86.30 -34.20
N LEU A 1018 3.52 86.88 -35.36
CA LEU A 1018 3.10 86.30 -36.63
C LEU A 1018 4.33 86.23 -37.51
N GLY A 1019 4.72 85.02 -37.91
CA GLY A 1019 5.98 84.88 -38.60
C GLY A 1019 5.89 84.19 -39.94
N LYS A 1020 6.40 84.85 -40.97
CA LYS A 1020 6.49 84.30 -42.31
C LYS A 1020 7.77 83.49 -42.45
N THR A 1021 7.76 82.49 -43.32
CA THR A 1021 8.97 81.76 -43.61
C THR A 1021 9.62 82.35 -44.87
N ARG A 1022 10.82 81.87 -45.20
CA ARG A 1022 11.58 82.43 -46.31
C ARG A 1022 11.37 81.59 -47.56
N GLU A 1023 10.12 81.58 -48.02
CA GLU A 1023 9.74 81.00 -49.30
C GLU A 1023 8.88 82.04 -50.03
N SER A 1024 8.73 81.85 -51.34
CA SER A 1024 7.90 82.79 -52.07
C SER A 1024 6.40 82.54 -51.84
N PRO A 1025 5.92 81.30 -51.70
CA PRO A 1025 4.68 81.11 -50.93
C PRO A 1025 4.90 81.47 -49.48
N CYS A 1026 3.84 82.00 -48.85
CA CYS A 1026 4.00 82.75 -47.61
C CYS A 1026 4.28 81.86 -46.41
N GLN A 1027 3.33 81.00 -46.06
CA GLN A 1027 3.43 80.01 -44.97
C GLN A 1027 3.70 80.69 -43.62
N TYR A 1028 2.71 81.43 -43.15
CA TYR A 1028 2.87 82.12 -41.87
C TYR A 1028 2.76 81.14 -40.70
N TYR A 1029 3.23 81.61 -39.54
CA TYR A 1029 3.29 80.84 -38.31
C TYR A 1029 2.91 81.75 -37.15
N TRP A 1030 2.85 81.20 -35.93
CA TRP A 1030 2.57 82.02 -34.76
C TRP A 1030 3.23 81.41 -33.54
N ARG A 1031 3.46 82.25 -32.52
CA ARG A 1031 4.05 81.83 -31.26
C ARG A 1031 3.58 82.81 -30.19
N SER A 1032 3.98 82.56 -28.95
CA SER A 1032 3.58 83.45 -27.86
C SER A 1032 4.58 83.38 -26.71
N GLY A 1033 4.87 84.54 -26.13
CA GLY A 1033 5.59 84.63 -24.87
C GLY A 1033 4.60 84.91 -23.75
N GLU A 1034 4.65 84.11 -22.69
CA GLU A 1034 3.50 83.93 -21.81
C GLU A 1034 3.58 84.69 -20.50
N GLN A 1035 4.44 85.69 -20.37
CA GLN A 1035 4.45 86.51 -19.15
C GLN A 1035 4.88 87.93 -19.49
N LEU A 1036 5.18 88.70 -18.45
CA LEU A 1036 5.76 90.02 -18.62
C LEU A 1036 7.13 89.94 -19.27
N SER A 1037 7.42 90.91 -20.14
CA SER A 1037 8.69 90.92 -20.86
C SER A 1037 9.87 91.24 -19.94
N ASN A 1038 9.61 91.90 -18.81
CA ASN A 1038 10.67 92.27 -17.88
C ASN A 1038 10.35 91.79 -16.46
N ASP A 1039 9.56 90.71 -16.34
CA ASP A 1039 9.44 90.04 -15.05
C ASP A 1039 10.77 89.38 -14.68
N SER A 1040 11.45 88.84 -15.68
CA SER A 1040 12.84 88.41 -15.57
C SER A 1040 13.46 88.54 -16.96
N HIS A 1041 14.61 87.92 -17.16
CA HIS A 1041 15.19 87.83 -18.50
C HIS A 1041 14.39 86.90 -19.40
N HIS A 1042 13.62 85.98 -18.82
CA HIS A 1042 12.95 84.93 -19.57
C HIS A 1042 11.49 85.28 -19.78
N LEU A 1043 11.04 85.22 -21.02
CA LEU A 1043 9.63 85.00 -21.33
C LEU A 1043 9.39 83.50 -21.38
N ARG A 1044 8.14 83.10 -21.15
CA ARG A 1044 7.75 81.70 -21.34
C ARG A 1044 7.31 81.56 -22.78
N TRP A 1045 8.21 81.08 -23.62
CA TRP A 1045 7.99 81.10 -25.06
C TRP A 1045 7.14 79.91 -25.49
N SER A 1046 7.00 79.75 -26.80
CA SER A 1046 6.16 78.72 -27.36
C SER A 1046 6.73 78.26 -28.69
N GLU A 1047 6.29 77.08 -29.11
CA GLU A 1047 6.68 76.53 -30.39
C GLU A 1047 6.02 77.33 -31.52
N TRP A 1048 6.76 77.52 -32.61
CA TRP A 1048 6.13 78.04 -33.82
C TRP A 1048 5.12 77.03 -34.34
N LYS A 1049 3.87 77.41 -34.40
CA LYS A 1049 2.82 76.57 -34.94
C LYS A 1049 2.20 77.26 -36.14
N LYS A 1050 1.70 76.46 -37.07
CA LYS A 1050 1.28 76.97 -38.36
C LYS A 1050 -0.14 77.52 -38.31
N VAL A 1051 -0.32 78.73 -38.84
CA VAL A 1051 -1.67 79.23 -39.07
C VAL A 1051 -2.23 78.51 -40.28
N GLU A 1052 -3.41 77.94 -40.13
CA GLU A 1052 -3.85 76.88 -41.03
C GLU A 1052 -4.52 77.40 -42.30
N CYS A 1053 -5.45 78.33 -42.19
CA CYS A 1053 -6.44 78.56 -43.24
C CYS A 1053 -6.18 79.83 -44.03
N ASN A 1054 -6.17 79.70 -45.36
CA ASN A 1054 -6.45 80.73 -46.37
C ASN A 1054 -5.42 81.85 -46.46
N ILE A 1055 -4.39 81.87 -45.62
CA ILE A 1055 -3.29 82.81 -45.80
C ILE A 1055 -2.24 82.28 -46.77
N ASN A 1056 -2.21 80.96 -47.00
CA ASN A 1056 -1.04 80.33 -47.58
C ASN A 1056 -1.09 80.27 -49.10
N GLY A 1057 -2.12 80.85 -49.72
CA GLY A 1057 -2.15 80.93 -51.16
C GLY A 1057 -1.11 81.91 -51.67
N THR A 1058 -0.67 81.68 -52.92
CA THR A 1058 0.30 82.57 -53.57
C THR A 1058 -0.42 83.80 -54.10
N GLU A 1059 -0.76 84.69 -53.16
CA GLU A 1059 -1.40 85.95 -53.51
C GLU A 1059 -0.65 87.09 -52.84
N GLU A 1060 -1.16 88.31 -52.97
CA GLU A 1060 -0.47 89.48 -52.43
C GLU A 1060 -1.45 90.26 -51.57
N LYS A 1061 -1.01 90.65 -50.38
CA LYS A 1061 -1.87 91.21 -49.36
C LYS A 1061 -1.59 92.69 -49.18
N PHE A 1062 -2.65 93.50 -49.07
CA PHE A 1062 -2.48 94.89 -48.65
C PHE A 1062 -1.96 94.95 -47.22
N PHE A 1063 -2.72 94.39 -46.29
CA PHE A 1063 -2.30 94.36 -44.90
C PHE A 1063 -2.57 92.99 -44.32
N ILE A 1064 -1.94 92.72 -43.19
CA ILE A 1064 -2.31 91.61 -42.32
C ILE A 1064 -2.05 92.02 -40.89
N ASN A 1065 -3.10 92.04 -40.07
CA ASN A 1065 -2.98 92.55 -38.71
C ASN A 1065 -3.62 91.59 -37.71
N LEU A 1066 -2.94 91.43 -36.58
CA LEU A 1066 -3.51 90.70 -35.47
C LEU A 1066 -4.42 91.62 -34.66
N SER A 1067 -5.39 91.01 -33.97
CA SER A 1067 -6.29 91.76 -33.12
C SER A 1067 -6.88 90.80 -32.10
N TRP A 1068 -6.88 91.20 -30.83
CA TRP A 1068 -7.35 90.36 -29.74
C TRP A 1068 -8.78 90.77 -29.42
N TYR A 1069 -9.73 89.94 -29.82
CA TYR A 1069 -11.14 90.28 -29.71
C TYR A 1069 -11.94 89.06 -29.29
N ARG A 1070 -12.88 89.27 -28.38
CA ARG A 1070 -13.72 88.23 -27.77
C ARG A 1070 -12.88 87.14 -27.11
N ASN A 1071 -11.76 87.56 -26.50
CA ASN A 1071 -10.78 86.70 -25.84
C ASN A 1071 -10.19 85.66 -26.80
N ARG A 1072 -10.13 86.02 -28.07
CA ARG A 1072 -9.61 85.21 -29.15
C ARG A 1072 -8.57 86.02 -29.88
N LEU A 1073 -7.90 85.39 -30.82
CA LEU A 1073 -6.91 86.08 -31.65
C LEU A 1073 -7.46 86.13 -33.07
N TYR A 1074 -7.98 87.28 -33.47
CA TYR A 1074 -8.35 87.42 -34.86
C TYR A 1074 -7.13 87.80 -35.70
N VAL A 1075 -7.20 87.46 -36.98
CA VAL A 1075 -6.22 87.91 -37.96
C VAL A 1075 -6.95 88.19 -39.27
N ASP A 1076 -6.69 89.35 -39.87
CA ASP A 1076 -7.48 89.87 -40.97
C ASP A 1076 -6.55 90.26 -42.11
N TRP A 1077 -6.96 90.02 -43.35
CA TRP A 1077 -6.12 90.38 -44.47
C TRP A 1077 -6.95 90.60 -45.72
N LEU A 1078 -6.50 91.52 -46.56
CA LEU A 1078 -7.01 91.69 -47.92
C LEU A 1078 -6.12 90.97 -48.92
N ASN A 1079 -6.49 91.07 -50.19
CA ASN A 1079 -5.77 90.41 -51.27
C ASN A 1079 -5.74 91.35 -52.47
N LYS A 1080 -4.53 91.69 -52.92
CA LYS A 1080 -4.37 92.63 -54.04
C LYS A 1080 -4.71 91.92 -55.35
N THR A 1081 -6.00 91.88 -55.68
CA THR A 1081 -6.45 91.39 -56.97
C THR A 1081 -7.70 92.17 -57.35
N ALA A 1082 -7.79 92.56 -58.63
CA ALA A 1082 -8.66 93.65 -59.04
C ALA A 1082 -10.15 93.30 -58.95
N PHE A 1083 -10.59 92.30 -59.71
CA PHE A 1083 -11.97 91.83 -59.78
C PHE A 1083 -12.95 92.93 -60.19
N LYS A 1084 -12.80 93.34 -61.44
CA LYS A 1084 -13.81 94.19 -62.09
C LYS A 1084 -15.08 93.37 -62.24
N THR A 1085 -16.07 93.63 -61.38
CA THR A 1085 -17.32 92.89 -61.42
C THR A 1085 -18.44 93.68 -62.10
N ASP A 1086 -18.48 94.99 -61.91
CA ASP A 1086 -19.44 95.85 -62.58
C ASP A 1086 -19.08 96.10 -64.04
N GLU A 1087 -17.86 95.70 -64.44
CA GLU A 1087 -17.25 95.78 -65.78
C GLU A 1087 -17.32 97.15 -66.45
N GLY A 1088 -17.53 98.20 -65.65
CA GLY A 1088 -17.25 99.57 -66.03
C GLY A 1088 -16.37 100.20 -64.99
N LYS A 1089 -16.42 99.67 -63.77
CA LYS A 1089 -15.68 100.17 -62.63
C LYS A 1089 -14.24 99.68 -62.65
N GLY A 1090 -13.43 100.27 -61.77
CA GLY A 1090 -12.05 99.87 -61.60
C GLY A 1090 -11.71 99.73 -60.13
N LYS A 1091 -10.94 98.68 -59.81
CA LYS A 1091 -10.61 98.27 -58.43
C LYS A 1091 -11.87 98.07 -57.61
N SER A 1092 -12.81 97.31 -58.18
CA SER A 1092 -14.19 97.35 -57.71
C SER A 1092 -14.36 96.59 -56.40
N GLU A 1093 -13.96 95.33 -56.35
CA GLU A 1093 -14.07 94.54 -55.14
C GLU A 1093 -12.79 93.77 -54.87
N TYR A 1094 -12.42 93.72 -53.59
CA TYR A 1094 -11.25 92.99 -53.11
C TYR A 1094 -11.70 92.00 -52.06
N HIS A 1095 -11.00 90.87 -51.99
CA HIS A 1095 -11.39 89.82 -51.06
C HIS A 1095 -10.83 90.09 -49.68
N TYR A 1096 -11.70 90.01 -48.67
CA TYR A 1096 -11.34 90.23 -47.29
C TYR A 1096 -11.59 88.95 -46.51
N ASN A 1097 -10.76 88.71 -45.49
CA ASN A 1097 -10.77 87.45 -44.77
C ASN A 1097 -10.59 87.68 -43.28
N ALA A 1098 -10.88 86.63 -42.51
CA ALA A 1098 -10.68 86.65 -41.07
C ALA A 1098 -10.49 85.21 -40.61
N ALA A 1099 -10.01 85.06 -39.37
CA ALA A 1099 -9.83 83.75 -38.76
C ALA A 1099 -9.73 83.97 -37.26
N TYR A 1100 -9.80 82.88 -36.50
CA TYR A 1100 -9.55 82.98 -35.07
C TYR A 1100 -9.00 81.69 -34.50
N LYS A 1101 -7.89 81.83 -33.78
CA LYS A 1101 -7.33 80.75 -32.96
C LYS A 1101 -8.27 80.43 -31.80
N ASN A 1102 -8.71 79.18 -31.73
CA ASN A 1102 -9.44 78.70 -30.56
C ASN A 1102 -8.44 78.27 -29.48
N ASP A 1103 -8.97 77.83 -28.35
CA ASP A 1103 -8.12 77.42 -27.24
C ASP A 1103 -7.61 76.00 -27.36
N ASN A 1104 -7.91 75.31 -28.45
CA ASN A 1104 -7.24 74.08 -28.83
C ASN A 1104 -6.07 74.35 -29.78
N ASN A 1105 -5.68 75.61 -29.92
CA ASN A 1105 -4.73 76.10 -30.93
C ASN A 1105 -5.18 75.70 -32.34
N ALA A 1106 -6.49 75.76 -32.58
CA ALA A 1106 -7.07 75.39 -33.86
C ALA A 1106 -7.72 76.62 -34.48
N TRP A 1107 -7.47 76.82 -35.77
CA TRP A 1107 -7.88 78.02 -36.49
C TRP A 1107 -9.22 77.79 -37.15
N ASN A 1108 -10.22 78.55 -36.73
CA ASN A 1108 -11.50 78.59 -37.42
C ASN A 1108 -11.42 79.69 -38.47
N ASP A 1109 -12.57 80.09 -39.03
CA ASP A 1109 -12.59 80.96 -40.20
C ASP A 1109 -13.89 81.76 -40.18
N ASN A 1110 -13.80 83.05 -39.83
CA ASN A 1110 -14.99 83.87 -39.72
C ASN A 1110 -15.57 84.25 -41.07
N ILE A 1111 -14.81 84.99 -41.87
CA ILE A 1111 -15.38 85.74 -42.98
C ILE A 1111 -15.15 85.04 -44.32
N SER A 1112 -13.90 84.69 -44.63
CA SER A 1112 -13.58 83.75 -45.71
C SER A 1112 -14.05 84.17 -47.10
N ASN A 1113 -13.30 85.10 -47.72
CA ASN A 1113 -13.36 85.38 -49.17
C ASN A 1113 -14.62 86.18 -49.53
N MET A 1114 -14.88 87.23 -48.76
CA MET A 1114 -15.95 88.19 -48.99
C MET A 1114 -15.42 89.42 -49.73
N LYS A 1115 -16.20 89.91 -50.70
CA LYS A 1115 -15.76 90.97 -51.60
C LYS A 1115 -16.09 92.34 -51.02
N ILE A 1116 -15.08 93.19 -50.89
CA ILE A 1116 -15.21 94.53 -50.32
C ILE A 1116 -14.39 95.49 -51.18
N GLY A 1117 -14.98 96.62 -51.56
CA GLY A 1117 -14.21 97.66 -52.21
C GLY A 1117 -13.33 98.41 -51.23
N LEU A 1118 -12.26 99.00 -51.78
CA LEU A 1118 -11.28 99.69 -50.94
C LEU A 1118 -11.85 100.98 -50.36
N PRO A 1119 -11.57 101.26 -49.09
CA PRO A 1119 -11.96 102.55 -48.52
C PRO A 1119 -11.16 103.71 -49.10
N TRP A 1120 -9.84 103.53 -49.19
CA TRP A 1120 -8.99 104.52 -49.82
C TRP A 1120 -8.96 104.29 -51.32
N GLU A 1121 -8.89 105.38 -52.08
CA GLU A 1121 -9.04 105.27 -53.53
C GLU A 1121 -7.75 104.77 -54.18
N GLN A 1122 -6.69 105.58 -54.12
CA GLN A 1122 -5.38 105.15 -54.62
C GLN A 1122 -4.31 106.00 -53.92
N SER A 1123 -3.73 105.45 -52.86
CA SER A 1123 -2.58 105.98 -52.15
C SER A 1123 -2.09 104.90 -51.20
N LYS A 1124 -0.77 104.76 -51.11
CA LYS A 1124 -0.21 103.70 -50.26
C LYS A 1124 -0.36 104.01 -48.79
N ASP A 1125 -0.39 105.30 -48.42
CA ASP A 1125 -0.50 105.71 -47.03
C ASP A 1125 -1.65 106.70 -46.88
N ILE A 1126 -2.53 106.43 -45.92
CA ILE A 1126 -3.57 107.38 -45.56
C ILE A 1126 -3.43 107.71 -44.07
N ASP A 1127 -4.32 108.56 -43.55
CA ASP A 1127 -4.18 109.00 -42.18
C ASP A 1127 -4.75 107.98 -41.20
N GLU A 1128 -6.06 107.71 -41.30
CA GLU A 1128 -6.76 106.90 -40.30
C GLU A 1128 -7.63 105.89 -41.02
N ILE A 1129 -7.65 104.66 -40.51
CA ILE A 1129 -8.45 103.60 -41.10
C ILE A 1129 -8.88 102.57 -40.04
N PRO A 1130 -10.00 102.77 -39.37
CA PRO A 1130 -10.56 101.70 -38.54
C PRO A 1130 -11.63 100.92 -39.28
N PRO A 1131 -11.65 99.60 -39.14
CA PRO A 1131 -12.77 98.81 -39.63
C PRO A 1131 -13.82 98.58 -38.54
N ILE A 1132 -15.08 98.43 -38.98
CA ILE A 1132 -16.21 98.23 -38.08
C ILE A 1132 -16.03 96.93 -37.29
N PHE A 1133 -15.42 95.92 -37.91
CA PHE A 1133 -14.77 94.77 -37.27
C PHE A 1133 -15.80 93.81 -36.64
N ILE A 1134 -17.09 94.13 -36.70
CA ILE A 1134 -18.16 93.15 -36.52
C ILE A 1134 -18.95 93.15 -37.83
N ASN A 1135 -18.50 92.31 -38.77
CA ASN A 1135 -19.20 91.94 -40.01
C ASN A 1135 -19.50 93.08 -40.98
N GLN A 1136 -19.04 94.31 -40.71
CA GLN A 1136 -19.37 95.46 -41.56
C GLN A 1136 -18.11 96.27 -41.85
N ASP A 1137 -18.27 97.36 -42.61
CA ASP A 1137 -17.17 98.03 -43.29
C ASP A 1137 -17.37 99.55 -43.28
N ASN A 1138 -16.42 100.28 -42.69
CA ASN A 1138 -16.32 101.74 -42.82
C ASN A 1138 -14.88 102.18 -42.54
N VAL A 1139 -14.70 103.48 -42.37
CA VAL A 1139 -13.45 104.07 -41.92
C VAL A 1139 -13.65 104.63 -40.52
N GLY A 1240 -22.19 101.95 -28.38
CA GLY A 1240 -23.11 101.90 -29.51
C GLY A 1240 -23.32 100.49 -30.04
N GLY A 1241 -22.37 99.60 -29.76
CA GLY A 1241 -22.44 98.23 -30.20
C GLY A 1241 -21.48 97.87 -31.31
N ASN A 1242 -20.27 98.41 -31.26
CA ASN A 1242 -19.23 98.09 -32.24
C ASN A 1242 -17.86 98.37 -31.63
N SER A 1243 -16.82 97.90 -32.34
CA SER A 1243 -15.45 98.16 -31.95
C SER A 1243 -14.68 98.59 -33.18
N PHE A 1244 -13.42 99.01 -32.98
CA PHE A 1244 -12.60 99.50 -34.07
C PHE A 1244 -11.13 99.18 -33.79
N ASN A 1245 -10.37 99.00 -34.86
CA ASN A 1245 -8.95 98.72 -34.80
C ASN A 1245 -8.17 99.80 -35.55
N ARG A 1246 -6.88 99.57 -35.72
CA ARG A 1246 -6.07 100.35 -36.64
C ARG A 1246 -5.28 99.40 -37.52
N ILE A 1247 -5.24 99.71 -38.81
CA ILE A 1247 -4.75 98.75 -39.80
C ILE A 1247 -3.22 98.60 -39.71
N THR A 1248 -2.51 99.72 -39.66
CA THR A 1248 -1.05 99.82 -39.59
C THR A 1248 -0.39 99.09 -40.77
N PHE A 1249 -0.58 99.68 -41.95
CA PHE A 1249 -0.07 99.14 -43.20
C PHE A 1249 1.45 99.01 -43.19
N ASP A 1250 1.93 98.05 -43.99
CA ASP A 1250 3.31 98.00 -44.49
C ASP A 1250 4.34 97.87 -43.37
N THR A 1251 4.09 96.95 -42.44
CA THR A 1251 5.08 96.70 -41.41
C THR A 1251 6.18 95.79 -41.95
N ASN A 1252 7.24 95.63 -41.16
CA ASN A 1252 8.46 95.00 -41.62
C ASN A 1252 8.95 94.01 -40.56
N ILE A 1253 10.20 93.59 -40.73
CA ILE A 1253 10.80 92.57 -39.88
C ILE A 1253 11.06 93.12 -38.49
N ILE A 1254 10.59 92.42 -37.47
CA ILE A 1254 10.92 92.75 -36.09
C ILE A 1254 12.12 91.92 -35.68
N HIS A 1255 13.23 92.59 -35.41
CA HIS A 1255 14.45 91.87 -35.03
C HIS A 1255 14.47 91.57 -33.54
N GLU A 1256 14.22 92.59 -32.71
CA GLU A 1256 14.26 92.43 -31.27
C GLU A 1256 12.99 92.99 -30.64
N LEU A 1257 12.56 92.34 -29.56
CA LEU A 1257 11.47 92.85 -28.76
C LEU A 1257 11.94 94.07 -27.97
N ASP A 1258 10.99 94.83 -27.44
CA ASP A 1258 11.29 96.04 -26.68
C ASP A 1258 11.97 95.67 -25.35
N GLY A 1259 13.15 96.23 -25.13
CA GLY A 1259 13.84 96.06 -23.86
C GLY A 1259 14.73 94.84 -23.75
N ASP A 1260 15.67 94.70 -24.69
CA ASP A 1260 16.74 93.69 -24.67
C ASP A 1260 16.18 92.27 -24.66
N ILE A 1261 15.30 91.98 -25.63
CA ILE A 1261 14.86 90.62 -25.91
C ILE A 1261 14.98 90.40 -27.41
N SER A 1262 15.82 89.46 -27.79
CA SER A 1262 16.06 89.16 -29.20
C SER A 1262 15.13 88.04 -29.65
N LEU A 1263 14.47 88.25 -30.79
CA LEU A 1263 13.61 87.24 -31.38
C LEU A 1263 14.36 86.30 -32.31
N LEU A 1264 15.64 86.57 -32.55
CA LEU A 1264 16.46 85.83 -33.51
C LEU A 1264 17.10 84.61 -32.86
N PRO A 1265 17.28 83.54 -33.62
CA PRO A 1265 18.04 82.40 -33.12
C PRO A 1265 19.52 82.59 -33.36
N PRO A 1266 20.38 81.77 -32.77
CA PRO A 1266 21.75 81.67 -33.28
C PRO A 1266 21.76 80.97 -34.62
N ASP A 1267 22.90 81.08 -35.31
CA ASP A 1267 23.00 80.64 -36.69
C ASP A 1267 22.93 79.13 -36.80
N SER A 1268 22.01 78.64 -37.64
CA SER A 1268 21.79 77.22 -37.80
C SER A 1268 22.69 76.59 -38.86
N LEU A 1269 23.49 77.39 -39.55
CA LEU A 1269 24.42 76.85 -40.54
C LEU A 1269 25.53 75.96 -39.96
N PRO A 1270 26.21 76.29 -38.84
CA PRO A 1270 27.25 75.36 -38.35
C PRO A 1270 26.69 74.05 -37.80
N LEU A 1271 25.45 74.03 -37.33
CA LEU A 1271 24.83 72.76 -36.93
C LEU A 1271 24.61 71.86 -38.13
N VAL A 1272 24.31 72.45 -39.29
CA VAL A 1272 24.19 71.66 -40.52
C VAL A 1272 25.57 71.28 -41.05
N GLU A 1273 26.59 72.12 -40.80
CA GLU A 1273 27.97 71.74 -41.11
C GLU A 1273 28.40 70.52 -40.32
N LYS A 1274 27.97 70.43 -39.07
CA LYS A 1274 28.39 69.35 -38.19
C LYS A 1274 27.45 68.15 -38.20
N LEU A 1275 26.26 68.26 -38.81
CA LEU A 1275 25.47 67.08 -39.11
C LEU A 1275 26.20 66.18 -40.09
N GLN A 1276 26.91 66.77 -41.04
CA GLN A 1276 27.56 66.01 -42.11
C GLN A 1276 28.84 65.33 -41.64
N THR A 1277 29.39 65.76 -40.52
CA THR A 1277 30.43 65.02 -39.81
C THR A 1277 29.74 64.09 -38.82
N SER A 1278 30.50 63.53 -37.88
CA SER A 1278 29.92 62.62 -36.90
C SER A 1278 29.03 63.38 -35.91
N VAL A 1279 28.27 62.59 -35.14
CA VAL A 1279 27.44 63.15 -34.08
C VAL A 1279 28.31 63.67 -32.95
N ASP A 1280 29.46 63.03 -32.73
CA ASP A 1280 30.37 63.40 -31.63
C ASP A 1280 30.98 64.77 -31.86
N GLU A 1281 31.14 65.18 -33.12
CA GLU A 1281 31.61 66.53 -33.41
C GLU A 1281 30.49 67.56 -33.39
N LEU A 1282 29.26 67.14 -33.14
CA LEU A 1282 28.13 68.05 -33.01
C LEU A 1282 27.68 68.20 -31.56
N LEU A 1283 27.41 67.08 -30.88
CA LEU A 1283 26.99 67.10 -29.48
C LEU A 1283 28.21 67.13 -28.58
N SER A 1284 28.95 68.24 -28.68
CA SER A 1284 30.14 68.44 -27.87
C SER A 1284 30.11 69.84 -27.27
N TYR A 1285 30.95 70.03 -26.25
CA TYR A 1285 30.95 71.30 -25.51
C TYR A 1285 31.55 72.42 -26.33
N SER A 1286 32.49 72.11 -27.22
CA SER A 1286 33.13 73.13 -28.03
C SER A 1286 32.18 73.71 -29.06
N THR A 1287 31.16 72.95 -29.45
CA THR A 1287 30.13 73.49 -30.33
C THR A 1287 29.03 74.18 -29.56
N GLN A 1288 28.91 73.88 -28.27
CA GLN A 1288 27.96 74.57 -27.40
C GLN A 1288 28.54 75.83 -26.81
N LYS A 1289 29.84 76.11 -26.98
CA LYS A 1289 30.40 77.35 -26.44
C LYS A 1289 30.14 78.54 -27.34
N ASP A 1290 30.72 78.55 -28.54
CA ASP A 1290 30.78 79.77 -29.32
C ASP A 1290 29.57 79.90 -30.23
N LYS A 1291 29.05 78.78 -30.71
CA LYS A 1291 27.98 78.79 -31.69
C LYS A 1291 26.61 78.98 -31.05
N ILE A 1292 26.48 78.68 -29.76
CA ILE A 1292 25.25 78.84 -29.00
C ILE A 1292 25.63 79.45 -27.66
N GLY A 1293 24.99 80.54 -27.30
CA GLY A 1293 25.37 81.23 -26.07
C GLY A 1293 24.89 80.53 -24.82
N LEU A 1294 25.27 81.12 -23.69
CA LEU A 1294 24.70 80.72 -22.41
C LEU A 1294 23.30 81.30 -22.23
N ASP A 1295 23.17 82.61 -22.45
CA ASP A 1295 21.86 83.25 -22.39
C ASP A 1295 21.06 82.96 -23.65
N ALA A 1296 21.73 82.61 -24.74
CA ALA A 1296 21.02 82.18 -25.94
C ALA A 1296 20.58 80.73 -25.86
N PHE A 1297 21.04 79.99 -24.84
CA PHE A 1297 20.56 78.63 -24.66
C PHE A 1297 19.17 78.63 -24.06
N SER A 1298 18.85 79.66 -23.29
CA SER A 1298 17.51 80.00 -22.91
C SER A 1298 17.01 81.07 -23.87
N GLY A 1299 15.83 81.63 -23.59
CA GLY A 1299 15.31 82.66 -24.46
C GLY A 1299 14.32 82.11 -25.46
N SER A 1300 14.27 82.74 -26.65
CA SER A 1300 13.13 82.54 -27.56
C SER A 1300 13.14 81.15 -28.17
N TYR A 1301 14.29 80.68 -28.65
CA TYR A 1301 14.41 79.35 -29.23
C TYR A 1301 15.01 78.35 -28.26
N GLY A 1302 14.84 78.56 -26.97
CA GLY A 1302 15.58 77.78 -25.99
C GLY A 1302 15.07 76.37 -25.79
N ILE A 1303 13.79 76.12 -26.06
CA ILE A 1303 13.21 74.79 -25.86
C ILE A 1303 13.86 73.79 -26.80
N TYR A 1304 14.14 74.22 -28.04
CA TYR A 1304 14.81 73.38 -29.01
C TYR A 1304 16.22 73.04 -28.60
N PHE A 1305 16.93 73.96 -27.93
CA PHE A 1305 18.31 73.66 -27.57
C PHE A 1305 18.40 72.81 -26.32
N TRP A 1306 17.55 73.08 -25.31
CA TRP A 1306 17.43 72.18 -24.16
C TRP A 1306 17.12 70.77 -24.61
N GLU A 1307 16.09 70.63 -25.45
CA GLU A 1307 15.71 69.34 -26.01
C GLU A 1307 16.84 68.70 -26.81
N PHE A 1308 17.41 69.44 -27.76
CA PHE A 1308 18.33 68.86 -28.74
C PHE A 1308 19.67 68.48 -28.14
N PHE A 1309 20.16 69.24 -27.17
CA PHE A 1309 21.45 68.90 -26.57
C PHE A 1309 21.30 68.19 -25.23
N PHE A 1310 20.08 68.01 -24.73
CA PHE A 1310 20.02 67.31 -23.46
C PHE A 1310 19.05 66.14 -23.43
N HIS A 1311 17.86 66.27 -24.03
CA HIS A 1311 16.84 65.24 -23.93
C HIS A 1311 16.93 64.23 -25.06
N ILE A 1312 17.64 64.55 -26.13
CA ILE A 1312 17.88 63.60 -27.21
C ILE A 1312 18.86 62.51 -26.77
N PRO A 1313 19.99 62.78 -26.06
CA PRO A 1313 20.72 61.67 -25.47
C PRO A 1313 19.96 60.93 -24.37
N PHE A 1314 19.13 61.62 -23.60
CA PHE A 1314 18.22 60.95 -22.65
C PHE A 1314 17.35 59.90 -23.31
N LEU A 1315 16.50 60.31 -24.25
CA LEU A 1315 15.56 59.36 -24.82
C LEU A 1315 16.22 58.49 -25.89
N ALA A 1316 17.47 58.76 -26.26
CA ALA A 1316 18.22 57.76 -26.99
C ALA A 1316 18.70 56.66 -26.06
N SER A 1317 19.37 57.03 -24.96
CA SER A 1317 20.00 56.04 -24.10
C SER A 1317 18.98 55.23 -23.32
N MET A 1318 17.87 55.84 -22.90
CA MET A 1318 16.86 55.08 -22.18
C MET A 1318 16.10 54.15 -23.12
N ARG A 1319 16.01 54.52 -24.40
CA ARG A 1319 15.41 53.62 -25.37
C ARG A 1319 16.33 52.44 -25.67
N PHE A 1320 17.65 52.68 -25.74
CA PHE A 1320 18.57 51.57 -25.86
C PHE A 1320 18.58 50.68 -24.61
N LEU A 1321 18.39 51.27 -23.41
CA LEU A 1321 18.27 50.46 -22.21
C LEU A 1321 17.00 49.62 -22.22
N ASN A 1322 15.88 50.20 -22.64
CA ASN A 1322 14.63 49.45 -22.68
C ASN A 1322 14.64 48.36 -23.74
N GLU A 1323 15.47 48.49 -24.77
CA GLU A 1323 15.59 47.45 -25.78
C GLU A 1323 16.84 46.60 -25.61
N GLN A 1324 17.59 46.82 -24.53
CA GLN A 1324 18.69 45.97 -24.07
C GLN A 1324 19.83 45.90 -25.09
N ARG A 1325 20.31 47.07 -25.48
CA ARG A 1325 21.55 47.23 -26.23
C ARG A 1325 22.45 48.09 -25.34
N PHE A 1326 23.15 47.43 -24.41
CA PHE A 1326 23.79 48.15 -23.31
C PHE A 1326 25.08 48.83 -23.74
N ASP A 1327 25.84 48.18 -24.62
CA ASP A 1327 27.11 48.75 -25.09
C ASP A 1327 26.90 49.99 -25.94
N LEU A 1328 25.71 50.16 -26.49
CA LEU A 1328 25.37 51.37 -27.20
C LEU A 1328 24.50 52.31 -26.36
N ALA A 1329 23.89 51.79 -25.30
CA ALA A 1329 23.23 52.66 -24.33
C ALA A 1329 24.25 53.46 -23.54
N GLN A 1330 25.43 52.89 -23.29
CA GLN A 1330 26.46 53.63 -22.57
C GLN A 1330 27.06 54.73 -23.44
N HIS A 1331 27.12 54.51 -24.75
CA HIS A 1331 27.73 55.46 -25.68
C HIS A 1331 26.96 56.76 -25.78
N TRP A 1332 25.63 56.72 -25.61
CA TRP A 1332 24.83 57.93 -25.71
C TRP A 1332 24.67 58.66 -24.40
N LEU A 1333 25.01 58.04 -23.27
CA LEU A 1333 25.23 58.81 -22.05
C LEU A 1333 26.63 59.37 -21.98
N LYS A 1334 27.53 58.98 -22.88
CA LYS A 1334 28.81 59.67 -22.98
C LYS A 1334 28.68 61.06 -23.60
N TYR A 1335 27.52 61.40 -24.17
CA TYR A 1335 27.26 62.75 -24.63
C TYR A 1335 26.68 63.63 -23.56
N LEU A 1336 26.40 63.08 -22.37
CA LEU A 1336 25.98 63.87 -21.22
C LEU A 1336 26.99 63.82 -20.08
N LEU A 1337 27.36 62.63 -19.62
CA LEU A 1337 28.32 62.47 -18.53
C LEU A 1337 29.35 61.42 -18.92
N ASN A 1338 30.60 61.84 -19.01
CA ASN A 1338 31.71 60.92 -19.18
C ASN A 1338 32.70 61.18 -18.05
N SER A 1339 33.22 60.11 -17.47
CA SER A 1339 34.12 60.22 -16.31
C SER A 1339 35.55 60.27 -16.85
N ALA A 1340 36.03 61.50 -17.05
CA ALA A 1340 37.37 61.82 -17.58
C ALA A 1340 37.58 61.16 -18.94
N GLY A 1341 36.76 61.57 -19.90
CA GLY A 1341 36.81 60.92 -21.19
C GLY A 1341 36.64 61.80 -22.42
N TYR A 1342 36.49 63.11 -22.25
CA TYR A 1342 36.35 63.98 -23.40
C TYR A 1342 37.75 64.37 -23.85
N ARG A 1343 38.14 63.92 -25.04
CA ARG A 1343 39.54 64.00 -25.44
C ARG A 1343 39.75 64.61 -26.82
N ASP A 1344 38.78 64.43 -27.73
CA ASP A 1344 38.85 64.91 -29.13
C ASP A 1344 40.07 64.38 -29.87
N ARG A 1345 40.27 63.06 -29.82
CA ARG A 1345 41.05 62.24 -30.74
C ARG A 1345 42.56 62.42 -30.69
N ASN A 1346 43.10 63.40 -29.94
CA ASN A 1346 44.55 63.50 -29.75
C ASN A 1346 44.85 63.93 -28.32
N GLY A 1347 44.92 62.95 -27.40
CA GLY A 1347 45.16 63.19 -25.99
C GLY A 1347 44.19 64.18 -25.39
N ASN A 1348 44.69 65.16 -24.63
CA ASN A 1348 44.02 66.45 -24.44
C ASN A 1348 42.65 66.39 -23.79
N LEU A 1349 42.61 66.21 -22.46
CA LEU A 1349 41.38 66.03 -21.69
C LEU A 1349 40.32 67.16 -21.75
N LEU A 1350 40.58 68.22 -22.53
CA LEU A 1350 39.62 69.29 -22.85
C LEU A 1350 39.19 70.04 -21.60
N LYS A 1351 40.15 70.67 -20.95
CA LYS A 1351 39.85 71.38 -19.72
C LYS A 1351 39.38 72.80 -20.02
N GLU A 1352 38.73 73.41 -19.02
CA GLU A 1352 38.45 74.84 -19.07
C GLU A 1352 39.68 75.63 -18.61
N GLY A 1353 40.05 75.47 -17.34
CA GLY A 1353 41.34 75.88 -16.85
C GLY A 1353 42.11 74.64 -16.44
N ASP A 1354 42.13 74.36 -15.14
CA ASP A 1354 42.55 73.07 -14.63
C ASP A 1354 41.39 72.11 -14.45
N ASN A 1355 40.17 72.58 -14.64
CA ASN A 1355 38.96 71.78 -14.44
C ASN A 1355 38.81 70.82 -15.61
N ILE A 1356 39.05 69.53 -15.36
CA ILE A 1356 38.80 68.50 -16.36
C ILE A 1356 37.30 68.39 -16.57
N LEU A 1357 36.88 68.42 -17.83
CA LEU A 1357 35.47 68.54 -18.16
C LEU A 1357 34.79 67.18 -18.10
N TYR A 1358 33.73 67.07 -17.30
CA TYR A 1358 32.97 65.84 -17.18
C TYR A 1358 31.58 65.92 -17.79
N TRP A 1359 30.96 67.09 -17.76
CA TRP A 1359 29.60 67.27 -18.25
C TRP A 1359 29.66 67.94 -19.62
N ASN A 1360 29.16 67.26 -20.64
CA ASN A 1360 29.22 67.78 -21.99
C ASN A 1360 28.13 68.83 -22.24
N SER A 1361 26.98 68.69 -21.58
CA SER A 1361 25.89 69.62 -21.78
C SER A 1361 26.22 70.98 -21.15
N LEU A 1362 25.64 72.02 -21.73
CA LEU A 1362 26.01 73.38 -21.35
C LEU A 1362 25.36 73.91 -20.07
N PRO A 1363 24.05 73.74 -19.79
CA PRO A 1363 23.55 74.25 -18.49
C PRO A 1363 23.96 73.40 -17.31
N LEU A 1364 24.39 72.16 -17.55
CA LEU A 1364 24.90 71.33 -16.46
C LEU A 1364 26.33 71.73 -16.08
N GLN A 1365 27.00 72.53 -16.91
CA GLN A 1365 28.38 72.89 -16.63
C GLN A 1365 28.48 73.92 -15.51
N GLN A 1366 27.56 74.86 -15.45
CA GLN A 1366 27.60 75.91 -14.45
C GLN A 1366 26.60 75.65 -13.33
N ASP A 1367 26.69 76.47 -12.29
CA ASP A 1367 25.78 76.44 -11.15
C ASP A 1367 25.02 77.75 -11.16
N THR A 1368 23.76 77.71 -11.57
CA THR A 1368 22.97 78.93 -11.77
C THR A 1368 21.86 79.04 -10.74
N ASP A 1369 21.41 80.28 -10.54
CA ASP A 1369 20.34 80.61 -9.61
C ASP A 1369 19.09 80.96 -10.40
N TRP A 1370 17.95 80.45 -9.95
CA TRP A 1370 16.66 80.76 -10.54
C TRP A 1370 15.90 81.69 -9.61
N ASP A 1371 15.10 82.57 -10.20
CA ASP A 1371 14.47 83.66 -9.46
C ASP A 1371 12.97 83.79 -9.72
N LYS A 1372 12.42 83.08 -10.70
CA LYS A 1372 11.03 83.30 -11.08
C LYS A 1372 10.04 82.40 -10.36
N ASN A 1373 10.38 81.11 -10.21
CA ASN A 1373 9.39 80.05 -10.00
C ASN A 1373 8.78 80.10 -8.61
N THR A 1374 7.81 80.98 -8.43
CA THR A 1374 7.02 81.09 -7.21
C THR A 1374 5.80 80.18 -7.34
N LEU A 1375 5.41 79.56 -6.21
CA LEU A 1375 4.24 78.69 -6.08
C LEU A 1375 4.34 77.48 -7.00
N THR A 1376 5.33 76.64 -6.67
CA THR A 1376 5.42 75.30 -7.24
C THR A 1376 4.42 74.32 -6.61
N LEU A 1377 3.80 74.71 -5.51
CA LEU A 1377 2.79 73.91 -4.81
C LEU A 1377 1.57 73.53 -5.64
N PRO A 1378 1.12 74.32 -6.67
CA PRO A 1378 0.21 73.73 -7.65
C PRO A 1378 0.88 72.85 -8.71
N THR A 1379 2.11 73.16 -9.10
CA THR A 1379 2.75 72.46 -10.22
C THR A 1379 3.50 71.24 -9.69
N ASP A 1380 2.88 70.06 -9.82
CA ASP A 1380 3.46 68.83 -9.33
C ASP A 1380 4.43 68.19 -10.35
N ASP A 1381 4.86 68.95 -11.34
CA ASP A 1381 5.78 68.45 -12.35
C ASP A 1381 7.19 68.39 -11.76
N PRO A 1382 7.87 67.23 -11.81
CA PRO A 1382 9.30 67.22 -11.46
C PRO A 1382 10.19 67.87 -12.50
N ASP A 1383 9.72 68.02 -13.74
CA ASP A 1383 10.57 68.58 -14.78
C ASP A 1383 10.71 70.09 -14.65
N VAL A 1384 9.67 70.76 -14.14
CA VAL A 1384 9.78 72.20 -13.86
C VAL A 1384 10.75 72.43 -12.70
N ILE A 1385 10.71 71.55 -11.70
CA ILE A 1385 11.64 71.62 -10.58
C ILE A 1385 13.07 71.35 -11.05
N ALA A 1386 13.24 70.43 -11.99
CA ALA A 1386 14.57 70.13 -12.50
C ALA A 1386 15.08 71.23 -13.42
N MET A 1387 14.19 71.94 -14.11
CA MET A 1387 14.61 73.10 -14.88
C MET A 1387 14.80 74.35 -14.03
N GLN A 1388 14.32 74.33 -12.78
CA GLN A 1388 14.62 75.43 -11.87
C GLN A 1388 16.10 75.42 -11.48
N ASP A 1389 16.57 74.30 -10.95
CA ASP A 1389 17.98 74.10 -10.66
C ASP A 1389 18.51 72.85 -11.36
N PRO A 1390 19.57 72.94 -12.16
CA PRO A 1390 20.03 71.79 -12.95
C PRO A 1390 20.73 70.69 -12.15
N MET A 1391 20.81 70.78 -10.83
CA MET A 1391 21.40 69.69 -10.06
C MET A 1391 20.51 68.46 -10.04
N GLN A 1392 19.21 68.62 -10.28
CA GLN A 1392 18.31 67.47 -10.34
C GLN A 1392 18.60 66.62 -11.58
N TYR A 1393 18.77 67.27 -12.73
CA TYR A 1393 19.17 66.53 -13.93
C TYR A 1393 20.56 65.94 -13.78
N LYS A 1394 21.44 66.67 -13.09
CA LYS A 1394 22.80 66.21 -12.84
C LYS A 1394 22.81 64.98 -11.95
N LEU A 1395 21.85 64.87 -11.04
CA LEU A 1395 21.72 63.66 -10.23
C LEU A 1395 21.05 62.53 -11.02
N ALA A 1396 20.13 62.90 -11.91
CA ALA A 1396 19.42 61.89 -12.70
C ALA A 1396 20.34 61.17 -13.68
N ILE A 1397 21.25 61.91 -14.32
CA ILE A 1397 22.19 61.28 -15.25
C ILE A 1397 23.17 60.38 -14.51
N PHE A 1398 23.57 60.78 -13.30
CA PHE A 1398 24.46 59.97 -12.49
C PHE A 1398 23.79 58.66 -12.06
N MET A 1399 22.50 58.73 -11.68
CA MET A 1399 21.79 57.51 -11.32
C MET A 1399 21.52 56.62 -12.53
N ARG A 1400 21.29 57.20 -13.72
CA ARG A 1400 21.14 56.36 -14.90
C ARG A 1400 22.44 55.70 -15.31
N THR A 1401 23.57 56.40 -15.09
CA THR A 1401 24.88 55.79 -15.34
C THR A 1401 25.12 54.59 -14.42
N LEU A 1402 24.76 54.73 -13.14
CA LEU A 1402 24.92 53.61 -12.22
C LEU A 1402 23.97 52.45 -12.54
N ASP A 1403 22.73 52.77 -12.90
CA ASP A 1403 21.77 51.75 -13.34
C ASP A 1403 22.26 51.01 -14.57
N LEU A 1404 22.89 51.73 -15.49
CA LEU A 1404 23.34 51.12 -16.72
C LEU A 1404 24.56 50.23 -16.48
N ILE A 1405 25.45 50.63 -15.57
CA ILE A 1405 26.62 49.81 -15.30
C ILE A 1405 26.23 48.55 -14.53
N ILE A 1406 25.33 48.65 -13.55
CA ILE A 1406 24.90 47.43 -12.88
C ILE A 1406 24.00 46.58 -13.79
N SER A 1407 23.36 47.17 -14.80
CA SER A 1407 22.62 46.36 -15.75
C SER A 1407 23.56 45.61 -16.68
N GLN A 1408 24.69 46.22 -17.05
CA GLN A 1408 25.70 45.48 -17.81
C GLN A 1408 26.32 44.37 -16.99
N GLY A 1409 26.48 44.61 -15.69
CA GLY A 1409 26.96 43.55 -14.81
C GLY A 1409 25.98 42.39 -14.70
N ASP A 1410 24.69 42.71 -14.58
CA ASP A 1410 23.67 41.66 -14.54
C ASP A 1410 23.55 40.93 -15.87
N GLN A 1411 23.78 41.63 -16.99
CA GLN A 1411 23.75 40.99 -18.29
C GLN A 1411 24.89 39.99 -18.43
N ALA A 1412 26.05 40.30 -17.85
CA ALA A 1412 27.17 39.37 -17.82
C ALA A 1412 27.10 38.40 -16.66
N TYR A 1413 26.00 38.39 -15.90
CA TYR A 1413 25.87 37.45 -14.80
C TYR A 1413 24.84 36.36 -15.07
N ARG A 1414 23.91 36.58 -16.01
CA ARG A 1414 22.87 35.60 -16.30
C ARG A 1414 23.34 34.46 -17.20
N GLN A 1415 24.58 34.50 -17.69
CA GLN A 1415 25.08 33.46 -18.56
C GLN A 1415 25.85 32.38 -17.80
N LEU A 1416 26.30 32.69 -16.58
CA LEU A 1416 26.78 31.74 -15.58
C LEU A 1416 28.06 30.99 -16.00
N GLU A 1417 28.84 31.55 -16.92
CA GLU A 1417 30.14 31.00 -17.25
C GLU A 1417 31.19 31.76 -16.45
N ARG A 1418 32.26 31.06 -16.04
CA ARG A 1418 33.21 31.66 -15.11
C ARG A 1418 34.03 32.76 -15.76
N ASP A 1419 34.28 32.67 -17.07
CA ASP A 1419 34.84 33.80 -17.79
C ASP A 1419 33.86 34.97 -17.82
N THR A 1420 32.57 34.66 -17.97
CA THR A 1420 31.57 35.70 -18.00
C THR A 1420 31.32 36.25 -16.60
N LEU A 1421 31.52 35.45 -15.55
CA LEU A 1421 31.43 35.99 -14.20
C LEU A 1421 32.63 36.87 -13.87
N ALA A 1422 33.80 36.53 -14.39
CA ALA A 1422 34.96 37.41 -14.23
C ALA A 1422 34.77 38.71 -15.01
N GLU A 1423 34.09 38.64 -16.15
CA GLU A 1423 33.69 39.87 -16.85
C GLU A 1423 32.63 40.64 -16.08
N ALA A 1424 31.78 39.94 -15.32
CA ALA A 1424 30.68 40.59 -14.63
C ALA A 1424 31.16 41.33 -13.38
N LYS A 1425 32.19 40.80 -12.72
CA LYS A 1425 32.68 41.42 -11.49
C LYS A 1425 33.26 42.81 -11.72
N ILE A 1426 33.82 43.04 -12.91
CA ILE A 1426 34.49 44.30 -13.23
C ILE A 1426 33.50 45.46 -13.28
N TYR A 1427 32.27 45.20 -13.72
CA TYR A 1427 31.27 46.26 -13.75
C TYR A 1427 30.84 46.69 -12.36
N TYR A 1428 30.81 45.75 -11.40
CA TYR A 1428 30.46 46.16 -10.05
C TYR A 1428 31.63 46.85 -9.36
N ILE A 1429 32.87 46.49 -9.75
CA ILE A 1429 34.04 47.27 -9.36
C ILE A 1429 33.90 48.72 -9.85
N GLN A 1430 33.52 48.88 -11.11
CA GLN A 1430 33.41 50.21 -11.71
C GLN A 1430 32.29 51.03 -11.08
N ALA A 1431 31.18 50.37 -10.72
CA ALA A 1431 30.09 51.06 -10.03
C ALA A 1431 30.51 51.49 -8.63
N SER A 1432 31.24 50.63 -7.91
CA SER A 1432 31.74 51.00 -6.59
C SER A 1432 32.81 52.09 -6.68
N GLN A 1433 33.50 52.19 -7.81
CA GLN A 1433 34.46 53.27 -7.98
C GLN A 1433 33.79 54.59 -8.33
N LEU A 1434 32.66 54.55 -9.03
CA LEU A 1434 31.92 55.79 -9.28
C LEU A 1434 31.22 56.28 -8.02
N LEU A 1435 30.68 55.36 -7.21
CA LEU A 1435 30.01 55.80 -5.99
C LEU A 1435 30.98 56.30 -4.93
N GLY A 1436 32.24 55.89 -4.97
CA GLY A 1436 33.20 56.39 -4.00
C GLY A 1436 33.22 55.56 -2.75
N SER A 1437 33.03 56.21 -1.60
CA SER A 1437 33.01 55.53 -0.31
C SER A 1437 31.68 55.79 0.37
N ARG A 1438 31.20 54.78 1.10
CA ARG A 1438 29.88 54.88 1.73
C ARG A 1438 29.96 55.79 2.96
N PRO A 1439 29.08 56.78 3.08
CA PRO A 1439 29.14 57.68 4.24
C PRO A 1439 28.55 57.03 5.48
N ASP A 1440 28.83 57.67 6.62
CA ASP A 1440 28.29 57.24 7.90
C ASP A 1440 26.82 57.65 8.03
N LEU A 1441 26.19 57.18 9.11
CA LEU A 1441 24.81 57.55 9.41
C LEU A 1441 24.66 57.76 10.90
N ASN A 1442 23.73 58.66 11.26
CA ASN A 1442 23.40 59.02 12.65
C ASN A 1442 24.62 59.50 13.43
N ARG A 1443 25.41 60.39 12.84
CA ARG A 1443 26.59 60.94 13.50
C ARG A 1443 26.63 62.46 13.45
N GLY A 1444 25.49 63.12 13.29
CA GLY A 1444 25.43 64.56 13.42
C GLY A 1444 24.09 65.01 13.97
N HIS A 1445 24.12 65.73 15.10
CA HIS A 1445 22.94 66.19 15.85
C HIS A 1445 22.02 65.02 16.19
N GLN A 1446 22.54 64.17 17.07
CA GLN A 1446 21.85 62.95 17.50
C GLN A 1446 20.49 63.26 18.09
N TRP A 1447 19.51 62.41 17.77
CA TRP A 1447 18.11 62.66 18.07
C TRP A 1447 17.84 62.57 19.56
N GLU A 1448 17.64 63.71 20.20
CA GLU A 1448 17.18 63.74 21.57
C GLU A 1448 15.69 63.40 21.61
N ASN A 1449 15.27 62.77 22.69
CA ASN A 1449 13.88 62.33 22.82
C ASN A 1449 13.01 63.54 23.14
N ILE A 1450 12.37 64.09 22.11
CA ILE A 1450 11.55 65.29 22.23
C ILE A 1450 10.10 64.84 22.38
N LYS A 1451 9.37 65.50 23.28
CA LYS A 1451 8.05 65.06 23.69
C LYS A 1451 6.92 65.76 22.95
N LEU A 1452 7.19 66.30 21.75
CA LEU A 1452 6.22 66.76 20.75
C LEU A 1452 5.42 68.00 21.17
N ALA A 1453 5.60 68.46 22.41
CA ALA A 1453 5.10 69.77 22.82
C ALA A 1453 6.21 70.81 22.83
N GLU A 1454 7.46 70.39 22.67
CA GLU A 1454 8.58 71.29 22.53
C GLU A 1454 8.84 71.66 21.07
N GLU A 1455 8.17 71.01 20.14
CA GLU A 1455 8.35 71.29 18.72
C GLU A 1455 7.63 72.58 18.33
N SER A 1456 7.89 73.02 17.11
CA SER A 1456 7.23 74.17 16.52
C SER A 1456 6.52 73.74 15.24
N ARG A 1457 5.66 74.62 14.73
CA ARG A 1457 4.98 74.35 13.47
C ARG A 1457 5.96 74.39 12.30
N GLN A 1458 6.89 75.34 12.33
CA GLN A 1458 7.77 75.58 11.20
C GLN A 1458 8.90 74.56 11.15
N ALA A 1459 9.70 74.68 10.09
CA ALA A 1459 10.94 73.93 9.93
C ALA A 1459 12.07 74.66 10.64
N GLU A 1460 13.31 74.29 10.30
CA GLU A 1460 14.60 74.80 10.80
C GLU A 1460 14.65 74.96 12.32
N ASN A 1461 14.05 74.01 13.05
CA ASN A 1461 14.24 73.93 14.48
C ASN A 1461 15.57 73.27 14.83
N GLY A 1462 16.23 72.66 13.85
CA GLY A 1462 17.50 71.99 14.05
C GLY A 1462 17.41 70.54 14.42
N HIS A 1463 16.25 69.90 14.26
CA HIS A 1463 16.07 68.55 14.73
C HIS A 1463 15.59 67.58 13.66
N PHE A 1464 15.07 68.05 12.52
CA PHE A 1464 14.52 67.13 11.55
C PHE A 1464 15.33 66.93 10.28
N LEU A 1465 16.23 67.87 9.93
CA LEU A 1465 17.49 67.61 9.24
C LEU A 1465 17.42 66.77 7.97
N PRO A 1466 17.19 67.38 6.80
CA PRO A 1466 16.85 66.64 5.55
C PRO A 1466 17.84 65.55 5.21
N PRO A 1467 17.35 64.37 4.84
CA PRO A 1467 18.15 63.15 4.91
C PRO A 1467 19.06 62.96 3.72
N TYR A 1468 19.76 61.83 3.73
CA TYR A 1468 20.50 61.36 2.59
C TYR A 1468 19.54 60.78 1.56
N ASN A 1469 20.02 60.62 0.33
CA ASN A 1469 19.21 60.18 -0.79
C ASN A 1469 18.76 58.72 -0.60
N GLU A 1470 17.74 58.32 -1.34
CA GLU A 1470 17.21 56.98 -1.19
C GLU A 1470 17.83 56.02 -2.20
N ILE A 1471 17.92 56.47 -3.46
CA ILE A 1471 18.37 55.59 -4.53
C ILE A 1471 19.88 55.40 -4.49
N LEU A 1472 20.62 56.47 -4.19
CA LEU A 1472 22.07 56.34 -4.01
C LEU A 1472 22.41 55.56 -2.77
N LEU A 1473 21.51 55.53 -1.78
CA LEU A 1473 21.74 54.65 -0.64
C LEU A 1473 21.41 53.21 -0.98
N SER A 1474 20.44 52.99 -1.87
CA SER A 1474 20.10 51.62 -2.24
C SER A 1474 21.11 51.01 -3.20
N TYR A 1475 21.85 51.86 -3.92
CA TYR A 1475 22.89 51.35 -4.83
C TYR A 1475 24.03 50.68 -4.08
N TRP A 1476 24.39 51.19 -2.90
CA TRP A 1476 25.41 50.52 -2.08
C TRP A 1476 24.95 49.15 -1.64
N ASP A 1477 23.67 49.01 -1.33
CA ASP A 1477 23.14 47.72 -0.90
C ASP A 1477 23.05 46.75 -2.06
N LYS A 1478 22.70 47.25 -3.26
CA LYS A 1478 22.70 46.42 -4.46
C LYS A 1478 24.10 45.90 -4.77
N LEU A 1479 25.10 46.79 -4.75
CA LEU A 1479 26.47 46.37 -5.02
C LEU A 1479 27.00 45.42 -3.94
N GLU A 1480 26.58 45.62 -2.69
CA GLU A 1480 27.01 44.73 -1.61
C GLU A 1480 26.46 43.32 -1.80
N ILE A 1481 25.17 43.22 -2.14
CA ILE A 1481 24.56 41.91 -2.36
C ILE A 1481 25.15 41.22 -3.58
N ARG A 1482 25.38 41.96 -4.67
CA ARG A 1482 25.89 41.31 -5.87
C ARG A 1482 27.38 40.96 -5.77
N LEU A 1483 28.18 41.76 -5.05
CA LEU A 1483 29.56 41.35 -4.81
C LEU A 1483 29.64 40.21 -3.80
N TYR A 1484 28.69 40.13 -2.87
CA TYR A 1484 28.65 38.98 -1.97
C TYR A 1484 28.26 37.71 -2.71
N ASN A 1485 27.41 37.82 -3.73
CA ASN A 1485 27.10 36.66 -4.55
C ASN A 1485 28.27 36.29 -5.45
N LEU A 1486 29.03 37.28 -5.94
CA LEU A 1486 30.18 37.00 -6.80
C LEU A 1486 31.33 36.36 -6.03
N ARG A 1487 31.57 36.81 -4.80
CA ARG A 1487 32.72 36.32 -4.04
C ARG A 1487 32.46 34.96 -3.40
N HIS A 1488 31.32 34.34 -3.67
CA HIS A 1488 31.06 32.93 -3.47
C HIS A 1488 30.55 32.39 -4.80
N ASN A 1489 30.06 31.16 -4.80
CA ASN A 1489 29.35 30.65 -5.97
C ASN A 1489 27.85 30.71 -5.79
N LEU A 1490 27.34 31.75 -5.16
CA LEU A 1490 25.90 31.99 -5.15
C LEU A 1490 25.45 32.59 -6.48
N ASN A 1491 24.18 32.38 -6.79
CA ASN A 1491 23.54 33.02 -7.93
C ASN A 1491 22.93 34.34 -7.41
N LEU A 1492 22.10 35.00 -8.22
CA LEU A 1492 21.35 36.13 -7.69
C LEU A 1492 20.26 35.68 -6.71
N ASP A 1493 19.75 34.46 -6.89
CA ASP A 1493 18.73 33.90 -6.02
C ASP A 1493 19.31 33.21 -4.79
N GLY A 1494 20.62 33.29 -4.58
CA GLY A 1494 21.26 32.56 -3.50
C GLY A 1494 21.50 31.10 -3.80
N GLN A 1495 21.20 30.64 -5.00
CA GLN A 1495 21.41 29.25 -5.37
C GLN A 1495 22.89 28.98 -5.56
N PRO A 1496 23.43 27.91 -5.00
CA PRO A 1496 24.86 27.61 -5.18
C PRO A 1496 25.15 27.07 -6.57
N LEU A 1497 26.14 27.67 -7.24
CA LEU A 1497 26.60 27.14 -8.51
C LEU A 1497 27.30 25.80 -8.33
N HIS A 1498 28.14 25.69 -7.29
CA HIS A 1498 28.76 24.43 -6.94
C HIS A 1498 27.85 23.66 -6.00
N LEU A 1499 27.50 22.44 -6.39
CA LEU A 1499 26.60 21.61 -5.59
C LEU A 1499 27.33 21.15 -4.32
N PRO A 1500 26.64 21.18 -3.18
CA PRO A 1500 27.31 20.91 -1.90
C PRO A 1500 27.60 19.43 -1.71
N LEU A 1501 28.38 19.14 -0.67
CA LEU A 1501 28.75 17.77 -0.32
C LEU A 1501 27.63 17.12 0.50
N PHE A 1502 27.66 15.79 0.51
CA PHE A 1502 26.63 14.99 1.16
C PHE A 1502 27.25 14.23 2.34
N ALA A 1503 26.45 14.02 3.39
CA ALA A 1503 26.91 13.35 4.59
C ALA A 1503 26.15 12.04 4.77
N THR A 1504 26.87 10.98 5.18
CA THR A 1504 26.30 9.67 5.37
C THR A 1504 27.07 8.96 6.49
N PRO A 1505 26.39 8.44 7.50
CA PRO A 1505 27.09 7.67 8.54
C PRO A 1505 27.51 6.31 8.00
N VAL A 1506 28.69 5.87 8.45
CA VAL A 1506 29.34 4.67 7.94
C VAL A 1506 29.49 3.66 9.07
N ASP A 1507 29.03 2.43 8.83
CA ASP A 1507 29.24 1.24 9.67
C ASP A 1507 28.71 1.38 11.09
N PRO A 1508 27.39 1.33 11.30
CA PRO A 1508 26.88 1.30 12.68
C PRO A 1508 27.25 0.00 13.38
N LYS A 1509 27.77 0.12 14.60
CA LYS A 1509 28.36 -1.01 15.29
C LYS A 1509 27.27 -1.92 15.86
N ALA A 1510 27.38 -3.21 15.58
CA ALA A 1510 26.49 -4.20 16.17
C ALA A 1510 26.91 -4.50 17.60
N LEU A 1511 25.96 -4.96 18.39
CA LEU A 1511 26.22 -5.26 19.79
C LEU A 1511 27.00 -6.57 19.94
N GLN A 1512 27.43 -6.84 21.16
CA GLN A 1512 28.28 -7.99 21.44
C GLN A 1512 27.54 -9.03 22.28
N ARG A 1513 28.08 -10.25 22.27
CA ARG A 1513 27.45 -11.39 22.92
C ARG A 1513 27.84 -11.47 24.38
N GLN A 1514 26.86 -11.79 25.23
CA GLN A 1514 27.09 -12.07 26.63
C GLN A 1514 26.78 -13.53 26.92
N HIS A 1515 27.18 -13.98 28.10
CA HIS A 1515 26.84 -15.32 28.55
C HIS A 1515 26.64 -15.30 30.06
N GLY A 1516 25.98 -16.34 30.55
CA GLY A 1516 25.67 -16.46 31.96
C GLY A 1516 26.84 -16.98 32.76
N ALA A 1517 27.79 -16.10 33.07
CA ALA A 1517 29.04 -16.49 33.73
C ALA A 1517 28.91 -16.56 35.25
N GLY A 1518 27.69 -16.72 35.77
CA GLY A 1518 27.45 -16.95 37.17
C GLY A 1518 27.90 -18.30 37.68
N ASN A 1519 28.36 -19.17 36.79
CA ASN A 1519 29.03 -20.41 37.16
C ASN A 1519 30.52 -20.14 37.25
N GLY A 1520 31.12 -20.44 38.40
CA GLY A 1520 32.53 -20.18 38.59
C GLY A 1520 33.32 -21.41 38.98
N ILE A 1521 34.04 -21.33 40.07
CA ILE A 1521 34.76 -22.48 40.62
C ILE A 1521 33.81 -23.27 41.50
N ASN A 1522 34.01 -24.58 41.56
CA ASN A 1522 33.32 -25.43 42.51
C ASN A 1522 34.21 -25.64 43.74
N SER A 1523 33.59 -25.55 44.92
CA SER A 1523 34.25 -25.89 46.17
C SER A 1523 33.79 -27.29 46.56
N GLY A 1524 34.70 -28.26 46.47
CA GLY A 1524 34.34 -29.64 46.74
C GLY A 1524 34.10 -29.87 48.23
N GLU A 1525 32.87 -30.25 48.58
CA GLU A 1525 32.52 -30.52 49.96
C GLU A 1525 33.02 -31.90 50.35
N GLN A 1526 33.58 -32.01 51.55
CA GLN A 1526 34.14 -33.27 52.02
C GLN A 1526 33.02 -34.19 52.52
N MET A 1527 33.42 -35.37 52.97
CA MET A 1527 32.49 -36.39 53.44
C MET A 1527 32.79 -36.73 54.89
N ALA A 1528 31.75 -37.04 55.64
CA ALA A 1528 31.88 -37.38 57.05
C ALA A 1528 32.31 -38.83 57.20
N THR A 1529 32.25 -39.36 58.42
CA THR A 1529 32.59 -40.75 58.69
C THR A 1529 31.54 -41.36 59.60
N ALA A 1530 30.85 -42.37 59.11
CA ALA A 1530 29.90 -43.11 59.93
C ALA A 1530 30.66 -43.99 60.92
N GLN A 1531 30.18 -44.06 62.15
CA GLN A 1531 30.96 -44.75 63.18
C GLN A 1531 30.79 -46.26 63.09
N THR A 1532 29.59 -46.74 63.39
CA THR A 1532 29.27 -48.16 63.47
C THR A 1532 27.77 -48.33 63.32
N SER A 1533 27.34 -49.58 63.19
CA SER A 1533 25.96 -49.99 63.36
C SER A 1533 25.97 -51.47 63.68
N LEU A 1534 25.11 -51.89 64.61
CA LEU A 1534 25.08 -53.29 64.99
C LEU A 1534 24.20 -54.14 64.08
N TYR A 1535 23.62 -53.55 63.04
CA TYR A 1535 22.91 -54.34 62.06
C TYR A 1535 23.87 -54.81 60.98
N ARG A 1536 23.55 -55.95 60.39
CA ARG A 1536 24.39 -56.52 59.35
C ARG A 1536 24.09 -55.82 58.02
N PHE A 1537 24.76 -56.28 56.98
CA PHE A 1537 24.74 -55.66 55.67
C PHE A 1537 23.42 -55.74 54.87
N PRO A 1538 22.66 -56.85 54.84
CA PRO A 1538 21.44 -56.84 54.01
C PRO A 1538 20.35 -55.87 54.46
N LEU A 1539 20.14 -55.70 55.77
CA LEU A 1539 19.13 -54.74 56.23
C LEU A 1539 19.55 -53.31 55.94
N LEU A 1540 20.85 -53.03 56.07
CA LEU A 1540 21.36 -51.71 55.72
C LEU A 1540 21.21 -51.42 54.23
N ILE A 1541 21.38 -52.43 53.38
CA ILE A 1541 21.16 -52.21 51.95
C ILE A 1541 19.68 -52.02 51.65
N GLU A 1542 18.80 -52.82 52.29
CA GLU A 1542 17.36 -52.68 52.10
C GLU A 1542 16.84 -51.33 52.56
N ARG A 1543 17.50 -50.68 53.52
CA ARG A 1543 17.08 -49.33 53.90
C ARG A 1543 17.74 -48.26 53.01
N ALA A 1544 19.03 -48.43 52.70
CA ALA A 1544 19.76 -47.42 51.96
C ALA A 1544 19.30 -47.32 50.51
N LYS A 1545 18.83 -48.42 49.93
CA LYS A 1545 18.33 -48.39 48.56
C LYS A 1545 17.05 -47.56 48.46
N SER A 1546 16.16 -47.72 49.45
CA SER A 1546 14.94 -46.92 49.51
C SER A 1546 15.24 -45.45 49.76
N ALA A 1547 16.25 -45.18 50.62
CA ALA A 1547 16.65 -43.80 50.88
C ALA A 1547 17.19 -43.11 49.63
N VAL A 1548 18.04 -43.82 48.88
CA VAL A 1548 18.58 -43.25 47.65
C VAL A 1548 17.50 -43.10 46.58
N SER A 1549 16.51 -44.00 46.56
CA SER A 1549 15.38 -43.84 45.65
C SER A 1549 14.57 -42.59 45.97
N SER A 1550 14.41 -42.29 47.27
CA SER A 1550 13.75 -41.05 47.68
C SER A 1550 14.55 -39.82 47.24
N VAL A 1551 15.88 -39.89 47.35
CA VAL A 1551 16.74 -38.79 46.92
C VAL A 1551 16.62 -38.56 45.41
N ILE A 1552 16.55 -39.64 44.63
CA ILE A 1552 16.44 -39.51 43.17
C ILE A 1552 15.08 -38.94 42.78
N GLN A 1553 14.02 -39.35 43.49
CA GLN A 1553 12.68 -38.81 43.25
C GLN A 1553 12.62 -37.32 43.53
N PHE A 1554 13.20 -36.87 44.65
CA PHE A 1554 13.16 -35.43 44.90
C PHE A 1554 14.15 -34.65 44.04
N GLY A 1555 15.18 -35.30 43.50
CA GLY A 1555 16.01 -34.64 42.51
C GLY A 1555 15.25 -34.38 41.22
N ASN A 1556 14.44 -35.34 40.79
CA ASN A 1556 13.58 -35.14 39.62
C ASN A 1556 12.54 -34.04 39.87
N SER A 1557 11.97 -34.01 41.07
CA SER A 1557 11.01 -32.96 41.41
C SER A 1557 11.66 -31.59 41.45
N LEU A 1558 12.91 -31.52 41.95
CA LEU A 1558 13.63 -30.26 41.99
C LEU A 1558 13.98 -29.77 40.59
N GLN A 1559 14.31 -30.70 39.68
CA GLN A 1559 14.59 -30.30 38.30
C GLN A 1559 13.33 -29.78 37.60
N SER A 1560 12.18 -30.41 37.87
CA SER A 1560 10.92 -29.96 37.27
C SER A 1560 10.53 -28.56 37.76
N VAL A 1561 10.60 -28.34 39.08
CA VAL A 1561 10.27 -27.03 39.65
C VAL A 1561 11.26 -25.97 39.16
N LEU A 1562 12.53 -26.35 39.06
CA LEU A 1562 13.57 -25.41 38.72
C LEU A 1562 13.57 -25.05 37.24
N GLU A 1563 12.96 -25.87 36.38
CA GLU A 1563 12.78 -25.43 35.01
C GLU A 1563 11.46 -24.68 34.80
N ARG A 1564 10.41 -25.00 35.58
CA ARG A 1564 9.18 -24.23 35.49
C ARG A 1564 9.37 -22.80 35.99
N GLN A 1565 10.28 -22.59 36.94
CA GLN A 1565 10.57 -21.25 37.43
C GLN A 1565 11.16 -20.37 36.34
N ASP A 1566 12.13 -20.89 35.59
CA ASP A 1566 12.73 -20.13 34.50
C ASP A 1566 11.77 -19.93 33.35
N ASN A 1567 10.92 -20.93 33.07
CA ASN A 1567 9.92 -20.75 32.00
C ASN A 1567 8.90 -19.69 32.39
N GLU A 1568 8.55 -19.59 33.67
CA GLU A 1568 7.63 -18.55 34.10
C GLU A 1568 8.28 -17.18 34.02
N ALA A 1569 9.58 -17.09 34.31
CA ALA A 1569 10.30 -15.82 34.14
C ALA A 1569 10.33 -15.37 32.69
N MET A 1570 10.58 -16.31 31.76
CA MET A 1570 10.59 -15.98 30.34
C MET A 1570 9.21 -15.54 29.85
N THR A 1571 8.16 -16.26 30.28
CA THR A 1571 6.80 -15.93 29.88
C THR A 1571 6.39 -14.55 30.39
N LEU A 1572 6.79 -14.22 31.63
CA LEU A 1572 6.40 -12.94 32.21
C LEU A 1572 7.12 -11.78 31.52
N LEU A 1573 8.40 -11.98 31.17
CA LEU A 1573 9.13 -10.97 30.41
C LEU A 1573 8.51 -10.74 29.03
N PHE A 1574 8.12 -11.83 28.36
CA PHE A 1574 7.50 -11.70 27.05
C PHE A 1574 6.17 -10.96 27.13
N GLN A 1575 5.39 -11.22 28.18
CA GLN A 1575 4.12 -10.51 28.35
C GLN A 1575 4.34 -9.02 28.56
N GLN A 1576 5.34 -8.64 29.37
CA GLN A 1576 5.63 -7.22 29.61
C GLN A 1576 6.05 -6.51 28.32
N GLN A 1577 6.94 -7.13 27.56
CA GLN A 1577 7.44 -6.42 26.40
C GLN A 1577 6.44 -6.41 25.24
N GLN A 1578 5.58 -7.42 25.14
CA GLN A 1578 4.48 -7.34 24.18
C GLN A 1578 3.46 -6.29 24.59
N GLN A 1579 3.27 -6.10 25.90
CA GLN A 1579 2.41 -5.02 26.39
C GLN A 1579 2.96 -3.64 26.03
N LYS A 1580 4.28 -3.51 25.94
CA LYS A 1580 4.86 -2.23 25.50
C LYS A 1580 4.74 -2.03 23.99
N VAL A 1581 4.98 -3.09 23.21
CA VAL A 1581 4.90 -3.02 21.74
C VAL A 1581 3.47 -2.70 21.30
N LEU A 1582 2.47 -3.24 21.99
CA LEU A 1582 1.08 -2.96 21.62
C LEU A 1582 0.60 -1.59 22.06
N GLN A 1583 1.45 -0.77 22.69
CA GLN A 1583 1.21 0.64 22.92
C GLN A 1583 1.88 1.52 21.88
N HIS A 1584 3.11 1.15 21.49
CA HIS A 1584 3.74 1.89 20.39
C HIS A 1584 2.99 1.69 19.06
N THR A 1585 2.35 0.53 18.88
CA THR A 1585 1.49 0.34 17.71
C THR A 1585 0.27 1.24 17.75
N LYS A 1586 -0.26 1.50 18.95
CA LYS A 1586 -1.35 2.47 19.10
C LYS A 1586 -0.90 3.88 18.75
N ASP A 1587 0.36 4.22 19.05
CA ASP A 1587 0.88 5.53 18.62
C ASP A 1587 0.97 5.64 17.09
N ILE A 1588 1.38 4.54 16.43
CA ILE A 1588 1.39 4.50 14.97
C ILE A 1588 -0.01 4.74 14.41
N GLN A 1589 -1.00 4.07 15.00
CA GLN A 1589 -2.37 4.24 14.54
C GLN A 1589 -2.94 5.61 14.92
N ASN A 1590 -2.35 6.29 15.89
CA ASN A 1590 -2.73 7.68 16.17
C ASN A 1590 -2.24 8.61 15.07
N ASN A 1591 -1.03 8.39 14.55
CA ASN A 1591 -0.58 9.25 13.44
C ASN A 1591 -1.29 8.92 12.13
N ASN A 1592 -1.73 7.67 11.98
CA ASN A 1592 -2.36 7.25 10.72
C ASN A 1592 -3.71 7.95 10.49
N ILE A 1593 -4.36 8.43 11.54
CA ILE A 1593 -5.59 9.19 11.31
C ILE A 1593 -5.30 10.66 11.08
N GLN A 1594 -4.16 11.18 11.55
CA GLN A 1594 -3.80 12.56 11.25
C GLN A 1594 -3.44 12.73 9.78
N VAL A 1595 -2.84 11.70 9.19
CA VAL A 1595 -2.55 11.71 7.76
C VAL A 1595 -3.83 11.83 6.94
N LEU A 1596 -4.87 11.08 7.30
CA LEU A 1596 -6.11 11.15 6.54
C LEU A 1596 -6.92 12.40 6.87
N GLN A 1597 -6.78 12.96 8.08
CA GLN A 1597 -7.39 14.25 8.36
C GLN A 1597 -6.75 15.36 7.56
N ALA A 1598 -5.47 15.24 7.22
CA ALA A 1598 -4.88 16.21 6.31
C ALA A 1598 -5.30 15.95 4.87
N ASN A 1599 -5.51 14.69 4.50
CA ASN A 1599 -5.96 14.40 3.13
C ASN A 1599 -7.38 14.89 2.86
N LEU A 1600 -8.25 14.89 3.88
CA LEU A 1600 -9.59 15.47 3.71
C LEU A 1600 -9.54 16.95 3.41
N GLU A 1601 -8.69 17.69 4.11
CA GLU A 1601 -8.58 19.12 3.83
C GLU A 1601 -7.75 19.42 2.60
N ALA A 1602 -6.98 18.45 2.10
CA ALA A 1602 -6.39 18.59 0.78
C ALA A 1602 -7.40 18.29 -0.34
N THR A 1603 -8.44 17.51 -0.05
CA THR A 1603 -9.48 17.25 -1.04
C THR A 1603 -10.55 18.35 -1.07
N ASN A 1604 -10.81 18.98 0.08
CA ASN A 1604 -11.74 20.10 0.14
C ASN A 1604 -11.25 21.30 -0.68
N SER A 1605 -9.93 21.50 -0.76
CA SER A 1605 -9.41 22.62 -1.53
C SER A 1605 -9.58 22.37 -3.03
N LEU A 1606 -9.42 21.12 -3.47
CA LEU A 1606 -9.72 20.76 -4.85
C LEU A 1606 -11.20 20.96 -5.17
N LYS A 1607 -12.07 20.57 -4.24
CA LYS A 1607 -13.51 20.72 -4.46
C LYS A 1607 -13.92 22.19 -4.50
N SER A 1608 -13.31 23.02 -3.64
CA SER A 1608 -13.58 24.44 -3.65
C SER A 1608 -13.02 25.12 -4.90
N ALA A 1609 -11.88 24.66 -5.40
CA ALA A 1609 -11.31 25.21 -6.63
C ALA A 1609 -12.19 24.90 -7.84
N ALA A 1610 -12.72 23.67 -7.90
CA ALA A 1610 -13.62 23.31 -9.00
C ALA A 1610 -14.92 24.09 -8.93
N LYS A 1611 -15.46 24.27 -7.72
CA LYS A 1611 -16.68 25.08 -7.58
C LYS A 1611 -16.44 26.55 -7.93
N GLN A 1612 -15.26 27.08 -7.59
CA GLN A 1612 -14.96 28.47 -7.93
C GLN A 1612 -14.79 28.65 -9.44
N ARG A 1613 -14.17 27.68 -10.10
CA ARG A 1613 -14.01 27.76 -11.56
C ARG A 1613 -15.36 27.64 -12.27
N SER A 1614 -16.23 26.77 -11.79
CA SER A 1614 -17.57 26.66 -12.37
C SER A 1614 -18.39 27.92 -12.13
N LYS A 1615 -18.24 28.54 -10.95
CA LYS A 1615 -18.93 29.79 -10.67
C LYS A 1615 -18.43 30.92 -11.56
N HIS A 1616 -17.12 30.94 -11.82
CA HIS A 1616 -16.53 31.95 -12.69
C HIS A 1616 -17.06 31.85 -14.12
N TYR A 1617 -17.06 30.63 -14.68
CA TYR A 1617 -17.57 30.48 -16.04
C TYR A 1617 -19.08 30.66 -16.10
N LYS A 1618 -19.81 30.37 -15.02
CA LYS A 1618 -21.25 30.62 -15.01
C LYS A 1618 -21.54 32.12 -14.98
N GLU A 1619 -20.74 32.89 -14.24
CA GLU A 1619 -20.90 34.34 -14.25
C GLU A 1619 -20.55 34.95 -15.60
N LEU A 1620 -19.50 34.42 -16.25
CA LEU A 1620 -19.17 34.87 -17.60
C LEU A 1620 -20.28 34.55 -18.59
N LEU A 1621 -20.87 33.37 -18.47
CA LEU A 1621 -21.87 32.94 -19.43
C LEU A 1621 -23.23 33.58 -19.17
N ASP A 1622 -23.48 34.04 -17.95
CA ASP A 1622 -24.73 34.72 -17.65
C ASP A 1622 -24.64 36.23 -17.86
N ASN A 1623 -23.44 36.82 -17.79
CA ASN A 1623 -23.32 38.24 -18.07
C ASN A 1623 -23.37 38.54 -19.57
N GLY A 1624 -23.11 37.55 -20.41
CA GLY A 1624 -23.15 37.77 -21.86
C GLY A 1624 -21.96 38.58 -22.33
N ILE A 1625 -22.19 39.35 -23.41
CA ILE A 1625 -21.16 40.24 -23.91
C ILE A 1625 -21.15 41.52 -23.09
N SER A 1626 -20.00 42.19 -23.09
CA SER A 1626 -19.76 43.34 -22.24
C SER A 1626 -20.50 44.57 -22.76
N SER A 1627 -20.45 45.64 -21.98
CA SER A 1627 -21.02 46.91 -22.42
C SER A 1627 -20.15 47.55 -23.49
N ARG A 1628 -18.83 47.39 -23.37
CA ARG A 1628 -17.92 47.94 -24.38
C ARG A 1628 -17.97 47.13 -25.66
N GLU A 1629 -18.20 45.81 -25.56
CA GLU A 1629 -18.39 44.98 -26.75
C GLU A 1629 -19.68 45.35 -27.47
N GLN A 1630 -20.75 45.60 -26.71
CA GLN A 1630 -22.01 46.04 -27.30
C GLN A 1630 -21.88 47.42 -27.92
N SER A 1631 -21.12 48.32 -27.30
CA SER A 1631 -20.89 49.64 -27.86
C SER A 1631 -20.08 49.56 -29.16
N GLY A 1632 -19.00 48.78 -29.16
CA GLY A 1632 -18.19 48.62 -30.34
C GLY A 1632 -18.85 47.85 -31.46
N LEU A 1633 -19.91 47.10 -31.16
CA LEU A 1633 -20.65 46.46 -32.24
C LEU A 1633 -21.87 47.26 -32.66
N ASP A 1634 -22.35 48.19 -31.82
CA ASP A 1634 -23.39 49.10 -32.26
C ASP A 1634 -22.83 50.22 -33.13
N LEU A 1635 -21.61 50.67 -32.84
CA LEU A 1635 -21.03 51.77 -33.61
C LEU A 1635 -20.69 51.34 -35.04
N ARG A 1636 -20.36 50.07 -35.26
CA ARG A 1636 -20.09 49.62 -36.62
C ARG A 1636 -21.35 49.63 -37.48
N ILE A 1637 -22.50 49.28 -36.89
CA ILE A 1637 -23.74 49.34 -37.64
C ILE A 1637 -24.18 50.78 -37.85
N ASP A 1638 -23.96 51.63 -36.84
CA ASP A 1638 -24.28 53.05 -37.00
C ASP A 1638 -23.34 53.74 -37.98
N ALA A 1639 -22.15 53.18 -38.22
CA ALA A 1639 -21.25 53.69 -39.24
C ALA A 1639 -21.58 53.12 -40.61
N GLY A 1640 -22.10 51.89 -40.66
CA GLY A 1640 -22.58 51.35 -41.93
C GLY A 1640 -23.87 52.01 -42.38
N ALA A 1641 -24.61 52.59 -41.46
CA ALA A 1641 -25.86 53.27 -41.82
C ALA A 1641 -25.63 54.66 -42.38
N VAL A 1642 -24.40 55.19 -42.34
CA VAL A 1642 -24.13 56.48 -42.97
C VAL A 1642 -23.28 56.34 -44.23
N ASN A 1643 -22.73 55.16 -44.50
CA ASN A 1643 -22.19 54.89 -45.82
C ASN A 1643 -23.30 54.71 -46.85
N ILE A 1644 -24.51 54.36 -46.42
CA ILE A 1644 -25.65 54.34 -47.32
C ILE A 1644 -26.03 55.75 -47.72
N ALA A 1645 -25.99 56.68 -46.77
CA ALA A 1645 -26.46 58.04 -46.99
C ALA A 1645 -25.49 58.89 -47.80
N SER A 1646 -24.27 58.43 -48.01
CA SER A 1646 -23.30 59.15 -48.85
C SER A 1646 -23.32 58.66 -50.30
N VAL A 1647 -24.42 58.07 -50.74
CA VAL A 1647 -24.56 57.54 -52.09
C VAL A 1647 -25.35 58.50 -52.98
N ALA A 1648 -26.50 58.96 -52.50
CA ALA A 1648 -27.29 59.90 -53.28
C ALA A 1648 -26.66 61.29 -53.49
N PRO A 1649 -25.90 61.89 -52.55
CA PRO A 1649 -25.20 63.13 -52.92
C PRO A 1649 -24.15 62.98 -54.00
N LEU A 1650 -23.48 61.82 -54.14
CA LEU A 1650 -22.53 61.67 -55.24
C LEU A 1650 -23.24 61.64 -56.59
N MET A 1651 -24.35 60.92 -56.70
CA MET A 1651 -25.08 60.88 -57.95
C MET A 1651 -25.73 62.22 -58.25
N LEU A 1652 -26.13 62.96 -57.21
CA LEU A 1652 -26.67 64.29 -57.46
C LEU A 1652 -25.59 65.28 -57.86
N ALA A 1653 -24.38 65.16 -57.30
CA ALA A 1653 -23.28 66.02 -57.71
C ALA A 1653 -22.86 65.73 -59.15
N ALA A 1654 -22.87 64.46 -59.55
CA ALA A 1654 -22.54 64.14 -60.93
C ALA A 1654 -23.67 64.52 -61.88
N ALA A 1655 -24.91 64.56 -61.40
CA ALA A 1655 -25.97 65.13 -62.21
C ALA A 1655 -25.75 66.62 -62.42
N LEU A 1656 -25.33 67.34 -61.38
CA LEU A 1656 -25.17 68.77 -61.50
C LEU A 1656 -23.91 69.15 -62.28
N ASP A 1657 -22.89 68.28 -62.29
CA ASP A 1657 -21.67 68.60 -63.03
C ASP A 1657 -21.82 68.50 -64.54
N THR A 1658 -22.84 67.81 -65.04
CA THR A 1658 -23.03 67.72 -66.47
C THR A 1658 -23.73 68.94 -67.05
N ALA A 1659 -24.22 69.84 -66.20
CA ALA A 1659 -24.74 71.11 -66.67
C ALA A 1659 -23.57 71.98 -67.14
N PRO A 1660 -23.78 72.82 -68.16
CA PRO A 1660 -22.70 73.70 -68.61
C PRO A 1660 -22.37 74.76 -67.58
N ASN A 1661 -21.10 75.15 -67.57
CA ASN A 1661 -20.50 75.93 -66.50
C ASN A 1661 -20.16 77.35 -66.92
N VAL A 1662 -19.57 77.51 -68.09
CA VAL A 1662 -19.12 78.81 -68.57
C VAL A 1662 -20.14 79.35 -69.54
N PHE A 1663 -20.41 80.65 -69.45
CA PHE A 1663 -21.41 81.32 -70.27
C PHE A 1663 -20.77 82.54 -70.91
N GLY A 1664 -21.50 83.20 -71.80
CA GLY A 1664 -21.02 84.43 -72.37
C GLY A 1664 -19.87 84.28 -73.34
N LEU A 1665 -20.17 83.78 -74.55
CA LEU A 1665 -19.23 83.56 -75.66
C LEU A 1665 -18.17 82.52 -75.33
N ALA A 1666 -18.47 81.62 -74.40
CA ALA A 1666 -17.66 80.41 -74.19
C ALA A 1666 -18.61 79.35 -73.66
N ASP A 1667 -19.13 78.54 -74.57
CA ASP A 1667 -20.06 77.47 -74.20
C ASP A 1667 -19.30 76.35 -73.52
N GLY A 1668 -19.97 75.63 -72.63
CA GLY A 1668 -19.40 74.42 -72.09
C GLY A 1668 -19.01 74.49 -70.63
N GLY A 1669 -17.90 73.81 -70.30
CA GLY A 1669 -17.50 73.62 -68.93
C GLY A 1669 -18.09 72.39 -68.27
N SER A 1670 -18.92 71.63 -69.00
CA SER A 1670 -19.57 70.48 -68.43
C SER A 1670 -18.62 69.30 -68.38
N HIS A 1671 -18.42 68.73 -67.19
CA HIS A 1671 -17.56 67.57 -67.03
C HIS A 1671 -18.24 66.34 -67.64
N TRP A 1672 -17.59 65.72 -68.62
CA TRP A 1672 -18.27 64.69 -69.38
C TRP A 1672 -18.29 63.35 -68.67
N GLY A 1673 -17.25 63.05 -67.91
CA GLY A 1673 -17.16 61.75 -67.29
C GLY A 1673 -17.59 61.71 -65.84
N ALA A 1674 -18.37 62.71 -65.42
CA ALA A 1674 -18.68 62.85 -64.00
C ALA A 1674 -19.61 61.75 -63.50
N VAL A 1675 -20.59 61.37 -64.31
CA VAL A 1675 -21.52 60.31 -63.94
C VAL A 1675 -20.82 58.94 -63.89
N PRO A 1676 -19.91 58.56 -64.81
CA PRO A 1676 -19.14 57.34 -64.54
C PRO A 1676 -18.17 57.43 -63.35
N TYR A 1677 -17.63 58.60 -63.02
CA TYR A 1677 -16.81 58.68 -61.81
C TYR A 1677 -17.66 58.47 -60.56
N ALA A 1678 -18.88 59.02 -60.54
CA ALA A 1678 -19.74 58.79 -59.39
C ALA A 1678 -20.24 57.36 -59.35
N THR A 1679 -20.39 56.71 -60.50
CA THR A 1679 -20.73 55.29 -60.51
C THR A 1679 -19.61 54.46 -59.90
N SER A 1680 -18.36 54.76 -60.25
CA SER A 1680 -17.22 54.06 -59.67
C SER A 1680 -17.09 54.34 -58.18
N ALA A 1681 -17.30 55.59 -57.75
CA ALA A 1681 -17.16 55.94 -56.34
C ALA A 1681 -18.28 55.33 -55.51
N THR A 1682 -19.50 55.33 -56.05
CA THR A 1682 -20.64 54.68 -55.41
C THR A 1682 -20.41 53.18 -55.24
N LEU A 1683 -19.81 52.55 -56.26
CA LEU A 1683 -19.60 51.12 -56.18
C LEU A 1683 -18.44 50.78 -55.25
N GLN A 1684 -17.46 51.67 -55.12
CA GLN A 1684 -16.43 51.51 -54.09
C GLN A 1684 -17.01 51.65 -52.69
N ILE A 1685 -17.93 52.59 -52.49
CA ILE A 1685 -18.61 52.74 -51.20
C ILE A 1685 -19.41 51.50 -50.88
N SER A 1686 -20.07 50.92 -51.88
CA SER A 1686 -20.83 49.69 -51.68
C SER A 1686 -19.92 48.51 -51.31
N ALA A 1687 -18.74 48.43 -51.92
CA ALA A 1687 -17.79 47.37 -51.59
C ALA A 1687 -17.26 47.51 -50.16
N GLY A 1688 -16.91 48.75 -49.77
CA GLY A 1688 -16.46 48.98 -48.40
C GLY A 1688 -17.55 48.75 -47.38
N LEU A 1689 -18.79 49.06 -47.72
CA LEU A 1689 -19.93 48.80 -46.85
C LEU A 1689 -20.13 47.30 -46.64
N THR A 1690 -20.05 46.52 -47.72
CA THR A 1690 -20.26 45.08 -47.61
C THR A 1690 -19.11 44.41 -46.84
N GLU A 1691 -17.88 44.92 -46.98
CA GLU A 1691 -16.79 44.38 -46.18
C GLU A 1691 -16.91 44.78 -44.71
N SER A 1692 -17.48 45.96 -44.42
CA SER A 1692 -17.75 46.33 -43.04
C SER A 1692 -18.81 45.43 -42.41
N ARG A 1693 -19.83 45.06 -43.19
CA ARG A 1693 -20.84 44.12 -42.71
C ARG A 1693 -20.25 42.73 -42.48
N ALA A 1694 -19.30 42.32 -43.33
CA ALA A 1694 -18.62 41.04 -43.12
C ALA A 1694 -17.77 41.06 -41.85
N ASN A 1695 -17.15 42.21 -41.55
CA ASN A 1695 -16.39 42.32 -40.30
C ASN A 1695 -17.30 42.25 -39.08
N ILE A 1696 -18.50 42.86 -39.16
CA ILE A 1696 -19.49 42.76 -38.09
C ILE A 1696 -19.89 41.30 -37.85
N ASN A 1697 -20.11 40.56 -38.95
CA ASN A 1697 -20.50 39.16 -38.83
C ASN A 1697 -19.39 38.31 -38.23
N ASP A 1698 -18.12 38.61 -38.57
CA ASP A 1698 -17.01 37.84 -38.00
C ASP A 1698 -16.80 38.12 -36.51
N ILE A 1699 -16.96 39.38 -36.09
CA ILE A 1699 -16.86 39.73 -34.67
C ILE A 1699 -17.92 38.99 -33.87
N LYS A 1700 -19.15 38.99 -34.37
CA LYS A 1700 -20.23 38.33 -33.65
C LYS A 1700 -20.07 36.81 -33.67
N ALA A 1701 -19.48 36.26 -34.73
CA ALA A 1701 -19.21 34.83 -34.78
C ALA A 1701 -18.14 34.42 -33.78
N ASN A 1702 -17.11 35.25 -33.59
CA ASN A 1702 -16.12 34.95 -32.56
C ASN A 1702 -16.72 35.04 -31.17
N TYR A 1703 -17.68 35.94 -30.96
CA TYR A 1703 -18.37 35.99 -29.68
C TYR A 1703 -19.18 34.71 -29.43
N ASP A 1704 -19.82 34.19 -30.47
CA ASP A 1704 -20.57 32.94 -30.32
C ASP A 1704 -19.65 31.75 -30.05
N ARG A 1705 -18.49 31.71 -30.70
CA ARG A 1705 -17.55 30.61 -30.48
C ARG A 1705 -16.98 30.63 -29.07
N ARG A 1706 -16.70 31.82 -28.53
CA ARG A 1706 -16.22 31.83 -27.15
C ARG A 1706 -17.33 31.59 -26.14
N GLU A 1707 -18.59 31.86 -26.48
CA GLU A 1707 -19.68 31.41 -25.63
C GLU A 1707 -19.77 29.88 -25.57
N GLN A 1708 -19.59 29.22 -26.72
CA GLN A 1708 -19.57 27.76 -26.74
C GLN A 1708 -18.40 27.19 -25.95
N GLU A 1709 -17.24 27.84 -26.03
CA GLU A 1709 -16.08 27.38 -25.26
C GLU A 1709 -16.29 27.58 -23.76
N TRP A 1710 -16.94 28.69 -23.37
CA TRP A 1710 -17.29 28.90 -21.97
C TRP A 1710 -18.26 27.85 -21.46
N THR A 1711 -19.23 27.45 -22.30
CA THR A 1711 -20.17 26.40 -21.91
C THR A 1711 -19.45 25.07 -21.69
N LEU A 1712 -18.49 24.74 -22.57
CA LEU A 1712 -17.68 23.54 -22.39
C LEU A 1712 -16.87 23.57 -21.09
N GLN A 1713 -16.25 24.73 -20.80
CA GLN A 1713 -15.43 24.82 -19.59
C GLN A 1713 -16.26 24.76 -18.32
N LYS A 1714 -17.47 25.35 -18.36
CA LYS A 1714 -18.37 25.29 -17.22
C LYS A 1714 -18.85 23.86 -16.97
N ASN A 1715 -19.17 23.12 -18.04
CA ASN A 1715 -19.60 21.73 -17.87
C ASN A 1715 -18.46 20.85 -17.36
N GLN A 1716 -17.23 21.08 -17.83
CA GLN A 1716 -16.10 20.30 -17.33
C GLN A 1716 -15.79 20.62 -15.87
N ALA A 1717 -15.98 21.87 -15.44
CA ALA A 1717 -15.79 22.18 -14.03
C ALA A 1717 -16.88 21.57 -13.16
N ASP A 1718 -18.11 21.47 -13.67
CA ASP A 1718 -19.17 20.80 -12.93
C ASP A 1718 -18.90 19.30 -12.80
N LYS A 1719 -18.38 18.68 -13.87
CA LYS A 1719 -18.01 17.27 -13.78
C LYS A 1719 -16.82 17.04 -12.85
N ASP A 1720 -15.89 17.99 -12.77
CA ASP A 1720 -14.79 17.87 -11.83
C ASP A 1720 -15.27 18.00 -10.39
N ALA A 1721 -16.25 18.88 -10.15
CA ALA A 1721 -16.83 18.97 -8.80
C ALA A 1721 -17.59 17.70 -8.42
N GLU A 1722 -18.29 17.10 -9.39
CA GLU A 1722 -18.99 15.84 -9.12
C GLU A 1722 -18.02 14.68 -8.91
N GLN A 1723 -16.84 14.75 -9.49
CA GLN A 1723 -15.79 13.78 -9.17
C GLN A 1723 -15.27 13.98 -7.75
N LEU A 1724 -14.92 15.22 -7.41
CA LEU A 1724 -14.26 15.50 -6.15
C LEU A 1724 -15.19 15.34 -4.95
N ALA A 1725 -16.50 15.41 -5.16
CA ALA A 1725 -17.43 15.06 -4.08
C ALA A 1725 -17.30 13.59 -3.69
N HIS A 1726 -17.28 12.70 -4.68
CA HIS A 1726 -17.12 11.28 -4.40
C HIS A 1726 -15.74 10.96 -3.87
N GLN A 1727 -14.72 11.69 -4.32
CA GLN A 1727 -13.39 11.44 -3.80
C GLN A 1727 -13.26 11.92 -2.35
N TYR A 1728 -13.96 13.01 -2.00
CA TYR A 1728 -14.06 13.44 -0.60
C TYR A 1728 -14.77 12.39 0.25
N THR A 1729 -15.81 11.76 -0.30
CA THR A 1729 -16.50 10.68 0.41
C THR A 1729 -15.58 9.48 0.62
N SER A 1730 -14.74 9.18 -0.38
CA SER A 1730 -13.77 8.09 -0.25
C SER A 1730 -12.74 8.36 0.83
N VAL A 1731 -12.20 9.59 0.87
CA VAL A 1731 -11.20 9.92 1.88
C VAL A 1731 -11.83 9.97 3.28
N GLN A 1732 -13.10 10.38 3.38
CA GLN A 1732 -13.76 10.39 4.68
C GLN A 1732 -14.04 8.97 5.19
N GLU A 1733 -14.36 8.05 4.28
CA GLU A 1733 -14.54 6.67 4.73
C GLU A 1733 -13.20 5.98 5.02
N GLN A 1734 -12.12 6.40 4.36
CA GLN A 1734 -10.79 5.98 4.79
C GLN A 1734 -10.48 6.48 6.19
N LEU A 1735 -10.92 7.71 6.51
CA LEU A 1735 -10.73 8.24 7.85
C LEU A 1735 -11.51 7.43 8.89
N ASN A 1736 -12.72 7.00 8.54
CA ASN A 1736 -13.49 6.14 9.46
C ASN A 1736 -12.82 4.79 9.64
N MET A 1737 -12.23 4.24 8.57
CA MET A 1737 -11.54 2.96 8.67
C MET A 1737 -10.29 3.05 9.54
N ALA A 1738 -9.52 4.13 9.40
CA ALA A 1738 -8.35 4.31 10.25
C ALA A 1738 -8.73 4.61 11.69
N GLN A 1739 -9.85 5.30 11.90
CA GLN A 1739 -10.28 5.62 13.25
C GLN A 1739 -10.88 4.39 13.94
N LYS A 1740 -11.29 3.38 13.17
CA LYS A 1740 -11.61 2.10 13.79
C LYS A 1740 -10.39 1.20 13.98
N GLN A 1741 -9.36 1.35 13.13
CA GLN A 1741 -8.10 0.64 13.38
C GLN A 1741 -7.43 1.11 14.67
N ARG A 1742 -7.59 2.39 15.00
CA ARG A 1742 -7.10 2.88 16.29
C ARG A 1742 -7.79 2.20 17.46
N ASN A 1743 -9.11 2.01 17.36
CA ASN A 1743 -9.86 1.33 18.41
C ASN A 1743 -9.48 -0.15 18.50
N LEU A 1744 -9.17 -0.76 17.36
CA LEU A 1744 -8.68 -2.14 17.36
C LEU A 1744 -7.34 -2.25 18.06
N ALA A 1745 -6.44 -1.29 17.83
CA ALA A 1745 -5.13 -1.32 18.49
C ALA A 1745 -5.25 -1.09 19.98
N GLU A 1746 -6.14 -0.19 20.41
CA GLU A 1746 -6.36 0.03 21.83
C GLU A 1746 -7.01 -1.18 22.50
N LEU A 1747 -7.89 -1.88 21.77
CA LEU A 1747 -8.48 -3.10 22.30
C LEU A 1747 -7.44 -4.21 22.45
N GLU A 1748 -6.51 -4.32 21.50
CA GLU A 1748 -5.44 -5.30 21.62
C GLU A 1748 -4.49 -4.97 22.77
N GLN A 1749 -4.28 -3.68 23.04
CA GLN A 1749 -3.51 -3.29 24.22
C GLN A 1749 -4.22 -3.71 25.51
N GLY A 1750 -5.55 -3.54 25.54
CA GLY A 1750 -6.32 -4.02 26.68
C GLY A 1750 -6.27 -5.52 26.86
N HIS A 1751 -6.24 -6.26 25.74
CA HIS A 1751 -6.14 -7.71 25.84
C HIS A 1751 -4.76 -8.15 26.35
N ALA A 1752 -3.71 -7.42 25.96
CA ALA A 1752 -2.38 -7.72 26.49
C ALA A 1752 -2.31 -7.43 27.99
N ASP A 1753 -2.97 -6.36 28.44
CA ASP A 1753 -3.02 -6.07 29.87
C ASP A 1753 -3.81 -7.14 30.63
N ALA A 1754 -4.87 -7.68 30.02
CA ALA A 1754 -5.64 -8.73 30.67
C ALA A 1754 -4.85 -10.03 30.78
N LEU A 1755 -4.08 -10.37 29.74
CA LEU A 1755 -3.24 -11.56 29.81
C LEU A 1755 -2.12 -11.42 30.82
N TYR A 1756 -1.52 -10.23 30.90
CA TYR A 1756 -0.48 -10.02 31.91
C TYR A 1756 -1.06 -10.01 33.32
N GLN A 1757 -2.31 -9.57 33.49
CA GLN A 1757 -2.91 -9.61 34.82
C GLN A 1757 -3.22 -11.04 35.24
N MET A 1758 -3.75 -11.85 34.33
CA MET A 1758 -3.98 -13.24 34.73
C MET A 1758 -2.72 -14.10 34.71
N GLN A 1759 -1.60 -13.60 34.17
CA GLN A 1759 -0.33 -14.25 34.46
C GLN A 1759 0.21 -13.82 35.82
N SER A 1760 -0.08 -12.60 36.25
CA SER A 1760 0.42 -12.15 37.54
C SER A 1760 -0.39 -12.72 38.70
N THR A 1761 -1.72 -12.68 38.59
CA THR A 1761 -2.60 -13.16 39.65
C THR A 1761 -2.86 -14.66 39.59
N ARG A 1762 -2.17 -15.36 38.69
CA ARG A 1762 -2.24 -16.81 38.61
C ARG A 1762 -1.71 -17.44 39.89
N PHE A 1763 -2.31 -18.56 40.29
CA PHE A 1763 -1.85 -19.25 41.48
C PHE A 1763 -0.48 -19.88 41.24
N THR A 1764 -0.33 -20.65 40.17
CA THR A 1764 0.95 -21.25 39.83
C THR A 1764 1.81 -20.29 39.02
N GLY A 1765 1.96 -19.06 39.51
CA GLY A 1765 2.80 -18.07 38.91
C GLY A 1765 4.18 -18.12 39.52
N LYS A 1766 4.87 -16.98 39.46
CA LYS A 1766 6.25 -16.96 39.91
C LYS A 1766 6.34 -17.00 41.44
N GLU A 1767 5.33 -16.48 42.14
CA GLU A 1767 5.36 -16.48 43.60
C GLU A 1767 5.13 -17.88 44.20
N LEU A 1768 4.65 -18.83 43.40
CA LEU A 1768 4.55 -20.22 43.83
C LEU A 1768 5.82 -20.99 43.52
N TYR A 1769 6.45 -20.72 42.38
CA TYR A 1769 7.66 -21.47 42.07
C TYR A 1769 8.88 -20.93 42.82
N ASN A 1770 8.88 -19.66 43.22
CA ASN A 1770 9.91 -19.19 44.14
C ASN A 1770 9.81 -19.90 45.49
N TRP A 1771 8.57 -20.08 45.98
CA TRP A 1771 8.34 -20.79 47.22
C TRP A 1771 8.77 -22.25 47.12
N MET A 1772 8.36 -22.92 46.04
CA MET A 1772 8.69 -24.33 45.87
C MET A 1772 10.18 -24.52 45.65
N ALA A 1773 10.84 -23.60 44.95
CA ALA A 1773 12.28 -23.70 44.78
C ALA A 1773 13.01 -23.51 46.10
N GLY A 1774 12.65 -22.46 46.86
CA GLY A 1774 13.32 -22.18 48.10
C GLY A 1774 13.06 -23.21 49.19
N ARG A 1775 11.95 -23.94 49.09
CA ARG A 1775 11.73 -25.02 50.04
C ARG A 1775 12.34 -26.34 49.58
N LEU A 1776 12.10 -26.72 48.33
CA LEU A 1776 12.52 -28.02 47.83
C LEU A 1776 14.03 -28.11 47.69
N SER A 1777 14.69 -27.03 47.25
CA SER A 1777 16.14 -27.06 47.15
C SER A 1777 16.82 -27.04 48.51
N GLY A 1778 16.13 -26.57 49.54
CA GLY A 1778 16.68 -26.58 50.89
C GLY A 1778 16.44 -27.90 51.59
N LEU A 1779 15.33 -28.56 51.28
CA LEU A 1779 15.07 -29.87 51.85
C LEU A 1779 15.80 -30.99 51.14
N TYR A 1780 16.18 -30.78 49.88
CA TYR A 1780 16.88 -31.82 49.12
C TYR A 1780 18.30 -32.02 49.63
N PHE A 1781 18.96 -30.94 50.04
CA PHE A 1781 20.29 -31.08 50.64
C PHE A 1781 20.23 -31.71 52.01
N GLN A 1782 19.18 -31.45 52.77
CA GLN A 1782 19.03 -32.08 54.09
C GLN A 1782 18.72 -33.56 53.94
N LEU A 1783 17.95 -33.92 52.91
CA LEU A 1783 17.70 -35.33 52.62
C LEU A 1783 18.99 -36.02 52.17
N PHE A 1784 19.83 -35.30 51.41
CA PHE A 1784 21.11 -35.86 50.98
C PHE A 1784 22.05 -36.08 52.17
N ASP A 1785 22.08 -35.14 53.11
CA ASP A 1785 22.89 -35.34 54.31
C ASP A 1785 22.26 -36.30 55.31
N ALA A 1786 20.99 -36.64 55.15
CA ALA A 1786 20.44 -37.73 55.94
C ALA A 1786 20.70 -39.09 55.29
N THR A 1787 20.84 -39.12 53.97
CA THR A 1787 20.99 -40.36 53.22
C THR A 1787 22.44 -40.83 53.12
N GLN A 1788 23.37 -39.89 52.92
CA GLN A 1788 24.78 -40.25 52.73
C GLN A 1788 25.45 -40.95 53.93
N PRO A 1789 25.13 -40.66 55.21
CA PRO A 1789 25.64 -41.54 56.28
C PRO A 1789 25.16 -42.98 56.23
N LEU A 1790 23.99 -43.28 55.63
CA LEU A 1790 23.62 -44.69 55.46
C LEU A 1790 24.56 -45.41 54.50
N CYS A 1791 24.95 -44.75 53.42
CA CYS A 1791 25.90 -45.33 52.49
C CYS A 1791 27.27 -45.49 53.14
N LEU A 1792 27.66 -44.55 54.00
CA LEU A 1792 28.91 -44.72 54.73
C LEU A 1792 28.82 -45.83 55.79
N MET A 1793 27.65 -46.02 56.40
CA MET A 1793 27.42 -47.18 57.28
C MET A 1793 27.61 -48.47 56.53
N ALA A 1794 27.01 -48.56 55.33
CA ALA A 1794 27.07 -49.79 54.55
C ALA A 1794 28.49 -50.09 54.11
N LYS A 1795 29.25 -49.05 53.75
CA LYS A 1795 30.65 -49.24 53.42
C LYS A 1795 31.45 -49.73 54.63
N ALA A 1796 31.26 -49.09 55.79
CA ALA A 1796 32.04 -49.46 56.97
C ALA A 1796 31.60 -50.79 57.57
N VAL A 1797 30.42 -51.28 57.23
CA VAL A 1797 29.99 -52.60 57.68
C VAL A 1797 30.49 -53.68 56.72
N LEU A 1798 30.48 -53.42 55.40
CA LEU A 1798 31.02 -54.41 54.48
C LEU A 1798 32.54 -54.50 54.57
N GLU A 1799 33.20 -53.44 55.05
CA GLU A 1799 34.65 -53.53 55.29
C GLU A 1799 35.02 -54.42 56.47
N LYS A 1800 34.04 -54.86 57.27
CA LYS A 1800 34.32 -55.90 58.25
C LYS A 1800 34.57 -57.25 57.58
N GLU A 1801 33.60 -57.72 56.80
CA GLU A 1801 33.70 -59.03 56.17
C GLU A 1801 34.64 -58.99 54.96
N VAL A 1802 34.27 -58.21 53.94
CA VAL A 1802 35.12 -58.06 52.77
C VAL A 1802 36.29 -57.16 53.12
N ASP A 1803 37.50 -57.62 52.81
CA ASP A 1803 38.71 -56.87 53.17
C ASP A 1803 38.82 -55.60 52.34
N LYS A 1804 39.60 -54.65 52.85
CA LYS A 1804 39.67 -53.29 52.32
C LYS A 1804 40.52 -53.17 51.06
N ALA A 1805 40.91 -54.27 50.42
CA ALA A 1805 41.61 -54.20 49.14
C ALA A 1805 40.68 -54.08 47.95
N LYS A 1806 39.36 -54.12 48.17
CA LYS A 1806 38.39 -54.08 47.09
C LYS A 1806 37.36 -52.98 47.20
N THR A 1807 37.12 -52.44 48.40
CA THR A 1807 36.15 -51.38 48.62
C THR A 1807 36.80 -50.00 48.61
N ASP A 1808 37.87 -49.82 47.84
CA ASP A 1808 38.63 -48.58 47.86
C ASP A 1808 37.89 -47.44 47.17
N GLY A 1809 37.64 -47.59 45.88
CA GLY A 1809 37.04 -46.51 45.12
C GLY A 1809 35.52 -46.57 45.08
N LEU A 1810 34.89 -46.37 46.24
CA LEU A 1810 33.43 -46.35 46.31
C LEU A 1810 32.90 -44.99 46.75
N PHE A 1811 33.33 -44.47 47.89
CA PHE A 1811 32.80 -43.24 48.43
C PHE A 1811 33.92 -42.25 48.69
N ILE A 1812 34.77 -42.08 47.68
CA ILE A 1812 35.87 -41.13 47.78
C ILE A 1812 35.37 -39.70 47.57
N ARG A 1813 34.53 -39.49 46.56
CA ARG A 1813 34.06 -38.16 46.20
C ARG A 1813 32.63 -37.97 46.69
N SER A 1814 32.32 -36.74 47.10
CA SER A 1814 30.94 -36.40 47.41
C SER A 1814 30.19 -36.08 46.12
N GLY A 1815 29.01 -36.67 45.97
CA GLY A 1815 28.23 -36.46 44.78
C GLY A 1815 27.54 -35.12 44.67
N TRP A 1816 27.53 -34.35 45.76
CA TRP A 1816 26.89 -33.05 45.75
C TRP A 1816 27.74 -32.03 44.99
N ASN A 1817 27.08 -31.15 44.26
CA ASN A 1817 27.74 -30.09 43.52
C ASN A 1817 27.06 -28.78 43.88
N ASP A 1818 27.75 -27.93 44.63
CA ASP A 1818 27.19 -26.66 45.08
C ASP A 1818 27.00 -25.66 43.94
N LEU A 1819 27.75 -25.78 42.85
CA LEU A 1819 27.66 -24.80 41.78
C LEU A 1819 26.37 -24.96 40.99
N TYR A 1820 25.88 -26.17 40.87
CA TYR A 1820 24.52 -26.44 40.43
C TYR A 1820 23.67 -26.62 41.68
N GLN A 1821 22.45 -27.10 41.52
CA GLN A 1821 21.59 -27.27 42.69
C GLN A 1821 21.68 -28.65 43.30
N GLY A 1822 22.84 -29.29 43.18
CA GLY A 1822 22.99 -30.64 43.66
C GLY A 1822 22.28 -31.66 42.81
N LEU A 1823 22.06 -31.35 41.53
CA LEU A 1823 21.39 -32.27 40.63
C LEU A 1823 22.25 -33.49 40.38
N LEU A 1824 21.59 -34.63 40.15
CA LEU A 1824 22.19 -35.93 39.89
C LEU A 1824 23.12 -36.39 41.03
N ALA A 1825 22.78 -35.98 42.26
CA ALA A 1825 23.55 -36.43 43.42
C ALA A 1825 23.09 -37.78 43.90
N GLY A 1826 21.82 -38.12 43.68
CA GLY A 1826 21.33 -39.44 44.02
C GLY A 1826 21.81 -40.53 43.08
N GLU A 1827 22.20 -40.16 41.86
CA GLU A 1827 22.73 -41.16 40.93
C GLU A 1827 24.10 -41.65 41.38
N ASP A 1828 24.91 -40.76 41.94
CA ASP A 1828 26.21 -41.16 42.50
C ASP A 1828 26.02 -42.15 43.64
N LEU A 1829 25.04 -41.91 44.50
CA LEU A 1829 24.77 -42.83 45.60
C LEU A 1829 24.20 -44.14 45.09
N GLN A 1830 23.37 -44.10 44.04
CA GLN A 1830 22.81 -45.32 43.48
C GLN A 1830 23.88 -46.19 42.83
N LEU A 1831 24.77 -45.58 42.05
CA LEU A 1831 25.88 -46.30 41.46
C LEU A 1831 26.83 -46.85 42.52
N ASN A 1832 27.14 -46.06 43.54
CA ASN A 1832 28.08 -46.50 44.55
C ASN A 1832 27.47 -47.47 45.55
N LEU A 1833 26.15 -47.60 45.60
CA LEU A 1833 25.53 -48.71 46.31
C LEU A 1833 25.42 -49.96 45.46
N GLN A 1834 25.20 -49.79 44.15
CA GLN A 1834 25.16 -50.95 43.27
C GLN A 1834 26.52 -51.62 43.17
N LYS A 1835 27.58 -50.81 43.13
CA LYS A 1835 28.93 -51.36 43.07
C LYS A 1835 29.31 -52.01 44.39
N LEU A 1836 28.85 -51.44 45.50
CA LEU A 1836 29.04 -52.04 46.83
C LEU A 1836 28.32 -53.37 46.95
N GLU A 1837 27.09 -53.44 46.45
CA GLU A 1837 26.31 -54.67 46.46
C GLU A 1837 26.93 -55.74 45.58
N ASN A 1838 27.56 -55.34 44.47
CA ASN A 1838 28.24 -56.31 43.62
C ASN A 1838 29.51 -56.83 44.29
N VAL A 1839 30.22 -55.96 45.02
CA VAL A 1839 31.36 -56.40 45.83
C VAL A 1839 30.92 -57.39 46.90
N TRP A 1840 29.73 -57.17 47.47
CA TRP A 1840 29.24 -58.10 48.49
C TRP A 1840 28.81 -59.43 47.88
N LEU A 1841 28.17 -59.42 46.72
CA LEU A 1841 27.68 -60.68 46.17
C LEU A 1841 28.78 -61.49 45.49
N MET A 1842 29.79 -60.83 44.92
CA MET A 1842 30.93 -61.57 44.38
C MET A 1842 31.80 -62.15 45.50
N GLU A 1843 32.34 -61.28 46.35
CA GLU A 1843 33.41 -61.66 47.28
C GLU A 1843 32.93 -61.91 48.69
N GLU A 1844 31.77 -62.54 48.89
CA GLU A 1844 31.44 -63.07 50.20
C GLU A 1844 31.72 -64.57 50.20
N GLN A 1845 32.41 -65.03 51.23
CA GLN A 1845 32.94 -66.39 51.30
C GLN A 1845 32.26 -67.19 52.41
N ARG A 1846 32.33 -68.50 52.26
CA ARG A 1846 31.76 -69.41 53.25
C ARG A 1846 32.61 -69.42 54.52
N ALA A 1847 31.95 -69.26 55.66
CA ALA A 1847 32.64 -69.31 56.94
C ALA A 1847 33.07 -70.73 57.27
N LEU A 1848 34.13 -70.84 58.05
CA LEU A 1848 34.63 -72.11 58.56
C LEU A 1848 34.50 -72.04 60.08
N GLU A 1849 33.41 -72.60 60.60
CA GLU A 1849 33.09 -72.46 62.01
C GLU A 1849 33.96 -73.37 62.87
N VAL A 1850 34.34 -72.88 64.05
CA VAL A 1850 35.07 -73.68 65.04
C VAL A 1850 34.46 -73.42 66.41
N GLU A 1851 34.04 -74.47 67.09
CA GLU A 1851 33.55 -74.36 68.46
C GLU A 1851 34.64 -74.88 69.39
N ARG A 1852 35.21 -73.99 70.19
CA ARG A 1852 36.29 -74.32 71.10
C ARG A 1852 35.87 -74.06 72.53
N THR A 1853 36.09 -75.04 73.40
CA THR A 1853 35.71 -74.97 74.81
C THR A 1853 36.98 -74.88 75.65
N VAL A 1854 37.33 -73.68 76.09
CA VAL A 1854 38.50 -73.46 76.93
C VAL A 1854 37.98 -73.13 78.32
N SER A 1855 37.92 -74.15 79.19
CA SER A 1855 37.48 -73.95 80.56
C SER A 1855 38.58 -73.26 81.35
N LEU A 1856 38.24 -72.81 82.56
CA LEU A 1856 39.24 -72.25 83.45
C LEU A 1856 39.85 -73.31 84.36
N ALA A 1857 40.27 -74.41 83.74
CA ALA A 1857 41.23 -75.34 84.31
C ALA A 1857 42.61 -75.10 83.74
N GLN A 1858 42.85 -73.90 83.20
CA GLN A 1858 44.14 -73.55 82.64
C GLN A 1858 44.87 -72.51 83.48
N HIS A 1859 44.26 -72.03 84.57
CA HIS A 1859 45.00 -71.22 85.53
C HIS A 1859 46.08 -72.05 86.23
N TYR A 1860 45.86 -73.35 86.37
CA TYR A 1860 46.91 -74.26 86.80
C TYR A 1860 48.02 -74.35 85.75
N GLN A 1861 47.67 -74.17 84.49
CA GLN A 1861 48.62 -74.21 83.39
C GLN A 1861 49.22 -72.85 83.08
N GLN A 1862 48.62 -71.78 83.61
CA GLN A 1862 48.84 -70.41 83.12
C GLN A 1862 50.25 -69.93 83.46
N LEU A 1863 51.10 -69.87 82.44
CA LEU A 1863 52.38 -69.14 82.36
C LEU A 1863 53.50 -69.79 83.18
N SER A 1864 53.17 -70.81 83.98
CA SER A 1864 54.10 -71.66 84.74
C SER A 1864 54.99 -70.89 85.71
N ASP A 1865 54.66 -69.65 86.04
CA ASP A 1865 55.40 -68.88 87.03
C ASP A 1865 54.43 -68.38 88.09
N HIS A 1866 53.18 -68.16 87.68
CA HIS A 1866 52.09 -67.81 88.57
C HIS A 1866 50.92 -68.72 88.21
N LYS A 1867 50.87 -69.89 88.84
CA LYS A 1867 49.81 -70.85 88.62
C LYS A 1867 49.09 -71.10 89.94
N PHE A 1868 47.82 -71.48 89.84
CA PHE A 1868 47.00 -71.68 91.02
C PHE A 1868 45.81 -72.56 90.66
N ASN A 1869 45.21 -73.15 91.69
CA ASN A 1869 43.98 -73.90 91.56
C ASN A 1869 42.81 -72.96 91.83
N LEU A 1870 41.83 -72.96 90.91
CA LEU A 1870 40.80 -71.92 90.93
C LEU A 1870 39.81 -72.11 92.07
N ALA A 1871 39.33 -73.34 92.24
CA ALA A 1871 38.31 -73.61 93.27
C ALA A 1871 38.87 -73.45 94.67
N GLU A 1872 40.13 -73.85 94.88
CA GLU A 1872 40.78 -73.66 96.17
C GLU A 1872 41.00 -72.19 96.47
N ILE A 1873 41.41 -71.40 95.47
CA ILE A 1873 41.71 -70.01 95.75
C ILE A 1873 40.44 -69.19 95.91
N VAL A 1874 39.33 -69.56 95.26
CA VAL A 1874 38.11 -68.81 95.50
C VAL A 1874 37.49 -69.23 96.83
N THR A 1875 37.74 -70.46 97.27
CA THR A 1875 37.40 -70.85 98.64
C THR A 1875 38.21 -70.04 99.65
N GLY A 1876 39.46 -69.74 99.32
CA GLY A 1876 40.23 -68.81 100.11
C GLY A 1876 39.71 -67.39 100.05
N TYR A 1877 39.12 -66.99 98.92
CA TYR A 1877 38.57 -65.65 98.80
C TYR A 1877 37.16 -65.52 99.38
N MET A 1878 36.53 -66.61 99.82
CA MET A 1878 35.20 -66.48 100.43
C MET A 1878 35.27 -65.80 101.80
N ALA A 1879 36.41 -65.87 102.47
CA ALA A 1879 36.65 -65.12 103.70
C ALA A 1879 37.90 -64.26 103.51
N GLN A 1880 38.17 -63.44 104.54
CA GLN A 1880 39.33 -62.53 104.61
C GLN A 1880 39.35 -61.57 103.42
N ASP A 1881 38.36 -60.68 103.42
CA ASP A 1881 38.00 -59.84 102.29
C ASP A 1881 39.12 -58.85 101.94
N LYS A 1882 39.06 -58.38 100.69
CA LYS A 1882 39.93 -57.32 100.13
C LYS A 1882 41.41 -57.75 100.12
N ASP A 1883 41.67 -58.93 99.57
CA ASP A 1883 43.02 -59.40 99.29
C ASP A 1883 43.16 -59.67 97.79
N GLN A 1884 44.32 -60.20 97.41
CA GLN A 1884 44.61 -60.47 96.00
C GLN A 1884 45.74 -61.46 95.89
N LYS A 1885 45.58 -62.46 95.03
CA LYS A 1885 46.68 -63.27 94.52
C LYS A 1885 46.57 -63.15 93.01
N THR A 1886 47.20 -62.13 92.46
CA THR A 1886 47.23 -61.95 91.02
C THR A 1886 48.18 -62.96 90.39
N GLY A 1887 47.73 -63.56 89.29
CA GLY A 1887 48.66 -64.30 88.45
C GLY A 1887 49.55 -63.31 87.74
N ASN A 1888 48.96 -62.55 86.82
CA ASN A 1888 49.67 -61.52 86.09
C ASN A 1888 48.75 -60.31 85.99
N GLU A 1889 49.14 -59.34 85.18
CA GLU A 1889 48.24 -58.26 84.81
C GLU A 1889 47.33 -58.65 83.66
N GLN A 1890 47.62 -59.78 83.00
CA GLN A 1890 46.76 -60.37 81.97
C GLN A 1890 45.79 -61.38 82.53
N ASP A 1891 46.25 -62.28 83.40
CA ASP A 1891 45.42 -63.33 83.97
C ASP A 1891 45.54 -63.28 85.48
N PHE A 1892 44.42 -63.09 86.17
CA PHE A 1892 44.43 -62.97 87.62
C PHE A 1892 43.04 -63.23 88.17
N VAL A 1893 42.98 -63.46 89.47
CA VAL A 1893 41.73 -63.51 90.23
C VAL A 1893 41.89 -62.60 91.44
N GLU A 1894 41.08 -61.55 91.52
CA GLU A 1894 41.19 -60.59 92.60
C GLU A 1894 39.80 -60.24 93.10
N LEU A 1895 39.77 -59.33 94.08
CA LEU A 1895 38.55 -58.60 94.42
C LEU A 1895 38.96 -57.25 95.00
N LYS A 1896 38.53 -56.17 94.35
CA LYS A 1896 38.77 -54.83 94.89
C LYS A 1896 37.72 -54.49 95.94
N ASN A 1897 36.48 -54.84 95.65
CA ASN A 1897 35.33 -54.72 96.52
C ASN A 1897 34.81 -56.13 96.77
N SER A 1898 33.59 -56.24 97.29
CA SER A 1898 32.94 -57.53 97.38
C SER A 1898 32.76 -58.19 96.01
N THR A 1899 32.69 -57.40 94.95
CA THR A 1899 32.79 -57.91 93.59
C THR A 1899 34.18 -58.51 93.36
N LEU A 1900 34.21 -59.76 92.89
CA LEU A 1900 35.47 -60.38 92.50
C LEU A 1900 35.60 -60.41 90.99
N ILE A 1901 36.85 -60.41 90.52
CA ILE A 1901 37.16 -60.33 89.10
C ILE A 1901 38.01 -61.54 88.74
N ALA A 1902 37.53 -62.35 87.81
CA ALA A 1902 38.28 -63.50 87.30
C ALA A 1902 38.68 -63.20 85.86
N SER A 1903 39.79 -62.50 85.69
CA SER A 1903 40.20 -62.03 84.38
C SER A 1903 40.88 -63.14 83.59
N LEU A 1904 40.96 -62.93 82.28
CA LEU A 1904 41.48 -63.95 81.36
C LEU A 1904 41.91 -63.29 80.07
N SER A 1905 43.18 -63.39 79.73
CA SER A 1905 43.69 -62.82 78.49
C SER A 1905 43.33 -63.68 77.30
N ILE A 1906 43.03 -63.03 76.17
CA ILE A 1906 42.65 -63.75 74.97
C ILE A 1906 43.86 -64.31 74.25
N LYS A 1907 45.00 -63.61 74.32
CA LYS A 1907 46.23 -64.12 73.73
C LYS A 1907 46.75 -65.34 74.49
N GLY A 1908 46.50 -65.40 75.80
CA GLY A 1908 46.86 -66.57 76.59
C GLY A 1908 45.99 -67.79 76.36
N LEU A 1909 44.89 -67.64 75.61
CA LEU A 1909 44.08 -68.80 75.27
C LEU A 1909 44.78 -69.71 74.27
N ASN A 1910 45.62 -69.12 73.40
CA ASN A 1910 46.37 -69.81 72.35
C ASN A 1910 45.45 -70.60 71.42
N LEU A 1911 44.57 -69.87 70.74
CA LEU A 1911 43.62 -70.50 69.84
C LEU A 1911 44.14 -70.59 68.41
N VAL A 1912 45.27 -69.93 68.10
CA VAL A 1912 45.89 -70.08 66.79
C VAL A 1912 46.73 -71.34 66.68
N GLU A 1913 46.90 -72.08 67.77
CA GLU A 1913 47.57 -73.36 67.74
C GLU A 1913 46.63 -74.51 67.39
N ASP A 1914 45.32 -74.26 67.36
CA ASP A 1914 44.37 -75.34 67.06
C ASP A 1914 44.41 -75.70 65.58
N TYR A 1915 44.42 -74.68 64.71
CA TYR A 1915 44.50 -74.87 63.27
C TYR A 1915 45.77 -74.15 62.80
N PRO A 1916 46.93 -74.76 62.99
CA PRO A 1916 48.19 -74.04 62.79
C PRO A 1916 48.62 -73.92 61.33
N GLU A 1917 49.86 -73.50 61.14
CA GLU A 1917 50.53 -73.60 59.85
C GLU A 1917 50.77 -75.07 59.48
N THR A 1918 51.34 -75.27 58.29
CA THR A 1918 51.51 -76.50 57.50
C THR A 1918 50.19 -77.05 56.95
N MET A 1919 49.07 -76.43 57.27
CA MET A 1919 47.85 -76.53 56.47
C MET A 1919 47.34 -75.12 56.25
N HIS A 1920 47.07 -74.78 55.01
CA HIS A 1920 47.01 -73.38 54.57
C HIS A 1920 45.56 -72.92 54.56
N LEU A 1921 45.19 -72.18 55.60
CA LEU A 1921 43.86 -71.60 55.75
C LEU A 1921 43.94 -70.50 56.80
N GLY A 1922 42.90 -69.67 56.84
CA GLY A 1922 42.80 -68.70 57.90
C GLY A 1922 43.73 -67.51 57.85
N ASP A 1923 43.50 -66.59 56.91
CA ASP A 1923 44.14 -65.28 56.98
C ASP A 1923 43.73 -64.55 58.26
N ILE A 1924 42.43 -64.44 58.51
CA ILE A 1924 41.93 -63.78 59.71
C ILE A 1924 41.06 -64.75 60.50
N ARG A 1925 41.18 -64.67 61.82
CA ARG A 1925 40.34 -65.41 62.76
C ARG A 1925 39.50 -64.42 63.56
N ARG A 1926 38.19 -64.50 63.44
CA ARG A 1926 37.28 -63.55 64.07
C ARG A 1926 36.36 -64.31 65.02
N ILE A 1927 36.18 -63.78 66.23
CA ILE A 1927 35.27 -64.40 67.19
C ILE A 1927 33.84 -64.12 66.76
N LYS A 1928 33.03 -65.18 66.66
CA LYS A 1928 31.63 -65.05 66.28
C LYS A 1928 30.72 -64.85 67.48
N GLN A 1929 30.89 -65.66 68.53
CA GLN A 1929 29.98 -65.65 69.67
C GLN A 1929 30.64 -66.37 70.83
N ILE A 1930 30.50 -65.80 72.03
CA ILE A 1930 31.06 -66.38 73.25
C ILE A 1930 29.91 -66.67 74.21
N SER A 1931 29.76 -67.93 74.58
CA SER A 1931 28.76 -68.35 75.56
C SER A 1931 29.46 -69.02 76.74
N VAL A 1932 28.82 -68.95 77.90
CA VAL A 1932 29.42 -69.36 79.17
C VAL A 1932 28.58 -70.47 79.77
N SER A 1933 29.24 -71.49 80.30
CA SER A 1933 28.59 -72.49 81.14
C SER A 1933 29.20 -72.47 82.53
N LEU A 1934 28.36 -72.75 83.53
CA LEU A 1934 28.79 -72.79 84.93
C LEU A 1934 28.36 -74.11 85.55
N PRO A 1935 29.30 -75.00 85.90
CA PRO A 1935 28.96 -76.26 86.58
C PRO A 1935 28.79 -76.10 88.09
N ALA A 1936 28.05 -75.07 88.51
CA ALA A 1936 27.75 -74.83 89.89
C ALA A 1936 26.41 -75.47 90.24
N LEU A 1937 26.12 -75.55 91.55
CA LEU A 1937 24.84 -76.03 92.02
C LEU A 1937 23.97 -74.83 92.38
N LEU A 1938 22.77 -74.79 91.80
CA LEU A 1938 21.84 -73.68 92.04
C LEU A 1938 20.54 -74.21 92.61
N GLY A 1939 20.24 -75.47 92.31
CA GLY A 1939 19.02 -76.08 92.78
C GLY A 1939 17.81 -75.60 92.00
N PRO A 1940 16.71 -75.35 92.71
CA PRO A 1940 15.46 -74.98 92.02
C PRO A 1940 15.47 -73.64 91.29
N TYR A 1941 15.72 -72.53 92.00
CA TYR A 1941 15.52 -71.22 91.39
C TYR A 1941 16.56 -70.18 91.82
N GLN A 1942 17.77 -70.59 92.17
CA GLN A 1942 18.80 -69.63 92.54
C GLN A 1942 19.55 -69.18 91.30
N ASP A 1943 19.86 -67.89 91.24
CA ASP A 1943 20.41 -67.28 90.04
C ASP A 1943 21.85 -66.84 90.26
N VAL A 1944 22.64 -66.91 89.19
CA VAL A 1944 23.98 -66.34 89.19
C VAL A 1944 23.94 -65.03 88.43
N GLN A 1945 24.46 -63.98 89.06
CA GLN A 1945 24.76 -62.73 88.36
C GLN A 1945 26.25 -62.73 88.04
N ALA A 1946 26.57 -62.33 86.81
CA ALA A 1946 27.95 -62.25 86.33
C ALA A 1946 27.96 -61.40 85.07
N THR A 1947 29.14 -60.88 84.74
CA THR A 1947 29.32 -60.08 83.53
C THR A 1947 30.44 -60.67 82.69
N LEU A 1948 30.65 -60.07 81.52
CA LEU A 1948 31.84 -60.26 80.72
C LEU A 1948 32.16 -58.95 80.05
N ASP A 1949 33.44 -58.60 79.99
CA ASP A 1949 33.87 -57.36 79.37
C ASP A 1949 35.05 -57.62 78.45
N TYR A 1950 35.29 -56.68 77.56
CA TYR A 1950 36.46 -56.69 76.69
C TYR A 1950 37.34 -55.52 77.06
N ALA A 1951 38.65 -55.78 77.15
CA ALA A 1951 39.58 -54.81 77.71
C ALA A 1951 40.41 -54.08 76.67
N GLY A 1952 40.78 -54.73 75.58
CA GLY A 1952 41.65 -54.12 74.61
C GLY A 1952 40.97 -53.05 73.78
N GLU A 1953 41.78 -52.39 72.96
CA GLU A 1953 41.25 -51.36 72.07
C GLU A 1953 40.61 -51.99 70.84
N ASN A 1954 39.43 -51.51 70.49
CA ASN A 1954 38.69 -52.06 69.36
C ASN A 1954 37.73 -50.98 68.87
N THR A 1955 38.03 -50.42 67.70
CA THR A 1955 37.20 -49.41 67.07
C THR A 1955 36.15 -50.00 66.14
N HIS A 1956 35.77 -51.27 66.36
CA HIS A 1956 34.85 -51.96 65.47
C HIS A 1956 33.70 -52.64 66.19
N LEU A 1957 33.77 -52.82 67.50
CA LEU A 1957 32.60 -53.26 68.25
C LEU A 1957 31.57 -52.14 68.24
N ALA A 1958 30.33 -52.49 67.91
CA ALA A 1958 29.40 -51.49 67.37
C ALA A 1958 28.83 -50.57 68.45
N LYS A 1959 28.00 -51.12 69.33
CA LYS A 1959 27.39 -50.31 70.40
C LYS A 1959 26.88 -51.27 71.46
N GLY A 1960 27.52 -51.27 72.63
CA GLY A 1960 27.10 -52.16 73.69
C GLY A 1960 27.40 -53.62 73.45
N CYS A 1961 28.26 -53.94 72.49
CA CYS A 1961 28.65 -55.31 72.20
C CYS A 1961 29.89 -55.74 72.96
N THR A 1962 30.35 -54.94 73.91
CA THR A 1962 31.46 -55.33 74.76
C THR A 1962 31.02 -56.13 75.97
N ALA A 1963 29.74 -56.10 76.31
CA ALA A 1963 29.25 -56.67 77.55
C ALA A 1963 28.32 -57.84 77.28
N LEU A 1964 28.13 -58.66 78.32
CA LEU A 1964 27.33 -59.87 78.26
C LEU A 1964 27.07 -60.30 79.70
N ALA A 1965 25.84 -60.70 79.99
CA ALA A 1965 25.45 -61.05 81.35
C ALA A 1965 25.06 -62.52 81.43
N ILE A 1966 25.27 -63.10 82.61
CA ILE A 1966 24.98 -64.50 82.89
C ILE A 1966 23.77 -64.54 83.83
N SER A 1967 22.85 -65.46 83.56
CA SER A 1967 21.72 -65.63 84.46
C SER A 1967 21.29 -67.07 84.71
N ARG A 1968 21.90 -68.05 84.05
CA ARG A 1968 21.38 -69.42 84.13
C ARG A 1968 22.36 -70.43 84.69
N GLY A 1969 23.61 -70.41 84.23
CA GLY A 1969 24.58 -71.43 84.57
C GLY A 1969 24.76 -72.49 83.51
N MET A 1970 23.72 -72.77 82.72
CA MET A 1970 23.82 -73.66 81.57
C MET A 1970 24.51 -72.91 80.43
N ASN A 1971 24.66 -73.56 79.27
CA ASN A 1971 25.27 -72.94 78.11
C ASN A 1971 24.32 -71.85 77.60
N ASP A 1972 24.59 -70.62 77.99
CA ASP A 1972 23.72 -69.49 77.68
C ASP A 1972 24.55 -68.32 77.16
N SER A 1973 23.87 -67.37 76.54
CA SER A 1973 24.51 -66.20 75.97
C SER A 1973 23.83 -64.95 76.53
N GLY A 1974 24.27 -63.80 76.04
CA GLY A 1974 23.67 -62.54 76.44
C GLY A 1974 22.55 -62.10 75.52
N GLN A 1975 21.72 -63.04 75.08
CA GLN A 1975 20.52 -62.76 74.31
C GLN A 1975 19.44 -63.73 74.71
N PHE A 1976 18.18 -63.27 74.67
CA PHE A 1976 17.07 -64.20 74.74
C PHE A 1976 16.91 -64.89 73.39
N GLN A 1977 16.75 -66.22 73.41
CA GLN A 1977 16.62 -67.13 72.26
C GLN A 1977 17.66 -66.83 71.18
N LEU A 1978 18.93 -67.09 71.54
CA LEU A 1978 20.12 -66.85 70.72
C LEU A 1978 20.02 -67.40 69.31
N ASP A 1979 20.05 -66.52 68.32
CA ASP A 1979 19.83 -66.89 66.93
C ASP A 1979 20.91 -66.23 66.07
N PHE A 1980 21.62 -67.06 65.28
CA PHE A 1980 22.65 -66.56 64.38
C PHE A 1980 22.07 -66.01 63.09
N ASN A 1981 20.86 -66.40 62.72
CA ASN A 1981 20.24 -65.94 61.49
C ASN A 1981 19.35 -64.72 61.76
N ASP A 1982 19.98 -63.68 62.30
CA ASP A 1982 19.32 -62.42 62.60
C ASP A 1982 20.12 -61.29 61.96
N GLY A 1983 19.44 -60.16 61.73
CA GLY A 1983 20.08 -59.02 61.12
C GLY A 1983 21.05 -58.27 62.00
N LYS A 1984 21.08 -58.57 63.31
CA LYS A 1984 21.96 -57.90 64.25
C LYS A 1984 23.25 -58.69 64.43
N TYR A 1985 24.25 -58.04 65.01
CA TYR A 1985 25.46 -58.74 65.41
C TYR A 1985 25.25 -59.42 66.75
N LEU A 1986 26.32 -59.96 67.31
CA LEU A 1986 26.32 -60.66 68.58
C LEU A 1986 27.28 -59.97 69.54
N PRO A 1987 27.17 -60.24 70.84
CA PRO A 1987 28.22 -59.77 71.76
C PRO A 1987 29.54 -60.47 71.47
N PHE A 1988 30.62 -59.68 71.56
CA PHE A 1988 32.00 -60.08 71.28
C PHE A 1988 32.20 -60.56 69.84
N GLU A 1989 31.34 -60.12 68.92
CA GLU A 1989 31.47 -60.51 67.52
C GLU A 1989 32.39 -59.53 66.82
N GLY A 1990 33.43 -60.06 66.18
CA GLY A 1990 34.38 -59.22 65.48
C GLY A 1990 35.65 -58.92 66.23
N ILE A 1991 36.07 -59.82 67.12
CA ILE A 1991 37.31 -59.65 67.89
C ILE A 1991 38.31 -60.67 67.38
N ASP A 1992 39.53 -60.21 67.11
CA ASP A 1992 40.60 -61.09 66.68
C ASP A 1992 41.01 -62.04 67.81
N ILE A 1993 41.63 -63.16 67.42
CA ILE A 1993 42.15 -64.09 68.40
C ILE A 1993 43.43 -63.54 69.02
N SER A 1994 44.36 -63.09 68.20
CA SER A 1994 45.64 -62.57 68.69
C SER A 1994 45.49 -61.09 69.02
N ASP A 1995 44.78 -60.83 70.11
CA ASP A 1995 44.64 -59.50 70.67
C ASP A 1995 45.22 -59.46 72.08
N LYS A 1996 45.51 -58.25 72.55
CA LYS A 1996 46.01 -58.04 73.90
C LYS A 1996 44.92 -57.59 74.86
N GLY A 1997 43.66 -57.88 74.55
CA GLY A 1997 42.58 -57.62 75.46
C GLY A 1997 42.26 -58.81 76.34
N THR A 1998 41.65 -58.54 77.48
CA THR A 1998 41.34 -59.58 78.44
C THR A 1998 39.84 -59.68 78.66
N LEU A 1999 39.36 -60.91 78.84
CA LEU A 1999 37.97 -61.14 79.21
C LEU A 1999 37.86 -61.07 80.73
N VAL A 2000 37.05 -60.14 81.22
CA VAL A 2000 37.20 -59.67 82.60
C VAL A 2000 36.42 -60.53 83.58
N LEU A 2001 35.14 -60.81 83.28
CA LEU A 2001 34.28 -61.76 84.00
C LEU A 2001 34.12 -61.37 85.48
N ARG A 2002 33.43 -60.25 85.68
CA ARG A 2002 33.17 -59.73 87.01
C ARG A 2002 31.90 -60.33 87.59
N PHE A 2003 32.00 -60.87 88.79
CA PHE A 2003 30.82 -61.19 89.56
C PHE A 2003 30.43 -60.02 90.44
N PRO A 2004 29.15 -59.84 90.72
CA PRO A 2004 28.74 -58.83 91.71
C PRO A 2004 29.04 -59.25 93.15
N ASN A 2005 28.52 -58.47 94.11
CA ASN A 2005 28.89 -58.50 95.51
C ASN A 2005 28.77 -59.86 96.19
N ALA A 2006 29.91 -60.42 96.58
CA ALA A 2006 29.95 -61.74 97.22
C ALA A 2006 29.68 -61.67 98.72
N THR A 2007 29.78 -60.49 99.33
CA THR A 2007 29.33 -60.34 100.70
C THR A 2007 27.81 -60.46 100.80
N SER A 2008 27.12 -60.08 99.73
CA SER A 2008 25.68 -60.24 99.56
C SER A 2008 25.33 -61.66 99.18
N LYS A 2009 24.14 -61.85 98.59
CA LYS A 2009 23.56 -63.16 98.29
C LYS A 2009 24.40 -64.05 97.37
N GLN A 2010 25.46 -63.53 96.76
CA GLN A 2010 26.35 -64.35 95.95
C GLN A 2010 27.17 -65.34 96.78
N LYS A 2011 27.27 -65.14 98.10
CA LYS A 2011 27.92 -66.12 98.95
C LYS A 2011 27.04 -67.37 99.02
N LEU A 2012 27.72 -68.54 99.08
CA LEU A 2012 27.22 -69.92 99.02
C LEU A 2012 26.83 -70.30 97.59
N LEU A 2013 26.83 -69.32 96.68
CA LEU A 2013 26.77 -69.57 95.25
C LEU A 2013 28.16 -69.57 94.64
N LEU A 2014 29.01 -68.63 95.05
CA LEU A 2014 30.39 -68.58 94.62
C LEU A 2014 31.27 -69.60 95.33
N GLN A 2015 30.78 -70.19 96.43
CA GLN A 2015 31.55 -71.22 97.12
C GLN A 2015 31.64 -72.48 96.30
N SER A 2016 30.51 -73.00 95.85
CA SER A 2016 30.48 -74.19 94.99
C SER A 2016 30.73 -73.75 93.55
N LEU A 2017 32.00 -73.50 93.23
CA LEU A 2017 32.38 -73.10 91.88
C LEU A 2017 33.59 -73.93 91.47
N SER A 2018 33.36 -74.87 90.54
CA SER A 2018 34.45 -75.67 90.01
C SER A 2018 35.33 -74.84 89.09
N ASP A 2019 34.75 -74.35 87.99
CA ASP A 2019 35.45 -73.54 87.00
C ASP A 2019 34.40 -72.85 86.12
N ILE A 2020 34.86 -72.19 85.07
CA ILE A 2020 34.02 -71.48 84.12
C ILE A 2020 34.38 -71.98 82.73
N ILE A 2021 33.38 -72.44 81.98
CA ILE A 2021 33.63 -73.26 80.79
C ILE A 2021 33.99 -72.43 79.57
N LEU A 2022 33.26 -71.33 79.32
CA LEU A 2022 33.54 -70.35 78.26
C LEU A 2022 33.58 -70.98 76.87
N HIS A 2023 32.40 -71.44 76.42
CA HIS A 2023 32.26 -71.97 75.07
C HIS A 2023 32.49 -70.88 74.03
N ILE A 2024 33.59 -70.97 73.29
CA ILE A 2024 33.98 -69.95 72.33
C ILE A 2024 33.68 -70.47 70.94
N ARG A 2025 32.94 -69.69 70.16
CA ARG A 2025 32.63 -70.00 68.77
C ARG A 2025 33.24 -68.89 67.92
N TYR A 2026 34.25 -69.22 67.14
CA TYR A 2026 34.89 -68.25 66.28
C TYR A 2026 34.85 -68.72 64.83
N THR A 2027 35.17 -67.81 63.92
CA THR A 2027 35.05 -68.03 62.50
C THR A 2027 36.42 -67.89 61.84
N ILE A 2028 36.86 -68.94 61.17
CA ILE A 2028 38.06 -68.89 60.34
C ILE A 2028 37.63 -68.56 58.92
N ARG A 2029 38.23 -67.52 58.34
CA ARG A 2029 37.87 -67.12 56.99
C ARG A 2029 39.09 -66.54 56.30
N SER A 2030 39.12 -66.69 54.98
CA SER A 2030 40.23 -66.21 54.18
C SER A 2030 40.16 -64.70 54.00
N ALA B 58 -52.24 60.79 -13.55
CA ALA B 58 -50.93 60.15 -13.57
C ALA B 58 -49.78 60.91 -12.86
N PRO B 59 -49.68 62.25 -12.94
CA PRO B 59 -48.78 62.94 -12.01
C PRO B 59 -49.28 62.96 -10.57
N LYS B 60 -50.58 62.75 -10.35
CA LYS B 60 -51.11 62.66 -8.99
C LYS B 60 -50.66 61.40 -8.28
N ILE B 61 -50.24 60.37 -9.02
CA ILE B 61 -49.56 59.23 -8.40
C ILE B 61 -48.10 59.59 -8.15
N LEU B 62 -47.52 60.43 -9.02
CA LEU B 62 -46.10 60.76 -8.93
C LEU B 62 -45.80 61.70 -7.77
N GLN B 63 -46.78 62.52 -7.36
CA GLN B 63 -46.56 63.50 -6.30
C GLN B 63 -46.30 62.89 -4.90
N PRO B 64 -47.02 61.84 -4.44
CA PRO B 64 -46.54 61.19 -3.20
C PRO B 64 -45.23 60.47 -3.38
N GLU B 65 -44.95 59.96 -4.58
CA GLU B 65 -43.63 59.42 -4.86
C GLU B 65 -42.56 60.50 -4.91
N ALA B 66 -42.95 61.75 -5.18
CA ALA B 66 -42.02 62.86 -5.25
C ALA B 66 -41.74 63.50 -3.89
N ARG B 67 -42.73 63.53 -3.00
CA ARG B 67 -42.56 64.27 -1.76
C ARG B 67 -41.78 63.47 -0.71
N THR B 68 -41.99 62.17 -0.63
CA THR B 68 -41.40 61.40 0.46
C THR B 68 -39.95 61.04 0.20
N ASP B 69 -39.71 60.18 -0.79
CA ASP B 69 -38.44 59.69 -1.35
C ASP B 69 -37.63 58.81 -0.42
N LEU B 70 -37.94 58.84 0.88
CA LEU B 70 -37.23 58.20 1.99
C LEU B 70 -37.95 58.60 3.26
N SER B 71 -37.53 58.07 4.41
CA SER B 71 -38.03 58.58 5.68
C SER B 71 -36.94 58.70 6.74
N LEU B 72 -35.67 58.61 6.34
CA LEU B 72 -34.57 59.08 7.16
C LEU B 72 -34.46 60.57 6.90
N ALA B 73 -34.12 61.35 7.93
CA ALA B 73 -34.22 62.80 7.83
C ALA B 73 -33.17 63.37 6.89
N GLU B 74 -31.89 63.25 7.26
CA GLU B 74 -30.69 63.56 6.46
C GLU B 74 -30.52 65.06 6.16
N GLY B 75 -31.52 65.88 6.51
CA GLY B 75 -31.41 67.31 6.34
C GLY B 75 -31.50 67.81 4.93
N ILE B 76 -30.51 67.47 4.10
CA ILE B 76 -30.27 68.17 2.85
C ILE B 76 -31.25 67.69 1.76
N PRO B 77 -31.56 66.36 1.60
CA PRO B 77 -32.75 66.03 0.82
C PRO B 77 -34.01 66.13 1.66
N GLU B 78 -35.17 66.21 1.02
CA GLU B 78 -36.45 66.36 1.70
C GLU B 78 -37.07 65.00 1.92
N ARG B 79 -37.53 64.75 3.15
CA ARG B 79 -38.09 63.46 3.52
C ARG B 79 -39.45 63.64 4.19
N ALA B 80 -40.31 62.64 4.00
CA ALA B 80 -41.57 62.55 4.73
C ALA B 80 -41.60 61.23 5.49
N ASN B 81 -42.41 61.19 6.55
CA ASN B 81 -42.36 60.13 7.54
C ASN B 81 -43.10 58.87 7.04
N GLU B 82 -43.34 57.95 7.99
CA GLU B 82 -44.26 56.81 7.86
C GLU B 82 -43.80 55.85 6.76
N TYR B 83 -42.63 55.26 7.00
CA TYR B 83 -42.03 54.27 6.13
C TYR B 83 -42.51 52.87 6.50
N ALA B 84 -41.82 51.85 5.99
CA ALA B 84 -42.05 50.47 6.40
C ALA B 84 -40.74 49.71 6.26
N ASP B 85 -40.68 48.57 6.94
CA ASP B 85 -39.55 47.67 6.78
C ASP B 85 -39.63 47.01 5.41
N PRO B 86 -38.59 47.11 4.58
CA PRO B 86 -38.56 46.30 3.36
C PRO B 86 -38.38 44.82 3.69
N ALA B 87 -38.73 44.00 2.70
CA ALA B 87 -38.91 42.54 2.83
C ALA B 87 -39.88 42.21 3.96
N SER B 88 -41.06 42.80 3.87
CA SER B 88 -42.17 42.48 4.75
C SER B 88 -43.46 42.76 4.01
N ILE B 89 -44.55 42.15 4.48
CA ILE B 89 -45.87 42.32 3.86
C ILE B 89 -46.34 43.76 4.01
N GLN B 90 -45.96 44.41 5.11
CA GLN B 90 -46.35 45.79 5.38
C GLN B 90 -45.65 46.81 4.47
N SER B 91 -44.66 46.38 3.67
CA SER B 91 -44.07 47.22 2.66
C SER B 91 -45.03 47.41 1.49
N LEU B 92 -44.63 48.27 0.54
CA LEU B 92 -45.48 48.61 -0.59
C LEU B 92 -45.10 47.86 -1.86
N PHE B 93 -43.89 47.29 -1.92
CA PHE B 93 -43.47 46.50 -3.07
C PHE B 93 -43.41 45.02 -2.74
N SER B 94 -44.24 44.57 -1.80
CA SER B 94 -44.20 43.22 -1.27
C SER B 94 -44.93 42.26 -2.19
N PRO B 95 -44.77 40.95 -1.98
CA PRO B 95 -45.73 40.01 -2.58
C PRO B 95 -47.13 40.15 -2.00
N GLY B 96 -47.29 40.70 -0.81
CA GLY B 96 -48.62 40.94 -0.28
C GLY B 96 -49.36 42.03 -1.03
N ARG B 97 -48.67 43.12 -1.38
CA ARG B 97 -49.28 44.18 -2.15
C ARG B 97 -49.57 43.73 -3.58
N TYR B 98 -48.67 42.94 -4.16
CA TYR B 98 -48.90 42.39 -5.49
C TYR B 98 -50.07 41.42 -5.48
N LEU B 99 -50.21 40.63 -4.41
CA LEU B 99 -51.35 39.73 -4.29
C LEU B 99 -52.64 40.49 -4.09
N CYS B 100 -52.61 41.58 -3.33
CA CYS B 100 -53.79 42.41 -3.13
C CYS B 100 -54.24 43.07 -4.42
N GLU B 101 -53.30 43.61 -5.19
CA GLU B 101 -53.62 44.23 -6.47
C GLU B 101 -54.14 43.20 -7.47
N LEU B 102 -53.51 42.02 -7.48
CA LEU B 102 -53.91 40.98 -8.42
C LEU B 102 -55.28 40.41 -8.06
N TYR B 103 -55.59 40.34 -6.76
CA TYR B 103 -56.90 39.84 -6.34
C TYR B 103 -58.00 40.85 -6.62
N HIS B 104 -57.76 42.13 -6.36
CA HIS B 104 -58.80 43.11 -6.63
C HIS B 104 -58.97 43.41 -8.10
N VAL B 105 -57.96 43.10 -8.94
CA VAL B 105 -58.21 43.03 -10.37
C VAL B 105 -59.02 41.78 -10.71
N ALA B 106 -58.67 40.65 -10.10
CA ALA B 106 -59.15 39.36 -10.57
C ALA B 106 -60.60 39.10 -10.17
N LYS B 107 -61.09 39.70 -9.09
CA LYS B 107 -62.47 39.47 -8.70
C LYS B 107 -63.45 40.41 -9.39
N GLU B 108 -63.00 41.13 -10.42
CA GLU B 108 -63.87 42.05 -11.16
C GLU B 108 -64.06 41.60 -12.62
N LEU B 109 -63.67 40.37 -12.95
CA LEU B 109 -63.71 39.89 -14.32
C LEU B 109 -64.88 38.99 -14.64
N HIS B 110 -65.56 38.46 -13.62
CA HIS B 110 -66.80 37.73 -13.81
C HIS B 110 -67.87 38.36 -12.95
N GLU B 111 -69.12 38.04 -13.27
CA GLU B 111 -70.23 38.39 -12.39
C GLU B 111 -70.14 37.54 -11.13
N ASP B 112 -70.57 38.12 -9.99
CA ASP B 112 -70.50 37.43 -8.71
C ASP B 112 -71.40 36.20 -8.64
N GLY B 113 -72.47 36.15 -9.44
CA GLY B 113 -73.32 34.98 -9.45
C GLY B 113 -72.82 33.81 -10.28
N ASN B 114 -71.76 34.00 -11.06
CA ASN B 114 -71.24 32.94 -11.90
C ASN B 114 -70.57 31.85 -11.08
N LYS B 115 -70.43 30.68 -11.69
CA LYS B 115 -69.66 29.58 -11.13
C LYS B 115 -68.17 29.72 -11.41
N LEU B 116 -67.78 30.66 -12.26
CA LEU B 116 -66.38 30.88 -12.62
C LEU B 116 -65.73 31.97 -11.77
N HIS B 117 -66.50 32.63 -10.91
CA HIS B 117 -65.96 33.63 -10.00
C HIS B 117 -65.05 32.96 -8.99
N ILE B 118 -64.07 33.73 -8.50
CA ILE B 118 -63.04 33.16 -7.63
C ILE B 118 -63.62 32.75 -6.29
N ASP B 119 -64.44 33.62 -5.70
CA ASP B 119 -65.05 33.31 -4.41
C ASP B 119 -66.09 32.20 -4.51
N LYS B 120 -66.55 31.88 -5.72
CA LYS B 120 -67.41 30.73 -5.93
C LYS B 120 -66.61 29.46 -6.23
N ARG B 121 -65.47 29.57 -6.91
CA ARG B 121 -64.65 28.39 -7.16
C ARG B 121 -63.66 28.09 -6.05
N ARG B 122 -63.15 29.12 -5.36
CA ARG B 122 -62.25 28.93 -4.23
C ARG B 122 -62.58 29.95 -3.15
N PRO B 123 -63.36 29.56 -2.13
CA PRO B 123 -63.58 30.45 -0.99
C PRO B 123 -62.37 30.61 -0.08
N ASP B 124 -61.29 29.87 -0.32
CA ASP B 124 -60.11 29.96 0.54
C ASP B 124 -59.36 31.27 0.34
N LEU B 125 -59.28 31.76 -0.90
CA LEU B 125 -58.50 32.97 -1.19
C LEU B 125 -59.13 34.23 -0.62
N GLN B 126 -60.43 34.21 -0.31
CA GLN B 126 -61.06 35.37 0.28
C GLN B 126 -60.62 35.58 1.72
N ASP B 127 -60.24 34.51 2.41
CA ASP B 127 -59.93 34.56 3.83
C ASP B 127 -58.45 34.31 4.10
N LEU B 128 -57.59 34.59 3.13
CA LEU B 128 -56.16 34.44 3.31
C LEU B 128 -55.62 35.61 4.12
N VAL B 129 -54.87 35.32 5.17
CA VAL B 129 -54.35 36.36 6.07
C VAL B 129 -53.03 36.90 5.50
N LEU B 130 -53.02 38.19 5.20
CA LEU B 130 -51.79 38.85 4.78
C LEU B 130 -50.88 39.03 5.99
N ASN B 131 -49.97 38.09 6.19
CA ASN B 131 -49.09 38.07 7.35
C ASN B 131 -47.69 37.72 6.87
N ASN B 132 -46.68 38.20 7.58
CA ASN B 132 -45.31 37.86 7.23
C ASN B 132 -44.98 36.40 7.52
N SER B 133 -45.73 35.77 8.44
CA SER B 133 -45.65 34.33 8.60
C SER B 133 -46.17 33.62 7.37
N ASN B 134 -47.24 34.12 6.77
CA ASN B 134 -47.71 33.57 5.51
C ASN B 134 -46.79 33.89 4.34
N MET B 135 -45.91 34.88 4.50
CA MET B 135 -44.94 35.22 3.46
C MET B 135 -43.73 34.29 3.51
N ASN B 136 -43.15 34.10 4.69
CA ASN B 136 -41.81 33.54 4.77
C ASN B 136 -41.75 32.07 5.20
N GLN B 137 -42.84 31.49 5.70
CA GLN B 137 -42.82 30.10 6.15
C GLN B 137 -42.83 29.17 4.95
N GLU B 138 -41.93 28.19 4.95
CA GLU B 138 -41.83 27.21 3.87
C GLU B 138 -42.84 26.10 4.11
N VAL B 139 -44.09 26.39 3.82
CA VAL B 139 -45.14 25.39 3.84
C VAL B 139 -44.99 24.52 2.59
N SER B 140 -45.13 23.21 2.75
CA SER B 140 -45.02 22.34 1.60
C SER B 140 -46.30 22.39 0.77
N SER B 141 -46.16 22.17 -0.53
CA SER B 141 -47.30 21.87 -1.38
C SER B 141 -47.76 20.45 -1.11
N LEU B 142 -48.91 20.09 -1.73
CA LEU B 142 -49.70 18.87 -1.50
C LEU B 142 -50.38 18.88 -0.12
N GLU B 143 -50.15 19.92 0.68
CA GLU B 143 -50.97 20.16 1.85
C GLU B 143 -52.09 21.14 1.54
N ILE B 144 -51.77 22.17 0.76
CA ILE B 144 -52.76 23.17 0.36
C ILE B 144 -53.79 22.56 -0.58
N LEU B 145 -53.33 21.70 -1.49
CA LEU B 145 -54.23 21.00 -2.41
C LEU B 145 -55.21 20.10 -1.66
N LEU B 146 -54.70 19.35 -0.68
CA LEU B 146 -55.58 18.48 0.10
C LEU B 146 -56.53 19.29 0.97
N ASN B 147 -56.10 20.44 1.48
CA ASN B 147 -56.99 21.27 2.27
C ASN B 147 -58.11 21.86 1.42
N VAL B 148 -57.80 22.29 0.20
CA VAL B 148 -58.83 22.83 -0.68
C VAL B 148 -59.77 21.73 -1.16
N LEU B 149 -59.26 20.53 -1.42
CA LEU B 149 -60.12 19.44 -1.84
C LEU B 149 -61.00 18.92 -0.69
N GLN B 150 -60.47 18.92 0.54
CA GLN B 150 -61.26 18.53 1.69
C GLN B 150 -62.19 19.63 2.19
N THR B 151 -62.03 20.85 1.69
CA THR B 151 -63.00 21.90 2.01
C THR B 151 -64.38 21.57 1.44
N LYS B 152 -64.43 21.07 0.20
CA LYS B 152 -65.72 20.73 -0.40
C LYS B 152 -66.26 19.41 0.12
N THR B 153 -65.54 18.32 -0.12
CA THR B 153 -65.96 17.00 0.32
C THR B 153 -64.95 16.47 1.32
N PRO B 154 -65.38 16.05 2.52
CA PRO B 154 -64.42 15.58 3.53
C PRO B 154 -63.85 14.22 3.18
N LEU B 155 -62.88 13.80 3.99
CA LEU B 155 -62.15 12.57 3.72
C LEU B 155 -62.96 11.33 4.07
N ASP B 156 -63.87 11.43 5.05
CA ASP B 156 -64.68 10.29 5.45
C ASP B 156 -65.73 9.91 4.41
N GLU B 157 -66.04 10.83 3.49
CA GLU B 157 -66.94 10.53 2.38
C GLU B 157 -66.34 9.49 1.45
N LEU B 158 -65.00 9.45 1.33
CA LEU B 158 -64.36 8.45 0.49
C LEU B 158 -64.47 7.05 1.08
N THR B 159 -64.36 6.94 2.41
CA THR B 159 -64.50 5.65 3.05
C THR B 159 -65.95 5.17 3.02
N LYS B 160 -66.89 6.11 3.16
CA LYS B 160 -68.31 5.80 3.14
C LYS B 160 -68.84 5.64 1.72
N ASP B 161 -68.02 5.88 0.71
CA ASP B 161 -68.47 6.00 -0.68
C ASP B 161 -68.91 4.65 -1.25
N THR B 162 -69.84 4.70 -2.21
CA THR B 162 -70.33 3.53 -2.92
C THR B 162 -69.38 3.19 -4.06
N GLU B 163 -69.82 2.31 -4.96
CA GLU B 163 -69.00 1.67 -5.96
C GLU B 163 -69.39 2.12 -7.36
N ALA B 164 -68.68 1.58 -8.36
CA ALA B 164 -69.03 1.60 -9.78
C ALA B 164 -69.17 3.03 -10.32
N HIS B 165 -68.03 3.73 -10.33
CA HIS B 165 -68.02 5.14 -10.68
C HIS B 165 -67.77 5.31 -12.19
N ALA B 166 -67.71 6.56 -12.64
CA ALA B 166 -67.86 6.88 -14.06
C ALA B 166 -66.56 6.77 -14.84
N ASN B 167 -65.95 5.59 -14.80
CA ASN B 167 -64.87 5.16 -15.69
C ASN B 167 -63.63 6.07 -15.58
N ASP B 168 -63.07 6.10 -14.38
CA ASP B 168 -61.88 6.90 -14.13
C ASP B 168 -60.61 6.09 -14.37
N SER B 169 -59.53 6.81 -14.64
CA SER B 169 -58.23 6.16 -14.80
C SER B 169 -57.69 5.75 -13.44
N SER B 170 -56.91 4.66 -13.44
CA SER B 170 -56.14 4.10 -12.33
C SER B 170 -56.99 3.52 -11.20
N PHE B 171 -58.31 3.67 -11.27
CA PHE B 171 -59.31 2.95 -10.45
C PHE B 171 -59.10 3.13 -8.95
N THR B 172 -58.69 4.30 -8.53
CA THR B 172 -58.42 4.54 -7.12
C THR B 172 -59.65 4.95 -6.33
N LEU B 173 -60.80 5.12 -6.99
CA LEU B 173 -61.92 5.81 -6.36
C LEU B 173 -62.69 4.94 -5.35
N PRO B 174 -62.93 3.60 -5.56
CA PRO B 174 -63.46 2.82 -4.42
C PRO B 174 -62.39 2.65 -3.36
N TYR B 175 -62.26 3.68 -2.52
CA TYR B 175 -61.06 3.94 -1.74
C TYR B 175 -61.33 3.71 -0.26
N ASP B 176 -60.34 3.12 0.40
CA ASP B 176 -60.34 2.99 1.86
C ASP B 176 -59.03 3.57 2.36
N ASP B 177 -59.12 4.59 3.21
CA ASP B 177 -57.92 5.21 3.75
C ASP B 177 -57.20 4.29 4.72
N ASN B 178 -57.96 3.43 5.40
CA ASN B 178 -57.41 2.64 6.49
C ASN B 178 -56.43 1.58 5.97
N LEU B 179 -56.80 0.88 4.88
CA LEU B 179 -55.89 -0.09 4.29
C LEU B 179 -54.65 0.57 3.71
N THR B 180 -54.79 1.80 3.19
CA THR B 180 -53.64 2.53 2.68
C THR B 180 -52.70 2.94 3.79
N VAL B 181 -53.25 3.37 4.94
CA VAL B 181 -52.42 3.73 6.08
C VAL B 181 -51.68 2.50 6.62
N ILE B 182 -52.40 1.37 6.74
CA ILE B 182 -51.77 0.13 7.22
C ILE B 182 -50.68 -0.34 6.28
N ASN B 183 -50.93 -0.28 4.97
CA ASN B 183 -49.94 -0.71 3.98
C ASN B 183 -48.72 0.20 3.97
N ALA B 184 -48.92 1.52 4.07
CA ALA B 184 -47.78 2.43 4.03
C ALA B 184 -46.97 2.38 5.33
N ILE B 185 -47.62 2.16 6.47
CA ILE B 185 -46.90 1.93 7.72
C ILE B 185 -46.11 0.63 7.64
N LEU B 186 -46.67 -0.38 6.98
CA LEU B 186 -45.95 -1.64 6.84
C LEU B 186 -44.90 -1.63 5.72
N GLU B 187 -44.87 -0.60 4.88
CA GLU B 187 -43.83 -0.49 3.85
C GLU B 187 -42.44 -0.38 4.47
N ASP B 188 -42.19 0.69 5.23
CA ASP B 188 -40.84 0.99 5.70
C ASP B 188 -40.38 0.06 6.81
N LYS B 189 -41.31 -0.62 7.49
CA LYS B 189 -40.95 -1.52 8.58
C LYS B 189 -40.50 -2.89 8.09
N ALA B 190 -40.49 -3.11 6.78
CA ALA B 190 -40.11 -4.38 6.13
C ALA B 190 -40.94 -5.55 6.64
N ILE B 191 -42.27 -5.34 6.65
CA ILE B 191 -43.23 -6.36 7.05
C ILE B 191 -44.37 -6.29 6.04
N SER B 192 -44.59 -7.37 5.29
CA SER B 192 -45.78 -7.42 4.49
C SER B 192 -46.92 -8.04 5.31
N LEU B 193 -48.14 -7.97 4.77
CA LEU B 193 -49.24 -8.71 5.39
C LEU B 193 -49.03 -10.20 5.27
N ARG B 194 -48.34 -10.65 4.21
CA ARG B 194 -47.99 -12.06 4.12
C ARG B 194 -46.90 -12.41 5.12
N GLU B 195 -45.93 -11.51 5.32
CA GLU B 195 -44.87 -11.78 6.29
C GLU B 195 -45.39 -11.73 7.72
N ILE B 196 -46.41 -10.89 7.98
CA ILE B 196 -47.04 -10.90 9.29
C ILE B 196 -48.05 -12.03 9.42
N ALA B 197 -48.41 -12.69 8.31
CA ALA B 197 -49.28 -13.85 8.37
C ALA B 197 -48.51 -15.16 8.48
N VAL B 198 -47.25 -15.20 8.03
CA VAL B 198 -46.44 -16.41 8.16
C VAL B 198 -46.03 -16.62 9.62
N LEU B 199 -45.56 -15.55 10.26
CA LEU B 199 -45.11 -15.65 11.65
C LEU B 199 -46.25 -15.92 12.63
N LEU B 200 -47.47 -15.53 12.29
CA LEU B 200 -48.60 -15.65 13.20
C LEU B 200 -49.56 -16.77 12.79
N THR B 201 -49.02 -17.82 12.19
CA THR B 201 -49.81 -18.98 11.77
C THR B 201 -49.38 -20.19 12.57
N GLU B 202 -50.31 -20.75 13.35
CA GLU B 202 -50.03 -21.95 14.11
C GLU B 202 -49.97 -23.18 13.22
N GLU B 203 -50.51 -23.10 12.02
CA GLU B 203 -50.66 -24.22 11.11
C GLU B 203 -49.44 -24.31 10.19
N SER B 204 -49.57 -25.08 9.10
CA SER B 204 -48.58 -25.17 8.03
C SER B 204 -48.68 -23.97 7.09
N ASP B 205 -48.13 -24.10 5.89
CA ASP B 205 -48.25 -23.09 4.85
C ASP B 205 -49.70 -22.71 4.59
N PHE B 206 -49.92 -21.41 4.43
CA PHE B 206 -51.25 -20.82 4.63
C PHE B 206 -52.19 -21.12 3.47
N SER B 207 -53.46 -21.31 3.82
CA SER B 207 -54.51 -21.23 2.82
C SER B 207 -54.65 -19.78 2.35
N PRO B 208 -55.01 -19.56 1.08
CA PRO B 208 -55.02 -18.19 0.55
C PRO B 208 -56.19 -17.35 1.07
N THR B 209 -56.00 -16.76 2.25
CA THR B 209 -57.04 -15.92 2.83
C THR B 209 -57.23 -14.64 2.01
N PRO B 210 -58.46 -14.14 1.88
CA PRO B 210 -58.72 -13.00 1.00
C PRO B 210 -58.30 -11.65 1.56
N ALA B 211 -57.59 -11.59 2.69
CA ALA B 211 -56.91 -10.36 3.06
C ALA B 211 -55.48 -10.33 2.55
N LEU B 212 -54.96 -11.46 2.08
CA LEU B 212 -53.64 -11.51 1.48
C LEU B 212 -53.67 -11.29 -0.03
N VAL B 213 -54.82 -11.50 -0.67
CA VAL B 213 -54.95 -11.13 -2.07
C VAL B 213 -54.98 -9.61 -2.21
N GLN B 214 -55.51 -8.90 -1.21
CA GLN B 214 -55.66 -7.46 -1.30
C GLN B 214 -54.35 -6.71 -1.12
N GLU B 215 -53.32 -7.37 -0.59
CA GLU B 215 -52.04 -6.71 -0.34
C GLU B 215 -51.12 -6.79 -1.55
N GLN B 216 -50.98 -7.99 -2.14
CA GLN B 216 -50.09 -8.12 -3.28
C GLN B 216 -50.76 -7.60 -4.55
N LEU B 217 -51.89 -8.20 -4.92
CA LEU B 217 -52.77 -7.62 -5.91
C LEU B 217 -53.40 -6.37 -5.31
N GLY B 218 -52.98 -5.18 -5.79
CA GLY B 218 -53.40 -3.92 -5.22
C GLY B 218 -54.90 -3.69 -5.30
N LEU B 219 -55.56 -3.76 -4.16
CA LEU B 219 -57.01 -3.95 -4.16
C LEU B 219 -57.56 -3.63 -2.77
N ASN B 220 -58.69 -2.95 -2.73
CA ASN B 220 -59.37 -2.54 -1.51
C ASN B 220 -60.36 -3.61 -1.07
N PRO B 221 -60.78 -3.63 0.20
CA PRO B 221 -61.88 -4.51 0.60
C PRO B 221 -63.24 -4.06 0.09
N ALA B 222 -63.36 -2.84 -0.43
CA ALA B 222 -64.56 -2.42 -1.14
C ALA B 222 -64.48 -2.75 -2.61
N SER B 223 -63.29 -2.78 -3.19
CA SER B 223 -63.13 -3.25 -4.56
C SER B 223 -63.24 -4.77 -4.63
N TYR B 224 -62.96 -5.46 -3.53
CA TYR B 224 -63.05 -6.91 -3.51
C TYR B 224 -64.50 -7.38 -3.52
N ALA B 225 -65.43 -6.53 -3.07
CA ALA B 225 -66.83 -6.88 -2.98
C ALA B 225 -67.61 -6.56 -4.25
N LEU B 226 -66.93 -6.25 -5.35
CA LEU B 226 -67.61 -5.93 -6.60
C LEU B 226 -67.07 -6.69 -7.81
N ILE B 227 -65.88 -7.25 -7.75
CA ILE B 227 -65.18 -7.73 -8.93
C ILE B 227 -65.46 -9.22 -9.14
N ASP B 228 -66.66 -9.64 -8.72
CA ASP B 228 -67.25 -10.94 -9.05
C ASP B 228 -67.05 -11.32 -10.52
N ILE B 229 -66.80 -12.60 -10.74
CA ILE B 229 -66.16 -13.08 -11.95
C ILE B 229 -67.08 -13.99 -12.75
N LYS B 230 -66.80 -14.07 -14.05
CA LYS B 230 -67.33 -15.07 -14.96
C LYS B 230 -66.17 -15.56 -15.81
N SER B 231 -66.45 -16.31 -16.87
CA SER B 231 -65.33 -16.79 -17.67
C SER B 231 -64.79 -15.72 -18.63
N PRO B 232 -65.63 -14.87 -19.28
CA PRO B 232 -65.17 -13.50 -19.53
C PRO B 232 -65.69 -12.57 -18.45
N LEU B 233 -64.91 -11.60 -18.00
CA LEU B 233 -65.38 -10.81 -16.85
C LEU B 233 -66.37 -9.73 -17.29
N ASP B 234 -65.85 -8.73 -18.00
CA ASP B 234 -66.51 -7.51 -18.42
C ASP B 234 -65.44 -6.72 -19.17
N GLU B 235 -65.82 -5.59 -19.74
CA GLU B 235 -64.85 -4.59 -20.13
C GLU B 235 -64.63 -3.55 -19.03
N SER B 236 -65.04 -3.85 -17.80
CA SER B 236 -64.82 -2.99 -16.64
C SER B 236 -63.96 -3.64 -15.57
N TYR B 237 -64.32 -4.86 -15.14
CA TYR B 237 -63.56 -5.51 -14.08
C TYR B 237 -62.22 -6.02 -14.59
N ALA B 238 -62.16 -6.39 -15.87
CA ALA B 238 -60.89 -6.74 -16.49
C ALA B 238 -59.93 -5.57 -16.49
N LYS B 239 -60.44 -4.35 -16.68
CA LYS B 239 -59.60 -3.16 -16.60
C LYS B 239 -59.11 -2.93 -15.17
N ARG B 240 -59.96 -3.20 -14.16
CA ARG B 240 -59.54 -3.05 -12.78
C ARG B 240 -58.45 -4.03 -12.41
N LEU B 241 -58.60 -5.30 -12.80
CA LEU B 241 -57.56 -6.28 -12.49
C LEU B 241 -56.32 -6.09 -13.34
N ALA B 242 -56.48 -5.52 -14.55
CA ALA B 242 -55.34 -5.27 -15.40
C ALA B 242 -54.57 -4.02 -15.00
N HIS B 243 -55.20 -3.12 -14.25
CA HIS B 243 -54.45 -2.06 -13.59
C HIS B 243 -53.88 -2.51 -12.25
N ALA B 244 -54.57 -3.42 -11.57
CA ALA B 244 -54.04 -3.96 -10.31
C ALA B 244 -52.81 -4.82 -10.58
N THR B 245 -52.87 -5.66 -11.60
CA THR B 245 -51.66 -6.27 -12.15
C THR B 245 -50.96 -5.26 -13.07
N GLN B 246 -49.77 -5.62 -13.52
CA GLN B 246 -49.08 -4.82 -14.52
C GLN B 246 -49.28 -5.44 -15.91
N LEU B 247 -50.54 -5.64 -16.29
CA LEU B 247 -50.86 -6.41 -17.47
C LEU B 247 -51.84 -5.64 -18.36
N SER B 248 -52.18 -6.24 -19.49
CA SER B 248 -53.19 -5.70 -20.40
C SER B 248 -54.51 -6.43 -20.13
N VAL B 249 -55.49 -6.19 -21.00
CA VAL B 249 -56.81 -6.78 -20.80
C VAL B 249 -56.91 -8.17 -21.39
N GLU B 250 -56.27 -8.40 -22.55
CA GLU B 250 -56.38 -9.67 -23.24
C GLU B 250 -55.67 -10.78 -22.48
N GLN B 251 -54.46 -10.50 -21.98
CA GLN B 251 -53.70 -11.49 -21.22
C GLN B 251 -54.39 -11.85 -19.91
N LEU B 252 -55.07 -10.89 -19.31
CA LEU B 252 -55.79 -11.19 -18.09
C LEU B 252 -57.10 -11.92 -18.38
N GLN B 253 -57.68 -11.72 -19.55
CA GLN B 253 -58.78 -12.59 -19.97
C GLN B 253 -58.31 -14.01 -20.25
N TRP B 254 -57.07 -14.17 -20.75
CA TRP B 254 -56.48 -15.51 -20.84
C TRP B 254 -56.31 -16.14 -19.45
N LEU B 255 -55.83 -15.35 -18.48
CA LEU B 255 -55.68 -15.84 -17.12
C LEU B 255 -57.01 -16.27 -16.52
N ASN B 256 -58.08 -15.51 -16.75
CA ASN B 256 -59.37 -15.87 -16.17
C ASN B 256 -60.03 -17.02 -16.93
N LYS B 257 -59.76 -17.13 -18.23
CA LYS B 257 -60.25 -18.29 -18.97
C LYS B 257 -59.55 -19.57 -18.53
N ASN B 258 -58.28 -19.44 -18.14
CA ASN B 258 -57.50 -20.62 -17.77
C ASN B 258 -57.75 -21.04 -16.33
N ALA B 259 -57.61 -20.11 -15.37
CA ALA B 259 -57.60 -20.46 -13.96
C ALA B 259 -58.96 -20.97 -13.46
N ILE B 260 -60.05 -20.64 -14.14
CA ILE B 260 -61.34 -21.23 -13.80
C ILE B 260 -61.36 -22.72 -14.16
N GLU B 261 -60.66 -23.11 -15.24
CA GLU B 261 -60.64 -24.51 -15.64
C GLU B 261 -59.86 -25.37 -14.64
N ASN B 262 -58.74 -24.88 -14.14
CA ASN B 262 -57.97 -25.64 -13.15
C ASN B 262 -58.33 -25.19 -11.73
N SER B 263 -59.62 -25.29 -11.43
CA SER B 263 -60.15 -24.89 -10.14
C SER B 263 -60.96 -26.02 -9.54
N SER B 264 -61.73 -25.71 -8.48
CA SER B 264 -62.58 -26.72 -7.86
C SER B 264 -63.68 -27.18 -8.80
N ASN B 265 -64.52 -26.24 -9.25
CA ASN B 265 -65.61 -26.58 -10.17
C ASN B 265 -65.58 -25.67 -11.38
N LYS B 266 -66.00 -26.23 -12.52
CA LYS B 266 -65.98 -25.53 -13.80
C LYS B 266 -67.05 -24.46 -13.94
N ASN B 267 -68.10 -24.51 -13.12
CA ASN B 267 -69.24 -23.60 -13.23
C ASN B 267 -69.01 -22.29 -12.48
N ASP B 268 -67.75 -21.93 -12.24
CA ASP B 268 -67.24 -20.76 -11.53
C ASP B 268 -67.86 -20.54 -10.16
N PRO B 269 -67.52 -21.35 -9.15
CA PRO B 269 -67.60 -20.83 -7.77
C PRO B 269 -66.26 -20.23 -7.39
N ALA B 270 -66.14 -19.77 -6.14
CA ALA B 270 -64.86 -19.47 -5.48
C ALA B 270 -64.06 -18.39 -6.23
N LYS B 271 -64.62 -17.18 -6.17
CA LYS B 271 -63.91 -15.95 -6.53
C LYS B 271 -62.54 -15.84 -5.83
N LEU B 272 -62.50 -16.27 -4.58
CA LEU B 272 -61.28 -16.28 -3.76
C LEU B 272 -60.16 -17.06 -4.41
N GLU B 273 -60.47 -18.20 -5.03
CA GLU B 273 -59.44 -19.04 -5.64
C GLU B 273 -58.83 -18.39 -6.87
N ILE B 274 -59.67 -17.79 -7.73
CA ILE B 274 -59.18 -17.16 -8.95
C ILE B 274 -58.37 -15.92 -8.62
N LEU B 275 -58.84 -15.13 -7.65
CA LEU B 275 -58.05 -13.97 -7.25
C LEU B 275 -56.77 -14.38 -6.52
N ALA B 276 -56.77 -15.54 -5.86
CA ALA B 276 -55.54 -16.05 -5.26
C ALA B 276 -54.53 -16.48 -6.32
N VAL B 277 -55.02 -17.07 -7.41
CA VAL B 277 -54.14 -17.42 -8.53
C VAL B 277 -53.53 -16.16 -9.15
N ILE B 278 -54.33 -15.09 -9.27
CA ILE B 278 -53.81 -13.83 -9.81
C ILE B 278 -52.81 -13.19 -8.84
N SER B 279 -53.07 -13.27 -7.53
CA SER B 279 -52.19 -12.66 -6.54
C SER B 279 -50.85 -13.40 -6.46
N GLU B 280 -50.87 -14.72 -6.53
CA GLU B 280 -49.61 -15.45 -6.50
C GLU B 280 -49.03 -15.66 -7.89
N TYR B 281 -49.68 -15.13 -8.93
CA TYR B 281 -48.96 -14.70 -10.12
C TYR B 281 -48.16 -13.44 -9.87
N ARG B 282 -48.79 -12.46 -9.20
CA ARG B 282 -48.15 -11.18 -8.92
C ARG B 282 -46.91 -11.34 -8.04
N ARG B 283 -46.97 -12.26 -7.07
CA ARG B 283 -45.80 -12.55 -6.23
C ARG B 283 -44.64 -13.09 -7.05
N LEU B 284 -44.90 -14.07 -7.92
CA LEU B 284 -43.84 -14.69 -8.69
C LEU B 284 -43.31 -13.76 -9.78
N HIS B 285 -44.15 -12.87 -10.30
CA HIS B 285 -43.66 -11.87 -11.25
C HIS B 285 -42.94 -10.74 -10.55
N GLN B 286 -43.21 -10.51 -9.26
CA GLN B 286 -42.41 -9.52 -8.54
C GLN B 286 -41.04 -10.08 -8.19
N ARG B 287 -40.97 -11.37 -7.83
CA ARG B 287 -39.70 -11.95 -7.41
C ARG B 287 -38.91 -12.58 -8.56
N TYR B 288 -39.55 -12.85 -9.70
CA TYR B 288 -38.86 -13.43 -10.84
C TYR B 288 -39.37 -12.76 -12.11
N GLY B 289 -39.07 -13.38 -13.26
CA GLY B 289 -39.51 -12.84 -14.53
C GLY B 289 -40.62 -13.65 -15.15
N LEU B 290 -41.41 -14.31 -14.31
CA LEU B 290 -42.52 -15.15 -14.79
C LEU B 290 -43.63 -14.27 -15.34
N SER B 291 -43.72 -14.19 -16.66
CA SER B 291 -44.77 -13.43 -17.33
C SER B 291 -46.05 -14.26 -17.39
N VAL B 292 -46.99 -13.83 -18.24
CA VAL B 292 -48.33 -14.42 -18.22
C VAL B 292 -48.32 -15.83 -18.80
N ASP B 293 -47.65 -16.00 -19.94
CA ASP B 293 -47.68 -17.27 -20.67
C ASP B 293 -46.97 -18.43 -19.96
N PRO B 294 -45.76 -18.27 -19.37
CA PRO B 294 -45.22 -19.40 -18.59
C PRO B 294 -46.02 -19.71 -17.34
N PHE B 295 -46.64 -18.72 -16.72
CA PHE B 295 -47.47 -18.98 -15.54
C PHE B 295 -48.72 -19.77 -15.91
N ILE B 296 -49.37 -19.37 -17.01
CA ILE B 296 -50.50 -20.13 -17.56
C ILE B 296 -50.07 -21.55 -17.89
N ALA B 297 -48.92 -21.69 -18.58
CA ALA B 297 -48.42 -23.01 -18.96
C ALA B 297 -48.01 -23.86 -17.76
N ILE B 298 -47.70 -23.24 -16.62
CA ILE B 298 -47.57 -23.99 -15.39
C ILE B 298 -48.93 -24.49 -14.91
N ILE B 299 -49.94 -23.61 -14.90
CA ILE B 299 -51.23 -24.03 -14.34
C ILE B 299 -52.12 -24.72 -15.37
N ASN B 300 -52.18 -24.21 -16.60
CA ASN B 300 -53.12 -24.72 -17.60
C ASN B 300 -52.42 -24.82 -18.94
N ALA B 301 -53.22 -24.91 -20.01
CA ALA B 301 -52.73 -25.18 -21.35
C ALA B 301 -51.72 -24.16 -21.84
N VAL B 302 -50.70 -24.65 -22.55
CA VAL B 302 -49.73 -23.77 -23.17
C VAL B 302 -50.42 -23.02 -24.30
N ASN B 303 -50.14 -21.72 -24.42
CA ASN B 303 -50.85 -20.86 -25.35
C ASN B 303 -50.48 -21.21 -26.79
N THR B 304 -51.42 -21.78 -27.53
CA THR B 304 -51.20 -22.22 -28.89
C THR B 304 -51.81 -21.28 -29.93
N THR B 305 -52.52 -20.25 -29.51
CA THR B 305 -53.17 -19.34 -30.45
C THR B 305 -52.18 -18.31 -30.95
N HIS B 306 -51.93 -18.31 -32.26
CA HIS B 306 -51.11 -17.26 -32.85
C HIS B 306 -51.93 -15.97 -32.92
N THR B 307 -51.34 -14.89 -32.42
CA THR B 307 -52.08 -13.67 -32.12
C THR B 307 -51.41 -12.50 -32.84
N ASN B 308 -51.74 -11.29 -32.41
CA ASN B 308 -51.19 -10.04 -32.94
C ASN B 308 -49.81 -9.71 -32.38
N GLU B 309 -49.07 -10.72 -31.91
CA GLU B 309 -47.69 -10.61 -31.50
C GLU B 309 -46.76 -10.59 -32.71
N ASN B 310 -45.47 -10.83 -32.50
CA ASN B 310 -44.47 -10.77 -33.56
C ASN B 310 -44.72 -11.77 -34.68
N LYS B 311 -44.64 -13.05 -34.38
CA LYS B 311 -45.04 -14.01 -35.41
C LYS B 311 -45.96 -15.10 -34.90
N THR B 312 -45.72 -15.62 -33.70
CA THR B 312 -46.25 -16.92 -33.32
C THR B 312 -46.69 -16.90 -31.86
N SER B 313 -47.12 -18.07 -31.39
CA SER B 313 -47.65 -18.26 -30.05
C SER B 313 -46.52 -18.70 -29.12
N PHE B 314 -46.89 -18.89 -27.85
CA PHE B 314 -45.92 -19.32 -26.85
C PHE B 314 -45.54 -20.78 -27.03
N PHE B 315 -46.45 -21.58 -27.59
CA PHE B 315 -46.21 -23.01 -27.78
C PHE B 315 -45.13 -23.25 -28.82
N GLN B 316 -45.23 -22.60 -29.98
CA GLN B 316 -44.18 -22.71 -30.99
C GLN B 316 -42.93 -21.93 -30.60
N GLN B 317 -43.05 -20.97 -29.68
CA GLN B 317 -41.85 -20.30 -29.17
C GLN B 317 -41.04 -21.25 -28.29
N ILE B 318 -41.71 -22.06 -27.48
CA ILE B 318 -41.02 -22.96 -26.56
C ILE B 318 -40.75 -24.30 -27.24
N PHE B 319 -41.80 -25.00 -27.65
CA PHE B 319 -41.67 -26.26 -28.39
C PHE B 319 -41.62 -25.91 -29.88
N SER B 320 -40.43 -26.05 -30.48
CA SER B 320 -40.13 -25.41 -31.75
C SER B 320 -40.99 -25.94 -32.89
N THR B 321 -41.12 -27.26 -33.00
CA THR B 321 -41.99 -27.84 -34.03
C THR B 321 -42.58 -29.15 -33.51
N LEU B 322 -43.76 -29.07 -32.92
CA LEU B 322 -44.55 -30.23 -32.54
C LEU B 322 -45.99 -30.01 -32.97
N ASP B 323 -46.86 -30.95 -32.60
CA ASP B 323 -48.27 -30.88 -32.94
C ASP B 323 -49.10 -31.13 -31.68
N VAL B 324 -49.98 -30.17 -31.38
CA VAL B 324 -51.05 -30.42 -30.42
C VAL B 324 -51.96 -31.50 -30.97
N ASP B 325 -52.32 -32.46 -30.12
CA ASP B 325 -53.02 -33.70 -30.47
C ASP B 325 -52.22 -34.50 -31.50
N ALA B 326 -51.03 -34.93 -31.07
CA ALA B 326 -50.22 -35.88 -31.80
C ALA B 326 -49.94 -37.09 -30.92
N GLY B 327 -49.55 -38.18 -31.56
CA GLY B 327 -49.15 -39.35 -30.81
C GLY B 327 -47.73 -39.21 -30.26
N PHE B 328 -47.55 -39.69 -29.03
CA PHE B 328 -46.24 -39.58 -28.38
C PHE B 328 -45.96 -40.89 -27.64
N ASN B 329 -45.18 -41.76 -28.28
CA ASN B 329 -44.68 -42.97 -27.64
C ASN B 329 -43.42 -42.68 -26.83
N PHE B 330 -43.57 -41.81 -25.81
CA PHE B 330 -42.45 -41.51 -24.93
C PHE B 330 -42.23 -42.58 -23.87
N LEU B 331 -42.96 -43.69 -23.91
CA LEU B 331 -42.52 -44.88 -23.21
C LEU B 331 -41.19 -45.36 -23.78
N ASP B 332 -41.04 -45.31 -25.10
CA ASP B 332 -39.72 -45.59 -25.66
C ASP B 332 -38.94 -44.31 -25.96
N GLN B 333 -39.33 -43.61 -27.04
CA GLN B 333 -38.62 -42.44 -27.56
C GLN B 333 -39.31 -41.84 -28.78
N GLY B 334 -38.75 -40.77 -29.32
CA GLY B 334 -39.19 -40.26 -30.60
C GLY B 334 -38.28 -39.15 -31.07
N SER B 335 -38.71 -38.46 -32.13
CA SER B 335 -38.00 -37.28 -32.60
C SER B 335 -38.44 -36.02 -31.87
N TRP B 336 -39.57 -36.07 -31.16
CA TRP B 336 -39.99 -34.99 -30.28
C TRP B 336 -39.10 -34.89 -29.04
N GLU B 337 -38.44 -35.99 -28.68
CA GLU B 337 -37.69 -36.10 -27.45
C GLU B 337 -36.46 -35.20 -27.44
N VAL B 338 -35.98 -34.81 -28.62
CA VAL B 338 -34.94 -33.79 -28.72
C VAL B 338 -35.50 -32.43 -28.35
N ILE B 339 -36.68 -32.09 -28.88
CA ILE B 339 -37.22 -30.74 -28.75
C ILE B 339 -37.77 -30.49 -27.35
N ILE B 340 -38.31 -31.53 -26.70
CA ILE B 340 -38.80 -31.37 -25.33
C ILE B 340 -37.64 -31.13 -24.37
N ARG B 341 -36.50 -31.77 -24.62
CA ARG B 341 -35.32 -31.50 -23.82
C ARG B 341 -34.65 -30.18 -24.19
N LYS B 342 -34.83 -29.71 -25.43
CA LYS B 342 -34.45 -28.34 -25.77
C LYS B 342 -35.24 -27.35 -24.93
N ALA B 343 -36.55 -27.58 -24.82
CA ALA B 343 -37.42 -26.64 -24.14
C ALA B 343 -37.20 -26.68 -22.63
N LEU B 344 -37.42 -27.83 -22.02
CA LEU B 344 -37.51 -27.91 -20.57
C LEU B 344 -36.17 -28.08 -19.88
N GLY B 345 -35.16 -28.60 -20.57
CA GLY B 345 -33.86 -28.78 -19.99
C GLY B 345 -33.66 -30.05 -19.21
N ILE B 346 -34.39 -31.11 -19.56
CA ILE B 346 -34.40 -32.35 -18.79
C ILE B 346 -33.38 -33.31 -19.38
N THR B 347 -32.89 -34.23 -18.55
CA THR B 347 -32.11 -35.36 -19.03
C THR B 347 -33.07 -36.45 -19.52
N ALA B 348 -32.54 -37.64 -19.80
CA ALA B 348 -33.39 -38.71 -20.35
C ALA B 348 -34.18 -39.42 -19.27
N GLU B 349 -33.50 -39.91 -18.22
CA GLU B 349 -34.20 -40.67 -17.20
C GLU B 349 -35.06 -39.77 -16.31
N GLU B 350 -34.66 -38.51 -16.14
CA GLU B 350 -35.53 -37.57 -15.44
C GLU B 350 -36.78 -37.27 -16.26
N LEU B 351 -36.68 -37.28 -17.59
CA LEU B 351 -37.88 -37.15 -18.42
C LEU B 351 -38.74 -38.41 -18.32
N LEU B 352 -38.11 -39.58 -18.19
CA LEU B 352 -38.88 -40.80 -18.02
C LEU B 352 -39.59 -40.81 -16.66
N ARG B 353 -38.93 -40.34 -15.61
CA ARG B 353 -39.56 -40.26 -14.30
C ARG B 353 -40.64 -39.19 -14.26
N ILE B 354 -40.45 -38.12 -15.03
CA ILE B 354 -41.44 -37.04 -15.03
C ILE B 354 -42.63 -37.43 -15.91
N ALA B 355 -42.47 -38.44 -16.76
CA ALA B 355 -43.59 -39.05 -17.46
C ALA B 355 -44.20 -40.22 -16.70
N LYS B 356 -43.48 -40.80 -15.73
CA LYS B 356 -44.09 -41.78 -14.83
C LYS B 356 -45.19 -41.14 -13.99
N TYR B 357 -44.89 -39.99 -13.40
CA TYR B 357 -45.92 -39.13 -12.83
C TYR B 357 -46.64 -38.41 -13.97
N CYS B 358 -47.76 -37.77 -13.63
CA CYS B 358 -48.68 -37.00 -14.48
C CYS B 358 -49.34 -37.81 -15.60
N PHE B 359 -49.04 -39.12 -15.68
CA PHE B 359 -49.79 -40.04 -16.53
C PHE B 359 -50.06 -41.39 -15.88
N GLY B 360 -49.38 -41.72 -14.79
CA GLY B 360 -49.46 -43.04 -14.20
C GLY B 360 -48.59 -44.04 -14.93
N LYS B 361 -48.30 -45.15 -14.25
CA LYS B 361 -47.48 -46.21 -14.85
C LYS B 361 -48.33 -47.26 -15.54
N SER B 362 -49.29 -46.82 -16.33
CA SER B 362 -50.13 -47.72 -17.10
C SER B 362 -50.28 -47.31 -18.55
N SER B 363 -50.38 -46.01 -18.81
CA SER B 363 -50.66 -45.47 -20.13
C SER B 363 -49.55 -44.52 -20.58
N ILE B 364 -48.30 -44.94 -20.42
CA ILE B 364 -47.18 -44.10 -20.84
C ILE B 364 -47.01 -44.18 -22.36
N SER B 365 -47.48 -45.27 -22.98
CA SER B 365 -47.16 -45.54 -24.37
C SER B 365 -47.97 -44.67 -25.32
N ASN B 366 -49.29 -44.82 -25.33
CA ASN B 366 -50.15 -44.17 -26.32
C ASN B 366 -50.84 -42.99 -25.66
N VAL B 367 -50.23 -41.81 -25.79
CA VAL B 367 -50.78 -40.58 -25.23
C VAL B 367 -51.01 -39.58 -26.36
N LYS B 368 -52.22 -39.05 -26.45
CA LYS B 368 -52.55 -38.00 -27.41
C LYS B 368 -52.48 -36.67 -26.66
N MET B 369 -51.30 -36.06 -26.67
CA MET B 369 -51.05 -34.86 -25.89
C MET B 369 -51.70 -33.66 -26.58
N ASN B 370 -52.74 -33.11 -25.99
CA ASN B 370 -53.23 -31.80 -26.39
C ASN B 370 -52.43 -30.73 -25.66
N SER B 371 -52.91 -29.49 -25.69
CA SER B 371 -52.21 -28.39 -25.01
C SER B 371 -52.26 -28.51 -23.49
N LYS B 372 -53.15 -29.33 -22.95
CA LYS B 372 -53.21 -29.51 -21.49
C LYS B 372 -52.25 -30.58 -21.01
N LYS B 373 -51.88 -31.54 -21.86
CA LYS B 373 -50.92 -32.56 -21.44
C LYS B 373 -49.48 -32.06 -21.53
N PHE B 374 -49.19 -31.08 -22.39
CA PHE B 374 -47.88 -30.45 -22.36
C PHE B 374 -47.69 -29.59 -21.12
N SER B 375 -48.79 -29.16 -20.50
CA SER B 375 -48.70 -28.47 -19.22
C SER B 375 -48.24 -29.39 -18.11
N GLN B 376 -48.60 -30.67 -18.18
CA GLN B 376 -48.18 -31.65 -17.19
C GLN B 376 -46.67 -31.84 -17.20
N LEU B 377 -46.02 -31.60 -18.34
CA LEU B 377 -44.57 -31.69 -18.47
C LEU B 377 -43.88 -30.36 -18.20
N TYR B 378 -44.47 -29.25 -18.65
CA TYR B 378 -43.90 -27.94 -18.40
C TYR B 378 -43.96 -27.57 -16.92
N ARG B 379 -45.03 -28.02 -16.25
CA ARG B 379 -45.29 -27.70 -14.84
C ARG B 379 -44.24 -28.29 -13.93
N MET B 380 -43.99 -29.59 -14.05
CA MET B 380 -43.09 -30.32 -13.18
C MET B 380 -41.61 -30.05 -13.48
N ALA B 381 -41.31 -29.29 -14.53
CA ALA B 381 -39.93 -29.05 -14.91
C ALA B 381 -39.58 -27.58 -15.04
N MET B 382 -40.53 -26.66 -14.89
CA MET B 382 -40.18 -25.24 -14.83
C MET B 382 -40.23 -24.64 -13.43
N ILE B 383 -40.95 -25.30 -12.50
CA ILE B 383 -40.85 -24.91 -11.09
C ILE B 383 -39.42 -25.03 -10.54
N PRO B 384 -38.61 -26.05 -10.85
CA PRO B 384 -37.20 -25.98 -10.40
C PRO B 384 -36.38 -24.88 -11.07
N ARG B 385 -36.48 -24.70 -12.38
CA ARG B 385 -35.56 -23.80 -13.07
C ARG B 385 -35.87 -22.33 -12.84
N THR B 386 -37.11 -21.97 -12.54
CA THR B 386 -37.37 -20.60 -12.12
C THR B 386 -36.87 -20.34 -10.70
N LEU B 387 -36.70 -21.39 -9.91
CA LEU B 387 -35.99 -21.29 -8.65
C LEU B 387 -34.51 -21.60 -8.93
N GLY B 388 -33.72 -21.78 -7.88
CA GLY B 388 -32.32 -22.11 -8.08
C GLY B 388 -32.05 -23.60 -7.96
N VAL B 389 -33.03 -24.42 -8.32
CA VAL B 389 -33.02 -25.85 -8.02
C VAL B 389 -32.97 -26.61 -9.33
N SER B 390 -32.28 -27.76 -9.33
CA SER B 390 -32.34 -28.68 -10.46
C SER B 390 -33.55 -29.60 -10.26
N PHE B 391 -33.61 -30.68 -11.05
CA PHE B 391 -34.83 -31.46 -11.15
C PHE B 391 -34.90 -32.57 -10.11
N SER B 392 -33.83 -33.36 -9.99
CA SER B 392 -33.80 -34.41 -8.98
C SER B 392 -33.72 -33.82 -7.58
N GLN B 393 -33.10 -32.65 -7.42
CA GLN B 393 -33.07 -31.97 -6.13
C GLN B 393 -34.46 -31.52 -5.72
N ALA B 394 -35.24 -30.98 -6.66
CA ALA B 394 -36.60 -30.55 -6.33
C ALA B 394 -37.52 -31.73 -6.09
N GLU B 395 -37.30 -32.83 -6.83
CA GLU B 395 -38.02 -34.07 -6.56
C GLU B 395 -37.73 -34.60 -5.16
N TYR B 396 -36.46 -34.53 -4.75
CA TYR B 396 -36.06 -35.02 -3.43
C TYR B 396 -36.61 -34.12 -2.32
N LEU B 397 -36.60 -32.80 -2.54
CA LEU B 397 -37.13 -31.89 -1.52
C LEU B 397 -38.64 -31.91 -1.44
N TRP B 398 -39.32 -32.25 -2.54
CA TRP B 398 -40.75 -32.53 -2.47
C TRP B 398 -41.04 -33.83 -1.75
N GLN B 399 -40.26 -34.88 -2.02
CA GLN B 399 -40.56 -36.18 -1.45
C GLN B 399 -40.13 -36.34 0.00
N LEU B 400 -39.18 -35.54 0.49
CA LEU B 400 -38.85 -35.59 1.92
C LEU B 400 -39.95 -34.96 2.75
N TYR B 401 -40.45 -33.80 2.31
CA TYR B 401 -41.54 -33.10 3.00
C TYR B 401 -42.84 -33.84 2.71
N SER B 402 -43.01 -34.97 3.40
CA SER B 402 -44.07 -35.93 3.13
C SER B 402 -44.25 -36.79 4.37
N HIS B 403 -44.97 -37.90 4.20
CA HIS B 403 -45.00 -38.97 5.18
C HIS B 403 -44.87 -40.29 4.43
N SER B 404 -44.99 -41.40 5.16
CA SER B 404 -44.58 -42.71 4.67
C SER B 404 -45.57 -43.34 3.69
N ASP B 405 -46.73 -42.74 3.44
CA ASP B 405 -47.78 -43.42 2.70
C ASP B 405 -48.08 -42.82 1.34
N GLU B 406 -48.34 -41.52 1.27
CA GLU B 406 -48.93 -40.93 0.07
C GLU B 406 -47.88 -40.72 -1.02
N ASN B 407 -48.29 -40.04 -2.09
CA ASN B 407 -47.43 -39.74 -3.24
C ASN B 407 -47.71 -38.28 -3.60
N ILE B 408 -46.89 -37.37 -3.08
CA ILE B 408 -47.14 -35.95 -3.27
C ILE B 408 -46.81 -35.50 -4.69
N MET B 409 -45.92 -36.22 -5.38
CA MET B 409 -45.54 -35.87 -6.74
C MET B 409 -46.71 -36.03 -7.72
N GLU B 410 -47.57 -37.02 -7.49
CA GLU B 410 -48.76 -37.18 -8.31
C GLU B 410 -49.76 -36.04 -8.08
N LYS B 411 -49.85 -35.56 -6.85
CA LYS B 411 -50.75 -34.46 -6.53
C LYS B 411 -50.22 -33.13 -7.06
N ILE B 412 -48.89 -32.97 -7.08
CA ILE B 412 -48.29 -31.78 -7.65
C ILE B 412 -48.43 -31.79 -9.17
N ALA B 413 -48.30 -32.97 -9.79
CA ALA B 413 -48.44 -33.06 -11.24
C ALA B 413 -49.89 -32.94 -11.68
N GLN B 414 -50.74 -33.85 -11.21
CA GLN B 414 -52.16 -33.85 -11.57
C GLN B 414 -52.94 -33.24 -10.41
N GLY B 415 -53.04 -31.91 -10.40
CA GLY B 415 -53.67 -31.21 -9.30
C GLY B 415 -54.35 -29.93 -9.76
N ASN B 416 -54.85 -29.19 -8.77
CA ASN B 416 -55.53 -27.92 -9.00
C ASN B 416 -54.50 -26.80 -9.11
N ALA B 417 -54.97 -25.55 -9.06
CA ALA B 417 -54.06 -24.42 -9.06
C ALA B 417 -53.56 -24.10 -7.65
N LEU B 418 -54.38 -24.36 -6.63
CA LEU B 418 -53.96 -24.09 -5.26
C LEU B 418 -52.91 -25.10 -4.81
N THR B 419 -53.03 -26.35 -5.23
CA THR B 419 -52.02 -27.35 -4.86
C THR B 419 -50.71 -27.10 -5.59
N ILE B 420 -50.77 -26.67 -6.86
CA ILE B 420 -49.54 -26.40 -7.58
C ILE B 420 -48.89 -25.10 -7.10
N ILE B 421 -49.65 -24.17 -6.55
CA ILE B 421 -48.97 -23.01 -5.96
C ILE B 421 -48.50 -23.33 -4.53
N ASP B 422 -49.15 -24.29 -3.86
CA ASP B 422 -48.69 -24.73 -2.54
C ASP B 422 -47.36 -25.45 -2.63
N ALA B 423 -47.14 -26.21 -3.71
CA ALA B 423 -45.85 -26.85 -3.92
C ALA B 423 -44.74 -25.83 -4.13
N ILE B 424 -45.04 -24.73 -4.81
CA ILE B 424 -44.06 -23.67 -5.02
C ILE B 424 -43.75 -22.97 -3.69
N ILE B 425 -44.77 -22.80 -2.84
CA ILE B 425 -44.54 -22.24 -1.50
C ILE B 425 -43.68 -23.17 -0.66
N VAL B 426 -43.88 -24.48 -0.79
CA VAL B 426 -43.07 -25.47 -0.05
C VAL B 426 -41.61 -25.41 -0.50
N LEU B 427 -41.36 -25.35 -1.81
CA LEU B 427 -39.97 -25.23 -2.28
C LEU B 427 -39.35 -23.90 -1.88
N GLU B 428 -40.13 -22.82 -1.91
CA GLU B 428 -39.67 -21.51 -1.45
C GLU B 428 -39.20 -21.56 0.00
N ASN B 429 -40.05 -22.09 0.89
CA ASN B 429 -39.73 -22.19 2.30
C ASN B 429 -38.56 -23.12 2.58
N THR B 430 -38.51 -24.27 1.92
CA THR B 430 -37.45 -25.24 2.17
C THR B 430 -36.10 -24.75 1.66
N LEU B 431 -36.07 -24.14 0.47
CA LEU B 431 -34.81 -23.61 -0.06
C LEU B 431 -34.33 -22.42 0.75
N GLN B 432 -35.24 -21.56 1.22
CA GLN B 432 -34.81 -20.45 2.06
C GLN B 432 -34.29 -20.92 3.41
N TRP B 433 -34.92 -21.95 3.98
CA TRP B 433 -34.46 -22.48 5.26
C TRP B 433 -33.12 -23.19 5.12
N MET B 434 -32.88 -23.89 4.01
CA MET B 434 -31.60 -24.57 3.85
C MET B 434 -30.49 -23.60 3.50
N SER B 435 -30.78 -22.57 2.71
CA SER B 435 -29.79 -21.55 2.43
C SER B 435 -29.50 -20.67 3.64
N GLU B 436 -30.44 -20.63 4.59
CA GLU B 436 -30.22 -19.88 5.83
C GLU B 436 -29.12 -20.51 6.68
N GLN B 437 -28.93 -21.82 6.60
CA GLN B 437 -28.02 -22.52 7.49
C GLN B 437 -26.88 -23.25 6.77
N LYS B 438 -26.67 -22.97 5.48
CA LYS B 438 -25.61 -23.55 4.65
C LYS B 438 -25.68 -25.08 4.60
N LEU B 439 -26.89 -25.62 4.68
CA LEU B 439 -27.11 -27.06 4.70
C LEU B 439 -27.32 -27.54 3.27
N ASP B 440 -26.33 -28.25 2.75
CA ASP B 440 -26.41 -28.76 1.38
C ASP B 440 -27.37 -29.96 1.31
N ILE B 441 -27.65 -30.37 0.07
CA ILE B 441 -28.48 -31.53 -0.15
C ILE B 441 -27.67 -32.82 0.06
N THR B 442 -26.35 -32.72 -0.04
CA THR B 442 -25.48 -33.86 0.28
C THR B 442 -25.53 -34.19 1.77
N THR B 443 -25.41 -33.18 2.62
CA THR B 443 -25.47 -33.39 4.08
C THR B 443 -26.87 -33.84 4.50
N LEU B 444 -27.90 -33.25 3.90
CA LEU B 444 -29.28 -33.62 4.21
C LEU B 444 -29.58 -35.04 3.75
N GLN B 445 -28.98 -35.47 2.64
CA GLN B 445 -29.09 -36.84 2.18
C GLN B 445 -28.37 -37.79 3.13
N ALA B 446 -27.19 -37.39 3.63
CA ALA B 446 -26.48 -38.22 4.59
C ALA B 446 -27.19 -38.30 5.93
N MET B 447 -28.04 -37.33 6.26
CA MET B 447 -28.77 -37.34 7.51
C MET B 447 -30.17 -37.95 7.41
N LEU B 448 -30.77 -38.05 6.22
CA LEU B 448 -32.17 -38.44 6.15
C LEU B 448 -32.48 -39.66 5.27
N THR B 449 -31.49 -40.44 4.85
CA THR B 449 -31.83 -41.57 4.00
C THR B 449 -32.24 -42.80 4.80
N LYS B 450 -32.75 -43.80 4.06
CA LYS B 450 -33.25 -45.05 4.61
C LYS B 450 -32.70 -46.24 3.84
N GLN B 451 -31.60 -46.07 3.10
CA GLN B 451 -31.14 -47.11 2.19
C GLN B 451 -30.40 -48.22 2.91
N TYR B 452 -29.30 -47.86 3.60
CA TYR B 452 -28.49 -48.73 4.46
C TYR B 452 -27.93 -49.93 3.68
N SER B 453 -27.02 -49.61 2.76
CA SER B 453 -26.36 -50.62 1.95
C SER B 453 -25.54 -51.56 2.82
N THR B 454 -25.71 -52.87 2.59
CA THR B 454 -25.08 -53.90 3.38
C THR B 454 -23.63 -54.03 2.95
N THR B 455 -22.72 -53.48 3.74
CA THR B 455 -21.28 -53.54 3.46
C THR B 455 -20.53 -53.55 4.77
N ALA B 456 -19.79 -54.61 5.03
CA ALA B 456 -19.02 -54.73 6.26
C ALA B 456 -17.70 -54.00 6.07
N THR B 457 -17.65 -52.76 6.59
CA THR B 457 -16.42 -52.00 6.54
C THR B 457 -15.48 -52.46 7.65
N PRO B 458 -14.16 -52.37 7.42
CA PRO B 458 -13.21 -52.68 8.51
C PRO B 458 -13.25 -51.72 9.67
N GLU B 459 -13.76 -50.50 9.46
CA GLU B 459 -13.95 -49.57 10.57
C GLU B 459 -14.97 -50.09 11.57
N LEU B 460 -16.06 -50.67 11.09
CA LEU B 460 -17.04 -51.27 12.00
C LEU B 460 -16.47 -52.49 12.71
N PHE B 461 -15.63 -53.27 12.03
CA PHE B 461 -15.04 -54.43 12.68
C PHE B 461 -14.08 -54.02 13.79
N ASN B 462 -13.23 -53.03 13.53
CA ASN B 462 -12.34 -52.53 14.57
C ASN B 462 -13.09 -51.76 15.65
N PHE B 463 -14.26 -51.20 15.34
CA PHE B 463 -15.05 -50.53 16.34
C PHE B 463 -15.74 -51.53 17.27
N LEU B 464 -16.35 -52.57 16.70
CA LEU B 464 -17.09 -53.54 17.48
C LEU B 464 -16.20 -54.63 18.07
N SER B 465 -14.91 -54.64 17.74
CA SER B 465 -14.01 -55.50 18.49
C SER B 465 -13.66 -54.94 19.85
N ASN B 466 -13.68 -53.61 20.01
CA ASN B 466 -13.54 -53.01 21.33
C ASN B 466 -14.73 -53.33 22.23
N ILE B 467 -15.94 -53.27 21.67
CA ILE B 467 -17.14 -53.38 22.48
C ILE B 467 -17.33 -54.80 23.02
N TYR B 468 -16.65 -55.80 22.44
CA TYR B 468 -16.69 -57.17 22.94
C TYR B 468 -15.39 -57.61 23.57
N GLN B 469 -14.26 -57.03 23.17
CA GLN B 469 -12.97 -57.49 23.68
C GLN B 469 -12.66 -56.85 25.03
N THR B 470 -13.18 -55.64 25.27
CA THR B 470 -13.13 -55.07 26.61
C THR B 470 -14.22 -55.65 27.49
N LEU B 471 -15.47 -55.49 27.07
CA LEU B 471 -16.63 -56.01 27.81
C LEU B 471 -16.84 -57.45 27.36
N GLY B 472 -16.43 -58.40 28.18
CA GLY B 472 -16.48 -59.81 27.82
C GLY B 472 -17.89 -60.35 27.69
N LYS B 473 -17.96 -61.66 27.40
CA LYS B 473 -19.25 -62.31 27.19
C LYS B 473 -20.04 -62.37 28.50
N GLN B 474 -21.22 -61.75 28.49
CA GLN B 474 -22.05 -61.62 29.68
C GLN B 474 -23.50 -61.93 29.30
N VAL B 475 -24.40 -61.77 30.26
CA VAL B 475 -25.78 -62.23 30.16
C VAL B 475 -26.74 -61.06 29.96
N TYR B 476 -26.21 -59.87 29.69
CA TYR B 476 -26.94 -58.59 29.65
C TYR B 476 -27.68 -58.35 30.98
N SER B 477 -26.87 -58.10 32.00
CA SER B 477 -27.42 -57.50 33.20
C SER B 477 -27.63 -56.00 32.97
N GLU B 478 -28.24 -55.34 33.95
CA GLU B 478 -28.37 -53.90 33.86
C GLU B 478 -27.16 -53.17 34.39
N SER B 479 -26.18 -53.89 34.94
CA SER B 479 -24.86 -53.32 35.19
C SER B 479 -24.04 -53.27 33.91
N LEU B 480 -24.36 -54.13 32.95
CA LEU B 480 -23.74 -54.08 31.62
C LEU B 480 -24.14 -52.82 30.86
N LYS B 481 -25.26 -52.21 31.22
CA LYS B 481 -25.82 -51.12 30.42
C LYS B 481 -25.01 -49.81 30.51
N PRO B 482 -24.59 -49.32 31.70
CA PRO B 482 -23.70 -48.14 31.68
C PRO B 482 -22.33 -48.41 31.10
N ASN B 483 -21.82 -49.64 31.24
CA ASN B 483 -20.57 -50.02 30.58
C ASN B 483 -20.71 -49.94 29.07
N LEU B 484 -21.86 -50.39 28.55
CA LEU B 484 -22.07 -50.39 27.11
C LEU B 484 -22.22 -48.98 26.58
N TYR B 485 -22.91 -48.10 27.33
CA TYR B 485 -22.99 -46.70 26.91
C TYR B 485 -21.64 -46.00 26.99
N ARG B 486 -20.86 -46.30 28.04
CA ARG B 486 -19.56 -45.65 28.20
C ARG B 486 -18.59 -46.06 27.11
N SER B 487 -18.58 -47.35 26.74
CA SER B 487 -17.67 -47.81 25.72
C SER B 487 -18.11 -47.41 24.33
N LEU B 488 -19.42 -47.35 24.05
CA LEU B 488 -19.87 -46.78 22.78
C LEU B 488 -19.60 -45.28 22.70
N ALA B 489 -19.66 -44.57 23.83
CA ALA B 489 -19.39 -43.14 23.82
C ALA B 489 -17.92 -42.85 23.60
N ASN B 490 -17.04 -43.63 24.21
CA ASN B 490 -15.61 -43.45 24.01
C ASN B 490 -15.11 -44.07 22.72
N GLY B 491 -15.90 -44.93 22.08
CA GLY B 491 -15.53 -45.39 20.74
C GLY B 491 -15.56 -44.28 19.72
N PHE B 492 -16.64 -43.50 19.72
CA PHE B 492 -16.67 -42.21 19.03
C PHE B 492 -16.00 -41.16 19.92
N HIS B 493 -16.05 -39.90 19.51
CA HIS B 493 -15.67 -38.82 20.42
C HIS B 493 -16.95 -38.16 20.96
N LEU B 494 -17.66 -38.94 21.78
CA LEU B 494 -18.94 -38.48 22.31
C LEU B 494 -18.94 -38.49 23.84
N LYS B 495 -20.08 -38.16 24.42
CA LYS B 495 -20.28 -38.23 25.87
C LYS B 495 -21.19 -39.40 26.20
N ALA B 496 -21.13 -39.85 27.45
CA ALA B 496 -21.86 -41.05 27.85
C ALA B 496 -23.37 -40.78 27.92
N ASN B 497 -23.75 -39.62 28.41
CA ASN B 497 -25.18 -39.32 28.53
C ASN B 497 -25.80 -38.98 27.18
N VAL B 498 -24.99 -38.50 26.23
CA VAL B 498 -25.51 -38.25 24.89
C VAL B 498 -25.81 -39.56 24.19
N VAL B 499 -24.94 -40.56 24.34
CA VAL B 499 -25.19 -41.87 23.75
C VAL B 499 -26.33 -42.58 24.48
N ALA B 500 -26.43 -42.39 25.81
CA ALA B 500 -27.54 -42.96 26.55
C ALA B 500 -28.87 -42.29 26.18
N GLY B 501 -28.82 -41.04 25.71
CA GLY B 501 -30.00 -40.44 25.14
C GLY B 501 -30.32 -40.95 23.74
N LEU B 502 -29.29 -41.14 22.91
CA LEU B 502 -29.53 -41.50 21.52
C LEU B 502 -29.95 -42.95 21.35
N VAL B 503 -29.51 -43.85 22.23
CA VAL B 503 -29.94 -45.25 22.11
C VAL B 503 -31.39 -45.38 22.56
N ASN B 504 -31.78 -44.65 23.61
CA ASN B 504 -33.18 -44.63 24.02
C ASN B 504 -34.03 -43.88 23.01
N TRP B 505 -33.45 -42.92 22.31
CA TRP B 505 -34.09 -42.27 21.18
C TRP B 505 -34.40 -43.27 20.08
N LEU B 506 -33.40 -44.09 19.70
CA LEU B 506 -33.57 -45.13 18.72
C LEU B 506 -34.27 -46.37 19.28
N ALA B 507 -34.52 -46.42 20.59
CA ALA B 507 -35.32 -47.51 21.13
C ALA B 507 -36.80 -47.40 20.76
N LYS B 508 -37.25 -46.24 20.28
CA LYS B 508 -38.65 -46.01 19.96
C LYS B 508 -38.91 -45.99 18.46
N ASN B 509 -38.20 -45.14 17.71
CA ASN B 509 -38.24 -45.25 16.26
C ASN B 509 -37.44 -46.47 15.83
N ASP B 510 -37.97 -47.24 14.89
CA ASP B 510 -37.43 -48.53 14.46
C ASP B 510 -37.33 -49.49 15.66
N SER B 511 -38.51 -49.89 16.15
CA SER B 511 -38.66 -50.72 17.33
C SER B 511 -38.05 -52.12 17.23
N GLU B 512 -37.55 -52.51 16.05
CA GLU B 512 -36.72 -53.70 15.95
C GLU B 512 -35.41 -53.52 16.70
N PHE B 513 -34.90 -52.29 16.75
CA PHE B 513 -33.67 -52.03 17.50
C PHE B 513 -33.93 -52.08 19.00
N THR B 514 -33.08 -52.80 19.70
CA THR B 514 -33.06 -52.80 21.16
C THR B 514 -31.59 -52.93 21.55
N LEU B 515 -31.22 -52.26 22.65
CA LEU B 515 -29.83 -52.34 23.13
C LEU B 515 -29.47 -53.76 23.56
N GLU B 516 -30.44 -54.49 24.12
CA GLU B 516 -30.24 -55.90 24.40
C GLU B 516 -30.04 -56.69 23.11
N ARG B 517 -30.84 -56.41 22.08
CA ARG B 517 -30.66 -57.07 20.79
C ARG B 517 -29.35 -56.67 20.13
N PHE B 518 -28.91 -55.44 20.35
CA PHE B 518 -27.61 -55.01 19.83
C PHE B 518 -26.48 -55.76 20.50
N TRP B 519 -26.55 -55.95 21.82
CA TRP B 519 -25.51 -56.72 22.50
C TRP B 519 -25.56 -58.20 22.14
N GLN B 520 -26.75 -58.75 21.93
CA GLN B 520 -26.86 -60.13 21.48
C GLN B 520 -26.30 -60.31 20.07
N ASN B 521 -26.51 -59.32 19.20
CA ASN B 521 -25.96 -59.39 17.85
C ASN B 521 -24.44 -59.21 17.86
N ILE B 522 -23.91 -58.45 18.81
CA ILE B 522 -22.46 -58.39 18.98
C ILE B 522 -21.92 -59.73 19.46
N SER B 523 -22.62 -60.37 20.42
CA SER B 523 -22.11 -61.60 20.99
C SER B 523 -22.32 -62.81 20.09
N MET B 524 -23.20 -62.72 19.09
CA MET B 524 -23.34 -63.79 18.11
C MET B 524 -22.07 -63.95 17.27
N THR B 525 -21.66 -62.87 16.62
CA THR B 525 -20.36 -62.82 15.97
C THR B 525 -19.28 -62.57 17.04
N PHE B 526 -18.05 -62.31 16.57
CA PHE B 526 -16.88 -62.10 17.42
C PHE B 526 -16.66 -63.27 18.36
N ALA B 527 -16.69 -64.48 17.78
CA ALA B 527 -16.48 -65.74 18.48
C ALA B 527 -15.00 -65.99 18.72
N GLU B 528 -14.64 -67.25 18.96
CA GLU B 528 -13.24 -67.64 19.09
C GLU B 528 -12.43 -67.33 17.82
N GLU B 529 -13.08 -67.30 16.66
CA GLU B 529 -12.45 -66.88 15.40
C GLU B 529 -13.33 -65.84 14.71
N PRO B 530 -13.13 -64.56 15.00
CA PRO B 530 -13.86 -63.52 14.27
C PRO B 530 -13.16 -63.15 12.97
N SER B 531 -13.97 -62.66 12.03
CA SER B 531 -13.46 -62.23 10.73
C SER B 531 -14.46 -61.24 10.14
N LEU B 532 -14.18 -60.81 8.91
CA LEU B 532 -15.00 -59.81 8.25
C LEU B 532 -16.19 -60.42 7.52
N HIS B 533 -16.07 -61.68 7.09
CA HIS B 533 -17.18 -62.34 6.44
C HIS B 533 -18.31 -62.66 7.41
N GLN B 534 -17.98 -62.80 8.70
CA GLN B 534 -19.02 -62.99 9.71
C GLN B 534 -19.88 -61.74 9.86
N LEU B 535 -19.30 -60.56 9.65
CA LEU B 535 -20.12 -59.35 9.58
C LEU B 535 -20.88 -59.26 8.27
N GLU B 536 -20.29 -59.76 7.16
CA GLU B 536 -21.01 -59.74 5.89
C GLU B 536 -22.22 -60.66 5.91
N VAL B 537 -22.18 -61.73 6.69
CA VAL B 537 -23.35 -62.59 6.84
C VAL B 537 -24.39 -61.90 7.71
N HIS B 538 -23.99 -61.43 8.89
CA HIS B 538 -24.94 -60.93 9.89
C HIS B 538 -25.23 -59.45 9.60
N GLN B 539 -26.03 -59.22 8.56
CA GLN B 539 -26.47 -57.89 8.14
C GLN B 539 -27.33 -57.03 9.09
N PRO B 540 -28.05 -57.55 10.12
CA PRO B 540 -28.68 -56.62 11.06
C PRO B 540 -27.71 -55.75 11.84
N LEU B 541 -26.49 -56.20 12.14
CA LEU B 541 -25.49 -55.29 12.71
C LEU B 541 -25.11 -54.20 11.71
N LEU B 542 -25.02 -54.55 10.44
CA LEU B 542 -24.70 -53.55 9.43
C LEU B 542 -25.84 -52.59 9.20
N ILE B 543 -27.08 -52.97 9.54
CA ILE B 543 -28.17 -52.01 9.56
C ILE B 543 -28.09 -51.13 10.81
N GLN B 544 -27.92 -51.76 11.98
CA GLN B 544 -28.04 -51.05 13.25
C GLN B 544 -26.90 -50.08 13.50
N CYS B 545 -25.68 -50.39 13.05
CA CYS B 545 -24.57 -49.49 13.29
C CYS B 545 -24.65 -48.25 12.41
N GLN B 546 -25.08 -48.43 11.16
CA GLN B 546 -25.32 -47.27 10.29
C GLN B 546 -26.52 -46.47 10.77
N LYS B 547 -27.51 -47.15 11.36
CA LYS B 547 -28.65 -46.48 11.95
C LYS B 547 -28.23 -45.63 13.15
N LEU B 548 -27.32 -46.15 13.98
CA LEU B 548 -26.74 -45.36 15.06
C LEU B 548 -25.94 -44.18 14.53
N SER B 549 -25.17 -44.40 13.45
CA SER B 549 -24.33 -43.34 12.90
C SER B 549 -25.14 -42.21 12.32
N GLN B 550 -26.35 -42.50 11.83
CA GLN B 550 -27.24 -41.43 11.35
C GLN B 550 -27.65 -40.49 12.49
N TYR B 551 -28.06 -41.05 13.63
CA TYR B 551 -28.44 -40.20 14.75
C TYR B 551 -27.22 -39.54 15.39
N VAL B 552 -26.05 -40.14 15.27
CA VAL B 552 -24.82 -39.47 15.69
C VAL B 552 -24.55 -38.26 14.81
N LEU B 553 -24.78 -38.39 13.49
CA LEU B 553 -24.62 -37.24 12.59
C LEU B 553 -25.64 -36.14 12.90
N ILE B 554 -26.87 -36.53 13.27
CA ILE B 554 -27.88 -35.54 13.61
C ILE B 554 -27.54 -34.86 14.93
N ALA B 555 -26.98 -35.60 15.89
CA ALA B 555 -26.62 -35.01 17.17
C ALA B 555 -25.37 -34.14 17.06
N GLN B 556 -24.48 -34.44 16.12
CA GLN B 556 -23.31 -33.58 15.91
C GLN B 556 -23.66 -32.35 15.09
N TRP B 557 -24.61 -32.46 14.16
CA TRP B 557 -25.01 -31.30 13.37
C TRP B 557 -25.79 -30.30 14.22
N ALA B 558 -26.83 -30.77 14.91
CA ALA B 558 -27.62 -29.91 15.78
C ALA B 558 -26.91 -29.56 17.08
N GLU B 559 -25.78 -30.23 17.37
CA GLU B 559 -24.92 -29.97 18.53
C GLU B 559 -25.71 -30.15 19.84
N LEU B 560 -26.35 -31.31 19.96
CA LEU B 560 -27.23 -31.57 21.09
C LEU B 560 -26.43 -31.83 22.36
N SER B 561 -26.93 -31.26 23.46
CA SER B 561 -26.44 -31.60 24.79
C SER B 561 -27.13 -32.88 25.27
N GLU B 562 -26.90 -33.24 26.53
CA GLU B 562 -27.60 -34.41 27.05
C GLU B 562 -28.98 -34.04 27.56
N GLN B 563 -29.15 -32.84 28.11
CA GLN B 563 -30.46 -32.39 28.55
C GLN B 563 -31.31 -31.88 27.40
N GLU B 564 -30.69 -31.49 26.29
CA GLU B 564 -31.47 -31.23 25.07
C GLU B 564 -32.11 -32.51 24.55
N ILE B 565 -31.38 -33.62 24.60
CA ILE B 565 -31.97 -34.91 24.22
C ILE B 565 -32.97 -35.37 25.26
N ALA B 566 -32.67 -35.14 26.54
CA ALA B 566 -33.56 -35.57 27.62
C ALA B 566 -34.86 -34.80 27.63
N LEU B 567 -34.87 -33.58 27.08
CA LEU B 567 -36.11 -32.82 26.97
C LEU B 567 -37.00 -33.36 25.86
N ILE B 568 -36.41 -33.91 24.80
CA ILE B 568 -37.21 -34.48 23.72
C ILE B 568 -37.57 -35.94 24.00
N LEU B 569 -36.88 -36.59 24.94
CA LEU B 569 -37.24 -37.93 25.39
C LEU B 569 -38.29 -37.92 26.49
N LEU B 570 -38.93 -36.78 26.75
CA LEU B 570 -40.11 -36.73 27.60
C LEU B 570 -41.25 -37.50 26.92
N PRO B 571 -42.16 -38.10 27.69
CA PRO B 571 -43.14 -39.04 27.09
C PRO B 571 -44.13 -38.42 26.12
N ASN B 572 -44.22 -37.09 26.01
CA ASN B 572 -44.94 -36.49 24.90
C ASN B 572 -44.07 -35.45 24.21
N GLY B 573 -43.18 -34.81 24.97
CA GLY B 573 -42.19 -33.92 24.41
C GLY B 573 -42.72 -32.63 23.85
N ILE B 574 -42.64 -32.47 22.52
CA ILE B 574 -43.01 -31.23 21.85
C ILE B 574 -44.51 -31.19 21.53
N ASP B 575 -45.23 -32.27 21.80
CA ASP B 575 -46.68 -32.48 21.70
C ASP B 575 -47.22 -32.46 20.28
N ASN B 576 -46.38 -32.29 19.25
CA ASN B 576 -46.83 -32.51 17.88
C ASN B 576 -47.10 -33.98 17.65
N ARG B 577 -46.19 -34.85 18.10
CA ARG B 577 -46.39 -36.29 18.13
C ARG B 577 -45.97 -36.80 19.51
N GLY B 578 -45.85 -38.12 19.65
CA GLY B 578 -45.45 -38.70 20.91
C GLY B 578 -43.97 -38.51 21.23
N SER B 579 -43.47 -39.39 22.09
CA SER B 579 -42.08 -39.33 22.49
C SER B 579 -41.18 -39.79 21.35
N ALA B 580 -39.97 -39.19 21.29
CA ALA B 580 -38.91 -39.46 20.32
C ALA B 580 -39.40 -39.36 18.88
N PRO B 581 -39.58 -38.16 18.34
CA PRO B 581 -40.04 -38.02 16.95
C PRO B 581 -39.00 -38.50 15.95
N SER B 582 -39.50 -38.99 14.82
CA SER B 582 -38.67 -39.60 13.80
C SER B 582 -37.86 -38.54 13.06
N PRO B 583 -36.66 -38.90 12.56
CA PRO B 583 -35.82 -37.90 11.86
C PRO B 583 -36.32 -37.55 10.47
N SER B 584 -37.24 -36.60 10.40
CA SER B 584 -37.72 -36.01 9.16
C SER B 584 -37.20 -34.59 9.05
N ILE B 585 -37.70 -33.85 8.06
CA ILE B 585 -37.40 -32.42 8.00
C ILE B 585 -38.05 -31.67 9.16
N THR B 586 -39.20 -32.17 9.64
CA THR B 586 -39.92 -31.52 10.74
C THR B 586 -39.10 -31.49 12.03
N LEU B 587 -38.50 -32.63 12.40
CA LEU B 587 -37.58 -32.66 13.53
C LEU B 587 -36.35 -31.80 13.28
N LEU B 588 -35.83 -31.83 12.06
CA LEU B 588 -34.55 -31.21 11.76
C LEU B 588 -34.66 -29.70 11.61
N LYS B 589 -35.90 -29.16 11.52
CA LYS B 589 -36.13 -27.73 11.65
C LYS B 589 -36.68 -27.34 13.02
N LEU B 590 -37.30 -28.29 13.72
CA LEU B 590 -37.63 -28.09 15.13
C LEU B 590 -36.37 -27.87 15.95
N LEU B 591 -35.31 -28.64 15.67
CA LEU B 591 -34.04 -28.45 16.36
C LEU B 591 -33.39 -27.12 15.99
N SER B 592 -33.62 -26.64 14.76
CA SER B 592 -33.09 -25.35 14.34
C SER B 592 -33.76 -24.20 15.08
N GLU B 593 -35.10 -24.24 15.16
CA GLU B 593 -35.84 -23.26 15.95
C GLU B 593 -35.51 -23.37 17.44
N PHE B 594 -35.19 -24.58 17.90
CA PHE B 594 -34.76 -24.80 19.28
C PHE B 594 -33.42 -24.14 19.56
N LYS B 595 -32.48 -24.24 18.62
CA LYS B 595 -31.20 -23.56 18.77
C LYS B 595 -31.37 -22.04 18.69
N LEU B 596 -32.33 -21.58 17.88
CA LEU B 596 -32.66 -20.16 17.86
C LEU B 596 -33.22 -19.70 19.21
N CYS B 597 -34.01 -20.56 19.87
CA CYS B 597 -34.49 -20.27 21.22
C CYS B 597 -33.35 -20.19 22.21
N GLN B 598 -32.35 -21.07 22.07
CA GLN B 598 -31.18 -21.00 22.94
C GLN B 598 -30.36 -19.75 22.67
N GLN B 599 -30.36 -19.25 21.44
CA GLN B 599 -29.59 -18.04 21.15
C GLN B 599 -30.29 -16.78 21.63
N GLU B 600 -31.63 -16.75 21.57
CA GLU B 600 -32.35 -15.50 21.82
C GLU B 600 -32.37 -15.10 23.30
N ALA B 601 -32.32 -16.07 24.21
CA ALA B 601 -32.75 -15.85 25.59
C ALA B 601 -31.80 -15.02 26.43
N LYS B 602 -30.49 -15.09 26.16
CA LYS B 602 -29.45 -14.31 26.85
C LYS B 602 -29.38 -14.61 28.36
N VAL B 603 -29.82 -15.79 28.77
CA VAL B 603 -29.73 -16.25 30.15
C VAL B 603 -29.09 -17.64 30.16
N SER B 604 -29.01 -18.23 31.36
CA SER B 604 -28.55 -19.60 31.47
C SER B 604 -29.54 -20.54 30.81
N GLN B 605 -29.03 -21.54 30.08
CA GLN B 605 -29.92 -22.37 29.28
C GLN B 605 -30.58 -23.48 30.09
N SER B 606 -29.99 -23.90 31.22
CA SER B 606 -30.65 -24.88 32.06
C SER B 606 -31.91 -24.30 32.71
N GLU B 607 -31.91 -22.99 32.94
CA GLU B 607 -33.15 -22.28 33.28
C GLU B 607 -34.20 -22.46 32.19
N LEU B 608 -33.79 -22.36 30.93
CA LEU B 608 -34.73 -22.55 29.81
C LEU B 608 -35.24 -23.99 29.75
N PHE B 609 -34.37 -24.96 30.06
CA PHE B 609 -34.83 -26.35 30.02
C PHE B 609 -35.78 -26.64 31.16
N ASP B 610 -35.57 -26.01 32.33
CA ASP B 610 -36.52 -26.20 33.43
C ASP B 610 -37.87 -25.56 33.12
N ILE B 611 -37.86 -24.33 32.58
CA ILE B 611 -39.10 -23.64 32.21
C ILE B 611 -39.85 -24.42 31.13
N MET B 612 -39.13 -24.88 30.10
CA MET B 612 -39.73 -25.67 29.05
C MET B 612 -40.21 -27.02 29.55
N GLN B 613 -39.55 -27.56 30.58
CA GLN B 613 -40.00 -28.82 31.16
C GLN B 613 -41.29 -28.64 31.95
N GLN B 614 -41.43 -27.53 32.68
CA GLN B 614 -42.73 -27.26 33.32
C GLN B 614 -43.80 -26.95 32.29
N LEU B 615 -43.42 -26.41 31.12
CA LEU B 615 -44.42 -26.24 30.06
C LEU B 615 -44.82 -27.57 29.43
N ILE B 616 -43.93 -28.57 29.45
CA ILE B 616 -44.30 -29.88 28.94
C ILE B 616 -45.01 -30.73 29.99
N THR B 617 -44.52 -30.72 31.23
CA THR B 617 -45.13 -31.51 32.30
C THR B 617 -46.43 -30.85 32.79
N ASP B 618 -47.03 -31.42 33.83
CA ASP B 618 -48.40 -31.11 34.19
C ASP B 618 -48.57 -30.37 35.52
N THR B 619 -47.50 -30.23 36.32
CA THR B 619 -47.51 -29.69 37.69
C THR B 619 -48.51 -30.41 38.59
N ASN B 620 -48.70 -31.70 38.37
CA ASN B 620 -49.39 -32.58 39.29
C ASN B 620 -48.55 -33.78 39.67
N GLU B 621 -47.81 -34.35 38.72
CA GLU B 621 -46.80 -35.34 39.06
C GLU B 621 -45.58 -34.69 39.69
N LYS B 622 -45.30 -33.43 39.32
CA LYS B 622 -44.13 -32.74 39.84
C LYS B 622 -44.31 -32.41 41.31
N GLN B 623 -45.51 -31.95 41.71
CA GLN B 623 -45.76 -31.58 43.09
C GLN B 623 -45.73 -32.81 44.02
N GLU B 624 -46.35 -33.91 43.59
CA GLU B 624 -46.30 -35.12 44.40
C GLU B 624 -44.90 -35.73 44.40
N LYS B 625 -44.13 -35.53 43.34
CA LYS B 625 -42.76 -36.02 43.33
C LYS B 625 -41.89 -35.21 44.29
N LEU B 626 -42.14 -33.91 44.38
CA LEU B 626 -41.44 -33.08 45.37
C LEU B 626 -41.86 -33.47 46.79
N ARG B 627 -43.14 -33.79 46.99
CA ARG B 627 -43.59 -34.25 48.31
C ARG B 627 -42.96 -35.59 48.69
N ASN B 628 -42.78 -36.49 47.71
CA ASN B 628 -42.15 -37.78 47.99
C ASN B 628 -40.67 -37.59 48.33
N SER B 629 -39.94 -36.80 47.53
CA SER B 629 -38.54 -36.52 47.80
C SER B 629 -38.33 -35.65 49.03
N ALA B 630 -39.40 -35.02 49.54
CA ALA B 630 -39.34 -34.25 50.76
C ALA B 630 -39.57 -35.14 51.99
N ASP B 631 -40.57 -36.02 51.92
CA ASP B 631 -40.78 -36.98 53.00
C ASP B 631 -39.65 -37.99 53.09
N LYS B 632 -38.90 -38.21 52.00
CA LYS B 632 -37.72 -39.06 52.07
C LYS B 632 -36.64 -38.44 52.96
N VAL B 633 -36.43 -37.12 52.88
CA VAL B 633 -35.39 -36.55 53.73
C VAL B 633 -35.87 -36.36 55.16
N ILE B 634 -37.19 -36.17 55.36
CA ILE B 634 -37.75 -36.21 56.72
C ILE B 634 -37.53 -37.58 57.34
N ARG B 635 -37.80 -38.64 56.57
CA ARG B 635 -37.58 -40.00 57.02
C ARG B 635 -36.12 -40.28 57.34
N SER B 636 -35.20 -39.76 56.52
CA SER B 636 -33.78 -40.04 56.73
C SER B 636 -33.24 -39.31 57.96
N ILE B 637 -33.67 -38.07 58.19
CA ILE B 637 -33.18 -37.34 59.37
C ILE B 637 -33.78 -37.92 60.65
N ALA B 638 -35.06 -38.30 60.61
CA ALA B 638 -35.67 -38.97 61.76
C ALA B 638 -35.03 -40.33 62.03
N LYS B 639 -34.64 -41.05 60.99
CA LYS B 639 -33.96 -42.33 61.16
C LYS B 639 -32.55 -42.15 61.72
N SER B 640 -31.87 -41.06 61.35
CA SER B 640 -30.55 -40.80 61.91
C SER B 640 -30.64 -40.45 63.40
N ILE B 641 -31.66 -39.68 63.80
CA ILE B 641 -31.81 -39.38 65.22
C ILE B 641 -32.24 -40.62 66.00
N GLY B 642 -33.09 -41.45 65.40
CA GLY B 642 -33.46 -42.70 66.05
C GLY B 642 -32.31 -43.70 66.15
N SER B 643 -31.35 -43.61 65.24
CA SER B 643 -30.18 -44.48 65.33
C SER B 643 -29.12 -43.93 66.28
N ILE B 644 -29.10 -42.61 66.49
CA ILE B 644 -28.09 -42.07 67.40
C ILE B 644 -28.59 -42.11 68.86
N ASN B 645 -29.92 -42.10 69.06
CA ASN B 645 -30.44 -42.16 70.43
C ASN B 645 -30.24 -43.54 71.03
N ASN B 646 -30.20 -44.58 70.19
CA ASN B 646 -29.92 -45.93 70.66
C ASN B 646 -28.49 -46.05 71.18
N SER B 647 -27.52 -45.46 70.46
CA SER B 647 -26.14 -45.49 70.92
C SER B 647 -25.94 -44.64 72.16
N MET B 648 -26.66 -43.51 72.26
CA MET B 648 -26.59 -42.71 73.47
C MET B 648 -27.16 -43.46 74.68
N ASP B 649 -28.26 -44.20 74.47
CA ASP B 649 -28.85 -45.01 75.53
C ASP B 649 -27.91 -46.16 75.92
N ASP B 650 -27.20 -46.72 74.94
CA ASP B 650 -26.23 -47.79 75.22
C ASP B 650 -25.07 -47.28 76.06
N ILE B 651 -24.52 -46.11 75.71
CA ILE B 651 -23.43 -45.52 76.47
C ILE B 651 -23.89 -45.13 77.87
N ASP B 652 -25.12 -44.61 77.99
CA ASP B 652 -25.66 -44.25 79.31
C ASP B 652 -25.88 -45.49 80.18
N SER B 653 -26.34 -46.59 79.58
CA SER B 653 -26.53 -47.82 80.33
C SER B 653 -25.21 -48.42 80.79
N THR B 654 -24.19 -48.39 79.92
CA THR B 654 -22.88 -48.92 80.34
C THR B 654 -22.21 -48.04 81.40
N ILE B 655 -22.41 -46.72 81.35
CA ILE B 655 -21.87 -45.84 82.38
C ILE B 655 -22.60 -46.05 83.70
N SER B 656 -23.91 -46.31 83.64
CA SER B 656 -24.67 -46.59 84.86
C SER B 656 -24.25 -47.93 85.46
N ILE B 657 -23.95 -48.92 84.61
CA ILE B 657 -23.48 -50.22 85.10
C ILE B 657 -22.10 -50.08 85.75
N ARG B 658 -21.18 -49.37 85.09
CA ARG B 658 -19.83 -49.21 85.65
C ARG B 658 -19.81 -48.28 86.86
N ASN B 659 -20.82 -47.43 87.04
CA ASN B 659 -20.92 -46.68 88.28
C ASN B 659 -21.52 -47.54 89.40
N GLY B 660 -22.49 -48.40 89.05
CA GLY B 660 -23.07 -49.28 90.05
C GLY B 660 -22.13 -50.36 90.54
N SER B 661 -21.22 -50.82 89.68
CA SER B 661 -20.27 -51.86 90.05
C SER B 661 -19.10 -51.34 90.86
N ALA B 662 -18.96 -50.02 91.01
CA ALA B 662 -17.87 -49.46 91.79
C ALA B 662 -18.21 -49.48 93.28
N THR B 663 -17.24 -49.90 94.08
CA THR B 663 -17.31 -49.88 95.54
C THR B 663 -16.22 -48.94 96.06
N LEU B 664 -15.97 -49.04 97.37
CA LEU B 664 -15.04 -48.12 98.04
C LEU B 664 -13.62 -48.23 97.50
N PHE B 665 -13.10 -49.47 97.42
CA PHE B 665 -11.77 -49.84 96.93
C PHE B 665 -10.64 -49.06 97.62
N PRO B 666 -10.27 -49.40 98.85
CA PRO B 666 -9.21 -48.65 99.57
C PRO B 666 -7.83 -48.71 98.91
N PRO B 667 -7.53 -49.64 97.99
CA PRO B 667 -6.50 -49.29 97.00
C PRO B 667 -7.08 -48.42 95.90
N GLU B 668 -6.62 -47.18 95.81
CA GLU B 668 -7.20 -46.23 94.86
C GLU B 668 -6.48 -46.27 93.52
N HIS B 669 -5.20 -45.90 93.50
CA HIS B 669 -4.40 -46.03 92.29
C HIS B 669 -4.10 -47.47 91.83
N PRO B 670 -4.09 -48.54 92.70
CA PRO B 670 -4.05 -49.89 92.11
C PRO B 670 -5.33 -50.29 91.38
N MET B 671 -6.47 -50.12 92.01
CA MET B 671 -7.67 -50.76 91.50
C MET B 671 -8.80 -49.80 91.16
N TYR B 672 -8.99 -48.75 91.97
CA TYR B 672 -10.07 -47.80 91.72
C TYR B 672 -9.76 -46.88 90.54
N LYS B 673 -8.48 -46.71 90.20
CA LYS B 673 -8.08 -45.79 89.14
C LYS B 673 -8.02 -46.52 87.79
N ALA B 674 -9.11 -47.23 87.50
CA ALA B 674 -9.39 -47.72 86.15
C ALA B 674 -10.82 -47.47 85.70
N LEU B 675 -11.78 -47.39 86.61
CA LEU B 675 -13.16 -47.10 86.26
C LEU B 675 -13.42 -45.62 86.03
N LYS B 676 -12.65 -44.76 86.69
CA LYS B 676 -12.83 -43.32 86.55
C LYS B 676 -12.47 -42.85 85.14
N LEU B 677 -11.35 -43.36 84.59
CA LEU B 677 -10.99 -43.04 83.22
C LEU B 677 -11.97 -43.67 82.23
N GLU B 678 -12.46 -44.88 82.56
CA GLU B 678 -13.38 -45.58 81.68
C GLU B 678 -14.77 -44.94 81.67
N VAL B 679 -15.10 -44.16 82.69
CA VAL B 679 -16.32 -43.35 82.65
C VAL B 679 -16.06 -42.01 81.98
N SER B 680 -14.94 -41.36 82.33
CA SER B 680 -14.64 -40.02 81.83
C SER B 680 -14.32 -40.00 80.33
N ASN B 681 -13.86 -41.12 79.76
CA ASN B 681 -13.65 -41.18 78.32
C ASN B 681 -14.97 -41.31 77.57
N LEU B 682 -15.95 -42.00 78.16
CA LEU B 682 -17.26 -42.13 77.54
C LEU B 682 -18.13 -40.90 77.76
N GLU B 683 -17.79 -40.08 78.76
CA GLU B 683 -18.44 -38.77 78.92
C GLU B 683 -18.23 -37.90 77.70
N LYS B 684 -17.02 -37.92 77.13
CA LYS B 684 -16.75 -37.18 75.91
C LYS B 684 -17.55 -37.72 74.73
N SER B 685 -17.79 -39.03 74.68
CA SER B 685 -18.64 -39.60 73.64
C SER B 685 -20.08 -39.15 73.81
N LYS B 686 -20.55 -39.03 75.06
CA LYS B 686 -21.88 -38.47 75.32
C LYS B 686 -21.97 -37.03 74.84
N ILE B 687 -20.92 -36.24 75.07
CA ILE B 687 -20.90 -34.84 74.63
C ILE B 687 -20.89 -34.76 73.10
N GLN B 688 -20.17 -35.68 72.44
CA GLN B 688 -20.15 -35.69 70.98
C GLN B 688 -21.49 -36.10 70.39
N LEU B 689 -22.18 -37.07 71.01
CA LEU B 689 -23.49 -37.46 70.51
C LEU B 689 -24.53 -36.38 70.74
N GLU B 690 -24.42 -35.64 71.85
CA GLU B 690 -25.30 -34.49 72.04
C GLU B 690 -24.99 -33.37 71.06
N GLY B 691 -23.71 -33.20 70.70
CA GLY B 691 -23.35 -32.22 69.68
C GLY B 691 -23.87 -32.56 68.30
N LYS B 692 -23.95 -33.86 67.99
CA LYS B 692 -24.59 -34.27 66.74
C LYS B 692 -26.10 -34.08 66.81
N LYS B 693 -26.70 -34.36 67.97
CA LYS B 693 -28.15 -34.28 68.10
C LYS B 693 -28.64 -32.84 68.03
N LYS B 694 -27.88 -31.90 68.58
CA LYS B 694 -28.29 -30.50 68.57
C LYS B 694 -28.17 -29.85 67.20
N GLU B 695 -27.57 -30.52 66.21
CA GLU B 695 -27.62 -30.07 64.83
C GLU B 695 -28.60 -30.87 63.99
N GLU B 696 -28.82 -32.15 64.32
CA GLU B 696 -29.84 -32.91 63.61
C GLU B 696 -31.25 -32.45 63.98
N GLU B 697 -31.45 -31.86 65.16
CA GLU B 697 -32.73 -31.21 65.46
C GLU B 697 -32.95 -29.99 64.59
N ILE B 698 -31.88 -29.23 64.30
CA ILE B 698 -31.98 -28.11 63.38
C ILE B 698 -32.26 -28.61 61.96
N LYS B 699 -31.72 -29.78 61.61
CA LYS B 699 -32.05 -30.41 60.33
C LYS B 699 -33.53 -30.76 60.23
N LEU B 700 -34.10 -31.32 61.31
CA LEU B 700 -35.55 -31.60 61.35
C LEU B 700 -36.37 -30.32 61.21
N GLU B 701 -35.98 -29.26 61.93
CA GLU B 701 -36.76 -28.02 61.88
C GLU B 701 -36.70 -27.37 60.51
N GLN B 702 -35.52 -27.36 59.88
CA GLN B 702 -35.38 -26.77 58.55
C GLN B 702 -36.11 -27.62 57.50
N ALA B 703 -36.13 -28.94 57.66
CA ALA B 703 -36.91 -29.79 56.76
C ALA B 703 -38.40 -29.52 56.89
N LYS B 704 -38.92 -29.57 58.12
CA LYS B 704 -40.35 -29.34 58.34
C LYS B 704 -40.78 -27.91 58.04
N ASP B 705 -39.84 -26.96 57.97
CA ASP B 705 -40.18 -25.63 57.47
C ASP B 705 -40.18 -25.58 55.95
N ASN B 706 -39.19 -26.17 55.29
CA ASN B 706 -39.10 -26.07 53.83
C ASN B 706 -39.97 -27.09 53.10
N ILE B 707 -40.72 -27.92 53.82
CA ILE B 707 -41.56 -28.92 53.20
C ILE B 707 -43.05 -28.60 53.37
N GLN B 708 -43.41 -27.85 54.42
CA GLN B 708 -44.78 -27.38 54.61
C GLN B 708 -45.04 -26.06 53.88
N SER B 709 -44.30 -25.76 52.81
CA SER B 709 -44.46 -24.52 52.07
C SER B 709 -44.56 -24.75 50.56
N LEU B 710 -44.88 -25.97 50.12
CA LEU B 710 -44.97 -26.30 48.70
C LEU B 710 -46.42 -26.30 48.29
N ILE B 711 -47.00 -25.11 48.15
CA ILE B 711 -48.43 -24.97 47.88
C ILE B 711 -48.64 -24.12 46.62
N ASN B 712 -47.71 -23.22 46.33
CA ASN B 712 -47.98 -22.06 45.49
C ASN B 712 -47.76 -22.30 44.00
N ASN B 713 -47.92 -23.53 43.53
CA ASN B 713 -47.83 -23.82 42.10
C ASN B 713 -49.17 -23.53 41.46
N TRP B 714 -49.24 -22.46 40.66
CA TRP B 714 -50.50 -21.96 40.14
C TRP B 714 -50.45 -21.75 38.62
N ASP B 715 -49.40 -22.25 37.95
CA ASP B 715 -49.24 -22.37 36.50
C ASP B 715 -49.10 -21.05 35.75
N SER B 716 -49.27 -19.92 36.43
CA SER B 716 -49.07 -18.63 35.78
C SER B 716 -47.65 -18.10 35.98
N GLU B 717 -46.88 -18.72 36.88
CA GLU B 717 -45.53 -18.30 37.17
C GLU B 717 -44.53 -18.73 36.10
N ILE B 718 -44.92 -19.66 35.24
CA ILE B 718 -44.00 -20.17 34.23
C ILE B 718 -43.83 -19.15 33.10
N ILE B 719 -44.92 -18.47 32.74
CA ILE B 719 -44.81 -17.42 31.74
C ILE B 719 -44.14 -16.19 32.34
N ILE B 720 -44.25 -16.02 33.66
CA ILE B 720 -43.45 -15.02 34.36
C ILE B 720 -41.97 -15.38 34.29
N ARG B 721 -41.65 -16.66 34.37
CA ARG B 721 -40.26 -17.08 34.18
C ARG B 721 -39.79 -16.92 32.74
N LEU B 722 -40.71 -17.05 31.78
CA LEU B 722 -40.37 -16.74 30.38
C LEU B 722 -40.08 -15.26 30.20
N ALA B 723 -40.90 -14.39 30.78
CA ALA B 723 -40.65 -12.96 30.73
C ALA B 723 -39.44 -12.55 31.56
N ASP B 724 -39.01 -13.41 32.49
CA ASP B 724 -37.71 -13.20 33.14
C ASP B 724 -36.56 -13.60 32.23
N ALA B 725 -36.68 -14.75 31.56
CA ALA B 725 -35.59 -15.27 30.75
C ALA B 725 -35.42 -14.47 29.45
N TYR B 726 -36.43 -14.51 28.59
CA TYR B 726 -36.47 -13.57 27.48
C TYR B 726 -36.82 -12.19 28.02
N HIS B 727 -36.14 -11.15 27.53
CA HIS B 727 -36.30 -9.81 28.07
C HIS B 727 -37.63 -9.22 27.59
N TRP B 728 -38.70 -9.71 28.20
CA TRP B 728 -40.07 -9.29 27.96
C TRP B 728 -40.56 -8.56 29.20
N ASP B 729 -41.85 -8.25 29.22
CA ASP B 729 -42.49 -7.73 30.41
C ASP B 729 -43.68 -8.64 30.75
N ILE B 730 -44.18 -8.48 31.98
CA ILE B 730 -45.16 -9.41 32.52
C ILE B 730 -46.51 -9.25 31.84
N ASN B 731 -46.93 -8.00 31.63
CA ASN B 731 -48.29 -7.70 31.18
C ASN B 731 -48.50 -8.14 29.74
N ILE B 732 -47.57 -7.79 28.84
CA ILE B 732 -47.72 -8.13 27.43
C ILE B 732 -47.59 -9.64 27.23
N ALA B 733 -46.60 -10.26 27.89
CA ALA B 733 -46.37 -11.68 27.67
C ALA B 733 -47.43 -12.57 28.34
N ASN B 734 -48.20 -12.04 29.29
CA ASN B 734 -49.31 -12.82 29.80
C ASN B 734 -50.62 -12.54 29.07
N SER B 735 -50.85 -11.28 28.68
CA SER B 735 -52.05 -10.95 27.93
C SER B 735 -52.03 -11.55 26.53
N MET B 736 -50.85 -11.66 25.91
CA MET B 736 -50.77 -12.35 24.62
C MET B 736 -51.06 -13.83 24.76
N PHE B 737 -50.55 -14.47 25.83
CA PHE B 737 -50.79 -15.89 26.01
C PHE B 737 -52.28 -16.18 26.22
N ILE B 738 -52.93 -15.38 27.07
CA ILE B 738 -54.35 -15.59 27.32
C ILE B 738 -55.17 -15.28 26.07
N LEU B 739 -54.91 -14.16 25.41
CA LEU B 739 -55.73 -13.79 24.26
C LEU B 739 -55.43 -14.59 23.00
N ILE B 740 -54.31 -15.31 22.94
CA ILE B 740 -54.12 -16.28 21.86
C ILE B 740 -54.83 -17.58 22.19
N PHE B 741 -54.54 -18.15 23.36
CA PHE B 741 -54.94 -19.52 23.61
C PHE B 741 -56.29 -19.64 24.30
N GLY B 742 -57.02 -18.55 24.47
CA GLY B 742 -58.33 -18.61 25.11
C GLY B 742 -59.38 -19.38 24.32
N GLU B 743 -59.18 -19.56 23.02
CA GLU B 743 -60.10 -20.38 22.24
C GLU B 743 -59.82 -21.87 22.41
N LYS B 744 -58.60 -22.23 22.78
CA LYS B 744 -58.17 -23.63 22.80
C LYS B 744 -58.15 -24.23 24.19
N ILE B 745 -57.74 -23.46 25.20
CA ILE B 745 -57.69 -23.96 26.58
C ILE B 745 -58.54 -23.07 27.48
N ASN B 746 -58.60 -23.40 28.77
CA ASN B 746 -59.66 -22.92 29.66
C ASN B 746 -59.43 -21.51 30.19
N PHE B 747 -58.28 -21.27 30.85
CA PHE B 747 -57.95 -20.02 31.56
C PHE B 747 -58.99 -19.69 32.63
N THR B 748 -59.03 -20.54 33.65
CA THR B 748 -59.77 -20.21 34.86
C THR B 748 -58.93 -19.28 35.73
N PHE B 749 -59.43 -18.07 35.98
CA PHE B 749 -58.69 -17.09 36.75
C PHE B 749 -58.82 -17.36 38.24
N HIS B 750 -58.28 -16.45 39.05
CA HIS B 750 -58.24 -16.63 40.48
C HIS B 750 -59.28 -15.75 41.16
N TYR B 751 -59.82 -16.26 42.27
CA TYR B 751 -60.89 -15.61 43.01
C TYR B 751 -60.36 -14.36 43.73
N GLU B 752 -61.29 -13.49 44.16
CA GLU B 752 -61.02 -12.19 44.80
C GLU B 752 -60.21 -11.27 43.89
N ASN B 753 -60.41 -11.41 42.57
CA ASN B 753 -59.69 -10.63 41.59
C ASN B 753 -60.59 -10.19 40.44
N ARG B 754 -61.86 -9.89 40.73
CA ARG B 754 -62.80 -9.46 39.69
C ARG B 754 -62.41 -8.09 39.13
N ASN B 755 -62.26 -7.09 40.00
CA ASN B 755 -61.82 -5.78 39.56
C ASN B 755 -60.33 -5.72 39.24
N ASP B 756 -59.57 -6.76 39.60
CA ASP B 756 -58.13 -6.75 39.44
C ASP B 756 -57.74 -6.97 37.98
N TYR B 757 -58.47 -7.81 37.26
CA TYR B 757 -58.15 -8.13 35.87
C TYR B 757 -59.14 -7.40 34.98
N HIS B 758 -58.82 -6.15 34.64
CA HIS B 758 -59.64 -5.40 33.70
C HIS B 758 -59.40 -5.91 32.28
N TYR B 759 -60.49 -6.23 31.59
CA TYR B 759 -60.40 -6.67 30.20
C TYR B 759 -61.20 -5.71 29.31
N GLU B 760 -60.56 -5.29 28.21
CA GLU B 760 -61.21 -4.53 27.17
C GLU B 760 -60.79 -5.07 25.81
N GLU B 761 -61.48 -4.60 24.77
CA GLU B 761 -61.30 -5.19 23.45
C GLU B 761 -60.02 -4.70 22.79
N HIS B 762 -59.65 -3.45 23.01
CA HIS B 762 -58.53 -2.85 22.30
C HIS B 762 -57.20 -3.22 22.94
N TYR B 763 -57.14 -3.23 24.27
CA TYR B 763 -55.91 -3.57 25.01
C TYR B 763 -56.34 -4.44 26.19
N GLY B 764 -56.37 -5.76 25.96
CA GLY B 764 -56.94 -6.68 26.92
C GLY B 764 -55.98 -7.07 28.03
N TYR B 765 -56.57 -7.31 29.20
CA TYR B 765 -55.92 -7.89 30.38
C TYR B 765 -54.74 -7.03 30.85
N ARG B 766 -55.08 -5.91 31.46
CA ARG B 766 -54.07 -4.96 31.91
C ARG B 766 -53.27 -5.44 33.12
N PHE B 767 -53.81 -6.38 33.91
CA PHE B 767 -53.11 -7.05 35.02
C PHE B 767 -52.60 -6.04 36.05
N GLU B 768 -53.56 -5.41 36.75
CA GLU B 768 -53.25 -4.43 37.78
C GLU B 768 -52.39 -4.99 38.92
N GLN B 769 -52.45 -6.30 39.15
CA GLN B 769 -51.55 -6.97 40.09
C GLN B 769 -50.87 -8.13 39.38
N LYS B 770 -50.23 -9.02 40.15
CA LYS B 770 -49.59 -10.19 39.57
C LYS B 770 -50.63 -11.12 38.96
N PRO B 771 -50.42 -11.60 37.74
CA PRO B 771 -51.41 -12.48 37.10
C PRO B 771 -51.39 -13.89 37.65
N MET B 772 -52.57 -14.38 38.01
CA MET B 772 -52.73 -15.67 38.70
C MET B 772 -53.82 -16.45 37.97
N TYR B 773 -53.41 -17.42 37.15
CA TYR B 773 -54.38 -18.20 36.40
C TYR B 773 -53.84 -19.58 36.08
N SER B 774 -54.73 -20.58 36.14
CA SER B 774 -54.45 -21.93 35.67
C SER B 774 -55.02 -22.08 34.27
N PHE B 775 -54.37 -22.90 33.43
CA PHE B 775 -54.75 -22.90 32.04
C PHE B 775 -54.83 -24.29 31.40
N ASP B 776 -54.88 -25.36 32.20
CA ASP B 776 -55.22 -26.72 31.76
C ASP B 776 -54.24 -27.23 30.70
N LYS B 777 -53.03 -27.55 31.16
CA LYS B 777 -51.92 -27.95 30.31
C LYS B 777 -52.12 -29.27 29.57
N LYS B 778 -51.06 -29.70 28.86
CA LYS B 778 -51.01 -30.82 27.91
C LYS B 778 -52.19 -30.82 26.93
N LEU B 779 -52.58 -29.63 26.49
CA LEU B 779 -53.53 -29.45 25.41
C LEU B 779 -53.00 -28.49 24.36
N THR B 780 -52.08 -27.60 24.72
CA THR B 780 -51.29 -26.83 23.78
C THR B 780 -50.12 -27.66 23.27
N ASN B 781 -49.30 -27.05 22.43
CA ASN B 781 -48.04 -27.64 21.99
C ASN B 781 -46.93 -27.01 22.82
N GLY B 782 -46.28 -27.81 23.66
CA GLY B 782 -45.44 -27.34 24.75
C GLY B 782 -44.21 -26.55 24.35
N PHE B 783 -43.80 -26.62 23.09
CA PHE B 783 -42.67 -25.84 22.61
C PHE B 783 -43.00 -24.97 21.40
N GLY B 784 -43.97 -25.36 20.57
CA GLY B 784 -44.42 -24.48 19.50
C GLY B 784 -45.16 -23.27 20.00
N SER B 785 -45.69 -23.31 21.23
CA SER B 785 -46.38 -22.15 21.79
C SER B 785 -45.39 -21.05 22.14
N ILE B 786 -44.18 -21.43 22.59
CA ILE B 786 -43.11 -20.45 22.79
C ILE B 786 -42.73 -19.81 21.46
N LEU B 787 -42.69 -20.61 20.39
CA LEU B 787 -42.39 -20.10 19.07
C LEU B 787 -43.49 -19.21 18.54
N LEU B 788 -44.74 -19.41 18.97
CA LEU B 788 -45.79 -18.47 18.61
C LEU B 788 -45.63 -17.17 19.39
N LEU B 789 -45.44 -17.28 20.71
CA LEU B 789 -45.35 -16.11 21.59
C LEU B 789 -44.16 -15.22 21.25
N LYS B 790 -43.06 -15.80 20.77
CA LYS B 790 -41.92 -15.00 20.32
C LYS B 790 -42.28 -14.10 19.16
N ASN B 791 -42.90 -14.66 18.12
CA ASN B 791 -43.22 -13.86 16.95
C ASN B 791 -44.34 -12.86 17.23
N HIS B 792 -45.29 -13.23 18.11
CA HIS B 792 -46.32 -12.29 18.52
C HIS B 792 -45.75 -11.11 19.28
N ILE B 793 -44.90 -11.36 20.27
CA ILE B 793 -44.30 -10.26 21.04
C ILE B 793 -43.25 -9.53 20.21
N TYR B 794 -42.68 -10.20 19.20
CA TYR B 794 -41.73 -9.53 18.32
C TYR B 794 -42.42 -8.54 17.40
N ILE B 795 -43.63 -8.90 16.92
CA ILE B 795 -44.41 -7.93 16.16
C ILE B 795 -44.97 -6.84 17.07
N ALA B 796 -45.25 -7.18 18.33
CA ALA B 796 -45.68 -6.17 19.30
C ALA B 796 -44.58 -5.16 19.59
N GLU B 797 -43.33 -5.61 19.64
CA GLU B 797 -42.21 -4.71 19.92
C GLU B 797 -41.67 -4.05 18.67
N LYS B 798 -41.94 -4.60 17.49
CA LYS B 798 -41.42 -4.04 16.26
C LYS B 798 -42.34 -2.96 15.70
N LEU B 799 -43.63 -3.27 15.56
CA LEU B 799 -44.56 -2.26 15.07
C LEU B 799 -45.10 -1.38 16.17
N LYS B 800 -44.83 -1.72 17.44
CA LYS B 800 -45.21 -0.94 18.62
C LYS B 800 -46.71 -0.71 18.70
N ILE B 801 -47.44 -1.84 18.74
CA ILE B 801 -48.89 -1.83 18.83
C ILE B 801 -49.24 -2.32 20.22
N HIS B 802 -50.51 -2.29 20.58
CA HIS B 802 -50.95 -3.00 21.76
C HIS B 802 -50.97 -4.51 21.49
N PRO B 803 -50.84 -5.32 22.53
CA PRO B 803 -51.09 -6.77 22.37
C PRO B 803 -52.54 -7.12 22.11
N GLY B 804 -53.49 -6.24 22.40
CA GLY B 804 -54.88 -6.56 22.17
C GLY B 804 -55.36 -6.36 20.74
N THR B 805 -54.52 -5.84 19.85
CA THR B 805 -54.91 -5.59 18.47
C THR B 805 -54.12 -6.39 17.44
N ILE B 806 -53.06 -7.09 17.84
CA ILE B 806 -52.42 -8.05 16.94
C ILE B 806 -53.39 -9.18 16.63
N ILE B 807 -54.22 -9.55 17.59
CA ILE B 807 -55.24 -10.54 17.35
C ILE B 807 -56.39 -9.98 16.52
N LYS B 808 -56.60 -8.66 16.53
CA LYS B 808 -57.54 -8.08 15.57
C LYS B 808 -56.95 -8.05 14.16
N ILE B 809 -55.63 -7.87 14.04
CA ILE B 809 -54.95 -8.06 12.76
C ILE B 809 -55.09 -9.50 12.29
N LYS B 810 -55.00 -10.45 13.23
CA LYS B 810 -55.19 -11.86 12.90
C LYS B 810 -56.63 -12.15 12.46
N ASN B 811 -57.59 -11.47 13.08
CA ASN B 811 -58.98 -11.62 12.67
C ASN B 811 -59.21 -11.06 11.28
N TYR B 812 -58.60 -9.91 10.97
CA TYR B 812 -58.72 -9.33 9.63
C TYR B 812 -58.03 -10.19 8.58
N ILE B 813 -56.93 -10.85 8.93
CA ILE B 813 -56.24 -11.68 7.94
C ILE B 813 -56.94 -13.02 7.77
N PHE B 814 -57.11 -13.78 8.85
CA PHE B 814 -57.55 -15.17 8.76
C PHE B 814 -59.05 -15.33 8.82
N ASP B 815 -59.80 -14.32 9.27
CA ASP B 815 -61.24 -14.43 9.41
C ASP B 815 -62.00 -13.31 8.72
N ASP B 816 -61.31 -12.23 8.30
CA ASP B 816 -61.77 -11.28 7.31
C ASP B 816 -63.00 -10.49 7.75
N LYS B 817 -62.92 -9.88 8.94
CA LYS B 817 -64.02 -9.07 9.43
C LYS B 817 -64.18 -7.80 8.62
N SER B 818 -63.06 -7.11 8.33
CA SER B 818 -62.96 -5.87 7.56
C SER B 818 -63.74 -4.69 8.17
N ASN B 819 -64.19 -4.84 9.41
CA ASN B 819 -64.72 -3.73 10.19
C ASN B 819 -63.72 -3.26 11.23
N GLU B 820 -62.56 -3.94 11.33
CA GLU B 820 -61.54 -3.62 12.30
C GLU B 820 -60.50 -2.65 11.77
N LEU B 821 -60.61 -2.23 10.50
CA LEU B 821 -59.59 -1.39 9.90
C LEU B 821 -59.57 0.01 10.50
N GLU B 822 -60.73 0.48 10.99
CA GLU B 822 -60.79 1.75 11.70
C GLU B 822 -60.05 1.70 13.03
N ASN B 823 -59.79 0.51 13.57
CA ASN B 823 -59.01 0.35 14.79
C ASN B 823 -57.53 0.18 14.48
N ILE B 824 -57.22 -0.72 13.55
CA ILE B 824 -55.83 -1.04 13.23
C ILE B 824 -55.13 0.15 12.58
N ALA B 825 -55.87 0.92 11.77
CA ALA B 825 -55.26 2.10 11.17
C ALA B 825 -55.06 3.20 12.20
N ASN B 826 -55.96 3.30 13.19
CA ASN B 826 -55.79 4.29 14.23
C ASN B 826 -54.71 3.92 15.23
N LYS B 827 -54.37 2.64 15.35
CA LYS B 827 -53.37 2.24 16.34
C LYS B 827 -52.12 1.63 15.72
N LEU B 828 -51.95 1.68 14.40
CA LEU B 828 -50.63 1.60 13.80
C LEU B 828 -49.99 2.96 13.62
N ARG B 829 -50.70 4.01 14.01
CA ARG B 829 -50.26 5.38 13.94
C ARG B 829 -49.56 5.82 15.22
N VAL B 830 -49.32 4.87 16.14
CA VAL B 830 -48.97 5.19 17.51
C VAL B 830 -47.53 5.68 17.61
N ASN B 831 -46.58 4.83 17.25
CA ASN B 831 -45.19 5.25 17.16
C ASN B 831 -44.70 5.34 15.73
N LEU B 832 -45.52 4.91 14.77
CA LEU B 832 -45.18 4.98 13.36
C LEU B 832 -46.06 6.03 12.69
N GLY B 833 -45.57 6.55 11.57
CA GLY B 833 -46.27 7.61 10.87
C GLY B 833 -46.22 8.93 11.62
N SER B 834 -45.02 9.33 12.02
CA SER B 834 -44.83 10.60 12.70
C SER B 834 -45.03 11.75 11.72
N PRO B 835 -45.48 12.93 12.20
CA PRO B 835 -45.68 14.07 11.29
C PRO B 835 -44.40 14.66 10.72
N THR B 836 -43.22 14.23 11.17
CA THR B 836 -41.95 14.57 10.54
C THR B 836 -41.32 13.26 10.08
N SER B 837 -41.75 12.80 8.90
CA SER B 837 -41.26 11.57 8.29
C SER B 837 -41.56 11.63 6.80
N THR B 838 -41.41 10.49 6.12
CA THR B 838 -41.72 10.38 4.70
C THR B 838 -42.90 9.49 4.40
N VAL B 839 -43.40 8.73 5.38
CA VAL B 839 -44.54 7.85 5.15
C VAL B 839 -45.81 8.68 4.94
N LEU B 840 -45.93 9.79 5.66
CA LEU B 840 -47.11 10.65 5.55
C LEU B 840 -47.15 11.37 4.21
N ASN B 841 -45.99 11.55 3.55
CA ASN B 841 -45.98 12.03 2.18
C ASN B 841 -46.62 11.01 1.24
N LYS B 842 -46.35 9.72 1.44
CA LYS B 842 -46.98 8.69 0.60
C LYS B 842 -48.46 8.54 0.93
N ILE B 843 -48.83 8.77 2.20
CA ILE B 843 -50.23 8.86 2.58
C ILE B 843 -50.95 9.96 1.80
N ASN B 844 -50.32 11.14 1.73
CA ASN B 844 -50.94 12.27 1.04
C ASN B 844 -50.98 12.04 -0.47
N GLU B 845 -49.95 11.41 -1.02
CA GLU B 845 -49.95 11.10 -2.45
C GLU B 845 -51.02 10.08 -2.81
N SER B 846 -51.26 9.09 -1.93
CA SER B 846 -52.36 8.18 -2.20
C SER B 846 -53.72 8.79 -1.90
N ARG B 847 -53.78 9.82 -1.05
CA ARG B 847 -55.06 10.48 -0.80
C ARG B 847 -55.46 11.43 -1.93
N ARG B 848 -54.49 12.11 -2.56
CA ARG B 848 -54.87 13.03 -3.63
C ARG B 848 -55.37 12.29 -4.87
N ASP B 849 -54.89 11.06 -5.10
CA ASP B 849 -55.35 10.32 -6.26
C ASP B 849 -56.79 9.87 -6.09
N ALA B 850 -57.22 9.65 -4.83
CA ALA B 850 -58.62 9.38 -4.57
C ALA B 850 -59.46 10.65 -4.62
N LEU B 851 -58.94 11.75 -4.03
CA LEU B 851 -59.73 12.97 -3.93
C LEU B 851 -59.93 13.64 -5.29
N VAL B 852 -58.91 13.64 -6.15
CA VAL B 852 -59.04 14.24 -7.47
C VAL B 852 -60.01 13.45 -8.34
N ASN B 853 -59.92 12.12 -8.31
CA ASN B 853 -60.82 11.29 -9.10
C ASN B 853 -62.25 11.35 -8.59
N TYR B 854 -62.42 11.44 -7.26
CA TYR B 854 -63.76 11.59 -6.70
C TYR B 854 -64.34 12.96 -6.99
N TYR B 855 -63.50 14.00 -7.05
CA TYR B 855 -64.02 15.31 -7.39
C TYR B 855 -64.33 15.40 -8.87
N LEU B 856 -63.64 14.62 -9.70
CA LEU B 856 -64.04 14.52 -11.10
C LEU B 856 -65.31 13.70 -11.26
N ALA B 857 -65.58 12.79 -10.32
CA ALA B 857 -66.79 11.98 -10.40
C ALA B 857 -68.02 12.78 -9.98
N LYS B 858 -67.94 13.53 -8.89
CA LYS B 858 -69.11 14.19 -8.31
C LYS B 858 -68.75 15.59 -7.84
N ASN B 859 -69.80 16.40 -7.66
CA ASN B 859 -69.78 17.64 -6.88
C ASN B 859 -68.86 18.72 -7.44
N VAL B 860 -69.07 19.10 -8.71
CA VAL B 860 -68.53 20.35 -9.25
C VAL B 860 -69.77 21.06 -9.78
N SER B 861 -69.61 22.27 -10.30
CA SER B 861 -70.61 22.83 -11.20
C SER B 861 -70.56 22.04 -12.49
N GLY B 862 -71.59 21.21 -12.73
CA GLY B 862 -71.59 20.28 -13.85
C GLY B 862 -71.76 20.91 -15.21
N ASP B 863 -72.06 22.21 -15.27
CA ASP B 863 -72.22 22.87 -16.56
C ASP B 863 -70.88 23.06 -17.27
N GLU B 864 -69.78 23.07 -16.51
CA GLU B 864 -68.46 23.13 -17.12
C GLU B 864 -67.94 21.71 -17.37
N LYS B 865 -67.38 21.49 -18.55
CA LYS B 865 -66.88 20.17 -18.92
C LYS B 865 -65.54 19.89 -18.22
N ILE B 866 -65.60 19.31 -17.03
CA ILE B 866 -64.42 18.99 -16.25
C ILE B 866 -64.38 17.48 -16.10
N LYS B 867 -63.49 16.82 -16.82
CA LYS B 867 -63.47 15.36 -16.86
C LYS B 867 -62.11 14.79 -16.49
N THR B 868 -61.04 15.49 -16.83
CA THR B 868 -59.69 15.02 -16.57
C THR B 868 -59.04 15.88 -15.50
N ALA B 869 -57.78 15.55 -15.17
CA ALA B 869 -57.07 16.28 -14.12
C ALA B 869 -56.58 17.62 -14.60
N GLU B 870 -56.35 17.79 -15.91
CA GLU B 870 -55.95 19.11 -16.41
C GLU B 870 -57.12 20.08 -16.42
N GLN B 871 -58.34 19.57 -16.67
CA GLN B 871 -59.54 20.38 -16.53
C GLN B 871 -59.71 20.87 -15.10
N LEU B 872 -59.46 19.99 -14.14
CA LEU B 872 -59.51 20.37 -12.73
C LEU B 872 -58.38 21.32 -12.37
N TYR B 873 -57.24 21.18 -13.03
CA TYR B 873 -56.13 22.12 -12.80
C TYR B 873 -56.49 23.51 -13.30
N GLN B 874 -57.17 23.59 -14.44
CA GLN B 874 -57.65 24.87 -14.92
C GLN B 874 -58.76 25.42 -14.04
N TYR B 875 -59.54 24.56 -13.40
CA TYR B 875 -60.66 25.02 -12.59
C TYR B 875 -60.20 25.50 -11.21
N LEU B 876 -59.64 24.59 -10.40
CA LEU B 876 -59.29 24.92 -9.02
C LEU B 876 -57.95 25.60 -8.86
N LEU B 877 -57.23 25.86 -9.95
CA LEU B 877 -56.01 26.68 -9.99
C LEU B 877 -54.87 26.12 -9.14
N LEU B 878 -54.89 24.82 -8.84
CA LEU B 878 -53.93 24.20 -7.95
C LEU B 878 -53.45 22.88 -8.55
N ASP B 879 -52.18 22.56 -8.34
CA ASP B 879 -51.52 21.47 -9.05
C ASP B 879 -52.03 20.14 -8.52
N THR B 880 -52.97 19.54 -9.25
CA THR B 880 -53.59 18.27 -8.88
C THR B 880 -52.75 17.05 -9.22
N LYS B 881 -51.50 17.23 -9.64
CA LYS B 881 -50.60 16.12 -9.90
C LYS B 881 -49.22 16.35 -9.30
N ILE B 882 -49.13 17.22 -8.30
CA ILE B 882 -47.83 17.61 -7.76
C ILE B 882 -47.35 16.53 -6.79
N GLY B 883 -46.03 16.40 -6.68
CA GLY B 883 -45.42 15.48 -5.74
C GLY B 883 -45.36 16.06 -4.35
N HIS B 884 -44.55 15.42 -3.51
CA HIS B 884 -44.43 15.84 -2.11
C HIS B 884 -43.20 16.70 -1.84
N GLU B 885 -42.26 16.77 -2.77
CA GLU B 885 -41.00 17.45 -2.54
C GLU B 885 -41.07 18.95 -2.80
N VAL B 886 -42.12 19.44 -3.44
CA VAL B 886 -42.22 20.85 -3.79
C VAL B 886 -42.82 21.61 -2.61
N LYS B 887 -42.16 22.69 -2.20
CA LYS B 887 -42.59 23.51 -1.08
C LYS B 887 -42.84 24.94 -1.55
N THR B 888 -43.90 25.55 -1.03
CA THR B 888 -44.35 26.85 -1.51
C THR B 888 -45.10 27.58 -0.41
N SER B 889 -44.64 28.79 -0.07
CA SER B 889 -45.30 29.63 0.91
C SER B 889 -46.70 30.01 0.42
N PRO B 890 -47.68 30.19 1.33
CA PRO B 890 -49.08 30.33 0.90
C PRO B 890 -49.39 31.59 0.10
N ILE B 891 -48.71 32.70 0.39
CA ILE B 891 -48.91 33.91 -0.42
C ILE B 891 -48.36 33.71 -1.82
N ALA B 892 -47.26 32.96 -1.95
CA ALA B 892 -46.72 32.65 -3.28
C ALA B 892 -47.65 31.73 -4.05
N GLU B 893 -48.30 30.79 -3.36
CA GLU B 893 -49.26 29.92 -4.03
C GLU B 893 -50.53 30.66 -4.42
N ALA B 894 -50.95 31.63 -3.62
CA ALA B 894 -52.09 32.46 -3.99
C ALA B 894 -51.76 33.35 -5.20
N ILE B 895 -50.53 33.88 -5.24
CA ILE B 895 -50.06 34.65 -6.38
C ILE B 895 -50.05 33.79 -7.64
N SER B 896 -49.57 32.54 -7.53
CA SER B 896 -49.52 31.68 -8.70
C SER B 896 -50.91 31.28 -9.17
N SER B 897 -51.84 31.05 -8.24
CA SER B 897 -53.21 30.71 -8.63
C SER B 897 -53.91 31.88 -9.31
N LEU B 898 -53.71 33.10 -8.80
CA LEU B 898 -54.32 34.24 -9.44
C LEU B 898 -53.66 34.58 -10.77
N GLN B 899 -52.36 34.29 -10.92
CA GLN B 899 -51.71 34.50 -12.22
C GLN B 899 -52.23 33.52 -13.26
N ILE B 900 -52.48 32.27 -12.86
CA ILE B 900 -53.11 31.30 -13.75
C ILE B 900 -54.52 31.74 -14.11
N TYR B 901 -55.25 32.31 -13.15
CA TYR B 901 -56.62 32.77 -13.43
C TYR B 901 -56.66 33.95 -14.38
N ILE B 902 -55.75 34.92 -14.20
CA ILE B 902 -55.70 36.07 -15.12
C ILE B 902 -55.24 35.63 -16.50
N ASN B 903 -54.26 34.72 -16.58
CA ASN B 903 -53.80 34.24 -17.88
C ASN B 903 -54.87 33.43 -18.60
N ARG B 904 -55.77 32.78 -17.86
CA ARG B 904 -56.90 32.14 -18.54
C ARG B 904 -57.98 33.15 -18.93
N CYS B 905 -58.20 34.20 -18.13
CA CYS B 905 -59.30 35.11 -18.43
C CYS B 905 -58.94 36.11 -19.53
N VAL B 906 -57.66 36.45 -19.67
CA VAL B 906 -57.25 37.37 -20.72
C VAL B 906 -57.33 36.70 -22.09
N ASP B 907 -56.92 35.44 -22.18
CA ASP B 907 -56.83 34.72 -23.45
C ASP B 907 -58.18 34.21 -23.98
N GLY B 908 -59.30 34.66 -23.43
CA GLY B 908 -60.60 34.36 -23.98
C GLY B 908 -61.08 32.94 -23.76
N GLU B 909 -60.44 32.17 -22.89
CA GLU B 909 -60.85 30.79 -22.66
C GLU B 909 -62.00 30.68 -21.69
N GLU B 910 -62.40 31.78 -21.04
CA GLU B 910 -63.58 31.78 -20.19
C GLU B 910 -64.81 31.96 -21.06
N ASN B 911 -65.80 31.10 -20.87
CA ASN B 911 -66.96 31.06 -21.76
C ASN B 911 -67.89 32.25 -21.53
N ASP B 912 -68.44 32.35 -20.32
CA ASP B 912 -69.30 33.47 -19.95
C ASP B 912 -68.51 34.34 -18.98
N LEU B 913 -68.34 35.62 -19.33
CA LEU B 913 -67.51 36.51 -18.53
C LEU B 913 -68.01 37.94 -18.72
N HIS B 914 -67.43 38.85 -17.93
CA HIS B 914 -67.97 40.19 -17.77
C HIS B 914 -67.20 41.16 -18.66
N GLU B 915 -67.87 41.68 -19.68
CA GLU B 915 -67.19 42.45 -20.72
C GLU B 915 -67.00 43.91 -20.38
N LYS B 916 -67.93 44.53 -19.64
CA LYS B 916 -67.85 45.97 -19.45
C LYS B 916 -66.90 46.38 -18.33
N ASN B 917 -66.24 45.44 -17.67
CA ASN B 917 -65.04 45.74 -16.89
C ASN B 917 -63.77 45.40 -17.65
N ILE B 918 -63.81 44.41 -18.54
CA ILE B 918 -62.70 44.14 -19.44
C ILE B 918 -62.45 45.33 -20.36
N SER B 919 -63.53 46.04 -20.73
CA SER B 919 -63.40 47.30 -21.46
C SER B 919 -62.70 48.38 -20.63
N THR B 920 -62.70 48.28 -19.31
CA THR B 920 -62.04 49.26 -18.47
C THR B 920 -60.61 48.85 -18.11
N HIS B 921 -60.34 47.55 -18.00
CA HIS B 921 -59.01 47.09 -17.61
C HIS B 921 -58.05 46.94 -18.77
N PHE B 922 -58.55 46.91 -20.01
CA PHE B 922 -57.71 46.89 -21.20
C PHE B 922 -57.66 48.25 -21.87
N SER B 923 -57.61 49.31 -21.07
CA SER B 923 -57.51 50.68 -21.57
C SER B 923 -56.08 51.02 -21.95
N SER B 924 -55.78 52.31 -22.08
CA SER B 924 -54.43 52.74 -22.41
C SER B 924 -53.45 52.40 -21.29
N ASP B 925 -53.76 52.82 -20.06
CA ASP B 925 -52.91 52.55 -18.89
C ASP B 925 -53.76 52.03 -17.73
N ASN B 926 -53.99 50.72 -17.71
CA ASN B 926 -54.53 50.04 -16.54
C ASN B 926 -53.75 48.75 -16.35
N PHE B 927 -54.28 47.85 -15.53
CA PHE B 927 -53.51 46.69 -15.10
C PHE B 927 -53.39 45.66 -16.21
N LEU B 928 -54.49 45.33 -16.88
CA LEU B 928 -54.45 44.25 -17.85
C LEU B 928 -53.89 44.68 -19.20
N HIS B 929 -53.68 45.96 -19.43
CA HIS B 929 -53.01 46.37 -20.66
C HIS B 929 -51.51 46.10 -20.58
N GLY B 930 -50.91 46.43 -19.44
CA GLY B 930 -49.52 46.09 -19.22
C GLY B 930 -49.38 44.76 -18.51
N TRP B 931 -50.25 43.81 -18.84
CA TRP B 931 -50.14 42.48 -18.26
C TRP B 931 -48.92 41.76 -18.81
N ASN B 932 -48.88 41.54 -20.13
CA ASN B 932 -47.76 40.84 -20.76
C ASN B 932 -46.46 41.61 -20.67
N SER B 933 -46.55 42.95 -20.62
CA SER B 933 -45.34 43.76 -20.48
C SER B 933 -44.78 43.68 -19.07
N TYR B 934 -45.61 43.96 -18.07
CA TYR B 934 -45.08 44.10 -16.72
C TYR B 934 -45.71 43.14 -15.71
N ASN B 935 -47.02 42.94 -15.76
CA ASN B 935 -47.72 42.44 -14.60
C ASN B 935 -47.83 40.92 -14.56
N LYS B 936 -47.26 40.20 -15.52
CA LYS B 936 -47.28 38.74 -15.46
C LYS B 936 -46.39 38.16 -14.37
N ARG B 937 -45.51 38.96 -13.78
CA ARG B 937 -44.43 38.44 -12.99
C ARG B 937 -44.20 39.40 -11.82
N TYR B 938 -43.89 38.85 -10.66
CA TYR B 938 -43.64 39.70 -9.50
C TYR B 938 -42.34 40.49 -9.66
N ALA B 939 -41.34 39.89 -10.30
CA ALA B 939 -40.05 40.56 -10.47
C ALA B 939 -40.17 41.77 -11.40
N ARG B 940 -40.89 41.62 -12.52
CA ARG B 940 -41.03 42.72 -13.44
C ARG B 940 -41.95 43.81 -12.88
N TRP B 941 -42.99 43.41 -12.15
CA TRP B 941 -43.86 44.37 -11.49
C TRP B 941 -43.12 45.16 -10.42
N ALA B 942 -42.28 44.48 -9.64
CA ALA B 942 -41.47 45.15 -8.63
C ALA B 942 -40.46 46.08 -9.28
N GLY B 943 -39.89 45.68 -10.41
CA GLY B 943 -38.95 46.54 -11.11
C GLY B 943 -39.61 47.80 -11.65
N LYS B 944 -40.85 47.69 -12.12
CA LYS B 944 -41.54 48.88 -12.59
C LYS B 944 -41.98 49.78 -11.43
N GLU B 945 -42.50 49.19 -10.36
CA GLU B 945 -42.95 50.02 -9.24
C GLU B 945 -41.79 50.62 -8.45
N LYS B 946 -40.59 50.04 -8.54
CA LYS B 946 -39.43 50.65 -7.93
C LYS B 946 -38.69 51.61 -8.86
N LEU B 947 -38.81 51.41 -10.18
CA LEU B 947 -38.19 52.36 -11.10
C LEU B 947 -38.93 53.69 -11.11
N MET B 948 -40.23 53.68 -10.84
CA MET B 948 -40.98 54.91 -10.75
C MET B 948 -40.92 55.54 -9.37
N TYR B 949 -40.53 54.78 -8.35
CA TYR B 949 -40.38 55.29 -7.01
C TYR B 949 -38.93 55.57 -6.64
N TYR B 950 -37.97 54.91 -7.29
CA TYR B 950 -36.55 55.24 -7.20
C TYR B 950 -35.98 55.29 -8.61
N ALA B 951 -35.97 56.47 -9.21
CA ALA B 951 -35.16 56.66 -10.41
C ALA B 951 -33.68 56.76 -10.09
N ALA B 952 -33.34 57.02 -8.81
CA ALA B 952 -31.95 57.19 -8.43
C ALA B 952 -31.18 55.87 -8.44
N ASP B 953 -31.85 54.76 -8.13
CA ASP B 953 -31.14 53.49 -8.03
C ASP B 953 -30.79 52.93 -9.39
N TYR B 954 -31.53 53.33 -10.44
CA TYR B 954 -31.42 52.71 -11.76
C TYR B 954 -30.82 53.66 -12.78
N ILE B 955 -30.07 54.66 -12.35
CA ILE B 955 -29.63 55.74 -13.23
C ILE B 955 -28.13 55.61 -13.44
N ASP B 956 -27.66 56.14 -14.57
CA ASP B 956 -26.25 56.10 -14.94
C ASP B 956 -25.97 57.23 -15.92
N PRO B 957 -24.74 57.76 -15.95
CA PRO B 957 -24.44 58.86 -16.87
C PRO B 957 -24.31 58.42 -18.31
N THR B 958 -24.05 57.14 -18.55
CA THR B 958 -23.81 56.67 -19.92
C THR B 958 -25.12 56.46 -20.67
N LEU B 959 -25.97 55.57 -20.15
CA LEU B 959 -27.24 55.26 -20.78
C LEU B 959 -28.24 56.36 -20.43
N ARG B 960 -28.49 57.27 -21.37
CA ARG B 960 -29.40 58.37 -21.12
C ARG B 960 -30.13 58.73 -22.41
N TYR B 961 -31.40 59.05 -22.28
CA TYR B 961 -32.17 59.58 -23.39
C TYR B 961 -31.85 61.06 -23.58
N ASN B 962 -32.01 61.53 -24.83
CA ASN B 962 -31.71 62.90 -25.27
C ASN B 962 -30.25 63.27 -25.00
N LYS B 963 -29.35 62.42 -25.46
CA LYS B 963 -27.93 62.78 -25.48
C LYS B 963 -27.64 63.58 -26.74
N THR B 964 -26.98 64.72 -26.57
CA THR B 964 -26.61 65.53 -27.71
C THR B 964 -25.44 64.90 -28.46
N GLU B 965 -25.21 65.41 -29.68
CA GLU B 965 -24.06 64.96 -30.45
C GLU B 965 -22.76 65.44 -29.81
N LEU B 966 -22.80 66.60 -29.16
CA LEU B 966 -21.65 67.10 -28.43
C LEU B 966 -21.35 66.23 -27.21
N PHE B 967 -22.40 65.63 -26.63
CA PHE B 967 -22.19 64.68 -25.55
C PHE B 967 -21.54 63.40 -26.05
N ASN B 968 -21.84 62.99 -27.28
CA ASN B 968 -21.17 61.84 -27.84
C ASN B 968 -19.74 62.17 -28.21
N THR B 969 -19.46 63.42 -28.56
CA THR B 969 -18.08 63.82 -28.81
C THR B 969 -17.29 63.86 -27.51
N PHE B 970 -17.89 64.37 -26.43
CA PHE B 970 -17.21 64.41 -25.13
C PHE B 970 -17.01 63.01 -24.56
N GLU B 971 -18.05 62.17 -24.64
CA GLU B 971 -18.08 60.88 -23.96
C GLU B 971 -17.04 59.93 -24.52
N GLN B 972 -16.72 60.04 -25.80
CA GLN B 972 -15.75 59.19 -26.46
C GLN B 972 -14.45 59.94 -26.77
N SER B 973 -14.21 61.05 -26.08
CA SER B 973 -12.92 61.71 -26.04
C SER B 973 -12.18 61.47 -24.74
N ILE B 974 -12.91 61.25 -23.66
CA ILE B 974 -12.33 60.90 -22.38
C ILE B 974 -12.28 59.38 -22.19
N ASN B 975 -12.41 58.63 -23.27
CA ASN B 975 -12.51 57.18 -23.20
C ASN B 975 -11.12 56.53 -23.19
N ASN B 976 -10.24 57.00 -22.32
CA ASN B 976 -8.88 56.47 -22.18
C ASN B 976 -8.90 55.28 -21.23
N SER B 977 -7.72 54.82 -20.82
CA SER B 977 -7.60 53.79 -19.78
C SER B 977 -6.96 54.31 -18.50
N ARG B 978 -5.78 54.89 -18.56
CA ARG B 978 -5.17 55.49 -17.39
C ARG B 978 -5.31 57.00 -17.58
N LEU B 979 -6.48 57.52 -17.20
CA LEU B 979 -6.84 58.90 -17.46
C LEU B 979 -6.00 59.87 -16.66
N THR B 980 -5.81 61.05 -17.24
CA THR B 980 -5.28 62.21 -16.55
C THR B 980 -6.33 63.31 -16.59
N GLU B 981 -6.09 64.38 -15.83
CA GLU B 981 -7.02 65.50 -15.83
C GLU B 981 -6.84 66.39 -17.05
N LYS B 982 -5.69 66.29 -17.73
CA LYS B 982 -5.46 67.06 -18.95
C LYS B 982 -6.40 66.63 -20.07
N SER B 983 -6.69 65.33 -20.16
CA SER B 983 -7.53 64.84 -21.24
C SER B 983 -8.99 65.27 -21.05
N VAL B 984 -9.48 65.21 -19.81
CA VAL B 984 -10.86 65.62 -19.57
C VAL B 984 -10.99 67.14 -19.63
N LYS B 985 -9.94 67.89 -19.29
CA LYS B 985 -9.99 69.33 -19.51
C LYS B 985 -9.94 69.70 -20.99
N SER B 986 -9.21 68.92 -21.80
CA SER B 986 -9.19 69.17 -23.24
C SER B 986 -10.53 68.85 -23.88
N ALA B 987 -11.16 67.76 -23.45
CA ALA B 987 -12.50 67.45 -23.95
C ALA B 987 -13.52 68.47 -23.47
N LEU B 988 -13.33 69.04 -22.29
CA LEU B 988 -14.21 70.10 -21.81
C LEU B 988 -14.04 71.38 -22.63
N GLN B 989 -12.79 71.71 -23.00
CA GLN B 989 -12.54 72.85 -23.87
C GLN B 989 -13.16 72.64 -25.23
N SER B 990 -13.06 71.43 -25.78
CA SER B 990 -13.68 71.13 -27.06
C SER B 990 -15.20 71.21 -26.99
N TYR B 991 -15.78 70.83 -25.85
CA TYR B 991 -17.22 70.96 -25.65
C TYR B 991 -17.64 72.42 -25.64
N LEU B 992 -16.92 73.28 -24.91
CA LEU B 992 -17.29 74.70 -24.89
C LEU B 992 -17.05 75.39 -26.22
N ILE B 993 -16.02 74.98 -26.96
CA ILE B 993 -15.77 75.57 -28.29
C ILE B 993 -16.87 75.14 -29.26
N SER B 994 -17.35 73.91 -29.14
CA SER B 994 -18.46 73.49 -29.98
C SER B 994 -19.78 74.12 -29.55
N TYR B 995 -19.95 74.41 -28.26
CA TYR B 995 -21.15 75.08 -27.80
C TYR B 995 -21.20 76.54 -28.22
N GLU B 996 -20.04 77.20 -28.25
CA GLU B 996 -20.00 78.62 -28.55
C GLU B 996 -20.41 78.93 -29.99
N LYS B 997 -20.26 77.96 -30.89
CA LYS B 997 -20.78 78.11 -32.24
C LYS B 997 -22.30 78.06 -32.25
N LEU B 998 -22.88 77.09 -31.52
CA LEU B 998 -24.33 76.93 -31.47
C LEU B 998 -25.00 78.05 -30.70
N ALA B 999 -24.28 78.73 -29.81
CA ALA B 999 -24.82 79.86 -29.08
C ALA B 999 -24.87 81.14 -29.90
N GLN B 1000 -24.49 81.09 -31.18
CA GLN B 1000 -24.50 82.24 -32.06
C GLN B 1000 -25.40 82.05 -33.27
N ILE B 1001 -26.21 81.00 -33.28
CA ILE B 1001 -27.07 80.74 -34.43
C ILE B 1001 -28.20 81.75 -34.47
N ASP B 1002 -28.43 82.32 -35.63
CA ASP B 1002 -29.30 83.48 -35.81
C ASP B 1002 -30.61 83.00 -36.43
N THR B 1003 -31.68 83.00 -35.65
CA THR B 1003 -32.96 82.44 -36.09
C THR B 1003 -33.62 83.36 -37.11
N ILE B 1004 -33.86 82.83 -38.31
CA ILE B 1004 -34.42 83.60 -39.42
C ILE B 1004 -35.90 83.26 -39.65
N LYS B 1005 -36.20 82.01 -39.93
CA LYS B 1005 -37.51 81.62 -40.43
C LYS B 1005 -38.20 80.71 -39.42
N GLU B 1006 -39.48 80.94 -39.20
CA GLU B 1006 -40.28 80.15 -38.29
C GLU B 1006 -41.36 79.40 -39.06
N LEU B 1007 -41.92 78.39 -38.42
CA LEU B 1007 -43.01 77.60 -39.01
C LEU B 1007 -43.73 76.88 -37.89
N TYR B 1008 -45.02 77.15 -37.73
CA TYR B 1008 -45.83 76.48 -36.73
C TYR B 1008 -46.75 75.48 -37.42
N VAL B 1009 -46.41 74.20 -37.30
CA VAL B 1009 -47.28 73.14 -37.77
C VAL B 1009 -48.41 72.96 -36.77
N GLU B 1010 -49.64 72.90 -37.26
CA GLU B 1010 -50.79 72.82 -36.37
C GLU B 1010 -51.24 71.39 -36.10
N ASN B 1011 -51.04 70.47 -37.04
CA ASN B 1011 -51.42 69.08 -36.81
C ASN B 1011 -50.49 68.44 -35.78
N ILE B 1012 -49.21 68.33 -36.11
CA ILE B 1012 -48.18 68.00 -35.14
C ILE B 1012 -47.84 69.29 -34.43
N LYS B 1013 -48.04 69.33 -33.12
CA LYS B 1013 -48.02 70.61 -32.40
C LYS B 1013 -46.60 71.14 -32.20
N THR B 1014 -45.88 71.43 -33.29
CA THR B 1014 -44.47 71.75 -33.21
C THR B 1014 -44.16 73.06 -33.93
N HIS B 1015 -43.14 73.73 -33.42
CA HIS B 1015 -42.48 74.83 -34.12
C HIS B 1015 -41.30 74.28 -34.89
N PHE B 1016 -40.90 74.98 -35.95
CA PHE B 1016 -39.68 74.68 -36.66
C PHE B 1016 -38.95 75.98 -36.96
N PHE B 1017 -37.65 75.99 -36.71
CA PHE B 1017 -36.85 77.18 -36.89
C PHE B 1017 -35.75 76.91 -37.91
N LEU B 1018 -35.31 77.98 -38.55
CA LEU B 1018 -34.21 77.91 -39.51
C LEU B 1018 -33.20 78.95 -39.09
N GLY B 1019 -31.99 78.51 -38.77
CA GLY B 1019 -31.03 79.42 -38.20
C GLY B 1019 -29.72 79.52 -38.92
N LYS B 1020 -29.32 80.73 -39.30
CA LYS B 1020 -28.04 80.99 -39.93
C LYS B 1020 -27.00 81.22 -38.85
N THR B 1021 -25.74 80.90 -39.17
CA THR B 1021 -24.67 81.23 -38.26
C THR B 1021 -24.05 82.56 -38.67
N ARG B 1022 -23.12 83.06 -37.85
CA ARG B 1022 -22.53 84.37 -38.07
C ARG B 1022 -21.19 84.24 -38.80
N GLU B 1023 -21.28 83.73 -40.03
CA GLU B 1023 -20.17 83.69 -40.97
C GLU B 1023 -20.67 84.24 -42.29
N SER B 1024 -19.74 84.62 -43.17
CA SER B 1024 -20.19 85.13 -44.46
C SER B 1024 -20.63 84.01 -45.39
N PRO B 1025 -20.02 82.80 -45.39
CA PRO B 1025 -20.78 81.64 -45.83
C PRO B 1025 -21.92 81.36 -44.86
N CYS B 1026 -23.02 80.83 -45.40
CA CYS B 1026 -24.31 80.89 -44.71
C CYS B 1026 -24.39 79.90 -43.55
N GLN B 1027 -24.33 78.59 -43.87
CA GLN B 1027 -24.34 77.49 -42.90
C GLN B 1027 -25.59 77.50 -42.03
N TYR B 1028 -26.74 77.25 -42.67
CA TYR B 1028 -28.00 77.24 -41.93
C TYR B 1028 -28.13 75.98 -41.07
N TYR B 1029 -29.05 76.05 -40.12
CA TYR B 1029 -29.31 74.98 -39.14
C TYR B 1029 -30.82 74.88 -38.94
N TRP B 1030 -31.25 73.93 -38.13
CA TRP B 1030 -32.67 73.81 -37.80
C TRP B 1030 -32.85 73.21 -36.42
N ARG B 1031 -34.00 73.46 -35.82
CA ARG B 1031 -34.36 72.94 -34.51
C ARG B 1031 -35.88 72.87 -34.44
N SER B 1032 -36.41 72.37 -33.32
CA SER B 1032 -37.84 72.26 -33.16
C SER B 1032 -38.24 72.27 -31.70
N GLY B 1033 -39.31 72.98 -31.38
CA GLY B 1033 -39.98 72.87 -30.08
C GLY B 1033 -41.22 72.00 -30.23
N GLU B 1034 -41.35 71.00 -29.36
CA GLU B 1034 -42.16 69.83 -29.65
C GLU B 1034 -43.53 69.81 -28.96
N GLN B 1035 -44.01 70.95 -28.47
CA GLN B 1035 -45.36 70.95 -27.90
C GLN B 1035 -45.98 72.33 -28.10
N LEU B 1036 -47.10 72.58 -27.41
CA LEU B 1036 -47.72 73.89 -27.38
C LEU B 1036 -46.80 74.91 -26.71
N SER B 1037 -46.79 76.13 -27.25
CA SER B 1037 -45.93 77.18 -26.72
C SER B 1037 -46.37 77.65 -25.35
N ASN B 1038 -47.64 77.46 -25.00
CA ASN B 1038 -48.17 77.89 -23.71
C ASN B 1038 -48.87 76.74 -22.98
N ASP B 1039 -48.47 75.50 -23.26
CA ASP B 1039 -48.89 74.38 -22.41
C ASP B 1039 -48.25 74.51 -21.03
N SER B 1040 -47.01 74.96 -20.99
CA SER B 1040 -46.35 75.41 -19.78
C SER B 1040 -45.33 76.48 -20.19
N HIS B 1041 -44.40 76.78 -19.28
CA HIS B 1041 -43.29 77.66 -19.64
C HIS B 1041 -42.31 76.96 -20.58
N HIS B 1042 -42.31 75.64 -20.61
CA HIS B 1042 -41.31 74.87 -21.34
C HIS B 1042 -41.87 74.37 -22.65
N LEU B 1043 -41.16 74.64 -23.74
CA LEU B 1043 -41.25 73.82 -24.93
C LEU B 1043 -40.26 72.67 -24.83
N ARG B 1044 -40.55 71.58 -25.54
CA ARG B 1044 -39.60 70.48 -25.63
C ARG B 1044 -38.68 70.78 -26.82
N TRP B 1045 -37.51 71.34 -26.53
CA TRP B 1045 -36.67 71.88 -27.58
C TRP B 1045 -35.84 70.77 -28.22
N SER B 1046 -34.92 71.17 -29.08
CA SER B 1046 -34.12 70.22 -29.83
C SER B 1046 -32.75 70.83 -30.09
N GLU B 1047 -31.80 69.96 -30.42
CA GLU B 1047 -30.45 70.37 -30.78
C GLU B 1047 -30.48 71.06 -32.14
N TRP B 1048 -29.65 72.10 -32.30
CA TRP B 1048 -29.42 72.64 -33.62
C TRP B 1048 -28.71 71.60 -34.47
N LYS B 1049 -29.34 71.18 -35.55
CA LYS B 1049 -28.75 70.26 -36.49
C LYS B 1049 -28.62 70.92 -37.84
N LYS B 1050 -27.63 70.50 -38.61
CA LYS B 1050 -27.26 71.20 -39.83
C LYS B 1050 -28.14 70.76 -41.00
N VAL B 1051 -28.68 71.73 -41.74
CA VAL B 1051 -29.29 71.42 -43.01
C VAL B 1051 -28.19 71.15 -44.02
N GLU B 1052 -28.27 70.01 -44.70
CA GLU B 1052 -27.09 69.44 -45.34
C GLU B 1052 -26.82 69.99 -46.74
N CYS B 1053 -27.84 70.06 -47.59
CA CYS B 1053 -27.62 70.13 -49.02
C CYS B 1053 -27.89 71.51 -49.60
N ASN B 1054 -26.93 72.03 -50.37
CA ASN B 1054 -27.07 73.04 -51.43
C ASN B 1054 -27.43 74.43 -50.96
N ILE B 1055 -27.68 74.64 -49.67
CA ILE B 1055 -27.85 76.00 -49.16
C ILE B 1055 -26.52 76.66 -48.83
N ASN B 1056 -25.46 75.87 -48.64
CA ASN B 1056 -24.27 76.36 -47.97
C ASN B 1056 -23.26 76.97 -48.92
N GLY B 1057 -23.58 77.07 -50.20
CA GLY B 1057 -22.69 77.75 -51.11
C GLY B 1057 -22.70 79.25 -50.87
N THR B 1058 -21.60 79.90 -51.23
CA THR B 1058 -21.46 81.34 -51.08
C THR B 1058 -22.19 82.03 -52.24
N GLU B 1059 -23.51 82.04 -52.14
CA GLU B 1059 -24.37 82.70 -53.12
C GLU B 1059 -25.34 83.62 -52.40
N GLU B 1060 -26.26 84.23 -53.13
CA GLU B 1060 -27.19 85.19 -52.56
C GLU B 1060 -28.60 84.78 -52.95
N LYS B 1061 -29.50 84.77 -51.98
CA LYS B 1061 -30.84 84.21 -52.14
C LYS B 1061 -31.88 85.31 -52.17
N PHE B 1062 -32.84 85.21 -53.08
CA PHE B 1062 -34.01 86.09 -53.02
C PHE B 1062 -34.82 85.79 -51.77
N PHE B 1063 -35.30 84.56 -51.64
CA PHE B 1063 -36.06 84.14 -50.48
C PHE B 1063 -35.57 82.78 -50.02
N ILE B 1064 -35.93 82.45 -48.79
CA ILE B 1064 -35.85 81.08 -48.30
C ILE B 1064 -37.00 80.87 -47.31
N ASN B 1065 -37.88 79.92 -47.62
CA ASN B 1065 -39.07 79.72 -46.82
C ASN B 1065 -39.27 78.25 -46.48
N LEU B 1066 -39.68 78.01 -45.24
CA LEU B 1066 -40.10 76.69 -44.83
C LEU B 1066 -41.55 76.45 -45.24
N SER B 1067 -41.89 75.17 -45.42
CA SER B 1067 -43.25 74.79 -45.75
C SER B 1067 -43.45 73.33 -45.37
N TRP B 1068 -44.55 73.05 -44.69
CA TRP B 1068 -44.84 71.71 -44.20
C TRP B 1068 -45.78 71.04 -45.18
N TYR B 1069 -45.25 70.11 -45.95
CA TYR B 1069 -46.01 69.50 -47.04
C TYR B 1069 -45.70 68.01 -47.11
N ARG B 1070 -46.75 67.21 -47.33
CA ARG B 1070 -46.69 65.74 -47.36
C ARG B 1070 -46.11 65.18 -46.07
N ASN B 1071 -46.44 65.83 -44.94
CA ASN B 1071 -45.96 65.49 -43.60
C ASN B 1071 -44.45 65.52 -43.51
N ARG B 1072 -43.85 66.39 -44.31
CA ARG B 1072 -42.42 66.59 -44.39
C ARG B 1072 -42.16 68.08 -44.21
N LEU B 1073 -40.90 68.45 -44.14
CA LEU B 1073 -40.52 69.86 -44.05
C LEU B 1073 -39.80 70.22 -45.33
N TYR B 1074 -40.49 70.91 -46.24
CA TYR B 1074 -39.79 71.41 -47.40
C TYR B 1074 -39.11 72.74 -47.08
N VAL B 1075 -38.07 73.05 -47.82
CA VAL B 1075 -37.42 74.35 -47.77
C VAL B 1075 -36.98 74.71 -49.20
N ASP B 1076 -37.31 75.93 -49.62
CA ASP B 1076 -37.19 76.34 -51.01
C ASP B 1076 -36.42 77.65 -51.08
N TRP B 1077 -35.57 77.80 -52.10
CA TRP B 1077 -34.83 79.05 -52.21
C TRP B 1077 -34.41 79.28 -53.66
N LEU B 1078 -34.35 80.56 -54.03
CA LEU B 1078 -33.75 80.99 -55.30
C LEU B 1078 -32.32 81.44 -55.06
N ASN B 1079 -31.68 81.87 -56.14
CA ASN B 1079 -30.28 82.31 -56.10
C ASN B 1079 -30.13 83.51 -57.01
N LYS B 1080 -29.68 84.63 -56.45
CA LYS B 1080 -29.54 85.87 -57.22
C LYS B 1080 -28.30 85.79 -58.11
N THR B 1081 -28.48 85.18 -59.28
CA THR B 1081 -27.43 85.16 -60.30
C THR B 1081 -28.12 85.16 -61.67
N ALA B 1082 -27.58 85.95 -62.60
CA ALA B 1082 -28.34 86.41 -63.76
C ALA B 1082 -28.63 85.29 -64.75
N PHE B 1083 -27.58 84.68 -65.32
CA PHE B 1083 -27.66 83.61 -66.31
C PHE B 1083 -28.45 84.00 -67.55
N LYS B 1084 -27.86 84.93 -68.30
CA LYS B 1084 -28.35 85.24 -69.65
C LYS B 1084 -28.10 84.02 -70.52
N THR B 1085 -29.14 83.26 -70.80
CA THR B 1085 -29.01 82.06 -71.62
C THR B 1085 -29.47 82.27 -73.06
N ASP B 1086 -30.51 83.07 -73.27
CA ASP B 1086 -30.96 83.42 -74.61
C ASP B 1086 -30.05 84.46 -75.27
N GLU B 1087 -29.13 85.06 -74.50
CA GLU B 1087 -28.11 86.05 -74.87
C GLU B 1087 -28.64 87.26 -75.63
N GLY B 1088 -29.95 87.51 -75.55
CA GLY B 1088 -30.55 88.78 -75.88
C GLY B 1088 -31.40 89.25 -74.72
N LYS B 1089 -31.83 88.30 -73.91
CA LYS B 1089 -32.68 88.56 -72.76
C LYS B 1089 -31.88 89.05 -71.56
N GLY B 1090 -32.60 89.51 -70.55
CA GLY B 1090 -32.00 89.94 -69.30
C GLY B 1090 -32.76 89.37 -68.12
N LYS B 1091 -32.01 88.95 -67.09
CA LYS B 1091 -32.52 88.23 -65.91
C LYS B 1091 -33.33 87.00 -66.34
N SER B 1092 -32.73 86.21 -67.22
CA SER B 1092 -33.51 85.24 -67.99
C SER B 1092 -33.90 84.03 -67.15
N GLU B 1093 -32.93 83.36 -66.53
CA GLU B 1093 -33.22 82.21 -65.69
C GLU B 1093 -32.46 82.28 -64.38
N TYR B 1094 -33.14 81.88 -63.32
CA TYR B 1094 -32.58 81.82 -61.97
C TYR B 1094 -32.74 80.41 -61.45
N HIS B 1095 -31.79 79.99 -60.62
CA HIS B 1095 -31.79 78.63 -60.11
C HIS B 1095 -32.72 78.51 -58.90
N TYR B 1096 -33.59 77.51 -58.94
CA TYR B 1096 -34.53 77.25 -57.87
C TYR B 1096 -34.24 75.87 -57.29
N ASN B 1097 -34.49 75.71 -55.99
CA ASN B 1097 -34.09 74.52 -55.27
C ASN B 1097 -35.17 74.11 -54.28
N ALA B 1098 -35.05 72.87 -53.80
CA ALA B 1098 -35.93 72.35 -52.77
C ALA B 1098 -35.19 71.25 -52.03
N ALA B 1099 -35.73 70.87 -50.87
CA ALA B 1099 -35.20 69.78 -50.06
C ALA B 1099 -36.29 69.33 -49.12
N TYR B 1100 -36.07 68.18 -48.48
CA TYR B 1100 -36.99 67.76 -47.43
C TYR B 1100 -36.30 66.91 -46.38
N LYS B 1101 -36.51 67.31 -45.13
CA LYS B 1101 -36.13 66.52 -43.96
C LYS B 1101 -36.98 65.25 -43.90
N ASN B 1102 -36.31 64.10 -43.91
CA ASN B 1102 -36.98 62.84 -43.63
C ASN B 1102 -37.07 62.61 -42.12
N ASP B 1103 -37.67 61.50 -41.74
CA ASP B 1103 -37.86 61.20 -40.32
C ASP B 1103 -36.63 60.56 -39.69
N ASN B 1104 -35.54 60.41 -40.42
CA ASN B 1104 -34.24 60.11 -39.86
C ASN B 1104 -33.42 61.37 -39.61
N ASN B 1105 -34.08 62.54 -39.68
CA ASN B 1105 -33.44 63.87 -39.69
C ASN B 1105 -32.39 63.97 -40.80
N ALA B 1106 -32.69 63.37 -41.95
CA ALA B 1106 -31.79 63.36 -43.10
C ALA B 1106 -32.44 64.13 -44.24
N TRP B 1107 -31.64 64.98 -44.87
CA TRP B 1107 -32.13 65.90 -45.89
C TRP B 1107 -31.96 65.29 -47.27
N ASN B 1108 -33.08 65.06 -47.95
CA ASN B 1108 -33.06 64.68 -49.35
C ASN B 1108 -33.10 65.95 -50.18
N ASP B 1109 -33.38 65.83 -51.47
CA ASP B 1109 -33.22 66.95 -52.41
C ASP B 1109 -34.19 66.75 -53.56
N ASN B 1110 -35.27 67.54 -53.58
CA ASN B 1110 -36.29 67.38 -54.60
C ASN B 1110 -35.85 67.93 -55.96
N ILE B 1111 -35.59 69.23 -56.03
CA ILE B 1111 -35.55 69.92 -57.31
C ILE B 1111 -34.13 70.17 -57.79
N SER B 1112 -33.29 70.78 -56.94
CA SER B 1112 -31.84 70.79 -57.14
C SER B 1112 -31.37 71.45 -58.44
N ASN B 1113 -31.37 72.78 -58.46
CA ASN B 1113 -30.63 73.59 -59.45
C ASN B 1113 -31.33 73.60 -60.81
N MET B 1114 -32.64 73.83 -60.77
CA MET B 1114 -33.48 74.00 -61.96
C MET B 1114 -33.67 75.48 -62.27
N LYS B 1115 -33.63 75.81 -63.56
CA LYS B 1115 -33.63 77.19 -64.02
C LYS B 1115 -35.06 77.69 -64.23
N ILE B 1116 -35.41 78.80 -63.58
CA ILE B 1116 -36.74 79.39 -63.64
C ILE B 1116 -36.57 80.91 -63.75
N GLY B 1117 -37.29 81.52 -64.69
CA GLY B 1117 -37.32 82.97 -64.73
C GLY B 1117 -38.19 83.56 -63.64
N LEU B 1118 -37.90 84.81 -63.29
CA LEU B 1118 -38.60 85.46 -62.19
C LEU B 1118 -40.05 85.78 -62.56
N PRO B 1119 -41.00 85.55 -61.65
CA PRO B 1119 -42.38 85.97 -61.88
C PRO B 1119 -42.53 87.48 -61.90
N TRP B 1120 -41.94 88.14 -60.91
CA TRP B 1120 -41.93 89.59 -60.86
C TRP B 1120 -40.78 90.13 -61.70
N GLU B 1121 -41.01 91.27 -62.36
CA GLU B 1121 -40.02 91.75 -63.33
C GLU B 1121 -38.85 92.43 -62.63
N GLN B 1122 -39.10 93.57 -61.98
CA GLN B 1122 -38.06 94.23 -61.19
C GLN B 1122 -38.76 95.11 -60.14
N SER B 1123 -38.89 94.57 -58.93
CA SER B 1123 -39.36 95.27 -57.74
C SER B 1123 -39.09 94.38 -56.54
N LYS B 1124 -38.62 94.99 -55.44
CA LYS B 1124 -38.27 94.20 -54.26
C LYS B 1124 -39.51 93.67 -53.55
N ASP B 1125 -40.64 94.36 -53.65
CA ASP B 1125 -41.87 93.97 -52.98
C ASP B 1125 -43.00 93.94 -53.98
N ILE B 1126 -43.73 92.82 -54.01
CA ILE B 1126 -44.96 92.73 -54.80
C ILE B 1126 -46.10 92.37 -53.86
N ASP B 1127 -47.31 92.22 -54.41
CA ASP B 1127 -48.48 91.98 -53.58
C ASP B 1127 -48.59 90.51 -53.18
N GLU B 1128 -48.76 89.63 -54.17
CA GLU B 1128 -49.07 88.23 -53.93
C GLU B 1128 -48.18 87.36 -54.79
N ILE B 1129 -47.68 86.28 -54.21
CA ILE B 1129 -46.82 85.35 -54.94
C ILE B 1129 -46.95 83.93 -54.39
N PRO B 1130 -47.89 83.12 -54.88
CA PRO B 1130 -47.88 81.69 -54.56
C PRO B 1130 -47.19 80.88 -55.65
N PRO B 1131 -46.39 79.89 -55.28
CA PRO B 1131 -45.89 78.93 -56.25
C PRO B 1131 -46.77 77.69 -56.33
N ILE B 1132 -46.78 77.08 -57.53
CA ILE B 1132 -47.59 75.89 -57.79
C ILE B 1132 -47.16 74.74 -56.88
N PHE B 1133 -45.87 74.66 -56.56
CA PHE B 1133 -45.30 73.94 -55.43
C PHE B 1133 -45.38 72.41 -55.61
N ILE B 1134 -45.96 71.94 -56.69
CA ILE B 1134 -45.76 70.57 -57.18
C ILE B 1134 -45.14 70.72 -58.57
N ASN B 1135 -43.81 70.81 -58.61
CA ASN B 1135 -42.99 70.71 -59.81
C ASN B 1135 -43.21 71.77 -60.89
N GLN B 1136 -44.09 72.75 -60.66
CA GLN B 1136 -44.43 73.75 -61.68
C GLN B 1136 -44.39 75.15 -61.09
N ASP B 1137 -44.70 76.15 -61.92
CA ASP B 1137 -44.36 77.55 -61.65
C ASP B 1137 -45.47 78.47 -62.13
N ASN B 1138 -46.06 79.26 -61.22
CA ASN B 1138 -46.94 80.39 -61.55
C ASN B 1138 -46.95 81.37 -60.39
N VAL B 1139 -47.91 82.30 -60.44
CA VAL B 1139 -48.21 83.22 -59.35
C VAL B 1139 -49.57 82.86 -58.78
N GLY B 1240 -58.39 70.72 -57.29
CA GLY B 1240 -57.92 70.66 -58.65
C GLY B 1240 -56.67 69.82 -58.83
N GLY B 1241 -55.95 69.61 -57.72
CA GLY B 1241 -54.74 68.82 -57.75
C GLY B 1241 -53.46 69.61 -57.61
N ASN B 1242 -53.48 70.65 -56.78
CA ASN B 1242 -52.29 71.46 -56.50
C ASN B 1242 -52.43 72.15 -55.16
N SER B 1243 -51.33 72.74 -54.70
CA SER B 1243 -51.32 73.51 -53.47
C SER B 1243 -50.56 74.80 -53.73
N PHE B 1244 -50.59 75.71 -52.75
CA PHE B 1244 -49.94 77.01 -52.90
C PHE B 1244 -49.44 77.49 -51.54
N ASN B 1245 -48.38 78.28 -51.57
CA ASN B 1245 -47.77 78.86 -50.38
C ASN B 1245 -47.77 80.38 -50.50
N ARG B 1246 -47.08 81.03 -49.56
CA ARG B 1246 -46.76 82.45 -49.68
C ARG B 1246 -45.28 82.63 -49.40
N ILE B 1247 -44.64 83.46 -50.22
CA ILE B 1247 -43.17 83.50 -50.23
C ILE B 1247 -42.65 84.22 -48.99
N THR B 1248 -43.22 85.38 -48.67
CA THR B 1248 -42.86 86.24 -47.53
C THR B 1248 -41.39 86.63 -47.59
N PHE B 1249 -41.08 87.46 -48.59
CA PHE B 1249 -39.72 87.95 -48.83
C PHE B 1249 -39.17 88.71 -47.64
N ASP B 1250 -37.82 88.67 -47.54
CA ASP B 1250 -37.02 89.64 -46.78
C ASP B 1250 -37.34 89.64 -45.29
N THR B 1251 -37.39 88.45 -44.71
CA THR B 1251 -37.59 88.36 -43.28
C THR B 1251 -36.27 88.60 -42.56
N ASN B 1252 -36.34 88.74 -41.23
CA ASN B 1252 -35.21 89.20 -40.44
C ASN B 1252 -35.06 88.31 -39.20
N ILE B 1253 -34.26 88.79 -38.26
CA ILE B 1253 -33.93 88.06 -37.05
C ILE B 1253 -35.14 87.97 -36.13
N ILE B 1254 -35.48 86.75 -35.71
CA ILE B 1254 -36.50 86.54 -34.71
C ILE B 1254 -35.82 86.46 -33.35
N HIS B 1255 -36.10 87.44 -32.49
CA HIS B 1255 -35.46 87.46 -31.18
C HIS B 1255 -36.24 86.60 -30.17
N GLU B 1256 -37.54 86.78 -30.10
CA GLU B 1256 -38.37 86.05 -29.16
C GLU B 1256 -39.57 85.44 -29.86
N LEU B 1257 -39.97 84.26 -29.39
CA LEU B 1257 -41.19 83.63 -29.85
C LEU B 1257 -42.39 84.38 -29.28
N ASP B 1258 -43.57 84.14 -29.86
CA ASP B 1258 -44.80 84.80 -29.44
C ASP B 1258 -45.20 84.34 -28.04
N GLY B 1259 -45.35 85.29 -27.12
CA GLY B 1259 -45.85 84.99 -25.79
C GLY B 1259 -44.80 84.60 -24.78
N ASP B 1260 -43.78 85.46 -24.60
CA ASP B 1260 -42.77 85.36 -23.55
C ASP B 1260 -41.97 84.05 -23.64
N ILE B 1261 -41.43 83.80 -24.84
CA ILE B 1261 -40.45 82.73 -25.03
C ILE B 1261 -39.28 83.31 -25.80
N SER B 1262 -38.11 83.31 -25.18
CA SER B 1262 -36.92 83.88 -25.79
C SER B 1262 -36.14 82.78 -26.51
N LEU B 1263 -35.75 83.06 -27.75
CA LEU B 1263 -34.95 82.13 -28.54
C LEU B 1263 -33.46 82.33 -28.31
N LEU B 1264 -33.06 83.34 -27.55
CA LEU B 1264 -31.68 83.73 -27.35
C LEU B 1264 -31.07 82.96 -26.19
N PRO B 1265 -29.77 82.66 -26.26
CA PRO B 1265 -29.09 82.07 -25.12
C PRO B 1265 -28.59 83.16 -24.19
N PRO B 1266 -28.13 82.81 -22.99
CA PRO B 1266 -27.29 83.75 -22.23
C PRO B 1266 -25.93 83.87 -22.89
N ASP B 1267 -25.20 84.90 -22.47
CA ASP B 1267 -23.95 85.28 -23.13
C ASP B 1267 -22.87 84.24 -22.90
N SER B 1268 -22.28 83.76 -23.99
CA SER B 1268 -21.27 82.72 -23.95
C SER B 1268 -19.85 83.27 -23.76
N LEU B 1269 -19.69 84.59 -23.76
CA LEU B 1269 -18.38 85.18 -23.53
C LEU B 1269 -17.79 84.94 -22.12
N PRO B 1270 -18.54 85.05 -21.01
CA PRO B 1270 -17.90 84.76 -19.71
C PRO B 1270 -17.53 83.30 -19.50
N LEU B 1271 -18.23 82.37 -20.16
CA LEU B 1271 -17.82 80.97 -20.09
C LEU B 1271 -16.47 80.76 -20.78
N VAL B 1272 -16.21 81.51 -21.85
CA VAL B 1272 -14.92 81.46 -22.51
C VAL B 1272 -13.87 82.21 -21.69
N GLU B 1273 -14.28 83.25 -20.96
CA GLU B 1273 -13.38 83.92 -20.01
C GLU B 1273 -12.92 82.95 -18.92
N LYS B 1274 -13.82 82.08 -18.47
CA LYS B 1274 -13.52 81.18 -17.38
C LYS B 1274 -12.99 79.82 -17.83
N LEU B 1275 -13.04 79.51 -19.12
CA LEU B 1275 -12.29 78.38 -19.64
C LEU B 1275 -10.79 78.61 -19.48
N GLN B 1276 -10.34 79.85 -19.65
CA GLN B 1276 -8.93 80.17 -19.63
C GLN B 1276 -8.36 80.21 -18.22
N THR B 1277 -9.22 80.31 -17.21
CA THR B 1277 -8.84 80.07 -15.84
C THR B 1277 -9.07 78.60 -15.53
N SER B 1278 -9.06 78.22 -14.26
CA SER B 1278 -9.26 76.82 -13.90
C SER B 1278 -10.71 76.39 -14.15
N VAL B 1279 -10.92 75.07 -14.08
CA VAL B 1279 -12.26 74.52 -14.19
C VAL B 1279 -13.08 74.86 -12.95
N ASP B 1280 -12.42 74.96 -11.79
CA ASP B 1280 -13.10 75.24 -10.54
C ASP B 1280 -13.69 76.64 -10.52
N GLU B 1281 -13.10 77.58 -11.25
CA GLU B 1281 -13.68 78.91 -11.38
C GLU B 1281 -14.76 78.97 -12.45
N LEU B 1282 -15.04 77.87 -13.13
CA LEU B 1282 -16.10 77.81 -14.13
C LEU B 1282 -17.29 77.01 -13.62
N LEU B 1283 -17.05 75.78 -13.16
CA LEU B 1283 -18.12 74.92 -12.64
C LEU B 1283 -18.34 75.24 -11.16
N SER B 1284 -18.81 76.45 -10.91
CA SER B 1284 -19.09 76.90 -9.56
C SER B 1284 -20.45 77.59 -9.54
N TYR B 1285 -20.98 77.74 -8.32
CA TYR B 1285 -22.33 78.27 -8.16
C TYR B 1285 -22.39 79.77 -8.45
N SER B 1286 -21.28 80.48 -8.21
CA SER B 1286 -21.24 81.91 -8.45
C SER B 1286 -21.27 82.24 -9.94
N THR B 1287 -20.82 81.31 -10.77
CA THR B 1287 -20.94 81.51 -12.21
C THR B 1287 -22.27 81.01 -12.73
N GLN B 1288 -22.95 80.16 -11.97
CA GLN B 1288 -24.28 79.71 -12.33
C GLN B 1288 -25.37 80.64 -11.81
N LYS B 1289 -25.02 81.64 -10.99
CA LYS B 1289 -26.05 82.57 -10.51
C LYS B 1289 -26.36 83.66 -11.54
N ASP B 1290 -25.40 84.53 -11.82
CA ASP B 1290 -25.71 85.76 -12.53
C ASP B 1290 -25.58 85.58 -14.03
N LYS B 1291 -24.67 84.71 -14.46
CA LYS B 1291 -24.38 84.56 -15.87
C LYS B 1291 -25.36 83.63 -16.57
N ILE B 1292 -26.03 82.76 -15.82
CA ILE B 1292 -27.03 81.85 -16.33
C ILE B 1292 -28.21 81.88 -15.37
N GLY B 1293 -29.41 82.10 -15.87
CA GLY B 1293 -30.55 82.25 -15.01
C GLY B 1293 -31.05 80.93 -14.44
N LEU B 1294 -32.07 81.04 -13.60
CA LEU B 1294 -32.82 79.87 -13.16
C LEU B 1294 -33.77 79.41 -14.26
N ASP B 1295 -34.58 80.33 -14.78
CA ASP B 1295 -35.46 80.01 -15.89
C ASP B 1295 -34.70 79.91 -17.20
N ALA B 1296 -33.54 80.55 -17.28
CA ALA B 1296 -32.67 80.39 -18.45
C ALA B 1296 -31.87 79.10 -18.40
N PHE B 1297 -31.89 78.40 -17.27
CA PHE B 1297 -31.22 77.10 -17.21
C PHE B 1297 -32.06 76.04 -17.91
N SER B 1298 -33.37 76.23 -17.91
CA SER B 1298 -34.29 75.53 -18.78
C SER B 1298 -34.56 76.42 -19.99
N GLY B 1299 -35.49 76.02 -20.84
CA GLY B 1299 -35.78 76.83 -22.00
C GLY B 1299 -35.08 76.34 -23.24
N SER B 1300 -34.75 77.26 -24.14
CA SER B 1300 -34.38 76.90 -25.51
C SER B 1300 -33.02 76.21 -25.56
N TYR B 1301 -32.02 76.76 -24.87
CA TYR B 1301 -30.69 76.16 -24.84
C TYR B 1301 -30.44 75.39 -23.56
N GLY B 1302 -31.50 74.85 -22.95
CA GLY B 1302 -31.36 74.29 -21.62
C GLY B 1302 -30.69 72.94 -21.56
N ILE B 1303 -30.75 72.16 -22.65
CA ILE B 1303 -30.15 70.83 -22.66
C ILE B 1303 -28.64 70.92 -22.51
N TYR B 1304 -28.04 71.93 -23.15
CA TYR B 1304 -26.61 72.17 -23.05
C TYR B 1304 -26.20 72.55 -21.64
N PHE B 1305 -27.05 73.27 -20.90
CA PHE B 1305 -26.63 73.68 -19.56
C PHE B 1305 -26.84 72.58 -18.54
N TRP B 1306 -27.96 71.85 -18.63
CA TRP B 1306 -28.14 70.65 -17.82
C TRP B 1306 -26.98 69.69 -18.01
N GLU B 1307 -26.65 69.40 -19.27
CA GLU B 1307 -25.52 68.54 -19.61
C GLU B 1307 -24.20 69.10 -19.09
N PHE B 1308 -23.90 70.35 -19.40
CA PHE B 1308 -22.58 70.90 -19.17
C PHE B 1308 -22.28 71.14 -17.70
N PHE B 1309 -23.28 71.51 -16.91
CA PHE B 1309 -23.03 71.71 -15.49
C PHE B 1309 -23.46 70.55 -14.62
N PHE B 1310 -24.05 69.51 -15.20
CA PHE B 1310 -24.42 68.41 -14.32
C PHE B 1310 -23.95 67.04 -14.77
N HIS B 1311 -24.03 66.73 -16.07
CA HIS B 1311 -23.71 65.40 -16.56
C HIS B 1311 -22.25 65.26 -16.95
N ILE B 1312 -21.55 66.37 -17.13
CA ILE B 1312 -20.11 66.33 -17.39
C ILE B 1312 -19.33 65.94 -16.13
N PRO B 1313 -19.63 66.44 -14.91
CA PRO B 1313 -19.01 65.82 -13.72
C PRO B 1313 -19.47 64.39 -13.47
N PHE B 1314 -20.72 64.04 -13.78
CA PHE B 1314 -21.17 62.64 -13.76
C PHE B 1314 -20.29 61.72 -14.58
N LEU B 1315 -20.23 61.95 -15.89
CA LEU B 1315 -19.51 61.02 -16.73
C LEU B 1315 -18.00 61.26 -16.69
N ALA B 1316 -17.54 62.32 -16.03
CA ALA B 1316 -16.14 62.39 -15.67
C ALA B 1316 -15.84 61.48 -14.49
N SER B 1317 -16.60 61.61 -13.40
CA SER B 1317 -16.30 60.91 -12.16
C SER B 1317 -16.57 59.42 -12.29
N MET B 1318 -17.62 59.02 -13.01
CA MET B 1318 -17.89 57.60 -13.18
C MET B 1318 -16.87 56.96 -14.10
N ARG B 1319 -16.32 57.72 -15.04
CA ARG B 1319 -15.26 57.20 -15.89
C ARG B 1319 -13.96 57.05 -15.10
N PHE B 1320 -13.66 57.98 -14.19
CA PHE B 1320 -12.52 57.80 -13.30
C PHE B 1320 -12.73 56.62 -12.34
N LEU B 1321 -13.97 56.38 -11.89
CA LEU B 1321 -14.25 55.21 -11.07
C LEU B 1321 -14.07 53.92 -11.85
N ASN B 1322 -14.55 53.88 -13.09
CA ASN B 1322 -14.40 52.67 -13.90
C ASN B 1322 -12.96 52.39 -14.27
N GLU B 1323 -12.11 53.42 -14.31
CA GLU B 1323 -10.70 53.22 -14.60
C GLU B 1323 -9.83 53.27 -13.35
N GLN B 1324 -10.45 53.36 -12.17
CA GLN B 1324 -9.82 53.18 -10.86
C GLN B 1324 -8.74 54.24 -10.59
N ARG B 1325 -9.14 55.50 -10.74
CA ARG B 1325 -8.36 56.65 -10.28
C ARG B 1325 -9.24 57.35 -9.26
N PHE B 1326 -9.18 56.87 -8.01
CA PHE B 1326 -10.18 57.23 -7.03
C PHE B 1326 -9.96 58.62 -6.45
N ASP B 1327 -8.69 59.00 -6.26
CA ASP B 1327 -8.37 60.33 -5.70
C ASP B 1327 -8.73 61.44 -6.66
N LEU B 1328 -8.87 61.14 -7.95
CA LEU B 1328 -9.34 62.11 -8.91
C LEU B 1328 -10.81 61.88 -9.27
N ALA B 1329 -11.34 60.70 -8.98
CA ALA B 1329 -12.79 60.49 -9.08
C ALA B 1329 -13.53 61.28 -8.01
N GLN B 1330 -12.93 61.43 -6.83
CA GLN B 1330 -13.58 62.21 -5.78
C GLN B 1330 -13.57 63.70 -6.10
N HIS B 1331 -12.54 64.17 -6.81
CA HIS B 1331 -12.40 65.59 -7.11
C HIS B 1331 -13.47 66.09 -8.07
N TRP B 1332 -13.97 65.24 -8.96
CA TRP B 1332 -14.98 65.66 -9.91
C TRP B 1332 -16.41 65.50 -9.39
N LEU B 1333 -16.60 64.74 -8.31
CA LEU B 1333 -17.85 64.85 -7.58
C LEU B 1333 -17.85 66.01 -6.59
N LYS B 1334 -16.70 66.65 -6.36
CA LYS B 1334 -16.71 67.89 -5.61
C LYS B 1334 -17.29 69.06 -6.39
N TYR B 1335 -17.52 68.90 -7.70
CA TYR B 1335 -18.22 69.89 -8.49
C TYR B 1335 -19.72 69.68 -8.48
N LEU B 1336 -20.21 68.61 -7.85
CA LEU B 1336 -21.63 68.40 -7.64
C LEU B 1336 -22.03 68.43 -6.18
N LEU B 1337 -21.39 67.62 -5.34
CA LEU B 1337 -21.69 67.54 -3.92
C LEU B 1337 -20.39 67.59 -3.13
N ASN B 1338 -20.22 68.63 -2.33
CA ASN B 1338 -19.13 68.68 -1.37
C ASN B 1338 -19.72 68.93 0.00
N SER B 1339 -19.21 68.21 1.01
CA SER B 1339 -19.75 68.28 2.35
C SER B 1339 -18.98 69.36 3.11
N ALA B 1340 -19.53 70.57 3.08
CA ALA B 1340 -18.99 71.78 3.70
C ALA B 1340 -17.58 72.08 3.19
N GLY B 1341 -17.49 72.32 1.88
CA GLY B 1341 -16.18 72.48 1.29
C GLY B 1341 -16.04 73.53 0.21
N TYR B 1342 -17.09 74.27 -0.10
CA TYR B 1342 -16.98 75.33 -1.10
C TYR B 1342 -16.51 76.60 -0.40
N ARG B 1343 -15.29 77.04 -0.73
CA ARG B 1343 -14.63 78.05 0.07
C ARG B 1343 -14.08 79.23 -0.74
N ASP B 1344 -13.68 78.96 -1.98
CA ASP B 1344 -13.07 79.95 -2.90
C ASP B 1344 -11.84 80.62 -2.30
N ARG B 1345 -10.90 79.80 -1.82
CA ARG B 1345 -9.49 80.08 -1.60
C ARG B 1345 -9.16 81.05 -0.46
N ASN B 1346 -10.15 81.68 0.19
CA ASN B 1346 -9.88 82.50 1.39
C ASN B 1346 -11.03 82.30 2.39
N GLY B 1347 -10.92 81.26 3.21
CA GLY B 1347 -11.94 80.92 4.20
C GLY B 1347 -13.32 80.79 3.61
N ASN B 1348 -14.33 81.42 4.22
CA ASN B 1348 -15.55 81.85 3.54
C ASN B 1348 -16.38 80.73 2.90
N LEU B 1349 -17.13 79.99 3.71
CA LEU B 1349 -17.91 78.82 3.29
C LEU B 1349 -18.96 79.04 2.20
N LEU B 1350 -19.11 80.26 1.68
CA LEU B 1350 -19.94 80.59 0.52
C LEU B 1350 -21.41 80.31 0.77
N LYS B 1351 -21.96 81.00 1.76
CA LYS B 1351 -23.35 80.78 2.12
C LYS B 1351 -24.28 81.62 1.25
N GLU B 1352 -25.55 81.23 1.23
CA GLU B 1352 -26.59 82.08 0.67
C GLU B 1352 -27.05 83.11 1.69
N GLY B 1353 -27.64 82.65 2.78
CA GLY B 1353 -27.84 83.43 3.97
C GLY B 1353 -27.01 82.82 5.08
N ASP B 1354 -27.67 82.07 5.96
CA ASP B 1354 -26.97 81.18 6.88
C ASP B 1354 -26.81 79.77 6.32
N ASN B 1355 -27.40 79.50 5.16
CA ASN B 1355 -27.35 78.16 4.56
C ASN B 1355 -25.98 77.95 3.95
N ILE B 1356 -25.19 77.08 4.58
CA ILE B 1356 -23.91 76.68 4.01
C ILE B 1356 -24.18 75.84 2.77
N LEU B 1357 -23.50 76.18 1.68
CA LEU B 1357 -23.81 75.63 0.37
C LEU B 1357 -23.13 74.27 0.21
N TYR B 1358 -23.92 73.25 -0.10
CA TYR B 1358 -23.40 71.91 -0.32
C TYR B 1358 -23.51 71.45 -1.76
N TRP B 1359 -24.53 71.90 -2.49
CA TRP B 1359 -24.76 71.48 -3.86
C TRP B 1359 -24.31 72.59 -4.80
N ASN B 1360 -23.33 72.28 -5.64
CA ASN B 1360 -22.79 73.30 -6.53
C ASN B 1360 -23.68 73.51 -7.74
N SER B 1361 -24.38 72.47 -8.19
CA SER B 1361 -25.25 72.59 -9.36
C SER B 1361 -26.47 73.43 -9.04
N LEU B 1362 -27.01 74.08 -10.07
CA LEU B 1362 -28.07 75.06 -9.87
C LEU B 1362 -29.48 74.49 -9.69
N PRO B 1363 -29.96 73.50 -10.48
CA PRO B 1363 -31.31 72.99 -10.19
C PRO B 1363 -31.36 72.10 -8.97
N LEU B 1364 -30.23 71.59 -8.50
CA LEU B 1364 -30.22 70.83 -7.26
C LEU B 1364 -30.29 71.73 -6.05
N GLN B 1365 -30.07 73.04 -6.22
CA GLN B 1365 -30.06 73.94 -5.08
C GLN B 1365 -31.46 74.20 -4.54
N GLN B 1366 -32.45 74.30 -5.43
CA GLN B 1366 -33.81 74.61 -5.03
C GLN B 1366 -34.68 73.36 -5.06
N ASP B 1367 -35.89 73.51 -4.53
CA ASP B 1367 -36.90 72.46 -4.53
C ASP B 1367 -38.05 72.94 -5.41
N THR B 1368 -38.15 72.39 -6.61
CA THR B 1368 -39.10 72.88 -7.61
C THR B 1368 -40.21 71.86 -7.86
N ASP B 1369 -41.33 72.37 -8.34
CA ASP B 1369 -42.51 71.58 -8.67
C ASP B 1369 -42.63 71.46 -10.19
N TRP B 1370 -42.93 70.26 -10.66
CA TRP B 1370 -43.17 70.02 -12.07
C TRP B 1370 -44.67 69.81 -12.29
N ASP B 1371 -45.14 70.23 -13.47
CA ASP B 1371 -46.57 70.30 -13.74
C ASP B 1371 -46.97 69.67 -15.07
N LYS B 1372 -46.02 69.30 -15.92
CA LYS B 1372 -46.36 68.84 -17.27
C LYS B 1372 -46.52 67.32 -17.38
N ASN B 1373 -45.63 66.57 -16.73
CA ASN B 1373 -45.36 65.18 -17.11
C ASN B 1373 -46.49 64.24 -16.74
N THR B 1374 -47.52 64.21 -17.57
CA THR B 1374 -48.65 63.30 -17.46
C THR B 1374 -48.33 62.04 -18.26
N LEU B 1375 -48.77 60.89 -17.73
CA LEU B 1375 -48.63 59.56 -18.35
C LEU B 1375 -47.16 59.19 -18.54
N THR B 1376 -46.48 59.02 -17.41
CA THR B 1376 -45.17 58.40 -17.39
C THR B 1376 -45.23 56.89 -17.53
N LEU B 1377 -46.41 56.30 -17.42
CA LEU B 1377 -46.65 54.87 -17.57
C LEU B 1377 -46.23 54.29 -18.93
N PRO B 1378 -46.24 55.05 -20.08
CA PRO B 1378 -45.48 54.56 -21.24
C PRO B 1378 -43.98 54.80 -21.17
N THR B 1379 -43.54 55.90 -20.54
CA THR B 1379 -42.12 56.28 -20.57
C THR B 1379 -41.40 55.62 -19.41
N ASP B 1380 -40.70 54.51 -19.70
CA ASP B 1380 -39.98 53.76 -18.68
C ASP B 1380 -38.58 54.32 -18.41
N ASP B 1381 -38.32 55.54 -18.86
CA ASP B 1381 -37.02 56.17 -18.65
C ASP B 1381 -36.90 56.66 -17.22
N PRO B 1382 -35.87 56.27 -16.46
CA PRO B 1382 -35.63 56.90 -15.16
C PRO B 1382 -35.11 58.33 -15.26
N ASP B 1383 -34.55 58.72 -16.41
CA ASP B 1383 -33.98 60.06 -16.52
C ASP B 1383 -35.07 61.12 -16.68
N VAL B 1384 -36.19 60.78 -17.31
CA VAL B 1384 -37.32 61.71 -17.38
C VAL B 1384 -37.94 61.89 -15.99
N ILE B 1385 -38.00 60.80 -15.22
CA ILE B 1385 -38.48 60.88 -13.84
C ILE B 1385 -37.54 61.72 -12.98
N ALA B 1386 -36.23 61.59 -13.22
CA ALA B 1386 -35.27 62.36 -12.44
C ALA B 1386 -35.26 63.83 -12.87
N MET B 1387 -35.57 64.12 -14.12
CA MET B 1387 -35.74 65.52 -14.54
C MET B 1387 -37.09 66.10 -14.16
N GLN B 1388 -38.04 65.26 -13.76
CA GLN B 1388 -39.30 65.78 -13.23
C GLN B 1388 -39.08 66.43 -11.87
N ASP B 1389 -38.50 65.69 -10.92
CA ASP B 1389 -38.11 66.22 -9.63
C ASP B 1389 -36.62 65.96 -9.36
N PRO B 1390 -35.83 66.98 -9.07
CA PRO B 1390 -34.38 66.81 -8.94
C PRO B 1390 -33.92 66.08 -7.68
N MET B 1391 -34.82 65.60 -6.83
CA MET B 1391 -34.39 64.83 -5.67
C MET B 1391 -33.84 63.47 -6.05
N GLN B 1392 -34.21 62.95 -7.22
CA GLN B 1392 -33.67 61.68 -7.68
C GLN B 1392 -32.18 61.81 -8.02
N TYR B 1393 -31.81 62.87 -8.74
CA TYR B 1393 -30.39 63.12 -9.00
C TYR B 1393 -29.65 63.43 -7.71
N LYS B 1394 -30.32 64.13 -6.79
CA LYS B 1394 -29.74 64.46 -5.50
C LYS B 1394 -29.47 63.21 -4.67
N LEU B 1395 -30.31 62.18 -4.82
CA LEU B 1395 -30.03 60.92 -4.15
C LEU B 1395 -28.97 60.11 -4.89
N ALA B 1396 -28.92 60.24 -6.21
CA ALA B 1396 -27.94 59.50 -7.01
C ALA B 1396 -26.52 59.97 -6.73
N ILE B 1397 -26.31 61.27 -6.60
CA ILE B 1397 -24.97 61.79 -6.31
C ILE B 1397 -24.53 61.39 -4.91
N PHE B 1398 -25.47 61.35 -3.96
CA PHE B 1398 -25.16 60.92 -2.60
C PHE B 1398 -24.75 59.44 -2.56
N MET B 1399 -25.45 58.61 -3.32
CA MET B 1399 -25.08 57.19 -3.38
C MET B 1399 -23.77 56.97 -4.11
N ARG B 1400 -23.47 57.78 -5.13
CA ARG B 1400 -22.16 57.63 -5.78
C ARG B 1400 -21.04 58.10 -4.89
N THR B 1401 -21.29 59.12 -4.04
CA THR B 1401 -20.30 59.56 -3.07
C THR B 1401 -20.00 58.45 -2.07
N LEU B 1402 -21.04 57.77 -1.59
CA LEU B 1402 -20.83 56.67 -0.65
C LEU B 1402 -20.13 55.48 -1.30
N ASP B 1403 -20.50 55.15 -2.54
CA ASP B 1403 -19.82 54.09 -3.30
C ASP B 1403 -18.35 54.43 -3.51
N LEU B 1404 -18.05 55.69 -3.76
CA LEU B 1404 -16.68 56.07 -4.02
C LEU B 1404 -15.84 56.04 -2.75
N ILE B 1405 -16.42 56.41 -1.62
CA ILE B 1405 -15.67 56.38 -0.36
C ILE B 1405 -15.43 54.95 0.09
N ILE B 1406 -16.43 54.07 -0.03
CA ILE B 1406 -16.16 52.68 0.33
C ILE B 1406 -15.27 51.99 -0.70
N SER B 1407 -15.22 52.49 -1.94
CA SER B 1407 -14.28 51.94 -2.91
C SER B 1407 -12.86 52.37 -2.58
N GLN B 1408 -12.67 53.59 -2.08
CA GLN B 1408 -11.35 54.00 -1.61
C GLN B 1408 -10.93 53.21 -0.39
N GLY B 1409 -11.88 52.88 0.48
CA GLY B 1409 -11.59 52.02 1.62
C GLY B 1409 -11.18 50.62 1.19
N ASP B 1410 -11.88 50.06 0.21
CA ASP B 1410 -11.52 48.74 -0.30
C ASP B 1410 -10.19 48.76 -1.04
N GLN B 1411 -9.86 49.88 -1.69
CA GLN B 1411 -8.57 50.01 -2.36
C GLN B 1411 -7.44 50.03 -1.35
N ALA B 1412 -7.66 50.64 -0.19
CA ALA B 1412 -6.68 50.62 0.89
C ALA B 1412 -6.80 49.37 1.77
N TYR B 1413 -7.64 48.41 1.39
CA TYR B 1413 -7.76 47.19 2.17
C TYR B 1413 -7.16 45.97 1.47
N ARG B 1414 -6.99 46.02 0.15
CA ARG B 1414 -6.46 44.89 -0.60
C ARG B 1414 -4.95 44.77 -0.53
N GLN B 1415 -4.26 45.72 0.11
CA GLN B 1415 -2.81 45.66 0.20
C GLN B 1415 -2.31 45.03 1.48
N LEU B 1416 -3.18 44.94 2.50
CA LEU B 1416 -3.03 44.10 3.69
C LEU B 1416 -1.84 44.49 4.56
N GLU B 1417 -1.37 45.73 4.48
CA GLU B 1417 -0.37 46.25 5.39
C GLU B 1417 -1.08 47.01 6.51
N ARG B 1418 -0.53 46.94 7.72
CA ARG B 1418 -1.25 47.48 8.88
C ARG B 1418 -1.32 48.99 8.86
N ASP B 1419 -0.32 49.66 8.27
CA ASP B 1419 -0.44 51.08 8.00
C ASP B 1419 -1.53 51.34 6.98
N THR B 1420 -1.62 50.47 5.97
CA THR B 1420 -2.65 50.64 4.95
C THR B 1420 -4.03 50.25 5.50
N LEU B 1421 -4.09 49.34 6.47
CA LEU B 1421 -5.38 49.05 7.11
C LEU B 1421 -5.82 50.19 8.01
N ALA B 1422 -4.87 50.86 8.67
CA ALA B 1422 -5.20 52.05 9.44
C ALA B 1422 -5.65 53.19 8.54
N GLU B 1423 -5.08 53.27 7.33
CA GLU B 1423 -5.58 54.21 6.32
C GLU B 1423 -6.95 53.79 5.81
N ALA B 1424 -7.24 52.49 5.78
CA ALA B 1424 -8.50 52.01 5.22
C ALA B 1424 -9.65 52.22 6.17
N LYS B 1425 -9.40 52.15 7.48
CA LYS B 1425 -10.48 52.29 8.47
C LYS B 1425 -11.10 53.69 8.45
N ILE B 1426 -10.30 54.70 8.10
CA ILE B 1426 -10.73 56.09 8.14
C ILE B 1426 -11.80 56.36 7.08
N TYR B 1427 -11.74 55.68 5.94
CA TYR B 1427 -12.77 55.87 4.91
C TYR B 1427 -14.11 55.29 5.35
N TYR B 1428 -14.10 54.20 6.11
CA TYR B 1428 -15.37 53.68 6.58
C TYR B 1428 -15.92 54.50 7.73
N ILE B 1429 -15.03 55.12 8.52
CA ILE B 1429 -15.45 56.16 9.46
C ILE B 1429 -16.17 57.29 8.74
N GLN B 1430 -15.57 57.77 7.64
CA GLN B 1430 -16.13 58.89 6.90
C GLN B 1430 -17.46 58.53 6.24
N ALA B 1431 -17.59 57.30 5.76
CA ALA B 1431 -18.86 56.85 5.20
C ALA B 1431 -19.93 56.75 6.27
N SER B 1432 -19.58 56.25 7.46
CA SER B 1432 -20.55 56.19 8.55
C SER B 1432 -20.90 57.58 9.07
N GLN B 1433 -20.01 58.55 8.89
CA GLN B 1433 -20.33 59.93 9.27
C GLN B 1433 -21.22 60.61 8.24
N LEU B 1434 -21.09 60.27 6.96
CA LEU B 1434 -22.01 60.81 5.98
C LEU B 1434 -23.40 60.19 6.09
N LEU B 1435 -23.47 58.89 6.37
CA LEU B 1435 -24.78 58.26 6.51
C LEU B 1435 -25.51 58.67 7.78
N GLY B 1436 -24.80 59.12 8.81
CA GLY B 1436 -25.47 59.59 10.01
C GLY B 1436 -25.72 58.44 10.98
N SER B 1437 -26.97 58.28 11.40
CA SER B 1437 -27.37 57.22 12.30
C SER B 1437 -28.42 56.33 11.66
N ARG B 1438 -28.35 55.05 11.96
CA ARG B 1438 -29.25 54.09 11.32
C ARG B 1438 -30.65 54.21 11.92
N PRO B 1439 -31.69 54.33 11.10
CA PRO B 1439 -33.04 54.48 11.64
C PRO B 1439 -33.60 53.14 12.11
N ASP B 1440 -34.69 53.23 12.86
CA ASP B 1440 -35.40 52.04 13.32
C ASP B 1440 -36.25 51.44 12.20
N LEU B 1441 -36.83 50.27 12.47
CA LEU B 1441 -37.72 49.62 11.52
C LEU B 1441 -38.89 49.00 12.27
N ASN B 1442 -40.04 48.94 11.59
CA ASN B 1442 -41.30 48.38 12.09
C ASN B 1442 -41.75 49.05 13.39
N ARG B 1443 -41.72 50.38 13.41
CA ARG B 1443 -42.16 51.12 14.60
C ARG B 1443 -43.16 52.22 14.26
N GLY B 1444 -43.86 52.10 13.14
CA GLY B 1444 -44.95 53.01 12.84
C GLY B 1444 -46.06 52.31 12.07
N HIS B 1445 -47.28 52.32 12.61
CA HIS B 1445 -48.45 51.65 12.06
C HIS B 1445 -48.17 50.16 11.83
N GLN B 1446 -48.00 49.46 12.95
CA GLN B 1446 -47.65 48.04 12.96
C GLN B 1446 -48.70 47.22 12.22
N TRP B 1447 -48.22 46.22 11.48
CA TRP B 1447 -49.03 45.48 10.53
C TRP B 1447 -50.02 44.58 11.26
N GLU B 1448 -51.29 44.98 11.24
CA GLU B 1448 -52.35 44.11 11.71
C GLU B 1448 -52.63 43.02 10.67
N ASN B 1449 -53.03 41.85 11.16
CA ASN B 1449 -53.25 40.71 10.28
C ASN B 1449 -54.57 40.91 9.54
N ILE B 1450 -54.48 41.39 8.31
CA ILE B 1450 -55.64 41.71 7.48
C ILE B 1450 -55.90 40.52 6.57
N LYS B 1451 -57.17 40.14 6.42
CA LYS B 1451 -57.55 38.91 5.76
C LYS B 1451 -57.92 39.10 4.29
N LEU B 1452 -57.42 40.17 3.64
CA LEU B 1452 -57.38 40.36 2.19
C LEU B 1452 -58.76 40.59 1.55
N ALA B 1453 -59.83 40.46 2.33
CA ALA B 1453 -61.16 40.90 1.91
C ALA B 1453 -61.52 42.23 2.53
N GLU B 1454 -60.73 42.72 3.48
CA GLU B 1454 -60.90 44.05 4.05
C GLU B 1454 -60.12 45.10 3.26
N GLU B 1455 -59.27 44.69 2.33
CA GLU B 1455 -58.48 45.62 1.55
C GLU B 1455 -59.34 46.28 0.47
N SER B 1456 -58.76 47.28 -0.18
CA SER B 1456 -59.38 47.97 -1.30
C SER B 1456 -58.46 47.85 -2.51
N ARG B 1457 -59.01 48.20 -3.68
CA ARG B 1457 -58.21 48.20 -4.90
C ARG B 1457 -57.18 49.31 -4.88
N GLN B 1458 -57.54 50.47 -4.37
CA GLN B 1458 -56.69 51.64 -4.44
C GLN B 1458 -55.59 51.61 -3.38
N ALA B 1459 -54.72 52.60 -3.44
CA ALA B 1459 -53.71 52.85 -2.43
C ALA B 1459 -54.32 53.69 -1.30
N GLU B 1460 -53.45 54.29 -0.48
CA GLU B 1460 -53.71 55.14 0.68
C GLU B 1460 -54.81 54.60 1.61
N ASN B 1461 -54.81 53.29 1.81
CA ASN B 1461 -55.64 52.68 2.86
C ASN B 1461 -54.99 52.84 4.23
N GLY B 1462 -53.72 53.21 4.27
CA GLY B 1462 -53.00 53.39 5.50
C GLY B 1462 -52.27 52.16 6.00
N HIS B 1463 -52.10 51.13 5.16
CA HIS B 1463 -51.53 49.89 5.61
C HIS B 1463 -50.32 49.41 4.81
N PHE B 1464 -50.06 49.97 3.64
CA PHE B 1464 -48.97 49.46 2.82
C PHE B 1464 -47.75 50.35 2.71
N LEU B 1465 -47.88 51.67 2.96
CA LEU B 1465 -46.84 52.51 3.57
C LEU B 1465 -45.45 52.45 2.93
N PRO B 1466 -45.19 53.27 1.91
CA PRO B 1466 -43.97 53.13 1.06
C PRO B 1466 -42.68 53.08 1.86
N PRO B 1467 -41.79 52.17 1.52
CA PRO B 1467 -40.74 51.73 2.45
C PRO B 1467 -39.54 52.67 2.46
N TYR B 1468 -38.55 52.26 3.26
CA TYR B 1468 -37.24 52.88 3.24
C TYR B 1468 -36.48 52.39 2.00
N ASN B 1469 -35.41 53.11 1.66
CA ASN B 1469 -34.63 52.84 0.46
C ASN B 1469 -33.91 51.51 0.57
N GLU B 1470 -33.47 50.98 -0.57
CA GLU B 1470 -32.81 49.68 -0.57
C GLU B 1470 -31.30 49.82 -0.50
N ILE B 1471 -30.75 50.75 -1.29
CA ILE B 1471 -29.30 50.88 -1.41
C ILE B 1471 -28.72 51.59 -0.19
N LEU B 1472 -29.42 52.61 0.32
CA LEU B 1472 -28.98 53.26 1.55
C LEU B 1472 -29.16 52.35 2.76
N LEU B 1473 -30.06 51.37 2.67
CA LEU B 1473 -30.14 50.38 3.73
C LEU B 1473 -29.02 49.35 3.60
N SER B 1474 -28.60 49.05 2.38
CA SER B 1474 -27.53 48.08 2.19
C SER B 1474 -26.17 48.67 2.53
N TYR B 1475 -26.03 49.99 2.46
CA TYR B 1475 -24.76 50.63 2.81
C TYR B 1475 -24.42 50.47 4.29
N TRP B 1476 -25.44 50.51 5.16
CA TRP B 1476 -25.19 50.25 6.58
C TRP B 1476 -24.67 48.85 6.81
N ASP B 1477 -25.20 47.87 6.06
CA ASP B 1477 -24.77 46.50 6.21
C ASP B 1477 -23.36 46.31 5.66
N LYS B 1478 -23.04 46.99 4.55
CA LYS B 1478 -21.68 46.96 4.01
C LYS B 1478 -20.68 47.52 5.00
N LEU B 1479 -20.98 48.69 5.58
CA LEU B 1479 -20.08 49.30 6.56
C LEU B 1479 -19.97 48.46 7.82
N GLU B 1480 -21.06 47.79 8.23
CA GLU B 1480 -21.01 46.95 9.41
C GLU B 1480 -20.11 45.74 9.19
N ILE B 1481 -20.22 45.09 8.02
CA ILE B 1481 -19.38 43.94 7.73
C ILE B 1481 -17.91 44.34 7.60
N ARG B 1482 -17.64 45.48 6.95
CA ARG B 1482 -16.24 45.86 6.74
C ARG B 1482 -15.60 46.41 8.01
N LEU B 1483 -16.35 47.09 8.87
CA LEU B 1483 -15.79 47.48 10.17
C LEU B 1483 -15.65 46.29 11.10
N TYR B 1484 -16.51 45.27 10.97
CA TYR B 1484 -16.32 44.06 11.74
C TYR B 1484 -15.09 43.29 11.29
N ASN B 1485 -14.77 43.34 10.00
CA ASN B 1485 -13.53 42.74 9.52
C ASN B 1485 -12.31 43.54 9.94
N LEU B 1486 -12.43 44.87 10.00
CA LEU B 1486 -11.31 45.71 10.42
C LEU B 1486 -11.02 45.58 11.91
N ARG B 1487 -12.04 45.47 12.74
CA ARG B 1487 -11.85 45.44 14.18
C ARG B 1487 -11.41 44.07 14.69
N HIS B 1488 -11.18 43.12 13.80
CA HIS B 1488 -10.43 41.91 14.04
C HIS B 1488 -9.35 41.84 12.96
N ASN B 1489 -8.66 40.71 12.87
CA ASN B 1489 -7.77 40.49 11.73
C ASN B 1489 -8.39 39.59 10.68
N LEU B 1490 -9.69 39.75 10.44
CA LEU B 1490 -10.32 39.10 9.31
C LEU B 1490 -10.00 39.86 8.02
N ASN B 1491 -10.07 39.13 6.91
CA ASN B 1491 -9.97 39.72 5.58
C ASN B 1491 -11.39 40.06 5.14
N LEU B 1492 -11.59 40.40 3.86
CA LEU B 1492 -12.95 40.52 3.36
C LEU B 1492 -13.61 39.16 3.22
N ASP B 1493 -12.84 38.11 3.01
CA ASP B 1493 -13.35 36.75 2.88
C ASP B 1493 -13.49 36.05 4.23
N GLY B 1494 -13.27 36.75 5.34
CA GLY B 1494 -13.26 36.12 6.64
C GLY B 1494 -12.00 35.38 6.98
N GLN B 1495 -10.99 35.44 6.12
CA GLN B 1495 -9.73 34.75 6.38
C GLN B 1495 -8.94 35.50 7.45
N PRO B 1496 -8.41 34.81 8.45
CA PRO B 1496 -7.63 35.50 9.50
C PRO B 1496 -6.25 35.90 8.98
N LEU B 1497 -5.91 37.17 9.20
CA LEU B 1497 -4.56 37.65 8.89
C LEU B 1497 -3.54 37.04 9.84
N HIS B 1498 -3.89 36.96 11.12
CA HIS B 1498 -3.05 36.29 12.11
C HIS B 1498 -3.43 34.82 12.16
N LEU B 1499 -2.45 33.95 11.94
CA LEU B 1499 -2.69 32.51 11.93
C LEU B 1499 -2.98 32.03 13.35
N PRO B 1500 -3.96 31.14 13.52
CA PRO B 1500 -4.41 30.76 14.87
C PRO B 1500 -3.42 29.82 15.55
N LEU B 1501 -3.65 29.60 16.83
CA LEU B 1501 -2.83 28.70 17.63
C LEU B 1501 -3.26 27.25 17.43
N PHE B 1502 -2.36 26.33 17.76
CA PHE B 1502 -2.57 24.90 17.56
C PHE B 1502 -2.61 24.21 18.91
N ALA B 1503 -3.41 23.15 19.00
CA ALA B 1503 -3.60 22.39 20.23
C ALA B 1503 -3.05 20.97 20.06
N THR B 1504 -2.38 20.47 21.09
CA THR B 1504 -1.77 19.16 21.08
C THR B 1504 -1.77 18.60 22.50
N PRO B 1505 -2.30 17.39 22.72
CA PRO B 1505 -2.23 16.79 24.04
C PRO B 1505 -0.81 16.34 24.37
N VAL B 1506 -0.43 16.49 25.63
CA VAL B 1506 0.94 16.26 26.07
C VAL B 1506 0.93 15.14 27.11
N ASP B 1507 1.80 14.14 26.90
CA ASP B 1507 2.14 13.05 27.83
C ASP B 1507 0.93 12.21 28.27
N PRO B 1508 0.41 11.33 27.41
CA PRO B 1508 -0.64 10.41 27.86
C PRO B 1508 -0.09 9.41 28.86
N LYS B 1509 -0.80 9.24 29.96
CA LYS B 1509 -0.30 8.47 31.10
C LYS B 1509 -0.39 6.97 30.82
N ALA B 1510 0.72 6.27 31.02
CA ALA B 1510 0.72 4.82 30.93
C ALA B 1510 0.13 4.21 32.18
N LEU B 1511 -0.38 2.98 32.05
CA LEU B 1511 -1.00 2.31 33.17
C LEU B 1511 0.05 1.78 34.14
N GLN B 1512 -0.42 1.28 35.28
CA GLN B 1512 0.44 0.83 36.37
C GLN B 1512 0.37 -0.67 36.54
N ARG B 1513 1.39 -1.21 37.22
CA ARG B 1513 1.54 -2.64 37.39
C ARG B 1513 0.77 -3.14 38.60
N GLN B 1514 0.11 -4.29 38.44
CA GLN B 1514 -0.53 -4.99 39.53
C GLN B 1514 0.19 -6.30 39.80
N HIS B 1515 -0.16 -6.92 40.93
CA HIS B 1515 0.35 -8.24 41.24
C HIS B 1515 -0.70 -9.02 42.01
N GLY B 1516 -0.53 -10.34 42.04
CA GLY B 1516 -1.46 -11.22 42.69
C GLY B 1516 -1.26 -11.28 44.19
N ALA B 1517 -1.75 -10.27 44.90
CA ALA B 1517 -1.53 -10.14 46.33
C ALA B 1517 -2.51 -10.94 47.17
N GLY B 1518 -3.14 -11.97 46.60
CA GLY B 1518 -3.97 -12.90 47.32
C GLY B 1518 -3.23 -13.80 48.28
N ASN B 1519 -1.91 -13.75 48.29
CA ASN B 1519 -1.10 -14.40 49.31
C ASN B 1519 -0.86 -13.40 50.43
N GLY B 1520 -1.21 -13.78 51.66
CA GLY B 1520 -1.07 -12.89 52.79
C GLY B 1520 -0.22 -13.47 53.90
N ILE B 1521 -0.78 -13.50 55.10
CA ILE B 1521 -0.10 -14.13 56.23
C ILE B 1521 -0.45 -15.61 56.23
N ASN B 1522 0.48 -16.43 56.72
CA ASN B 1522 0.22 -17.84 56.97
C ASN B 1522 -0.16 -18.03 58.43
N SER B 1523 -1.19 -18.85 58.66
CA SER B 1523 -1.56 -19.28 60.00
C SER B 1523 -1.01 -20.68 60.20
N GLY B 1524 0.01 -20.80 61.06
CA GLY B 1524 0.66 -22.08 61.26
C GLY B 1524 -0.23 -23.04 62.04
N GLU B 1525 -0.60 -24.14 61.41
CA GLU B 1525 -1.42 -25.16 62.04
C GLU B 1525 -0.57 -26.02 62.97
N GLN B 1526 -1.10 -26.30 64.15
CA GLN B 1526 -0.37 -27.07 65.14
C GLN B 1526 -0.42 -28.56 64.81
N MET B 1527 0.22 -29.36 65.65
CA MET B 1527 0.31 -30.80 65.46
C MET B 1527 -0.30 -31.51 66.66
N ALA B 1528 -0.91 -32.66 66.38
CA ALA B 1528 -1.57 -33.45 67.42
C ALA B 1528 -0.52 -34.29 68.17
N THR B 1529 -0.99 -35.23 68.98
CA THR B 1529 -0.10 -36.11 69.72
C THR B 1529 -0.62 -37.54 69.62
N ALA B 1530 0.18 -38.42 69.02
CA ALA B 1530 -0.16 -39.83 68.97
C ALA B 1530 0.04 -40.44 70.35
N GLN B 1531 -0.86 -41.33 70.74
CA GLN B 1531 -0.82 -41.82 72.12
C GLN B 1531 0.22 -42.91 72.28
N THR B 1532 -0.02 -44.07 71.66
CA THR B 1532 0.81 -45.27 71.78
C THR B 1532 0.53 -46.17 70.58
N SER B 1533 1.34 -47.21 70.47
CA SER B 1533 1.07 -48.35 69.61
C SER B 1533 1.87 -49.52 70.16
N LEU B 1534 1.28 -50.71 70.15
CA LEU B 1534 1.98 -51.87 70.68
C LEU B 1534 2.88 -52.54 69.66
N TYR B 1535 2.97 -52.00 68.45
CA TYR B 1535 3.93 -52.51 67.50
C TYR B 1535 5.26 -51.80 67.67
N ARG B 1536 6.33 -52.51 67.33
CA ARG B 1536 7.66 -51.96 67.46
C ARG B 1536 7.97 -51.05 66.28
N PHE B 1537 9.18 -50.52 66.26
CA PHE B 1537 9.60 -49.51 65.30
C PHE B 1537 9.76 -49.95 63.83
N PRO B 1538 10.29 -51.14 63.48
CA PRO B 1538 10.43 -51.45 62.04
C PRO B 1538 9.13 -51.59 61.28
N LEU B 1539 8.10 -52.18 61.88
CA LEU B 1539 6.82 -52.30 61.16
C LEU B 1539 6.15 -50.94 60.98
N LEU B 1540 6.30 -50.07 61.98
CA LEU B 1540 5.78 -48.71 61.87
C LEU B 1540 6.50 -47.92 60.79
N ILE B 1541 7.81 -48.15 60.61
CA ILE B 1541 8.52 -47.48 59.53
C ILE B 1541 8.13 -48.06 58.17
N GLU B 1542 7.97 -49.38 58.08
CA GLU B 1542 7.54 -50.01 56.84
C GLU B 1542 6.14 -49.58 56.40
N ARG B 1543 5.28 -49.20 57.35
CA ARG B 1543 3.98 -48.67 56.96
C ARG B 1543 4.03 -47.16 56.68
N ALA B 1544 4.77 -46.41 57.50
CA ALA B 1544 4.80 -44.96 57.39
C ALA B 1544 5.52 -44.50 56.13
N LYS B 1545 6.51 -45.27 55.67
CA LYS B 1545 7.22 -44.92 54.45
C LYS B 1545 6.32 -45.03 53.23
N SER B 1546 5.49 -46.08 53.19
CA SER B 1546 4.52 -46.24 52.11
C SER B 1546 3.44 -45.16 52.17
N ALA B 1547 3.02 -44.79 53.39
CA ALA B 1547 2.02 -43.73 53.54
C ALA B 1547 2.55 -42.40 53.04
N VAL B 1548 3.79 -42.06 53.38
CA VAL B 1548 4.38 -40.80 52.92
C VAL B 1548 4.63 -40.84 51.41
N SER B 1549 4.94 -42.01 50.85
CA SER B 1549 5.07 -42.12 49.40
C SER B 1549 3.74 -41.87 48.69
N SER B 1550 2.64 -42.33 49.29
CA SER B 1550 1.31 -42.03 48.76
C SER B 1550 1.01 -40.53 48.82
N VAL B 1551 1.42 -39.88 49.92
CA VAL B 1551 1.22 -38.44 50.06
C VAL B 1551 2.00 -37.66 49.00
N ILE B 1552 3.23 -38.10 48.72
CA ILE B 1552 4.06 -37.42 47.72
C ILE B 1552 3.49 -37.62 46.32
N GLN B 1553 2.98 -38.82 46.03
CA GLN B 1553 2.34 -39.09 44.75
C GLN B 1553 1.11 -38.22 44.53
N PHE B 1554 0.25 -38.09 45.55
CA PHE B 1554 -0.91 -37.23 45.34
C PHE B 1554 -0.57 -35.74 45.40
N GLY B 1555 0.56 -35.37 46.00
CA GLY B 1555 1.02 -33.99 45.88
C GLY B 1555 1.44 -33.66 44.46
N ASN B 1556 2.13 -34.60 43.80
CA ASN B 1556 2.48 -34.42 42.39
C ASN B 1556 1.23 -34.36 41.51
N SER B 1557 0.24 -35.20 41.79
CA SER B 1557 -1.01 -35.18 41.03
C SER B 1557 -1.76 -33.86 41.25
N LEU B 1558 -1.73 -33.34 42.47
CA LEU B 1558 -2.41 -32.07 42.76
C LEU B 1558 -1.71 -30.91 42.07
N GLN B 1559 -0.38 -30.96 41.98
CA GLN B 1559 0.34 -29.91 41.26
C GLN B 1559 0.04 -29.95 39.76
N SER B 1560 -0.07 -31.16 39.19
CA SER B 1560 -0.39 -31.28 37.76
C SER B 1560 -1.79 -30.76 37.45
N VAL B 1561 -2.78 -31.16 38.25
CA VAL B 1561 -4.15 -30.69 38.05
C VAL B 1561 -4.25 -29.19 38.26
N LEU B 1562 -3.52 -28.68 39.25
CA LEU B 1562 -3.60 -27.29 39.63
C LEU B 1562 -2.89 -26.38 38.65
N GLU B 1563 -1.95 -26.90 37.85
CA GLU B 1563 -1.41 -26.09 36.77
C GLU B 1563 -2.21 -26.22 35.47
N ARG B 1564 -2.84 -27.38 35.22
CA ARG B 1564 -3.70 -27.50 34.05
C ARG B 1564 -4.95 -26.64 34.18
N GLN B 1565 -5.41 -26.40 35.41
CA GLN B 1565 -6.57 -25.53 35.62
C GLN B 1565 -6.28 -24.10 35.21
N ASP B 1566 -5.12 -23.57 35.61
CA ASP B 1566 -4.73 -22.22 35.23
C ASP B 1566 -4.41 -22.10 33.75
N ASN B 1567 -3.81 -23.14 33.15
CA ASN B 1567 -3.57 -23.12 31.71
C ASN B 1567 -4.87 -23.13 30.92
N GLU B 1568 -5.89 -23.84 31.42
CA GLU B 1568 -7.18 -23.83 30.74
C GLU B 1568 -7.86 -22.47 30.88
N ALA B 1569 -7.69 -21.81 32.02
CA ALA B 1569 -8.23 -20.45 32.18
C ALA B 1569 -7.58 -19.47 31.21
N MET B 1570 -6.25 -19.55 31.06
CA MET B 1570 -5.54 -18.69 30.12
C MET B 1570 -5.96 -18.94 28.68
N THR B 1571 -6.08 -20.23 28.30
CA THR B 1571 -6.48 -20.59 26.95
C THR B 1571 -7.89 -20.10 26.63
N LEU B 1572 -8.79 -20.20 27.61
CA LEU B 1572 -10.18 -19.80 27.38
C LEU B 1572 -10.29 -18.28 27.25
N LEU B 1573 -9.51 -17.54 28.05
CA LEU B 1573 -9.48 -16.08 27.92
C LEU B 1573 -8.93 -15.65 26.56
N PHE B 1574 -7.87 -16.32 26.10
CA PHE B 1574 -7.30 -15.99 24.80
C PHE B 1574 -8.27 -16.28 23.67
N GLN B 1575 -9.05 -17.37 23.77
CA GLN B 1575 -10.05 -17.67 22.76
C GLN B 1575 -11.14 -16.61 22.71
N GLN B 1576 -11.61 -16.15 23.87
CA GLN B 1576 -12.64 -15.10 23.91
C GLN B 1576 -12.16 -13.80 23.30
N GLN B 1577 -10.94 -13.38 23.65
CA GLN B 1577 -10.51 -12.09 23.17
C GLN B 1577 -10.09 -12.12 21.69
N GLN B 1578 -9.60 -13.27 21.21
CA GLN B 1578 -9.37 -13.40 19.77
C GLN B 1578 -10.69 -13.43 19.01
N GLN B 1579 -11.74 -14.00 19.61
CA GLN B 1579 -13.07 -13.96 19.01
C GLN B 1579 -13.61 -12.53 18.90
N LYS B 1580 -13.22 -11.66 19.83
CA LYS B 1580 -13.62 -10.25 19.70
C LYS B 1580 -12.80 -9.49 18.65
N VAL B 1581 -11.49 -9.75 18.60
CA VAL B 1581 -10.61 -9.08 17.63
C VAL B 1581 -10.99 -9.46 16.20
N LEU B 1582 -11.39 -10.72 15.98
CA LEU B 1582 -11.78 -11.14 14.64
C LEU B 1582 -13.17 -10.66 14.23
N GLN B 1583 -13.86 -9.90 15.07
CA GLN B 1583 -15.07 -9.17 14.70
C GLN B 1583 -14.77 -7.71 14.39
N HIS B 1584 -13.87 -7.10 15.16
CA HIS B 1584 -13.46 -5.73 14.81
C HIS B 1584 -12.69 -5.70 13.48
N THR B 1585 -11.98 -6.78 13.14
CA THR B 1585 -11.34 -6.87 11.82
C THR B 1585 -12.39 -6.96 10.71
N LYS B 1586 -13.52 -7.62 10.97
CA LYS B 1586 -14.63 -7.63 10.02
C LYS B 1586 -15.22 -6.24 9.83
N ASP B 1587 -15.26 -5.43 10.89
CA ASP B 1587 -15.71 -4.03 10.73
C ASP B 1587 -14.76 -3.23 9.84
N ILE B 1588 -13.44 -3.46 10.00
CA ILE B 1588 -12.44 -2.82 9.13
C ILE B 1588 -12.69 -3.20 7.67
N GLN B 1589 -12.94 -4.49 7.43
CA GLN B 1589 -13.19 -4.94 6.07
C GLN B 1589 -14.55 -4.48 5.54
N ASN B 1590 -15.47 -4.11 6.44
CA ASN B 1590 -16.72 -3.49 6.01
C ASN B 1590 -16.49 -2.08 5.49
N ASN B 1591 -15.61 -1.31 6.15
CA ASN B 1591 -15.33 0.03 5.62
C ASN B 1591 -14.47 -0.01 4.36
N ASN B 1592 -13.66 -1.06 4.21
CA ASN B 1592 -12.76 -1.13 3.07
C ASN B 1592 -13.50 -1.30 1.75
N ILE B 1593 -14.74 -1.82 1.78
CA ILE B 1593 -15.49 -1.88 0.54
C ILE B 1593 -16.25 -0.60 0.27
N GLN B 1594 -16.55 0.19 1.31
CA GLN B 1594 -17.19 1.48 1.09
C GLN B 1594 -16.24 2.46 0.43
N VAL B 1595 -14.95 2.36 0.77
CA VAL B 1595 -13.92 3.18 0.11
C VAL B 1595 -13.88 2.90 -1.39
N LEU B 1596 -13.93 1.63 -1.79
CA LEU B 1596 -13.89 1.32 -3.21
C LEU B 1596 -15.22 1.58 -3.91
N GLN B 1597 -16.34 1.50 -3.19
CA GLN B 1597 -17.60 1.92 -3.78
C GLN B 1597 -17.64 3.43 -4.04
N ALA B 1598 -16.92 4.21 -3.23
CA ALA B 1598 -16.80 5.62 -3.56
C ALA B 1598 -15.82 5.86 -4.69
N ASN B 1599 -14.78 5.03 -4.81
CA ASN B 1599 -13.83 5.19 -5.91
C ASN B 1599 -14.44 4.84 -7.26
N LEU B 1600 -15.39 3.89 -7.30
CA LEU B 1600 -16.10 3.62 -8.55
C LEU B 1600 -16.90 4.81 -9.03
N GLU B 1601 -17.60 5.48 -8.14
CA GLU B 1601 -18.36 6.66 -8.54
C GLU B 1601 -17.49 7.88 -8.74
N ALA B 1602 -16.25 7.88 -8.22
CA ALA B 1602 -15.30 8.90 -8.62
C ALA B 1602 -14.68 8.63 -9.99
N THR B 1603 -14.67 7.37 -10.43
CA THR B 1603 -14.17 7.04 -11.77
C THR B 1603 -15.25 7.21 -12.84
N ASN B 1604 -16.51 6.98 -12.49
CA ASN B 1604 -17.61 7.21 -13.41
C ASN B 1604 -17.75 8.68 -13.81
N SER B 1605 -17.42 9.60 -12.90
CA SER B 1605 -17.50 11.02 -13.23
C SER B 1605 -16.41 11.42 -14.22
N LEU B 1606 -15.22 10.84 -14.08
CA LEU B 1606 -14.16 11.04 -15.06
C LEU B 1606 -14.57 10.50 -16.43
N LYS B 1607 -15.18 9.32 -16.44
CA LYS B 1607 -15.60 8.70 -17.69
C LYS B 1607 -16.71 9.51 -18.36
N SER B 1608 -17.64 10.03 -17.57
CA SER B 1608 -18.70 10.88 -18.11
C SER B 1608 -18.18 12.22 -18.59
N ALA B 1609 -17.16 12.77 -17.92
CA ALA B 1609 -16.56 14.02 -18.38
C ALA B 1609 -15.84 13.85 -19.70
N ALA B 1610 -15.11 12.74 -19.86
CA ALA B 1610 -14.43 12.47 -21.13
C ALA B 1610 -15.43 12.24 -22.25
N LYS B 1611 -16.52 11.52 -21.97
CA LYS B 1611 -17.55 11.33 -22.99
C LYS B 1611 -18.26 12.63 -23.36
N GLN B 1612 -18.46 13.53 -22.38
CA GLN B 1612 -19.09 14.81 -22.68
C GLN B 1612 -18.18 15.70 -23.50
N ARG B 1613 -16.89 15.68 -23.21
CA ARG B 1613 -15.93 16.48 -23.99
C ARG B 1613 -15.82 15.96 -25.42
N SER B 1614 -15.81 14.64 -25.60
CA SER B 1614 -15.78 14.07 -26.95
C SER B 1614 -17.07 14.37 -27.71
N LYS B 1615 -18.22 14.34 -27.02
CA LYS B 1615 -19.48 14.69 -27.66
C LYS B 1615 -19.52 16.16 -28.07
N HIS B 1616 -18.94 17.03 -27.25
CA HIS B 1616 -18.88 18.46 -27.57
C HIS B 1616 -18.04 18.73 -28.80
N TYR B 1617 -16.84 18.14 -28.86
CA TYR B 1617 -16.01 18.36 -30.05
C TYR B 1617 -16.57 17.65 -31.28
N LYS B 1618 -17.30 16.55 -31.10
CA LYS B 1618 -17.94 15.91 -32.24
C LYS B 1618 -19.08 16.77 -32.80
N GLU B 1619 -19.84 17.43 -31.91
CA GLU B 1619 -20.89 18.34 -32.37
C GLU B 1619 -20.31 19.57 -33.06
N LEU B 1620 -19.19 20.09 -32.54
CA LEU B 1620 -18.51 21.19 -33.21
C LEU B 1620 -17.99 20.79 -34.58
N LEU B 1621 -17.45 19.58 -34.69
CA LEU B 1621 -16.85 19.15 -35.94
C LEU B 1621 -17.88 18.71 -36.96
N ASP B 1622 -19.08 18.33 -36.51
CA ASP B 1622 -20.14 17.98 -37.44
C ASP B 1622 -21.01 19.16 -37.83
N ASN B 1623 -21.07 20.21 -37.01
CA ASN B 1623 -21.82 21.39 -37.42
C ASN B 1623 -21.07 22.24 -38.43
N GLY B 1624 -19.75 22.09 -38.53
CA GLY B 1624 -18.98 22.86 -39.48
C GLY B 1624 -18.84 24.32 -39.06
N ILE B 1625 -18.73 25.18 -40.06
CA ILE B 1625 -18.69 26.62 -39.78
C ILE B 1625 -20.10 27.15 -39.56
N SER B 1626 -20.19 28.25 -38.83
CA SER B 1626 -21.46 28.80 -38.40
C SER B 1626 -22.20 29.47 -39.56
N SER B 1627 -23.43 29.88 -39.29
CA SER B 1627 -24.19 30.63 -40.29
C SER B 1627 -23.65 32.05 -40.42
N ARG B 1628 -23.20 32.64 -39.30
CA ARG B 1628 -22.63 33.97 -39.35
C ARG B 1628 -21.24 33.97 -39.98
N GLU B 1629 -20.49 32.89 -39.81
CA GLU B 1629 -19.21 32.74 -40.47
C GLU B 1629 -19.39 32.59 -41.98
N GLN B 1630 -20.40 31.82 -42.38
CA GLN B 1630 -20.72 31.67 -43.80
C GLN B 1630 -21.21 32.98 -44.39
N SER B 1631 -22.00 33.75 -43.63
CA SER B 1631 -22.46 35.05 -44.10
C SER B 1631 -21.29 36.03 -44.27
N GLY B 1632 -20.42 36.10 -43.27
CA GLY B 1632 -19.27 36.98 -43.33
C GLY B 1632 -18.23 36.57 -44.33
N LEU B 1633 -18.25 35.32 -44.79
CA LEU B 1633 -17.34 34.95 -45.86
C LEU B 1633 -18.00 35.01 -47.24
N ASP B 1634 -19.34 34.99 -47.30
CA ASP B 1634 -20.01 35.23 -48.56
C ASP B 1634 -20.03 36.71 -48.92
N LEU B 1635 -20.14 37.58 -47.92
CA LEU B 1635 -20.20 39.02 -48.20
C LEU B 1635 -18.87 39.56 -48.70
N ARG B 1636 -17.75 38.96 -48.30
CA ARG B 1636 -16.46 39.42 -48.82
C ARG B 1636 -16.31 39.10 -50.30
N ILE B 1637 -16.81 37.95 -50.74
CA ILE B 1637 -16.76 37.62 -52.16
C ILE B 1637 -17.76 38.46 -52.94
N ASP B 1638 -18.94 38.71 -52.36
CA ASP B 1638 -19.90 39.59 -53.01
C ASP B 1638 -19.42 41.04 -53.06
N ALA B 1639 -18.52 41.43 -52.16
CA ALA B 1639 -17.90 42.75 -52.22
C ALA B 1639 -16.72 42.78 -53.18
N GLY B 1640 -16.01 41.67 -53.33
CA GLY B 1640 -14.97 41.59 -54.34
C GLY B 1640 -15.53 41.52 -55.74
N ALA B 1641 -16.77 41.08 -55.88
CA ALA B 1641 -17.40 41.02 -57.20
C ALA B 1641 -17.90 42.37 -57.69
N VAL B 1642 -17.92 43.40 -56.85
CA VAL B 1642 -18.29 44.74 -57.31
C VAL B 1642 -17.10 45.68 -57.40
N ASN B 1643 -15.94 45.30 -56.87
CA ASN B 1643 -14.72 46.01 -57.21
C ASN B 1643 -14.27 45.73 -58.64
N ILE B 1644 -14.70 44.60 -59.22
CA ILE B 1644 -14.46 44.36 -60.63
C ILE B 1644 -15.29 45.29 -61.48
N ALA B 1645 -16.54 45.52 -61.09
CA ALA B 1645 -17.47 46.29 -61.89
C ALA B 1645 -17.22 47.79 -61.83
N SER B 1646 -16.37 48.27 -60.93
CA SER B 1646 -16.01 49.68 -60.87
C SER B 1646 -14.74 49.99 -61.66
N VAL B 1647 -14.39 49.16 -62.61
CA VAL B 1647 -13.19 49.32 -63.42
C VAL B 1647 -13.51 49.94 -64.78
N ALA B 1648 -14.51 49.39 -65.47
CA ALA B 1648 -14.90 49.94 -66.76
C ALA B 1648 -15.51 51.36 -66.73
N PRO B 1649 -16.30 51.78 -65.71
CA PRO B 1649 -16.68 53.20 -65.68
C PRO B 1649 -15.53 54.17 -65.51
N LEU B 1650 -14.44 53.82 -64.83
CA LEU B 1650 -13.31 54.73 -64.74
C LEU B 1650 -12.63 54.93 -66.08
N MET B 1651 -12.42 53.84 -66.83
CA MET B 1651 -11.82 53.97 -68.15
C MET B 1651 -12.74 54.67 -69.13
N LEU B 1652 -14.05 54.49 -68.97
CA LEU B 1652 -14.98 55.21 -69.84
C LEU B 1652 -15.04 56.69 -69.48
N ALA B 1653 -14.95 57.04 -68.20
CA ALA B 1653 -14.91 58.44 -67.79
C ALA B 1653 -13.64 59.12 -68.28
N ALA B 1654 -12.51 58.41 -68.24
CA ALA B 1654 -11.28 58.99 -68.77
C ALA B 1654 -11.28 59.05 -70.28
N ALA B 1655 -12.02 58.16 -70.94
CA ALA B 1655 -12.22 58.31 -72.38
C ALA B 1655 -13.04 59.57 -72.68
N LEU B 1656 -14.07 59.83 -71.88
CA LEU B 1656 -14.92 60.97 -72.16
C LEU B 1656 -14.27 62.30 -71.76
N ASP B 1657 -13.35 62.28 -70.81
CA ASP B 1657 -12.70 63.52 -70.39
C ASP B 1657 -11.69 64.04 -71.40
N THR B 1658 -11.21 63.21 -72.32
CA THR B 1658 -10.27 63.69 -73.33
C THR B 1658 -10.95 64.39 -74.48
N ALA B 1659 -12.28 64.36 -74.54
CA ALA B 1659 -13.01 65.16 -75.51
C ALA B 1659 -12.93 66.64 -75.11
N PRO B 1660 -12.90 67.54 -76.07
CA PRO B 1660 -12.86 68.97 -75.73
C PRO B 1660 -14.16 69.43 -75.09
N ASN B 1661 -14.02 70.41 -74.20
CA ASN B 1661 -15.07 70.81 -73.28
C ASN B 1661 -15.66 72.17 -73.59
N VAL B 1662 -14.82 73.13 -73.90
CA VAL B 1662 -15.25 74.51 -74.13
C VAL B 1662 -15.32 74.74 -75.63
N PHE B 1663 -16.35 75.45 -76.08
CA PHE B 1663 -16.60 75.72 -77.49
C PHE B 1663 -16.80 77.21 -77.66
N GLY B 1664 -16.91 77.65 -78.92
CA GLY B 1664 -17.23 79.04 -79.17
C GLY B 1664 -16.11 80.02 -78.86
N LEU B 1665 -15.07 80.04 -79.71
CA LEU B 1665 -13.91 80.91 -79.61
C LEU B 1665 -13.07 80.65 -78.37
N ALA B 1666 -13.16 79.44 -77.82
CA ALA B 1666 -12.21 78.98 -76.81
C ALA B 1666 -12.13 77.46 -76.96
N ASP B 1667 -11.14 77.01 -77.74
CA ASP B 1667 -10.95 75.58 -77.97
C ASP B 1667 -10.37 74.93 -76.73
N GLY B 1668 -10.69 73.66 -76.53
CA GLY B 1668 -10.03 72.89 -75.50
C GLY B 1668 -10.90 72.51 -74.32
N GLY B 1669 -10.31 72.53 -73.13
CA GLY B 1669 -10.94 72.00 -71.95
C GLY B 1669 -10.72 70.53 -71.72
N SER B 1670 -10.00 69.85 -72.61
CA SER B 1670 -9.78 68.42 -72.50
C SER B 1670 -8.70 68.13 -71.48
N HIS B 1671 -9.03 67.31 -70.47
CA HIS B 1671 -8.05 66.93 -69.46
C HIS B 1671 -7.04 65.97 -70.07
N TRP B 1672 -5.76 66.35 -70.03
CA TRP B 1672 -4.76 65.59 -70.78
C TRP B 1672 -4.33 64.33 -70.05
N GLY B 1673 -4.28 64.37 -68.73
CA GLY B 1673 -3.76 63.25 -67.99
C GLY B 1673 -4.82 62.32 -67.44
N ALA B 1674 -6.03 62.38 -67.99
CA ALA B 1674 -7.16 61.66 -67.40
C ALA B 1674 -7.04 60.16 -67.56
N VAL B 1675 -6.56 59.70 -68.71
CA VAL B 1675 -6.36 58.27 -68.95
C VAL B 1675 -5.24 57.70 -68.08
N PRO B 1676 -4.09 58.37 -67.85
CA PRO B 1676 -3.17 57.84 -66.83
C PRO B 1676 -3.70 57.91 -65.39
N TYR B 1677 -4.56 58.88 -65.04
CA TYR B 1677 -5.15 58.85 -63.70
C TYR B 1677 -6.09 57.66 -63.54
N ALA B 1678 -6.86 57.35 -64.58
CA ALA B 1678 -7.73 56.20 -64.49
C ALA B 1678 -6.94 54.90 -64.51
N THR B 1679 -5.79 54.88 -65.19
CA THR B 1679 -4.91 53.71 -65.12
C THR B 1679 -4.39 53.50 -63.71
N SER B 1680 -3.97 54.57 -63.04
CA SER B 1680 -3.50 54.47 -61.67
C SER B 1680 -4.64 54.06 -60.71
N ALA B 1681 -5.83 54.62 -60.90
CA ALA B 1681 -6.95 54.30 -60.02
C ALA B 1681 -7.44 52.88 -60.23
N THR B 1682 -7.47 52.42 -61.49
CA THR B 1682 -7.81 51.04 -61.82
C THR B 1682 -6.81 50.07 -61.21
N LEU B 1683 -5.53 50.43 -61.22
CA LEU B 1683 -4.53 49.52 -60.68
C LEU B 1683 -4.54 49.51 -59.16
N GLN B 1684 -4.92 50.64 -58.53
CA GLN B 1684 -5.15 50.64 -57.09
C GLN B 1684 -6.36 49.79 -56.70
N ILE B 1685 -7.43 49.83 -57.50
CA ILE B 1685 -8.59 48.97 -57.27
C ILE B 1685 -8.21 47.50 -57.40
N SER B 1686 -7.35 47.19 -58.37
CA SER B 1686 -6.88 45.81 -58.55
C SER B 1686 -6.03 45.34 -57.38
N ALA B 1687 -5.20 46.24 -56.83
CA ALA B 1687 -4.39 45.88 -55.67
C ALA B 1687 -5.25 45.64 -54.42
N GLY B 1688 -6.24 46.52 -54.20
CA GLY B 1688 -7.15 46.33 -53.08
C GLY B 1688 -8.01 45.09 -53.23
N LEU B 1689 -8.40 44.76 -54.46
CA LEU B 1689 -9.14 43.53 -54.74
C LEU B 1689 -8.32 42.29 -54.43
N THR B 1690 -7.05 42.28 -54.84
CA THR B 1690 -6.21 41.12 -54.60
C THR B 1690 -5.89 40.96 -53.11
N GLU B 1691 -5.75 42.07 -52.37
CA GLU B 1691 -5.56 41.95 -50.93
C GLU B 1691 -6.84 41.50 -50.22
N SER B 1692 -8.02 41.87 -50.75
CA SER B 1692 -9.26 41.35 -50.19
C SER B 1692 -9.38 39.84 -50.41
N ARG B 1693 -8.96 39.36 -51.58
CA ARG B 1693 -8.94 37.93 -51.84
C ARG B 1693 -7.95 37.20 -50.94
N ALA B 1694 -6.82 37.83 -50.64
CA ALA B 1694 -5.86 37.24 -49.71
C ALA B 1694 -6.43 37.16 -48.30
N ASN B 1695 -7.22 38.16 -47.90
CA ASN B 1695 -7.87 38.11 -46.59
C ASN B 1695 -8.92 37.00 -46.52
N ILE B 1696 -9.65 36.79 -47.62
CA ILE B 1696 -10.60 35.67 -47.70
C ILE B 1696 -9.89 34.33 -47.53
N ASN B 1697 -8.74 34.19 -48.20
CA ASN B 1697 -7.97 32.95 -48.10
C ASN B 1697 -7.43 32.72 -46.69
N ASP B 1698 -7.01 33.79 -46.00
CA ASP B 1698 -6.50 33.63 -44.64
C ASP B 1698 -7.60 33.28 -43.64
N ILE B 1699 -8.79 33.88 -43.80
CA ILE B 1699 -9.92 33.53 -42.93
C ILE B 1699 -10.29 32.06 -43.09
N LYS B 1700 -10.34 31.58 -44.33
CA LYS B 1700 -10.70 30.19 -44.57
C LYS B 1700 -9.60 29.24 -44.10
N ALA B 1701 -8.34 29.67 -44.18
CA ALA B 1701 -7.25 28.86 -43.67
C ALA B 1701 -7.28 28.73 -42.16
N ASN B 1702 -7.63 29.81 -41.45
CA ASN B 1702 -7.80 29.70 -40.00
C ASN B 1702 -8.95 28.79 -39.63
N TYR B 1703 -10.01 28.78 -40.45
CA TYR B 1703 -11.11 27.84 -40.20
C TYR B 1703 -10.65 26.39 -40.37
N ASP B 1704 -9.82 26.13 -41.38
CA ASP B 1704 -9.29 24.78 -41.57
C ASP B 1704 -8.37 24.35 -40.44
N ARG B 1705 -7.54 25.27 -39.94
CA ARG B 1705 -6.64 24.95 -38.84
C ARG B 1705 -7.40 24.65 -37.56
N ARG B 1706 -8.47 25.39 -37.28
CA ARG B 1706 -9.22 25.05 -36.08
C ARG B 1706 -10.08 23.80 -36.25
N GLU B 1707 -10.44 23.42 -37.48
CA GLU B 1707 -11.04 22.11 -37.69
C GLU B 1707 -10.06 20.99 -37.38
N GLN B 1708 -8.79 21.14 -37.79
CA GLN B 1708 -7.77 20.15 -37.45
C GLN B 1708 -7.53 20.06 -35.95
N GLU B 1709 -7.55 21.21 -35.26
CA GLU B 1709 -7.38 21.19 -33.82
C GLU B 1709 -8.55 20.54 -33.11
N TRP B 1710 -9.78 20.77 -33.62
CA TRP B 1710 -10.95 20.09 -33.08
C TRP B 1710 -10.87 18.58 -33.27
N THR B 1711 -10.36 18.13 -34.42
CA THR B 1711 -10.19 16.71 -34.67
C THR B 1711 -9.19 16.10 -33.68
N LEU B 1712 -8.08 16.80 -33.41
CA LEU B 1712 -7.12 16.34 -32.41
C LEU B 1712 -7.74 16.26 -31.02
N GLN B 1713 -8.52 17.26 -30.63
CA GLN B 1713 -9.11 17.25 -29.29
C GLN B 1713 -10.17 16.16 -29.15
N LYS B 1714 -10.93 15.91 -30.21
CA LYS B 1714 -11.92 14.84 -30.19
C LYS B 1714 -11.27 13.47 -30.08
N ASN B 1715 -10.16 13.26 -30.80
CA ASN B 1715 -9.45 11.98 -30.72
C ASN B 1715 -8.82 11.79 -29.34
N GLN B 1716 -8.29 12.85 -28.74
CA GLN B 1716 -7.72 12.73 -27.40
C GLN B 1716 -8.78 12.47 -26.35
N ALA B 1717 -9.99 13.03 -26.52
CA ALA B 1717 -11.06 12.72 -25.59
C ALA B 1717 -11.56 11.29 -25.74
N ASP B 1718 -11.55 10.76 -26.97
CA ASP B 1718 -11.91 9.36 -27.17
C ASP B 1718 -10.88 8.42 -26.54
N LYS B 1719 -9.59 8.76 -26.66
CA LYS B 1719 -8.57 7.96 -26.00
C LYS B 1719 -8.65 8.05 -24.49
N ASP B 1720 -9.04 9.21 -23.95
CA ASP B 1720 -9.23 9.32 -22.51
C ASP B 1720 -10.42 8.49 -22.03
N ALA B 1721 -11.49 8.43 -22.82
CA ALA B 1721 -12.62 7.56 -22.47
C ALA B 1721 -12.24 6.09 -22.53
N GLU B 1722 -11.41 5.70 -23.52
CA GLU B 1722 -10.95 4.32 -23.60
C GLU B 1722 -9.98 3.97 -22.47
N GLN B 1723 -9.27 4.95 -21.94
CA GLN B 1723 -8.48 4.72 -20.72
C GLN B 1723 -9.39 4.52 -19.51
N LEU B 1724 -10.34 5.43 -19.32
CA LEU B 1724 -11.16 5.42 -18.12
C LEU B 1724 -12.12 4.25 -18.05
N ALA B 1725 -12.46 3.65 -19.20
CA ALA B 1725 -13.22 2.40 -19.16
C ALA B 1725 -12.42 1.28 -18.49
N HIS B 1726 -11.16 1.12 -18.88
CA HIS B 1726 -10.32 0.10 -18.27
C HIS B 1726 -10.00 0.42 -16.82
N GLN B 1727 -9.88 1.70 -16.49
CA GLN B 1727 -9.63 2.06 -15.09
C GLN B 1727 -10.87 1.81 -14.23
N TYR B 1728 -12.06 2.01 -14.80
CA TYR B 1728 -13.30 1.62 -14.12
C TYR B 1728 -13.36 0.11 -13.90
N THR B 1729 -12.91 -0.66 -14.88
CA THR B 1729 -12.85 -2.12 -14.74
C THR B 1729 -11.87 -2.53 -13.64
N SER B 1730 -10.75 -1.81 -13.53
CA SER B 1730 -9.77 -2.07 -12.47
C SER B 1730 -10.35 -1.79 -11.09
N VAL B 1731 -11.05 -0.66 -10.94
CA VAL B 1731 -11.61 -0.32 -9.63
C VAL B 1731 -12.76 -1.25 -9.27
N GLN B 1732 -13.51 -1.74 -10.27
CA GLN B 1732 -14.58 -2.70 -9.99
C GLN B 1732 -14.03 -4.06 -9.58
N GLU B 1733 -12.90 -4.47 -10.15
CA GLU B 1733 -12.31 -5.72 -9.70
C GLU B 1733 -11.60 -5.57 -8.36
N GLN B 1734 -11.11 -4.38 -8.03
CA GLN B 1734 -10.68 -4.11 -6.66
C GLN B 1734 -11.84 -4.21 -5.68
N LEU B 1735 -13.03 -3.76 -6.10
CA LEU B 1735 -14.22 -3.90 -5.27
C LEU B 1735 -14.58 -5.35 -5.04
N ASN B 1736 -14.45 -6.18 -6.08
CA ASN B 1736 -14.71 -7.62 -5.91
C ASN B 1736 -13.68 -8.27 -4.99
N MET B 1737 -12.42 -7.83 -5.07
CA MET B 1737 -11.39 -8.37 -4.19
C MET B 1737 -11.62 -7.99 -2.73
N ALA B 1738 -12.02 -6.74 -2.48
CA ALA B 1738 -12.33 -6.33 -1.11
C ALA B 1738 -13.59 -7.00 -0.59
N GLN B 1739 -14.57 -7.24 -1.46
CA GLN B 1739 -15.80 -7.87 -1.05
C GLN B 1739 -15.61 -9.37 -0.81
N LYS B 1740 -14.54 -9.96 -1.36
CA LYS B 1740 -14.17 -11.30 -0.93
C LYS B 1740 -13.30 -11.31 0.32
N GLN B 1741 -12.51 -10.25 0.55
CA GLN B 1741 -11.79 -10.15 1.82
C GLN B 1741 -12.74 -10.01 3.01
N ARG B 1742 -13.88 -9.37 2.80
CA ARG B 1742 -14.91 -9.33 3.85
C ARG B 1742 -15.42 -10.73 4.18
N ASN B 1743 -15.65 -11.56 3.16
CA ASN B 1743 -16.11 -12.92 3.39
C ASN B 1743 -15.04 -13.77 4.06
N LEU B 1744 -13.77 -13.51 3.74
CA LEU B 1744 -12.68 -14.18 4.43
C LEU B 1744 -12.63 -13.81 5.90
N ALA B 1745 -12.84 -12.53 6.23
CA ALA B 1745 -12.84 -12.11 7.63
C ALA B 1745 -14.02 -12.69 8.40
N GLU B 1746 -15.19 -12.76 7.77
CA GLU B 1746 -16.35 -13.37 8.43
C GLU B 1746 -16.16 -14.89 8.61
N LEU B 1747 -15.49 -15.54 7.66
CA LEU B 1747 -15.18 -16.95 7.80
C LEU B 1747 -14.19 -17.20 8.94
N GLU B 1748 -13.19 -16.32 9.09
CA GLU B 1748 -12.26 -16.45 10.20
C GLU B 1748 -12.93 -16.21 11.55
N GLN B 1749 -13.93 -15.31 11.58
CA GLN B 1749 -14.73 -15.14 12.80
C GLN B 1749 -15.52 -16.40 13.14
N GLY B 1750 -16.07 -17.05 12.10
CA GLY B 1750 -16.74 -18.33 12.33
C GLY B 1750 -15.80 -19.43 12.81
N HIS B 1751 -14.55 -19.42 12.32
CA HIS B 1751 -13.59 -20.40 12.80
C HIS B 1751 -13.19 -20.16 14.24
N ALA B 1752 -13.09 -18.89 14.64
CA ALA B 1752 -12.82 -18.58 16.05
C ALA B 1752 -13.97 -19.02 16.94
N ASP B 1753 -15.21 -18.85 16.47
CA ASP B 1753 -16.36 -19.33 17.23
C ASP B 1753 -16.37 -20.84 17.34
N ALA B 1754 -15.95 -21.54 16.29
CA ALA B 1754 -15.89 -23.01 16.34
C ALA B 1754 -14.82 -23.50 17.30
N LEU B 1755 -13.66 -22.84 17.33
CA LEU B 1755 -12.62 -23.22 18.27
C LEU B 1755 -13.03 -22.94 19.71
N TYR B 1756 -13.71 -21.81 19.96
CA TYR B 1756 -14.17 -21.53 21.31
C TYR B 1756 -15.29 -22.48 21.73
N GLN B 1757 -16.10 -22.96 20.77
CA GLN B 1757 -17.14 -23.92 21.14
C GLN B 1757 -16.54 -25.28 21.48
N MET B 1758 -15.54 -25.73 20.71
CA MET B 1758 -14.92 -26.99 21.09
C MET B 1758 -13.93 -26.88 22.23
N GLN B 1759 -13.56 -25.66 22.64
CA GLN B 1759 -12.90 -25.52 23.93
C GLN B 1759 -13.91 -25.53 25.07
N SER B 1760 -15.12 -25.04 24.84
CA SER B 1760 -16.12 -25.02 25.90
C SER B 1760 -16.75 -26.40 26.11
N THR B 1761 -17.12 -27.08 25.03
CA THR B 1761 -17.77 -28.38 25.12
C THR B 1761 -16.78 -29.54 25.21
N ARG B 1762 -15.50 -29.23 25.35
CA ARG B 1762 -14.46 -30.23 25.58
C ARG B 1762 -14.70 -30.94 26.90
N PHE B 1763 -14.38 -32.24 26.94
CA PHE B 1763 -14.55 -32.99 28.18
C PHE B 1763 -13.53 -32.54 29.22
N THR B 1764 -12.26 -32.52 28.85
CA THR B 1764 -11.20 -32.05 29.76
C THR B 1764 -11.06 -30.53 29.71
N GLY B 1765 -12.18 -29.83 29.83
CA GLY B 1765 -12.20 -28.38 29.88
C GLY B 1765 -12.13 -27.92 31.31
N LYS B 1766 -12.64 -26.71 31.55
CA LYS B 1766 -12.52 -26.13 32.87
C LYS B 1766 -13.45 -26.79 33.87
N GLU B 1767 -14.60 -27.31 33.41
CA GLU B 1767 -15.53 -27.96 34.32
C GLU B 1767 -15.05 -29.30 34.82
N LEU B 1768 -14.02 -29.89 34.19
CA LEU B 1768 -13.38 -31.10 34.69
C LEU B 1768 -12.25 -30.77 35.64
N TYR B 1769 -11.49 -29.71 35.38
CA TYR B 1769 -10.39 -29.41 36.28
C TYR B 1769 -10.85 -28.68 37.53
N ASN B 1770 -11.99 -27.99 37.49
CA ASN B 1770 -12.59 -27.49 38.73
C ASN B 1770 -13.02 -28.65 39.63
N TRP B 1771 -13.60 -29.69 39.03
CA TRP B 1771 -14.01 -30.87 39.77
C TRP B 1771 -12.81 -31.59 40.36
N MET B 1772 -11.77 -31.81 39.54
CA MET B 1772 -10.58 -32.52 40.02
C MET B 1772 -9.83 -31.71 41.06
N ALA B 1773 -9.80 -30.38 40.93
CA ALA B 1773 -9.16 -29.55 41.94
C ALA B 1773 -9.92 -29.60 43.26
N GLY B 1774 -11.24 -29.43 43.20
CA GLY B 1774 -12.04 -29.42 44.41
C GLY B 1774 -12.12 -30.76 45.10
N ARG B 1775 -11.92 -31.85 44.37
CA ARG B 1775 -11.87 -33.15 45.03
C ARG B 1775 -10.47 -33.50 45.51
N LEU B 1776 -9.47 -33.35 44.64
CA LEU B 1776 -8.11 -33.78 44.96
C LEU B 1776 -7.48 -32.92 46.05
N SER B 1777 -7.73 -31.61 46.04
CA SER B 1777 -7.17 -30.76 47.09
C SER B 1777 -7.86 -30.99 48.43
N GLY B 1778 -9.08 -31.51 48.42
CA GLY B 1778 -9.77 -31.81 49.66
C GLY B 1778 -9.41 -33.16 50.21
N LEU B 1779 -9.11 -34.12 49.31
CA LEU B 1779 -8.68 -35.43 49.76
C LEU B 1779 -7.20 -35.46 50.15
N TYR B 1780 -6.40 -34.54 49.61
CA TYR B 1780 -4.97 -34.53 49.92
C TYR B 1780 -4.71 -34.10 51.35
N PHE B 1781 -5.51 -33.16 51.88
CA PHE B 1781 -5.38 -32.76 53.27
C PHE B 1781 -5.86 -33.86 54.21
N GLN B 1782 -6.88 -34.61 53.81
CA GLN B 1782 -7.35 -35.72 54.64
C GLN B 1782 -6.34 -36.86 54.65
N LEU B 1783 -5.67 -37.09 53.51
CA LEU B 1783 -4.58 -38.06 53.48
C LEU B 1783 -3.40 -37.60 54.33
N PHE B 1784 -3.14 -36.30 54.35
CA PHE B 1784 -2.07 -35.76 55.19
C PHE B 1784 -2.40 -35.91 56.67
N ASP B 1785 -3.65 -35.67 57.06
CA ASP B 1785 -4.04 -35.89 58.45
C ASP B 1785 -4.24 -37.36 58.80
N ALA B 1786 -4.29 -38.25 57.82
CA ALA B 1786 -4.25 -39.67 58.12
C ALA B 1786 -2.81 -40.17 58.24
N THR B 1787 -1.87 -39.51 57.54
CA THR B 1787 -0.48 -39.95 57.49
C THR B 1787 0.36 -39.40 58.64
N GLN B 1788 0.16 -38.14 59.01
CA GLN B 1788 0.97 -37.51 60.05
C GLN B 1788 0.88 -38.15 61.44
N PRO B 1789 -0.26 -38.70 61.91
CA PRO B 1789 -0.20 -39.51 63.15
C PRO B 1789 0.67 -40.75 63.07
N LEU B 1790 0.90 -41.36 61.89
CA LEU B 1790 1.87 -42.46 61.83
C LEU B 1790 3.28 -42.00 62.14
N CYS B 1791 3.66 -40.84 61.61
CA CYS B 1791 4.97 -40.28 61.91
C CYS B 1791 5.09 -39.91 63.38
N LEU B 1792 4.00 -39.43 63.98
CA LEU B 1792 4.04 -39.17 65.41
C LEU B 1792 4.08 -40.45 66.25
N MET B 1793 3.43 -41.52 65.77
CA MET B 1793 3.58 -42.85 66.39
C MET B 1793 5.03 -43.30 66.37
N ALA B 1794 5.68 -43.17 65.21
CA ALA B 1794 7.05 -43.63 65.05
C ALA B 1794 8.00 -42.84 65.94
N LYS B 1795 7.76 -41.53 66.06
CA LYS B 1795 8.55 -40.72 66.97
C LYS B 1795 8.34 -41.14 68.43
N ALA B 1796 7.09 -41.32 68.84
CA ALA B 1796 6.82 -41.68 70.24
C ALA B 1796 7.19 -43.12 70.57
N VAL B 1797 7.38 -43.97 69.57
CA VAL B 1797 7.86 -45.33 69.82
C VAL B 1797 9.38 -45.36 69.86
N LEU B 1798 10.06 -44.59 69.00
CA LEU B 1798 11.52 -44.56 69.07
C LEU B 1798 12.01 -43.80 70.31
N GLU B 1799 11.18 -42.91 70.86
CA GLU B 1799 11.54 -42.26 72.12
C GLU B 1799 11.50 -43.21 73.32
N LYS B 1800 10.97 -44.42 73.17
CA LYS B 1800 11.13 -45.42 74.22
C LYS B 1800 12.56 -45.91 74.30
N GLU B 1801 13.09 -46.43 73.19
CA GLU B 1801 14.44 -46.99 73.18
C GLU B 1801 15.50 -45.90 73.16
N VAL B 1802 15.52 -45.10 72.09
CA VAL B 1802 16.45 -43.99 71.98
C VAL B 1802 15.98 -42.88 72.88
N ASP B 1803 16.87 -42.36 73.72
CA ASP B 1803 16.51 -41.33 74.68
C ASP B 1803 16.22 -40.01 73.97
N LYS B 1804 15.48 -39.14 74.66
CA LYS B 1804 14.92 -37.93 74.08
C LYS B 1804 15.94 -36.79 73.94
N ALA B 1805 17.23 -37.05 74.08
CA ALA B 1805 18.24 -36.02 73.84
C ALA B 1805 18.64 -35.94 72.37
N LYS B 1806 18.11 -36.81 71.51
CA LYS B 1806 18.48 -36.84 70.11
C LYS B 1806 17.32 -36.71 69.14
N THR B 1807 16.10 -37.01 69.57
CA THR B 1807 14.92 -36.93 68.72
C THR B 1807 14.17 -35.61 68.90
N ASP B 1808 14.91 -34.53 69.20
CA ASP B 1808 14.27 -33.25 69.51
C ASP B 1808 13.72 -32.57 68.27
N GLY B 1809 14.58 -32.23 67.33
CA GLY B 1809 14.15 -31.49 66.16
C GLY B 1809 13.72 -32.36 65.00
N LEU B 1810 12.63 -33.11 65.17
CA LEU B 1810 12.11 -33.95 64.10
C LEU B 1810 10.73 -33.51 63.66
N PHE B 1811 9.76 -33.41 64.56
CA PHE B 1811 8.38 -33.11 64.21
C PHE B 1811 7.89 -31.91 64.99
N ILE B 1812 8.71 -30.85 64.99
CA ILE B 1812 8.34 -29.62 65.67
C ILE B 1812 7.34 -28.82 64.84
N ARG B 1813 7.59 -28.69 63.54
CA ARG B 1813 6.77 -27.89 62.66
C ARG B 1813 5.85 -28.78 61.82
N SER B 1814 4.66 -28.29 61.56
CA SER B 1814 3.77 -28.97 60.63
C SER B 1814 4.16 -28.60 59.20
N GLY B 1815 4.28 -29.61 58.34
CA GLY B 1815 4.67 -29.37 56.97
C GLY B 1815 3.61 -28.77 56.08
N TRP B 1816 2.37 -28.74 56.56
CA TRP B 1816 1.27 -28.19 55.77
C TRP B 1816 1.34 -26.67 55.73
N ASN B 1817 1.00 -26.11 54.57
CA ASN B 1817 0.98 -24.67 54.38
C ASN B 1817 -0.37 -24.31 53.79
N ASP B 1818 -1.23 -23.66 54.59
CA ASP B 1818 -2.57 -23.30 54.14
C ASP B 1818 -2.58 -22.23 53.08
N LEU B 1819 -1.54 -21.39 53.01
CA LEU B 1819 -1.54 -20.28 52.06
C LEU B 1819 -1.33 -20.76 50.64
N TYR B 1820 -0.58 -21.83 50.47
CA TYR B 1820 -0.53 -22.58 49.23
C TYR B 1820 -1.50 -23.75 49.39
N GLN B 1821 -1.45 -24.71 48.48
CA GLN B 1821 -2.38 -25.82 48.57
C GLN B 1821 -1.80 -27.00 49.32
N GLY B 1822 -0.91 -26.73 50.27
CA GLY B 1822 -0.25 -27.81 50.99
C GLY B 1822 0.78 -28.52 50.16
N LEU B 1823 1.33 -27.86 49.14
CA LEU B 1823 2.33 -28.47 48.29
C LEU B 1823 3.62 -28.71 49.08
N LEU B 1824 4.33 -29.78 48.69
CA LEU B 1824 5.59 -30.21 49.30
C LEU B 1824 5.45 -30.51 50.78
N ALA B 1825 4.26 -30.98 51.19
CA ALA B 1825 4.06 -31.37 52.58
C ALA B 1825 4.52 -32.80 52.83
N GLY B 1826 4.49 -33.64 51.81
CA GLY B 1826 5.01 -34.98 51.94
C GLY B 1826 6.52 -35.05 51.98
N GLU B 1827 7.20 -34.02 51.45
CA GLU B 1827 8.66 -33.99 51.52
C GLU B 1827 9.15 -33.76 52.94
N ASP B 1828 8.43 -32.95 53.70
CA ASP B 1828 8.75 -32.74 55.11
C ASP B 1828 8.63 -34.04 55.89
N LEU B 1829 7.58 -34.81 55.62
CA LEU B 1829 7.41 -36.10 56.28
C LEU B 1829 8.46 -37.10 55.84
N GLN B 1830 8.85 -37.06 54.56
CA GLN B 1830 9.88 -37.98 54.06
C GLN B 1830 11.24 -37.68 54.69
N LEU B 1831 11.61 -36.40 54.75
CA LEU B 1831 12.85 -36.00 55.41
C LEU B 1831 12.83 -36.33 56.90
N ASN B 1832 11.71 -36.07 57.57
CA ASN B 1832 11.66 -36.30 59.00
C ASN B 1832 11.47 -37.76 59.36
N LEU B 1833 11.11 -38.62 58.41
CA LEU B 1833 11.22 -40.05 58.64
C LEU B 1833 12.59 -40.59 58.31
N GLN B 1834 13.26 -40.01 57.31
CA GLN B 1834 14.62 -40.45 57.01
C GLN B 1834 15.58 -40.09 58.14
N LYS B 1835 15.39 -38.92 58.74
CA LYS B 1835 16.23 -38.50 59.85
C LYS B 1835 15.94 -39.34 61.10
N LEU B 1836 14.67 -39.71 61.29
CA LEU B 1836 14.27 -40.60 62.37
C LEU B 1836 14.87 -41.98 62.21
N GLU B 1837 14.85 -42.51 60.97
CA GLU B 1837 15.44 -43.80 60.67
C GLU B 1837 16.96 -43.79 60.85
N ASN B 1838 17.60 -42.66 60.56
CA ASN B 1838 19.04 -42.57 60.79
C ASN B 1838 19.37 -42.51 62.27
N VAL B 1839 18.51 -41.84 63.06
CA VAL B 1839 18.66 -41.85 64.52
C VAL B 1839 18.49 -43.27 65.06
N TRP B 1840 17.59 -44.05 64.46
CA TRP B 1840 17.41 -45.43 64.91
C TRP B 1840 18.58 -46.32 64.52
N LEU B 1841 19.13 -46.15 63.32
CA LEU B 1841 20.19 -47.05 62.90
C LEU B 1841 21.55 -46.69 63.50
N MET B 1842 21.79 -45.40 63.78
CA MET B 1842 23.01 -45.04 64.49
C MET B 1842 22.96 -45.44 65.95
N GLU B 1843 21.97 -44.91 66.69
CA GLU B 1843 21.97 -44.99 68.15
C GLU B 1843 21.06 -46.07 68.71
N GLU B 1844 20.99 -47.25 68.09
CA GLU B 1844 20.40 -48.40 68.75
C GLU B 1844 21.52 -49.26 69.31
N GLN B 1845 21.37 -49.66 70.57
CA GLN B 1845 22.43 -50.34 71.31
C GLN B 1845 22.03 -51.77 71.65
N ARG B 1846 23.05 -52.57 71.91
CA ARG B 1846 22.85 -53.96 72.29
C ARG B 1846 22.30 -54.06 73.71
N ALA B 1847 21.23 -54.84 73.87
CA ALA B 1847 20.65 -55.05 75.18
C ALA B 1847 21.54 -55.95 76.02
N LEU B 1848 21.43 -55.77 77.34
CA LEU B 1848 22.14 -56.60 78.31
C LEU B 1848 21.06 -57.31 79.13
N GLU B 1849 20.74 -58.54 78.74
CA GLU B 1849 19.62 -59.26 79.32
C GLU B 1849 19.96 -59.78 80.71
N VAL B 1850 18.97 -59.76 81.61
CA VAL B 1850 19.12 -60.34 82.94
C VAL B 1850 17.85 -61.12 83.25
N GLU B 1851 17.98 -62.40 83.58
CA GLU B 1851 16.86 -63.21 84.02
C GLU B 1851 16.95 -63.37 85.54
N ARG B 1852 16.00 -62.79 86.25
CA ARG B 1852 15.98 -62.81 87.70
C ARG B 1852 14.72 -63.51 88.19
N THR B 1853 14.89 -64.46 89.11
CA THR B 1853 13.80 -65.26 89.66
C THR B 1853 13.60 -64.86 91.13
N VAL B 1854 12.60 -64.02 91.38
CA VAL B 1854 12.27 -63.59 92.73
C VAL B 1854 10.97 -64.30 93.11
N SER B 1855 11.08 -65.42 93.81
CA SER B 1855 9.91 -66.13 94.28
C SER B 1855 9.26 -65.39 95.44
N LEU B 1856 8.06 -65.82 95.81
CA LEU B 1856 7.41 -65.26 96.99
C LEU B 1856 7.73 -66.06 98.24
N ALA B 1857 9.02 -66.31 98.43
CA ALA B 1857 9.59 -66.67 99.72
C ALA B 1857 10.24 -65.46 100.37
N GLN B 1858 9.86 -64.26 99.96
CA GLN B 1858 10.39 -63.03 100.51
C GLN B 1858 9.36 -62.28 101.35
N HIS B 1859 8.13 -62.78 101.44
CA HIS B 1859 7.18 -62.23 102.40
C HIS B 1859 7.62 -62.51 103.83
N TYR B 1860 8.36 -63.60 104.04
CA TYR B 1860 9.04 -63.82 105.32
C TYR B 1860 10.14 -62.79 105.54
N GLN B 1861 10.74 -62.29 104.46
CA GLN B 1861 11.79 -61.29 104.53
C GLN B 1861 11.24 -59.87 104.49
N GLN B 1862 9.97 -59.71 104.11
CA GLN B 1862 9.42 -58.42 103.68
C GLN B 1862 9.31 -57.45 104.85
N LEU B 1863 10.22 -56.46 104.86
CA LEU B 1863 10.17 -55.20 105.61
C LEU B 1863 10.45 -55.38 107.11
N SER B 1864 10.52 -56.63 107.58
CA SER B 1864 10.90 -57.03 108.94
C SER B 1864 10.01 -56.44 110.05
N ASP B 1865 8.84 -55.91 109.70
CA ASP B 1865 7.90 -55.40 110.70
C ASP B 1865 6.56 -56.08 110.48
N HIS B 1866 6.29 -56.46 109.24
CA HIS B 1866 5.11 -57.24 108.88
C HIS B 1866 5.59 -58.35 107.97
N LYS B 1867 5.97 -59.47 108.58
CA LYS B 1867 6.43 -60.64 107.86
C LYS B 1867 5.51 -61.82 108.17
N PHE B 1868 5.44 -62.76 107.22
CA PHE B 1868 4.54 -63.89 107.36
C PHE B 1868 5.00 -65.01 106.44
N ASN B 1869 4.53 -66.21 106.74
CA ASN B 1869 4.74 -67.37 105.90
C ASN B 1869 3.55 -67.50 104.96
N LEU B 1870 3.83 -67.64 103.66
CA LEU B 1870 2.79 -67.51 102.65
C LEU B 1870 1.86 -68.72 102.63
N ALA B 1871 2.43 -69.93 102.64
CA ALA B 1871 1.63 -71.14 102.56
C ALA B 1871 0.77 -71.35 103.81
N GLU B 1872 1.31 -71.01 104.98
CA GLU B 1872 0.54 -71.08 106.21
C GLU B 1872 -0.60 -70.07 106.24
N ILE B 1873 -0.35 -68.85 105.75
CA ILE B 1873 -1.39 -67.85 105.84
C ILE B 1873 -2.47 -68.07 104.77
N VAL B 1874 -2.13 -68.66 103.62
CA VAL B 1874 -3.20 -68.94 102.68
C VAL B 1874 -3.99 -70.18 103.11
N THR B 1875 -3.34 -71.09 103.85
CA THR B 1875 -4.08 -72.17 104.51
C THR B 1875 -5.03 -71.61 105.55
N GLY B 1876 -4.62 -70.53 106.24
CA GLY B 1876 -5.54 -69.81 107.09
C GLY B 1876 -6.64 -69.10 106.33
N TYR B 1877 -6.36 -68.64 105.11
CA TYR B 1877 -7.39 -67.98 104.31
C TYR B 1877 -8.29 -68.95 103.56
N MET B 1878 -8.03 -70.26 103.61
CA MET B 1878 -8.95 -71.19 102.94
C MET B 1878 -10.28 -71.30 103.66
N ALA B 1879 -10.32 -71.00 104.96
CA ALA B 1879 -11.56 -70.89 105.71
C ALA B 1879 -11.63 -69.52 106.35
N GLN B 1880 -12.77 -69.25 106.99
CA GLN B 1880 -13.07 -68.00 107.71
C GLN B 1880 -12.95 -66.78 106.78
N ASP B 1881 -13.87 -66.74 105.84
CA ASP B 1881 -13.82 -65.84 104.69
C ASP B 1881 -13.91 -64.37 105.10
N LYS B 1882 -13.44 -63.52 104.18
CA LYS B 1882 -13.52 -62.05 104.27
C LYS B 1882 -12.75 -61.50 105.48
N ASP B 1883 -11.50 -61.92 105.61
CA ASP B 1883 -10.57 -61.36 106.57
C ASP B 1883 -9.36 -60.80 105.83
N GLN B 1884 -8.37 -60.33 106.60
CA GLN B 1884 -7.18 -59.72 106.03
C GLN B 1884 -6.05 -59.73 107.05
N LYS B 1885 -4.86 -60.11 106.63
CA LYS B 1885 -3.62 -59.83 107.34
C LYS B 1885 -2.75 -59.13 106.30
N THR B 1886 -2.89 -57.81 106.22
CA THR B 1886 -2.06 -57.03 105.33
C THR B 1886 -0.64 -56.90 105.89
N GLY B 1887 0.34 -57.07 105.02
CA GLY B 1887 1.68 -56.70 105.39
C GLY B 1887 1.77 -55.19 105.42
N ASN B 1888 1.65 -54.58 104.24
CA ASN B 1888 1.65 -53.14 104.09
C ASN B 1888 0.58 -52.77 103.06
N GLU B 1889 0.58 -51.52 102.63
CA GLU B 1889 -0.20 -51.11 101.48
C GLU B 1889 0.54 -51.38 100.18
N GLN B 1890 1.83 -51.71 100.26
CA GLN B 1890 2.62 -52.12 99.12
C GLN B 1890 2.64 -53.64 98.94
N ASP B 1891 2.84 -54.39 100.02
CA ASP B 1891 2.93 -55.85 99.98
C ASP B 1891 1.94 -56.40 100.98
N PHE B 1892 1.01 -57.22 100.51
CA PHE B 1892 -0.03 -57.79 101.37
C PHE B 1892 -0.65 -59.00 100.69
N VAL B 1893 -1.38 -59.78 101.50
CA VAL B 1893 -2.22 -60.86 101.02
C VAL B 1893 -3.59 -60.68 101.67
N GLU B 1894 -4.61 -60.45 100.87
CA GLU B 1894 -5.96 -60.21 101.39
C GLU B 1894 -6.97 -60.97 100.56
N LEU B 1895 -8.24 -60.80 100.92
CA LEU B 1895 -9.35 -61.14 100.03
C LEU B 1895 -10.53 -60.25 100.40
N LYS B 1896 -10.98 -59.45 99.43
CA LYS B 1896 -12.17 -58.62 99.62
C LYS B 1896 -13.42 -59.45 99.40
N ASN B 1897 -13.39 -60.27 98.36
CA ASN B 1897 -14.41 -61.22 97.98
C ASN B 1897 -13.77 -62.61 98.07
N SER B 1898 -14.43 -63.60 97.47
CA SER B 1898 -13.81 -64.91 97.32
C SER B 1898 -12.51 -64.86 96.50
N THR B 1899 -12.39 -63.87 95.62
CA THR B 1899 -11.11 -63.55 94.99
C THR B 1899 -10.11 -63.08 96.04
N LEU B 1900 -8.93 -63.71 96.08
CA LEU B 1900 -7.85 -63.26 96.93
C LEU B 1900 -6.80 -62.53 96.11
N ILE B 1901 -6.10 -61.61 96.78
CA ILE B 1901 -5.12 -60.73 96.14
C ILE B 1901 -3.78 -60.94 96.84
N ALA B 1902 -2.77 -61.34 96.09
CA ALA B 1902 -1.42 -61.48 96.61
C ALA B 1902 -0.56 -60.41 95.97
N SER B 1903 -0.57 -59.21 96.56
CA SER B 1903 0.10 -58.08 95.96
C SER B 1903 1.59 -58.10 96.25
N LEU B 1904 2.34 -57.32 95.47
CA LEU B 1904 3.80 -57.33 95.53
C LEU B 1904 4.33 -56.04 94.92
N SER B 1905 5.03 -55.24 95.72
CA SER B 1905 5.61 -53.99 95.22
C SER B 1905 6.87 -54.26 94.41
N ILE B 1906 7.06 -53.48 93.35
CA ILE B 1906 8.22 -53.65 92.49
C ILE B 1906 9.47 -53.03 93.11
N LYS B 1907 9.30 -51.93 93.85
CA LYS B 1907 10.43 -51.32 94.55
C LYS B 1907 10.92 -52.21 95.69
N GLY B 1908 10.04 -52.99 96.31
CA GLY B 1908 10.44 -53.94 97.32
C GLY B 1908 11.15 -55.17 96.80
N LEU B 1909 11.18 -55.36 95.47
CA LEU B 1909 11.94 -56.47 94.91
C LEU B 1909 13.45 -56.25 95.04
N ASN B 1910 13.88 -54.98 95.02
CA ASN B 1910 15.28 -54.56 95.12
C ASN B 1910 16.13 -55.21 94.02
N LEU B 1911 15.79 -54.90 92.78
CA LEU B 1911 16.52 -55.46 91.65
C LEU B 1911 17.68 -54.59 91.20
N VAL B 1912 17.79 -53.36 91.72
CA VAL B 1912 18.94 -52.52 91.42
C VAL B 1912 20.15 -52.87 92.27
N GLU B 1913 19.99 -53.77 93.25
CA GLU B 1913 21.11 -54.27 94.02
C GLU B 1913 21.83 -55.43 93.36
N ASP B 1914 21.26 -56.00 92.29
CA ASP B 1914 21.89 -57.13 91.63
C ASP B 1914 23.11 -56.70 90.83
N TYR B 1915 22.99 -55.61 90.09
CA TYR B 1915 24.09 -55.03 89.31
C TYR B 1915 24.30 -53.61 89.82
N PRO B 1916 24.97 -53.46 90.96
CA PRO B 1916 25.01 -52.16 91.65
C PRO B 1916 26.01 -51.18 91.05
N GLU B 1917 26.25 -50.10 91.79
CA GLU B 1917 27.37 -49.22 91.54
C GLU B 1917 28.70 -49.93 91.83
N THR B 1918 29.80 -49.22 91.58
CA THR B 1918 31.22 -49.61 91.51
C THR B 1918 31.53 -50.48 90.30
N MET B 1919 30.54 -50.84 89.49
CA MET B 1919 30.75 -51.24 88.11
C MET B 1919 29.75 -50.46 87.27
N HIS B 1920 30.26 -49.81 86.22
CA HIS B 1920 29.57 -48.69 85.59
C HIS B 1920 28.79 -49.18 84.37
N LEU B 1921 27.48 -49.35 84.56
CA LEU B 1921 26.56 -49.76 83.51
C LEU B 1921 25.15 -49.43 83.96
N GLY B 1922 24.22 -49.46 83.00
CA GLY B 1922 22.83 -49.31 83.36
C GLY B 1922 22.35 -47.94 83.76
N ASP B 1923 22.26 -47.02 82.80
CA ASP B 1923 21.52 -45.78 83.04
C ASP B 1923 20.06 -46.08 83.34
N ILE B 1924 19.40 -46.86 82.47
CA ILE B 1924 18.00 -47.22 82.67
C ILE B 1924 17.87 -48.74 82.71
N ARG B 1925 16.99 -49.22 83.59
CA ARG B 1925 16.62 -50.63 83.68
C ARG B 1925 15.15 -50.76 83.31
N ARG B 1926 14.86 -51.51 82.26
CA ARG B 1926 13.51 -51.65 81.74
C ARG B 1926 13.11 -53.12 81.78
N ILE B 1927 11.90 -53.40 82.27
CA ILE B 1927 11.41 -54.78 82.29
C ILE B 1927 11.05 -55.20 80.88
N LYS B 1928 11.56 -56.34 80.45
CA LYS B 1928 11.29 -56.87 79.12
C LYS B 1928 10.08 -57.79 79.12
N GLN B 1929 10.00 -58.73 80.07
CA GLN B 1929 8.95 -59.75 80.06
C GLN B 1929 8.89 -60.39 81.44
N ILE B 1930 7.68 -60.61 81.93
CA ILE B 1930 7.45 -61.25 83.23
C ILE B 1930 6.66 -62.53 83.01
N SER B 1931 7.23 -63.66 83.40
CA SER B 1931 6.57 -64.95 83.34
C SER B 1931 6.47 -65.54 84.73
N VAL B 1932 5.46 -66.38 84.94
CA VAL B 1932 5.10 -66.90 86.26
C VAL B 1932 5.20 -68.41 86.23
N SER B 1933 5.76 -68.99 87.30
CA SER B 1933 5.69 -70.42 87.53
C SER B 1933 4.96 -70.69 88.83
N LEU B 1934 4.24 -71.80 88.87
CA LEU B 1934 3.48 -72.22 90.06
C LEU B 1934 3.85 -73.65 90.41
N PRO B 1935 4.52 -73.89 91.54
CA PRO B 1935 4.84 -75.26 91.97
C PRO B 1935 3.68 -75.92 92.73
N ALA B 1936 2.47 -75.81 92.19
CA ALA B 1936 1.29 -76.44 92.75
C ALA B 1936 1.08 -77.81 92.10
N LEU B 1937 0.20 -78.60 92.68
CA LEU B 1937 -0.20 -79.87 92.10
C LEU B 1937 -1.53 -79.70 91.38
N LEU B 1938 -1.57 -80.09 90.11
CA LEU B 1938 -2.77 -79.95 89.30
C LEU B 1938 -3.19 -81.31 88.78
N GLY B 1939 -2.24 -82.23 88.65
CA GLY B 1939 -2.52 -83.54 88.15
C GLY B 1939 -2.72 -83.55 86.65
N PRO B 1940 -3.71 -84.31 86.18
CA PRO B 1940 -3.90 -84.45 84.73
C PRO B 1940 -4.34 -83.19 83.99
N TYR B 1941 -5.49 -82.60 84.36
CA TYR B 1941 -6.05 -81.53 83.54
C TYR B 1941 -6.70 -80.42 84.35
N GLN B 1942 -6.27 -80.18 85.58
CA GLN B 1942 -6.85 -79.10 86.37
C GLN B 1942 -6.10 -77.80 86.08
N ASP B 1943 -6.85 -76.71 85.99
CA ASP B 1943 -6.31 -75.43 85.53
C ASP B 1943 -6.29 -74.42 86.68
N VAL B 1944 -5.29 -73.54 86.64
CA VAL B 1944 -5.25 -72.38 87.53
C VAL B 1944 -5.68 -71.16 86.74
N GLN B 1945 -6.64 -70.43 87.27
CA GLN B 1945 -6.94 -69.08 86.80
C GLN B 1945 -6.25 -68.09 87.73
N ALA B 1946 -5.63 -67.08 87.14
CA ALA B 1946 -4.93 -66.03 87.88
C ALA B 1946 -4.69 -64.87 86.93
N THR B 1947 -4.45 -63.69 87.50
CA THR B 1947 -4.14 -62.50 86.73
C THR B 1947 -2.84 -61.90 87.21
N LEU B 1948 -2.42 -60.84 86.52
CA LEU B 1948 -1.37 -59.94 86.98
C LEU B 1948 -1.74 -58.54 86.51
N ASP B 1949 -1.53 -57.55 87.38
CA ASP B 1949 -1.84 -56.18 87.04
C ASP B 1949 -0.68 -55.28 87.44
N TYR B 1950 -0.67 -54.08 86.86
CA TYR B 1950 0.27 -53.04 87.22
C TYR B 1950 -0.48 -51.89 87.87
N ALA B 1951 0.05 -51.37 88.97
CA ALA B 1951 -0.69 -50.43 89.79
C ALA B 1951 -0.24 -48.98 89.64
N GLY B 1952 1.03 -48.75 89.39
CA GLY B 1952 1.54 -47.39 89.33
C GLY B 1952 1.12 -46.66 88.07
N GLU B 1953 1.47 -45.38 88.03
CA GLU B 1953 1.18 -44.56 86.86
C GLU B 1953 2.21 -44.82 85.77
N ASN B 1954 1.73 -44.99 84.54
CA ASN B 1954 2.62 -45.30 83.42
C ASN B 1954 1.89 -44.86 82.14
N THR B 1955 2.37 -43.77 81.54
CA THR B 1955 1.81 -43.27 80.29
C THR B 1955 2.50 -43.86 79.06
N HIS B 1956 3.10 -45.04 79.19
CA HIS B 1956 3.86 -45.64 78.10
C HIS B 1956 3.50 -47.08 77.82
N LEU B 1957 2.79 -47.76 78.72
CA LEU B 1957 2.22 -49.05 78.39
C LEU B 1957 1.14 -48.87 77.35
N ALA B 1958 1.20 -49.66 76.27
CA ALA B 1958 0.57 -49.25 75.02
C ALA B 1958 -0.95 -49.42 75.03
N LYS B 1959 -1.43 -50.67 75.05
CA LYS B 1959 -2.86 -50.94 75.05
C LYS B 1959 -3.06 -52.35 75.53
N GLY B 1960 -3.62 -52.52 76.72
CA GLY B 1960 -3.84 -53.85 77.26
C GLY B 1960 -2.60 -54.58 77.68
N CYS B 1961 -1.46 -53.88 77.82
CA CYS B 1961 -0.22 -54.48 78.24
C CYS B 1961 -0.02 -54.42 79.75
N THR B 1962 -1.05 -54.04 80.50
CA THR B 1962 -0.98 -54.06 81.95
C THR B 1962 -1.37 -55.40 82.54
N ALA B 1963 -2.01 -56.26 81.75
CA ALA B 1963 -2.59 -57.50 82.26
C ALA B 1963 -1.90 -58.71 81.66
N LEU B 1964 -2.08 -59.84 82.34
CA LEU B 1964 -1.47 -61.11 81.97
C LEU B 1964 -2.21 -62.19 82.74
N ALA B 1965 -2.52 -63.30 82.07
CA ALA B 1965 -3.28 -64.38 82.67
C ALA B 1965 -2.45 -65.66 82.77
N ILE B 1966 -2.77 -66.46 83.77
CA ILE B 1966 -2.09 -67.72 84.03
C ILE B 1966 -3.04 -68.85 83.70
N SER B 1967 -2.54 -69.90 83.05
CA SER B 1967 -3.38 -71.05 82.78
C SER B 1967 -2.68 -72.40 82.92
N ARG B 1968 -1.38 -72.45 83.21
CA ARG B 1968 -0.67 -73.72 83.17
C ARG B 1968 -0.02 -74.11 84.49
N GLY B 1969 0.66 -73.18 85.15
CA GLY B 1969 1.45 -73.50 86.33
C GLY B 1969 2.93 -73.66 86.07
N MET B 1970 3.30 -74.08 84.85
CA MET B 1970 4.70 -74.12 84.44
C MET B 1970 5.15 -72.69 84.10
N ASN B 1971 6.39 -72.55 83.65
CA ASN B 1971 6.93 -71.24 83.27
C ASN B 1971 6.22 -70.80 81.99
N ASP B 1972 5.19 -69.97 82.15
CA ASP B 1972 4.36 -69.54 81.05
C ASP B 1972 4.15 -68.03 81.10
N SER B 1973 3.70 -67.48 79.99
CA SER B 1973 3.46 -66.05 79.86
C SER B 1973 2.03 -65.82 79.40
N GLY B 1974 1.69 -64.56 79.16
CA GLY B 1974 0.38 -64.21 78.67
C GLY B 1974 0.32 -64.12 77.16
N GLN B 1975 0.98 -65.04 76.48
CA GLN B 1975 0.92 -65.18 75.04
C GLN B 1975 0.99 -66.65 74.67
N PHE B 1976 0.29 -67.03 73.60
CA PHE B 1976 0.52 -68.33 73.00
C PHE B 1976 1.84 -68.28 72.22
N GLN B 1977 2.68 -69.30 72.41
CA GLN B 1977 4.02 -69.49 71.81
C GLN B 1977 4.86 -68.21 71.88
N LEU B 1978 5.20 -67.84 73.12
CA LEU B 1978 5.94 -66.62 73.48
C LEU B 1978 7.22 -66.43 72.67
N ASP B 1979 7.27 -65.35 71.89
CA ASP B 1979 8.37 -65.11 70.96
C ASP B 1979 8.82 -63.67 71.10
N PHE B 1980 10.12 -63.48 71.35
CA PHE B 1980 10.70 -62.15 71.48
C PHE B 1980 10.98 -61.50 70.14
N ASN B 1981 11.11 -62.30 69.07
CA ASN B 1981 11.40 -61.78 67.74
C ASN B 1981 10.11 -61.56 66.96
N ASP B 1982 9.24 -60.73 67.53
CA ASP B 1982 7.97 -60.37 66.92
C ASP B 1982 7.86 -58.85 66.89
N GLY B 1983 7.03 -58.35 65.97
CA GLY B 1983 6.84 -56.92 65.82
C GLY B 1983 6.06 -56.25 66.94
N LYS B 1984 5.42 -57.03 67.81
CA LYS B 1984 4.63 -56.49 68.91
C LYS B 1984 5.47 -56.39 70.18
N TYR B 1985 4.96 -55.63 71.14
CA TYR B 1985 5.56 -55.61 72.46
C TYR B 1985 5.09 -56.81 73.29
N LEU B 1986 5.44 -56.81 74.56
CA LEU B 1986 5.08 -57.88 75.48
C LEU B 1986 4.29 -57.29 76.64
N PRO B 1987 3.58 -58.12 77.41
CA PRO B 1987 3.00 -57.61 78.66
C PRO B 1987 4.08 -57.22 79.64
N PHE B 1988 3.83 -56.11 80.34
CA PHE B 1988 4.72 -55.48 81.32
C PHE B 1988 6.05 -55.04 80.71
N GLU B 1989 6.08 -54.82 79.39
CA GLU B 1989 7.31 -54.38 78.72
C GLU B 1989 7.39 -52.87 78.78
N GLY B 1990 8.51 -52.37 79.30
CA GLY B 1990 8.69 -50.93 79.40
C GLY B 1990 8.39 -50.35 80.77
N ILE B 1991 8.56 -51.12 81.83
CA ILE B 1991 8.34 -50.66 83.19
C ILE B 1991 9.69 -50.56 83.89
N ASP B 1992 9.94 -49.43 84.54
CA ASP B 1992 11.17 -49.25 85.29
C ASP B 1992 11.21 -50.17 86.50
N ILE B 1993 12.43 -50.43 86.99
CA ILE B 1993 12.59 -51.21 88.20
C ILE B 1993 12.21 -50.39 89.42
N SER B 1994 12.74 -49.18 89.53
CA SER B 1994 12.47 -48.32 90.68
C SER B 1994 11.18 -47.53 90.44
N ASP B 1995 10.06 -48.24 90.50
CA ASP B 1995 8.74 -47.65 90.43
C ASP B 1995 7.99 -47.94 91.72
N LYS B 1996 6.94 -47.14 91.95
CA LYS B 1996 6.08 -47.33 93.11
C LYS B 1996 4.79 -48.06 92.75
N GLY B 1997 4.80 -48.83 91.67
CA GLY B 1997 3.66 -49.67 91.35
C GLY B 1997 3.82 -51.06 91.91
N THR B 1998 2.68 -51.73 92.09
CA THR B 1998 2.67 -53.07 92.67
C THR B 1998 2.12 -54.08 91.67
N LEU B 1999 2.68 -55.29 91.70
CA LEU B 1999 2.16 -56.40 90.92
C LEU B 1999 1.09 -57.09 91.74
N VAL B 2000 -0.13 -57.12 91.22
CA VAL B 2000 -1.31 -57.33 92.06
C VAL B 2000 -1.61 -58.81 92.26
N LEU B 2001 -1.62 -59.60 91.17
CA LEU B 2001 -1.71 -61.07 91.17
C LEU B 2001 -3.01 -61.55 91.85
N ARG B 2002 -4.13 -61.25 91.19
CA ARG B 2002 -5.43 -61.64 91.69
C ARG B 2002 -5.81 -63.03 91.22
N PHE B 2003 -6.19 -63.89 92.16
CA PHE B 2003 -6.85 -65.13 91.79
C PHE B 2003 -8.35 -64.92 91.76
N PRO B 2004 -9.08 -65.65 90.92
CA PRO B 2004 -10.55 -65.64 90.98
C PRO B 2004 -11.10 -66.40 92.17
N ASN B 2005 -12.43 -66.59 92.18
CA ASN B 2005 -13.21 -67.02 93.33
C ASN B 2005 -12.76 -68.34 93.95
N ALA B 2006 -12.27 -68.26 95.20
CA ALA B 2006 -11.77 -69.43 95.90
C ALA B 2006 -12.87 -70.22 96.59
N THR B 2007 -14.06 -69.63 96.78
CA THR B 2007 -15.22 -70.39 97.24
C THR B 2007 -15.67 -71.37 96.17
N SER B 2008 -15.45 -71.02 94.90
CA SER B 2008 -15.69 -71.86 93.74
C SER B 2008 -14.58 -72.88 93.56
N LYS B 2009 -14.45 -73.42 92.34
CA LYS B 2009 -13.54 -74.52 92.02
C LYS B 2009 -12.06 -74.25 92.30
N GLN B 2010 -11.67 -73.01 92.62
CA GLN B 2010 -10.29 -72.70 92.99
C GLN B 2010 -9.90 -73.30 94.34
N LYS B 2011 -10.87 -73.69 95.18
CA LYS B 2011 -10.54 -74.40 96.40
C LYS B 2011 -10.01 -75.78 96.07
N LEU B 2012 -9.04 -76.24 96.88
CA LEU B 2012 -8.21 -77.45 96.79
C LEU B 2012 -7.14 -77.29 95.70
N LEU B 2013 -7.21 -76.21 94.93
CA LEU B 2013 -6.13 -75.76 94.06
C LEU B 2013 -5.28 -74.71 94.76
N LEU B 2014 -5.94 -73.77 95.43
CA LEU B 2014 -5.23 -72.75 96.21
C LEU B 2014 -4.72 -73.28 97.55
N GLN B 2015 -5.19 -74.46 97.97
CA GLN B 2015 -4.71 -75.05 99.22
C GLN B 2015 -3.25 -75.49 99.07
N SER B 2016 -2.97 -76.29 98.06
CA SER B 2016 -1.60 -76.75 97.79
C SER B 2016 -0.89 -75.66 97.00
N LEU B 2017 -0.44 -74.62 97.71
CA LEU B 2017 0.29 -73.52 97.09
C LEU B 2017 1.51 -73.23 97.94
N SER B 2018 2.69 -73.59 97.43
CA SER B 2018 3.94 -73.29 98.12
C SER B 2018 4.24 -71.80 98.03
N ASP B 2019 4.44 -71.30 96.81
CA ASP B 2019 4.76 -69.90 96.55
C ASP B 2019 4.52 -69.62 95.07
N ILE B 2020 4.91 -68.42 94.63
CA ILE B 2020 4.77 -67.99 93.24
C ILE B 2020 6.15 -67.50 92.79
N ILE B 2021 6.63 -68.04 91.68
CA ILE B 2021 8.05 -67.94 91.33
C ILE B 2021 8.40 -66.61 90.67
N LEU B 2022 7.58 -66.15 89.72
CA LEU B 2022 7.69 -64.84 89.07
C LEU B 2022 9.05 -64.63 88.39
N HIS B 2023 9.27 -65.41 87.33
CA HIS B 2023 10.48 -65.26 86.52
C HIS B 2023 10.48 -63.90 85.82
N ILE B 2024 11.38 -63.01 86.22
CA ILE B 2024 11.44 -61.66 85.71
C ILE B 2024 12.62 -61.56 84.74
N ARG B 2025 12.34 -61.09 83.53
CA ARG B 2025 13.37 -60.85 82.52
C ARG B 2025 13.35 -59.36 82.22
N TYR B 2026 14.42 -58.67 82.59
CA TYR B 2026 14.52 -57.24 82.33
C TYR B 2026 15.78 -56.95 81.52
N THR B 2027 15.85 -55.72 81.02
CA THR B 2027 16.90 -55.30 80.11
C THR B 2027 17.66 -54.14 80.71
N ILE B 2028 18.96 -54.32 80.88
CA ILE B 2028 19.86 -53.23 81.26
C ILE B 2028 20.42 -52.60 80.00
N ARG B 2029 20.28 -51.28 79.88
CA ARG B 2029 20.78 -50.60 78.69
C ARG B 2029 21.22 -49.21 79.06
N SER B 2030 22.19 -48.70 78.32
CA SER B 2030 22.74 -47.38 78.57
C SER B 2030 21.80 -46.29 78.07
N ALA C 58 -49.45 18.57 -61.78
CA ALA C 58 -48.58 18.88 -60.65
C ALA C 58 -49.19 19.75 -59.52
N PRO C 59 -50.04 20.77 -59.80
CA PRO C 59 -50.83 21.33 -58.69
C PRO C 59 -51.95 20.42 -58.22
N LYS C 60 -52.36 19.43 -59.02
CA LYS C 60 -53.35 18.47 -58.58
C LYS C 60 -52.81 17.52 -57.51
N ILE C 61 -51.49 17.39 -57.41
CA ILE C 61 -50.90 16.71 -56.26
C ILE C 61 -50.84 17.67 -55.07
N LEU C 62 -50.67 18.96 -55.35
CA LEU C 62 -50.49 19.95 -54.29
C LEU C 62 -51.80 20.25 -53.57
N GLN C 63 -52.94 20.09 -54.25
CA GLN C 63 -54.25 20.40 -53.66
C GLN C 63 -54.66 19.51 -52.49
N PRO C 64 -54.48 18.17 -52.50
CA PRO C 64 -54.69 17.43 -51.25
C PRO C 64 -53.65 17.75 -50.19
N GLU C 65 -52.44 18.11 -50.59
CA GLU C 65 -51.45 18.60 -49.64
C GLU C 65 -51.83 19.98 -49.10
N ALA C 66 -52.63 20.74 -49.84
CA ALA C 66 -53.05 22.07 -49.42
C ALA C 66 -54.28 22.06 -48.54
N ARG C 67 -55.20 21.11 -48.75
CA ARG C 67 -56.47 21.17 -48.04
C ARG C 67 -56.36 20.59 -46.63
N THR C 68 -55.58 19.54 -46.44
CA THR C 68 -55.58 18.83 -45.16
C THR C 68 -54.71 19.53 -44.12
N ASP C 69 -53.39 19.51 -44.36
CA ASP C 69 -52.28 20.15 -43.62
C ASP C 69 -52.02 19.57 -42.23
N LEU C 70 -53.00 18.84 -41.68
CA LEU C 70 -53.05 18.31 -40.33
C LEU C 70 -54.40 17.60 -40.19
N SER C 71 -54.66 16.96 -39.05
CA SER C 71 -56.00 16.46 -38.78
C SER C 71 -56.42 16.67 -37.32
N LEU C 72 -55.70 17.52 -36.59
CA LEU C 72 -56.21 18.09 -35.36
C LEU C 72 -57.02 19.31 -35.77
N ALA C 73 -58.12 19.57 -35.05
CA ALA C 73 -59.08 20.56 -35.53
C ALA C 73 -58.52 21.98 -35.43
N GLU C 74 -58.28 22.45 -34.19
CA GLU C 74 -57.58 23.69 -33.84
C GLU C 74 -58.36 24.96 -34.24
N GLY C 75 -59.46 24.81 -34.97
CA GLY C 75 -60.31 25.92 -35.32
C GLY C 75 -59.75 26.88 -36.36
N ILE C 76 -58.66 27.56 -36.03
CA ILE C 76 -58.25 28.74 -36.78
C ILE C 76 -57.52 28.34 -38.06
N PRO C 77 -56.59 27.32 -38.09
CA PRO C 77 -56.24 26.77 -39.41
C PRO C 77 -57.27 25.75 -39.88
N GLU C 78 -57.27 25.44 -41.17
CA GLU C 78 -58.22 24.52 -41.76
C GLU C 78 -57.63 23.12 -41.78
N ARG C 79 -58.40 22.13 -41.34
CA ARG C 79 -57.94 20.76 -41.23
C ARG C 79 -58.93 19.82 -41.91
N ALA C 80 -58.41 18.73 -42.46
CA ALA C 80 -59.22 17.62 -42.94
C ALA C 80 -58.82 16.35 -42.20
N ASN C 81 -59.75 15.40 -42.17
CA ASN C 81 -59.65 14.24 -41.30
C ASN C 81 -58.70 13.18 -41.87
N GLU C 82 -58.77 11.98 -41.28
CA GLU C 82 -58.20 10.73 -41.80
C GLU C 82 -56.66 10.82 -41.88
N TYR C 83 -56.05 10.95 -40.71
CA TYR C 83 -54.61 11.01 -40.55
C TYR C 83 -54.05 9.59 -40.38
N ALA C 84 -52.79 9.51 -39.95
CA ALA C 84 -52.18 8.25 -39.56
C ALA C 84 -51.16 8.52 -38.47
N ASP C 85 -50.80 7.47 -37.76
CA ASP C 85 -49.71 7.55 -36.78
C ASP C 85 -48.39 7.67 -37.53
N PRO C 86 -47.58 8.69 -37.26
CA PRO C 86 -46.22 8.70 -37.80
C PRO C 86 -45.37 7.64 -37.13
N ALA C 87 -44.26 7.31 -37.81
CA ALA C 87 -43.41 6.15 -37.53
C ALA C 87 -44.23 4.86 -37.51
N SER C 88 -44.95 4.63 -38.60
CA SER C 88 -45.67 3.39 -38.83
C SER C 88 -45.78 3.19 -40.33
N ILE C 89 -46.01 1.93 -40.73
CA ILE C 89 -46.16 1.59 -42.15
C ILE C 89 -47.39 2.25 -42.74
N GLN C 90 -48.43 2.43 -41.94
CA GLN C 90 -49.68 3.04 -42.38
C GLN C 90 -49.56 4.54 -42.63
N SER C 91 -48.43 5.15 -42.27
CA SER C 91 -48.16 6.54 -42.63
C SER C 91 -47.81 6.66 -44.11
N LEU C 92 -47.67 7.90 -44.58
CA LEU C 92 -47.43 8.16 -45.99
C LEU C 92 -45.95 8.43 -46.30
N PHE C 93 -45.15 8.74 -45.30
CA PHE C 93 -43.72 8.94 -45.49
C PHE C 93 -42.90 7.81 -44.90
N SER C 94 -43.48 6.61 -44.86
CA SER C 94 -42.88 5.47 -44.20
C SER C 94 -41.86 4.80 -45.11
N PRO C 95 -41.03 3.90 -44.56
CA PRO C 95 -40.31 2.96 -45.43
C PRO C 95 -41.22 2.01 -46.19
N GLY C 96 -42.44 1.77 -45.71
CA GLY C 96 -43.37 0.94 -46.45
C GLY C 96 -43.87 1.62 -47.72
N ARG C 97 -44.15 2.92 -47.64
CA ARG C 97 -44.58 3.65 -48.83
C ARG C 97 -43.43 3.81 -49.81
N TYR C 98 -42.22 4.05 -49.30
CA TYR C 98 -41.04 4.12 -50.16
C TYR C 98 -40.76 2.78 -50.83
N LEU C 99 -40.96 1.69 -50.10
CA LEU C 99 -40.79 0.36 -50.68
C LEU C 99 -41.85 0.06 -51.72
N CYS C 100 -43.09 0.50 -51.49
CA CYS C 100 -44.17 0.31 -52.45
C CYS C 100 -43.90 1.09 -53.73
N GLU C 101 -43.47 2.34 -53.59
CA GLU C 101 -43.17 3.17 -54.77
C GLU C 101 -41.97 2.61 -55.52
N LEU C 102 -40.96 2.16 -54.80
CA LEU C 102 -39.76 1.63 -55.43
C LEU C 102 -40.03 0.30 -56.12
N TYR C 103 -40.93 -0.51 -55.57
CA TYR C 103 -41.29 -1.78 -56.19
C TYR C 103 -42.14 -1.59 -57.43
N HIS C 104 -43.11 -0.67 -57.37
CA HIS C 104 -43.95 -0.47 -58.54
C HIS C 104 -43.23 0.32 -59.64
N VAL C 105 -42.17 1.03 -59.31
CA VAL C 105 -41.25 1.50 -60.36
C VAL C 105 -40.44 0.33 -60.90
N ALA C 106 -39.94 -0.53 -60.00
CA ALA C 106 -38.91 -1.48 -60.36
C ALA C 106 -39.45 -2.67 -61.15
N LYS C 107 -40.73 -3.01 -61.00
CA LYS C 107 -41.27 -4.12 -61.77
C LYS C 107 -41.77 -3.71 -63.15
N GLU C 108 -41.46 -2.50 -63.60
CA GLU C 108 -41.85 -2.03 -64.92
C GLU C 108 -40.67 -1.79 -65.84
N LEU C 109 -39.48 -2.27 -65.47
CA LEU C 109 -38.27 -2.01 -66.23
C LEU C 109 -37.82 -3.16 -67.11
N HIS C 110 -38.32 -4.36 -66.88
CA HIS C 110 -38.10 -5.49 -67.77
C HIS C 110 -39.45 -6.04 -68.22
N GLU C 111 -39.42 -6.82 -69.29
CA GLU C 111 -40.58 -7.60 -69.67
C GLU C 111 -40.80 -8.72 -68.65
N ASP C 112 -42.07 -9.06 -68.41
CA ASP C 112 -42.42 -10.08 -67.42
C ASP C 112 -41.90 -11.46 -67.79
N GLY C 113 -41.68 -11.75 -69.06
CA GLY C 113 -41.14 -13.03 -69.47
C GLY C 113 -39.64 -13.19 -69.32
N ASN C 114 -38.92 -12.11 -69.03
CA ASN C 114 -37.48 -12.16 -68.91
C ASN C 114 -37.06 -12.90 -67.65
N LYS C 115 -35.81 -13.36 -67.65
CA LYS C 115 -35.19 -13.93 -66.47
C LYS C 115 -34.61 -12.88 -65.54
N LEU C 116 -34.58 -11.61 -65.98
CA LEU C 116 -34.05 -10.52 -65.18
C LEU C 116 -35.14 -9.79 -64.42
N HIS C 117 -36.41 -10.14 -64.63
CA HIS C 117 -37.52 -9.55 -63.90
C HIS C 117 -37.43 -9.95 -62.43
N ILE C 118 -37.96 -9.09 -61.56
CA ILE C 118 -37.82 -9.29 -60.11
C ILE C 118 -38.60 -10.51 -59.65
N ASP C 119 -39.84 -10.63 -60.12
CA ASP C 119 -40.67 -11.78 -59.73
C ASP C 119 -40.17 -13.08 -60.34
N LYS C 120 -39.31 -13.02 -61.35
CA LYS C 120 -38.65 -14.21 -61.86
C LYS C 120 -37.34 -14.50 -61.13
N ARG C 121 -36.60 -13.47 -60.72
CA ARG C 121 -35.36 -13.72 -59.99
C ARG C 121 -35.58 -13.86 -58.49
N ARG C 122 -36.57 -13.18 -57.90
CA ARG C 122 -36.89 -13.31 -56.49
C ARG C 122 -38.40 -13.27 -56.33
N PRO C 123 -39.05 -14.43 -56.21
CA PRO C 123 -40.48 -14.45 -55.88
C PRO C 123 -40.80 -14.06 -54.44
N ASP C 124 -39.78 -13.85 -53.60
CA ASP C 124 -40.03 -13.52 -52.20
C ASP C 124 -40.57 -12.10 -52.04
N LEU C 125 -40.07 -11.16 -52.85
CA LEU C 125 -40.45 -9.76 -52.71
C LEU C 125 -41.89 -9.49 -53.14
N GLN C 126 -42.49 -10.38 -53.92
CA GLN C 126 -43.88 -10.20 -54.31
C GLN C 126 -44.82 -10.45 -53.15
N ASP C 127 -44.42 -11.29 -52.19
CA ASP C 127 -45.29 -11.72 -51.10
C ASP C 127 -44.82 -11.17 -49.76
N LEU C 128 -44.11 -10.05 -49.76
CA LEU C 128 -43.67 -9.43 -48.52
C LEU C 128 -44.83 -8.68 -47.89
N VAL C 129 -45.07 -8.92 -46.61
CA VAL C 129 -46.20 -8.32 -45.91
C VAL C 129 -45.79 -6.95 -45.38
N LEU C 130 -46.47 -5.91 -45.84
CA LEU C 130 -46.26 -4.57 -45.29
C LEU C 130 -46.88 -4.47 -43.92
N ASN C 131 -46.08 -4.70 -42.89
CA ASN C 131 -46.54 -4.74 -41.52
C ASN C 131 -45.54 -3.98 -40.67
N ASN C 132 -46.02 -3.39 -39.57
CA ASN C 132 -45.11 -2.69 -38.67
C ASN C 132 -44.20 -3.65 -37.91
N SER C 133 -44.62 -4.91 -37.77
CA SER C 133 -43.71 -5.95 -37.29
C SER C 133 -42.57 -6.18 -38.27
N ASN C 134 -42.87 -6.15 -39.57
CA ASN C 134 -41.81 -6.24 -40.57
C ASN C 134 -40.98 -4.97 -40.64
N MET C 135 -41.49 -3.86 -40.11
CA MET C 135 -40.72 -2.62 -40.08
C MET C 135 -39.74 -2.60 -38.91
N ASN C 136 -40.19 -2.93 -37.71
CA ASN C 136 -39.43 -2.59 -36.52
C ASN C 136 -38.69 -3.77 -35.88
N GLN C 137 -38.97 -5.01 -36.27
CA GLN C 137 -38.30 -6.16 -35.67
C GLN C 137 -36.87 -6.27 -36.20
N GLU C 138 -35.92 -6.44 -35.29
CA GLU C 138 -34.51 -6.57 -35.64
C GLU C 138 -34.22 -8.02 -36.01
N VAL C 139 -34.64 -8.40 -37.21
CA VAL C 139 -34.29 -9.70 -37.76
C VAL C 139 -32.84 -9.65 -38.22
N SER C 140 -32.08 -10.71 -37.92
CA SER C 140 -30.69 -10.73 -38.35
C SER C 140 -30.60 -11.06 -39.83
N SER C 141 -29.55 -10.53 -40.47
CA SER C 141 -29.16 -11.00 -41.79
C SER C 141 -28.50 -12.37 -41.65
N LEU C 142 -28.22 -12.99 -42.81
CA LEU C 142 -27.78 -14.38 -43.01
C LEU C 142 -28.91 -15.38 -42.68
N GLU C 143 -30.07 -14.89 -42.27
CA GLU C 143 -31.26 -15.72 -42.22
C GLU C 143 -32.09 -15.53 -43.48
N ILE C 144 -32.19 -14.28 -43.96
CA ILE C 144 -32.92 -13.98 -45.17
C ILE C 144 -32.22 -14.56 -46.39
N LEU C 145 -30.88 -14.49 -46.39
CA LEU C 145 -30.09 -15.06 -47.48
C LEU C 145 -30.27 -16.57 -47.57
N LEU C 146 -30.23 -17.25 -46.41
CA LEU C 146 -30.44 -18.69 -46.41
C LEU C 146 -31.86 -19.07 -46.79
N ASN C 147 -32.85 -18.25 -46.41
CA ASN C 147 -34.22 -18.54 -46.80
C ASN C 147 -34.42 -18.40 -48.30
N VAL C 148 -33.81 -17.37 -48.90
CA VAL C 148 -33.94 -17.18 -50.35
C VAL C 148 -33.17 -18.26 -51.12
N LEU C 149 -32.02 -18.69 -50.59
CA LEU C 149 -31.27 -19.74 -51.26
C LEU C 149 -31.94 -21.11 -51.11
N GLN C 150 -32.58 -21.36 -49.97
CA GLN C 150 -33.32 -22.60 -49.78
C GLN C 150 -34.69 -22.58 -50.42
N THR C 151 -35.16 -21.42 -50.90
CA THR C 151 -36.39 -21.39 -51.67
C THR C 151 -36.23 -22.14 -52.99
N LYS C 152 -35.09 -21.97 -53.67
CA LYS C 152 -34.88 -22.65 -54.95
C LYS C 152 -34.48 -24.10 -54.74
N THR C 153 -33.35 -24.34 -54.09
CA THR C 153 -32.87 -25.69 -53.83
C THR C 153 -32.83 -25.94 -52.33
N PRO C 154 -33.47 -27.00 -51.85
CA PRO C 154 -33.51 -27.24 -50.40
C PRO C 154 -32.15 -27.70 -49.87
N LEU C 155 -32.10 -27.82 -48.54
CA LEU C 155 -30.84 -28.13 -47.88
C LEU C 155 -30.49 -29.61 -47.99
N ASP C 156 -31.49 -30.48 -48.12
CA ASP C 156 -31.21 -31.92 -48.22
C ASP C 156 -30.61 -32.30 -49.57
N GLU C 157 -30.74 -31.42 -50.57
CA GLU C 157 -30.10 -31.64 -51.86
C GLU C 157 -28.58 -31.61 -51.74
N LEU C 158 -28.05 -30.83 -50.79
CA LEU C 158 -26.61 -30.77 -50.58
C LEU C 158 -26.07 -32.06 -49.98
N THR C 159 -26.82 -32.68 -49.07
CA THR C 159 -26.40 -33.95 -48.49
C THR C 159 -26.53 -35.08 -49.51
N LYS C 160 -27.56 -35.03 -50.34
CA LYS C 160 -27.79 -36.03 -51.37
C LYS C 160 -26.90 -35.81 -52.60
N ASP C 161 -26.15 -34.71 -52.64
CA ASP C 161 -25.46 -34.28 -53.86
C ASP C 161 -24.31 -35.21 -54.23
N THR C 162 -24.02 -35.26 -55.54
CA THR C 162 -22.90 -36.02 -56.07
C THR C 162 -21.61 -35.20 -55.97
N GLU C 163 -20.58 -35.66 -56.65
CA GLU C 163 -19.21 -35.19 -56.49
C GLU C 163 -18.73 -34.47 -57.75
N ALA C 164 -17.48 -33.99 -57.67
CA ALA C 164 -16.68 -33.54 -58.82
C ALA C 164 -17.34 -32.39 -59.58
N HIS C 165 -17.45 -31.26 -58.89
CA HIS C 165 -18.18 -30.11 -59.41
C HIS C 165 -17.24 -29.17 -60.17
N ALA C 166 -17.78 -28.07 -60.68
CA ALA C 166 -17.14 -27.30 -61.74
C ALA C 166 -16.13 -26.29 -61.19
N ASN C 167 -15.14 -26.78 -60.44
CA ASN C 167 -13.92 -26.07 -60.06
C ASN C 167 -14.23 -24.79 -59.26
N ASP C 168 -14.85 -24.98 -58.10
CA ASP C 168 -15.19 -23.88 -57.24
C ASP C 168 -14.07 -23.62 -56.22
N SER C 169 -14.04 -22.38 -55.73
CA SER C 169 -13.08 -22.03 -54.70
C SER C 169 -13.51 -22.61 -53.36
N SER C 170 -12.51 -22.92 -52.53
CA SER C 170 -12.61 -23.38 -51.13
C SER C 170 -13.23 -24.77 -50.96
N PHE C 171 -13.71 -25.38 -52.05
CA PHE C 171 -14.06 -26.81 -52.14
C PHE C 171 -15.10 -27.24 -51.10
N THR C 172 -16.06 -26.38 -50.81
CA THR C 172 -17.05 -26.69 -49.80
C THR C 172 -18.24 -27.47 -50.36
N LEU C 173 -18.30 -27.70 -51.66
CA LEU C 173 -19.54 -28.15 -52.29
C LEU C 173 -19.85 -29.63 -52.06
N PRO C 174 -18.87 -30.61 -52.07
CA PRO C 174 -19.24 -31.95 -51.60
C PRO C 174 -19.49 -31.94 -50.10
N TYR C 175 -20.69 -31.53 -49.73
CA TYR C 175 -21.00 -31.03 -48.41
C TYR C 175 -21.90 -32.00 -47.65
N ASP C 176 -21.62 -32.15 -46.36
CA ASP C 176 -22.47 -32.89 -45.45
C ASP C 176 -22.79 -31.97 -44.28
N ASP C 177 -24.07 -31.71 -44.07
CA ASP C 177 -24.47 -30.84 -42.97
C ASP C 177 -24.25 -31.50 -41.62
N ASN C 178 -24.34 -32.83 -41.58
CA ASN C 178 -24.33 -33.56 -40.31
C ASN C 178 -22.96 -33.51 -39.65
N LEU C 179 -21.89 -33.70 -40.43
CA LEU C 179 -20.54 -33.60 -39.88
C LEU C 179 -20.22 -32.18 -39.44
N THR C 180 -20.77 -31.19 -40.14
CA THR C 180 -20.57 -29.79 -39.75
C THR C 180 -21.28 -29.47 -38.45
N VAL C 181 -22.49 -30.00 -38.27
CA VAL C 181 -23.23 -29.80 -37.01
C VAL C 181 -22.51 -30.47 -35.86
N ILE C 182 -22.03 -31.71 -36.06
CA ILE C 182 -21.30 -32.43 -35.01
C ILE C 182 -20.01 -31.71 -34.65
N ASN C 183 -19.28 -31.22 -35.66
CA ASN C 183 -18.02 -30.52 -35.41
C ASN C 183 -18.25 -29.20 -34.69
N ALA C 184 -19.28 -28.44 -35.08
CA ALA C 184 -19.53 -27.15 -34.44
C ALA C 184 -20.07 -27.31 -33.03
N ILE C 185 -20.88 -28.34 -32.79
CA ILE C 185 -21.30 -28.65 -31.42
C ILE C 185 -20.11 -29.08 -30.57
N LEU C 186 -19.16 -29.79 -31.17
CA LEU C 186 -17.98 -30.19 -30.42
C LEU C 186 -16.92 -29.09 -30.31
N GLU C 187 -17.08 -27.98 -31.03
CA GLU C 187 -16.13 -26.87 -30.88
C GLU C 187 -16.17 -26.27 -29.48
N ASP C 188 -17.33 -25.73 -29.08
CA ASP C 188 -17.40 -24.98 -27.83
C ASP C 188 -17.36 -25.86 -26.59
N LYS C 189 -17.63 -27.15 -26.72
CA LYS C 189 -17.62 -28.07 -25.59
C LYS C 189 -16.22 -28.54 -25.22
N ALA C 190 -15.19 -28.09 -25.97
CA ALA C 190 -13.78 -28.46 -25.78
C ALA C 190 -13.57 -29.97 -25.85
N ILE C 191 -14.15 -30.59 -26.88
CA ILE C 191 -14.02 -32.02 -27.16
C ILE C 191 -13.76 -32.16 -28.65
N SER C 192 -12.61 -32.68 -29.02
CA SER C 192 -12.43 -33.04 -30.42
C SER C 192 -12.91 -34.48 -30.64
N LEU C 193 -12.98 -34.88 -31.91
CA LEU C 193 -13.23 -36.28 -32.20
C LEU C 193 -12.05 -37.15 -31.77
N ARG C 194 -10.85 -36.60 -31.80
CA ARG C 194 -9.70 -37.32 -31.26
C ARG C 194 -9.78 -37.40 -29.74
N GLU C 195 -10.21 -36.33 -29.09
CA GLU C 195 -10.32 -36.35 -27.62
C GLU C 195 -11.46 -37.25 -27.17
N ILE C 196 -12.52 -37.37 -27.97
CA ILE C 196 -13.59 -38.31 -27.66
C ILE C 196 -13.22 -39.72 -28.09
N ALA C 197 -12.15 -39.88 -28.89
CA ALA C 197 -11.67 -41.21 -29.24
C ALA C 197 -10.60 -41.72 -28.30
N VAL C 198 -9.88 -40.84 -27.61
CA VAL C 198 -8.88 -41.28 -26.64
C VAL C 198 -9.54 -41.84 -25.39
N LEU C 199 -10.56 -41.13 -24.87
CA LEU C 199 -11.26 -41.57 -23.67
C LEU C 199 -12.07 -42.84 -23.89
N LEU C 200 -12.51 -43.11 -25.12
CA LEU C 200 -13.39 -44.24 -25.39
C LEU C 200 -12.65 -45.37 -26.11
N THR C 201 -11.36 -45.52 -25.83
CA THR C 201 -10.55 -46.58 -26.43
C THR C 201 -10.11 -47.53 -25.33
N GLU C 202 -10.53 -48.80 -25.44
CA GLU C 202 -10.11 -49.82 -24.48
C GLU C 202 -8.66 -50.24 -24.70
N GLU C 203 -8.11 -49.94 -25.87
CA GLU C 203 -6.78 -50.39 -26.28
C GLU C 203 -5.74 -49.35 -25.89
N SER C 204 -4.55 -49.46 -26.48
CA SER C 204 -3.47 -48.48 -26.35
C SER C 204 -3.71 -47.29 -27.28
N ASP C 205 -2.65 -46.53 -27.56
CA ASP C 205 -2.70 -45.43 -28.51
C ASP C 205 -3.26 -45.87 -29.85
N PHE C 206 -4.12 -45.03 -30.42
CA PHE C 206 -5.07 -45.46 -31.44
C PHE C 206 -4.42 -45.68 -32.79
N SER C 207 -4.90 -46.68 -33.50
CA SER C 207 -4.65 -46.79 -34.93
C SER C 207 -5.37 -45.64 -35.64
N PRO C 208 -4.80 -45.12 -36.74
CA PRO C 208 -5.40 -43.94 -37.39
C PRO C 208 -6.68 -44.26 -38.14
N THR C 209 -7.81 -44.27 -37.43
CA THR C 209 -9.10 -44.54 -38.06
C THR C 209 -9.49 -43.39 -38.98
N PRO C 210 -10.14 -43.69 -40.12
CA PRO C 210 -10.44 -42.64 -41.10
C PRO C 210 -11.59 -41.72 -40.75
N ALA C 211 -12.14 -41.79 -39.54
CA ALA C 211 -13.01 -40.72 -39.08
C ALA C 211 -12.24 -39.66 -38.30
N LEU C 212 -11.00 -39.95 -37.95
CA LEU C 212 -10.15 -38.96 -37.29
C LEU C 212 -9.33 -38.15 -38.27
N VAL C 213 -9.13 -38.65 -39.49
CA VAL C 213 -8.51 -37.84 -40.53
C VAL C 213 -9.47 -36.75 -40.99
N GLN C 214 -10.77 -37.01 -40.94
CA GLN C 214 -11.75 -36.05 -41.44
C GLN C 214 -11.96 -34.88 -40.50
N GLU C 215 -11.54 -34.99 -39.24
CA GLU C 215 -11.74 -33.92 -38.27
C GLU C 215 -10.60 -32.91 -38.27
N GLN C 216 -9.36 -33.39 -38.26
CA GLN C 216 -8.22 -32.47 -38.26
C GLN C 216 -7.97 -31.92 -39.65
N LEU C 217 -7.67 -32.80 -40.60
CA LEU C 217 -7.70 -32.45 -42.01
C LEU C 217 -9.16 -32.21 -42.40
N GLY C 218 -9.51 -30.95 -42.63
CA GLY C 218 -10.90 -30.56 -42.91
C GLY C 218 -11.48 -31.21 -44.15
N LEU C 219 -12.39 -32.17 -43.94
CA LEU C 219 -12.73 -33.10 -45.00
C LEU C 219 -14.02 -33.81 -44.65
N ASN C 220 -14.88 -34.00 -45.64
CA ASN C 220 -16.17 -34.66 -45.49
C ASN C 220 -16.04 -36.16 -45.75
N PRO C 221 -17.00 -36.97 -45.29
CA PRO C 221 -16.99 -38.38 -45.68
C PRO C 221 -17.41 -38.61 -47.13
N ALA C 222 -17.94 -37.60 -47.81
CA ALA C 222 -18.15 -37.67 -49.25
C ALA C 222 -16.94 -37.20 -50.02
N SER C 223 -16.16 -36.27 -49.45
CA SER C 223 -14.89 -35.90 -50.06
C SER C 223 -13.84 -36.98 -49.84
N TYR C 224 -13.99 -37.79 -48.79
CA TYR C 224 -13.04 -38.86 -48.53
C TYR C 224 -13.18 -40.01 -49.52
N ALA C 225 -14.34 -40.14 -50.15
CA ALA C 225 -14.61 -41.22 -51.09
C ALA C 225 -14.25 -40.87 -52.52
N LEU C 226 -13.52 -39.78 -52.74
CA LEU C 226 -13.14 -39.37 -54.10
C LEU C 226 -11.67 -39.05 -54.25
N ILE C 227 -10.93 -38.79 -53.17
CA ILE C 227 -9.60 -38.19 -53.26
C ILE C 227 -8.55 -39.29 -53.25
N ASP C 228 -8.90 -40.45 -53.81
CA ASP C 228 -7.99 -41.53 -54.18
C ASP C 228 -6.71 -41.02 -54.83
N ILE C 229 -5.60 -41.67 -54.48
CA ILE C 229 -4.28 -41.09 -54.63
C ILE C 229 -3.42 -41.88 -55.61
N LYS C 230 -2.43 -41.20 -56.17
CA LYS C 230 -1.31 -41.78 -56.89
C LYS C 230 -0.06 -41.08 -56.41
N SER C 231 1.07 -41.27 -57.10
CA SER C 231 2.28 -40.62 -56.62
C SER C 231 2.34 -39.14 -57.04
N PRO C 232 1.92 -38.74 -58.27
CA PRO C 232 1.29 -37.41 -58.38
C PRO C 232 -0.22 -37.56 -58.34
N LEU C 233 -0.94 -36.64 -57.69
CA LEU C 233 -2.38 -36.88 -57.53
C LEU C 233 -3.14 -36.50 -58.78
N ASP C 234 -3.20 -35.20 -59.05
CA ASP C 234 -3.98 -34.53 -60.09
C ASP C 234 -3.68 -33.04 -59.90
N GLU C 235 -4.20 -32.22 -60.80
CA GLU C 235 -4.33 -30.81 -60.52
C GLU C 235 -5.69 -30.46 -59.93
N SER C 236 -6.42 -31.45 -59.43
CA SER C 236 -7.70 -31.24 -58.75
C SER C 236 -7.67 -31.69 -57.30
N TYR C 237 -7.24 -32.93 -57.03
CA TYR C 237 -7.24 -33.43 -55.66
C TYR C 237 -6.13 -32.79 -54.83
N ALA C 238 -5.03 -32.44 -55.48
CA ALA C 238 -3.97 -31.69 -54.82
C ALA C 238 -4.47 -30.33 -54.35
N LYS C 239 -5.35 -29.69 -55.13
CA LYS C 239 -5.95 -28.44 -54.71
C LYS C 239 -6.89 -28.64 -53.52
N ARG C 240 -7.62 -29.76 -53.49
CA ARG C 240 -8.50 -30.05 -52.37
C ARG C 240 -7.72 -30.27 -51.09
N LEU C 241 -6.65 -31.05 -51.15
CA LEU C 241 -5.86 -31.29 -49.96
C LEU C 241 -5.03 -30.07 -49.58
N ALA C 242 -4.67 -29.22 -50.55
CA ALA C 242 -3.93 -28.02 -50.27
C ALA C 242 -4.80 -26.90 -49.72
N HIS C 243 -6.11 -26.97 -49.94
CA HIS C 243 -7.03 -26.11 -49.22
C HIS C 243 -7.42 -26.70 -47.87
N ALA C 244 -7.46 -28.03 -47.76
CA ALA C 244 -7.73 -28.67 -46.48
C ALA C 244 -6.58 -28.46 -45.51
N THR C 245 -5.36 -28.59 -45.98
CA THR C 245 -4.20 -28.08 -45.26
C THR C 245 -4.07 -26.58 -45.51
N GLN C 246 -3.14 -25.95 -44.80
CA GLN C 246 -2.81 -24.56 -45.07
C GLN C 246 -1.55 -24.47 -45.92
N LEU C 247 -1.57 -25.16 -47.06
CA LEU C 247 -0.36 -25.34 -47.86
C LEU C 247 -0.63 -24.96 -49.31
N SER C 248 0.42 -25.06 -50.12
CA SER C 248 0.33 -24.86 -51.56
C SER C 248 0.23 -26.23 -52.25
N VAL C 249 0.33 -26.24 -53.57
CA VAL C 249 0.17 -27.47 -54.33
C VAL C 249 1.48 -28.23 -54.44
N GLU C 250 2.59 -27.50 -54.61
CA GLU C 250 3.89 -28.13 -54.82
C GLU C 250 4.38 -28.84 -53.57
N GLN C 251 4.26 -28.18 -52.41
CA GLN C 251 4.67 -28.78 -51.14
C GLN C 251 3.84 -30.00 -50.79
N LEU C 252 2.57 -30.00 -51.16
CA LEU C 252 1.74 -31.17 -50.90
C LEU C 252 2.02 -32.28 -51.90
N GLN C 253 2.47 -31.94 -53.11
CA GLN C 253 2.99 -32.97 -54.00
C GLN C 253 4.30 -33.56 -53.48
N TRP C 254 5.13 -32.75 -52.81
CA TRP C 254 6.29 -33.30 -52.11
C TRP C 254 5.87 -34.27 -51.00
N LEU C 255 4.85 -33.89 -50.22
CA LEU C 255 4.33 -34.75 -49.16
C LEU C 255 3.81 -36.07 -49.71
N ASN C 256 3.11 -36.04 -50.84
CA ASN C 256 2.57 -37.28 -51.38
C ASN C 256 3.64 -38.11 -52.09
N LYS C 257 4.65 -37.45 -52.66
CA LYS C 257 5.77 -38.20 -53.21
C LYS C 257 6.58 -38.88 -52.12
N ASN C 258 6.65 -38.25 -50.95
CA ASN C 258 7.46 -38.79 -49.86
C ASN C 258 6.72 -39.87 -49.08
N ALA C 259 5.51 -39.58 -48.60
CA ALA C 259 4.82 -40.46 -47.66
C ALA C 259 4.42 -41.79 -48.27
N ILE C 260 4.29 -41.88 -49.59
CA ILE C 260 4.06 -43.17 -50.23
C ILE C 260 5.31 -44.05 -50.13
N GLU C 261 6.50 -43.44 -50.16
CA GLU C 261 7.74 -44.21 -50.07
C GLU C 261 7.92 -44.82 -48.68
N ASN C 262 7.61 -44.08 -47.63
CA ASN C 262 7.73 -44.60 -46.27
C ASN C 262 6.38 -45.13 -45.78
N SER C 263 5.84 -46.07 -46.56
CA SER C 263 4.55 -46.67 -46.26
C SER C 263 4.67 -48.18 -46.26
N SER C 264 3.53 -48.88 -46.27
CA SER C 264 3.54 -50.33 -46.31
C SER C 264 4.12 -50.85 -47.62
N ASN C 265 3.52 -50.48 -48.75
CA ASN C 265 3.98 -50.92 -50.06
C ASN C 265 4.17 -49.72 -50.97
N LYS C 266 5.16 -49.84 -51.86
CA LYS C 266 5.54 -48.76 -52.78
C LYS C 266 4.55 -48.58 -53.92
N ASN C 267 3.71 -49.58 -54.21
CA ASN C 267 2.80 -49.53 -55.35
C ASN C 267 1.48 -48.83 -55.02
N ASP C 268 1.49 -47.98 -54.00
CA ASP C 268 0.37 -47.20 -53.46
C ASP C 268 -0.88 -48.02 -53.14
N PRO C 269 -0.87 -48.84 -52.08
CA PRO C 269 -2.15 -49.15 -51.42
C PRO C 269 -2.39 -48.14 -50.30
N ALA C 270 -3.48 -48.31 -49.56
CA ALA C 270 -3.71 -47.68 -48.25
C ALA C 270 -3.71 -46.15 -48.34
N LYS C 271 -4.76 -45.65 -49.00
CA LYS C 271 -5.13 -44.23 -48.96
C LYS C 271 -5.23 -43.70 -47.53
N LEU C 272 -5.75 -44.54 -46.62
CA LEU C 272 -5.89 -44.23 -45.21
C LEU C 272 -4.57 -43.83 -44.57
N GLU C 273 -3.48 -44.53 -44.92
CA GLU C 273 -2.18 -44.25 -44.33
C GLU C 273 -1.63 -42.90 -44.76
N ILE C 274 -1.74 -42.58 -46.04
CA ILE C 274 -1.21 -41.32 -46.57
C ILE C 274 -2.02 -40.15 -46.03
N LEU C 275 -3.35 -40.30 -45.97
CA LEU C 275 -4.15 -39.23 -45.39
C LEU C 275 -3.95 -39.12 -43.88
N ALA C 276 -3.58 -40.22 -43.22
CA ALA C 276 -3.24 -40.15 -41.80
C ALA C 276 -1.93 -39.39 -41.58
N VAL C 277 -0.96 -39.59 -42.48
CA VAL C 277 0.29 -38.83 -42.41
C VAL C 277 0.02 -37.34 -42.62
N ILE C 278 -0.88 -36.99 -43.54
CA ILE C 278 -1.23 -35.59 -43.75
C ILE C 278 -1.98 -35.02 -42.55
N SER C 279 -2.87 -35.81 -41.94
CA SER C 279 -3.65 -35.33 -40.80
C SER C 279 -2.78 -35.12 -39.57
N GLU C 280 -1.83 -36.01 -39.32
CA GLU C 280 -0.95 -35.82 -38.18
C GLU C 280 0.29 -35.01 -38.53
N TYR C 281 0.40 -34.55 -39.78
CA TYR C 281 1.12 -33.31 -40.05
C TYR C 281 0.34 -32.10 -39.59
N ARG C 282 -0.97 -32.08 -39.88
CA ARG C 282 -1.82 -30.96 -39.51
C ARG C 282 -1.90 -30.76 -37.99
N ARG C 283 -1.92 -31.86 -37.24
CA ARG C 283 -1.90 -31.78 -35.77
C ARG C 283 -0.62 -31.12 -35.27
N LEU C 284 0.54 -31.56 -35.77
CA LEU C 284 1.81 -31.04 -35.29
C LEU C 284 2.05 -29.61 -35.77
N HIS C 285 1.51 -29.24 -36.93
CA HIS C 285 1.60 -27.85 -37.36
C HIS C 285 0.59 -26.97 -36.64
N GLN C 286 -0.48 -27.54 -36.11
CA GLN C 286 -1.38 -26.73 -35.29
C GLN C 286 -0.79 -26.50 -33.91
N ARG C 287 -0.13 -27.51 -33.34
CA ARG C 287 0.40 -27.39 -31.99
C ARG C 287 1.83 -26.85 -31.94
N TYR C 288 2.57 -26.89 -33.06
CA TYR C 288 3.94 -26.39 -33.10
C TYR C 288 4.15 -25.65 -34.41
N GLY C 289 5.41 -25.39 -34.73
CA GLY C 289 5.73 -24.70 -35.97
C GLY C 289 6.35 -25.60 -37.01
N LEU C 290 6.00 -26.89 -36.96
CA LEU C 290 6.53 -27.88 -37.90
C LEU C 290 5.93 -27.66 -39.28
N SER C 291 6.72 -27.05 -40.16
CA SER C 291 6.30 -26.82 -41.54
C SER C 291 6.50 -28.09 -42.37
N VAL C 292 6.46 -27.95 -43.70
CA VAL C 292 6.42 -29.11 -44.57
C VAL C 292 7.77 -29.82 -44.59
N ASP C 293 8.85 -29.05 -44.74
CA ASP C 293 10.19 -29.62 -44.91
C ASP C 293 10.75 -30.33 -43.67
N PRO C 294 10.65 -29.81 -42.44
CA PRO C 294 11.08 -30.63 -41.29
C PRO C 294 10.21 -31.86 -41.07
N PHE C 295 8.92 -31.81 -41.40
CA PHE C 295 8.08 -32.99 -41.25
C PHE C 295 8.47 -34.07 -42.25
N ILE C 296 8.69 -33.67 -43.50
CA ILE C 296 9.22 -34.59 -44.51
C ILE C 296 10.55 -35.17 -44.07
N ALA C 297 11.45 -34.32 -43.58
CA ALA C 297 12.77 -34.78 -43.13
C ALA C 297 12.70 -35.67 -41.91
N ILE C 298 11.63 -35.58 -41.12
CA ILE C 298 11.38 -36.58 -40.09
C ILE C 298 10.97 -37.90 -40.73
N ILE C 299 10.04 -37.87 -41.68
CA ILE C 299 9.55 -39.14 -42.23
C ILE C 299 10.42 -39.66 -43.38
N ASN C 300 10.86 -38.80 -44.29
CA ASN C 300 11.56 -39.23 -45.50
C ASN C 300 12.73 -38.30 -45.75
N ALA C 301 13.22 -38.33 -46.99
CA ALA C 301 14.46 -37.65 -47.38
C ALA C 301 14.39 -36.14 -47.13
N VAL C 302 15.52 -35.59 -46.68
CA VAL C 302 15.64 -34.15 -46.52
C VAL C 302 15.63 -33.52 -47.91
N ASN C 303 14.93 -32.40 -48.05
CA ASN C 303 14.71 -31.79 -49.36
C ASN C 303 16.01 -31.17 -49.86
N THR C 304 16.58 -31.78 -50.91
CA THR C 304 17.85 -31.34 -51.47
C THR C 304 17.70 -30.57 -52.78
N THR C 305 16.48 -30.45 -53.29
CA THR C 305 16.26 -29.77 -54.57
C THR C 305 16.21 -28.27 -54.35
N HIS C 306 17.13 -27.54 -54.96
CA HIS C 306 17.06 -26.08 -54.93
C HIS C 306 15.98 -25.62 -55.89
N THR C 307 15.08 -24.76 -55.39
CA THR C 307 13.81 -24.47 -56.04
C THR C 307 13.69 -22.97 -56.24
N ASN C 308 12.47 -22.51 -56.51
CA ASN C 308 12.15 -21.10 -56.69
C ASN C 308 11.99 -20.33 -55.38
N GLU C 309 12.61 -20.83 -54.29
CA GLU C 309 12.71 -20.15 -53.01
C GLU C 309 13.78 -19.07 -53.07
N ASN C 310 14.21 -18.61 -51.89
CA ASN C 310 15.18 -17.51 -51.78
C ASN C 310 16.53 -17.85 -52.43
N LYS C 311 17.24 -18.82 -51.89
CA LYS C 311 18.45 -19.25 -52.61
C LYS C 311 18.57 -20.75 -52.74
N THR C 312 18.20 -21.51 -51.72
CA THR C 312 18.69 -22.88 -51.60
C THR C 312 17.58 -23.77 -51.04
N SER C 313 17.94 -25.03 -50.83
CA SER C 313 17.03 -26.07 -50.37
C SER C 313 17.06 -26.16 -48.84
N PHE C 314 16.25 -27.06 -48.30
CA PHE C 314 16.20 -27.27 -46.86
C PHE C 314 17.44 -27.98 -46.36
N PHE C 315 18.07 -28.80 -47.21
CA PHE C 315 19.25 -29.56 -46.81
C PHE C 315 20.44 -28.65 -46.57
N GLN C 316 20.71 -27.73 -47.50
CA GLN C 316 21.78 -26.77 -47.29
C GLN C 316 21.40 -25.69 -46.29
N GLN C 317 20.11 -25.50 -46.03
CA GLN C 317 19.69 -24.61 -44.96
C GLN C 317 20.02 -25.19 -43.59
N ILE C 318 19.83 -26.49 -43.42
CA ILE C 318 20.07 -27.14 -42.15
C ILE C 318 21.52 -27.60 -42.05
N PHE C 319 21.93 -28.50 -42.94
CA PHE C 319 23.31 -28.96 -43.00
C PHE C 319 24.07 -28.03 -43.94
N SER C 320 24.93 -27.19 -43.37
CA SER C 320 25.43 -25.99 -44.06
C SER C 320 26.27 -26.34 -45.29
N THR C 321 27.21 -27.28 -45.15
CA THR C 321 27.99 -27.71 -46.31
C THR C 321 28.38 -29.18 -46.14
N LEU C 322 27.54 -30.06 -46.70
CA LEU C 322 27.85 -31.48 -46.81
C LEU C 322 27.51 -31.95 -48.21
N ASP C 323 27.64 -33.26 -48.43
CA ASP C 323 27.37 -33.85 -49.73
C ASP C 323 26.46 -35.05 -49.54
N VAL C 324 25.32 -35.03 -50.24
CA VAL C 324 24.51 -36.23 -50.41
C VAL C 324 25.33 -37.25 -51.20
N ASP C 325 25.31 -38.51 -50.73
CA ASP C 325 26.17 -39.60 -51.21
C ASP C 325 27.66 -39.24 -51.04
N ALA C 326 28.04 -39.06 -49.78
CA ALA C 326 29.43 -38.92 -49.39
C ALA C 326 29.77 -39.99 -48.37
N GLY C 327 31.06 -40.24 -48.20
CA GLY C 327 31.51 -41.16 -47.18
C GLY C 327 31.49 -40.52 -45.81
N PHE C 328 31.08 -41.30 -44.81
CA PHE C 328 31.00 -40.77 -43.44
C PHE C 328 31.50 -41.85 -42.50
N ASN C 329 32.76 -41.71 -42.07
CA ASN C 329 33.33 -42.56 -41.03
C ASN C 329 32.99 -42.01 -39.65
N PHE C 330 31.70 -41.96 -39.34
CA PHE C 330 31.27 -41.51 -38.02
C PHE C 330 31.37 -42.59 -36.96
N LEU C 331 31.93 -43.76 -37.30
CA LEU C 331 32.43 -44.66 -36.26
C LEU C 331 33.55 -43.98 -35.50
N ASP C 332 34.44 -43.27 -36.19
CA ASP C 332 35.40 -42.46 -35.46
C ASP C 332 34.98 -40.99 -35.35
N GLN C 333 35.07 -40.25 -36.45
CA GLN C 333 34.85 -38.79 -36.49
C GLN C 333 35.01 -38.24 -37.90
N GLY C 334 34.81 -36.94 -38.04
CA GLY C 334 35.16 -36.25 -39.27
C GLY C 334 34.99 -34.76 -39.11
N SER C 335 35.08 -34.05 -40.24
CA SER C 335 34.80 -32.62 -40.26
C SER C 335 33.32 -32.33 -40.44
N TRP C 336 32.53 -33.32 -40.85
CA TRP C 336 31.08 -33.20 -40.87
C TRP C 336 30.48 -33.19 -39.48
N GLU C 337 31.21 -33.74 -38.51
CA GLU C 337 30.71 -33.95 -37.16
C GLU C 337 30.49 -32.63 -36.42
N VAL C 338 31.15 -31.55 -36.87
CA VAL C 338 30.84 -30.23 -36.37
C VAL C 338 29.49 -29.77 -36.88
N ILE C 339 29.23 -29.95 -38.18
CA ILE C 339 28.05 -29.38 -38.81
C ILE C 339 26.78 -30.15 -38.43
N ILE C 340 26.90 -31.47 -38.22
CA ILE C 340 25.74 -32.25 -37.79
C ILE C 340 25.32 -31.86 -36.38
N ARG C 341 26.29 -31.56 -35.52
CA ARG C 341 25.94 -31.05 -34.19
C ARG C 341 25.49 -29.59 -34.21
N LYS C 342 25.94 -28.82 -35.20
CA LYS C 342 25.34 -27.50 -35.44
C LYS C 342 23.86 -27.64 -35.75
N ALA C 343 23.53 -28.59 -36.63
CA ALA C 343 22.16 -28.74 -37.09
C ALA C 343 21.26 -29.32 -36.01
N LEU C 344 21.59 -30.52 -35.53
CA LEU C 344 20.67 -31.27 -34.71
C LEU C 344 20.77 -30.94 -33.22
N GLY C 345 21.89 -30.41 -32.76
CA GLY C 345 22.04 -30.06 -31.37
C GLY C 345 22.46 -31.19 -30.46
N ILE C 346 23.18 -32.17 -30.98
CA ILE C 346 23.53 -33.38 -30.25
C ILE C 346 24.90 -33.20 -29.61
N THR C 347 25.15 -33.93 -28.52
CA THR C 347 26.49 -34.06 -27.96
C THR C 347 27.25 -35.13 -28.75
N ALA C 348 28.41 -35.54 -28.25
CA ALA C 348 29.23 -36.50 -28.99
C ALA C 348 28.76 -37.94 -28.77
N GLU C 349 28.63 -38.35 -27.50
CA GLU C 349 28.26 -39.74 -27.24
C GLU C 349 26.79 -39.99 -27.55
N GLU C 350 25.93 -38.97 -27.44
CA GLU C 350 24.56 -39.13 -27.88
C GLU C 350 24.48 -39.27 -29.40
N LEU C 351 25.39 -38.63 -30.13
CA LEU C 351 25.48 -38.84 -31.58
C LEU C 351 25.99 -40.24 -31.88
N LEU C 352 26.91 -40.74 -31.06
CA LEU C 352 27.39 -42.11 -31.26
C LEU C 352 26.29 -43.12 -30.98
N ARG C 353 25.49 -42.90 -29.94
CA ARG C 353 24.37 -43.79 -29.64
C ARG C 353 23.27 -43.68 -30.68
N ILE C 354 23.09 -42.49 -31.25
CA ILE C 354 22.05 -42.29 -32.25
C ILE C 354 22.50 -42.84 -33.60
N ALA C 355 23.81 -43.07 -33.77
CA ALA C 355 24.34 -43.81 -34.90
C ALA C 355 24.44 -45.31 -34.64
N LYS C 356 24.42 -45.74 -33.37
CA LYS C 356 24.32 -47.17 -33.07
C LYS C 356 22.98 -47.72 -33.54
N TYR C 357 21.89 -47.03 -33.21
CA TYR C 357 20.61 -47.27 -33.84
C TYR C 357 20.64 -46.66 -35.25
N CYS C 358 19.61 -47.00 -36.03
CA CYS C 358 19.36 -46.61 -37.43
C CYS C 358 20.44 -47.04 -38.43
N PHE C 359 21.47 -47.74 -37.96
CA PHE C 359 22.42 -48.42 -38.83
C PHE C 359 22.84 -49.79 -38.33
N GLY C 360 22.56 -50.12 -37.07
CA GLY C 360 23.06 -51.35 -36.49
C GLY C 360 24.51 -51.22 -36.03
N LYS C 361 24.91 -52.13 -35.16
CA LYS C 361 26.29 -52.12 -34.65
C LYS C 361 27.19 -53.04 -35.49
N SER C 362 27.10 -52.92 -36.80
CA SER C 362 27.97 -53.66 -37.69
C SER C 362 28.58 -52.81 -38.78
N SER C 363 27.82 -51.85 -39.31
CA SER C 363 28.24 -51.05 -40.45
C SER C 363 28.22 -49.57 -40.10
N ILE C 364 28.81 -49.22 -38.95
CA ILE C 364 28.86 -47.81 -38.56
C ILE C 364 29.96 -47.10 -39.32
N SER C 365 30.96 -47.84 -39.81
CA SER C 365 32.16 -47.21 -40.35
C SER C 365 31.93 -46.64 -41.75
N ASN C 366 31.63 -47.49 -42.71
CA ASN C 366 31.55 -47.08 -44.12
C ASN C 366 30.09 -46.95 -44.50
N VAL C 367 29.56 -45.73 -44.41
CA VAL C 367 28.17 -45.44 -44.75
C VAL C 367 28.16 -44.38 -45.84
N LYS C 368 27.46 -44.66 -46.94
CA LYS C 368 27.26 -43.68 -48.01
C LYS C 368 25.88 -43.07 -47.80
N MET C 369 25.84 -41.96 -47.05
CA MET C 369 24.59 -41.35 -46.66
C MET C 369 24.02 -40.56 -47.83
N ASN C 370 22.92 -41.05 -48.40
CA ASN C 370 22.14 -40.23 -49.31
C ASN C 370 21.17 -39.37 -48.50
N SER C 371 20.19 -38.77 -49.17
CA SER C 371 19.22 -37.92 -48.47
C SER C 371 18.30 -38.71 -47.56
N LYS C 372 18.21 -40.03 -47.72
CA LYS C 372 17.36 -40.84 -46.84
C LYS C 372 18.09 -41.26 -45.57
N LYS C 373 19.42 -41.32 -45.59
CA LYS C 373 20.16 -41.68 -44.38
C LYS C 373 20.32 -40.48 -43.44
N PHE C 374 20.31 -39.25 -43.97
CA PHE C 374 20.27 -38.09 -43.10
C PHE C 374 18.93 -37.94 -42.40
N SER C 375 17.88 -38.54 -42.95
CA SER C 375 16.59 -38.58 -42.27
C SER C 375 16.65 -39.47 -41.03
N GLN C 376 17.46 -40.53 -41.06
CA GLN C 376 17.61 -41.41 -39.91
C GLN C 376 18.24 -40.68 -38.73
N LEU C 377 19.02 -39.64 -38.99
CA LEU C 377 19.63 -38.83 -37.94
C LEU C 377 18.77 -37.63 -37.55
N TYR C 378 18.11 -37.00 -38.53
CA TYR C 378 17.23 -35.87 -38.24
C TYR C 378 15.98 -36.34 -37.47
N ARG C 379 15.51 -37.54 -37.77
CA ARG C 379 14.29 -38.10 -37.19
C ARG C 379 14.43 -38.33 -35.69
N MET C 380 15.49 -39.02 -35.29
CA MET C 380 15.69 -39.41 -33.90
C MET C 380 16.18 -38.26 -33.02
N ALA C 381 16.44 -37.08 -33.60
CA ALA C 381 16.97 -35.97 -32.84
C ALA C 381 16.16 -34.69 -32.98
N MET C 382 15.12 -34.66 -33.83
CA MET C 382 14.22 -33.52 -33.85
C MET C 382 12.89 -33.77 -33.18
N ILE C 383 12.49 -35.03 -33.01
CA ILE C 383 11.34 -35.35 -32.16
C ILE C 383 11.51 -34.86 -30.71
N PRO C 384 12.67 -34.97 -30.05
CA PRO C 384 12.78 -34.34 -28.73
C PRO C 384 12.73 -32.81 -28.75
N ARG C 385 13.43 -32.15 -29.67
CA ARG C 385 13.55 -30.70 -29.59
C ARG C 385 12.29 -29.96 -30.02
N THR C 386 11.46 -30.55 -30.87
CA THR C 386 10.16 -29.94 -31.12
C THR C 386 9.22 -30.11 -29.94
N LEU C 387 9.47 -31.10 -29.08
CA LEU C 387 8.81 -31.19 -27.79
C LEU C 387 9.67 -30.44 -26.78
N GLY C 388 9.36 -30.59 -25.49
CA GLY C 388 10.17 -29.94 -24.48
C GLY C 388 11.18 -30.86 -23.85
N VAL C 389 11.67 -31.82 -24.64
CA VAL C 389 12.46 -32.94 -24.12
C VAL C 389 13.87 -32.85 -24.71
N SER C 390 14.87 -33.25 -23.92
CA SER C 390 16.21 -33.43 -24.45
C SER C 390 16.34 -34.83 -25.04
N PHE C 391 17.57 -35.25 -25.32
CA PHE C 391 17.78 -36.44 -26.13
C PHE C 391 17.85 -37.72 -25.29
N SER C 392 18.65 -37.72 -24.23
CA SER C 392 18.71 -38.87 -23.34
C SER C 392 17.41 -39.06 -22.58
N GLN C 393 16.72 -37.96 -22.28
CA GLN C 393 15.41 -38.06 -21.62
C GLN C 393 14.38 -38.70 -22.53
N ALA C 394 14.38 -38.36 -23.82
CA ALA C 394 13.44 -38.98 -24.75
C ALA C 394 13.80 -40.42 -25.03
N GLU C 395 15.11 -40.73 -25.06
CA GLU C 395 15.55 -42.11 -25.17
C GLU C 395 15.09 -42.94 -23.98
N TYR C 396 15.18 -42.37 -22.78
CA TYR C 396 14.78 -43.07 -21.57
C TYR C 396 13.27 -43.25 -21.51
N LEU C 397 12.50 -42.24 -21.93
CA LEU C 397 11.04 -42.36 -21.92
C LEU C 397 10.53 -43.28 -23.03
N TRP C 398 11.27 -43.40 -24.13
CA TRP C 398 10.96 -44.43 -25.11
C TRP C 398 11.28 -45.82 -24.60
N GLN C 399 12.42 -45.98 -23.92
CA GLN C 399 12.85 -47.31 -23.51
C GLN C 399 12.14 -47.82 -22.27
N LEU C 400 11.58 -46.95 -21.43
CA LEU C 400 10.78 -47.45 -20.31
C LEU C 400 9.45 -48.00 -20.78
N TYR C 401 8.78 -47.29 -21.69
CA TYR C 401 7.50 -47.73 -22.25
C TYR C 401 7.79 -48.85 -23.25
N SER C 402 8.07 -50.03 -22.70
CA SER C 402 8.56 -51.17 -23.46
C SER C 402 8.29 -52.43 -22.65
N HIS C 403 8.92 -53.53 -23.04
CA HIS C 403 9.01 -54.73 -22.23
C HIS C 403 10.44 -55.23 -22.29
N SER C 404 10.69 -56.39 -21.68
CA SER C 404 12.03 -56.84 -21.38
C SER C 404 12.80 -57.40 -22.58
N ASP C 405 12.19 -57.52 -23.74
CA ASP C 405 12.79 -58.26 -24.85
C ASP C 405 13.18 -57.40 -26.03
N GLU C 406 12.25 -56.62 -26.57
CA GLU C 406 12.43 -56.00 -27.88
C GLU C 406 13.34 -54.78 -27.79
N ASN C 407 13.45 -54.06 -28.92
CA ASN C 407 14.27 -52.86 -29.02
C ASN C 407 13.42 -51.84 -29.79
N ILE C 408 12.71 -50.98 -29.06
CA ILE C 408 11.78 -50.05 -29.68
C ILE C 408 12.52 -48.93 -30.41
N MET C 409 13.74 -48.59 -29.98
CA MET C 409 14.51 -47.53 -30.60
C MET C 409 14.89 -47.86 -32.04
N GLU C 410 15.14 -49.14 -32.33
CA GLU C 410 15.42 -49.55 -33.70
C GLU C 410 14.17 -49.43 -34.57
N LYS C 411 12.99 -49.70 -34.00
CA LYS C 411 11.75 -49.60 -34.75
C LYS C 411 11.36 -48.14 -34.97
N ILE C 412 11.67 -47.27 -34.01
CA ILE C 412 11.42 -45.85 -34.16
C ILE C 412 12.38 -45.25 -35.20
N ALA C 413 13.64 -45.72 -35.20
CA ALA C 413 14.61 -45.21 -36.17
C ALA C 413 14.35 -45.75 -37.57
N GLN C 414 14.39 -47.06 -37.73
CA GLN C 414 14.18 -47.71 -39.02
C GLN C 414 12.74 -48.25 -39.05
N GLY C 415 11.80 -47.39 -39.43
CA GLY C 415 10.41 -47.76 -39.40
C GLY C 415 9.61 -47.05 -40.48
N ASN C 416 8.30 -47.26 -40.42
CA ASN C 416 7.36 -46.67 -41.37
C ASN C 416 6.98 -45.26 -40.90
N ALA C 417 5.94 -44.69 -41.52
CA ALA C 417 5.46 -43.38 -41.08
C ALA C 417 4.48 -43.52 -39.92
N LEU C 418 3.74 -44.62 -39.86
CA LEU C 418 2.79 -44.81 -38.77
C LEU C 418 3.51 -45.12 -37.47
N THR C 419 4.62 -45.86 -37.53
CA THR C 419 5.37 -46.15 -36.32
C THR C 419 6.09 -44.90 -35.81
N ILE C 420 6.61 -44.07 -36.73
CA ILE C 420 7.29 -42.87 -36.29
C ILE C 420 6.30 -41.82 -35.81
N ILE C 421 5.05 -41.84 -36.26
CA ILE C 421 4.09 -40.93 -35.64
C ILE C 421 3.52 -41.53 -34.35
N ASP C 422 3.55 -42.85 -34.21
CA ASP C 422 3.11 -43.50 -32.97
C ASP C 422 4.10 -43.20 -31.84
N ALA C 423 5.39 -43.11 -32.16
CA ALA C 423 6.39 -42.74 -31.17
C ALA C 423 6.17 -41.31 -30.67
N ILE C 424 5.76 -40.41 -31.58
CA ILE C 424 5.48 -39.03 -31.19
C ILE C 424 4.24 -38.97 -30.31
N ILE C 425 3.24 -39.81 -30.61
CA ILE C 425 2.06 -39.89 -29.74
C ILE C 425 2.42 -40.42 -28.36
N VAL C 426 3.34 -41.39 -28.29
CA VAL C 426 3.78 -41.94 -27.00
C VAL C 426 4.50 -40.87 -26.18
N LEU C 427 5.41 -40.11 -26.80
CA LEU C 427 6.07 -39.03 -26.06
C LEU C 427 5.10 -37.93 -25.64
N GLU C 428 4.12 -37.61 -26.50
CA GLU C 428 3.07 -36.66 -26.17
C GLU C 428 2.31 -37.08 -24.92
N ASN C 429 1.81 -38.33 -24.91
CA ASN C 429 1.06 -38.85 -23.78
C ASN C 429 1.89 -38.95 -22.52
N THR C 430 3.13 -39.43 -22.62
CA THR C 430 3.98 -39.61 -21.44
C THR C 430 4.39 -38.28 -20.83
N LEU C 431 4.76 -37.30 -21.67
CA LEU C 431 5.15 -35.99 -21.16
C LEU C 431 3.95 -35.25 -20.56
N GLN C 432 2.77 -35.39 -21.16
CA GLN C 432 1.59 -34.75 -20.58
C GLN C 432 1.20 -35.39 -19.26
N TRP C 433 1.33 -36.72 -19.16
CA TRP C 433 1.01 -37.40 -17.91
C TRP C 433 2.01 -37.06 -16.81
N MET C 434 3.28 -36.92 -17.15
CA MET C 434 4.27 -36.59 -16.12
C MET C 434 4.19 -35.13 -15.70
N SER C 435 3.90 -34.24 -16.64
CA SER C 435 3.71 -32.83 -16.28
C SER C 435 2.40 -32.62 -15.54
N GLU C 436 1.44 -33.54 -15.67
CA GLU C 436 0.20 -33.46 -14.93
C GLU C 436 0.42 -33.65 -13.43
N GLN C 437 1.44 -34.41 -13.04
CA GLN C 437 1.62 -34.79 -11.64
C GLN C 437 2.95 -34.32 -11.05
N LYS C 438 3.67 -33.43 -11.74
CA LYS C 438 4.96 -32.86 -11.30
C LYS C 438 6.00 -33.94 -11.04
N LEU C 439 5.94 -35.03 -11.79
CA LEU C 439 6.84 -36.16 -11.62
C LEU C 439 8.05 -35.96 -12.53
N ASP C 440 9.19 -35.67 -11.95
CA ASP C 440 10.40 -35.45 -12.72
C ASP C 440 10.98 -36.77 -13.21
N ILE C 441 11.97 -36.67 -14.09
CA ILE C 441 12.66 -37.84 -14.60
C ILE C 441 13.65 -38.37 -13.56
N THR C 442 14.07 -37.51 -12.63
CA THR C 442 14.92 -37.95 -11.52
C THR C 442 14.17 -38.88 -10.58
N THR C 443 12.94 -38.49 -10.20
CA THR C 443 12.13 -39.33 -9.31
C THR C 443 11.71 -40.62 -10.01
N LEU C 444 11.36 -40.52 -11.30
CA LEU C 444 10.98 -41.69 -12.07
C LEU C 444 12.16 -42.64 -12.26
N GLN C 445 13.37 -42.09 -12.38
CA GLN C 445 14.57 -42.91 -12.43
C GLN C 445 14.83 -43.58 -11.09
N ALA C 446 14.61 -42.87 -9.99
CA ALA C 446 14.77 -43.46 -8.66
C ALA C 446 13.73 -44.53 -8.38
N MET C 447 12.58 -44.48 -9.04
CA MET C 447 11.53 -45.47 -8.84
C MET C 447 11.57 -46.64 -9.82
N LEU C 448 12.22 -46.51 -10.97
CA LEU C 448 12.09 -47.54 -12.00
C LEU C 448 13.40 -48.16 -12.49
N THR C 449 14.53 -47.95 -11.81
CA THR C 449 15.75 -48.55 -12.34
C THR C 449 15.94 -49.99 -11.89
N LYS C 450 16.95 -50.62 -12.50
CA LYS C 450 17.29 -52.02 -12.26
C LYS C 450 18.79 -52.20 -12.04
N GLN C 451 19.50 -51.12 -11.69
CA GLN C 451 20.96 -51.17 -11.66
C GLN C 451 21.47 -51.84 -10.40
N TYR C 452 21.14 -51.28 -9.23
CA TYR C 452 21.44 -51.82 -7.90
C TYR C 452 22.94 -51.98 -7.67
N SER C 453 23.60 -50.83 -7.61
CA SER C 453 25.04 -50.78 -7.37
C SER C 453 25.39 -51.37 -6.01
N THR C 454 26.37 -52.26 -5.99
CA THR C 454 26.77 -52.97 -4.77
C THR C 454 27.61 -52.05 -3.91
N THR C 455 26.99 -51.51 -2.85
CA THR C 455 27.68 -50.62 -1.93
C THR C 455 27.06 -50.78 -0.55
N ALA C 456 27.86 -51.22 0.41
CA ALA C 456 27.38 -51.41 1.78
C ALA C 456 27.41 -50.06 2.49
N THR C 457 26.26 -49.43 2.56
CA THR C 457 26.15 -48.18 3.30
C THR C 457 26.05 -48.46 4.80
N PRO C 458 26.54 -47.55 5.64
CA PRO C 458 26.36 -47.72 7.09
C PRO C 458 24.92 -47.60 7.55
N GLU C 459 24.06 -46.95 6.76
CA GLU C 459 22.63 -46.91 7.08
C GLU C 459 22.01 -48.29 7.02
N LEU C 460 22.38 -49.11 6.03
CA LEU C 460 21.89 -50.48 5.98
C LEU C 460 22.44 -51.33 7.11
N PHE C 461 23.68 -51.07 7.53
CA PHE C 461 24.25 -51.84 8.63
C PHE C 461 23.53 -51.52 9.94
N ASN C 462 23.30 -50.23 10.21
CA ASN C 462 22.56 -49.86 11.40
C ASN C 462 21.09 -50.22 11.32
N PHE C 463 20.54 -50.36 10.11
CA PHE C 463 19.16 -50.80 9.96
C PHE C 463 19.03 -52.29 10.23
N LEU C 464 19.92 -53.09 9.66
CA LEU C 464 19.84 -54.54 9.80
C LEU C 464 20.47 -55.06 11.08
N SER C 465 21.11 -54.19 11.85
CA SER C 465 21.51 -54.61 13.19
C SER C 465 20.33 -54.64 14.16
N ASN C 466 19.31 -53.80 13.93
CA ASN C 466 18.08 -53.90 14.71
C ASN C 466 17.34 -55.20 14.42
N ILE C 467 17.27 -55.59 13.15
CA ILE C 467 16.44 -56.71 12.75
C ILE C 467 16.99 -58.04 13.27
N TYR C 468 18.27 -58.08 13.66
CA TYR C 468 18.87 -59.27 14.23
C TYR C 468 19.18 -59.13 15.72
N GLN C 469 19.41 -57.91 16.20
CA GLN C 469 19.80 -57.73 17.59
C GLN C 469 18.57 -57.71 18.50
N THR C 470 17.42 -57.28 17.99
CA THR C 470 16.17 -57.46 18.70
C THR C 470 15.65 -58.88 18.54
N LEU C 471 15.42 -59.29 17.30
CA LEU C 471 14.92 -60.63 16.98
C LEU C 471 16.13 -61.54 16.87
N GLY C 472 16.37 -62.34 17.90
CA GLY C 472 17.57 -63.17 17.97
C GLY C 472 17.57 -64.29 16.94
N LYS C 473 18.63 -65.11 17.00
CA LYS C 473 18.81 -66.19 16.04
C LYS C 473 17.73 -67.27 16.25
N GLN C 474 16.94 -67.50 15.20
CA GLN C 474 15.81 -68.41 15.27
C GLN C 474 15.81 -69.27 14.01
N VAL C 475 14.79 -70.10 13.87
CA VAL C 475 14.74 -71.16 12.87
C VAL C 475 13.75 -70.80 11.74
N TYR C 476 13.28 -69.56 11.71
CA TYR C 476 12.20 -69.07 10.85
C TYR C 476 10.93 -69.92 11.03
N SER C 477 10.35 -69.76 12.21
CA SER C 477 8.97 -70.19 12.39
C SER C 477 8.02 -69.17 11.74
N GLU C 478 6.74 -69.49 11.73
CA GLU C 478 5.76 -68.53 11.24
C GLU C 478 5.31 -67.58 12.33
N SER C 479 5.75 -67.77 13.57
CA SER C 479 5.62 -66.75 14.60
C SER C 479 6.68 -65.67 14.43
N LEU C 480 7.81 -66.01 13.80
CA LEU C 480 8.83 -65.03 13.44
C LEU C 480 8.34 -64.04 12.40
N LYS C 481 7.33 -64.42 11.62
CA LYS C 481 6.93 -63.62 10.47
C LYS C 481 6.23 -62.30 10.84
N PRO C 482 5.25 -62.25 11.78
CA PRO C 482 4.73 -60.93 12.16
C PRO C 482 5.73 -60.08 12.92
N ASN C 483 6.65 -60.70 13.67
CA ASN C 483 7.73 -59.97 14.31
C ASN C 483 8.64 -59.30 13.27
N LEU C 484 8.91 -60.03 12.18
CA LEU C 484 9.78 -59.51 11.14
C LEU C 484 9.12 -58.37 10.39
N TYR C 485 7.81 -58.49 10.12
CA TYR C 485 7.10 -57.38 9.48
C TYR C 485 6.99 -56.18 10.40
N ARG C 486 6.76 -56.40 11.70
CA ARG C 486 6.62 -55.30 12.64
C ARG C 486 7.93 -54.54 12.80
N SER C 487 9.04 -55.26 12.89
CA SER C 487 10.33 -54.61 13.07
C SER C 487 10.84 -53.95 11.79
N LEU C 488 10.54 -54.53 10.61
CA LEU C 488 10.85 -53.82 9.37
C LEU C 488 9.96 -52.59 9.18
N ALA C 489 8.71 -52.64 9.67
CA ALA C 489 7.82 -51.50 9.54
C ALA C 489 8.23 -50.37 10.45
N ASN C 490 8.66 -50.69 11.67
CA ASN C 490 9.11 -49.67 12.59
C ASN C 490 10.54 -49.23 12.33
N GLY C 491 11.30 -49.98 11.53
CA GLY C 491 12.60 -49.49 11.11
C GLY C 491 12.50 -48.28 10.20
N PHE C 492 11.63 -48.35 9.21
CA PHE C 492 11.19 -47.17 8.48
C PHE C 492 10.09 -46.47 9.29
N HIS C 493 9.49 -45.43 8.73
CA HIS C 493 8.27 -44.88 9.31
C HIS C 493 7.06 -45.39 8.52
N LEU C 494 6.83 -46.69 8.65
CA LEU C 494 5.76 -47.34 7.90
C LEU C 494 4.77 -48.03 8.83
N LYS C 495 3.79 -48.72 8.24
CA LYS C 495 2.83 -49.53 8.98
C LYS C 495 3.13 -51.00 8.75
N ALA C 496 2.64 -51.84 9.67
CA ALA C 496 2.96 -53.26 9.63
C ALA C 496 2.26 -53.96 8.47
N ASN C 497 1.01 -53.60 8.20
CA ASN C 497 0.27 -54.24 7.13
C ASN C 497 0.73 -53.76 5.76
N VAL C 498 1.27 -52.54 5.69
CA VAL C 498 1.82 -52.06 4.42
C VAL C 498 3.08 -52.82 4.06
N VAL C 499 3.95 -53.08 5.04
CA VAL C 499 5.15 -53.87 4.79
C VAL C 499 4.80 -55.33 4.54
N ALA C 500 3.77 -55.85 5.22
CA ALA C 500 3.31 -57.21 4.95
C ALA C 500 2.68 -57.33 3.57
N GLY C 501 2.15 -56.23 3.03
CA GLY C 501 1.73 -56.23 1.65
C GLY C 501 2.89 -56.13 0.67
N LEU C 502 3.89 -55.31 1.00
CA LEU C 502 4.98 -55.06 0.05
C LEU C 502 5.94 -56.23 -0.05
N VAL C 503 6.13 -57.00 1.03
CA VAL C 503 7.02 -58.15 0.95
C VAL C 503 6.36 -59.27 0.15
N ASN C 504 5.06 -59.45 0.33
CA ASN C 504 4.32 -60.41 -0.49
C ASN C 504 4.19 -59.93 -1.93
N TRP C 505 4.18 -58.61 -2.12
CA TRP C 505 4.27 -58.02 -3.45
C TRP C 505 5.58 -58.40 -4.13
N LEU C 506 6.69 -58.23 -3.42
CA LEU C 506 8.01 -58.61 -3.91
C LEU C 506 8.27 -60.11 -3.81
N ALA C 507 7.37 -60.88 -3.20
CA ALA C 507 7.51 -62.32 -3.23
C ALA C 507 7.20 -62.91 -4.61
N LYS C 508 6.58 -62.15 -5.51
CA LYS C 508 6.18 -62.65 -6.82
C LYS C 508 7.07 -62.10 -7.93
N ASN C 509 7.20 -60.78 -8.04
CA ASN C 509 8.22 -60.21 -8.92
C ASN C 509 9.58 -60.41 -8.29
N ASP C 510 10.57 -60.83 -9.10
CA ASP C 510 11.91 -61.23 -8.66
C ASP C 510 11.80 -62.37 -7.63
N SER C 511 11.38 -63.53 -8.15
CA SER C 511 11.13 -64.72 -7.34
C SER C 511 12.35 -65.30 -6.63
N GLU C 512 13.54 -64.76 -6.88
CA GLU C 512 14.69 -65.07 -6.03
C GLU C 512 14.50 -64.54 -4.63
N PHE C 513 13.78 -63.42 -4.48
CA PHE C 513 13.51 -62.88 -3.15
C PHE C 513 12.48 -63.74 -2.43
N THR C 514 12.78 -64.07 -1.19
CA THR C 514 11.83 -64.72 -0.29
C THR C 514 12.13 -64.16 1.09
N LEU C 515 11.08 -63.97 1.90
CA LEU C 515 11.26 -63.46 3.25
C LEU C 515 12.06 -64.42 4.12
N GLU C 516 11.89 -65.73 3.89
CA GLU C 516 12.74 -66.72 4.53
C GLU C 516 14.19 -66.57 4.07
N ARG C 517 14.41 -66.37 2.78
CA ARG C 517 15.76 -66.15 2.28
C ARG C 517 16.34 -64.83 2.79
N PHE C 518 15.50 -63.82 2.99
CA PHE C 518 15.96 -62.56 3.55
C PHE C 518 16.39 -62.74 5.00
N TRP C 519 15.64 -63.51 5.78
CA TRP C 519 16.05 -63.75 7.16
C TRP C 519 17.29 -64.65 7.24
N GLN C 520 17.43 -65.61 6.33
CA GLN C 520 18.63 -66.42 6.29
C GLN C 520 19.84 -65.59 5.90
N ASN C 521 19.67 -64.64 4.98
CA ASN C 521 20.78 -63.77 4.60
C ASN C 521 21.14 -62.79 5.71
N ILE C 522 20.16 -62.39 6.52
CA ILE C 522 20.47 -61.60 7.72
C ILE C 522 21.24 -62.45 8.72
N SER C 523 20.83 -63.69 8.92
CA SER C 523 21.46 -64.53 9.93
C SER C 523 22.82 -65.08 9.50
N MET C 524 23.13 -65.07 8.20
CA MET C 524 24.47 -65.45 7.75
C MET C 524 25.52 -64.47 8.23
N THR C 525 25.34 -63.19 7.92
CA THR C 525 26.15 -62.13 8.50
C THR C 525 25.62 -61.83 9.90
N PHE C 526 26.14 -60.74 10.49
CA PHE C 526 25.82 -60.31 11.86
C PHE C 526 26.07 -61.42 12.87
N ALA C 527 27.26 -62.01 12.77
CA ALA C 527 27.74 -63.08 13.63
C ALA C 527 28.23 -62.52 14.96
N GLU C 528 29.05 -63.30 15.67
CA GLU C 528 29.68 -62.83 16.90
C GLU C 528 30.55 -61.60 16.67
N GLU C 529 31.09 -61.42 15.46
CA GLU C 529 31.82 -60.21 15.09
C GLU C 529 31.29 -59.68 13.76
N PRO C 530 30.28 -58.81 13.80
CA PRO C 530 29.81 -58.17 12.57
C PRO C 530 30.63 -56.94 12.22
N SER C 531 30.65 -56.63 10.93
CA SER C 531 31.37 -55.47 10.42
C SER C 531 30.76 -55.08 9.08
N LEU C 532 31.36 -54.08 8.44
CA LEU C 532 30.83 -53.55 7.19
C LEU C 532 31.36 -54.31 5.99
N HIS C 533 32.54 -54.92 6.09
CA HIS C 533 33.06 -55.72 4.99
C HIS C 533 32.29 -57.02 4.82
N GLN C 534 31.65 -57.51 5.87
CA GLN C 534 30.79 -58.67 5.75
C GLN C 534 29.56 -58.37 4.90
N LEU C 535 29.07 -57.12 4.95
CA LEU C 535 28.03 -56.72 4.01
C LEU C 535 28.58 -56.50 2.61
N GLU C 536 29.83 -56.02 2.49
CA GLU C 536 30.43 -55.83 1.18
C GLU C 536 30.66 -57.16 0.47
N VAL C 537 30.89 -58.23 1.22
CA VAL C 537 31.00 -59.56 0.61
C VAL C 537 29.64 -60.06 0.19
N HIS C 538 28.67 -60.04 1.11
CA HIS C 538 27.37 -60.67 0.88
C HIS C 538 26.45 -59.69 0.15
N GLN C 539 26.73 -59.51 -1.14
CA GLN C 539 25.94 -58.66 -2.04
C GLN C 539 24.46 -58.98 -2.31
N PRO C 540 23.92 -60.21 -2.11
CA PRO C 540 22.46 -60.34 -2.23
C PRO C 540 21.65 -59.54 -1.21
N LEU C 541 22.16 -59.30 0.00
CA LEU C 541 21.49 -58.36 0.90
C LEU C 541 21.51 -56.95 0.33
N LEU C 542 22.61 -56.56 -0.29
CA LEU C 542 22.70 -55.24 -0.89
C LEU C 542 21.81 -55.11 -2.13
N ILE C 543 21.46 -56.22 -2.76
CA ILE C 543 20.44 -56.19 -3.80
C ILE C 543 19.05 -56.11 -3.19
N GLN C 544 18.76 -56.96 -2.20
CA GLN C 544 17.40 -57.11 -1.68
C GLN C 544 16.94 -55.91 -0.88
N CYS C 545 17.84 -55.24 -0.15
CA CYS C 545 17.42 -54.09 0.64
C CYS C 545 17.12 -52.88 -0.25
N GLN C 546 17.92 -52.68 -1.29
CA GLN C 546 17.62 -51.63 -2.27
C GLN C 546 16.37 -51.97 -3.07
N LYS C 547 16.15 -53.27 -3.31
CA LYS C 547 14.93 -53.71 -3.97
C LYS C 547 13.70 -53.42 -3.11
N LEU C 548 13.81 -53.64 -1.80
CA LEU C 548 12.74 -53.26 -0.88
C LEU C 548 12.53 -51.75 -0.86
N SER C 549 13.63 -50.99 -0.89
CA SER C 549 13.54 -49.53 -0.82
C SER C 549 12.87 -48.95 -2.05
N GLN C 550 13.01 -49.60 -3.20
CA GLN C 550 12.31 -49.15 -4.40
C GLN C 550 10.79 -49.24 -4.24
N TYR C 551 10.30 -50.39 -3.74
CA TYR C 551 8.86 -50.51 -3.53
C TYR C 551 8.37 -49.65 -2.37
N VAL C 552 9.25 -49.35 -1.41
CA VAL C 552 8.89 -48.38 -0.37
C VAL C 552 8.73 -46.99 -0.98
N LEU C 553 9.60 -46.62 -1.92
CA LEU C 553 9.45 -45.33 -2.61
C LEU C 553 8.18 -45.29 -3.45
N ILE C 554 7.82 -46.41 -4.07
CA ILE C 554 6.59 -46.46 -4.86
C ILE C 554 5.36 -46.39 -3.95
N ALA C 555 5.42 -47.02 -2.77
CA ALA C 555 4.30 -46.98 -1.86
C ALA C 555 4.17 -45.62 -1.17
N GLN C 556 5.28 -44.90 -0.99
CA GLN C 556 5.20 -43.56 -0.44
C GLN C 556 4.78 -42.53 -1.47
N TRP C 557 5.16 -42.73 -2.74
CA TRP C 557 4.75 -41.80 -3.79
C TRP C 557 3.26 -41.93 -4.09
N ALA C 558 2.80 -43.15 -4.35
CA ALA C 558 1.39 -43.39 -4.62
C ALA C 558 0.53 -43.33 -3.37
N GLU C 559 1.15 -43.28 -2.18
CA GLU C 559 0.49 -43.15 -0.88
C GLU C 559 -0.49 -44.30 -0.64
N LEU C 560 0.02 -45.52 -0.79
CA LEU C 560 -0.82 -46.71 -0.72
C LEU C 560 -1.22 -47.00 0.72
N SER C 561 -2.48 -47.38 0.88
CA SER C 561 -2.96 -47.94 2.14
C SER C 561 -2.63 -49.43 2.19
N GLU C 562 -3.13 -50.12 3.22
CA GLU C 562 -2.90 -51.56 3.27
C GLU C 562 -3.92 -52.31 2.44
N GLN C 563 -5.16 -51.82 2.38
CA GLN C 563 -6.17 -52.46 1.55
C GLN C 563 -6.03 -52.07 0.09
N GLU C 564 -5.38 -50.95 -0.21
CA GLU C 564 -5.01 -50.66 -1.60
C GLU C 564 -4.00 -51.67 -2.11
N ILE C 565 -3.03 -52.06 -1.28
CA ILE C 565 -2.09 -53.10 -1.66
C ILE C 565 -2.78 -54.46 -1.69
N ALA C 566 -3.67 -54.70 -0.73
CA ALA C 566 -4.37 -55.99 -0.65
C ALA C 566 -5.32 -56.19 -1.82
N LEU C 567 -5.80 -55.11 -2.43
CA LEU C 567 -6.64 -55.23 -3.61
C LEU C 567 -5.83 -55.61 -4.84
N ILE C 568 -4.57 -55.19 -4.91
CA ILE C 568 -3.72 -55.54 -6.05
C ILE C 568 -3.03 -56.89 -5.82
N LEU C 569 -2.97 -57.36 -4.58
CA LEU C 569 -2.47 -58.70 -4.28
C LEU C 569 -3.53 -59.78 -4.42
N LEU C 570 -4.68 -59.46 -4.99
CA LEU C 570 -5.64 -60.48 -5.38
C LEU C 570 -5.04 -61.36 -6.48
N PRO C 571 -5.42 -62.64 -6.58
CA PRO C 571 -4.70 -63.57 -7.47
C PRO C 571 -4.79 -63.26 -8.96
N ASN C 572 -5.66 -62.35 -9.40
CA ASN C 572 -5.58 -61.83 -10.75
C ASN C 572 -5.57 -60.32 -10.75
N GLY C 573 -6.21 -59.71 -9.76
CA GLY C 573 -6.15 -58.27 -9.54
C GLY C 573 -6.83 -57.44 -10.59
N ILE C 574 -6.05 -56.69 -11.37
CA ILE C 574 -6.58 -55.73 -12.34
C ILE C 574 -6.88 -56.41 -13.68
N ASP C 575 -6.54 -57.70 -13.82
CA ASP C 575 -6.80 -58.61 -14.94
C ASP C 575 -6.05 -58.26 -16.22
N ASN C 576 -5.22 -57.20 -16.24
CA ASN C 576 -4.32 -57.00 -17.37
C ASN C 576 -3.23 -58.07 -17.38
N ARG C 577 -2.66 -58.36 -16.22
CA ARG C 577 -1.76 -59.48 -16.02
C ARG C 577 -2.16 -60.21 -14.76
N GLY C 578 -1.32 -61.12 -14.27
CA GLY C 578 -1.62 -61.86 -13.07
C GLY C 578 -1.49 -61.04 -11.80
N SER C 579 -1.29 -61.75 -10.69
CA SER C 579 -1.15 -61.10 -9.40
C SER C 579 0.20 -60.40 -9.30
N ALA C 580 0.22 -59.27 -8.55
CA ALA C 580 1.38 -58.42 -8.28
C ALA C 580 2.09 -57.99 -9.56
N PRO C 581 1.56 -57.01 -10.29
CA PRO C 581 2.23 -56.55 -11.51
C PRO C 581 3.55 -55.84 -11.22
N SER C 582 4.46 -55.96 -12.18
CA SER C 582 5.81 -55.45 -12.03
C SER C 582 5.83 -53.93 -12.10
N PRO C 583 6.79 -53.27 -11.41
CA PRO C 583 6.83 -51.80 -11.43
C PRO C 583 7.34 -51.21 -12.73
N SER C 584 6.44 -51.04 -13.69
CA SER C 584 6.69 -50.35 -14.95
C SER C 584 5.95 -49.02 -14.94
N ILE C 585 5.93 -48.34 -16.08
CA ILE C 585 5.09 -47.16 -16.22
C ILE C 585 3.61 -47.53 -16.19
N THR C 586 3.27 -48.75 -16.65
CA THR C 586 1.87 -49.20 -16.68
C THR C 586 1.28 -49.29 -15.28
N LEU C 587 2.00 -49.91 -14.34
CA LEU C 587 1.58 -49.92 -12.94
C LEU C 587 1.55 -48.51 -12.35
N LEU C 588 2.53 -47.69 -12.69
CA LEU C 588 2.71 -46.41 -12.05
C LEU C 588 1.73 -45.36 -12.57
N LYS C 589 1.03 -45.64 -13.67
CA LYS C 589 -0.11 -44.84 -14.10
C LYS C 589 -1.44 -45.50 -13.78
N LEU C 590 -1.45 -46.83 -13.61
CA LEU C 590 -2.62 -47.50 -13.04
C LEU C 590 -2.91 -47.00 -11.63
N LEU C 591 -1.87 -46.81 -10.83
CA LEU C 591 -2.03 -46.27 -9.48
C LEU C 591 -2.50 -44.82 -9.52
N SER C 592 -2.10 -44.07 -10.55
CA SER C 592 -2.54 -42.69 -10.69
C SER C 592 -4.02 -42.61 -11.02
N GLU C 593 -4.47 -43.43 -11.98
CA GLU C 593 -5.89 -43.52 -12.28
C GLU C 593 -6.69 -44.08 -11.11
N PHE C 594 -6.06 -44.94 -10.30
CA PHE C 594 -6.68 -45.47 -9.09
C PHE C 594 -6.89 -44.38 -8.05
N LYS C 595 -5.90 -43.50 -7.88
CA LYS C 595 -6.07 -42.37 -6.96
C LYS C 595 -7.11 -41.38 -7.49
N LEU C 596 -7.20 -41.24 -8.82
CA LEU C 596 -8.27 -40.43 -9.41
C LEU C 596 -9.64 -41.04 -9.12
N CYS C 597 -9.73 -42.38 -9.12
CA CYS C 597 -10.97 -43.06 -8.73
C CYS C 597 -11.31 -42.80 -7.27
N GLN C 598 -10.29 -42.79 -6.40
CA GLN C 598 -10.55 -42.46 -5.00
C GLN C 598 -10.97 -41.01 -4.81
N GLN C 599 -10.50 -40.11 -5.68
CA GLN C 599 -10.89 -38.71 -5.55
C GLN C 599 -12.29 -38.45 -6.08
N GLU C 600 -12.70 -39.16 -7.13
CA GLU C 600 -13.95 -38.81 -7.81
C GLU C 600 -15.20 -39.22 -7.02
N ALA C 601 -15.11 -40.27 -6.20
CA ALA C 601 -16.31 -40.98 -5.76
C ALA C 601 -17.13 -40.24 -4.71
N LYS C 602 -16.49 -39.43 -3.86
CA LYS C 602 -17.14 -38.62 -2.82
C LYS C 602 -17.90 -39.46 -1.79
N VAL C 603 -17.50 -40.72 -1.60
CA VAL C 603 -18.06 -41.59 -0.59
C VAL C 603 -16.91 -42.19 0.22
N SER C 604 -17.25 -43.10 1.14
CA SER C 604 -16.24 -43.85 1.88
C SER C 604 -15.48 -44.76 0.93
N GLN C 605 -14.16 -44.82 1.10
CA GLN C 605 -13.36 -45.55 0.13
C GLN C 605 -13.32 -47.05 0.37
N SER C 606 -13.59 -47.51 1.59
CA SER C 606 -13.69 -48.95 1.83
C SER C 606 -14.90 -49.54 1.14
N GLU C 607 -15.95 -48.74 0.97
CA GLU C 607 -17.06 -49.10 0.08
C GLU C 607 -16.56 -49.33 -1.34
N LEU C 608 -15.66 -48.47 -1.82
CA LEU C 608 -15.10 -48.64 -3.16
C LEU C 608 -14.25 -49.89 -3.26
N PHE C 609 -13.50 -50.20 -2.20
CA PHE C 609 -12.67 -51.41 -2.26
C PHE C 609 -13.51 -52.66 -2.21
N ASP C 610 -14.64 -52.63 -1.49
CA ASP C 610 -15.54 -53.79 -1.50
C ASP C 610 -16.20 -53.97 -2.86
N ILE C 611 -16.69 -52.87 -3.47
CA ILE C 611 -17.31 -52.93 -4.79
C ILE C 611 -16.32 -53.41 -5.84
N MET C 612 -15.11 -52.86 -5.81
CA MET C 612 -14.06 -53.26 -6.73
C MET C 612 -13.61 -54.70 -6.48
N GLN C 613 -13.70 -55.17 -5.24
CA GLN C 613 -13.36 -56.56 -4.94
C GLN C 613 -14.41 -57.52 -5.47
N GLN C 614 -15.70 -57.15 -5.39
CA GLN C 614 -16.71 -57.98 -6.05
C GLN C 614 -16.60 -57.91 -7.57
N LEU C 615 -16.08 -56.80 -8.11
CA LEU C 615 -15.82 -56.77 -9.55
C LEU C 615 -14.62 -57.63 -9.93
N ILE C 616 -13.67 -57.84 -9.02
CA ILE C 616 -12.54 -58.72 -9.31
C ILE C 616 -12.90 -60.18 -9.03
N THR C 617 -13.55 -60.46 -7.90
CA THR C 617 -13.90 -61.83 -7.54
C THR C 617 -15.08 -62.32 -8.37
N ASP C 618 -15.57 -63.53 -8.07
CA ASP C 618 -16.46 -64.25 -8.97
C ASP C 618 -17.88 -64.43 -8.45
N THR C 619 -18.16 -64.08 -7.18
CA THR C 619 -19.44 -64.33 -6.48
C THR C 619 -19.86 -65.80 -6.54
N ASN C 620 -18.87 -66.69 -6.52
CA ASN C 620 -19.10 -68.12 -6.28
C ASN C 620 -18.25 -68.64 -5.14
N GLU C 621 -17.01 -68.19 -5.03
CA GLU C 621 -16.23 -68.45 -3.82
C GLU C 621 -16.70 -67.60 -2.66
N LYS C 622 -17.23 -66.40 -2.95
CA LYS C 622 -17.67 -65.49 -1.91
C LYS C 622 -18.93 -66.03 -1.23
N GLN C 623 -19.87 -66.58 -2.00
CA GLN C 623 -21.11 -67.09 -1.43
C GLN C 623 -20.87 -68.33 -0.58
N GLU C 624 -20.03 -69.25 -1.05
CA GLU C 624 -19.71 -70.42 -0.25
C GLU C 624 -18.86 -70.06 0.96
N LYS C 625 -18.05 -69.00 0.86
CA LYS C 625 -17.27 -68.57 2.01
C LYS C 625 -18.17 -67.94 3.07
N LEU C 626 -19.21 -67.21 2.64
CA LEU C 626 -20.20 -66.71 3.58
C LEU C 626 -21.00 -67.84 4.21
N ARG C 627 -21.32 -68.88 3.44
CA ARG C 627 -22.00 -70.04 4.00
C ARG C 627 -21.14 -70.79 5.01
N ASN C 628 -19.82 -70.87 4.76
CA ASN C 628 -18.92 -71.52 5.70
C ASN C 628 -18.79 -70.71 6.99
N SER C 629 -18.59 -69.40 6.87
CA SER C 629 -18.51 -68.53 8.04
C SER C 629 -19.85 -68.37 8.75
N ALA C 630 -20.95 -68.77 8.11
CA ALA C 630 -22.26 -68.75 8.72
C ALA C 630 -22.54 -70.04 9.50
N ASP C 631 -22.20 -71.18 8.89
CA ASP C 631 -22.31 -72.44 9.61
C ASP C 631 -21.32 -72.55 10.75
N LYS C 632 -20.22 -71.78 10.71
CA LYS C 632 -19.31 -71.73 11.84
C LYS C 632 -19.97 -71.10 13.06
N VAL C 633 -20.75 -70.04 12.88
CA VAL C 633 -21.36 -69.43 14.06
C VAL C 633 -22.59 -70.22 14.51
N ILE C 634 -23.28 -70.92 13.58
CA ILE C 634 -24.31 -71.87 13.99
C ILE C 634 -23.71 -72.98 14.86
N ARG C 635 -22.56 -73.50 14.42
CA ARG C 635 -21.85 -74.54 15.17
C ARG C 635 -21.41 -74.04 16.54
N SER C 636 -20.93 -72.80 16.62
CA SER C 636 -20.43 -72.29 17.89
C SER C 636 -21.57 -72.03 18.89
N ILE C 637 -22.70 -71.51 18.42
CA ILE C 637 -23.81 -71.26 19.33
C ILE C 637 -24.46 -72.57 19.80
N ALA C 638 -24.57 -73.55 18.89
CA ALA C 638 -25.06 -74.87 19.28
C ALA C 638 -24.10 -75.57 20.23
N LYS C 639 -22.79 -75.37 20.06
CA LYS C 639 -21.81 -75.95 20.97
C LYS C 639 -21.86 -75.29 22.34
N SER C 640 -22.14 -73.99 22.39
CA SER C 640 -22.27 -73.30 23.67
C SER C 640 -23.50 -73.78 24.43
N ILE C 641 -24.62 -74.00 23.73
CA ILE C 641 -25.81 -74.52 24.40
C ILE C 641 -25.61 -75.97 24.83
N GLY C 642 -24.91 -76.76 24.01
CA GLY C 642 -24.59 -78.14 24.41
C GLY C 642 -23.62 -78.22 25.57
N SER C 643 -22.76 -77.20 25.74
CA SER C 643 -21.86 -77.18 26.87
C SER C 643 -22.54 -76.62 28.13
N ILE C 644 -23.57 -75.79 27.98
CA ILE C 644 -24.21 -75.27 29.19
C ILE C 644 -25.28 -76.22 29.69
N ASN C 645 -25.85 -77.06 28.81
CA ASN C 645 -26.87 -78.01 29.24
C ASN C 645 -26.25 -79.13 30.08
N ASN C 646 -24.98 -79.44 29.84
CA ASN C 646 -24.27 -80.43 30.64
C ASN C 646 -24.07 -79.94 32.07
N SER C 647 -23.71 -78.66 32.23
CA SER C 647 -23.54 -78.11 33.57
C SER C 647 -24.88 -77.96 34.29
N MET C 648 -25.94 -77.63 33.55
CA MET C 648 -27.27 -77.59 34.16
C MET C 648 -27.72 -78.96 34.61
N ASP C 649 -27.42 -80.01 33.82
CA ASP C 649 -27.75 -81.38 34.21
C ASP C 649 -26.92 -81.81 35.41
N ASP C 650 -25.66 -81.37 35.49
CA ASP C 650 -24.81 -81.69 36.64
C ASP C 650 -25.34 -81.04 37.92
N ILE C 651 -25.74 -79.77 37.84
CA ILE C 651 -26.29 -79.09 39.02
C ILE C 651 -27.63 -79.71 39.42
N ASP C 652 -28.45 -80.10 38.44
CA ASP C 652 -29.73 -80.74 38.75
C ASP C 652 -29.52 -82.11 39.40
N SER C 653 -28.52 -82.86 38.93
CA SER C 653 -28.23 -84.17 39.52
C SER C 653 -27.70 -84.04 40.94
N THR C 654 -26.83 -83.05 41.20
CA THR C 654 -26.32 -82.86 42.56
C THR C 654 -27.41 -82.36 43.51
N ILE C 655 -28.34 -81.52 43.03
CA ILE C 655 -29.44 -81.08 43.86
C ILE C 655 -30.39 -82.23 44.15
N SER C 656 -30.61 -83.13 43.18
CA SER C 656 -31.45 -84.29 43.42
C SER C 656 -30.79 -85.27 44.41
N ILE C 657 -29.46 -85.40 44.35
CA ILE C 657 -28.74 -86.24 45.31
C ILE C 657 -28.81 -85.65 46.71
N ARG C 658 -28.59 -84.34 46.84
CA ARG C 658 -28.63 -83.73 48.17
C ARG C 658 -30.05 -83.62 48.72
N ASN C 659 -31.06 -83.67 47.86
CA ASN C 659 -32.43 -83.78 48.37
C ASN C 659 -32.76 -85.21 48.78
N GLY C 660 -32.25 -86.20 48.04
CA GLY C 660 -32.49 -87.59 48.40
C GLY C 660 -31.76 -88.03 49.66
N SER C 661 -30.59 -87.43 49.93
CA SER C 661 -29.82 -87.78 51.11
C SER C 661 -30.34 -87.12 52.39
N ALA C 662 -31.30 -86.21 52.28
CA ALA C 662 -31.85 -85.54 53.45
C ALA C 662 -32.92 -86.43 54.10
N THR C 663 -32.85 -86.52 55.43
CA THR C 663 -33.84 -87.21 56.25
C THR C 663 -34.47 -86.18 57.19
N LEU C 664 -35.18 -86.69 58.20
CA LEU C 664 -35.97 -85.84 59.10
C LEU C 664 -35.07 -84.87 59.88
N PHE C 665 -34.00 -85.39 60.51
CA PHE C 665 -33.02 -84.67 61.31
C PHE C 665 -33.63 -83.80 62.40
N PRO C 666 -34.09 -84.38 63.52
CA PRO C 666 -34.73 -83.58 64.59
C PRO C 666 -33.82 -82.56 65.25
N PRO C 667 -32.49 -82.61 65.13
CA PRO C 667 -31.75 -81.33 65.24
C PRO C 667 -31.81 -80.58 63.92
N GLU C 668 -32.46 -79.42 63.94
CA GLU C 668 -32.68 -78.66 62.71
C GLU C 668 -31.54 -77.68 62.44
N HIS C 669 -31.37 -76.70 63.32
CA HIS C 669 -30.24 -75.78 63.22
C HIS C 669 -28.86 -76.41 63.50
N PRO C 670 -28.69 -77.52 64.29
CA PRO C 670 -27.36 -78.18 64.26
C PRO C 670 -27.02 -78.85 62.93
N MET C 671 -27.92 -79.66 62.41
CA MET C 671 -27.51 -80.55 61.33
C MET C 671 -28.32 -80.37 60.05
N TYR C 672 -29.63 -80.12 60.15
CA TYR C 672 -30.46 -79.96 58.96
C TYR C 672 -30.22 -78.61 58.28
N LYS C 673 -29.70 -77.62 59.01
CA LYS C 673 -29.51 -76.28 58.46
C LYS C 673 -28.10 -76.15 57.85
N ALA C 674 -27.78 -77.12 57.00
CA ALA C 674 -26.65 -77.02 56.09
C ALA C 674 -26.98 -77.45 54.67
N LEU C 675 -27.94 -78.36 54.47
CA LEU C 675 -28.33 -78.78 53.14
C LEU C 675 -29.29 -77.80 52.47
N LYS C 676 -30.07 -77.05 53.27
CA LYS C 676 -31.02 -76.10 52.71
C LYS C 676 -30.31 -74.94 52.03
N LEU C 677 -29.25 -74.42 52.66
CA LEU C 677 -28.46 -73.37 52.01
C LEU C 677 -27.68 -73.92 50.83
N GLU C 678 -27.22 -75.17 50.91
CA GLU C 678 -26.46 -75.78 49.84
C GLU C 678 -27.33 -76.12 48.63
N VAL C 679 -28.65 -76.23 48.82
CA VAL C 679 -29.56 -76.34 47.68
C VAL C 679 -29.96 -74.96 47.16
N SER C 680 -30.28 -74.03 48.09
CA SER C 680 -30.76 -72.72 47.72
C SER C 680 -29.70 -71.86 47.04
N ASN C 681 -28.42 -72.11 47.30
CA ASN C 681 -27.37 -71.38 46.59
C ASN C 681 -27.21 -71.88 45.17
N LEU C 682 -27.43 -73.18 44.94
CA LEU C 682 -27.35 -73.73 43.59
C LEU C 682 -28.62 -73.47 42.79
N GLU C 683 -29.73 -73.17 43.47
CA GLU C 683 -30.94 -72.71 42.77
C GLU C 683 -30.68 -71.43 41.99
N LYS C 684 -29.89 -70.51 42.57
CA LYS C 684 -29.51 -69.28 41.86
C LYS C 684 -28.62 -69.58 40.66
N SER C 685 -27.77 -70.61 40.75
CA SER C 685 -26.98 -71.01 39.60
C SER C 685 -27.85 -71.58 38.50
N LYS C 686 -28.90 -72.33 38.87
CA LYS C 686 -29.87 -72.81 37.89
C LYS C 686 -30.58 -71.66 37.20
N ILE C 687 -30.94 -70.62 37.96
CA ILE C 687 -31.61 -69.45 37.40
C ILE C 687 -30.66 -68.70 36.45
N GLN C 688 -29.37 -68.62 36.81
CA GLN C 688 -28.39 -67.97 35.94
C GLN C 688 -28.16 -68.75 34.65
N LEU C 689 -28.13 -70.08 34.73
CA LEU C 689 -27.93 -70.88 33.52
C LEU C 689 -29.17 -70.81 32.62
N GLU C 690 -30.37 -70.74 33.21
CA GLU C 690 -31.56 -70.53 32.40
C GLU C 690 -31.58 -69.12 31.78
N GLY C 691 -31.05 -68.13 32.50
CA GLY C 691 -30.95 -66.80 31.93
C GLY C 691 -29.97 -66.72 30.77
N LYS C 692 -28.90 -67.50 30.82
CA LYS C 692 -28.01 -67.59 29.67
C LYS C 692 -28.66 -68.34 28.51
N LYS C 693 -29.42 -69.39 28.82
CA LYS C 693 -30.02 -70.22 27.78
C LYS C 693 -31.13 -69.47 27.04
N LYS C 694 -31.89 -68.64 27.75
CA LYS C 694 -32.97 -67.89 27.10
C LYS C 694 -32.48 -66.77 26.20
N GLU C 695 -31.19 -66.44 26.23
CA GLU C 695 -30.61 -65.54 25.25
C GLU C 695 -29.82 -66.28 24.17
N GLU C 696 -29.23 -67.43 24.50
CA GLU C 696 -28.57 -68.21 23.45
C GLU C 696 -29.57 -68.86 22.50
N GLU C 697 -30.80 -69.09 22.94
CA GLU C 697 -31.85 -69.51 22.00
C GLU C 697 -32.19 -68.39 21.02
N ILE C 698 -32.19 -67.14 21.49
CA ILE C 698 -32.38 -66.00 20.59
C ILE C 698 -31.20 -65.87 19.64
N LYS C 699 -30.00 -66.22 20.10
CA LYS C 699 -28.84 -66.26 19.21
C LYS C 699 -29.00 -67.31 18.11
N LEU C 700 -29.51 -68.50 18.46
CA LEU C 700 -29.80 -69.51 17.44
C LEU C 700 -30.85 -69.05 16.44
N GLU C 701 -31.92 -68.40 16.93
CA GLU C 701 -32.99 -67.97 16.04
C GLU C 701 -32.52 -66.87 15.09
N GLN C 702 -31.74 -65.91 15.61
CA GLN C 702 -31.22 -64.84 14.77
C GLN C 702 -30.20 -65.35 13.77
N ALA C 703 -29.40 -66.35 14.15
CA ALA C 703 -28.47 -66.98 13.21
C ALA C 703 -29.22 -67.69 12.10
N LYS C 704 -30.16 -68.57 12.45
CA LYS C 704 -30.92 -69.33 11.45
C LYS C 704 -31.84 -68.43 10.61
N ASP C 705 -32.13 -67.22 11.07
CA ASP C 705 -32.83 -66.27 10.20
C ASP C 705 -31.87 -65.55 9.26
N ASN C 706 -30.72 -65.10 9.75
CA ASN C 706 -29.79 -64.33 8.91
C ASN C 706 -28.91 -65.20 8.04
N ILE C 707 -29.03 -66.52 8.10
CA ILE C 707 -28.22 -67.41 7.30
C ILE C 707 -29.03 -68.11 6.21
N GLN C 708 -30.34 -68.27 6.40
CA GLN C 708 -31.22 -68.79 5.35
C GLN C 708 -31.73 -67.71 4.42
N SER C 709 -30.99 -66.60 4.27
CA SER C 709 -31.41 -65.49 3.41
C SER C 709 -30.30 -65.03 2.47
N LEU C 710 -29.29 -65.86 2.25
CA LEU C 710 -28.16 -65.49 1.39
C LEU C 710 -28.35 -66.14 0.02
N ILE C 711 -29.26 -65.57 -0.77
CA ILE C 711 -29.63 -66.16 -2.06
C ILE C 711 -29.45 -65.14 -3.18
N ASN C 712 -29.58 -63.86 -2.85
CA ASN C 712 -29.93 -62.82 -3.83
C ASN C 712 -28.71 -62.20 -4.51
N ASN C 713 -27.61 -62.93 -4.64
CA ASN C 713 -26.45 -62.43 -5.37
C ASN C 713 -26.66 -62.71 -6.86
N TRP C 714 -26.89 -61.65 -7.62
CA TRP C 714 -27.29 -61.78 -9.02
C TRP C 714 -26.42 -60.93 -9.95
N ASP C 715 -25.31 -60.38 -9.45
CA ASP C 715 -24.22 -59.72 -10.18
C ASP C 715 -24.60 -58.40 -10.83
N SER C 716 -25.86 -58.01 -10.80
CA SER C 716 -26.26 -56.71 -11.34
C SER C 716 -26.31 -55.64 -10.25
N GLU C 717 -26.23 -56.03 -8.98
CA GLU C 717 -26.28 -55.10 -7.87
C GLU C 717 -24.96 -54.36 -7.66
N ILE C 718 -23.87 -54.83 -8.27
CA ILE C 718 -22.58 -54.21 -8.08
C ILE C 718 -22.48 -52.91 -8.86
N ILE C 719 -23.06 -52.88 -10.06
CA ILE C 719 -23.09 -51.64 -10.83
C ILE C 719 -24.11 -50.68 -10.23
N ILE C 720 -25.13 -51.22 -9.56
CA ILE C 720 -26.02 -50.40 -8.75
C ILE C 720 -25.27 -49.77 -7.58
N ARG C 721 -24.32 -50.51 -6.99
CA ARG C 721 -23.47 -49.94 -5.96
C ARG C 721 -22.50 -48.91 -6.53
N LEU C 722 -22.06 -49.09 -7.77
CA LEU C 722 -21.25 -48.06 -8.43
C LEU C 722 -22.06 -46.79 -8.67
N ALA C 723 -23.30 -46.91 -9.12
CA ALA C 723 -24.17 -45.76 -9.30
C ALA C 723 -24.60 -45.16 -7.96
N ASP C 724 -24.49 -45.92 -6.86
CA ASP C 724 -24.65 -45.34 -5.54
C ASP C 724 -23.41 -44.56 -5.13
N ALA C 725 -22.22 -45.13 -5.37
CA ALA C 725 -20.98 -44.50 -4.91
C ALA C 725 -20.64 -43.28 -5.75
N TYR C 726 -20.37 -43.47 -7.03
CA TYR C 726 -20.29 -42.35 -7.95
C TYR C 726 -21.70 -41.84 -8.20
N HIS C 727 -21.86 -40.52 -8.21
CA HIS C 727 -23.21 -39.92 -8.31
C HIS C 727 -23.72 -40.05 -9.74
N TRP C 728 -24.11 -41.27 -10.09
CA TRP C 728 -24.69 -41.64 -11.37
C TRP C 728 -26.15 -41.98 -11.14
N ASP C 729 -26.79 -42.50 -12.19
CA ASP C 729 -28.13 -43.04 -12.08
C ASP C 729 -28.11 -44.49 -12.57
N ILE C 730 -29.18 -45.21 -12.24
CA ILE C 730 -29.21 -46.66 -12.44
C ILE C 730 -29.30 -47.00 -13.92
N ASN C 731 -30.15 -46.29 -14.65
CA ASN C 731 -30.50 -46.64 -16.02
C ASN C 731 -29.32 -46.42 -16.96
N ILE C 732 -28.68 -45.25 -16.88
CA ILE C 732 -27.57 -44.94 -17.78
C ILE C 732 -26.36 -45.82 -17.45
N ALA C 733 -26.05 -45.98 -16.17
CA ALA C 733 -24.86 -46.74 -15.78
C ALA C 733 -25.03 -48.24 -15.99
N ASN C 734 -26.26 -48.74 -16.12
CA ASN C 734 -26.41 -50.15 -16.47
C ASN C 734 -26.54 -50.36 -17.98
N SER C 735 -27.22 -49.45 -18.68
CA SER C 735 -27.35 -49.56 -20.13
C SER C 735 -26.01 -49.34 -20.82
N MET C 736 -25.16 -48.46 -20.28
CA MET C 736 -23.82 -48.32 -20.84
C MET C 736 -22.98 -49.57 -20.63
N PHE C 737 -23.07 -50.20 -19.46
CA PHE C 737 -22.29 -51.40 -19.22
C PHE C 737 -22.71 -52.53 -20.15
N ILE C 738 -24.02 -52.74 -20.31
CA ILE C 738 -24.50 -53.79 -21.19
C ILE C 738 -24.15 -53.49 -22.64
N LEU C 739 -24.40 -52.26 -23.11
CA LEU C 739 -24.17 -51.95 -24.51
C LEU C 739 -22.70 -51.77 -24.86
N ILE C 740 -21.81 -51.60 -23.89
CA ILE C 740 -20.37 -51.68 -24.18
C ILE C 740 -19.93 -53.14 -24.23
N PHE C 741 -20.20 -53.89 -23.16
CA PHE C 741 -19.56 -55.18 -22.99
C PHE C 741 -20.36 -56.34 -23.58
N GLY C 742 -21.45 -56.07 -24.29
CA GLY C 742 -22.25 -57.14 -24.88
C GLY C 742 -21.55 -57.91 -25.98
N GLU C 743 -20.50 -57.34 -26.57
CA GLU C 743 -19.71 -58.07 -27.56
C GLU C 743 -18.72 -59.02 -26.90
N LYS C 744 -18.31 -58.74 -25.67
CA LYS C 744 -17.24 -59.48 -25.02
C LYS C 744 -17.73 -60.51 -24.02
N ILE C 745 -18.79 -60.21 -23.26
CA ILE C 745 -19.33 -61.14 -22.29
C ILE C 745 -20.80 -61.40 -22.58
N ASN C 746 -21.44 -62.24 -21.76
CA ASN C 746 -22.69 -62.91 -22.14
C ASN C 746 -23.93 -62.04 -21.96
N PHE C 747 -24.17 -61.54 -20.75
CA PHE C 747 -25.37 -60.80 -20.34
C PHE C 747 -26.64 -61.63 -20.56
N THR C 748 -26.74 -62.71 -19.78
CA THR C 748 -28.00 -63.44 -19.68
C THR C 748 -28.93 -62.71 -18.73
N PHE C 749 -30.07 -62.27 -19.23
CA PHE C 749 -31.01 -61.51 -18.42
C PHE C 749 -31.85 -62.45 -17.55
N HIS C 750 -32.83 -61.88 -16.85
CA HIS C 750 -33.64 -62.63 -15.90
C HIS C 750 -35.01 -62.92 -16.48
N TYR C 751 -35.56 -64.07 -16.11
CA TYR C 751 -36.84 -64.56 -16.62
C TYR C 751 -37.99 -63.71 -16.06
N GLU C 752 -39.16 -63.84 -16.70
CA GLU C 752 -40.39 -63.07 -16.40
C GLU C 752 -40.17 -61.57 -16.56
N ASN C 753 -39.28 -61.19 -17.48
CA ASN C 753 -38.93 -59.79 -17.70
C ASN C 753 -38.77 -59.48 -19.19
N ARG C 754 -39.58 -60.13 -20.04
CA ARG C 754 -39.49 -59.89 -21.49
C ARG C 754 -39.93 -58.47 -21.84
N ASN C 755 -41.14 -58.08 -21.43
CA ASN C 755 -41.62 -56.73 -21.65
C ASN C 755 -40.96 -55.71 -20.72
N ASP C 756 -40.26 -56.17 -19.70
CA ASP C 756 -39.69 -55.26 -18.70
C ASP C 756 -38.47 -54.54 -19.23
N TYR C 757 -37.65 -55.21 -20.05
CA TYR C 757 -36.42 -54.64 -20.58
C TYR C 757 -36.65 -54.29 -22.04
N HIS C 758 -37.18 -53.09 -22.28
CA HIS C 758 -37.34 -52.60 -23.65
C HIS C 758 -35.99 -52.18 -24.21
N TYR C 759 -35.66 -52.71 -25.39
CA TYR C 759 -34.43 -52.35 -26.08
C TYR C 759 -34.74 -51.73 -27.42
N GLU C 760 -34.12 -50.59 -27.70
CA GLU C 760 -34.17 -49.96 -29.02
C GLU C 760 -32.77 -49.49 -29.40
N GLU C 761 -32.63 -49.08 -30.66
CA GLU C 761 -31.31 -48.79 -31.20
C GLU C 761 -30.79 -47.44 -30.72
N HIS C 762 -31.69 -46.45 -30.60
CA HIS C 762 -31.27 -45.09 -30.32
C HIS C 762 -31.02 -44.88 -28.83
N TYR C 763 -31.86 -45.45 -27.96
CA TYR C 763 -31.72 -45.33 -26.51
C TYR C 763 -32.03 -46.70 -25.93
N GLY C 764 -30.99 -47.52 -25.79
CA GLY C 764 -31.17 -48.91 -25.43
C GLY C 764 -31.32 -49.15 -23.93
N TYR C 765 -32.12 -50.18 -23.61
CA TYR C 765 -32.28 -50.74 -22.27
C TYR C 765 -32.78 -49.68 -21.28
N ARG C 766 -34.07 -49.36 -21.43
CA ARG C 766 -34.71 -48.34 -20.60
C ARG C 766 -34.90 -48.77 -19.15
N PHE C 767 -34.95 -50.07 -18.86
CA PHE C 767 -35.00 -50.64 -17.51
C PHE C 767 -36.21 -50.12 -16.72
N GLU C 768 -37.39 -50.55 -17.16
CA GLU C 768 -38.64 -50.14 -16.52
C GLU C 768 -38.73 -50.57 -15.06
N GLN C 769 -38.01 -51.62 -14.66
CA GLN C 769 -37.87 -51.99 -13.26
C GLN C 769 -36.40 -52.08 -12.90
N LYS C 770 -36.08 -52.68 -11.75
CA LYS C 770 -34.69 -52.87 -11.34
C LYS C 770 -33.99 -53.84 -12.29
N PRO C 771 -32.79 -53.49 -12.77
CA PRO C 771 -32.09 -54.37 -13.72
C PRO C 771 -31.48 -55.59 -13.03
N MET C 772 -31.76 -56.76 -13.61
CA MET C 772 -31.37 -58.04 -13.03
C MET C 772 -30.71 -58.88 -14.11
N TYR C 773 -29.38 -58.95 -14.09
CA TYR C 773 -28.66 -59.69 -15.10
C TYR C 773 -27.32 -60.20 -14.58
N SER C 774 -26.97 -61.42 -14.97
CA SER C 774 -25.65 -61.99 -14.75
C SER C 774 -24.80 -61.78 -15.99
N PHE C 775 -23.49 -61.61 -15.82
CA PHE C 775 -22.69 -61.20 -16.97
C PHE C 775 -21.35 -61.91 -17.10
N ASP C 776 -21.16 -63.04 -16.41
CA ASP C 776 -20.05 -63.98 -16.63
C ASP C 776 -18.68 -63.30 -16.41
N LYS C 777 -18.39 -63.05 -15.13
CA LYS C 777 -17.20 -62.31 -14.72
C LYS C 777 -15.88 -63.00 -15.02
N LYS C 778 -14.78 -62.38 -14.55
CA LYS C 778 -13.37 -62.71 -14.83
C LYS C 778 -13.11 -62.93 -16.33
N LEU C 779 -13.76 -62.12 -17.15
CA LEU C 779 -13.47 -62.06 -18.58
C LEU C 779 -13.28 -60.62 -19.04
N THR C 780 -13.84 -59.65 -18.31
CA THR C 780 -13.50 -58.24 -18.46
C THR C 780 -12.22 -57.93 -17.70
N ASN C 781 -11.83 -56.66 -17.71
CA ASN C 781 -10.73 -56.17 -16.90
C ASN C 781 -11.35 -55.47 -15.69
N GLY C 782 -11.15 -56.04 -14.50
CA GLY C 782 -11.93 -55.73 -13.31
C GLY C 782 -11.80 -54.31 -12.79
N PHE C 783 -10.80 -53.55 -13.23
CA PHE C 783 -10.66 -52.15 -12.84
C PHE C 783 -10.57 -51.20 -14.03
N GLY C 784 -10.07 -51.64 -15.18
CA GLY C 784 -10.12 -50.81 -16.37
C GLY C 784 -11.52 -50.61 -16.91
N SER C 785 -12.45 -51.50 -16.56
CA SER C 785 -13.84 -51.34 -17.00
C SER C 785 -14.51 -50.17 -16.28
N ILE C 786 -14.16 -49.95 -15.01
CA ILE C 786 -14.62 -48.76 -14.29
C ILE C 786 -14.07 -47.51 -14.95
N LEU C 787 -12.81 -47.57 -15.39
CA LEU C 787 -12.19 -46.44 -16.08
C LEU C 787 -12.81 -46.20 -17.45
N LEU C 788 -13.34 -47.24 -18.09
CA LEU C 788 -14.09 -47.03 -19.32
C LEU C 788 -15.45 -46.39 -19.02
N LEU C 789 -16.18 -46.95 -18.05
CA LEU C 789 -17.53 -46.48 -17.70
C LEU C 789 -17.53 -45.04 -17.21
N LYS C 790 -16.47 -44.61 -16.53
CA LYS C 790 -16.36 -43.21 -16.11
C LYS C 790 -16.33 -42.27 -17.30
N ASN C 791 -15.47 -42.55 -18.28
CA ASN C 791 -15.35 -41.64 -19.42
C ASN C 791 -16.57 -41.71 -20.32
N HIS C 792 -17.20 -42.88 -20.43
CA HIS C 792 -18.44 -43.02 -21.18
C HIS C 792 -19.57 -42.22 -20.56
N ILE C 793 -19.77 -42.35 -19.25
CA ILE C 793 -20.83 -41.62 -18.58
C ILE C 793 -20.46 -40.14 -18.44
N TYR C 794 -19.17 -39.81 -18.47
CA TYR C 794 -18.74 -38.42 -18.43
C TYR C 794 -19.03 -37.72 -19.75
N ILE C 795 -18.87 -38.42 -20.87
CA ILE C 795 -19.27 -37.86 -22.16
C ILE C 795 -20.80 -37.82 -22.27
N ALA C 796 -21.48 -38.78 -21.64
CA ALA C 796 -22.95 -38.78 -21.60
C ALA C 796 -23.48 -37.58 -20.82
N GLU C 797 -22.80 -37.21 -19.75
CA GLU C 797 -23.24 -36.09 -18.93
C GLU C 797 -22.71 -34.75 -19.42
N LYS C 798 -21.65 -34.76 -20.22
CA LYS C 798 -21.06 -33.52 -20.70
C LYS C 798 -21.72 -33.04 -21.99
N LEU C 799 -21.83 -33.93 -22.99
CA LEU C 799 -22.50 -33.54 -24.22
C LEU C 799 -24.00 -33.72 -24.16
N LYS C 800 -24.51 -34.37 -23.11
CA LYS C 800 -25.94 -34.58 -22.85
C LYS C 800 -26.62 -35.31 -24.01
N ILE C 801 -26.12 -36.52 -24.28
CA ILE C 801 -26.63 -37.37 -25.33
C ILE C 801 -27.33 -38.53 -24.63
N HIS C 802 -27.97 -39.40 -25.39
CA HIS C 802 -28.40 -40.67 -24.84
C HIS C 802 -27.20 -41.59 -24.68
N PRO C 803 -27.28 -42.55 -23.77
CA PRO C 803 -26.27 -43.62 -23.72
C PRO C 803 -26.31 -44.57 -24.91
N GLY C 804 -27.41 -44.64 -25.64
CA GLY C 804 -27.48 -45.53 -26.78
C GLY C 804 -26.83 -45.03 -28.05
N THR C 805 -26.34 -43.79 -28.07
CA THR C 805 -25.74 -43.21 -29.27
C THR C 805 -24.26 -42.86 -29.12
N ILE C 806 -23.71 -42.93 -27.89
CA ILE C 806 -22.26 -42.82 -27.74
C ILE C 806 -21.58 -44.01 -28.42
N ILE C 807 -22.23 -45.17 -28.37
CA ILE C 807 -21.71 -46.33 -29.08
C ILE C 807 -21.92 -46.22 -30.59
N LYS C 808 -22.90 -45.43 -31.04
CA LYS C 808 -22.96 -45.12 -32.47
C LYS C 808 -21.87 -44.13 -32.88
N ILE C 809 -21.50 -43.22 -31.99
CA ILE C 809 -20.32 -42.38 -32.21
C ILE C 809 -19.07 -43.25 -32.27
N LYS C 810 -19.00 -44.27 -31.42
CA LYS C 810 -17.88 -45.21 -31.45
C LYS C 810 -17.86 -46.02 -32.74
N ASN C 811 -19.03 -46.38 -33.25
CA ASN C 811 -19.10 -47.08 -34.52
C ASN C 811 -18.65 -46.20 -35.67
N TYR C 812 -19.05 -44.93 -35.65
CA TYR C 812 -18.61 -43.98 -36.68
C TYR C 812 -17.10 -43.73 -36.61
N ILE C 813 -16.53 -43.70 -35.41
CA ILE C 813 -15.10 -43.45 -35.30
C ILE C 813 -14.29 -44.70 -35.64
N PHE C 814 -14.53 -45.80 -34.93
CA PHE C 814 -13.65 -46.97 -35.01
C PHE C 814 -14.06 -47.97 -36.07
N ASP C 815 -15.29 -47.89 -36.59
CA ASP C 815 -15.76 -48.84 -37.59
C ASP C 815 -16.32 -48.18 -38.84
N ASP C 816 -16.56 -46.87 -38.81
CA ASP C 816 -16.72 -46.02 -39.99
C ASP C 816 -17.95 -46.36 -40.83
N LYS C 817 -19.11 -46.42 -40.18
CA LYS C 817 -20.34 -46.72 -40.90
C LYS C 817 -20.73 -45.56 -41.81
N SER C 818 -20.66 -44.33 -41.29
CA SER C 818 -20.97 -43.06 -41.97
C SER C 818 -22.42 -42.96 -42.44
N ASN C 819 -23.29 -43.87 -42.01
CA ASN C 819 -24.72 -43.76 -42.19
C ASN C 819 -25.40 -43.33 -40.90
N GLU C 820 -24.64 -43.20 -39.81
CA GLU C 820 -25.16 -42.83 -38.51
C GLU C 820 -25.14 -41.34 -38.26
N LEU C 821 -24.64 -40.54 -39.21
CA LEU C 821 -24.50 -39.11 -39.00
C LEU C 821 -25.85 -38.40 -38.94
N GLU C 822 -26.86 -38.94 -39.63
CA GLU C 822 -28.21 -38.43 -39.52
C GLU C 822 -28.82 -38.65 -38.14
N ASN C 823 -28.27 -39.57 -37.34
CA ASN C 823 -28.71 -39.77 -35.98
C ASN C 823 -27.91 -38.92 -35.00
N ILE C 824 -26.58 -38.94 -35.13
CA ILE C 824 -25.72 -38.24 -34.18
C ILE C 824 -25.90 -36.74 -34.32
N ALA C 825 -26.11 -36.25 -35.54
CA ALA C 825 -26.35 -34.82 -35.72
C ALA C 825 -27.71 -34.41 -35.19
N ASN C 826 -28.71 -35.30 -35.29
CA ASN C 826 -30.02 -34.98 -34.76
C ASN C 826 -30.08 -35.07 -33.24
N LYS C 827 -29.17 -35.81 -32.62
CA LYS C 827 -29.22 -35.98 -31.17
C LYS C 827 -28.00 -35.41 -30.44
N LEU C 828 -27.13 -34.69 -31.15
CA LEU C 828 -26.24 -33.73 -30.48
C LEU C 828 -26.85 -32.34 -30.41
N ARG C 829 -28.06 -32.19 -30.95
CA ARG C 829 -28.81 -30.96 -30.98
C ARG C 829 -29.72 -30.85 -29.76
N VAL C 830 -29.60 -31.77 -28.81
CA VAL C 830 -30.61 -31.98 -27.78
C VAL C 830 -30.56 -30.87 -26.73
N ASN C 831 -29.44 -30.75 -26.04
CA ASN C 831 -29.22 -29.63 -25.13
C ASN C 831 -28.19 -28.66 -25.65
N LEU C 832 -27.53 -28.98 -26.76
CA LEU C 832 -26.55 -28.12 -27.38
C LEU C 832 -27.10 -27.58 -28.69
N GLY C 833 -26.57 -26.44 -29.12
CA GLY C 833 -27.07 -25.79 -30.32
C GLY C 833 -28.44 -25.18 -30.12
N SER C 834 -28.60 -24.41 -29.05
CA SER C 834 -29.85 -23.73 -28.78
C SER C 834 -30.07 -22.60 -29.80
N PRO C 835 -31.32 -22.26 -30.11
CA PRO C 835 -31.58 -21.17 -31.08
C PRO C 835 -31.21 -19.78 -30.58
N THR C 836 -30.83 -19.62 -29.32
CA THR C 836 -30.24 -18.38 -28.81
C THR C 836 -28.84 -18.72 -28.32
N SER C 837 -27.89 -18.75 -29.25
CA SER C 837 -26.50 -19.06 -28.98
C SER C 837 -25.65 -18.51 -30.12
N THR C 838 -24.39 -18.92 -30.17
CA THR C 838 -23.48 -18.52 -31.24
C THR C 838 -23.04 -19.68 -32.12
N VAL C 839 -23.32 -20.92 -31.72
CA VAL C 839 -22.94 -22.08 -32.53
C VAL C 839 -23.78 -22.13 -33.80
N LEU C 840 -25.05 -21.75 -33.71
CA LEU C 840 -25.93 -21.77 -34.88
C LEU C 840 -25.56 -20.69 -35.88
N ASN C 841 -24.89 -19.62 -35.44
CA ASN C 841 -24.31 -18.66 -36.37
C ASN C 841 -23.20 -19.31 -37.21
N LYS C 842 -22.36 -20.14 -36.59
CA LYS C 842 -21.32 -20.83 -37.34
C LYS C 842 -21.90 -21.92 -38.23
N ILE C 843 -23.00 -22.53 -37.80
CA ILE C 843 -23.76 -23.45 -38.66
C ILE C 843 -24.23 -22.74 -39.91
N ASN C 844 -24.80 -21.54 -39.75
CA ASN C 844 -25.31 -20.79 -40.89
C ASN C 844 -24.19 -20.29 -41.80
N GLU C 845 -23.05 -19.91 -41.20
CA GLU C 845 -21.90 -19.48 -42.01
C GLU C 845 -21.31 -20.63 -42.80
N SER C 846 -21.29 -21.84 -42.24
CA SER C 846 -20.84 -22.97 -43.03
C SER C 846 -21.89 -23.45 -44.02
N ARG C 847 -23.17 -23.16 -43.79
CA ARG C 847 -24.20 -23.53 -44.75
C ARG C 847 -24.24 -22.60 -45.95
N ARG C 848 -23.97 -21.29 -45.76
CA ARG C 848 -24.03 -20.40 -46.91
C ARG C 848 -22.87 -20.63 -47.86
N ASP C 849 -21.73 -21.10 -47.37
CA ASP C 849 -20.60 -21.36 -48.25
C ASP C 849 -20.86 -22.57 -49.14
N ALA C 850 -21.67 -23.51 -48.66
CA ALA C 850 -22.11 -24.61 -49.50
C ALA C 850 -23.22 -24.18 -50.45
N LEU C 851 -24.18 -23.41 -49.95
CA LEU C 851 -25.34 -23.05 -50.78
C LEU C 851 -24.97 -22.09 -51.90
N VAL C 852 -24.08 -21.13 -51.65
CA VAL C 852 -23.68 -20.18 -52.69
C VAL C 852 -22.87 -20.89 -53.78
N ASN C 853 -21.95 -21.77 -53.39
CA ASN C 853 -21.15 -22.49 -54.37
C ASN C 853 -21.99 -23.49 -55.15
N TYR C 854 -22.97 -24.13 -54.49
CA TYR C 854 -23.86 -25.03 -55.21
C TYR C 854 -24.80 -24.28 -56.13
N TYR C 855 -25.20 -23.06 -55.77
CA TYR C 855 -26.05 -22.29 -56.66
C TYR C 855 -25.23 -21.74 -57.82
N LEU C 856 -23.93 -21.52 -57.63
CA LEU C 856 -23.08 -21.19 -58.75
C LEU C 856 -22.82 -22.40 -59.64
N ALA C 857 -22.90 -23.60 -59.07
CA ALA C 857 -22.68 -24.81 -59.84
C ALA C 857 -23.89 -25.16 -60.71
N LYS C 858 -25.09 -25.07 -60.16
CA LYS C 858 -26.30 -25.54 -60.84
C LYS C 858 -27.45 -24.58 -60.61
N ASN C 859 -28.46 -24.69 -61.48
CA ASN C 859 -29.82 -24.17 -61.28
C ASN C 859 -29.90 -22.65 -61.15
N VAL C 860 -29.40 -21.95 -62.16
CA VAL C 860 -29.72 -20.53 -62.38
C VAL C 860 -30.26 -20.50 -63.80
N SER C 861 -30.69 -19.34 -64.27
CA SER C 861 -30.81 -19.12 -65.71
C SER C 861 -29.40 -19.06 -66.28
N GLY C 862 -29.01 -20.11 -67.01
CA GLY C 862 -27.63 -20.25 -67.47
C GLY C 862 -27.23 -19.29 -68.57
N ASP C 863 -28.18 -18.54 -69.15
CA ASP C 863 -27.84 -17.58 -70.20
C ASP C 863 -27.08 -16.39 -69.65
N GLU C 864 -27.23 -16.09 -68.37
CA GLU C 864 -26.46 -15.04 -67.73
C GLU C 864 -25.16 -15.61 -67.18
N LYS C 865 -24.05 -14.92 -67.42
CA LYS C 865 -22.74 -15.37 -66.96
C LYS C 865 -22.58 -15.13 -65.46
N ILE C 866 -22.98 -16.10 -64.65
CA ILE C 866 -22.90 -16.00 -63.20
C ILE C 866 -21.95 -17.10 -62.73
N LYS C 867 -20.74 -16.71 -62.34
CA LYS C 867 -19.71 -17.69 -62.02
C LYS C 867 -19.13 -17.49 -60.63
N THR C 868 -19.04 -16.24 -60.18
CA THR C 868 -18.45 -15.93 -58.89
C THR C 868 -19.54 -15.45 -57.93
N ALA C 869 -19.13 -15.11 -56.71
CA ALA C 869 -20.09 -14.68 -55.70
C ALA C 869 -20.55 -13.25 -55.92
N GLU C 870 -19.73 -12.41 -56.58
CA GLU C 870 -20.18 -11.06 -56.88
C GLU C 870 -21.20 -11.04 -58.00
N GLN C 871 -21.08 -11.98 -58.96
CA GLN C 871 -22.12 -12.15 -59.97
C GLN C 871 -23.44 -12.55 -59.33
N LEU C 872 -23.38 -13.45 -58.35
CA LEU C 872 -24.59 -13.85 -57.64
C LEU C 872 -25.12 -12.72 -56.76
N TYR C 873 -24.23 -11.86 -56.27
CA TYR C 873 -24.67 -10.71 -55.50
C TYR C 873 -25.40 -9.71 -56.39
N GLN C 874 -24.93 -9.53 -57.63
CA GLN C 874 -25.64 -8.69 -58.58
C GLN C 874 -26.95 -9.34 -59.01
N TYR C 875 -27.02 -10.67 -59.02
CA TYR C 875 -28.23 -11.34 -59.48
C TYR C 875 -29.32 -11.38 -58.41
N LEU C 876 -29.05 -12.04 -57.27
CA LEU C 876 -30.06 -12.25 -56.25
C LEU C 876 -30.20 -11.09 -55.27
N LEU C 877 -29.45 -10.00 -55.46
CA LEU C 877 -29.59 -8.73 -54.74
C LEU C 877 -29.41 -8.86 -53.23
N LEU C 878 -28.70 -9.90 -52.77
CA LEU C 878 -28.56 -10.20 -51.35
C LEU C 878 -27.11 -10.57 -51.06
N ASP C 879 -26.63 -10.16 -49.89
CA ASP C 879 -25.20 -10.22 -49.57
C ASP C 879 -24.79 -11.68 -49.33
N THR C 880 -24.21 -12.29 -50.35
CA THR C 880 -23.78 -13.68 -50.32
C THR C 880 -22.45 -13.89 -49.61
N LYS C 881 -21.90 -12.88 -48.95
CA LYS C 881 -20.68 -13.02 -48.18
C LYS C 881 -20.79 -12.35 -46.81
N ILE C 882 -22.02 -12.14 -46.33
CA ILE C 882 -22.23 -11.39 -45.10
C ILE C 882 -21.97 -12.29 -43.90
N GLY C 883 -21.53 -11.69 -42.80
CA GLY C 883 -21.31 -12.40 -41.56
C GLY C 883 -22.60 -12.60 -40.79
N HIS C 884 -22.47 -12.95 -39.52
CA HIS C 884 -23.62 -13.23 -38.68
C HIS C 884 -24.00 -12.06 -37.77
N GLU C 885 -23.13 -11.06 -37.64
CA GLU C 885 -23.36 -9.97 -36.69
C GLU C 885 -24.24 -8.86 -37.24
N VAL C 886 -24.48 -8.84 -38.54
CA VAL C 886 -25.25 -7.76 -39.16
C VAL C 886 -26.74 -8.10 -39.07
N LYS C 887 -27.54 -7.16 -38.57
CA LYS C 887 -28.96 -7.35 -38.39
C LYS C 887 -29.72 -6.29 -39.18
N THR C 888 -30.82 -6.70 -39.83
CA THR C 888 -31.54 -5.83 -40.75
C THR C 888 -33.01 -6.26 -40.81
N SER C 889 -33.90 -5.31 -40.53
CA SER C 889 -35.34 -5.54 -40.64
C SER C 889 -35.72 -5.85 -42.09
N PRO C 890 -36.75 -6.68 -42.31
CA PRO C 890 -37.01 -7.18 -43.67
C PRO C 890 -37.46 -6.14 -44.67
N ILE C 891 -38.18 -5.10 -44.24
CA ILE C 891 -38.55 -4.03 -45.15
C ILE C 891 -37.31 -3.22 -45.55
N ALA C 892 -36.37 -3.05 -44.62
CA ALA C 892 -35.12 -2.37 -44.95
C ALA C 892 -34.27 -3.19 -45.92
N GLU C 893 -34.29 -4.52 -45.77
CA GLU C 893 -33.55 -5.36 -46.71
C GLU C 893 -34.21 -5.38 -48.09
N ALA C 894 -35.54 -5.31 -48.14
CA ALA C 894 -36.23 -5.21 -49.43
C ALA C 894 -35.95 -3.88 -50.10
N ILE C 895 -35.89 -2.80 -49.31
CA ILE C 895 -35.52 -1.48 -49.83
C ILE C 895 -34.11 -1.51 -50.39
N SER C 896 -33.17 -2.15 -49.68
CA SER C 896 -31.80 -2.20 -50.15
C SER C 896 -31.66 -3.04 -51.41
N SER C 897 -32.40 -4.15 -51.49
CA SER C 897 -32.35 -4.98 -52.69
C SER C 897 -32.93 -4.26 -53.91
N LEU C 898 -34.03 -3.54 -53.72
CA LEU C 898 -34.60 -2.80 -54.84
C LEU C 898 -33.75 -1.58 -55.22
N GLN C 899 -33.03 -0.99 -54.26
CA GLN C 899 -32.12 0.10 -54.60
C GLN C 899 -30.93 -0.40 -55.40
N ILE C 900 -30.41 -1.59 -55.06
CA ILE C 900 -29.37 -2.22 -55.87
C ILE C 900 -29.89 -2.55 -57.27
N TYR C 901 -31.14 -2.99 -57.36
CA TYR C 901 -31.71 -3.33 -58.67
C TYR C 901 -31.90 -2.10 -59.55
N ILE C 902 -32.40 -1.00 -58.98
CA ILE C 902 -32.58 0.23 -59.76
C ILE C 902 -31.22 0.81 -60.15
N ASN C 903 -30.23 0.77 -59.24
CA ASN C 903 -28.91 1.29 -59.58
C ASN C 903 -28.22 0.44 -60.63
N ARG C 904 -28.54 -0.85 -60.73
CA ARG C 904 -28.03 -1.62 -61.85
C ARG C 904 -28.80 -1.36 -63.13
N CYS C 905 -30.11 -1.11 -63.06
CA CYS C 905 -30.88 -0.97 -64.29
C CYS C 905 -30.74 0.41 -64.91
N VAL C 906 -30.48 1.44 -64.10
CA VAL C 906 -30.29 2.78 -64.63
C VAL C 906 -28.96 2.88 -65.38
N ASP C 907 -27.90 2.28 -64.83
CA ASP C 907 -26.55 2.41 -65.37
C ASP C 907 -26.29 1.54 -66.60
N GLY C 908 -27.31 0.97 -67.22
CA GLY C 908 -27.16 0.26 -68.47
C GLY C 908 -26.49 -1.08 -68.39
N GLU C 909 -26.32 -1.64 -67.20
CA GLU C 909 -25.66 -2.93 -67.06
C GLU C 909 -26.59 -4.11 -67.32
N GLU C 910 -27.88 -3.87 -67.48
CA GLU C 910 -28.83 -4.90 -67.86
C GLU C 910 -28.77 -5.09 -69.37
N ASN C 911 -28.62 -6.34 -69.81
CA ASN C 911 -28.38 -6.61 -71.22
C ASN C 911 -29.64 -6.43 -72.05
N ASP C 912 -30.67 -7.21 -71.76
CA ASP C 912 -31.96 -7.08 -72.44
C ASP C 912 -32.95 -6.47 -71.45
N LEU C 913 -33.54 -5.35 -71.83
CA LEU C 913 -34.41 -4.61 -70.92
C LEU C 913 -35.41 -3.82 -71.73
N HIS C 914 -36.37 -3.22 -71.03
CA HIS C 914 -37.58 -2.67 -71.64
C HIS C 914 -37.41 -1.17 -71.81
N GLU C 915 -37.31 -0.72 -73.06
CA GLU C 915 -36.94 0.66 -73.35
C GLU C 915 -38.11 1.63 -73.33
N LYS C 916 -39.31 1.20 -73.73
CA LYS C 916 -40.40 2.16 -73.89
C LYS C 916 -41.11 2.48 -72.57
N ASN C 917 -40.69 1.90 -71.45
CA ASN C 917 -41.02 2.44 -70.13
C ASN C 917 -39.89 3.26 -69.53
N ILE C 918 -38.64 2.96 -69.90
CA ILE C 918 -37.50 3.81 -69.54
C ILE C 918 -37.64 5.18 -70.18
N SER C 919 -38.22 5.22 -71.38
CA SER C 919 -38.58 6.49 -72.01
C SER C 919 -39.64 7.27 -71.23
N THR C 920 -40.43 6.60 -70.40
CA THR C 920 -41.44 7.28 -69.61
C THR C 920 -40.94 7.64 -68.21
N HIS C 921 -40.04 6.84 -67.64
CA HIS C 921 -39.56 7.10 -66.28
C HIS C 921 -38.39 8.07 -66.24
N PHE C 922 -37.71 8.31 -67.36
CA PHE C 922 -36.65 9.31 -67.44
C PHE C 922 -37.13 10.58 -68.12
N SER C 923 -38.37 10.98 -67.84
CA SER C 923 -38.95 12.22 -68.38
C SER C 923 -38.47 13.43 -67.59
N SER C 924 -39.18 14.55 -67.74
CA SER C 924 -38.83 15.76 -67.00
C SER C 924 -39.02 15.57 -65.50
N ASP C 925 -40.21 15.13 -65.09
CA ASP C 925 -40.52 14.90 -63.67
C ASP C 925 -41.19 13.55 -63.49
N ASN C 926 -40.38 12.50 -63.34
CA ASN C 926 -40.85 11.19 -62.90
C ASN C 926 -39.83 10.67 -61.90
N PHE C 927 -39.93 9.37 -61.60
CA PHE C 927 -39.17 8.80 -60.49
C PHE C 927 -37.70 8.66 -60.84
N LEU C 928 -37.38 8.11 -62.00
CA LEU C 928 -36.00 7.82 -62.32
C LEU C 928 -35.22 9.04 -62.81
N HIS C 929 -35.89 10.16 -63.08
CA HIS C 929 -35.15 11.37 -63.41
C HIS C 929 -34.55 12.00 -62.17
N GLY C 930 -35.32 12.04 -61.08
CA GLY C 930 -34.80 12.50 -59.82
C GLY C 930 -34.30 11.35 -58.98
N TRP C 931 -33.72 10.34 -59.62
CA TRP C 931 -33.13 9.22 -58.89
C TRP C 931 -31.89 9.67 -58.13
N ASN C 932 -30.87 10.13 -58.85
CA ASN C 932 -29.62 10.55 -58.23
C ASN C 932 -29.80 11.79 -57.36
N SER C 933 -30.77 12.65 -57.70
CA SER C 933 -31.03 13.82 -56.88
C SER C 933 -31.74 13.45 -55.58
N TYR C 934 -32.84 12.73 -55.66
CA TYR C 934 -33.65 12.51 -54.46
C TYR C 934 -33.85 11.05 -54.11
N ASN C 935 -34.10 10.19 -55.10
CA ASN C 935 -34.73 8.91 -54.82
C ASN C 935 -33.76 7.78 -54.52
N LYS C 936 -32.45 8.05 -54.51
CA LYS C 936 -31.50 7.00 -54.16
C LYS C 936 -31.53 6.61 -52.70
N ARG C 937 -32.18 7.40 -51.86
CA ARG C 937 -32.01 7.29 -50.42
C ARG C 937 -33.35 7.56 -49.76
N TYR C 938 -33.65 6.82 -48.69
CA TYR C 938 -34.90 7.04 -47.99
C TYR C 938 -34.92 8.39 -47.27
N ALA C 939 -33.77 8.84 -46.77
CA ALA C 939 -33.71 10.10 -46.05
C ALA C 939 -33.97 11.29 -46.97
N ARG C 940 -33.36 11.28 -48.16
CA ARG C 940 -33.56 12.38 -49.09
C ARG C 940 -34.96 12.37 -49.69
N TRP C 941 -35.50 11.17 -49.94
CA TRP C 941 -36.87 11.03 -50.42
C TRP C 941 -37.87 11.53 -49.39
N ALA C 942 -37.64 11.17 -48.12
CA ALA C 942 -38.51 11.65 -47.05
C ALA C 942 -38.41 13.16 -46.88
N GLY C 943 -37.20 13.70 -47.04
CA GLY C 943 -37.04 15.15 -46.96
C GLY C 943 -37.77 15.89 -48.07
N LYS C 944 -37.78 15.33 -49.27
CA LYS C 944 -38.51 15.97 -50.35
C LYS C 944 -40.01 15.82 -50.19
N GLU C 945 -40.48 14.63 -49.79
CA GLU C 945 -41.92 14.44 -49.64
C GLU C 945 -42.48 15.16 -48.42
N LYS C 946 -41.65 15.49 -47.43
CA LYS C 946 -42.09 16.29 -46.30
C LYS C 946 -41.90 17.78 -46.53
N LEU C 947 -40.95 18.19 -47.39
CA LEU C 947 -40.80 19.61 -47.69
C LEU C 947 -41.94 20.10 -48.55
N MET C 948 -42.53 19.24 -49.38
CA MET C 948 -43.67 19.63 -50.19
C MET C 948 -44.99 19.47 -49.44
N TYR C 949 -45.00 18.71 -48.36
CA TYR C 949 -46.19 18.55 -47.53
C TYR C 949 -46.15 19.40 -46.28
N TYR C 950 -44.96 19.76 -45.79
CA TYR C 950 -44.80 20.77 -44.73
C TYR C 950 -43.73 21.75 -45.16
N ALA C 951 -44.15 22.85 -45.78
CA ALA C 951 -43.24 23.98 -45.95
C ALA C 951 -43.04 24.73 -44.65
N ALA C 952 -43.94 24.54 -43.67
CA ALA C 952 -43.87 25.26 -42.40
C ALA C 952 -42.72 24.80 -41.54
N ASP C 953 -42.37 23.51 -41.61
CA ASP C 953 -41.34 22.98 -40.72
C ASP C 953 -39.95 23.41 -41.15
N TYR C 954 -39.77 23.74 -42.43
CA TYR C 954 -38.45 23.97 -43.02
C TYR C 954 -38.24 25.43 -43.40
N ILE C 955 -38.97 26.35 -42.79
CA ILE C 955 -38.99 27.73 -43.23
C ILE C 955 -38.29 28.60 -42.19
N ASP C 956 -37.76 29.73 -42.65
CA ASP C 956 -37.05 30.67 -41.79
C ASP C 956 -37.09 32.04 -42.43
N PRO C 957 -37.05 33.11 -41.62
CA PRO C 957 -37.11 34.46 -42.22
C PRO C 957 -35.82 34.88 -42.88
N THR C 958 -34.69 34.25 -42.55
CA THR C 958 -33.40 34.68 -43.09
C THR C 958 -33.20 34.12 -44.49
N LEU C 959 -33.18 32.79 -44.62
CA LEU C 959 -32.97 32.15 -45.91
C LEU C 959 -34.27 32.19 -46.70
N ARG C 960 -34.34 33.10 -47.67
CA ARG C 960 -35.56 33.23 -48.46
C ARG C 960 -35.19 33.64 -49.87
N TYR C 961 -35.91 33.09 -50.84
CA TYR C 961 -35.78 33.52 -52.22
C TYR C 961 -36.57 34.82 -52.43
N ASN C 962 -36.13 35.60 -53.41
CA ASN C 962 -36.69 36.91 -53.76
C ASN C 962 -36.66 37.88 -52.58
N LYS C 963 -35.49 38.01 -51.98
CA LYS C 963 -35.26 39.07 -51.00
C LYS C 963 -34.89 40.35 -51.73
N THR C 964 -35.58 41.44 -51.37
CA THR C 964 -35.27 42.72 -51.98
C THR C 964 -33.98 43.28 -51.40
N GLU C 965 -33.46 44.31 -52.08
CA GLU C 965 -32.28 45.00 -51.57
C GLU C 965 -32.61 45.78 -50.31
N LEU C 966 -33.85 46.26 -50.20
CA LEU C 966 -34.29 46.94 -48.99
C LEU C 966 -34.40 45.95 -47.84
N PHE C 967 -34.71 44.69 -48.13
CA PHE C 967 -34.70 43.66 -47.10
C PHE C 967 -33.28 43.37 -46.62
N ASN C 968 -32.30 43.47 -47.51
CA ASN C 968 -30.92 43.30 -47.08
C ASN C 968 -30.45 44.50 -46.29
N THR C 969 -30.99 45.68 -46.57
CA THR C 969 -30.66 46.85 -45.76
C THR C 969 -31.29 46.75 -44.37
N PHE C 970 -32.53 46.28 -44.29
CA PHE C 970 -33.19 46.10 -43.00
C PHE C 970 -32.55 44.99 -42.18
N GLU C 971 -32.24 43.86 -42.84
CA GLU C 971 -31.82 42.64 -42.14
C GLU C 971 -30.47 42.82 -41.46
N GLN C 972 -29.61 43.66 -42.04
CA GLN C 972 -28.29 43.92 -41.51
C GLN C 972 -28.19 45.30 -40.89
N SER C 973 -29.32 45.91 -40.53
CA SER C 973 -29.38 47.07 -39.68
C SER C 973 -29.82 46.73 -38.26
N ILE C 974 -30.63 45.69 -38.12
CA ILE C 974 -31.04 45.20 -36.81
C ILE C 974 -30.10 44.09 -36.32
N ASN C 975 -28.92 43.98 -36.90
CA ASN C 975 -28.01 42.89 -36.60
C ASN C 975 -27.12 43.23 -35.40
N ASN C 976 -27.74 43.66 -34.30
CA ASN C 976 -27.02 44.00 -33.07
C ASN C 976 -26.84 42.73 -32.24
N SER C 977 -26.42 42.91 -30.97
CA SER C 977 -26.36 41.79 -30.03
C SER C 977 -27.34 41.94 -28.88
N ARG C 978 -27.32 43.04 -28.14
CA ARG C 978 -28.32 43.26 -27.10
C ARG C 978 -29.27 44.31 -27.67
N LEU C 979 -30.24 43.84 -28.45
CA LEU C 979 -31.14 44.71 -29.19
C LEU C 979 -32.07 45.50 -28.29
N THR C 980 -32.43 46.68 -28.77
CA THR C 980 -33.51 47.48 -28.21
C THR C 980 -34.57 47.65 -29.28
N GLU C 981 -35.71 48.20 -28.87
CA GLU C 981 -36.79 48.44 -29.83
C GLU C 981 -36.54 49.70 -30.65
N LYS C 982 -35.66 50.59 -30.16
CA LYS C 982 -35.32 51.80 -30.90
C LYS C 982 -34.60 51.48 -32.20
N SER C 983 -33.73 50.46 -32.18
CA SER C 983 -32.96 50.11 -33.37
C SER C 983 -33.83 49.51 -34.45
N VAL C 984 -34.77 48.64 -34.06
CA VAL C 984 -35.65 48.03 -35.06
C VAL C 984 -36.69 49.03 -35.54
N LYS C 985 -37.09 50.01 -34.70
CA LYS C 985 -37.95 51.06 -35.21
C LYS C 985 -37.21 52.02 -36.14
N SER C 986 -35.92 52.24 -35.91
CA SER C 986 -35.15 53.09 -36.82
C SER C 986 -34.94 52.39 -38.16
N ALA C 987 -34.67 51.09 -38.13
CA ALA C 987 -34.56 50.34 -39.38
C ALA C 987 -35.89 50.25 -40.11
N LEU C 988 -36.99 50.22 -39.37
CA LEU C 988 -38.32 50.24 -39.98
C LEU C 988 -38.60 51.59 -40.64
N GLN C 989 -38.19 52.68 -39.99
CA GLN C 989 -38.32 54.01 -40.59
C GLN C 989 -37.48 54.13 -41.85
N SER C 990 -36.26 53.59 -41.83
CA SER C 990 -35.42 53.61 -43.02
C SER C 990 -36.01 52.78 -44.15
N TYR C 991 -36.67 51.68 -43.80
CA TYR C 991 -37.35 50.86 -44.81
C TYR C 991 -38.49 51.63 -45.46
N LEU C 992 -39.32 52.30 -44.66
CA LEU C 992 -40.43 53.06 -45.25
C LEU C 992 -39.95 54.28 -46.04
N ILE C 993 -38.86 54.91 -45.61
CA ILE C 993 -38.32 56.04 -46.36
C ILE C 993 -37.74 55.57 -47.68
N SER C 994 -37.14 54.39 -47.71
CA SER C 994 -36.65 53.84 -48.96
C SER C 994 -37.79 53.34 -49.85
N TYR C 995 -38.88 52.87 -49.25
CA TYR C 995 -40.03 52.44 -50.03
C TYR C 995 -40.77 53.62 -50.66
N GLU C 996 -40.83 54.75 -49.94
CA GLU C 996 -41.60 55.89 -50.43
C GLU C 996 -40.99 56.50 -51.68
N LYS C 997 -39.68 56.33 -51.90
CA LYS C 997 -39.07 56.75 -53.15
C LYS C 997 -39.52 55.85 -54.30
N LEU C 998 -39.51 54.53 -54.08
CA LEU C 998 -39.90 53.58 -55.12
C LEU C 998 -41.39 53.62 -55.40
N ALA C 999 -42.19 54.10 -54.47
CA ALA C 999 -43.63 54.26 -54.69
C ALA C 999 -43.97 55.49 -55.52
N GLN C 1000 -42.98 56.23 -56.00
CA GLN C 1000 -43.21 57.43 -56.81
C GLN C 1000 -42.57 57.33 -58.18
N ILE C 1001 -42.10 56.15 -58.57
CA ILE C 1001 -41.45 56.00 -59.87
C ILE C 1001 -42.48 56.08 -60.98
N ASP C 1002 -42.18 56.86 -61.99
CA ASP C 1002 -43.13 57.24 -63.02
C ASP C 1002 -42.81 56.45 -64.28
N THR C 1003 -43.67 55.49 -64.62
CA THR C 1003 -43.41 54.59 -65.73
C THR C 1003 -43.57 55.31 -67.07
N ILE C 1004 -42.51 55.34 -67.86
CA ILE C 1004 -42.48 56.06 -69.14
C ILE C 1004 -42.58 55.10 -70.32
N LYS C 1005 -41.63 54.17 -70.44
CA LYS C 1005 -41.45 53.39 -71.64
C LYS C 1005 -41.70 51.92 -71.35
N GLU C 1006 -42.41 51.26 -72.26
CA GLU C 1006 -42.73 49.85 -72.12
C GLU C 1006 -42.06 49.07 -73.25
N LEU C 1007 -41.95 47.76 -73.05
CA LEU C 1007 -41.37 46.87 -74.05
C LEU C 1007 -41.84 45.46 -73.76
N TYR C 1008 -42.55 44.84 -74.70
CA TYR C 1008 -42.99 43.47 -74.56
C TYR C 1008 -42.15 42.58 -75.45
N VAL C 1009 -41.24 41.83 -74.84
CA VAL C 1009 -40.48 40.81 -75.54
C VAL C 1009 -41.38 39.60 -75.75
N GLU C 1010 -41.41 39.08 -76.97
CA GLU C 1010 -42.31 37.96 -77.28
C GLU C 1010 -41.65 36.60 -77.13
N ASN C 1011 -40.34 36.51 -77.35
CA ASN C 1011 -39.65 35.22 -77.17
C ASN C 1011 -39.58 34.85 -75.70
N ILE C 1012 -38.89 35.64 -74.91
CA ILE C 1012 -38.97 35.56 -73.46
C ILE C 1012 -40.21 36.34 -73.06
N LYS C 1013 -41.16 35.66 -72.43
CA LYS C 1013 -42.49 36.22 -72.26
C LYS C 1013 -42.54 37.31 -71.18
N THR C 1014 -41.80 38.40 -71.36
CA THR C 1014 -41.62 39.39 -70.32
C THR C 1014 -41.95 40.79 -70.82
N HIS C 1015 -42.42 41.61 -69.88
CA HIS C 1015 -42.50 43.06 -70.06
C HIS C 1015 -41.24 43.69 -69.49
N PHE C 1016 -40.91 44.87 -69.99
CA PHE C 1016 -39.84 45.67 -69.43
C PHE C 1016 -40.30 47.13 -69.36
N PHE C 1017 -40.06 47.75 -68.22
CA PHE C 1017 -40.51 49.11 -67.98
C PHE C 1017 -39.31 50.00 -67.70
N LEU C 1018 -39.48 51.28 -68.01
CA LEU C 1018 -38.46 52.29 -67.74
C LEU C 1018 -39.13 53.39 -66.95
N GLY C 1019 -38.64 53.62 -65.74
CA GLY C 1019 -39.34 54.54 -64.86
C GLY C 1019 -38.51 55.67 -64.32
N LYS C 1020 -38.97 56.90 -64.54
CA LYS C 1020 -38.32 58.08 -64.01
C LYS C 1020 -38.85 58.36 -62.60
N THR C 1021 -38.04 58.99 -61.77
CA THR C 1021 -38.51 59.41 -60.47
C THR C 1021 -38.95 60.87 -60.54
N ARG C 1022 -39.54 61.37 -59.46
CA ARG C 1022 -40.11 62.72 -59.45
C ARG C 1022 -39.11 63.71 -58.84
N GLU C 1023 -37.99 63.85 -59.55
CA GLU C 1023 -36.99 64.88 -59.26
C GLU C 1023 -36.67 65.57 -60.57
N SER C 1024 -36.06 66.75 -60.48
CA SER C 1024 -35.70 67.44 -61.72
C SER C 1024 -34.46 66.83 -62.37
N PRO C 1025 -33.45 66.34 -61.63
CA PRO C 1025 -32.60 65.29 -62.21
C PRO C 1025 -33.41 64.02 -62.43
N CYS C 1026 -33.05 63.28 -63.48
CA CYS C 1026 -33.95 62.28 -64.04
C CYS C 1026 -34.05 61.03 -63.18
N GLN C 1027 -32.93 60.30 -63.03
CA GLN C 1027 -32.80 59.10 -62.20
C GLN C 1027 -33.78 58.00 -62.62
N TYR C 1028 -33.56 57.47 -63.82
CA TYR C 1028 -34.43 56.42 -64.32
C TYR C 1028 -34.17 55.10 -63.62
N TYR C 1029 -35.13 54.18 -63.76
CA TYR C 1029 -35.13 52.87 -63.13
C TYR C 1029 -35.67 51.86 -64.13
N TRP C 1030 -35.69 50.58 -63.75
CA TRP C 1030 -36.27 49.56 -64.60
C TRP C 1030 -36.81 48.41 -63.75
N ARG C 1031 -37.76 47.67 -64.33
CA ARG C 1031 -38.37 46.52 -63.69
C ARG C 1031 -38.85 45.57 -64.78
N SER C 1032 -39.40 44.42 -64.38
CA SER C 1032 -39.89 43.46 -65.36
C SER C 1032 -40.98 42.59 -64.77
N GLY C 1033 -42.02 42.33 -65.55
CA GLY C 1033 -43.01 41.30 -65.25
C GLY C 1033 -42.72 40.07 -66.09
N GLU C 1034 -42.64 38.91 -65.43
CA GLU C 1034 -41.89 37.77 -65.96
C GLU C 1034 -42.77 36.68 -66.57
N GLN C 1035 -44.03 36.96 -66.90
CA GLN C 1035 -44.83 35.95 -67.59
C GLN C 1035 -45.85 36.65 -68.49
N LEU C 1036 -46.82 35.87 -68.97
CA LEU C 1036 -47.94 36.42 -69.72
C LEU C 1036 -48.78 37.34 -68.84
N SER C 1037 -49.27 38.43 -69.45
CA SER C 1037 -50.05 39.41 -68.71
C SER C 1037 -51.43 38.86 -68.31
N ASN C 1038 -51.93 37.86 -69.04
CA ASN C 1038 -53.22 37.27 -68.74
C ASN C 1038 -53.14 35.76 -68.57
N ASP C 1039 -51.98 35.25 -68.15
CA ASP C 1039 -51.90 33.86 -67.71
C ASP C 1039 -52.69 33.68 -66.42
N SER C 1040 -52.64 34.69 -65.55
CA SER C 1040 -53.52 34.82 -64.40
C SER C 1040 -53.66 36.31 -64.12
N HIS C 1041 -54.17 36.65 -62.94
CA HIS C 1041 -54.18 38.05 -62.51
C HIS C 1041 -52.77 38.55 -62.17
N HIS C 1042 -51.85 37.65 -61.89
CA HIS C 1042 -50.53 38.00 -61.39
C HIS C 1042 -49.50 37.93 -62.52
N LEU C 1043 -48.74 39.01 -62.69
CA LEU C 1043 -47.43 38.92 -63.31
C LEU C 1043 -46.41 38.64 -62.23
N ARG C 1044 -45.29 38.05 -62.63
CA ARG C 1044 -44.17 37.87 -61.71
C ARG C 1044 -43.31 39.12 -61.80
N TRP C 1045 -43.50 40.04 -60.87
CA TRP C 1045 -42.91 41.37 -60.98
C TRP C 1045 -41.47 41.35 -60.49
N SER C 1046 -40.89 42.54 -60.41
CA SER C 1046 -39.49 42.68 -60.03
C SER C 1046 -39.30 43.99 -59.28
N GLU C 1047 -38.19 44.05 -58.57
CA GLU C 1047 -37.81 45.27 -57.87
C GLU C 1047 -37.39 46.35 -58.86
N TRP C 1048 -37.75 47.61 -58.57
CA TRP C 1048 -37.17 48.71 -59.32
C TRP C 1048 -35.68 48.78 -59.05
N LYS C 1049 -34.88 48.61 -60.10
CA LYS C 1049 -33.44 48.72 -60.00
C LYS C 1049 -32.98 49.86 -60.89
N LYS C 1050 -31.87 50.48 -60.51
CA LYS C 1050 -31.43 51.71 -61.12
C LYS C 1050 -30.65 51.43 -62.40
N VAL C 1051 -31.00 52.13 -63.47
CA VAL C 1051 -30.15 52.15 -64.65
C VAL C 1051 -28.95 53.05 -64.36
N GLU C 1052 -27.75 52.52 -64.58
CA GLU C 1052 -26.57 53.08 -63.94
C GLU C 1052 -25.95 54.23 -64.71
N CYS C 1053 -25.76 54.08 -66.02
CA CYS C 1053 -24.80 54.90 -66.75
C CYS C 1053 -25.46 55.97 -67.62
N ASN C 1054 -25.00 57.22 -67.47
CA ASN C 1054 -25.03 58.30 -68.45
C ASN C 1054 -26.42 58.85 -68.76
N ILE C 1055 -27.49 58.28 -68.21
CA ILE C 1055 -28.81 58.90 -68.33
C ILE C 1055 -29.06 59.95 -67.26
N ASN C 1056 -28.30 59.93 -66.17
CA ASN C 1056 -28.69 60.63 -64.97
C ASN C 1056 -28.16 62.05 -64.91
N GLY C 1057 -27.50 62.51 -65.96
CA GLY C 1057 -27.08 63.91 -66.00
C GLY C 1057 -28.28 64.82 -66.19
N THR C 1058 -28.13 66.06 -65.73
CA THR C 1058 -29.18 67.07 -65.86
C THR C 1058 -29.12 67.65 -67.27
N GLU C 1059 -29.62 66.86 -68.22
CA GLU C 1059 -29.70 67.28 -69.62
C GLU C 1059 -31.11 67.04 -70.12
N GLU C 1060 -31.34 67.27 -71.41
CA GLU C 1060 -32.67 67.15 -71.99
C GLU C 1060 -32.58 66.25 -73.21
N LYS C 1061 -33.50 65.29 -73.30
CA LYS C 1061 -33.42 64.22 -74.29
C LYS C 1061 -34.51 64.41 -75.34
N PHE C 1062 -34.14 64.21 -76.61
CA PHE C 1062 -35.16 64.12 -77.65
C PHE C 1062 -36.04 62.90 -77.45
N PHE C 1063 -35.41 61.72 -77.45
CA PHE C 1063 -36.14 60.48 -77.23
C PHE C 1063 -35.35 59.61 -76.28
N ILE C 1064 -36.04 58.62 -75.72
CA ILE C 1064 -35.40 57.49 -75.06
C ILE C 1064 -36.26 56.26 -75.27
N ASN C 1065 -35.69 55.24 -75.92
CA ASN C 1065 -36.46 54.07 -76.29
C ASN C 1065 -35.75 52.79 -75.91
N LEU C 1066 -36.52 51.83 -75.41
CA LEU C 1066 -36.01 50.49 -75.17
C LEU C 1066 -36.04 49.70 -76.46
N SER C 1067 -35.16 48.71 -76.55
CA SER C 1067 -35.11 47.82 -77.70
C SER C 1067 -34.42 46.53 -77.30
N TRP C 1068 -35.03 45.41 -77.65
CA TRP C 1068 -34.52 44.09 -77.26
C TRP C 1068 -33.72 43.53 -78.42
N TYR C 1069 -32.40 43.53 -78.29
CA TYR C 1069 -31.52 43.17 -79.39
C TYR C 1069 -30.35 42.36 -78.86
N ARG C 1070 -29.99 41.30 -79.60
CA ARG C 1070 -28.96 40.33 -79.24
C ARG C 1070 -29.23 39.70 -77.89
N ASN C 1071 -30.51 39.45 -77.60
CA ASN C 1071 -31.00 38.88 -76.34
C ASN C 1071 -30.61 39.72 -75.15
N ARG C 1072 -30.48 41.03 -75.37
CA ARG C 1072 -30.12 42.02 -74.37
C ARG C 1072 -31.17 43.11 -74.41
N LEU C 1073 -31.07 44.04 -73.50
CA LEU C 1073 -31.97 45.18 -73.46
C LEU C 1073 -31.15 46.43 -73.78
N TYR C 1074 -31.24 46.91 -75.01
CA TYR C 1074 -30.61 48.18 -75.31
C TYR C 1074 -31.53 49.33 -74.90
N VAL C 1075 -30.91 50.48 -74.63
CA VAL C 1075 -31.63 51.72 -74.39
C VAL C 1075 -30.80 52.85 -75.01
N ASP C 1076 -31.46 53.71 -75.79
CA ASP C 1076 -30.81 54.68 -76.64
C ASP C 1076 -31.41 56.05 -76.39
N TRP C 1077 -30.58 57.09 -76.40
CA TRP C 1077 -31.12 58.43 -76.18
C TRP C 1077 -30.20 59.48 -76.81
N LEU C 1078 -30.81 60.56 -77.28
CA LEU C 1078 -30.09 61.76 -77.68
C LEU C 1078 -30.10 62.78 -76.55
N ASN C 1079 -29.48 63.93 -76.82
CA ASN C 1079 -29.37 65.00 -75.84
C ASN C 1079 -29.54 66.33 -76.55
N LYS C 1080 -30.54 67.12 -76.12
CA LYS C 1080 -30.84 68.39 -76.76
C LYS C 1080 -29.81 69.43 -76.35
N THR C 1081 -28.68 69.43 -77.05
CA THR C 1081 -27.67 70.48 -76.87
C THR C 1081 -26.99 70.71 -78.22
N ALA C 1082 -26.75 71.98 -78.55
CA ALA C 1082 -26.55 72.38 -79.94
C ALA C 1082 -25.23 71.88 -80.52
N PHE C 1083 -24.10 72.31 -79.92
CA PHE C 1083 -22.73 71.97 -80.33
C PHE C 1083 -22.46 72.36 -81.79
N LYS C 1084 -22.41 73.66 -82.01
CA LYS C 1084 -21.89 74.21 -83.27
C LYS C 1084 -20.40 73.91 -83.33
N THR C 1085 -20.03 72.91 -84.13
CA THR C 1085 -18.62 72.52 -84.25
C THR C 1085 -17.98 73.05 -85.52
N ASP C 1086 -18.72 73.12 -86.62
CA ASP C 1086 -18.23 73.70 -87.86
C ASP C 1086 -18.22 75.23 -87.81
N GLU C 1087 -18.84 75.82 -86.78
CA GLU C 1087 -18.96 77.25 -86.45
C GLU C 1087 -19.46 78.13 -87.59
N GLY C 1088 -20.09 77.52 -88.58
CA GLY C 1088 -20.93 78.21 -89.54
C GLY C 1088 -22.29 77.54 -89.58
N LYS C 1089 -22.31 76.26 -89.20
CA LYS C 1089 -23.52 75.45 -89.22
C LYS C 1089 -24.38 75.70 -87.99
N GLY C 1090 -25.58 75.16 -88.02
CA GLY C 1090 -26.51 75.23 -86.89
C GLY C 1090 -27.13 73.88 -86.63
N LYS C 1091 -27.27 73.55 -85.34
CA LYS C 1091 -27.72 72.24 -84.85
C LYS C 1091 -26.86 71.12 -85.45
N SER C 1092 -25.54 71.31 -85.35
CA SER C 1092 -24.62 70.55 -86.19
C SER C 1092 -24.47 69.11 -85.70
N GLU C 1093 -24.10 68.92 -84.44
CA GLU C 1093 -23.95 67.58 -83.89
C GLU C 1093 -24.61 67.47 -82.53
N TYR C 1094 -25.26 66.33 -82.30
CA TYR C 1094 -25.93 66.01 -81.05
C TYR C 1094 -25.34 64.70 -80.53
N HIS C 1095 -25.30 64.57 -79.21
CA HIS C 1095 -24.70 63.40 -78.59
C HIS C 1095 -25.70 62.26 -78.53
N TYR C 1096 -25.28 61.09 -78.99
CA TYR C 1096 -26.08 59.89 -79.00
C TYR C 1096 -25.43 58.84 -78.11
N ASN C 1097 -26.25 58.01 -77.48
CA ASN C 1097 -25.77 57.09 -76.46
C ASN C 1097 -26.48 55.75 -76.58
N ALA C 1098 -25.92 54.75 -75.92
CA ALA C 1098 -26.51 53.42 -75.84
C ALA C 1098 -26.02 52.74 -74.58
N ALA C 1099 -26.68 51.65 -74.21
CA ALA C 1099 -26.29 50.85 -73.06
C ALA C 1099 -26.94 49.49 -73.22
N TYR C 1100 -26.51 48.53 -72.39
CA TYR C 1100 -27.20 47.25 -72.36
C TYR C 1100 -27.09 46.59 -71.01
N LYS C 1101 -28.25 46.18 -70.51
CA LYS C 1101 -28.35 45.32 -69.33
C LYS C 1101 -27.78 43.94 -69.64
N ASN C 1102 -26.78 43.52 -68.87
CA ASN C 1102 -26.31 42.14 -68.92
C ASN C 1102 -27.17 41.26 -68.03
N ASP C 1103 -26.85 39.98 -68.00
CA ASP C 1103 -27.63 39.04 -67.21
C ASP C 1103 -27.21 38.99 -65.75
N ASN C 1104 -26.28 39.83 -65.33
CA ASN C 1104 -26.03 40.12 -63.93
C ASN C 1104 -26.80 41.34 -63.45
N ASN C 1105 -27.75 41.81 -64.25
CA ASN C 1105 -28.46 43.09 -64.08
C ASN C 1105 -27.47 44.25 -63.97
N ALA C 1106 -26.40 44.19 -64.75
CA ALA C 1106 -25.37 45.20 -64.78
C ALA C 1106 -25.35 45.89 -66.13
N TRP C 1107 -25.26 47.21 -66.11
CA TRP C 1107 -25.39 48.03 -67.31
C TRP C 1107 -24.01 48.31 -67.88
N ASN C 1108 -23.76 47.83 -69.09
CA ASN C 1108 -22.57 48.19 -69.84
C ASN C 1108 -22.91 49.44 -70.67
N ASP C 1109 -22.07 49.77 -71.64
CA ASP C 1109 -22.19 51.06 -72.34
C ASP C 1109 -21.60 50.90 -73.73
N ASN C 1110 -22.47 50.84 -74.74
CA ASN C 1110 -22.02 50.61 -76.11
C ASN C 1110 -21.37 51.84 -76.72
N ILE C 1111 -22.13 52.92 -76.87
CA ILE C 1111 -21.75 54.00 -77.77
C ILE C 1111 -21.16 55.18 -77.03
N SER C 1112 -21.86 55.71 -76.02
CA SER C 1112 -21.28 56.63 -75.03
C SER C 1112 -20.73 57.93 -75.62
N ASN C 1113 -21.63 58.86 -75.93
CA ASN C 1113 -21.30 60.28 -76.16
C ASN C 1113 -20.64 60.51 -77.52
N MET C 1114 -21.24 59.90 -78.55
CA MET C 1114 -20.85 60.07 -79.94
C MET C 1114 -21.71 61.13 -80.62
N LYS C 1115 -21.09 61.97 -81.45
CA LYS C 1115 -21.74 63.13 -82.03
C LYS C 1115 -22.39 62.76 -83.37
N ILE C 1116 -23.70 63.04 -83.48
CA ILE C 1116 -24.49 62.72 -84.67
C ILE C 1116 -25.39 63.91 -84.96
N GLY C 1117 -25.43 64.36 -86.21
CA GLY C 1117 -26.40 65.36 -86.59
C GLY C 1117 -27.81 64.78 -86.72
N LEU C 1118 -28.81 65.65 -86.58
CA LEU C 1118 -30.19 65.21 -86.58
C LEU C 1118 -30.62 64.78 -87.98
N PRO C 1119 -31.37 63.67 -88.09
CA PRO C 1119 -31.95 63.29 -89.39
C PRO C 1119 -33.02 64.26 -89.85
N TRP C 1120 -33.93 64.60 -88.95
CA TRP C 1120 -34.95 65.59 -89.25
C TRP C 1120 -34.40 66.99 -89.00
N GLU C 1121 -34.83 67.94 -89.83
CA GLU C 1121 -34.21 69.26 -89.79
C GLU C 1121 -34.76 70.10 -88.62
N GLN C 1122 -36.05 70.44 -88.68
CA GLN C 1122 -36.70 71.13 -87.55
C GLN C 1122 -38.19 70.87 -87.65
N SER C 1123 -38.66 69.88 -86.89
CA SER C 1123 -40.08 69.57 -86.68
C SER C 1123 -40.16 68.57 -85.55
N LYS C 1124 -41.14 68.75 -84.67
CA LYS C 1124 -41.26 67.88 -83.50
C LYS C 1124 -41.76 66.49 -83.88
N ASP C 1125 -42.52 66.38 -84.96
CA ASP C 1125 -43.08 65.11 -85.40
C ASP C 1125 -42.77 64.90 -86.87
N ILE C 1126 -42.22 63.73 -87.19
CA ILE C 1126 -42.04 63.31 -88.58
C ILE C 1126 -42.77 62.00 -88.80
N ASP C 1127 -42.69 61.47 -90.01
CA ASP C 1127 -43.44 60.27 -90.34
C ASP C 1127 -42.73 59.00 -89.86
N GLU C 1128 -41.54 58.75 -90.38
CA GLU C 1128 -40.84 57.49 -90.16
C GLU C 1128 -39.39 57.78 -89.81
N ILE C 1129 -38.86 57.05 -88.82
CA ILE C 1129 -37.47 57.23 -88.41
C ILE C 1129 -36.90 55.93 -87.84
N PRO C 1130 -36.33 55.06 -88.68
CA PRO C 1130 -35.56 53.93 -88.15
C PRO C 1130 -34.07 54.25 -88.10
N PRO C 1131 -33.38 53.84 -87.04
CA PRO C 1131 -31.92 53.90 -87.03
C PRO C 1131 -31.30 52.59 -87.48
N ILE C 1132 -30.10 52.69 -88.07
CA ILE C 1132 -29.37 51.52 -88.57
C ILE C 1132 -29.03 50.56 -87.43
N PHE C 1133 -28.78 51.10 -86.24
CA PHE C 1133 -28.86 50.42 -84.95
C PHE C 1133 -27.71 49.40 -84.77
N ILE C 1134 -26.85 49.23 -85.77
CA ILE C 1134 -25.54 48.62 -85.60
C ILE C 1134 -24.54 49.69 -86.01
N ASN C 1135 -24.14 50.53 -85.04
CA ASN C 1135 -23.03 51.47 -85.12
C ASN C 1135 -23.13 52.56 -86.19
N GLN C 1136 -24.23 52.63 -86.94
CA GLN C 1136 -24.35 53.59 -88.05
C GLN C 1136 -25.69 54.31 -87.98
N ASP C 1137 -25.93 55.21 -88.95
CA ASP C 1137 -26.96 56.24 -88.84
C ASP C 1137 -27.62 56.46 -90.19
N ASN C 1138 -28.94 56.27 -90.26
CA ASN C 1138 -29.78 56.71 -91.39
C ASN C 1138 -31.23 56.85 -90.92
N VAL C 1139 -32.13 56.99 -91.88
CA VAL C 1139 -33.57 56.96 -91.66
C VAL C 1139 -34.13 55.68 -92.27
N GLY C 1240 -29.59 41.63 -95.31
CA GLY C 1240 -28.51 42.47 -95.77
C GLY C 1240 -27.43 42.67 -94.73
N GLY C 1241 -27.77 42.43 -93.46
CA GLY C 1241 -26.83 42.58 -92.38
C GLY C 1241 -27.05 43.79 -91.51
N ASN C 1242 -28.32 44.13 -91.25
CA ASN C 1242 -28.67 45.23 -90.36
C ASN C 1242 -30.07 45.02 -89.81
N SER C 1243 -30.42 45.84 -88.83
CA SER C 1243 -31.76 45.84 -88.24
C SER C 1243 -32.23 47.28 -88.11
N PHE C 1244 -33.50 47.45 -87.75
CA PHE C 1244 -34.09 48.78 -87.64
C PHE C 1244 -35.14 48.78 -86.54
N ASN C 1245 -35.33 49.95 -85.93
CA ASN C 1245 -36.31 50.16 -84.87
C ASN C 1245 -37.28 51.25 -85.29
N ARG C 1246 -38.11 51.68 -84.35
CA ARG C 1246 -38.91 52.89 -84.50
C ARG C 1246 -38.74 53.72 -83.25
N ILE C 1247 -38.56 55.03 -83.44
CA ILE C 1247 -38.13 55.90 -82.35
C ILE C 1247 -39.26 56.13 -81.35
N THR C 1248 -40.45 56.47 -81.87
CA THR C 1248 -41.68 56.76 -81.08
C THR C 1248 -41.44 57.89 -80.08
N PHE C 1249 -41.26 59.09 -80.65
CA PHE C 1249 -40.99 60.29 -79.88
C PHE C 1249 -42.12 60.61 -78.90
N ASP C 1250 -41.73 61.29 -77.82
CA ASP C 1250 -42.63 62.08 -76.96
C ASP C 1250 -43.71 61.22 -76.30
N THR C 1251 -43.29 60.11 -75.72
CA THR C 1251 -44.24 59.30 -74.97
C THR C 1251 -44.45 59.89 -73.58
N ASN C 1252 -45.43 59.35 -72.86
CA ASN C 1252 -45.90 59.94 -71.62
C ASN C 1252 -46.06 58.86 -70.56
N ILE C 1253 -46.76 59.22 -69.49
CA ILE C 1253 -46.93 58.35 -68.33
C ILE C 1253 -47.86 57.20 -68.68
N ILE C 1254 -47.41 55.97 -68.40
CA ILE C 1254 -48.25 54.80 -68.52
C ILE C 1254 -48.87 54.52 -67.16
N HIS C 1255 -50.19 54.64 -67.07
CA HIS C 1255 -50.86 54.43 -65.79
C HIS C 1255 -51.17 52.96 -65.57
N GLU C 1256 -51.76 52.30 -66.57
CA GLU C 1256 -52.13 50.90 -66.45
C GLU C 1256 -51.64 50.12 -67.65
N LEU C 1257 -51.27 48.87 -67.41
CA LEU C 1257 -50.93 47.95 -68.48
C LEU C 1257 -52.21 47.53 -69.21
N ASP C 1258 -52.02 46.96 -70.40
CA ASP C 1258 -53.15 46.54 -71.23
C ASP C 1258 -53.87 45.36 -70.58
N GLY C 1259 -55.18 45.52 -70.35
CA GLY C 1259 -56.01 44.43 -69.86
C GLY C 1259 -56.06 44.29 -68.35
N ASP C 1260 -56.44 45.39 -67.67
CA ASP C 1260 -56.74 45.43 -66.23
C ASP C 1260 -55.52 45.02 -65.39
N ILE C 1261 -54.39 45.68 -65.64
CA ILE C 1261 -53.22 45.58 -64.77
C ILE C 1261 -52.75 46.99 -64.49
N SER C 1262 -52.78 47.37 -63.21
CA SER C 1262 -52.39 48.71 -62.80
C SER C 1262 -50.92 48.72 -62.41
N LEU C 1263 -50.18 49.68 -62.93
CA LEU C 1263 -48.77 49.86 -62.59
C LEU C 1263 -48.58 50.74 -61.37
N LEU C 1264 -49.65 51.31 -60.83
CA LEU C 1264 -49.61 52.28 -59.75
C LEU C 1264 -49.63 51.57 -58.39
N PRO C 1265 -48.97 52.12 -57.39
CA PRO C 1265 -49.10 51.60 -56.03
C PRO C 1265 -50.30 52.21 -55.34
N PRO C 1266 -50.70 51.69 -54.19
CA PRO C 1266 -51.57 52.47 -53.31
C PRO C 1266 -50.79 53.62 -52.67
N ASP C 1267 -51.53 54.56 -52.10
CA ASP C 1267 -50.96 55.82 -51.65
C ASP C 1267 -50.06 55.61 -50.44
N SER C 1268 -48.82 56.11 -50.55
CA SER C 1268 -47.82 55.94 -49.52
C SER C 1268 -47.87 57.03 -48.46
N LEU C 1269 -48.72 58.04 -48.63
CA LEU C 1269 -48.86 59.08 -47.62
C LEU C 1269 -49.43 58.62 -46.28
N PRO C 1270 -50.48 57.77 -46.18
CA PRO C 1270 -50.92 57.35 -44.84
C PRO C 1270 -49.94 56.46 -44.11
N LEU C 1271 -49.09 55.71 -44.83
CA LEU C 1271 -48.04 54.95 -44.16
C LEU C 1271 -47.02 55.87 -43.51
N VAL C 1272 -46.75 57.02 -44.13
CA VAL C 1272 -45.88 58.00 -43.52
C VAL C 1272 -46.59 58.75 -42.40
N GLU C 1273 -47.92 58.92 -42.51
CA GLU C 1273 -48.70 59.45 -41.40
C GLU C 1273 -48.60 58.56 -40.17
N LYS C 1274 -48.59 57.25 -40.38
CA LYS C 1274 -48.59 56.30 -39.28
C LYS C 1274 -47.20 55.87 -38.85
N LEU C 1275 -46.16 56.21 -39.61
CA LEU C 1275 -44.80 56.08 -39.09
C LEU C 1275 -44.58 57.00 -37.90
N GLN C 1276 -45.18 58.20 -37.95
CA GLN C 1276 -44.97 59.21 -36.93
C GLN C 1276 -45.74 58.93 -35.66
N THR C 1277 -46.74 58.06 -35.72
CA THR C 1277 -47.36 57.49 -34.53
C THR C 1277 -46.61 56.20 -34.18
N SER C 1278 -47.17 55.37 -33.32
CA SER C 1278 -46.52 54.13 -32.93
C SER C 1278 -46.53 53.12 -34.09
N VAL C 1279 -45.74 52.07 -33.92
CA VAL C 1279 -45.71 50.98 -34.88
C VAL C 1279 -47.02 50.19 -34.82
N ASP C 1280 -47.64 50.12 -33.64
CA ASP C 1280 -48.86 49.36 -33.46
C ASP C 1280 -50.03 49.99 -34.21
N GLU C 1281 -50.00 51.30 -34.42
CA GLU C 1281 -51.01 51.95 -35.25
C GLU C 1281 -50.70 51.86 -36.73
N LEU C 1282 -49.59 51.25 -37.11
CA LEU C 1282 -49.23 51.05 -38.51
C LEU C 1282 -49.39 49.59 -38.93
N LEU C 1283 -48.77 48.67 -38.18
CA LEU C 1283 -48.88 47.24 -38.48
C LEU C 1283 -50.12 46.67 -37.82
N SER C 1284 -51.28 47.14 -38.30
CA SER C 1284 -52.56 46.68 -37.80
C SER C 1284 -53.48 46.37 -38.97
N TYR C 1285 -54.54 45.63 -38.68
CA TYR C 1285 -55.44 45.17 -39.72
C TYR C 1285 -56.29 46.31 -40.28
N SER C 1286 -56.59 47.31 -39.45
CA SER C 1286 -57.41 48.43 -39.89
C SER C 1286 -56.66 49.30 -40.90
N THR C 1287 -55.33 49.29 -40.86
CA THR C 1287 -54.55 50.01 -41.86
C THR C 1287 -54.31 49.14 -43.08
N GLN C 1288 -54.43 47.83 -42.94
CA GLN C 1288 -54.32 46.94 -44.07
C GLN C 1288 -55.65 46.73 -44.79
N LYS C 1289 -56.76 47.25 -44.25
CA LYS C 1289 -58.03 47.10 -44.96
C LYS C 1289 -58.20 48.12 -46.07
N ASP C 1290 -58.32 49.40 -45.69
CA ASP C 1290 -58.79 50.40 -46.66
C ASP C 1290 -57.64 51.02 -47.43
N LYS C 1291 -56.47 51.14 -46.80
CA LYS C 1291 -55.35 51.82 -47.40
C LYS C 1291 -54.58 50.94 -48.36
N ILE C 1292 -54.69 49.62 -48.21
CA ILE C 1292 -54.05 48.65 -49.08
C ILE C 1292 -55.07 47.57 -49.39
N GLY C 1293 -55.26 47.29 -50.66
CA GLY C 1293 -56.30 46.34 -51.04
C GLY C 1293 -55.93 44.90 -50.77
N LEU C 1294 -56.88 44.01 -51.07
CA LEU C 1294 -56.60 42.59 -51.11
C LEU C 1294 -55.87 42.21 -52.39
N ASP C 1295 -56.42 42.65 -53.53
CA ASP C 1295 -55.75 42.40 -54.81
C ASP C 1295 -54.59 43.36 -55.01
N ALA C 1296 -54.60 44.50 -54.30
CA ALA C 1296 -53.46 45.41 -54.32
C ALA C 1296 -52.35 44.94 -53.39
N PHE C 1297 -52.60 43.93 -52.56
CA PHE C 1297 -51.55 43.39 -51.73
C PHE C 1297 -50.64 42.50 -52.55
N SER C 1298 -51.18 41.88 -53.58
CA SER C 1298 -50.41 41.28 -54.65
C SER C 1298 -50.33 42.29 -55.80
N GLY C 1299 -49.79 41.85 -56.93
CA GLY C 1299 -49.68 42.77 -58.04
C GLY C 1299 -48.31 43.39 -58.16
N SER C 1300 -48.25 44.63 -58.65
CA SER C 1300 -46.98 45.20 -59.13
C SER C 1300 -46.05 45.52 -57.97
N TYR C 1301 -46.55 46.15 -56.91
CA TYR C 1301 -45.75 46.48 -55.75
C TYR C 1301 -45.97 45.51 -54.60
N GLY C 1302 -46.33 44.26 -54.90
CA GLY C 1302 -46.77 43.34 -53.87
C GLY C 1302 -45.67 42.76 -53.01
N ILE C 1303 -44.44 42.69 -53.55
CA ILE C 1303 -43.33 42.11 -52.80
C ILE C 1303 -43.02 42.97 -51.58
N TYR C 1304 -43.10 44.29 -51.75
CA TYR C 1304 -42.87 45.22 -50.65
C TYR C 1304 -43.93 45.07 -49.56
N PHE C 1305 -45.17 44.77 -49.92
CA PHE C 1305 -46.21 44.69 -48.89
C PHE C 1305 -46.19 43.35 -48.17
N TRP C 1306 -45.98 42.25 -48.91
CA TRP C 1306 -45.74 40.95 -48.27
C TRP C 1306 -44.59 41.03 -47.29
N GLU C 1307 -43.45 41.57 -47.75
CA GLU C 1307 -42.28 41.77 -46.89
C GLU C 1307 -42.59 42.67 -45.70
N PHE C 1308 -43.14 43.85 -45.95
CA PHE C 1308 -43.26 44.88 -44.92
C PHE C 1308 -44.29 44.55 -43.86
N PHE C 1309 -45.38 43.88 -44.21
CA PHE C 1309 -46.37 43.53 -43.22
C PHE C 1309 -46.27 42.09 -42.76
N PHE C 1310 -45.37 41.30 -43.32
CA PHE C 1310 -45.32 39.94 -42.82
C PHE C 1310 -43.92 39.45 -42.43
N HIS C 1311 -42.89 39.78 -43.20
CA HIS C 1311 -41.56 39.27 -42.96
C HIS C 1311 -40.74 40.15 -42.05
N ILE C 1312 -41.15 41.41 -41.87
CA ILE C 1312 -40.51 42.31 -40.93
C ILE C 1312 -40.81 41.91 -39.49
N PRO C 1313 -42.05 41.55 -39.09
CA PRO C 1313 -42.20 40.93 -37.76
C PRO C 1313 -41.54 39.57 -37.62
N PHE C 1314 -41.49 38.76 -38.69
CA PHE C 1314 -40.69 37.53 -38.70
C PHE C 1314 -39.24 37.76 -38.31
N LEU C 1315 -38.52 38.53 -39.11
CA LEU C 1315 -37.10 38.69 -38.86
C LEU C 1315 -36.81 39.68 -37.76
N ALA C 1316 -37.83 40.38 -37.25
CA ALA C 1316 -37.66 41.07 -35.97
C ALA C 1316 -37.72 40.06 -34.81
N SER C 1317 -38.76 39.24 -34.77
CA SER C 1317 -38.99 38.37 -33.62
C SER C 1317 -37.98 37.23 -33.56
N MET C 1318 -37.57 36.70 -34.71
CA MET C 1318 -36.57 35.64 -34.69
C MET C 1318 -35.19 36.18 -34.35
N ARG C 1319 -34.93 37.45 -34.67
CA ARG C 1319 -33.68 38.08 -34.25
C ARG C 1319 -33.67 38.34 -32.75
N PHE C 1320 -34.82 38.74 -32.19
CA PHE C 1320 -34.90 38.86 -30.73
C PHE C 1320 -34.80 37.51 -30.04
N LEU C 1321 -35.33 36.44 -30.66
CA LEU C 1321 -35.16 35.09 -30.11
C LEU C 1321 -33.70 34.65 -30.14
N ASN C 1322 -33.01 34.91 -31.25
CA ASN C 1322 -31.60 34.53 -31.37
C ASN C 1322 -30.71 35.32 -30.43
N GLU C 1323 -31.12 36.53 -30.04
CA GLU C 1323 -30.35 37.32 -29.10
C GLU C 1323 -30.93 37.28 -27.69
N GLN C 1324 -31.95 36.46 -27.47
CA GLN C 1324 -32.48 36.11 -26.14
C GLN C 1324 -33.04 37.32 -25.40
N ARG C 1325 -33.94 38.03 -26.08
CA ARG C 1325 -34.77 39.07 -25.47
C ARG C 1325 -36.20 38.59 -25.67
N PHE C 1326 -36.68 37.74 -24.77
CA PHE C 1326 -37.89 36.98 -25.02
C PHE C 1326 -39.15 37.81 -24.80
N ASP C 1327 -39.13 38.71 -23.81
CA ASP C 1327 -40.29 39.54 -23.53
C ASP C 1327 -40.55 40.55 -24.64
N LEU C 1328 -39.54 40.83 -25.45
CA LEU C 1328 -39.73 41.67 -26.63
C LEU C 1328 -39.80 40.85 -27.91
N ALA C 1329 -39.36 39.60 -27.87
CA ALA C 1329 -39.61 38.69 -28.98
C ALA C 1329 -41.08 38.32 -29.08
N GLN C 1330 -41.77 38.24 -27.94
CA GLN C 1330 -43.19 37.94 -27.97
C GLN C 1330 -44.01 39.11 -28.50
N HIS C 1331 -43.54 40.34 -28.25
CA HIS C 1331 -44.26 41.54 -28.64
C HIS C 1331 -44.32 41.71 -30.15
N TRP C 1332 -43.32 41.24 -30.88
CA TRP C 1332 -43.32 41.39 -32.33
C TRP C 1332 -43.99 40.24 -33.05
N LEU C 1333 -44.24 39.12 -32.38
CA LEU C 1333 -45.20 38.16 -32.91
C LEU C 1333 -46.63 38.52 -32.57
N LYS C 1334 -46.84 39.51 -31.71
CA LYS C 1334 -48.20 40.02 -31.53
C LYS C 1334 -48.66 40.86 -32.72
N TYR C 1335 -47.77 41.20 -33.64
CA TYR C 1335 -48.16 41.84 -34.88
C TYR C 1335 -48.51 40.84 -35.98
N LEU C 1336 -48.35 39.55 -35.72
CA LEU C 1336 -48.79 38.50 -36.63
C LEU C 1336 -49.89 37.64 -36.05
N LEU C 1337 -49.68 37.06 -34.87
CA LEU C 1337 -50.66 36.21 -34.22
C LEU C 1337 -50.79 36.61 -32.75
N ASN C 1338 -51.97 37.07 -32.37
CA ASN C 1338 -52.29 37.30 -30.97
C ASN C 1338 -53.54 36.51 -30.65
N SER C 1339 -53.54 35.86 -29.49
CA SER C 1339 -54.65 35.00 -29.09
C SER C 1339 -55.64 35.83 -28.30
N ALA C 1340 -56.63 36.38 -29.01
CA ALA C 1340 -57.69 37.25 -28.50
C ALA C 1340 -57.11 38.46 -27.80
N GLY C 1341 -56.40 39.28 -28.58
CA GLY C 1341 -55.69 40.40 -27.98
C GLY C 1341 -55.66 41.69 -28.77
N TYR C 1342 -56.30 41.75 -29.93
CA TYR C 1342 -56.34 42.99 -30.69
C TYR C 1342 -57.51 43.81 -30.19
N ARG C 1343 -57.22 44.96 -29.57
CA ARG C 1343 -58.23 45.68 -28.81
C ARG C 1343 -58.32 47.15 -29.16
N ASP C 1344 -57.20 47.76 -29.55
CA ASP C 1344 -57.09 49.20 -29.86
C ASP C 1344 -57.55 50.09 -28.71
N ARG C 1345 -56.99 49.83 -27.52
CA ARG C 1345 -56.88 50.74 -26.36
C ARG C 1345 -58.19 51.08 -25.65
N ASN C 1346 -59.36 50.66 -26.16
CA ASN C 1346 -60.62 50.84 -25.41
C ASN C 1346 -61.50 49.61 -25.63
N GLY C 1347 -61.31 48.58 -24.80
CA GLY C 1347 -62.04 47.32 -24.90
C GLY C 1347 -62.00 46.72 -26.29
N ASN C 1348 -63.16 46.30 -26.81
CA ASN C 1348 -63.38 46.22 -28.25
C ASN C 1348 -62.47 45.27 -29.02
N LEU C 1349 -62.73 43.96 -28.93
CA LEU C 1349 -61.90 42.90 -29.52
C LEU C 1349 -61.67 42.94 -31.04
N LEU C 1350 -62.22 43.95 -31.74
CA LEU C 1350 -61.95 44.24 -33.15
C LEU C 1350 -62.39 43.09 -34.05
N LYS C 1351 -63.69 42.81 -34.03
CA LYS C 1351 -64.21 41.70 -34.81
C LYS C 1351 -64.52 42.15 -36.23
N GLU C 1352 -64.64 41.17 -37.13
CA GLU C 1352 -65.18 41.42 -38.46
C GLU C 1352 -66.71 41.42 -38.42
N GLY C 1353 -67.29 40.27 -38.10
CA GLY C 1353 -68.68 40.18 -37.70
C GLY C 1353 -68.73 39.72 -36.26
N ASP C 1354 -68.98 38.43 -36.05
CA ASP C 1354 -68.76 37.80 -34.77
C ASP C 1354 -67.38 37.17 -34.66
N ASN C 1355 -66.61 37.16 -35.75
CA ASN C 1355 -65.30 36.54 -35.79
C ASN C 1355 -64.30 37.43 -35.06
N ILE C 1356 -63.88 37.00 -33.87
CA ILE C 1356 -62.81 37.70 -33.15
C ILE C 1356 -61.52 37.54 -33.93
N LEU C 1357 -60.82 38.64 -34.16
CA LEU C 1357 -59.68 38.66 -35.06
C LEU C 1357 -58.43 38.19 -34.34
N TYR C 1358 -57.78 37.16 -34.88
CA TYR C 1358 -56.55 36.64 -34.32
C TYR C 1358 -55.32 36.91 -35.18
N TRP C 1359 -55.48 36.96 -36.49
CA TRP C 1359 -54.37 37.17 -37.41
C TRP C 1359 -54.37 38.61 -37.88
N ASN C 1360 -53.30 39.33 -37.59
CA ASN C 1360 -53.24 40.74 -37.95
C ASN C 1360 -52.87 40.93 -39.42
N SER C 1361 -52.10 40.01 -39.99
CA SER C 1361 -51.68 40.12 -41.37
C SER C 1361 -52.86 39.87 -42.30
N LEU C 1362 -52.80 40.48 -43.48
CA LEU C 1362 -53.95 40.48 -44.39
C LEU C 1362 -54.12 39.20 -45.23
N PRO C 1363 -53.08 38.60 -45.85
CA PRO C 1363 -53.34 37.34 -46.58
C PRO C 1363 -53.55 36.15 -45.68
N LEU C 1364 -53.15 36.23 -44.42
CA LEU C 1364 -53.44 35.16 -43.48
C LEU C 1364 -54.87 35.19 -43.00
N GLN C 1365 -55.58 36.29 -43.24
CA GLN C 1365 -56.95 36.42 -42.74
C GLN C 1365 -57.93 35.57 -43.55
N GLN C 1366 -57.73 35.47 -44.86
CA GLN C 1366 -58.64 34.73 -45.72
C GLN C 1366 -58.04 33.39 -46.11
N ASP C 1367 -58.87 32.57 -46.75
CA ASP C 1367 -58.48 31.27 -47.28
C ASP C 1367 -58.59 31.36 -48.80
N THR C 1368 -57.45 31.46 -49.48
CA THR C 1368 -57.44 31.70 -50.91
C THR C 1368 -56.93 30.48 -51.68
N ASP C 1369 -57.33 30.43 -52.95
CA ASP C 1369 -56.94 29.36 -53.86
C ASP C 1369 -55.92 29.89 -54.85
N TRP C 1370 -54.87 29.10 -55.10
CA TRP C 1370 -53.85 29.43 -56.08
C TRP C 1370 -54.05 28.54 -57.30
N ASP C 1371 -53.72 29.09 -58.48
CA ASP C 1371 -54.04 28.45 -59.75
C ASP C 1371 -52.86 28.39 -60.72
N LYS C 1372 -51.75 29.05 -60.42
CA LYS C 1372 -50.66 29.14 -61.39
C LYS C 1372 -49.61 28.06 -61.24
N ASN C 1373 -49.22 27.74 -60.00
CA ASN C 1373 -47.94 27.11 -59.71
C ASN C 1373 -47.90 25.65 -60.13
N THR C 1374 -47.66 25.42 -61.42
CA THR C 1374 -47.46 24.10 -61.99
C THR C 1374 -45.98 23.77 -61.95
N LEU C 1375 -45.67 22.49 -61.71
CA LEU C 1375 -44.32 21.93 -61.68
C LEU C 1375 -43.47 22.60 -60.59
N THR C 1376 -43.88 22.35 -59.35
CA THR C 1376 -43.04 22.66 -58.19
C THR C 1376 -41.93 21.64 -57.99
N LEU C 1377 -41.98 20.51 -58.68
CA LEU C 1377 -40.97 19.46 -58.62
C LEU C 1377 -39.55 19.90 -59.01
N PRO C 1378 -39.33 20.93 -59.88
CA PRO C 1378 -38.00 21.55 -59.90
C PRO C 1378 -37.73 22.53 -58.76
N THR C 1379 -38.74 23.27 -58.30
CA THR C 1379 -38.53 24.34 -57.33
C THR C 1379 -38.61 23.77 -55.92
N ASP C 1380 -37.45 23.52 -55.32
CA ASP C 1380 -37.37 22.95 -53.97
C ASP C 1380 -37.49 24.02 -52.88
N ASP C 1381 -37.94 25.22 -53.23
CA ASP C 1381 -38.09 26.29 -52.25
C ASP C 1381 -39.34 26.04 -51.40
N PRO C 1382 -39.23 26.03 -50.07
CA PRO C 1382 -40.44 26.01 -49.24
C PRO C 1382 -41.19 27.33 -49.24
N ASP C 1383 -40.53 28.44 -49.59
CA ASP C 1383 -41.20 29.74 -49.54
C ASP C 1383 -42.16 29.92 -50.69
N VAL C 1384 -41.87 29.35 -51.86
CA VAL C 1384 -42.82 29.37 -52.97
C VAL C 1384 -44.05 28.53 -52.63
N ILE C 1385 -43.84 27.40 -51.96
CA ILE C 1385 -44.93 26.55 -51.51
C ILE C 1385 -45.77 27.28 -50.46
N ALA C 1386 -45.11 28.04 -49.58
CA ALA C 1386 -45.85 28.77 -48.56
C ALA C 1386 -46.57 29.98 -49.13
N MET C 1387 -46.06 30.57 -50.21
CA MET C 1387 -46.78 31.63 -50.90
C MET C 1387 -47.87 31.10 -51.82
N GLN C 1388 -47.86 29.80 -52.12
CA GLN C 1388 -48.97 29.21 -52.87
C GLN C 1388 -50.23 29.17 -52.02
N ASP C 1389 -50.14 28.56 -50.84
CA ASP C 1389 -51.24 28.56 -49.88
C ASP C 1389 -50.76 29.11 -48.54
N PRO C 1390 -51.41 30.14 -47.97
CA PRO C 1390 -50.90 30.78 -46.75
C PRO C 1390 -51.09 29.97 -45.48
N MET C 1391 -51.59 28.74 -45.53
CA MET C 1391 -51.70 27.93 -44.32
C MET C 1391 -50.34 27.47 -43.83
N GLN C 1392 -49.33 27.43 -44.70
CA GLN C 1392 -47.98 27.07 -44.28
C GLN C 1392 -47.38 28.15 -43.40
N TYR C 1393 -47.51 29.42 -43.80
CA TYR C 1393 -47.07 30.51 -42.93
C TYR C 1393 -47.90 30.57 -41.65
N LYS C 1394 -49.18 30.25 -41.76
CA LYS C 1394 -50.07 30.24 -40.61
C LYS C 1394 -49.67 29.15 -39.61
N LEU C 1395 -49.13 28.03 -40.10
CA LEU C 1395 -48.62 27.01 -39.21
C LEU C 1395 -47.24 27.39 -38.66
N ALA C 1396 -46.45 28.10 -39.46
CA ALA C 1396 -45.10 28.49 -39.02
C ALA C 1396 -45.16 29.50 -37.89
N ILE C 1397 -46.08 30.46 -37.94
CA ILE C 1397 -46.19 31.45 -36.87
C ILE C 1397 -46.69 30.79 -35.58
N PHE C 1398 -47.58 29.80 -35.71
CA PHE C 1398 -48.08 29.07 -34.55
C PHE C 1398 -46.97 28.26 -33.89
N MET C 1399 -46.11 27.63 -34.70
CA MET C 1399 -45.00 26.88 -34.12
C MET C 1399 -43.94 27.80 -33.52
N ARG C 1400 -43.73 29.00 -34.09
CA ARG C 1400 -42.78 29.92 -33.47
C ARG C 1400 -43.34 30.49 -32.17
N THR C 1401 -44.66 30.66 -32.08
CA THR C 1401 -45.28 31.08 -30.83
C THR C 1401 -45.09 30.03 -29.74
N LEU C 1402 -45.27 28.76 -30.08
CA LEU C 1402 -45.07 27.70 -29.10
C LEU C 1402 -43.60 27.57 -28.70
N ASP C 1403 -42.68 27.69 -29.67
CA ASP C 1403 -41.25 27.68 -29.37
C ASP C 1403 -40.87 28.83 -28.45
N LEU C 1404 -41.47 30.00 -28.66
CA LEU C 1404 -41.13 31.16 -27.86
C LEU C 1404 -41.66 31.03 -26.44
N ILE C 1405 -42.86 30.46 -26.28
CA ILE C 1405 -43.41 30.29 -24.94
C ILE C 1405 -42.65 29.23 -24.15
N ILE C 1406 -42.29 28.12 -24.79
CA ILE C 1406 -41.49 27.14 -24.06
C ILE C 1406 -40.05 27.63 -23.85
N SER C 1407 -39.57 28.56 -24.68
CA SER C 1407 -38.26 29.15 -24.42
C SER C 1407 -38.31 30.11 -23.24
N GLN C 1408 -39.42 30.84 -23.07
CA GLN C 1408 -39.59 31.66 -21.87
C GLN C 1408 -39.72 30.79 -20.63
N GLY C 1409 -40.36 29.63 -20.76
CA GLY C 1409 -40.42 28.70 -19.64
C GLY C 1409 -39.06 28.14 -19.27
N ASP C 1410 -38.24 27.80 -20.27
CA ASP C 1410 -36.89 27.33 -20.01
C ASP C 1410 -36.00 28.43 -19.45
N GLN C 1411 -36.23 29.68 -19.86
CA GLN C 1411 -35.48 30.80 -19.30
C GLN C 1411 -35.79 31.00 -17.83
N ALA C 1412 -37.04 30.78 -17.44
CA ALA C 1412 -37.41 30.83 -16.03
C ALA C 1412 -37.17 29.51 -15.31
N TYR C 1413 -36.53 28.53 -15.94
CA TYR C 1413 -36.24 27.27 -15.29
C TYR C 1413 -34.76 27.09 -14.99
N ARG C 1414 -33.87 27.81 -15.67
CA ARG C 1414 -32.44 27.66 -15.47
C ARG C 1414 -31.93 28.41 -14.25
N GLN C 1415 -32.77 29.16 -13.56
CA GLN C 1415 -32.34 29.91 -12.39
C GLN C 1415 -32.59 29.16 -11.09
N LEU C 1416 -33.46 28.16 -11.11
CA LEU C 1416 -33.62 27.12 -10.07
C LEU C 1416 -34.08 27.68 -8.73
N GLU C 1417 -34.72 28.83 -8.71
CA GLU C 1417 -35.36 29.35 -7.50
C GLU C 1417 -36.83 28.97 -7.54
N ARG C 1418 -37.41 28.70 -6.36
CA ARG C 1418 -38.76 28.13 -6.32
C ARG C 1418 -39.81 29.16 -6.74
N ASP C 1419 -39.56 30.44 -6.48
CA ASP C 1419 -40.41 31.49 -7.07
C ASP C 1419 -40.26 31.51 -8.58
N THR C 1420 -39.04 31.31 -9.06
CA THR C 1420 -38.80 31.30 -10.50
C THR C 1420 -39.33 30.01 -11.13
N LEU C 1421 -39.37 28.90 -10.39
CA LEU C 1421 -39.99 27.69 -10.91
C LEU C 1421 -41.50 27.82 -10.96
N ALA C 1422 -42.09 28.52 -9.98
CA ALA C 1422 -43.52 28.81 -10.03
C ALA C 1422 -43.85 29.75 -11.18
N GLU C 1423 -42.94 30.68 -11.50
CA GLU C 1423 -43.08 31.49 -12.70
C GLU C 1423 -42.91 30.66 -13.97
N ALA C 1424 -42.08 29.61 -13.91
CA ALA C 1424 -41.78 28.81 -15.09
C ALA C 1424 -42.93 27.89 -15.45
N LYS C 1425 -43.65 27.39 -14.44
CA LYS C 1425 -44.73 26.43 -14.69
C LYS C 1425 -45.88 27.05 -15.49
N ILE C 1426 -46.09 28.37 -15.33
CA ILE C 1426 -47.19 29.07 -15.95
C ILE C 1426 -47.05 29.12 -17.48
N TYR C 1427 -45.80 29.20 -17.96
CA TYR C 1427 -45.59 29.21 -19.41
C TYR C 1427 -45.91 27.86 -20.03
N TYR C 1428 -45.65 26.77 -19.32
CA TYR C 1428 -46.00 25.47 -19.87
C TYR C 1428 -47.50 25.22 -19.78
N ILE C 1429 -48.16 25.79 -18.77
CA ILE C 1429 -49.63 25.84 -18.75
C ILE C 1429 -50.15 26.55 -19.99
N GLN C 1430 -49.56 27.70 -20.32
CA GLN C 1430 -50.03 28.51 -21.45
C GLN C 1430 -49.78 27.81 -22.78
N ALA C 1431 -48.66 27.08 -22.88
CA ALA C 1431 -48.39 26.31 -24.09
C ALA C 1431 -49.36 25.15 -24.24
N SER C 1432 -49.68 24.47 -23.13
CA SER C 1432 -50.67 23.40 -23.20
C SER C 1432 -52.07 23.93 -23.46
N GLN C 1433 -52.34 25.19 -23.11
CA GLN C 1433 -53.63 25.78 -23.43
C GLN C 1433 -53.71 26.21 -24.89
N LEU C 1434 -52.59 26.61 -25.50
CA LEU C 1434 -52.62 26.92 -26.92
C LEU C 1434 -52.71 25.65 -27.76
N LEU C 1435 -52.03 24.59 -27.34
CA LEU C 1435 -52.10 23.35 -28.12
C LEU C 1435 -53.45 22.65 -28.00
N GLY C 1436 -54.20 22.90 -26.93
CA GLY C 1436 -55.52 22.30 -26.82
C GLY C 1436 -55.45 20.94 -26.16
N SER C 1437 -56.00 19.93 -26.82
CA SER C 1437 -56.00 18.56 -26.32
C SER C 1437 -55.31 17.65 -27.32
N ARG C 1438 -54.60 16.66 -26.79
CA ARG C 1438 -53.81 15.77 -27.65
C ARG C 1438 -54.73 14.81 -28.38
N PRO C 1439 -54.62 14.67 -29.69
CA PRO C 1439 -55.49 13.75 -30.42
C PRO C 1439 -55.06 12.31 -30.26
N ASP C 1440 -55.96 11.40 -30.65
CA ASP C 1440 -55.68 9.98 -30.64
C ASP C 1440 -54.80 9.60 -31.84
N LEU C 1441 -54.36 8.34 -31.85
CA LEU C 1441 -53.58 7.80 -32.95
C LEU C 1441 -54.02 6.38 -33.25
N ASN C 1442 -53.89 6.00 -34.53
CA ASN C 1442 -54.24 4.66 -35.04
C ASN C 1442 -55.68 4.29 -34.75
N ARG C 1443 -56.61 5.21 -35.02
CA ARG C 1443 -58.03 4.95 -34.80
C ARG C 1443 -58.88 5.30 -36.02
N GLY C 1444 -58.29 5.33 -37.21
CA GLY C 1444 -59.07 5.46 -38.42
C GLY C 1444 -58.43 4.71 -39.58
N HIS C 1445 -59.18 3.79 -40.17
CA HIS C 1445 -58.73 2.89 -41.25
C HIS C 1445 -57.47 2.13 -40.84
N GLN C 1446 -57.68 1.24 -39.87
CA GLN C 1446 -56.60 0.45 -39.27
C GLN C 1446 -55.88 -0.37 -40.34
N TRP C 1447 -54.56 -0.46 -40.19
CA TRP C 1447 -53.69 -1.01 -41.23
C TRP C 1447 -53.87 -2.52 -41.34
N GLU C 1448 -54.53 -2.96 -42.40
CA GLU C 1448 -54.58 -4.37 -42.72
C GLU C 1448 -53.25 -4.80 -43.31
N ASN C 1449 -52.90 -6.06 -43.07
CA ASN C 1449 -51.60 -6.59 -43.51
C ASN C 1449 -51.68 -6.86 -45.00
N ILE C 1450 -51.17 -5.92 -45.79
CA ILE C 1450 -51.20 -5.99 -47.25
C ILE C 1450 -49.87 -6.55 -47.73
N LYS C 1451 -49.93 -7.45 -48.70
CA LYS C 1451 -48.78 -8.23 -49.12
C LYS C 1451 -48.06 -7.64 -50.33
N LEU C 1452 -48.20 -6.34 -50.58
CA LEU C 1452 -47.38 -5.52 -51.48
C LEU C 1452 -47.56 -5.86 -52.97
N ALA C 1453 -48.31 -6.91 -53.29
CA ALA C 1453 -48.76 -7.16 -54.64
C ALA C 1453 -50.21 -6.72 -54.85
N GLU C 1454 -50.90 -6.36 -53.78
CA GLU C 1454 -52.23 -5.79 -53.87
C GLU C 1454 -52.21 -4.28 -53.99
N GLU C 1455 -51.05 -3.66 -53.83
CA GLU C 1455 -50.92 -2.22 -53.91
C GLU C 1455 -50.94 -1.76 -55.36
N SER C 1456 -51.01 -0.45 -55.54
CA SER C 1456 -50.95 0.18 -56.85
C SER C 1456 -49.78 1.16 -56.87
N ARG C 1457 -49.43 1.62 -58.07
CA ARG C 1457 -48.37 2.61 -58.21
C ARG C 1457 -48.82 3.95 -57.65
N GLN C 1458 -50.07 4.33 -57.89
CA GLN C 1458 -50.55 5.65 -57.55
C GLN C 1458 -50.87 5.77 -56.06
N ALA C 1459 -51.25 6.98 -55.67
CA ALA C 1459 -51.75 7.27 -54.34
C ALA C 1459 -53.26 6.99 -54.30
N GLU C 1460 -53.93 7.53 -53.27
CA GLU C 1460 -55.36 7.44 -52.97
C GLU C 1460 -55.95 6.03 -53.10
N ASN C 1461 -55.17 5.03 -52.69
CA ASN C 1461 -55.71 3.68 -52.55
C ASN C 1461 -56.50 3.53 -51.26
N GLY C 1462 -56.38 4.50 -50.36
CA GLY C 1462 -57.08 4.47 -49.09
C GLY C 1462 -56.33 3.82 -47.96
N HIS C 1463 -55.03 3.59 -48.10
CA HIS C 1463 -54.29 2.83 -47.11
C HIS C 1463 -53.06 3.55 -46.58
N PHE C 1464 -52.58 4.62 -47.22
CA PHE C 1464 -51.34 5.25 -46.77
C PHE C 1464 -51.50 6.60 -46.10
N LEU C 1465 -52.61 7.32 -46.35
CA LEU C 1465 -53.26 8.22 -45.38
C LEU C 1465 -52.36 9.25 -44.70
N PRO C 1466 -52.17 10.42 -45.31
CA PRO C 1466 -51.13 11.40 -44.86
C PRO C 1466 -51.21 11.74 -43.39
N PRO C 1467 -50.07 11.77 -42.71
CA PRO C 1467 -50.05 11.63 -41.25
C PRO C 1467 -50.32 12.95 -40.53
N TYR C 1468 -50.24 12.88 -39.22
CA TYR C 1468 -50.24 14.06 -38.37
C TYR C 1468 -48.85 14.70 -38.43
N ASN C 1469 -48.78 15.96 -37.99
CA ASN C 1469 -47.56 16.76 -38.06
C ASN C 1469 -46.48 16.18 -37.13
N GLU C 1470 -45.24 16.59 -37.38
CA GLU C 1470 -44.14 16.06 -36.58
C GLU C 1470 -43.80 16.99 -35.42
N ILE C 1471 -43.74 18.28 -35.70
CA ILE C 1471 -43.30 19.25 -34.70
C ILE C 1471 -44.39 19.51 -33.68
N LEU C 1472 -45.65 19.61 -34.14
CA LEU C 1472 -46.76 19.75 -33.20
C LEU C 1472 -46.98 18.48 -32.39
N LEU C 1473 -46.54 17.33 -32.90
CA LEU C 1473 -46.59 16.11 -32.10
C LEU C 1473 -45.44 16.09 -31.09
N SER C 1474 -44.29 16.67 -31.45
CA SER C 1474 -43.17 16.70 -30.52
C SER C 1474 -43.35 17.73 -29.42
N TYR C 1475 -44.18 18.75 -29.66
CA TYR C 1475 -44.44 19.75 -28.62
C TYR C 1475 -45.19 19.17 -27.43
N TRP C 1476 -46.11 18.22 -27.67
CA TRP C 1476 -46.79 17.55 -26.57
C TRP C 1476 -45.81 16.76 -25.71
N ASP C 1477 -44.82 16.13 -26.35
CA ASP C 1477 -43.84 15.36 -25.62
C ASP C 1477 -42.90 16.27 -24.84
N LYS C 1478 -42.53 17.42 -25.42
CA LYS C 1478 -41.73 18.41 -24.71
C LYS C 1478 -42.44 18.92 -23.47
N LEU C 1479 -43.72 19.30 -23.62
CA LEU C 1479 -44.49 19.79 -22.48
C LEU C 1479 -44.70 18.71 -21.44
N GLU C 1480 -44.86 17.45 -21.87
CA GLU C 1480 -45.04 16.35 -20.92
C GLU C 1480 -43.78 16.12 -20.10
N ILE C 1481 -42.60 16.14 -20.74
CA ILE C 1481 -41.34 15.96 -20.01
C ILE C 1481 -41.08 17.13 -19.07
N ARG C 1482 -41.34 18.36 -19.52
CA ARG C 1482 -41.03 19.50 -18.67
C ARG C 1482 -42.03 19.67 -17.53
N LEU C 1483 -43.30 19.34 -17.73
CA LEU C 1483 -44.24 19.34 -16.62
C LEU C 1483 -43.98 18.18 -15.66
N TYR C 1484 -43.48 17.05 -16.17
CA TYR C 1484 -43.08 15.96 -15.27
C TYR C 1484 -41.88 16.34 -14.44
N ASN C 1485 -40.97 17.13 -15.00
CA ASN C 1485 -39.85 17.62 -14.20
C ASN C 1485 -40.29 18.68 -13.21
N LEU C 1486 -41.27 19.50 -13.57
CA LEU C 1486 -41.76 20.53 -12.65
C LEU C 1486 -42.55 19.95 -11.48
N ARG C 1487 -43.35 18.91 -11.74
CA ARG C 1487 -44.21 18.35 -10.70
C ARG C 1487 -43.46 17.42 -9.76
N HIS C 1488 -42.16 17.30 -9.91
CA HIS C 1488 -41.24 16.78 -8.92
C HIS C 1488 -40.14 17.83 -8.73
N ASN C 1489 -39.09 17.47 -8.00
CA ASN C 1489 -37.91 18.33 -7.97
C ASN C 1489 -36.80 17.83 -8.88
N LEU C 1490 -37.17 17.32 -10.04
CA LEU C 1490 -36.19 17.02 -11.07
C LEU C 1490 -35.77 18.30 -11.78
N ASN C 1491 -34.56 18.27 -12.34
CA ASN C 1491 -34.06 19.32 -13.20
C ASN C 1491 -34.45 18.95 -14.64
N LEU C 1492 -33.92 19.66 -15.64
CA LEU C 1492 -34.10 19.20 -17.01
C LEU C 1492 -33.29 17.94 -17.29
N ASP C 1493 -32.18 17.75 -16.59
CA ASP C 1493 -31.34 16.57 -16.74
C ASP C 1493 -31.78 15.41 -15.87
N GLY C 1494 -32.92 15.52 -15.19
CA GLY C 1494 -33.34 14.50 -14.25
C GLY C 1494 -32.65 14.54 -12.91
N GLN C 1495 -31.81 15.54 -12.68
CA GLN C 1495 -31.10 15.67 -11.41
C GLN C 1495 -32.06 16.15 -10.33
N PRO C 1496 -32.07 15.52 -9.15
CA PRO C 1496 -32.98 15.97 -8.09
C PRO C 1496 -32.49 17.26 -7.45
N LEU C 1497 -33.40 18.23 -7.34
CA LEU C 1497 -33.08 19.46 -6.60
C LEU C 1497 -32.97 19.19 -5.12
N HIS C 1498 -33.86 18.37 -4.58
CA HIS C 1498 -33.78 17.93 -3.19
C HIS C 1498 -32.92 16.68 -3.12
N LEU C 1499 -31.87 16.73 -2.31
CA LEU C 1499 -30.95 15.60 -2.17
C LEU C 1499 -31.64 14.47 -1.42
N PRO C 1500 -31.46 13.22 -1.86
CA PRO C 1500 -32.23 12.11 -1.29
C PRO C 1500 -31.70 11.70 0.08
N LEU C 1501 -32.47 10.83 0.74
CA LEU C 1501 -32.11 10.33 2.05
C LEU C 1501 -31.13 9.17 1.94
N PHE C 1502 -30.42 8.90 3.02
CA PHE C 1502 -29.38 7.89 3.08
C PHE C 1502 -29.81 6.77 4.01
N ALA C 1503 -29.39 5.55 3.70
CA ALA C 1503 -29.73 4.36 4.49
C ALA C 1503 -28.48 3.77 5.12
N THR C 1504 -28.59 3.35 6.37
CA THR C 1504 -27.48 2.77 7.12
C THR C 1504 -28.04 1.75 8.11
N PRO C 1505 -27.53 0.52 8.11
CA PRO C 1505 -27.96 -0.45 9.12
C PRO C 1505 -27.40 -0.11 10.49
N VAL C 1506 -28.21 -0.35 11.52
CA VAL C 1506 -27.91 0.06 12.88
C VAL C 1506 -27.83 -1.18 13.76
N ASP C 1507 -26.72 -1.29 14.52
CA ASP C 1507 -26.48 -2.27 15.58
C ASP C 1507 -26.57 -3.72 15.12
N PRO C 1508 -25.58 -4.24 14.40
CA PRO C 1508 -25.57 -5.68 14.08
C PRO C 1508 -25.36 -6.51 15.36
N LYS C 1509 -26.19 -7.53 15.52
CA LYS C 1509 -26.25 -8.28 16.77
C LYS C 1509 -25.08 -9.25 16.86
N ALA C 1510 -24.37 -9.19 17.99
CA ALA C 1510 -23.31 -10.15 18.26
C ALA C 1510 -23.91 -11.48 18.72
N LEU C 1511 -23.14 -12.55 18.53
CA LEU C 1511 -23.61 -13.88 18.89
C LEU C 1511 -23.55 -14.08 20.40
N GLN C 1512 -24.11 -15.20 20.84
CA GLN C 1512 -24.23 -15.51 22.26
C GLN C 1512 -23.34 -16.68 22.65
N ARG C 1513 -23.09 -16.77 23.96
CA ARG C 1513 -22.16 -17.75 24.52
C ARG C 1513 -22.86 -19.08 24.77
N GLN C 1514 -22.17 -20.16 24.44
CA GLN C 1514 -22.62 -21.51 24.77
C GLN C 1514 -21.66 -22.13 25.78
N HIS C 1515 -22.09 -23.26 26.34
CA HIS C 1515 -21.23 -24.02 27.22
C HIS C 1515 -21.53 -25.51 27.06
N GLY C 1516 -20.59 -26.33 27.51
CA GLY C 1516 -20.71 -27.77 27.40
C GLY C 1516 -21.58 -28.36 28.48
N ALA C 1517 -22.90 -28.27 28.30
CA ALA C 1517 -23.87 -28.69 29.31
C ALA C 1517 -24.17 -30.18 29.26
N GLY C 1518 -23.29 -30.98 28.67
CA GLY C 1518 -23.38 -32.43 28.69
C GLY C 1518 -23.16 -33.07 30.04
N ASN C 1519 -22.79 -32.29 31.04
CA ASN C 1519 -22.74 -32.72 32.43
C ASN C 1519 -24.08 -32.40 33.06
N GLY C 1520 -24.73 -33.42 33.62
CA GLY C 1520 -26.04 -33.23 34.22
C GLY C 1520 -26.10 -33.67 35.67
N ILE C 1521 -27.05 -34.53 35.98
CA ILE C 1521 -27.14 -35.10 37.32
C ILE C 1521 -26.24 -36.32 37.40
N ASN C 1522 -25.70 -36.58 38.59
CA ASN C 1522 -24.98 -37.81 38.86
C ASN C 1522 -25.92 -38.81 39.50
N SER C 1523 -25.83 -40.06 39.05
CA SER C 1523 -26.55 -41.17 39.68
C SER C 1523 -25.54 -41.91 40.54
N GLY C 1524 -25.70 -41.82 41.85
CA GLY C 1524 -24.74 -42.43 42.77
C GLY C 1524 -24.88 -43.93 42.78
N GLU C 1525 -23.82 -44.62 42.37
CA GLU C 1525 -23.79 -46.08 42.36
C GLU C 1525 -23.55 -46.60 43.77
N GLN C 1526 -24.29 -47.63 44.15
CA GLN C 1526 -24.18 -48.20 45.48
C GLN C 1526 -22.97 -49.11 45.57
N MET C 1527 -22.76 -49.67 46.76
CA MET C 1527 -21.63 -50.53 47.04
C MET C 1527 -22.10 -51.91 47.46
N ALA C 1528 -21.34 -52.93 47.08
CA ALA C 1528 -21.68 -54.31 47.41
C ALA C 1528 -21.27 -54.63 48.84
N THR C 1529 -21.30 -55.91 49.20
CA THR C 1529 -20.90 -56.36 50.53
C THR C 1529 -20.01 -57.59 50.38
N ALA C 1530 -18.77 -57.47 50.84
CA ALA C 1530 -17.87 -58.62 50.87
C ALA C 1530 -18.29 -59.55 51.99
N GLN C 1531 -18.24 -60.85 51.74
CA GLN C 1531 -18.78 -61.79 52.72
C GLN C 1531 -17.80 -62.02 53.86
N THR C 1532 -16.68 -62.68 53.56
CA THR C 1532 -15.67 -63.11 54.54
C THR C 1532 -14.37 -63.34 53.80
N SER C 1533 -13.32 -63.56 54.60
CA SER C 1533 -12.06 -64.10 54.13
C SER C 1533 -11.36 -64.70 55.33
N LEU C 1534 -10.73 -65.86 55.15
CA LEU C 1534 -10.06 -66.51 56.27
C LEU C 1534 -8.64 -66.00 56.49
N TYR C 1535 -8.19 -65.03 55.69
CA TYR C 1535 -6.91 -64.41 55.96
C TYR C 1535 -7.09 -63.25 56.92
N ARG C 1536 -6.04 -62.98 57.69
CA ARG C 1536 -6.08 -61.90 58.65
C ARG C 1536 -5.84 -60.57 57.96
N PHE C 1537 -5.79 -59.52 58.75
CA PHE C 1537 -5.73 -58.14 58.25
C PHE C 1537 -4.41 -57.70 57.58
N PRO C 1538 -3.20 -58.06 58.05
CA PRO C 1538 -2.00 -57.55 57.35
C PRO C 1538 -1.81 -58.04 55.92
N LEU C 1539 -2.14 -59.30 55.63
CA LEU C 1539 -1.99 -59.79 54.26
C LEU C 1539 -3.02 -59.15 53.34
N LEU C 1540 -4.23 -58.91 53.85
CA LEU C 1540 -5.25 -58.21 53.08
C LEU C 1540 -4.84 -56.77 52.80
N ILE C 1541 -4.16 -56.11 53.74
CA ILE C 1541 -3.68 -54.76 53.47
C ILE C 1541 -2.53 -54.77 52.47
N GLU C 1542 -1.61 -55.73 52.60
CA GLU C 1542 -0.50 -55.86 51.66
C GLU C 1542 -0.96 -56.16 50.24
N ARG C 1543 -2.11 -56.80 50.07
CA ARG C 1543 -2.63 -56.99 48.72
C ARG C 1543 -3.47 -55.80 48.25
N ALA C 1544 -4.29 -55.23 49.14
CA ALA C 1544 -5.20 -54.16 48.76
C ALA C 1544 -4.46 -52.87 48.44
N LYS C 1545 -3.32 -52.63 49.09
CA LYS C 1545 -2.53 -51.43 48.81
C LYS C 1545 -1.95 -51.48 47.41
N SER C 1546 -1.46 -52.65 46.98
CA SER C 1546 -0.96 -52.83 45.63
C SER C 1546 -2.08 -52.72 44.60
N ALA C 1547 -3.26 -53.26 44.93
CA ALA C 1547 -4.41 -53.15 44.03
C ALA C 1547 -4.83 -51.70 43.82
N VAL C 1548 -4.89 -50.92 44.90
CA VAL C 1548 -5.25 -49.51 44.78
C VAL C 1548 -4.18 -48.72 44.06
N SER C 1549 -2.90 -49.11 44.23
CA SER C 1549 -1.83 -48.46 43.47
C SER C 1549 -1.96 -48.71 41.97
N SER C 1550 -2.38 -49.93 41.60
CA SER C 1550 -2.67 -50.23 40.20
C SER C 1550 -3.83 -49.39 39.66
N VAL C 1551 -4.87 -49.20 40.49
CA VAL C 1551 -6.02 -48.38 40.09
C VAL C 1551 -5.60 -46.93 39.87
N ILE C 1552 -4.73 -46.40 40.74
CA ILE C 1552 -4.28 -45.01 40.60
C ILE C 1552 -3.39 -44.84 39.36
N GLN C 1553 -2.56 -45.84 39.07
CA GLN C 1553 -1.74 -45.82 37.87
C GLN C 1553 -2.58 -45.81 36.60
N PHE C 1554 -3.61 -46.66 36.54
CA PHE C 1554 -4.44 -46.63 35.34
C PHE C 1554 -5.38 -45.44 35.30
N GLY C 1555 -5.67 -44.81 36.43
CA GLY C 1555 -6.39 -43.54 36.39
C GLY C 1555 -5.56 -42.44 35.78
N ASN C 1556 -4.26 -42.40 36.11
CA ASN C 1556 -3.36 -41.44 35.48
C ASN C 1556 -3.21 -41.71 33.98
N SER C 1557 -3.13 -42.98 33.59
CA SER C 1557 -3.05 -43.33 32.17
C SER C 1557 -4.33 -42.94 31.43
N LEU C 1558 -5.48 -43.11 32.08
CA LEU C 1558 -6.75 -42.75 31.46
C LEU C 1558 -6.87 -41.24 31.30
N GLN C 1559 -6.36 -40.48 32.27
CA GLN C 1559 -6.38 -39.02 32.15
C GLN C 1559 -5.47 -38.55 31.01
N SER C 1560 -4.30 -39.19 30.86
CA SER C 1560 -3.39 -38.82 29.78
C SER C 1560 -3.98 -39.11 28.40
N VAL C 1561 -4.55 -40.31 28.22
CA VAL C 1561 -5.18 -40.67 26.95
C VAL C 1561 -6.38 -39.78 26.67
N LEU C 1562 -7.14 -39.46 27.71
CA LEU C 1562 -8.36 -38.71 27.55
C LEU C 1562 -8.12 -37.23 27.30
N GLU C 1563 -6.94 -36.72 27.64
CA GLU C 1563 -6.62 -35.36 27.21
C GLU C 1563 -5.93 -35.31 25.84
N ARG C 1564 -5.18 -36.37 25.48
CA ARG C 1564 -4.60 -36.41 24.14
C ARG C 1564 -5.67 -36.57 23.06
N GLN C 1565 -6.79 -37.22 23.41
CA GLN C 1565 -7.90 -37.37 22.47
C GLN C 1565 -8.51 -36.02 22.11
N ASP C 1566 -8.77 -35.19 23.11
CA ASP C 1566 -9.32 -33.86 22.87
C ASP C 1566 -8.34 -32.94 22.19
N ASN C 1567 -7.04 -33.06 22.52
CA ASN C 1567 -6.04 -32.26 21.82
C ASN C 1567 -5.92 -32.64 20.35
N GLU C 1568 -6.09 -33.93 20.05
CA GLU C 1568 -6.06 -34.35 18.64
C GLU C 1568 -7.30 -33.86 17.90
N ALA C 1569 -8.45 -33.81 18.58
CA ALA C 1569 -9.65 -33.25 17.95
C ALA C 1569 -9.49 -31.77 17.64
N MET C 1570 -8.91 -31.01 18.58
CA MET C 1570 -8.66 -29.58 18.35
C MET C 1570 -7.67 -29.36 17.22
N THR C 1571 -6.58 -30.14 17.19
CA THR C 1571 -5.57 -30.01 16.13
C THR C 1571 -6.16 -30.32 14.76
N LEU C 1572 -7.02 -31.35 14.68
CA LEU C 1572 -7.59 -31.74 13.41
C LEU C 1572 -8.58 -30.70 12.89
N LEU C 1573 -9.37 -30.12 13.80
CA LEU C 1573 -10.26 -29.02 13.42
C LEU C 1573 -9.49 -27.81 12.92
N PHE C 1574 -8.39 -27.47 13.60
CA PHE C 1574 -7.58 -26.33 13.17
C PHE C 1574 -6.97 -26.57 11.80
N GLN C 1575 -6.53 -27.80 11.52
CA GLN C 1575 -5.97 -28.12 10.21
C GLN C 1575 -7.01 -27.98 9.11
N GLN C 1576 -8.24 -28.46 9.35
CA GLN C 1576 -9.31 -28.33 8.36
C GLN C 1576 -9.66 -26.88 8.06
N GLN C 1577 -9.79 -26.07 9.09
CA GLN C 1577 -10.21 -24.70 8.84
C GLN C 1577 -9.10 -23.83 8.28
N GLN C 1578 -7.83 -24.13 8.61
CA GLN C 1578 -6.73 -23.45 7.94
C GLN C 1578 -6.62 -23.88 6.48
N GLN C 1579 -6.97 -25.13 6.17
CA GLN C 1579 -7.03 -25.58 4.79
C GLN C 1579 -8.10 -24.85 3.99
N LYS C 1580 -9.19 -24.44 4.65
CA LYS C 1580 -10.20 -23.63 3.95
C LYS C 1580 -9.76 -22.18 3.76
N VAL C 1581 -9.14 -21.59 4.78
CA VAL C 1581 -8.68 -20.20 4.71
C VAL C 1581 -7.61 -20.04 3.64
N LEU C 1582 -6.74 -21.03 3.49
CA LEU C 1582 -5.69 -20.94 2.47
C LEU C 1582 -6.19 -21.21 1.06
N GLN C 1583 -7.48 -21.46 0.87
CA GLN C 1583 -8.14 -21.46 -0.44
C GLN C 1583 -8.84 -20.15 -0.74
N HIS C 1584 -9.47 -19.56 0.28
CA HIS C 1584 -10.03 -18.23 0.07
C HIS C 1584 -8.95 -17.17 -0.16
N THR C 1585 -7.76 -17.36 0.43
CA THR C 1585 -6.64 -16.48 0.11
C THR C 1585 -6.18 -16.63 -1.33
N LYS C 1586 -6.26 -17.84 -1.88
CA LYS C 1586 -5.99 -18.05 -3.30
C LYS C 1586 -6.99 -17.34 -4.18
N ASP C 1587 -8.26 -17.28 -3.75
CA ASP C 1587 -9.25 -16.50 -4.50
C ASP C 1587 -8.92 -14.99 -4.50
N ILE C 1588 -8.45 -14.48 -3.35
CA ILE C 1588 -8.00 -13.09 -3.27
C ILE C 1588 -6.86 -12.83 -4.26
N GLN C 1589 -5.90 -13.75 -4.30
CA GLN C 1589 -4.78 -13.59 -5.22
C GLN C 1589 -5.19 -13.83 -6.67
N ASN C 1590 -6.31 -14.49 -6.92
CA ASN C 1590 -6.86 -14.57 -8.27
C ASN C 1590 -7.42 -13.23 -8.73
N ASN C 1591 -8.09 -12.49 -7.84
CA ASN C 1591 -8.58 -11.17 -8.24
C ASN C 1591 -7.46 -10.15 -8.35
N ASN C 1592 -6.38 -10.35 -7.59
CA ASN C 1592 -5.30 -9.37 -7.57
C ASN C 1592 -4.55 -9.32 -8.90
N ILE C 1593 -4.60 -10.38 -9.71
CA ILE C 1593 -3.99 -10.30 -11.03
C ILE C 1593 -4.94 -9.72 -12.06
N GLN C 1594 -6.26 -9.81 -11.84
CA GLN C 1594 -7.20 -9.19 -12.76
C GLN C 1594 -7.14 -7.67 -12.65
N VAL C 1595 -6.87 -7.17 -11.43
CA VAL C 1595 -6.68 -5.72 -11.24
C VAL C 1595 -5.50 -5.21 -12.06
N LEU C 1596 -4.39 -5.94 -12.05
CA LEU C 1596 -3.22 -5.49 -12.81
C LEU C 1596 -3.36 -5.75 -14.31
N GLN C 1597 -4.14 -6.76 -14.71
CA GLN C 1597 -4.44 -6.92 -16.13
C GLN C 1597 -5.32 -5.79 -16.64
N ALA C 1598 -6.15 -5.20 -15.79
CA ALA C 1598 -6.87 -4.02 -16.22
C ALA C 1598 -5.98 -2.78 -16.22
N ASN C 1599 -5.01 -2.72 -15.30
CA ASN C 1599 -4.10 -1.57 -15.29
C ASN C 1599 -3.16 -1.55 -16.50
N LEU C 1600 -2.80 -2.73 -17.03
CA LEU C 1600 -2.00 -2.76 -18.27
C LEU C 1600 -2.76 -2.17 -19.44
N GLU C 1601 -4.03 -2.50 -19.57
CA GLU C 1601 -4.82 -1.94 -20.67
C GLU C 1601 -5.25 -0.51 -20.41
N ALA C 1602 -5.19 -0.05 -19.15
CA ALA C 1602 -5.33 1.38 -18.89
C ALA C 1602 -4.05 2.15 -19.20
N THR C 1603 -2.89 1.49 -19.17
CA THR C 1603 -1.64 2.14 -19.54
C THR C 1603 -1.39 2.14 -21.04
N ASN C 1604 -1.87 1.10 -21.74
CA ASN C 1604 -1.77 1.05 -23.20
C ASN C 1604 -2.57 2.17 -23.87
N SER C 1605 -3.68 2.59 -23.27
CA SER C 1605 -4.47 3.67 -23.86
C SER C 1605 -3.75 5.00 -23.72
N LEU C 1606 -3.06 5.22 -22.60
CA LEU C 1606 -2.21 6.39 -22.44
C LEU C 1606 -1.08 6.40 -23.45
N LYS C 1607 -0.46 5.25 -23.65
CA LYS C 1607 0.65 5.15 -24.60
C LYS C 1607 0.18 5.38 -26.03
N SER C 1608 -1.00 4.86 -26.38
CA SER C 1608 -1.56 5.09 -27.71
C SER C 1608 -2.00 6.53 -27.91
N ALA C 1609 -2.49 7.18 -26.85
CA ALA C 1609 -2.86 8.59 -26.95
C ALA C 1609 -1.64 9.48 -27.17
N ALA C 1610 -0.54 9.19 -26.46
CA ALA C 1610 0.68 9.96 -26.66
C ALA C 1610 1.26 9.74 -28.04
N LYS C 1611 1.22 8.50 -28.55
CA LYS C 1611 1.70 8.25 -29.90
C LYS C 1611 0.82 8.91 -30.96
N GLN C 1612 -0.50 8.97 -30.73
CA GLN C 1612 -1.39 9.63 -31.68
C GLN C 1612 -1.17 11.14 -31.68
N ARG C 1613 -0.93 11.73 -30.51
CA ARG C 1613 -0.66 13.16 -30.46
C ARG C 1613 0.66 13.52 -31.11
N SER C 1614 1.69 12.68 -30.92
CA SER C 1614 2.96 12.91 -31.58
C SER C 1614 2.85 12.74 -33.09
N LYS C 1615 2.06 11.77 -33.54
CA LYS C 1615 1.83 11.58 -34.97
C LYS C 1615 1.08 12.75 -35.58
N HIS C 1616 0.12 13.31 -34.83
CA HIS C 1616 -0.64 14.48 -35.31
C HIS C 1616 0.26 15.69 -35.48
N TYR C 1617 1.09 15.99 -34.48
CA TYR C 1617 1.98 17.15 -34.61
C TYR C 1617 3.09 16.90 -35.63
N LYS C 1618 3.50 15.64 -35.83
CA LYS C 1618 4.48 15.35 -36.88
C LYS C 1618 3.89 15.54 -38.26
N GLU C 1619 2.62 15.17 -38.46
CA GLU C 1619 1.96 15.41 -39.73
C GLU C 1619 1.76 16.90 -39.99
N LEU C 1620 1.42 17.67 -38.94
CA LEU C 1620 1.31 19.11 -39.08
C LEU C 1620 2.65 19.74 -39.43
N LEU C 1621 3.72 19.26 -38.81
CA LEU C 1621 5.03 19.87 -39.01
C LEU C 1621 5.67 19.44 -40.32
N ASP C 1622 5.25 18.30 -40.87
CA ASP C 1622 5.77 17.87 -42.16
C ASP C 1622 4.94 18.37 -43.33
N ASN C 1623 3.66 18.69 -43.12
CA ASN C 1623 2.89 19.26 -44.21
C ASN C 1623 3.20 20.74 -44.44
N GLY C 1624 3.79 21.42 -43.46
CA GLY C 1624 4.13 22.82 -43.63
C GLY C 1624 2.89 23.71 -43.61
N ILE C 1625 2.99 24.82 -44.32
CA ILE C 1625 1.84 25.71 -44.45
C ILE C 1625 0.88 25.19 -45.51
N SER C 1626 -0.39 25.57 -45.39
CA SER C 1626 -1.44 25.03 -46.22
C SER C 1626 -1.37 25.60 -47.64
N SER C 1627 -2.24 25.07 -48.50
CA SER C 1627 -2.34 25.61 -49.85
C SER C 1627 -3.06 26.95 -49.85
N ARG C 1628 -4.04 27.11 -48.96
CA ARG C 1628 -4.75 28.38 -48.85
C ARG C 1628 -3.88 29.44 -48.19
N GLU C 1629 -3.02 29.04 -47.26
CA GLU C 1629 -2.07 29.97 -46.65
C GLU C 1629 -1.04 30.43 -47.67
N GLN C 1630 -0.57 29.51 -48.51
CA GLN C 1630 0.36 29.87 -49.58
C GLN C 1630 -0.31 30.76 -50.62
N SER C 1631 -1.58 30.51 -50.93
CA SER C 1631 -2.32 31.36 -51.86
C SER C 1631 -2.51 32.76 -51.30
N GLY C 1632 -2.94 32.86 -50.04
CA GLY C 1632 -3.14 34.14 -49.40
C GLY C 1632 -1.86 34.91 -49.12
N LEU C 1633 -0.71 34.23 -49.13
CA LEU C 1633 0.53 34.97 -49.01
C LEU C 1633 1.18 35.26 -50.36
N ASP C 1634 0.81 34.51 -51.41
CA ASP C 1634 1.26 34.87 -52.75
C ASP C 1634 0.47 36.04 -53.32
N LEU C 1635 -0.82 36.13 -52.99
CA LEU C 1635 -1.64 37.22 -53.53
C LEU C 1635 -1.25 38.57 -52.95
N ARG C 1636 -0.75 38.61 -51.72
CA ARG C 1636 -0.31 39.88 -51.16
C ARG C 1636 0.92 40.42 -51.87
N ILE C 1637 1.84 39.54 -52.25
CA ILE C 1637 3.01 39.98 -53.01
C ILE C 1637 2.63 40.34 -54.43
N ASP C 1638 1.70 39.59 -55.03
CA ASP C 1638 1.21 39.95 -56.36
C ASP C 1638 0.40 41.24 -56.36
N ALA C 1639 -0.16 41.62 -55.22
CA ALA C 1639 -0.83 42.91 -55.08
C ALA C 1639 0.15 44.03 -54.76
N GLY C 1640 1.23 43.73 -54.06
CA GLY C 1640 2.28 44.71 -53.87
C GLY C 1640 3.07 44.99 -55.13
N ALA C 1641 3.07 44.04 -56.06
CA ALA C 1641 3.77 44.23 -57.33
C ALA C 1641 3.01 45.09 -58.32
N VAL C 1642 1.74 45.43 -58.05
CA VAL C 1642 1.01 46.35 -58.92
C VAL C 1642 0.81 47.71 -58.28
N ASN C 1643 1.10 47.86 -56.99
CA ASN C 1643 1.22 49.20 -56.43
C ASN C 1643 2.48 49.90 -56.89
N ILE C 1644 3.49 49.14 -57.32
CA ILE C 1644 4.67 49.74 -57.94
C ILE C 1644 4.31 50.30 -59.30
N ALA C 1645 3.50 49.57 -60.06
CA ALA C 1645 3.20 49.94 -61.43
C ALA C 1645 2.22 51.09 -61.55
N SER C 1646 1.57 51.50 -60.46
CA SER C 1646 0.67 52.65 -60.47
C SER C 1646 1.38 53.94 -60.05
N VAL C 1647 2.70 53.99 -60.18
CA VAL C 1647 3.49 55.15 -59.79
C VAL C 1647 3.85 56.00 -61.00
N ALA C 1648 4.36 55.38 -62.06
CA ALA C 1648 4.71 56.10 -63.27
C ALA C 1648 3.53 56.72 -64.03
N PRO C 1649 2.32 56.11 -64.12
CA PRO C 1649 1.20 56.86 -64.71
C PRO C 1649 0.78 58.12 -63.95
N LEU C 1650 0.93 58.18 -62.62
CA LEU C 1650 0.60 59.42 -61.91
C LEU C 1650 1.57 60.53 -62.26
N MET C 1651 2.87 60.24 -62.31
CA MET C 1651 3.83 61.26 -62.68
C MET C 1651 3.71 61.66 -64.14
N LEU C 1652 3.31 60.72 -65.00
CA LEU C 1652 3.08 61.08 -66.40
C LEU C 1652 1.81 61.92 -66.57
N ALA C 1653 0.77 61.64 -65.79
CA ALA C 1653 -0.44 62.44 -65.83
C ALA C 1653 -0.18 63.85 -65.32
N ALA C 1654 0.64 63.98 -64.28
CA ALA C 1654 0.97 65.31 -63.79
C ALA C 1654 1.92 66.04 -64.72
N ALA C 1655 2.73 65.30 -65.48
CA ALA C 1655 3.49 65.94 -66.55
C ALA C 1655 2.57 66.48 -67.63
N LEU C 1656 1.54 65.72 -68.00
CA LEU C 1656 0.67 66.15 -69.08
C LEU C 1656 -0.29 67.25 -68.64
N ASP C 1657 -0.61 67.34 -67.35
CA ASP C 1657 -1.52 68.37 -66.88
C ASP C 1657 -0.90 69.76 -66.85
N THR C 1658 0.42 69.87 -66.85
CA THR C 1658 1.05 71.19 -66.86
C THR C 1658 1.10 71.80 -68.24
N ALA C 1659 0.75 71.06 -69.28
CA ALA C 1659 0.59 71.64 -70.60
C ALA C 1659 -0.65 72.52 -70.63
N PRO C 1660 -0.63 73.60 -71.41
CA PRO C 1660 -1.82 74.45 -71.50
C PRO C 1660 -2.97 73.74 -72.20
N ASN C 1661 -4.18 74.10 -71.78
CA ASN C 1661 -5.39 73.37 -72.10
C ASN C 1661 -6.30 74.12 -73.05
N VAL C 1662 -6.51 75.40 -72.81
CA VAL C 1662 -7.43 76.21 -73.60
C VAL C 1662 -6.63 77.00 -74.61
N PHE C 1663 -7.15 77.11 -75.83
CA PHE C 1663 -6.49 77.80 -76.92
C PHE C 1663 -7.46 78.79 -77.53
N GLY C 1664 -6.98 79.60 -78.48
CA GLY C 1664 -7.87 80.48 -79.19
C GLY C 1664 -8.39 81.66 -78.38
N LEU C 1665 -7.52 82.64 -78.11
CA LEU C 1665 -7.81 83.86 -77.36
C LEU C 1665 -8.17 83.59 -75.91
N ALA C 1666 -7.72 82.46 -75.36
CA ALA C 1666 -7.77 82.22 -73.93
C ALA C 1666 -6.60 81.29 -73.60
N ASP C 1667 -5.47 81.88 -73.23
CA ASP C 1667 -4.28 81.11 -72.91
C ASP C 1667 -4.47 80.43 -71.56
N GLY C 1668 -3.81 79.28 -71.40
CA GLY C 1668 -3.77 78.66 -70.09
C GLY C 1668 -4.55 77.37 -69.95
N GLY C 1669 -5.15 77.19 -68.78
CA GLY C 1669 -5.77 75.93 -68.42
C GLY C 1669 -4.83 74.94 -67.77
N SER C 1670 -3.56 75.28 -67.61
CA SER C 1670 -2.58 74.37 -67.06
C SER C 1670 -2.70 74.31 -65.55
N HIS C 1671 -2.90 73.11 -65.00
CA HIS C 1671 -2.99 72.94 -63.55
C HIS C 1671 -1.62 73.12 -62.93
N TRP C 1672 -1.48 74.09 -62.03
CA TRP C 1672 -0.16 74.47 -61.56
C TRP C 1672 0.36 73.52 -60.49
N GLY C 1673 -0.51 72.97 -59.67
CA GLY C 1673 -0.06 72.16 -58.57
C GLY C 1673 -0.14 70.67 -58.83
N ALA C 1674 -0.19 70.28 -60.10
CA ALA C 1674 -0.45 68.88 -60.43
C ALA C 1674 0.73 67.98 -60.09
N VAL C 1675 1.94 68.46 -60.32
CA VAL C 1675 3.14 67.68 -59.99
C VAL C 1675 3.33 67.53 -58.48
N PRO C 1676 3.09 68.54 -57.63
CA PRO C 1676 3.06 68.23 -56.18
C PRO C 1676 1.92 67.33 -55.73
N TYR C 1677 0.75 67.37 -56.38
CA TYR C 1677 -0.30 66.41 -56.01
C TYR C 1677 0.11 64.99 -56.37
N ALA C 1678 0.76 64.80 -57.51
CA ALA C 1678 1.21 63.46 -57.85
C ALA C 1678 2.37 63.02 -56.98
N THR C 1679 3.19 63.96 -56.50
CA THR C 1679 4.22 63.62 -55.53
C THR C 1679 3.62 63.14 -54.22
N SER C 1680 2.58 63.83 -53.75
CA SER C 1680 1.89 63.40 -52.53
C SER C 1680 1.19 62.05 -52.72
N ALA C 1681 0.55 61.84 -53.87
CA ALA C 1681 -0.16 60.59 -54.11
C ALA C 1681 0.80 59.43 -54.29
N THR C 1682 1.92 59.66 -54.97
CA THR C 1682 2.97 58.66 -55.11
C THR C 1682 3.55 58.28 -53.76
N LEU C 1683 3.72 59.25 -52.88
CA LEU C 1683 4.33 58.96 -51.59
C LEU C 1683 3.33 58.26 -50.66
N GLN C 1684 2.02 58.53 -50.84
CA GLN C 1684 1.00 57.76 -50.14
C GLN C 1684 0.95 56.32 -50.61
N ILE C 1685 1.11 56.10 -51.92
CA ILE C 1685 1.17 54.74 -52.48
C ILE C 1685 2.39 54.00 -51.94
N SER C 1686 3.52 54.71 -51.81
CA SER C 1686 4.72 54.09 -51.25
C SER C 1686 4.53 53.73 -49.77
N ALA C 1687 3.84 54.58 -49.01
CA ALA C 1687 3.58 54.26 -47.60
C ALA C 1687 2.65 53.05 -47.45
N GLY C 1688 1.59 53.00 -48.27
CA GLY C 1688 0.70 51.85 -48.24
C GLY C 1688 1.37 50.56 -48.70
N LEU C 1689 2.28 50.68 -49.66
CA LEU C 1689 3.07 49.53 -50.12
C LEU C 1689 3.97 49.00 -49.03
N THR C 1690 4.66 49.89 -48.31
CA THR C 1690 5.56 49.46 -47.26
C THR C 1690 4.80 48.86 -46.07
N GLU C 1691 3.61 49.38 -45.77
CA GLU C 1691 2.80 48.75 -44.73
C GLU C 1691 2.23 47.40 -45.16
N SER C 1692 1.95 47.23 -46.46
CA SER C 1692 1.55 45.91 -46.95
C SER C 1692 2.69 44.91 -46.83
N ARG C 1693 3.92 45.34 -47.11
CA ARG C 1693 5.07 44.46 -46.94
C ARG C 1693 5.30 44.12 -45.46
N ALA C 1694 5.04 45.06 -44.56
CA ALA C 1694 5.14 44.78 -43.13
C ALA C 1694 4.09 43.77 -42.70
N ASN C 1695 2.89 43.83 -43.28
CA ASN C 1695 1.86 42.84 -42.97
C ASN C 1695 2.24 41.45 -43.47
N ILE C 1696 2.88 41.38 -44.65
CA ILE C 1696 3.39 40.11 -45.17
C ILE C 1696 4.41 39.51 -44.21
N ASN C 1697 5.32 40.36 -43.72
CA ASN C 1697 6.35 39.89 -42.79
C ASN C 1697 5.77 39.41 -41.47
N ASP C 1698 4.71 40.08 -40.98
CA ASP C 1698 4.09 39.65 -39.73
C ASP C 1698 3.33 38.34 -39.88
N ILE C 1699 2.64 38.14 -41.01
CA ILE C 1699 1.95 36.87 -41.26
C ILE C 1699 2.95 35.71 -41.30
N LYS C 1700 4.07 35.91 -41.99
CA LYS C 1700 5.06 34.85 -42.09
C LYS C 1700 5.77 34.60 -40.76
N ALA C 1701 5.91 35.64 -39.94
CA ALA C 1701 6.50 35.49 -38.62
C ALA C 1701 5.57 34.69 -37.69
N ASN C 1702 4.26 34.92 -37.78
CA ASN C 1702 3.34 34.10 -37.00
C ASN C 1702 3.35 32.65 -37.45
N TYR C 1703 3.55 32.41 -38.75
CA TYR C 1703 3.69 31.03 -39.22
C TYR C 1703 4.93 30.37 -38.64
N ASP C 1704 6.04 31.11 -38.56
CA ASP C 1704 7.26 30.56 -37.97
C ASP C 1704 7.10 30.28 -36.48
N ARG C 1705 6.41 31.16 -35.76
CA ARG C 1705 6.20 30.95 -34.33
C ARG C 1705 5.33 29.73 -34.06
N ARG C 1706 4.29 29.52 -34.88
CA ARG C 1706 3.51 28.32 -34.64
C ARG C 1706 4.19 27.05 -35.12
N GLU C 1707 5.15 27.14 -36.06
CA GLU C 1707 6.00 25.98 -36.34
C GLU C 1707 6.88 25.63 -35.15
N GLN C 1708 7.43 26.64 -34.47
CA GLN C 1708 8.23 26.37 -33.26
C GLN C 1708 7.38 25.77 -32.14
N GLU C 1709 6.14 26.24 -32.00
CA GLU C 1709 5.26 25.69 -30.98
C GLU C 1709 4.86 24.25 -31.30
N TRP C 1710 4.65 23.94 -32.59
CA TRP C 1710 4.39 22.56 -33.00
C TRP C 1710 5.58 21.66 -32.72
N THR C 1711 6.79 22.16 -32.93
CA THR C 1711 7.99 21.38 -32.62
C THR C 1711 8.08 21.07 -31.13
N LEU C 1712 7.77 22.06 -30.28
CA LEU C 1712 7.74 21.84 -28.84
C LEU C 1712 6.70 20.80 -28.44
N GLN C 1713 5.50 20.88 -29.02
CA GLN C 1713 4.44 19.94 -28.66
C GLN C 1713 4.76 18.53 -29.12
N LYS C 1714 5.39 18.39 -30.30
CA LYS C 1714 5.79 17.09 -30.80
C LYS C 1714 6.87 16.46 -29.92
N ASN C 1715 7.83 17.27 -29.47
CA ASN C 1715 8.87 16.75 -28.60
C ASN C 1715 8.32 16.35 -27.23
N GLN C 1716 7.36 17.12 -26.71
CA GLN C 1716 6.75 16.75 -25.42
C GLN C 1716 5.91 15.49 -25.54
N ALA C 1717 5.25 15.28 -26.68
CA ALA C 1717 4.50 14.04 -26.86
C ALA C 1717 5.43 12.84 -27.01
N ASP C 1718 6.60 13.04 -27.63
CA ASP C 1718 7.58 11.94 -27.70
C ASP C 1718 8.14 11.60 -26.33
N LYS C 1719 8.40 12.61 -25.50
CA LYS C 1719 8.84 12.34 -24.13
C LYS C 1719 7.75 11.68 -23.29
N ASP C 1720 6.49 12.02 -23.54
CA ASP C 1720 5.40 11.34 -22.82
C ASP C 1720 5.28 9.88 -23.24
N ALA C 1721 5.50 9.59 -24.53
CA ALA C 1721 5.51 8.19 -24.97
C ALA C 1721 6.68 7.42 -24.38
N GLU C 1722 7.85 8.06 -24.27
CA GLU C 1722 9.00 7.40 -23.66
C GLU C 1722 8.81 7.19 -22.15
N GLN C 1723 8.01 8.05 -21.50
CA GLN C 1723 7.62 7.78 -20.12
C GLN C 1723 6.69 6.59 -20.03
N LEU C 1724 5.63 6.58 -20.85
CA LEU C 1724 4.59 5.59 -20.73
C LEU C 1724 5.04 4.20 -21.16
N ALA C 1725 6.10 4.10 -21.97
CA ALA C 1725 6.69 2.80 -22.25
C ALA C 1725 7.28 2.17 -20.99
N HIS C 1726 8.03 2.95 -20.22
CA HIS C 1726 8.60 2.45 -18.97
C HIS C 1726 7.54 2.20 -17.92
N GLN C 1727 6.48 3.00 -17.93
CA GLN C 1727 5.41 2.76 -16.97
C GLN C 1727 4.61 1.50 -17.33
N TYR C 1728 4.47 1.21 -18.63
CA TYR C 1728 3.90 -0.06 -19.07
C TYR C 1728 4.76 -1.23 -18.64
N THR C 1729 6.09 -1.07 -18.72
CA THR C 1729 7.01 -2.11 -18.25
C THR C 1729 6.88 -2.33 -16.75
N SER C 1730 6.68 -1.25 -15.99
CA SER C 1730 6.47 -1.36 -14.55
C SER C 1730 5.19 -2.10 -14.21
N VAL C 1731 4.09 -1.78 -14.90
CA VAL C 1731 2.83 -2.45 -14.61
C VAL C 1731 2.88 -3.92 -15.06
N GLN C 1732 3.63 -4.22 -16.12
CA GLN C 1732 3.74 -5.62 -16.54
C GLN C 1732 4.59 -6.44 -15.57
N GLU C 1733 5.61 -5.83 -14.97
CA GLU C 1733 6.36 -6.56 -13.96
C GLU C 1733 5.60 -6.65 -12.64
N GLN C 1734 4.72 -5.70 -12.34
CA GLN C 1734 3.78 -5.89 -11.23
C GLN C 1734 2.84 -7.06 -11.51
N LEU C 1735 2.44 -7.23 -12.77
CA LEU C 1735 1.59 -8.37 -13.13
C LEU C 1735 2.33 -9.68 -12.94
N ASN C 1736 3.62 -9.72 -13.29
CA ASN C 1736 4.41 -10.93 -13.05
C ASN C 1736 4.58 -11.21 -11.56
N MET C 1737 4.74 -10.16 -10.75
CA MET C 1737 4.86 -10.34 -9.31
C MET C 1737 3.57 -10.87 -8.68
N ALA C 1738 2.42 -10.35 -9.12
CA ALA C 1738 1.15 -10.85 -8.61
C ALA C 1738 0.85 -12.27 -9.11
N GLN C 1739 1.28 -12.58 -10.32
CA GLN C 1739 1.06 -13.91 -10.87
C GLN C 1739 1.99 -14.94 -10.24
N LYS C 1740 3.09 -14.51 -9.63
CA LYS C 1740 3.85 -15.41 -8.77
C LYS C 1740 3.32 -15.48 -7.35
N GLN C 1741 2.69 -14.42 -6.85
CA GLN C 1741 2.01 -14.50 -5.55
C GLN C 1741 0.85 -15.48 -5.58
N ARG C 1742 0.17 -15.59 -6.73
CA ARG C 1742 -0.86 -16.61 -6.88
C ARG C 1742 -0.29 -18.02 -6.75
N ASN C 1743 0.88 -18.26 -7.35
CA ASN C 1743 1.52 -19.57 -7.26
C ASN C 1743 1.99 -19.85 -5.84
N LEU C 1744 2.43 -18.81 -5.13
CA LEU C 1744 2.79 -18.96 -3.72
C LEU C 1744 1.59 -19.34 -2.88
N ALA C 1745 0.43 -18.73 -3.13
CA ALA C 1745 -0.77 -19.07 -2.38
C ALA C 1745 -1.26 -20.48 -2.67
N GLU C 1746 -1.17 -20.91 -3.93
CA GLU C 1746 -1.54 -22.28 -4.27
C GLU C 1746 -0.57 -23.30 -3.67
N LEU C 1747 0.71 -22.94 -3.59
CA LEU C 1747 1.69 -23.81 -2.95
C LEU C 1747 1.43 -23.93 -1.45
N GLU C 1748 1.05 -22.83 -0.80
CA GLU C 1748 0.70 -22.89 0.61
C GLU C 1748 -0.56 -23.71 0.87
N GLN C 1749 -1.51 -23.66 -0.07
CA GLN C 1749 -2.69 -24.54 0.03
C GLN C 1749 -2.28 -26.01 -0.09
N GLY C 1750 -1.34 -26.32 -0.99
CA GLY C 1750 -0.82 -27.68 -1.07
C GLY C 1750 -0.09 -28.12 0.19
N HIS C 1751 0.62 -27.19 0.83
CA HIS C 1751 1.30 -27.54 2.08
C HIS C 1751 0.31 -27.80 3.21
N ALA C 1752 -0.80 -27.04 3.23
CA ALA C 1752 -1.84 -27.30 4.23
C ALA C 1752 -2.49 -28.66 4.00
N ASP C 1753 -2.69 -29.03 2.73
CA ASP C 1753 -3.23 -30.36 2.42
C ASP C 1753 -2.27 -31.46 2.83
N ALA C 1754 -0.96 -31.24 2.67
CA ALA C 1754 0.03 -32.24 3.07
C ALA C 1754 0.07 -32.40 4.58
N LEU C 1755 -0.03 -31.30 5.33
CA LEU C 1755 -0.06 -31.40 6.79
C LEU C 1755 -1.32 -32.09 7.29
N TYR C 1756 -2.46 -31.80 6.66
CA TYR C 1756 -3.69 -32.48 7.07
C TYR C 1756 -3.66 -33.95 6.68
N GLN C 1757 -2.98 -34.31 5.60
CA GLN C 1757 -2.88 -35.73 5.25
C GLN C 1757 -1.98 -36.48 6.22
N MET C 1758 -0.85 -35.88 6.62
CA MET C 1758 -0.04 -36.59 7.61
C MET C 1758 -0.55 -36.44 9.03
N GLN C 1759 -1.53 -35.58 9.29
CA GLN C 1759 -2.27 -35.70 10.53
C GLN C 1759 -3.33 -36.78 10.47
N SER C 1760 -3.91 -37.03 9.29
CA SER C 1760 -4.92 -38.06 9.17
C SER C 1760 -4.32 -39.45 9.14
N THR C 1761 -3.26 -39.66 8.34
CA THR C 1761 -2.63 -40.97 8.21
C THR C 1761 -1.59 -41.24 9.28
N ARG C 1762 -1.48 -40.36 10.27
CA ARG C 1762 -0.61 -40.58 11.42
C ARG C 1762 -1.07 -41.79 12.21
N PHE C 1763 -0.10 -42.53 12.77
CA PHE C 1763 -0.46 -43.70 13.56
C PHE C 1763 -1.12 -43.28 14.87
N THR C 1764 -0.49 -42.38 15.61
CA THR C 1764 -1.07 -41.87 16.85
C THR C 1764 -2.02 -40.71 16.58
N GLY C 1765 -2.94 -40.92 15.65
CA GLY C 1765 -3.98 -39.95 15.34
C GLY C 1765 -5.21 -40.23 16.16
N LYS C 1766 -6.35 -39.80 15.63
CA LYS C 1766 -7.58 -39.92 16.40
C LYS C 1766 -8.08 -41.35 16.45
N GLU C 1767 -7.78 -42.15 15.41
CA GLU C 1767 -8.24 -43.54 15.40
C GLU C 1767 -7.49 -44.43 16.39
N LEU C 1768 -6.35 -43.96 16.91
CA LEU C 1768 -5.64 -44.65 17.98
C LEU C 1768 -6.12 -44.23 19.35
N TYR C 1769 -6.43 -42.94 19.53
CA TYR C 1769 -6.88 -42.51 20.84
C TYR C 1769 -8.35 -42.83 21.08
N ASN C 1770 -9.16 -42.98 20.03
CA ASN C 1770 -10.50 -43.53 20.22
C ASN C 1770 -10.43 -44.98 20.70
N TRP C 1771 -9.52 -45.75 20.13
CA TRP C 1771 -9.32 -47.14 20.54
C TRP C 1771 -8.82 -47.22 21.98
N MET C 1772 -7.82 -46.42 22.32
CA MET C 1772 -7.26 -46.45 23.67
C MET C 1772 -8.26 -45.93 24.69
N ALA C 1773 -9.07 -44.94 24.33
CA ALA C 1773 -10.09 -44.46 25.25
C ALA C 1773 -11.17 -45.52 25.48
N GLY C 1774 -11.67 -46.12 24.40
CA GLY C 1774 -12.73 -47.10 24.54
C GLY C 1774 -12.28 -48.39 25.19
N ARG C 1775 -10.99 -48.70 25.15
CA ARG C 1775 -10.52 -49.87 25.88
C ARG C 1775 -10.14 -49.54 27.32
N LEU C 1776 -9.36 -48.47 27.52
CA LEU C 1776 -8.84 -48.15 28.84
C LEU C 1776 -9.94 -47.68 29.79
N SER C 1777 -10.91 -46.91 29.30
CA SER C 1777 -12.00 -46.48 30.16
C SER C 1777 -12.95 -47.63 30.51
N GLY C 1778 -12.98 -48.67 29.69
CA GLY C 1778 -13.79 -49.83 29.99
C GLY C 1778 -13.10 -50.81 30.90
N LEU C 1779 -11.78 -50.90 30.81
CA LEU C 1779 -11.04 -51.77 31.72
C LEU C 1779 -10.79 -51.13 33.06
N TYR C 1780 -10.82 -49.79 33.15
CA TYR C 1780 -10.57 -49.12 34.42
C TYR C 1780 -11.74 -49.32 35.39
N PHE C 1781 -12.96 -49.35 34.88
CA PHE C 1781 -14.11 -49.63 35.74
C PHE C 1781 -14.12 -51.09 36.19
N GLN C 1782 -13.68 -52.00 35.34
CA GLN C 1782 -13.61 -53.40 35.75
C GLN C 1782 -12.51 -53.63 36.78
N LEU C 1783 -11.40 -52.89 36.65
CA LEU C 1783 -10.36 -52.95 37.68
C LEU C 1783 -10.85 -52.34 38.99
N PHE C 1784 -11.68 -51.29 38.90
CA PHE C 1784 -12.25 -50.69 40.11
C PHE C 1784 -13.22 -51.65 40.81
N ASP C 1785 -14.04 -52.37 40.02
CA ASP C 1785 -14.93 -53.37 40.62
C ASP C 1785 -14.21 -54.64 41.02
N ALA C 1786 -12.97 -54.85 40.58
CA ALA C 1786 -12.19 -55.95 41.13
C ALA C 1786 -11.46 -55.53 42.40
N THR C 1787 -11.16 -54.24 42.54
CA THR C 1787 -10.38 -53.72 43.66
C THR C 1787 -11.24 -53.39 44.88
N GLN C 1788 -12.41 -52.80 44.66
CA GLN C 1788 -13.26 -52.37 45.77
C GLN C 1788 -13.76 -53.49 46.70
N PRO C 1789 -14.05 -54.72 46.24
CA PRO C 1789 -14.30 -55.80 47.22
C PRO C 1789 -13.12 -56.14 48.12
N LEU C 1790 -11.86 -55.89 47.72
CA LEU C 1790 -10.75 -56.09 48.66
C LEU C 1790 -10.82 -55.11 49.82
N CYS C 1791 -11.15 -53.85 49.53
CA CYS C 1791 -11.31 -52.86 50.58
C CYS C 1791 -12.49 -53.19 51.48
N LEU C 1792 -13.56 -53.75 50.90
CA LEU C 1792 -14.67 -54.19 51.74
C LEU C 1792 -14.31 -55.42 52.58
N MET C 1793 -13.47 -56.33 52.03
CA MET C 1793 -12.93 -57.43 52.83
C MET C 1793 -12.14 -56.92 54.01
N ALA C 1794 -11.26 -55.94 53.77
CA ALA C 1794 -10.41 -55.42 54.82
C ALA C 1794 -11.23 -54.73 55.91
N LYS C 1795 -12.28 -54.02 55.51
CA LYS C 1795 -13.18 -53.41 56.48
C LYS C 1795 -13.91 -54.48 57.30
N ALA C 1796 -14.46 -55.50 56.65
CA ALA C 1796 -15.21 -56.53 57.35
C ALA C 1796 -14.32 -57.45 58.18
N VAL C 1797 -13.02 -57.49 57.90
CA VAL C 1797 -12.11 -58.27 58.73
C VAL C 1797 -11.63 -57.45 59.93
N LEU C 1798 -11.37 -56.15 59.74
CA LEU C 1798 -10.98 -55.33 60.89
C LEU C 1798 -12.15 -55.09 61.83
N GLU C 1799 -13.39 -55.19 61.33
CA GLU C 1799 -14.54 -55.10 62.23
C GLU C 1799 -14.70 -56.32 63.14
N LYS C 1800 -13.93 -57.39 62.92
CA LYS C 1800 -13.88 -58.47 63.91
C LYS C 1800 -13.14 -58.02 65.16
N GLU C 1801 -11.89 -57.59 65.00
CA GLU C 1801 -11.08 -57.21 66.15
C GLU C 1801 -11.47 -55.84 66.69
N VAL C 1802 -11.30 -54.80 65.88
CA VAL C 1802 -11.70 -53.45 66.27
C VAL C 1802 -13.21 -53.36 66.21
N ASP C 1803 -13.81 -52.87 67.28
CA ASP C 1803 -15.27 -52.78 67.36
C ASP C 1803 -15.81 -51.73 66.40
N LYS C 1804 -17.08 -51.86 66.07
CA LYS C 1804 -17.72 -51.07 65.01
C LYS C 1804 -18.08 -49.65 65.45
N ALA C 1805 -17.59 -49.15 66.57
CA ALA C 1805 -17.81 -47.78 66.95
C ALA C 1805 -16.79 -46.82 66.35
N LYS C 1806 -15.80 -47.34 65.62
CA LYS C 1806 -14.73 -46.52 65.06
C LYS C 1806 -14.56 -46.65 63.56
N THR C 1807 -15.02 -47.75 62.96
CA THR C 1807 -14.90 -47.97 61.52
C THR C 1807 -16.16 -47.56 60.77
N ASP C 1808 -16.86 -46.53 61.26
CA ASP C 1808 -18.14 -46.15 60.68
C ASP C 1808 -17.98 -45.45 59.34
N GLY C 1809 -17.32 -44.29 59.35
CA GLY C 1809 -17.19 -43.50 58.14
C GLY C 1809 -15.98 -43.82 57.32
N LEU C 1810 -15.92 -45.03 56.76
CA LEU C 1810 -14.82 -45.44 55.91
C LEU C 1810 -15.26 -45.71 54.48
N PHE C 1811 -16.24 -46.59 54.27
CA PHE C 1811 -16.65 -47.00 52.94
C PHE C 1811 -18.14 -46.79 52.77
N ILE C 1812 -18.60 -45.60 53.15
CA ILE C 1812 -20.01 -45.27 53.01
C ILE C 1812 -20.33 -44.91 51.56
N ARG C 1813 -19.49 -44.10 50.93
CA ARG C 1813 -19.72 -43.61 49.58
C ARG C 1813 -18.86 -44.36 48.58
N SER C 1814 -19.40 -44.59 47.40
CA SER C 1814 -18.60 -45.13 46.31
C SER C 1814 -17.80 -44.03 45.66
N GLY C 1815 -16.51 -44.26 45.46
CA GLY C 1815 -15.65 -43.25 44.87
C GLY C 1815 -15.82 -43.06 43.38
N TRP C 1816 -16.55 -43.94 42.72
CA TRP C 1816 -16.76 -43.84 41.29
C TRP C 1816 -17.76 -42.73 40.97
N ASN C 1817 -17.48 -42.01 39.88
CA ASN C 1817 -18.37 -40.94 39.41
C ASN C 1817 -18.65 -41.18 37.94
N ASP C 1818 -19.89 -41.58 37.63
CA ASP C 1818 -20.27 -41.89 36.26
C ASP C 1818 -20.32 -40.67 35.37
N LEU C 1819 -20.51 -39.47 35.92
CA LEU C 1819 -20.66 -38.28 35.10
C LEU C 1819 -19.33 -37.86 34.49
N TYR C 1820 -18.25 -38.10 35.22
CA TYR C 1820 -16.90 -38.03 34.66
C TYR C 1820 -16.52 -39.46 34.29
N GLN C 1821 -15.24 -39.69 33.98
CA GLN C 1821 -14.83 -41.02 33.59
C GLN C 1821 -14.35 -41.85 34.75
N GLY C 1822 -14.86 -41.60 35.95
CA GLY C 1822 -14.39 -42.28 37.13
C GLY C 1822 -13.02 -41.82 37.58
N LEU C 1823 -12.63 -40.59 37.22
CA LEU C 1823 -11.34 -40.07 37.61
C LEU C 1823 -11.27 -39.86 39.11
N LEU C 1824 -10.07 -40.02 39.67
CA LEU C 1824 -9.76 -39.88 41.09
C LEU C 1824 -10.57 -40.84 41.96
N ALA C 1825 -10.90 -42.01 41.41
CA ALA C 1825 -11.61 -43.02 42.19
C ALA C 1825 -10.65 -43.85 43.02
N GLY C 1826 -9.40 -44.00 42.56
CA GLY C 1826 -8.41 -44.69 43.34
C GLY C 1826 -7.91 -43.90 44.53
N GLU C 1827 -8.05 -42.57 44.50
CA GLU C 1827 -7.65 -41.75 45.64
C GLU C 1827 -8.58 -41.96 46.81
N ASP C 1828 -9.87 -42.14 46.55
CA ASP C 1828 -10.83 -42.45 47.60
C ASP C 1828 -10.48 -43.77 48.28
N LEU C 1829 -10.11 -44.78 47.48
CA LEU C 1829 -9.72 -46.06 48.06
C LEU C 1829 -8.41 -45.95 48.82
N GLN C 1830 -7.47 -45.13 48.33
CA GLN C 1830 -6.20 -44.97 49.01
C GLN C 1830 -6.37 -44.27 50.36
N LEU C 1831 -7.17 -43.20 50.39
CA LEU C 1831 -7.48 -42.52 51.64
C LEU C 1831 -8.24 -43.43 52.61
N ASN C 1832 -9.21 -44.17 52.11
CA ASN C 1832 -10.01 -45.01 52.99
C ASN C 1832 -9.30 -46.29 53.40
N LEU C 1833 -8.21 -46.66 52.74
CA LEU C 1833 -7.34 -47.69 53.29
C LEU C 1833 -6.31 -47.15 54.25
N GLN C 1834 -5.84 -45.92 54.03
CA GLN C 1834 -4.92 -45.31 54.98
C GLN C 1834 -5.59 -45.03 56.31
N LYS C 1835 -6.84 -44.59 56.27
CA LYS C 1835 -7.59 -44.33 57.49
C LYS C 1835 -7.93 -45.64 58.21
N LEU C 1836 -8.21 -46.69 57.45
CA LEU C 1836 -8.43 -48.03 58.00
C LEU C 1836 -7.18 -48.57 58.68
N GLU C 1837 -6.03 -48.39 58.03
CA GLU C 1837 -4.75 -48.81 58.59
C GLU C 1837 -4.39 -48.03 59.85
N ASN C 1838 -4.77 -46.75 59.91
CA ASN C 1838 -4.53 -45.98 61.11
C ASN C 1838 -5.44 -46.42 62.26
N VAL C 1839 -6.68 -46.79 61.93
CA VAL C 1839 -7.58 -47.38 62.93
C VAL C 1839 -7.02 -48.69 63.46
N TRP C 1840 -6.37 -49.47 62.58
CA TRP C 1840 -5.79 -50.73 63.03
C TRP C 1840 -4.55 -50.50 63.89
N LEU C 1841 -3.70 -49.54 63.53
CA LEU C 1841 -2.47 -49.37 64.30
C LEU C 1841 -2.68 -48.63 65.61
N MET C 1842 -3.67 -47.72 65.68
CA MET C 1842 -4.00 -47.10 66.96
C MET C 1842 -4.70 -48.07 67.89
N GLU C 1843 -5.84 -48.59 67.47
CA GLU C 1843 -6.76 -49.30 68.37
C GLU C 1843 -6.67 -50.81 68.26
N GLU C 1844 -5.48 -51.38 68.10
CA GLU C 1844 -5.31 -52.82 68.32
C GLU C 1844 -4.72 -53.04 69.70
N GLN C 1845 -5.32 -53.96 70.45
CA GLN C 1845 -5.01 -54.16 71.85
C GLN C 1845 -4.38 -55.53 72.09
N ARG C 1846 -3.67 -55.63 73.21
CA ARG C 1846 -3.03 -56.87 73.60
C ARG C 1846 -4.07 -57.89 74.06
N ALA C 1847 -3.98 -59.09 73.53
CA ALA C 1847 -4.87 -60.17 73.92
C ALA C 1847 -4.53 -60.66 75.32
N LEU C 1848 -5.54 -61.18 76.00
CA LEU C 1848 -5.39 -61.81 77.32
C LEU C 1848 -5.78 -63.28 77.15
N GLU C 1849 -4.78 -64.13 76.96
CA GLU C 1849 -5.02 -65.52 76.62
C GLU C 1849 -5.47 -66.31 77.84
N VAL C 1850 -6.38 -67.27 77.63
CA VAL C 1850 -6.82 -68.18 78.68
C VAL C 1850 -6.89 -69.58 78.07
N GLU C 1851 -6.19 -70.53 78.68
CA GLU C 1851 -6.27 -71.94 78.28
C GLU C 1851 -7.12 -72.67 79.30
N ARG C 1852 -8.29 -73.13 78.88
CA ARG C 1852 -9.24 -73.80 79.75
C ARG C 1852 -9.47 -75.23 79.26
N THR C 1853 -9.36 -76.20 80.16
CA THR C 1853 -9.53 -77.61 79.85
C THR C 1853 -10.83 -78.10 80.49
N VAL C 1854 -11.89 -78.20 79.69
CA VAL C 1854 -13.18 -78.70 80.18
C VAL C 1854 -13.36 -80.09 79.57
N SER C 1855 -13.01 -81.12 80.33
CA SER C 1855 -13.20 -82.49 79.89
C SER C 1855 -14.67 -82.87 79.94
N LEU C 1856 -15.00 -84.01 79.34
CA LEU C 1856 -16.37 -84.51 79.43
C LEU C 1856 -16.53 -85.45 80.62
N ALA C 1857 -16.07 -84.98 81.78
CA ALA C 1857 -16.49 -85.48 83.08
C ALA C 1857 -17.54 -84.57 83.70
N GLN C 1858 -18.22 -83.77 82.88
CA GLN C 1858 -19.26 -82.87 83.34
C GLN C 1858 -20.64 -83.31 82.90
N HIS C 1859 -20.74 -84.39 82.13
CA HIS C 1859 -22.06 -84.98 81.86
C HIS C 1859 -22.66 -85.56 83.14
N TYR C 1860 -21.82 -86.00 84.07
CA TYR C 1860 -22.27 -86.34 85.41
C TYR C 1860 -22.79 -85.12 86.15
N GLN C 1861 -22.23 -83.95 85.84
CA GLN C 1861 -22.62 -82.69 86.45
C GLN C 1861 -23.75 -81.99 85.69
N GLN C 1862 -24.02 -82.42 84.45
CA GLN C 1862 -24.79 -81.65 83.48
C GLN C 1862 -26.26 -81.56 83.89
N LEU C 1863 -26.65 -80.38 84.36
CA LEU C 1863 -28.03 -79.87 84.49
C LEU C 1863 -28.80 -80.51 85.65
N SER C 1864 -28.23 -81.55 86.28
CA SER C 1864 -28.72 -82.22 87.49
C SER C 1864 -30.13 -82.81 87.35
N ASP C 1865 -30.64 -82.95 86.12
CA ASP C 1865 -31.93 -83.58 85.91
C ASP C 1865 -31.77 -84.71 84.91
N HIS C 1866 -30.77 -84.57 84.02
CA HIS C 1866 -30.38 -85.61 83.08
C HIS C 1866 -28.86 -85.70 83.16
N LYS C 1867 -28.37 -86.53 84.07
CA LYS C 1867 -26.95 -86.76 84.25
C LYS C 1867 -26.64 -88.22 84.01
N PHE C 1868 -25.40 -88.50 83.59
CA PHE C 1868 -25.00 -89.85 83.25
C PHE C 1868 -23.49 -89.95 83.29
N ASN C 1869 -23.01 -91.19 83.40
CA ASN C 1869 -21.60 -91.48 83.30
C ASN C 1869 -21.27 -91.82 81.85
N LEU C 1870 -20.23 -91.19 81.31
CA LEU C 1870 -20.01 -91.23 79.87
C LEU C 1870 -19.45 -92.58 79.43
N ALA C 1871 -18.45 -93.10 80.15
CA ALA C 1871 -17.82 -94.36 79.76
C ALA C 1871 -18.77 -95.54 79.91
N GLU C 1872 -19.59 -95.53 80.95
CA GLU C 1872 -20.60 -96.57 81.14
C GLU C 1872 -21.66 -96.53 80.05
N ILE C 1873 -22.11 -95.32 79.69
CA ILE C 1873 -23.18 -95.26 78.71
C ILE C 1873 -22.68 -95.55 77.29
N VAL C 1874 -21.41 -95.25 76.99
CA VAL C 1874 -20.94 -95.62 75.66
C VAL C 1874 -20.62 -97.11 75.60
N THR C 1875 -20.27 -97.71 76.75
CA THR C 1875 -20.21 -99.17 76.84
C THR C 1875 -21.58 -99.79 76.61
N GLY C 1876 -22.62 -99.12 77.11
CA GLY C 1876 -23.98 -99.52 76.76
C GLY C 1876 -24.32 -99.31 75.30
N TYR C 1877 -23.74 -98.30 74.67
CA TYR C 1877 -24.01 -98.06 73.25
C TYR C 1877 -23.14 -98.89 72.32
N MET C 1878 -22.19 -99.67 72.85
CA MET C 1878 -21.40 -100.54 71.96
C MET C 1878 -22.23 -101.69 71.41
N ALA C 1879 -23.29 -102.08 72.10
CA ALA C 1879 -24.25 -103.06 71.59
C ALA C 1879 -25.64 -102.43 71.60
N GLN C 1880 -26.60 -103.19 71.07
CA GLN C 1880 -28.03 -102.82 71.00
C GLN C 1880 -28.22 -101.49 70.25
N ASP C 1881 -27.91 -101.55 68.96
CA ASP C 1881 -27.76 -100.38 68.10
C ASP C 1881 -29.07 -99.61 67.94
N LYS C 1882 -28.91 -98.34 67.54
CA LYS C 1882 -30.00 -97.40 67.21
C LYS C 1882 -30.92 -97.13 68.40
N ASP C 1883 -30.32 -96.78 69.54
CA ASP C 1883 -31.05 -96.29 70.70
C ASP C 1883 -30.56 -94.88 71.04
N GLN C 1884 -31.06 -94.35 72.16
CA GLN C 1884 -30.72 -93.00 72.58
C GLN C 1884 -31.04 -92.82 74.05
N LYS C 1885 -30.11 -92.24 74.79
CA LYS C 1885 -30.38 -91.65 76.10
C LYS C 1885 -29.90 -90.21 75.98
N THR C 1886 -30.79 -89.34 75.53
CA THR C 1886 -30.49 -87.92 75.44
C THR C 1886 -30.49 -87.29 76.82
N GLY C 1887 -29.49 -86.47 77.09
CA GLY C 1887 -29.56 -85.61 78.24
C GLY C 1887 -30.59 -84.53 77.97
N ASN C 1888 -30.27 -83.64 77.03
CA ASN C 1888 -31.16 -82.58 76.62
C ASN C 1888 -31.07 -82.47 75.10
N GLU C 1889 -31.66 -81.41 74.56
CA GLU C 1889 -31.43 -81.05 73.16
C GLU C 1889 -30.16 -80.23 72.99
N GLN C 1890 -29.58 -79.77 74.09
CA GLN C 1890 -28.29 -79.09 74.10
C GLN C 1890 -27.13 -80.05 74.35
N ASP C 1891 -27.26 -80.94 75.33
CA ASP C 1891 -26.21 -81.88 75.71
C ASP C 1891 -26.79 -83.28 75.69
N PHE C 1892 -26.21 -84.16 74.88
CA PHE C 1892 -26.72 -85.52 74.74
C PHE C 1892 -25.65 -86.40 74.14
N VAL C 1893 -25.87 -87.72 74.25
CA VAL C 1893 -25.09 -88.73 73.56
C VAL C 1893 -26.08 -89.67 72.89
N GLU C 1894 -26.03 -89.73 71.55
CA GLU C 1894 -26.97 -90.56 70.81
C GLU C 1894 -26.21 -91.29 69.70
N LEU C 1895 -26.97 -92.06 68.91
CA LEU C 1895 -26.52 -92.52 67.60
C LEU C 1895 -27.75 -92.72 66.72
N LYS C 1896 -27.80 -91.99 65.61
CA LYS C 1896 -28.87 -92.18 64.64
C LYS C 1896 -28.56 -93.37 63.73
N ASN C 1897 -27.31 -93.44 63.31
CA ASN C 1897 -26.73 -94.52 62.52
C ASN C 1897 -25.63 -95.14 63.37
N SER C 1898 -24.76 -95.93 62.73
CA SER C 1898 -23.57 -96.42 63.42
C SER C 1898 -22.66 -95.29 63.89
N THR C 1899 -22.73 -94.13 63.22
CA THR C 1899 -22.13 -92.92 63.75
C THR C 1899 -22.81 -92.49 65.04
N LEU C 1900 -22.03 -92.27 66.10
CA LEU C 1900 -22.55 -91.74 67.34
C LEU C 1900 -22.19 -90.26 67.47
N ILE C 1901 -23.03 -89.54 68.20
CA ILE C 1901 -22.90 -88.09 68.36
C ILE C 1901 -22.79 -87.79 69.84
N ALA C 1902 -21.70 -87.16 70.24
CA ALA C 1902 -21.52 -86.73 71.63
C ALA C 1902 -21.56 -85.20 71.66
N SER C 1903 -22.77 -84.66 71.74
CA SER C 1903 -22.95 -83.22 71.62
C SER C 1903 -22.64 -82.53 72.94
N LEU C 1904 -22.42 -81.22 72.85
CA LEU C 1904 -22.00 -80.42 74.00
C LEU C 1904 -22.31 -78.96 73.73
N SER C 1905 -23.16 -78.36 74.57
CA SER C 1905 -23.50 -76.95 74.42
C SER C 1905 -22.39 -76.07 74.96
N ILE C 1906 -22.18 -74.93 74.29
CA ILE C 1906 -21.12 -74.01 74.68
C ILE C 1906 -21.56 -73.15 75.86
N LYS C 1907 -22.85 -72.83 75.94
CA LYS C 1907 -23.37 -72.08 77.09
C LYS C 1907 -23.34 -72.92 78.35
N GLY C 1908 -23.49 -74.24 78.23
CA GLY C 1908 -23.38 -75.13 79.37
C GLY C 1908 -21.97 -75.35 79.87
N LEU C 1909 -20.96 -74.86 79.14
CA LEU C 1909 -19.59 -74.94 79.62
C LEU C 1909 -19.35 -74.00 80.79
N ASN C 1910 -20.06 -72.86 80.82
CA ASN C 1910 -19.96 -71.82 81.85
C ASN C 1910 -18.54 -71.30 81.98
N LEU C 1911 -18.04 -70.71 80.90
CA LEU C 1911 -16.69 -70.18 80.89
C LEU C 1911 -16.62 -68.72 81.30
N VAL C 1912 -17.76 -68.04 81.42
CA VAL C 1912 -17.78 -66.68 81.93
C VAL C 1912 -17.72 -66.62 83.44
N GLU C 1913 -17.78 -67.77 84.12
CA GLU C 1913 -17.59 -67.84 85.56
C GLU C 1913 -16.13 -67.93 85.96
N ASP C 1914 -15.23 -68.17 85.01
CA ASP C 1914 -13.82 -68.29 85.35
C ASP C 1914 -13.20 -66.95 85.69
N TYR C 1915 -13.51 -65.92 84.90
CA TYR C 1915 -13.04 -64.56 85.14
C TYR C 1915 -14.28 -63.69 85.28
N PRO C 1916 -14.92 -63.71 86.45
CA PRO C 1916 -16.25 -63.10 86.60
C PRO C 1916 -16.20 -61.59 86.78
N GLU C 1917 -17.36 -61.04 87.16
CA GLU C 1917 -17.44 -59.67 87.67
C GLU C 1917 -16.71 -59.55 89.01
N THR C 1918 -16.70 -58.32 89.54
CA THR C 1918 -15.93 -57.77 90.67
C THR C 1918 -14.43 -57.64 90.36
N MET C 1919 -13.98 -58.09 89.19
CA MET C 1919 -12.73 -57.62 88.61
C MET C 1919 -13.04 -57.27 87.16
N HIS C 1920 -12.64 -56.07 86.76
CA HIS C 1920 -13.22 -55.40 85.59
C HIS C 1920 -12.33 -55.63 84.37
N LEU C 1921 -12.75 -56.57 83.53
CA LEU C 1921 -12.06 -56.91 82.30
C LEU C 1921 -13.04 -57.68 81.42
N GLY C 1922 -12.69 -57.80 80.14
CA GLY C 1922 -13.46 -58.64 79.25
C GLY C 1922 -14.82 -58.15 78.82
N ASP C 1923 -14.86 -57.13 77.96
CA ASP C 1923 -16.09 -56.79 77.26
C ASP C 1923 -16.56 -57.97 76.40
N ILE C 1924 -15.67 -58.49 75.55
CA ILE C 1924 -15.98 -59.62 74.69
C ILE C 1924 -15.01 -60.76 74.96
N ARG C 1925 -15.55 -61.99 74.93
CA ARG C 1925 -14.76 -63.20 75.02
C ARG C 1925 -14.89 -63.97 73.71
N ARG C 1926 -13.78 -64.18 73.02
CA ARG C 1926 -13.77 -64.80 71.71
C ARG C 1926 -12.92 -66.07 71.77
N ILE C 1927 -13.43 -67.16 71.21
CA ILE C 1927 -12.67 -68.40 71.16
C ILE C 1927 -11.57 -68.26 70.12
N LYS C 1928 -10.33 -68.57 70.52
CA LYS C 1928 -9.19 -68.49 69.61
C LYS C 1928 -8.93 -69.82 68.90
N GLN C 1929 -8.94 -70.93 69.63
CA GLN C 1929 -8.57 -72.22 69.07
C GLN C 1929 -9.05 -73.33 70.01
N ILE C 1930 -9.61 -74.39 69.43
CA ILE C 1930 -10.10 -75.53 70.19
C ILE C 1930 -9.32 -76.76 69.74
N SER C 1931 -8.63 -77.41 70.68
CA SER C 1931 -7.91 -78.64 70.42
C SER C 1931 -8.45 -79.73 71.33
N VAL C 1932 -8.32 -80.98 70.89
CA VAL C 1932 -8.96 -82.13 71.53
C VAL C 1932 -7.87 -83.11 71.94
N SER C 1933 -7.99 -83.67 73.13
CA SER C 1933 -7.18 -84.81 73.55
C SER C 1933 -8.08 -85.99 73.84
N LEU C 1934 -7.57 -87.19 73.58
CA LEU C 1934 -8.30 -88.43 73.81
C LEU C 1934 -7.44 -89.37 74.63
N PRO C 1935 -7.80 -89.66 75.89
CA PRO C 1935 -7.05 -90.63 76.70
C PRO C 1935 -7.45 -92.08 76.43
N ALA C 1936 -7.56 -92.45 75.16
CA ALA C 1936 -7.87 -93.80 74.74
C ALA C 1936 -6.58 -94.57 74.49
N LEU C 1937 -6.70 -95.89 74.35
CA LEU C 1937 -5.57 -96.73 73.99
C LEU C 1937 -5.64 -97.04 72.51
N LEU C 1938 -4.55 -96.75 71.79
CA LEU C 1938 -4.50 -96.98 70.35
C LEU C 1938 -3.36 -97.92 70.02
N GLY C 1939 -2.35 -97.95 70.88
CA GLY C 1939 -1.20 -98.80 70.66
C GLY C 1939 -0.29 -98.24 69.61
N PRO C 1940 0.24 -99.12 68.73
CA PRO C 1940 1.22 -98.68 67.74
C PRO C 1940 0.69 -97.72 66.67
N TYR C 1941 -0.31 -98.13 65.88
CA TYR C 1941 -0.69 -97.34 64.71
C TYR C 1941 -2.19 -97.30 64.45
N GLN C 1942 -3.02 -97.45 65.47
CA GLN C 1942 -4.47 -97.38 65.28
C GLN C 1942 -4.92 -95.93 65.37
N ASP C 1943 -5.86 -95.55 64.50
CA ASP C 1943 -6.27 -94.16 64.35
C ASP C 1943 -7.70 -93.97 64.83
N VAL C 1944 -7.97 -92.79 65.36
CA VAL C 1944 -9.31 -92.36 65.67
C VAL C 1944 -9.77 -91.40 64.59
N GLN C 1945 -10.94 -91.67 64.01
CA GLN C 1945 -11.65 -90.70 63.19
C GLN C 1945 -12.72 -90.04 64.05
N ALA C 1946 -12.82 -88.72 63.94
CA ALA C 1946 -13.81 -87.93 64.68
C ALA C 1946 -13.91 -86.57 64.02
N THR C 1947 -15.01 -85.87 64.29
CA THR C 1947 -15.22 -84.53 63.77
C THR C 1947 -15.54 -83.59 64.93
N LEU C 1948 -15.67 -82.31 64.59
CA LEU C 1948 -16.26 -81.30 65.46
C LEU C 1948 -17.03 -80.34 64.57
N ASP C 1949 -18.21 -79.92 65.04
CA ASP C 1949 -19.03 -78.99 64.29
C ASP C 1949 -19.53 -77.90 65.21
N TYR C 1950 -19.98 -76.80 64.59
CA TYR C 1950 -20.62 -75.70 65.30
C TYR C 1950 -22.07 -75.63 64.84
N ALA C 1951 -22.98 -75.47 65.80
CA ALA C 1951 -24.41 -75.61 65.53
C ALA C 1951 -25.14 -74.29 65.45
N GLY C 1952 -24.74 -73.28 66.22
CA GLY C 1952 -25.48 -72.03 66.26
C GLY C 1952 -25.29 -71.21 65.01
N GLU C 1953 -26.02 -70.10 64.95
CA GLU C 1953 -25.92 -69.18 63.83
C GLU C 1953 -24.69 -68.28 64.02
N ASN C 1954 -23.92 -68.12 62.94
CA ASN C 1954 -22.70 -67.32 63.01
C ASN C 1954 -22.40 -66.85 61.58
N THR C 1955 -22.59 -65.56 61.32
CA THR C 1955 -22.29 -64.97 60.03
C THR C 1955 -20.88 -64.43 59.94
N HIS C 1956 -19.96 -64.97 60.74
CA HIS C 1956 -18.59 -64.46 60.80
C HIS C 1956 -17.53 -65.54 60.68
N LEU C 1957 -17.88 -66.81 60.83
CA LEU C 1957 -16.96 -67.89 60.51
C LEU C 1957 -16.75 -67.90 59.00
N ALA C 1958 -15.48 -67.93 58.57
CA ALA C 1958 -15.14 -67.44 57.24
C ALA C 1958 -15.51 -68.42 56.12
N LYS C 1959 -14.83 -69.56 56.06
CA LYS C 1959 -15.10 -70.55 55.03
C LYS C 1959 -14.50 -71.88 55.49
N GLY C 1960 -15.35 -72.84 55.82
CA GLY C 1960 -14.86 -74.13 56.28
C GLY C 1960 -14.23 -74.11 57.66
N CYS C 1961 -14.45 -73.06 58.44
CA CYS C 1961 -13.91 -72.96 59.79
C CYS C 1961 -14.88 -73.48 60.85
N THR C 1962 -15.96 -74.13 60.42
CA THR C 1962 -16.87 -74.76 61.37
C THR C 1962 -16.46 -76.18 61.73
N ALA C 1963 -15.56 -76.77 60.97
CA ALA C 1963 -15.24 -78.18 61.11
C ALA C 1963 -13.79 -78.36 61.55
N LEU C 1964 -13.52 -79.55 62.07
CA LEU C 1964 -12.21 -79.92 62.60
C LEU C 1964 -12.20 -81.43 62.75
N ALA C 1965 -11.10 -82.07 62.36
CA ALA C 1965 -11.00 -83.52 62.39
C ALA C 1965 -9.93 -83.97 63.38
N ILE C 1966 -10.13 -85.16 63.93
CA ILE C 1966 -9.22 -85.76 64.90
C ILE C 1966 -8.53 -86.94 64.22
N SER C 1967 -7.23 -87.08 64.44
CA SER C 1967 -6.53 -88.24 63.91
C SER C 1967 -5.47 -88.84 64.82
N ARG C 1968 -5.22 -88.27 66.00
CA ARG C 1968 -4.10 -88.72 66.80
C ARG C 1968 -4.48 -89.22 68.19
N GLY C 1969 -5.33 -88.49 68.90
CA GLY C 1969 -5.65 -88.79 70.29
C GLY C 1969 -4.88 -87.95 71.29
N MET C 1970 -3.68 -87.49 70.93
CA MET C 1970 -2.93 -86.54 71.75
C MET C 1970 -3.55 -85.14 71.56
N ASN C 1971 -2.96 -84.13 72.21
CA ASN C 1971 -3.43 -82.76 72.08
C ASN C 1971 -3.13 -82.28 70.67
N ASP C 1972 -4.13 -82.36 69.80
CA ASP C 1972 -3.97 -82.03 68.39
C ASP C 1972 -5.10 -81.13 67.92
N SER C 1973 -4.90 -80.51 66.78
CA SER C 1973 -5.86 -79.60 66.19
C SER C 1973 -6.18 -80.05 64.77
N GLY C 1974 -7.00 -79.26 64.09
CA GLY C 1974 -7.34 -79.54 62.71
C GLY C 1974 -6.43 -78.82 61.73
N GLN C 1975 -5.13 -78.78 62.03
CA GLN C 1975 -4.12 -78.26 61.13
C GLN C 1975 -2.85 -79.08 61.29
N PHE C 1976 -2.11 -79.25 60.20
CA PHE C 1976 -0.75 -79.75 60.31
C PHE C 1976 0.14 -78.63 60.83
N GLN C 1977 0.99 -78.94 61.81
CA GLN C 1977 1.93 -78.05 62.51
C GLN C 1977 1.27 -76.71 62.90
N LEU C 1978 0.32 -76.82 63.83
CA LEU C 1978 -0.51 -75.73 64.33
C LEU C 1978 0.30 -74.50 64.77
N ASP C 1979 0.09 -73.37 64.09
CA ASP C 1979 0.87 -72.17 64.30
C ASP C 1979 -0.06 -70.98 64.41
N PHE C 1980 0.06 -70.23 65.50
CA PHE C 1980 -0.76 -69.04 65.72
C PHE C 1980 -0.23 -67.83 64.97
N ASN C 1981 1.05 -67.83 64.60
CA ASN C 1981 1.66 -66.71 63.90
C ASN C 1981 1.62 -66.93 62.39
N ASP C 1982 0.39 -67.10 61.89
CA ASP C 1982 0.13 -67.31 60.47
C ASP C 1982 -0.92 -66.30 60.02
N GLY C 1983 -0.92 -66.01 58.72
CA GLY C 1983 -1.87 -65.06 58.16
C GLY C 1983 -3.30 -65.54 58.09
N LYS C 1984 -3.54 -66.84 58.31
CA LYS C 1984 -4.88 -67.40 58.26
C LYS C 1984 -5.51 -67.43 59.64
N TYR C 1985 -6.83 -67.63 59.66
CA TYR C 1985 -7.52 -67.87 60.92
C TYR C 1985 -7.38 -69.34 61.33
N LEU C 1986 -8.10 -69.72 62.37
CA LEU C 1986 -8.09 -71.06 62.92
C LEU C 1986 -9.50 -71.62 62.88
N PRO C 1987 -9.67 -72.94 62.99
CA PRO C 1987 -11.02 -73.49 63.20
C PRO C 1987 -11.59 -73.04 64.53
N PHE C 1988 -12.89 -72.73 64.50
CA PHE C 1988 -13.67 -72.22 65.64
C PHE C 1988 -13.15 -70.90 66.18
N GLU C 1989 -12.44 -70.13 65.36
CA GLU C 1989 -11.90 -68.85 65.79
C GLU C 1989 -12.95 -67.78 65.54
N GLY C 1990 -13.28 -67.03 66.59
CA GLY C 1990 -14.28 -65.98 66.47
C GLY C 1990 -15.66 -66.36 66.93
N ILE C 1991 -15.77 -67.27 67.88
CA ILE C 1991 -17.05 -67.70 68.44
C ILE C 1991 -17.14 -67.18 69.87
N ASP C 1992 -18.27 -66.54 70.20
CA ASP C 1992 -18.49 -66.07 71.55
C ASP C 1992 -18.63 -67.22 72.53
N ILE C 1993 -18.39 -66.92 73.80
CA ILE C 1993 -18.59 -67.92 74.85
C ILE C 1993 -20.08 -68.12 75.12
N SER C 1994 -20.81 -67.02 75.30
CA SER C 1994 -22.23 -67.10 75.60
C SER C 1994 -23.04 -67.17 74.30
N ASP C 1995 -22.94 -68.33 73.65
CA ASP C 1995 -23.72 -68.64 72.47
C ASP C 1995 -24.60 -69.84 72.74
N LYS C 1996 -25.63 -69.99 71.90
CA LYS C 1996 -26.55 -71.12 71.99
C LYS C 1996 -26.22 -72.20 70.96
N GLY C 1997 -24.99 -72.25 70.48
CA GLY C 1997 -24.56 -73.32 69.62
C GLY C 1997 -23.92 -74.44 70.39
N THR C 1998 -23.93 -75.64 69.79
CA THR C 1998 -23.40 -76.83 70.43
C THR C 1998 -22.24 -77.38 69.64
N LEU C 1999 -21.25 -77.91 70.36
CA LEU C 1999 -20.14 -78.63 69.73
C LEU C 1999 -20.55 -80.09 69.58
N VAL C 2000 -20.57 -80.57 68.35
CA VAL C 2000 -21.35 -81.76 68.00
C VAL C 2000 -20.56 -83.04 68.24
N LEU C 2001 -19.32 -83.10 67.74
CA LEU C 2001 -18.35 -84.17 68.00
C LEU C 2001 -18.86 -85.53 67.54
N ARG C 2002 -19.00 -85.66 66.23
CA ARG C 2002 -19.47 -86.90 65.62
C ARG C 2002 -18.32 -87.87 65.36
N PHE C 2003 -18.47 -89.08 65.84
CA PHE C 2003 -17.59 -90.15 65.40
C PHE C 2003 -18.20 -90.85 64.19
N PRO C 2004 -17.37 -91.38 63.29
CA PRO C 2004 -17.89 -92.24 62.21
C PRO C 2004 -18.33 -93.62 62.69
N ASN C 2005 -18.62 -94.50 61.73
CA ASN C 2005 -19.33 -95.75 61.92
C ASN C 2005 -18.69 -96.68 62.95
N ALA C 2006 -19.39 -96.91 64.06
CA ALA C 2006 -18.90 -97.76 65.14
C ALA C 2006 -19.16 -99.24 64.90
N THR C 2007 -20.07 -99.57 63.97
CA THR C 2007 -20.22 -100.97 63.54
C THR C 2007 -18.98 -101.42 62.76
N SER C 2008 -18.33 -100.49 62.09
CA SER C 2008 -17.07 -100.70 61.39
C SER C 2008 -15.89 -100.69 62.36
N LYS C 2009 -14.69 -100.42 61.84
CA LYS C 2009 -13.43 -100.53 62.58
C LYS C 2009 -13.33 -99.63 63.81
N GLN C 2010 -14.28 -98.70 64.02
CA GLN C 2010 -14.28 -97.88 65.23
C GLN C 2010 -14.63 -98.68 66.48
N LYS C 2011 -15.22 -99.87 66.34
CA LYS C 2011 -15.43 -100.72 67.50
C LYS C 2011 -14.09 -101.24 68.01
N LEU C 2012 -14.01 -101.36 69.35
CA LEU C 2012 -12.85 -101.69 70.21
C LEU C 2012 -11.90 -100.48 70.32
N LEU C 2013 -12.17 -99.43 69.55
CA LEU C 2013 -11.55 -98.13 69.75
C LEU C 2013 -12.46 -97.23 70.58
N LEU C 2014 -13.76 -97.24 70.27
CA LEU C 2014 -14.75 -96.50 71.04
C LEU C 2014 -15.09 -97.18 72.36
N GLN C 2015 -14.72 -98.44 72.54
CA GLN C 2015 -14.96 -99.14 73.79
C GLN C 2015 -14.11 -98.57 74.91
N SER C 2016 -12.80 -98.50 74.70
CA SER C 2016 -11.88 -97.91 75.67
C SER C 2016 -11.89 -96.40 75.50
N LEU C 2017 -12.92 -95.75 76.02
CA LEU C 2017 -13.04 -94.30 75.95
C LEU C 2017 -13.40 -93.79 77.34
N SER C 2018 -12.44 -93.14 78.01
CA SER C 2018 -12.70 -92.53 79.30
C SER C 2018 -13.57 -91.29 79.14
N ASP C 2019 -13.06 -90.29 78.44
CA ASP C 2019 -13.75 -89.02 78.20
C ASP C 2019 -13.04 -88.29 77.06
N ILE C 2020 -13.44 -87.05 76.82
CA ILE C 2020 -12.88 -86.21 75.77
C ILE C 2020 -12.48 -84.89 76.43
N ILE C 2021 -11.22 -84.49 76.25
CA ILE C 2021 -10.61 -83.47 77.10
C ILE C 2021 -10.99 -82.06 76.65
N LEU C 2022 -10.93 -81.77 75.35
CA LEU C 2022 -11.38 -80.51 74.73
C LEU C 2022 -10.64 -79.29 75.31
N HIS C 2023 -9.34 -79.23 75.02
CA HIS C 2023 -8.53 -78.07 75.40
C HIS C 2023 -9.01 -76.82 74.68
N ILE C 2024 -9.59 -75.88 75.40
CA ILE C 2024 -10.17 -74.67 74.83
C ILE C 2024 -9.23 -73.51 75.10
N ARG C 2025 -8.85 -72.79 74.06
CA ARG C 2025 -8.02 -71.59 74.17
C ARG C 2025 -8.85 -70.43 73.64
N TYR C 2026 -9.23 -69.52 74.51
CA TYR C 2026 -10.00 -68.35 74.11
C TYR C 2026 -9.28 -67.08 74.51
N THR C 2027 -9.76 -65.97 73.98
CA THR C 2027 -9.12 -64.67 74.13
C THR C 2027 -10.08 -63.71 74.82
N ILE C 2028 -9.64 -63.17 75.95
CA ILE C 2028 -10.36 -62.09 76.61
C ILE C 2028 -9.78 -60.77 76.13
N ARG C 2029 -10.65 -59.88 75.64
CA ARG C 2029 -10.18 -58.60 75.14
C ARG C 2029 -11.24 -57.55 75.40
N SER C 2030 -10.80 -56.31 75.57
CA SER C 2030 -11.69 -55.20 75.84
C SER C 2030 -12.40 -54.75 74.57
N ALA D 58 11.95 12.63 -79.40
CA ALA D 58 11.28 12.82 -78.11
C ALA D 58 9.75 12.57 -78.10
N PRO D 59 8.97 12.93 -79.14
CA PRO D 59 7.61 12.36 -79.20
C PRO D 59 7.56 10.89 -79.54
N LYS D 60 8.63 10.34 -80.12
CA LYS D 60 8.68 8.91 -80.39
C LYS D 60 8.81 8.08 -79.12
N ILE D 61 9.26 8.69 -78.02
CA ILE D 61 9.15 8.04 -76.72
C ILE D 61 7.74 8.21 -76.17
N LEU D 62 7.09 9.32 -76.49
CA LEU D 62 5.77 9.62 -75.95
C LEU D 62 4.69 8.78 -76.58
N GLN D 63 4.87 8.31 -77.82
CA GLN D 63 3.86 7.53 -78.52
C GLN D 63 3.58 6.15 -77.92
N PRO D 64 4.56 5.34 -77.48
CA PRO D 64 4.18 4.14 -76.71
C PRO D 64 3.60 4.47 -75.35
N GLU D 65 4.00 5.59 -74.75
CA GLU D 65 3.35 6.06 -73.54
C GLU D 65 1.94 6.56 -73.81
N ALA D 66 1.64 6.97 -75.04
CA ALA D 66 0.32 7.46 -75.41
C ALA D 66 -0.64 6.36 -75.81
N ARG D 67 -0.15 5.28 -76.42
CA ARG D 67 -1.06 4.28 -76.97
C ARG D 67 -1.55 3.31 -75.90
N THR D 68 -0.70 2.93 -74.94
CA THR D 68 -1.06 1.86 -74.01
C THR D 68 -1.93 2.38 -72.87
N ASP D 69 -1.35 3.22 -72.00
CA ASP D 69 -1.91 3.96 -70.87
C ASP D 69 -2.34 3.08 -69.69
N LEU D 70 -2.51 1.77 -69.94
CA LEU D 70 -3.05 0.77 -69.03
C LEU D 70 -3.08 -0.54 -69.81
N SER D 71 -3.47 -1.65 -69.16
CA SER D 71 -3.73 -2.87 -69.91
C SER D 71 -4.97 -3.61 -69.40
N LEU D 72 -5.80 -2.96 -68.59
CA LEU D 72 -7.16 -3.40 -68.36
C LEU D 72 -7.99 -2.83 -69.50
N ALA D 73 -8.98 -3.59 -69.96
CA ALA D 73 -9.65 -3.24 -71.21
C ALA D 73 -10.51 -1.98 -71.05
N GLU D 74 -11.56 -2.07 -70.22
CA GLU D 74 -12.43 -0.98 -69.75
C GLU D 74 -13.28 -0.36 -70.88
N GLY D 75 -13.05 -0.77 -72.12
CA GLY D 75 -13.86 -0.32 -73.23
C GLY D 75 -13.65 1.13 -73.66
N ILE D 76 -13.99 2.06 -72.79
CA ILE D 76 -14.18 3.45 -73.18
C ILE D 76 -12.83 4.17 -73.33
N PRO D 77 -11.82 3.99 -72.42
CA PRO D 77 -10.47 4.40 -72.82
C PRO D 77 -9.79 3.33 -73.66
N GLU D 78 -8.73 3.70 -74.36
CA GLU D 78 -8.01 2.79 -75.25
C GLU D 78 -6.85 2.16 -74.49
N ARG D 79 -6.71 0.85 -74.59
CA ARG D 79 -5.70 0.10 -73.86
C ARG D 79 -4.92 -0.81 -74.81
N ALA D 80 -3.65 -1.01 -74.50
CA ALA D 80 -2.83 -2.02 -75.15
C ALA D 80 -2.33 -3.01 -74.11
N ASN D 81 -1.98 -4.20 -74.58
CA ASN D 81 -1.72 -5.34 -73.71
C ASN D 81 -0.32 -5.28 -73.10
N GLU D 82 0.08 -6.41 -72.51
CA GLU D 82 1.47 -6.72 -72.11
C GLU D 82 1.95 -5.76 -71.02
N TYR D 83 1.29 -5.84 -69.87
CA TYR D 83 1.61 -5.05 -68.69
C TYR D 83 2.65 -5.78 -67.85
N ALA D 84 2.81 -5.33 -66.61
CA ALA D 84 3.62 -6.04 -65.62
C ALA D 84 3.04 -5.76 -64.24
N ASP D 85 3.41 -6.61 -63.29
CA ASP D 85 3.07 -6.38 -61.89
C ASP D 85 3.89 -5.21 -61.37
N PRO D 86 3.28 -4.17 -60.83
CA PRO D 86 4.06 -3.15 -60.11
C PRO D 86 4.63 -3.70 -58.82
N ALA D 87 5.64 -3.00 -58.32
CA ALA D 87 6.53 -3.44 -57.23
C ALA D 87 7.14 -4.81 -57.55
N SER D 88 7.77 -4.88 -58.71
CA SER D 88 8.55 -6.04 -59.12
C SER D 88 9.64 -5.57 -60.07
N ILE D 89 10.69 -6.38 -60.20
CA ILE D 89 11.80 -6.07 -61.10
C ILE D 89 11.34 -6.04 -62.55
N GLN D 90 10.36 -6.87 -62.89
CA GLN D 90 9.84 -6.96 -64.25
C GLN D 90 9.01 -5.74 -64.65
N SER D 91 8.71 -4.84 -63.71
CA SER D 91 8.08 -3.57 -64.04
C SER D 91 9.09 -2.63 -64.70
N LEU D 92 8.58 -1.48 -65.15
CA LEU D 92 9.41 -0.52 -65.89
C LEU D 92 9.88 0.64 -65.02
N PHE D 93 9.28 0.86 -63.87
CA PHE D 93 9.72 1.89 -62.94
C PHE D 93 10.38 1.30 -61.70
N SER D 94 10.98 0.13 -61.84
CA SER D 94 11.53 -0.62 -60.74
C SER D 94 12.91 -0.09 -60.36
N PRO D 95 13.43 -0.50 -59.20
CA PRO D 95 14.87 -0.34 -58.96
C PRO D 95 15.72 -1.18 -59.89
N GLY D 96 15.19 -2.25 -60.47
CA GLY D 96 15.95 -3.02 -61.45
C GLY D 96 16.16 -2.26 -62.74
N ARG D 97 15.12 -1.56 -63.21
CA ARG D 97 15.25 -0.76 -64.43
C ARG D 97 16.16 0.46 -64.19
N TYR D 98 16.05 1.07 -63.01
CA TYR D 98 16.93 2.17 -62.66
C TYR D 98 18.37 1.71 -62.54
N LEU D 99 18.60 0.51 -62.00
CA LEU D 99 19.94 -0.06 -61.91
C LEU D 99 20.48 -0.39 -63.30
N CYS D 100 19.63 -0.89 -64.19
CA CYS D 100 20.05 -1.21 -65.56
C CYS D 100 20.44 0.06 -66.32
N GLU D 101 19.63 1.11 -66.19
CA GLU D 101 19.93 2.37 -66.86
C GLU D 101 21.19 3.01 -66.28
N LEU D 102 21.35 2.94 -64.96
CA LEU D 102 22.51 3.54 -64.31
C LEU D 102 23.78 2.78 -64.65
N TYR D 103 23.68 1.45 -64.81
CA TYR D 103 24.86 0.66 -65.16
C TYR D 103 25.25 0.87 -66.61
N HIS D 104 24.29 0.92 -67.52
CA HIS D 104 24.64 1.12 -68.93
C HIS D 104 25.05 2.55 -69.22
N VAL D 105 24.68 3.51 -68.37
CA VAL D 105 25.35 4.82 -68.41
C VAL D 105 26.76 4.71 -67.86
N ALA D 106 26.92 4.00 -66.74
CA ALA D 106 28.14 4.08 -65.96
C ALA D 106 29.30 3.32 -66.58
N LYS D 107 29.03 2.30 -67.39
CA LYS D 107 30.12 1.56 -68.00
C LYS D 107 30.58 2.17 -69.32
N GLU D 108 30.15 3.39 -69.63
CA GLU D 108 30.55 4.08 -70.85
C GLU D 108 31.37 5.34 -70.55
N LEU D 109 31.83 5.50 -69.32
CA LEU D 109 32.53 6.72 -68.92
C LEU D 109 34.05 6.58 -68.85
N HIS D 110 34.57 5.36 -68.83
CA HIS D 110 35.99 5.10 -68.95
C HIS D 110 36.23 4.15 -70.11
N GLU D 111 37.48 4.11 -70.56
CA GLU D 111 37.89 3.09 -71.50
C GLU D 111 37.91 1.73 -70.79
N ASP D 112 37.60 0.67 -71.54
CA ASP D 112 37.53 -0.67 -70.97
C ASP D 112 38.89 -1.18 -70.48
N GLY D 113 39.99 -0.67 -71.03
CA GLY D 113 41.30 -1.08 -70.58
C GLY D 113 41.79 -0.40 -69.31
N ASN D 114 41.08 0.62 -68.83
CA ASN D 114 41.51 1.35 -67.64
C ASN D 114 41.32 0.50 -66.38
N LYS D 115 42.04 0.90 -65.34
CA LYS D 115 41.86 0.32 -64.01
C LYS D 115 40.71 0.96 -63.25
N LEU D 116 40.13 2.04 -63.78
CA LEU D 116 39.03 2.74 -63.14
C LEU D 116 37.68 2.29 -63.68
N HIS D 117 37.66 1.43 -64.69
CA HIS D 117 36.43 0.88 -65.21
C HIS D 117 35.76 -0.01 -64.17
N ILE D 118 34.44 -0.11 -64.24
CA ILE D 118 33.67 -0.80 -63.21
C ILE D 118 33.95 -2.30 -63.24
N ASP D 119 33.95 -2.88 -64.44
CA ASP D 119 34.22 -4.31 -64.58
C ASP D 119 35.67 -4.66 -64.26
N LYS D 120 36.56 -3.68 -64.24
CA LYS D 120 37.93 -3.90 -63.78
C LYS D 120 38.07 -3.68 -62.28
N ARG D 121 37.32 -2.74 -61.70
CA ARG D 121 37.40 -2.54 -60.25
C ARG D 121 36.46 -3.44 -59.48
N ARG D 122 35.29 -3.78 -60.03
CA ARG D 122 34.35 -4.68 -59.38
C ARG D 122 33.74 -5.59 -60.44
N PRO D 123 34.25 -6.82 -60.60
CA PRO D 123 33.59 -7.79 -61.49
C PRO D 123 32.29 -8.35 -60.94
N ASP D 124 31.92 -8.01 -59.70
CA ASP D 124 30.69 -8.54 -59.11
C ASP D 124 29.45 -7.94 -59.75
N LEU D 125 29.49 -6.64 -60.07
CA LEU D 125 28.31 -5.94 -60.60
C LEU D 125 27.94 -6.38 -62.01
N GLN D 126 28.88 -6.99 -62.75
CA GLN D 126 28.57 -7.47 -64.08
C GLN D 126 27.68 -8.71 -64.03
N ASP D 127 27.76 -9.49 -62.96
CA ASP D 127 27.06 -10.76 -62.85
C ASP D 127 25.95 -10.73 -61.81
N LEU D 128 25.42 -9.55 -61.52
CA LEU D 128 24.32 -9.43 -60.57
C LEU D 128 23.02 -9.84 -61.25
N VAL D 129 22.28 -10.73 -60.59
CA VAL D 129 21.04 -11.27 -61.17
C VAL D 129 19.89 -10.32 -60.84
N LEU D 130 19.26 -9.78 -61.88
CA LEU D 130 18.06 -8.97 -61.69
C LEU D 130 16.89 -9.88 -61.34
N ASN D 131 16.62 -10.05 -60.05
CA ASN D 131 15.61 -10.95 -59.57
C ASN D 131 14.85 -10.24 -58.47
N ASN D 132 13.57 -10.60 -58.29
CA ASN D 132 12.80 -10.00 -57.21
C ASN D 132 13.24 -10.50 -55.84
N SER D 133 13.89 -11.67 -55.79
CA SER D 133 14.56 -12.09 -54.57
C SER D 133 15.73 -11.17 -54.24
N ASN D 134 16.47 -10.73 -55.27
CA ASN D 134 17.52 -9.74 -55.05
C ASN D 134 16.96 -8.36 -54.75
N MET D 135 15.68 -8.12 -55.06
CA MET D 135 15.07 -6.85 -54.74
C MET D 135 14.60 -6.79 -53.29
N ASN D 136 13.90 -7.82 -52.83
CA ASN D 136 13.13 -7.69 -51.60
C ASN D 136 13.75 -8.38 -50.39
N GLN D 137 14.77 -9.21 -50.56
CA GLN D 137 15.37 -9.90 -49.42
C GLN D 137 16.25 -8.93 -48.63
N GLU D 138 16.07 -8.92 -47.31
CA GLU D 138 16.85 -8.06 -46.43
C GLU D 138 18.17 -8.73 -46.10
N VAL D 139 19.09 -8.68 -47.06
CA VAL D 139 20.45 -9.14 -46.84
C VAL D 139 21.18 -8.08 -46.02
N SER D 140 21.95 -8.52 -45.02
CA SER D 140 22.69 -7.56 -44.22
C SER D 140 23.92 -7.06 -44.98
N SER D 141 24.30 -5.82 -44.68
CA SER D 141 25.61 -5.33 -45.08
C SER D 141 26.67 -5.96 -44.19
N LEU D 142 27.95 -5.72 -44.53
CA LEU D 142 29.17 -6.34 -44.02
C LEU D 142 29.28 -7.81 -44.43
N GLU D 143 28.29 -8.32 -45.18
CA GLU D 143 28.46 -9.58 -45.88
C GLU D 143 28.90 -9.36 -47.32
N ILE D 144 28.31 -8.34 -47.96
CA ILE D 144 28.67 -7.99 -49.33
C ILE D 144 30.09 -7.46 -49.41
N LEU D 145 30.47 -6.64 -48.41
CA LEU D 145 31.83 -6.10 -48.34
C LEU D 145 32.86 -7.22 -48.18
N LEU D 146 32.58 -8.19 -47.30
CA LEU D 146 33.51 -9.29 -47.12
C LEU D 146 33.55 -10.19 -48.35
N ASN D 147 32.43 -10.35 -49.05
CA ASN D 147 32.46 -11.16 -50.27
C ASN D 147 33.28 -10.49 -51.38
N VAL D 148 33.15 -9.16 -51.51
CA VAL D 148 33.93 -8.46 -52.53
C VAL D 148 35.41 -8.43 -52.16
N LEU D 149 35.73 -8.30 -50.87
CA LEU D 149 37.13 -8.31 -50.47
C LEU D 149 37.76 -9.69 -50.58
N GLN D 150 36.98 -10.75 -50.31
CA GLN D 150 37.47 -12.11 -50.46
C GLN D 150 37.45 -12.59 -51.91
N THR D 151 36.81 -11.84 -52.82
CA THR D 151 36.90 -12.15 -54.24
C THR D 151 38.33 -11.99 -54.75
N LYS D 152 39.02 -10.93 -54.33
CA LYS D 152 40.38 -10.72 -54.80
C LYS D 152 41.38 -11.59 -54.05
N THR D 153 41.48 -11.40 -52.73
CA THR D 153 42.39 -12.17 -51.91
C THR D 153 41.59 -13.00 -50.91
N PRO D 154 41.80 -14.31 -50.85
CA PRO D 154 41.01 -15.15 -49.94
C PRO D 154 41.39 -14.95 -48.48
N LEU D 155 40.62 -15.60 -47.61
CA LEU D 155 40.81 -15.39 -46.17
C LEU D 155 42.00 -16.17 -45.64
N ASP D 156 42.37 -17.28 -46.28
CA ASP D 156 43.51 -18.06 -45.82
C ASP D 156 44.85 -17.39 -46.08
N GLU D 157 44.87 -16.41 -47.00
CA GLU D 157 46.06 -15.61 -47.24
C GLU D 157 46.43 -14.78 -46.01
N LEU D 158 45.44 -14.38 -45.21
CA LEU D 158 45.73 -13.61 -44.00
C LEU D 158 46.41 -14.47 -42.94
N THR D 159 45.98 -15.73 -42.81
CA THR D 159 46.61 -16.64 -41.85
C THR D 159 48.01 -17.02 -42.31
N LYS D 160 48.19 -17.20 -43.62
CA LYS D 160 49.48 -17.56 -44.18
C LYS D 160 50.42 -16.35 -44.32
N ASP D 161 49.93 -15.15 -44.01
CA ASP D 161 50.65 -13.91 -44.33
C ASP D 161 51.90 -13.74 -43.48
N THR D 162 52.87 -13.02 -44.03
CA THR D 162 54.10 -12.68 -43.33
C THR D 162 53.89 -11.42 -42.47
N GLU D 163 54.98 -10.85 -42.00
CA GLU D 163 54.98 -9.82 -40.96
C GLU D 163 55.47 -8.50 -41.53
N ALA D 164 55.49 -7.48 -40.65
CA ALA D 164 56.19 -6.20 -40.83
C ALA D 164 55.68 -5.44 -42.06
N HIS D 165 54.41 -5.03 -41.98
CA HIS D 165 53.73 -4.43 -43.11
C HIS D 165 53.90 -2.90 -43.07
N ALA D 166 53.31 -2.22 -44.04
CA ALA D 166 53.68 -0.84 -44.36
C ALA D 166 52.94 0.19 -43.50
N ASN D 167 53.10 0.06 -42.18
CA ASN D 167 52.75 1.08 -41.19
C ASN D 167 51.26 1.43 -41.22
N ASP D 168 50.43 0.42 -40.95
CA ASP D 168 49.00 0.61 -40.92
C ASP D 168 48.51 0.97 -39.52
N SER D 169 47.35 1.62 -39.48
CA SER D 169 46.74 1.94 -38.19
C SER D 169 46.12 0.70 -37.59
N SER D 170 46.12 0.66 -36.24
CA SER D 170 45.49 -0.33 -35.37
C SER D 170 46.12 -1.72 -35.41
N PHE D 171 47.10 -1.93 -36.30
CA PHE D 171 48.03 -3.07 -36.31
C PHE D 171 47.33 -4.42 -36.37
N THR D 172 46.23 -4.50 -37.12
CA THR D 172 45.47 -5.74 -37.18
C THR D 172 45.98 -6.69 -38.24
N LEU D 173 46.98 -6.30 -39.03
CA LEU D 173 47.31 -7.03 -40.26
C LEU D 173 48.08 -8.33 -40.03
N PRO D 174 49.06 -8.45 -39.06
CA PRO D 174 49.56 -9.80 -38.76
C PRO D 174 48.49 -10.61 -38.03
N TYR D 175 47.59 -11.17 -38.81
CA TYR D 175 46.27 -11.59 -38.36
C TYR D 175 46.16 -13.11 -38.36
N ASP D 176 45.50 -13.64 -37.33
CA ASP D 176 45.14 -15.05 -37.25
C ASP D 176 43.65 -15.11 -36.99
N ASP D 177 42.92 -15.76 -37.90
CA ASP D 177 41.47 -15.86 -37.74
C ASP D 177 41.13 -16.81 -36.59
N ASN D 178 41.98 -17.80 -36.34
CA ASN D 178 41.65 -18.86 -35.40
C ASN D 178 41.62 -18.34 -33.96
N LEU D 179 42.60 -17.53 -33.57
CA LEU D 179 42.61 -16.94 -32.23
C LEU D 179 41.44 -15.98 -32.05
N THR D 180 41.05 -15.28 -33.11
CA THR D 180 39.91 -14.37 -33.05
C THR D 180 38.60 -15.15 -32.86
N VAL D 181 38.46 -16.28 -33.55
CA VAL D 181 37.27 -17.11 -33.40
C VAL D 181 37.21 -17.69 -32.00
N ILE D 182 38.33 -18.19 -31.48
CA ILE D 182 38.38 -18.75 -30.13
C ILE D 182 38.05 -17.69 -29.08
N ASN D 183 38.61 -16.48 -29.25
CA ASN D 183 38.37 -15.40 -28.30
C ASN D 183 36.91 -14.93 -28.34
N ALA D 184 36.33 -14.82 -29.53
CA ALA D 184 34.94 -14.35 -29.62
C ALA D 184 33.95 -15.40 -29.14
N ILE D 185 34.25 -16.68 -29.37
CA ILE D 185 33.43 -17.76 -28.80
C ILE D 185 33.54 -17.76 -27.28
N LEU D 186 34.73 -17.44 -26.76
CA LEU D 186 34.89 -17.39 -25.31
C LEU D 186 34.40 -16.08 -24.69
N GLU D 187 34.06 -15.07 -25.49
CA GLU D 187 33.50 -13.83 -24.95
C GLU D 187 32.16 -14.08 -24.26
N ASP D 188 31.16 -14.54 -25.01
CA ASP D 188 29.80 -14.62 -24.48
C ASP D 188 29.61 -15.76 -23.49
N LYS D 189 30.50 -16.75 -23.49
CA LYS D 189 30.38 -17.88 -22.57
C LYS D 189 30.92 -17.57 -21.18
N ALA D 190 31.43 -16.36 -20.96
CA ALA D 190 32.00 -15.90 -19.69
C ALA D 190 33.16 -16.80 -19.23
N ILE D 191 34.07 -17.08 -20.16
CA ILE D 191 35.27 -17.87 -19.90
C ILE D 191 36.42 -17.16 -20.58
N SER D 192 37.40 -16.70 -19.81
CA SER D 192 38.61 -16.22 -20.44
C SER D 192 39.59 -17.38 -20.60
N LEU D 193 40.67 -17.13 -21.35
CA LEU D 193 41.74 -18.12 -21.40
C LEU D 193 42.43 -18.24 -20.05
N ARG D 194 42.46 -17.16 -19.27
CA ARG D 194 42.96 -17.26 -17.91
C ARG D 194 42.00 -18.04 -17.02
N GLU D 195 40.70 -17.84 -17.20
CA GLU D 195 39.73 -18.56 -16.39
C GLU D 195 39.69 -20.04 -16.77
N ILE D 196 39.95 -20.36 -18.04
CA ILE D 196 40.06 -21.76 -18.45
C ILE D 196 41.42 -22.32 -18.10
N ALA D 197 42.39 -21.47 -17.75
CA ALA D 197 43.69 -21.96 -17.30
C ALA D 197 43.77 -22.14 -15.78
N VAL D 198 42.93 -21.43 -15.02
CA VAL D 198 42.91 -21.61 -13.57
C VAL D 198 42.27 -22.93 -13.19
N LEU D 199 41.13 -23.24 -13.81
CA LEU D 199 40.41 -24.48 -13.52
C LEU D 199 41.17 -25.72 -13.98
N LEU D 200 42.02 -25.61 -14.99
CA LEU D 200 42.69 -26.76 -15.56
C LEU D 200 44.17 -26.79 -15.19
N THR D 201 44.51 -26.31 -14.00
CA THR D 201 45.87 -26.31 -13.51
C THR D 201 45.96 -27.22 -12.29
N GLU D 202 46.77 -28.28 -12.39
CA GLU D 202 46.97 -29.17 -11.26
C GLU D 202 47.86 -28.55 -10.20
N GLU D 203 48.59 -27.51 -10.55
CA GLU D 203 49.59 -26.88 -9.70
C GLU D 203 48.96 -25.74 -8.90
N SER D 204 49.80 -24.88 -8.32
CA SER D 204 49.39 -23.66 -7.65
C SER D 204 49.10 -22.56 -8.66
N ASP D 205 49.10 -21.30 -8.20
CA ASP D 205 48.95 -20.13 -9.07
C ASP D 205 49.96 -20.16 -10.20
N PHE D 206 49.48 -19.81 -11.39
CA PHE D 206 50.14 -20.19 -12.64
C PHE D 206 51.38 -19.36 -12.91
N SER D 207 52.39 -20.01 -13.49
CA SER D 207 53.47 -19.29 -14.14
C SER D 207 52.91 -18.59 -15.38
N PRO D 208 53.46 -17.42 -15.73
CA PRO D 208 52.89 -16.66 -16.86
C PRO D 208 53.18 -17.25 -18.22
N THR D 209 52.36 -18.21 -18.64
CA THR D 209 52.55 -18.86 -19.94
C THR D 209 52.25 -17.87 -21.07
N PRO D 210 52.99 -17.93 -22.18
CA PRO D 210 52.82 -16.94 -23.24
C PRO D 210 51.59 -17.11 -24.11
N ALA D 211 50.67 -18.01 -23.79
CA ALA D 211 49.36 -17.97 -24.40
C ALA D 211 48.37 -17.15 -23.60
N LEU D 212 48.73 -16.80 -22.36
CA LEU D 212 47.89 -15.94 -21.54
C LEU D 212 48.25 -14.47 -21.70
N VAL D 213 49.46 -14.16 -22.17
CA VAL D 213 49.77 -12.77 -22.52
C VAL D 213 49.01 -12.36 -23.77
N GLN D 214 48.74 -13.30 -24.68
CA GLN D 214 48.11 -12.97 -25.94
C GLN D 214 46.61 -12.70 -25.80
N GLU D 215 46.01 -13.10 -24.68
CA GLU D 215 44.57 -12.91 -24.49
C GLU D 215 44.25 -11.56 -23.86
N GLN D 216 44.96 -11.20 -22.80
CA GLN D 216 44.69 -9.93 -22.14
C GLN D 216 45.30 -8.78 -22.92
N LEU D 217 46.63 -8.80 -23.07
CA LEU D 217 47.30 -7.94 -24.03
C LEU D 217 46.93 -8.41 -25.43
N GLY D 218 46.11 -7.63 -26.13
CA GLY D 218 45.57 -8.02 -27.42
C GLY D 218 46.64 -8.25 -28.48
N LEU D 219 46.87 -9.51 -28.84
CA LEU D 219 48.10 -9.87 -29.52
C LEU D 219 47.94 -11.26 -30.12
N ASN D 220 48.44 -11.43 -31.33
CA ASN D 220 48.40 -12.67 -32.09
C ASN D 220 49.62 -13.53 -31.80
N PRO D 221 49.58 -14.83 -32.07
CA PRO D 221 50.82 -15.63 -31.99
C PRO D 221 51.78 -15.38 -33.12
N ALA D 222 51.36 -14.68 -34.17
CA ALA D 222 52.28 -14.20 -35.19
C ALA D 222 52.86 -12.83 -34.84
N SER D 223 52.10 -12.01 -34.11
CA SER D 223 52.65 -10.76 -33.60
C SER D 223 53.58 -11.02 -32.43
N TYR D 224 53.39 -12.13 -31.73
CA TYR D 224 54.26 -12.45 -30.59
C TYR D 224 55.65 -12.87 -31.04
N ALA D 225 55.78 -13.34 -32.28
CA ALA D 225 57.05 -13.82 -32.81
C ALA D 225 57.86 -12.72 -33.49
N LEU D 226 57.49 -11.46 -33.32
CA LEU D 226 58.22 -10.36 -33.95
C LEU D 226 58.57 -9.23 -32.99
N ILE D 227 57.92 -9.12 -31.83
CA ILE D 227 57.99 -7.92 -31.00
C ILE D 227 59.08 -8.08 -29.94
N ASP D 228 60.13 -8.83 -30.30
CA ASP D 228 61.40 -8.91 -29.58
C ASP D 228 61.88 -7.54 -29.12
N ILE D 229 62.46 -7.50 -27.92
CA ILE D 229 62.57 -6.29 -27.13
C ILE D 229 64.03 -5.92 -26.89
N LYS D 230 64.24 -4.63 -26.64
CA LYS D 230 65.48 -4.09 -26.09
C LYS D 230 65.08 -3.09 -25.00
N SER D 231 66.02 -2.29 -24.53
CA SER D 231 65.64 -1.37 -23.46
C SER D 231 64.92 -0.13 -24.01
N PRO D 232 65.31 0.47 -25.17
CA PRO D 232 64.28 1.09 -26.02
C PRO D 232 63.87 0.11 -27.10
N LEU D 233 62.59 0.04 -27.46
CA LEU D 233 62.19 -1.01 -28.40
C LEU D 233 62.50 -0.61 -29.84
N ASP D 234 61.76 0.37 -30.35
CA ASP D 234 61.74 0.86 -31.72
C ASP D 234 60.70 1.97 -31.71
N GLU D 235 60.56 2.66 -32.84
CA GLU D 235 59.36 3.44 -33.10
C GLU D 235 58.31 2.64 -33.86
N SER D 236 58.42 1.31 -33.87
CA SER D 236 57.43 0.43 -34.48
C SER D 236 56.79 -0.52 -33.47
N TYR D 237 57.61 -1.24 -32.70
CA TYR D 237 57.05 -2.22 -31.75
C TYR D 237 56.42 -1.52 -30.55
N ALA D 238 56.96 -0.35 -30.19
CA ALA D 238 56.34 0.46 -29.14
C ALA D 238 54.95 0.92 -29.55
N LYS D 239 54.74 1.21 -30.84
CA LYS D 239 53.41 1.55 -31.32
C LYS D 239 52.48 0.34 -31.27
N ARG D 240 52.99 -0.86 -31.56
CA ARG D 240 52.18 -2.07 -31.48
C ARG D 240 51.73 -2.35 -30.05
N LEU D 241 52.66 -2.26 -29.10
CA LEU D 241 52.29 -2.51 -27.71
C LEU D 241 51.47 -1.37 -27.14
N ALA D 242 51.64 -0.15 -27.65
CA ALA D 242 50.87 0.99 -27.19
C ALA D 242 49.47 1.01 -27.76
N HIS D 243 49.25 0.33 -28.89
CA HIS D 243 47.88 0.07 -29.34
C HIS D 243 47.28 -1.15 -28.68
N ALA D 244 48.11 -2.15 -28.34
CA ALA D 244 47.62 -3.32 -27.63
C ALA D 244 47.20 -2.96 -26.21
N THR D 245 48.00 -2.15 -25.53
CA THR D 245 47.54 -1.46 -24.34
C THR D 245 46.72 -0.24 -24.73
N GLN D 246 46.13 0.39 -23.73
CA GLN D 246 45.45 1.67 -23.96
C GLN D 246 46.34 2.83 -23.54
N LEU D 247 47.56 2.85 -24.08
CA LEU D 247 48.59 3.77 -23.61
C LEU D 247 49.20 4.53 -24.78
N SER D 248 50.13 5.42 -24.46
CA SER D 248 50.90 6.16 -25.45
C SER D 248 52.25 5.47 -25.63
N VAL D 249 53.16 6.10 -26.37
CA VAL D 249 54.45 5.50 -26.66
C VAL D 249 55.46 5.77 -25.55
N GLU D 250 55.42 6.99 -24.98
CA GLU D 250 56.41 7.37 -23.97
C GLU D 250 56.23 6.59 -22.68
N GLN D 251 54.98 6.46 -22.22
CA GLN D 251 54.69 5.71 -21.00
C GLN D 251 55.05 4.23 -21.14
N LEU D 252 54.88 3.68 -22.34
CA LEU D 252 55.24 2.29 -22.54
C LEU D 252 56.75 2.13 -22.68
N GLN D 253 57.45 3.17 -23.15
CA GLN D 253 58.91 3.14 -23.07
C GLN D 253 59.39 3.25 -21.63
N TRP D 254 58.65 3.96 -20.76
CA TRP D 254 58.94 3.94 -19.33
C TRP D 254 58.75 2.54 -18.76
N LEU D 255 57.66 1.87 -19.15
CA LEU D 255 57.39 0.51 -18.70
C LEU D 255 58.49 -0.46 -19.13
N ASN D 256 58.98 -0.33 -20.36
CA ASN D 256 60.02 -1.25 -20.82
C ASN D 256 61.38 -0.90 -20.24
N LYS D 257 61.64 0.38 -19.97
CA LYS D 257 62.87 0.75 -19.29
C LYS D 257 62.88 0.26 -17.85
N ASN D 258 61.69 0.19 -17.23
CA ASN D 258 61.62 -0.22 -15.83
C ASN D 258 61.61 -1.73 -15.67
N ALA D 259 60.70 -2.42 -16.37
CA ALA D 259 60.47 -3.84 -16.12
C ALA D 259 61.66 -4.73 -16.49
N ILE D 260 62.54 -4.26 -17.37
CA ILE D 260 63.77 -5.00 -17.64
C ILE D 260 64.71 -4.94 -16.43
N GLU D 261 64.69 -3.84 -15.68
CA GLU D 261 65.55 -3.71 -14.51
C GLU D 261 65.12 -4.64 -13.39
N ASN D 262 63.82 -4.79 -13.15
CA ASN D 262 63.33 -5.69 -12.11
C ASN D 262 62.95 -7.04 -12.72
N SER D 263 63.92 -7.64 -13.40
CA SER D 263 63.73 -8.92 -14.07
C SER D 263 64.81 -9.90 -13.62
N SER D 264 64.93 -11.01 -14.34
CA SER D 264 65.95 -12.00 -14.03
C SER D 264 67.35 -11.44 -14.27
N ASN D 265 67.65 -11.03 -15.50
CA ASN D 265 68.95 -10.48 -15.84
C ASN D 265 68.80 -9.13 -16.53
N LYS D 266 69.76 -8.25 -16.29
CA LYS D 266 69.75 -6.89 -16.80
C LYS D 266 70.05 -6.80 -18.28
N ASN D 267 70.66 -7.83 -18.88
CA ASN D 267 71.08 -7.82 -20.27
C ASN D 267 69.97 -8.21 -21.23
N ASP D 268 68.72 -8.09 -20.80
CA ASP D 268 67.47 -8.42 -21.50
C ASP D 268 67.44 -9.84 -22.06
N PRO D 269 67.29 -10.88 -21.24
CA PRO D 269 66.68 -12.10 -21.74
C PRO D 269 65.18 -12.05 -21.47
N ALA D 270 64.46 -13.13 -21.80
CA ALA D 270 63.10 -13.40 -21.33
C ALA D 270 62.10 -12.30 -21.73
N LYS D 271 61.86 -12.24 -23.05
CA LYS D 271 60.75 -11.50 -23.62
C LYS D 271 59.41 -11.83 -22.95
N LEU D 272 59.23 -13.11 -22.61
CA LEU D 272 58.05 -13.61 -21.92
C LEU D 272 57.77 -12.87 -20.62
N GLU D 273 58.83 -12.58 -19.85
CA GLU D 273 58.67 -11.93 -18.55
C GLU D 273 58.20 -10.48 -18.70
N ILE D 274 58.78 -9.75 -19.65
CA ILE D 274 58.42 -8.35 -19.85
C ILE D 274 57.01 -8.23 -20.40
N LEU D 275 56.65 -9.11 -21.34
CA LEU D 275 55.29 -9.10 -21.85
C LEU D 275 54.29 -9.58 -20.80
N ALA D 276 54.73 -10.43 -19.86
CA ALA D 276 53.86 -10.82 -18.75
C ALA D 276 53.61 -9.66 -17.81
N VAL D 277 54.64 -8.84 -17.56
CA VAL D 277 54.47 -7.63 -16.75
C VAL D 277 53.51 -6.67 -17.42
N ILE D 278 53.59 -6.53 -18.74
CA ILE D 278 52.65 -5.66 -19.45
C ILE D 278 51.23 -6.22 -19.43
N SER D 279 51.10 -7.55 -19.54
CA SER D 279 49.77 -8.17 -19.56
C SER D 279 49.09 -8.09 -18.18
N GLU D 280 49.85 -8.27 -17.12
CA GLU D 280 49.25 -8.16 -15.79
C GLU D 280 49.33 -6.74 -15.25
N TYR D 281 49.85 -5.80 -16.03
CA TYR D 281 49.42 -4.41 -15.93
C TYR D 281 48.02 -4.23 -16.52
N ARG D 282 47.80 -4.83 -17.70
CA ARG D 282 46.50 -4.69 -18.38
C ARG D 282 45.36 -5.28 -17.55
N ARG D 283 45.62 -6.40 -16.87
CA ARG D 283 44.60 -6.98 -15.98
C ARG D 283 44.22 -6.02 -14.84
N LEU D 284 45.23 -5.46 -14.17
CA LEU D 284 44.96 -4.59 -13.03
C LEU D 284 44.37 -3.26 -13.46
N HIS D 285 44.70 -2.77 -14.66
CA HIS D 285 44.06 -1.58 -15.17
C HIS D 285 42.66 -1.86 -15.70
N GLN D 286 42.36 -3.10 -16.07
CA GLN D 286 40.99 -3.42 -16.43
C GLN D 286 40.11 -3.55 -15.19
N ARG D 287 40.65 -4.11 -14.11
CA ARG D 287 39.85 -4.35 -12.92
C ARG D 287 39.91 -3.18 -11.93
N TYR D 288 40.90 -2.30 -12.03
CA TYR D 288 41.02 -1.16 -11.13
C TYR D 288 41.43 0.07 -11.94
N GLY D 289 41.87 1.10 -11.24
CA GLY D 289 42.30 2.32 -11.89
C GLY D 289 43.80 2.50 -11.86
N LEU D 290 44.53 1.40 -11.80
CA LEU D 290 46.00 1.43 -11.74
C LEU D 290 46.56 1.87 -13.08
N SER D 291 46.98 3.13 -13.16
CA SER D 291 47.59 3.67 -14.37
C SER D 291 49.06 3.28 -14.44
N VAL D 292 49.82 3.95 -15.30
CA VAL D 292 51.18 3.52 -15.59
C VAL D 292 52.12 3.80 -14.42
N ASP D 293 52.03 5.01 -13.86
CA ASP D 293 52.95 5.46 -12.83
C ASP D 293 52.81 4.73 -11.49
N PRO D 294 51.60 4.46 -10.93
CA PRO D 294 51.56 3.62 -9.72
C PRO D 294 51.98 2.19 -9.96
N PHE D 295 51.75 1.64 -11.16
CA PHE D 295 52.19 0.28 -11.44
C PHE D 295 53.71 0.20 -11.51
N ILE D 296 54.34 1.17 -12.18
CA ILE D 296 55.80 1.28 -12.19
C ILE D 296 56.33 1.43 -10.78
N ALA D 297 55.71 2.32 -9.98
CA ALA D 297 56.15 2.55 -8.61
C ALA D 297 55.94 1.34 -7.71
N ILE D 298 55.02 0.45 -8.07
CA ILE D 298 54.95 -0.85 -7.41
C ILE D 298 56.14 -1.72 -7.80
N ILE D 299 56.45 -1.79 -9.09
CA ILE D 299 57.52 -2.70 -9.51
C ILE D 299 58.91 -2.05 -9.43
N ASN D 300 59.06 -0.80 -9.85
CA ASN D 300 60.37 -0.15 -9.96
C ASN D 300 60.26 1.27 -9.44
N ALA D 301 61.26 2.08 -9.80
CA ALA D 301 61.43 3.42 -9.25
C ALA D 301 60.22 4.31 -9.49
N VAL D 302 59.90 5.13 -8.49
CA VAL D 302 58.85 6.12 -8.63
C VAL D 302 59.32 7.19 -9.61
N ASN D 303 58.42 7.62 -10.51
CA ASN D 303 58.79 8.50 -11.60
C ASN D 303 59.12 9.89 -11.05
N THR D 304 60.39 10.28 -11.12
CA THR D 304 60.86 11.55 -10.60
C THR D 304 61.14 12.57 -11.68
N THR D 305 61.01 12.21 -12.95
CA THR D 305 61.31 13.12 -14.04
C THR D 305 60.12 14.03 -14.29
N HIS D 306 60.32 15.34 -14.13
CA HIS D 306 59.27 16.29 -14.50
C HIS D 306 59.23 16.42 -16.02
N THR D 307 58.04 16.28 -16.57
CA THR D 307 57.86 16.06 -18.01
C THR D 307 56.92 17.13 -18.55
N ASN D 308 56.39 16.88 -19.76
CA ASN D 308 55.44 17.75 -20.44
C ASN D 308 54.01 17.60 -19.93
N GLU D 309 53.84 17.12 -18.69
CA GLU D 309 52.57 17.06 -17.98
C GLU D 309 52.20 18.44 -17.44
N ASN D 310 51.24 18.48 -16.51
CA ASN D 310 50.74 19.73 -15.95
C ASN D 310 51.83 20.55 -15.25
N LYS D 311 52.36 20.05 -14.15
CA LYS D 311 53.51 20.76 -13.58
C LYS D 311 54.67 19.84 -13.23
N THR D 312 54.41 18.65 -12.70
CA THR D 312 55.42 17.92 -11.96
C THR D 312 55.31 16.43 -12.26
N SER D 313 56.15 15.66 -11.58
CA SER D 313 56.26 14.23 -11.75
C SER D 313 55.34 13.50 -10.77
N PHE D 314 55.35 12.18 -10.86
CA PHE D 314 54.53 11.35 -9.97
C PHE D 314 55.09 11.33 -8.56
N PHE D 315 56.41 11.51 -8.41
CA PHE D 315 57.04 11.47 -7.10
C PHE D 315 56.63 12.67 -6.25
N GLN D 316 56.71 13.87 -6.82
CA GLN D 316 56.25 15.05 -6.10
C GLN D 316 54.73 15.13 -6.02
N GLN D 317 54.02 14.41 -6.89
CA GLN D 317 52.58 14.32 -6.77
C GLN D 317 52.19 13.48 -5.55
N ILE D 318 52.92 12.40 -5.29
CA ILE D 318 52.59 11.51 -4.18
C ILE D 318 53.30 11.97 -2.92
N PHE D 319 54.63 11.98 -2.94
CA PHE D 319 55.43 12.47 -1.82
C PHE D 319 55.64 13.96 -2.03
N SER D 320 54.97 14.78 -1.22
CA SER D 320 54.76 16.20 -1.53
C SER D 320 56.06 16.98 -1.57
N THR D 321 56.92 16.80 -0.56
CA THR D 321 58.23 17.48 -0.57
C THR D 321 59.25 16.59 0.16
N LEU D 322 59.96 15.77 -0.61
CA LEU D 322 61.09 15.00 -0.12
C LEU D 322 62.23 15.12 -1.13
N ASP D 323 63.31 14.39 -0.87
CA ASP D 323 64.48 14.40 -1.72
C ASP D 323 64.89 12.98 -2.04
N VAL D 324 64.97 12.65 -3.33
CA VAL D 324 65.65 11.45 -3.77
C VAL D 324 67.12 11.57 -3.39
N ASP D 325 67.68 10.48 -2.85
CA ASP D 325 69.01 10.42 -2.22
C ASP D 325 69.12 11.43 -1.09
N ALA D 326 68.30 11.21 -0.06
CA ALA D 326 68.39 11.92 1.20
C ALA D 326 68.57 10.90 2.32
N GLY D 327 69.04 11.39 3.46
CA GLY D 327 69.14 10.54 4.64
C GLY D 327 67.79 10.37 5.32
N PHE D 328 67.54 9.15 5.78
CA PHE D 328 66.26 8.85 6.43
C PHE D 328 66.54 7.96 7.64
N ASN D 329 66.58 8.58 8.82
CA ASN D 329 66.66 7.85 10.08
C ASN D 329 65.27 7.42 10.55
N PHE D 330 64.62 6.58 9.73
CA PHE D 330 63.31 6.05 10.10
C PHE D 330 63.39 4.88 11.07
N LEU D 331 64.59 4.55 11.56
CA LEU D 331 64.68 3.75 12.77
C LEU D 331 64.08 4.50 13.94
N ASP D 332 64.33 5.81 14.02
CA ASP D 332 63.60 6.59 15.02
C ASP D 332 62.40 7.31 14.43
N GLN D 333 62.63 8.38 13.65
CA GLN D 333 61.59 9.27 13.14
C GLN D 333 62.18 10.38 12.28
N GLY D 334 61.31 11.23 11.75
CA GLY D 334 61.76 12.45 11.10
C GLY D 334 60.58 13.33 10.74
N SER D 335 60.87 14.37 9.96
CA SER D 335 59.81 15.21 9.40
C SER D 335 59.25 14.66 8.10
N TRP D 336 59.95 13.70 7.47
CA TRP D 336 59.42 12.97 6.33
C TRP D 336 58.31 12.02 6.73
N GLU D 337 58.29 11.62 8.00
CA GLU D 337 57.38 10.58 8.49
C GLU D 337 55.93 11.05 8.47
N VAL D 338 55.69 12.36 8.46
CA VAL D 338 54.35 12.88 8.22
C VAL D 338 53.94 12.66 6.77
N ILE D 339 54.84 12.97 5.84
CA ILE D 339 54.48 12.98 4.42
C ILE D 339 54.37 11.56 3.87
N ILE D 340 55.16 10.62 4.38
CA ILE D 340 55.06 9.24 3.93
C ILE D 340 53.73 8.62 4.38
N ARG D 341 53.26 9.00 5.57
CA ARG D 341 51.93 8.55 6.01
C ARG D 341 50.80 9.31 5.32
N LYS D 342 51.06 10.55 4.88
CA LYS D 342 50.13 11.23 3.98
C LYS D 342 49.95 10.44 2.70
N ALA D 343 51.06 9.99 2.12
CA ALA D 343 51.05 9.31 0.84
C ALA D 343 50.45 7.92 0.94
N LEU D 344 51.06 7.07 1.76
CA LEU D 344 50.75 5.64 1.73
C LEU D 344 49.58 5.26 2.63
N GLY D 345 49.27 6.06 3.65
CA GLY D 345 48.16 5.76 4.53
C GLY D 345 48.48 4.81 5.66
N ILE D 346 49.72 4.78 6.12
CA ILE D 346 50.19 3.80 7.09
C ILE D 346 50.08 4.42 8.48
N THR D 347 49.94 3.57 9.50
CA THR D 347 50.11 3.99 10.88
C THR D 347 51.59 4.03 11.23
N ALA D 348 51.91 4.17 12.52
CA ALA D 348 53.31 4.31 12.91
C ALA D 348 54.00 2.95 13.02
N GLU D 349 53.42 2.02 13.77
CA GLU D 349 54.08 0.73 13.96
C GLU D 349 53.99 -0.13 12.71
N GLU D 350 52.94 0.04 11.90
CA GLU D 350 52.91 -0.65 10.62
C GLU D 350 53.97 -0.11 9.67
N LEU D 351 54.30 1.19 9.77
CA LEU D 351 55.42 1.73 9.01
C LEU D 351 56.74 1.20 9.53
N LEU D 352 56.84 0.99 10.84
CA LEU D 352 58.06 0.41 11.40
C LEU D 352 58.23 -1.04 10.96
N ARG D 353 57.13 -1.81 10.92
CA ARG D 353 57.20 -3.19 10.47
C ARG D 353 57.45 -3.27 8.97
N ILE D 354 56.95 -2.28 8.21
CA ILE D 354 57.14 -2.29 6.77
C ILE D 354 58.54 -1.81 6.43
N ALA D 355 59.22 -1.16 7.37
CA ALA D 355 60.64 -0.86 7.25
C ALA D 355 61.53 -1.95 7.82
N LYS D 356 60.99 -2.82 8.68
CA LYS D 356 61.73 -4.01 9.10
C LYS D 356 61.99 -4.94 7.93
N TYR D 357 60.96 -5.22 7.15
CA TYR D 357 61.12 -5.82 5.84
C TYR D 357 61.63 -4.77 4.87
N CYS D 358 62.06 -5.22 3.69
CA CYS D 358 62.62 -4.47 2.56
C CYS D 358 63.91 -3.72 2.87
N PHE D 359 64.42 -3.82 4.10
CA PHE D 359 65.76 -3.37 4.44
C PHE D 359 66.51 -4.30 5.37
N GLY D 360 65.83 -5.25 6.02
CA GLY D 360 66.44 -6.08 7.03
C GLY D 360 66.52 -5.37 8.37
N LYS D 361 66.69 -6.18 9.42
CA LYS D 361 66.80 -5.61 10.77
C LYS D 361 68.25 -5.36 11.15
N SER D 362 68.99 -4.74 10.26
CA SER D 362 70.37 -4.37 10.55
C SER D 362 70.71 -2.93 10.16
N SER D 363 70.15 -2.46 9.04
CA SER D 363 70.48 -1.16 8.48
C SER D 363 69.22 -0.30 8.35
N ILE D 364 68.42 -0.24 9.41
CA ILE D 364 67.21 0.58 9.38
C ILE D 364 67.58 2.04 9.58
N SER D 365 68.71 2.32 10.22
CA SER D 365 69.03 3.67 10.66
C SER D 365 69.47 4.56 9.50
N ASN D 366 70.60 4.23 8.87
CA ASN D 366 71.20 5.10 7.88
C ASN D 366 70.91 4.54 6.49
N VAL D 367 69.84 5.04 5.87
CA VAL D 367 69.43 4.61 4.54
C VAL D 367 69.41 5.84 3.63
N LYS D 368 70.09 5.73 2.50
CA LYS D 368 70.06 6.78 1.47
C LYS D 368 69.06 6.33 0.41
N MET D 369 67.81 6.73 0.59
CA MET D 369 66.72 6.28 -0.27
C MET D 369 66.78 7.02 -1.60
N ASN D 370 67.13 6.32 -2.67
CA ASN D 370 66.92 6.85 -4.01
C ASN D 370 65.49 6.54 -4.44
N SER D 371 65.20 6.69 -5.74
CA SER D 371 63.86 6.42 -6.23
C SER D 371 63.50 4.93 -6.20
N LYS D 372 64.49 4.05 -6.06
CA LYS D 372 64.20 2.62 -6.00
C LYS D 372 63.88 2.16 -4.57
N LYS D 373 64.36 2.88 -3.56
CA LYS D 373 64.04 2.52 -2.18
C LYS D 373 62.66 3.01 -1.76
N PHE D 374 62.17 4.10 -2.37
CA PHE D 374 60.78 4.49 -2.14
C PHE D 374 59.80 3.51 -2.76
N SER D 375 60.24 2.75 -3.75
CA SER D 375 59.41 1.69 -4.30
C SER D 375 59.22 0.55 -3.32
N GLN D 376 60.23 0.29 -2.48
CA GLN D 376 60.13 -0.74 -1.46
C GLN D 376 59.05 -0.43 -0.43
N LEU D 377 58.75 0.86 -0.23
CA LEU D 377 57.71 1.29 0.69
C LEU D 377 56.36 1.45 0.00
N TYR D 378 56.36 1.95 -1.25
CA TYR D 378 55.11 2.11 -1.99
C TYR D 378 54.53 0.75 -2.37
N ARG D 379 55.41 -0.23 -2.63
CA ARG D 379 55.02 -1.55 -3.08
C ARG D 379 54.24 -2.31 -2.01
N MET D 380 54.79 -2.37 -0.81
CA MET D 380 54.22 -3.15 0.29
C MET D 380 53.01 -2.48 0.92
N ALA D 381 52.66 -1.26 0.51
CA ALA D 381 51.56 -0.53 1.11
C ALA D 381 50.52 -0.03 0.12
N MET D 382 50.73 -0.22 -1.19
CA MET D 382 49.67 0.07 -2.15
C MET D 382 48.97 -1.17 -2.70
N ILE D 383 49.61 -2.33 -2.61
CA ILE D 383 48.90 -3.59 -2.90
C ILE D 383 47.68 -3.81 -2.00
N PRO D 384 47.69 -3.52 -0.69
CA PRO D 384 46.42 -3.62 0.05
C PRO D 384 45.37 -2.58 -0.34
N ARG D 385 45.75 -1.31 -0.51
CA ARG D 385 44.74 -0.27 -0.71
C ARG D 385 44.10 -0.28 -2.08
N THR D 386 44.80 -0.79 -3.11
CA THR D 386 44.13 -0.98 -4.39
C THR D 386 43.17 -2.16 -4.35
N LEU D 387 43.37 -3.08 -3.42
CA LEU D 387 42.39 -4.10 -3.11
C LEU D 387 41.48 -3.56 -2.01
N GLY D 388 40.63 -4.41 -1.44
CA GLY D 388 39.79 -3.95 -0.34
C GLY D 388 40.34 -4.30 1.02
N VAL D 389 41.67 -4.34 1.14
CA VAL D 389 42.35 -4.90 2.29
C VAL D 389 43.11 -3.79 2.99
N SER D 390 43.19 -3.85 4.32
CA SER D 390 44.09 -2.97 5.06
C SER D 390 45.47 -3.60 5.12
N PHE D 391 46.34 -3.07 5.98
CA PHE D 391 47.76 -3.41 5.92
C PHE D 391 48.11 -4.63 6.77
N SER D 392 47.65 -4.65 8.02
CA SER D 392 47.90 -5.82 8.88
C SER D 392 47.11 -7.03 8.40
N GLN D 393 45.94 -6.80 7.80
CA GLN D 393 45.16 -7.88 7.22
C GLN D 393 45.88 -8.52 6.03
N ALA D 394 46.48 -7.69 5.17
CA ALA D 394 47.20 -8.24 4.03
C ALA D 394 48.50 -8.91 4.47
N GLU D 395 49.15 -8.36 5.51
CA GLU D 395 50.31 -9.02 6.10
C GLU D 395 49.94 -10.39 6.65
N TYR D 396 48.80 -10.49 7.33
CA TYR D 396 48.35 -11.74 7.91
C TYR D 396 47.96 -12.75 6.84
N LEU D 397 47.31 -12.30 5.77
CA LEU D 397 46.91 -13.21 4.69
C LEU D 397 48.10 -13.63 3.85
N TRP D 398 49.14 -12.81 3.76
CA TRP D 398 50.39 -13.25 3.16
C TRP D 398 51.11 -14.27 4.04
N GLN D 399 51.14 -14.03 5.35
CA GLN D 399 51.93 -14.89 6.23
C GLN D 399 51.24 -16.21 6.56
N LEU D 400 49.91 -16.30 6.45
CA LEU D 400 49.27 -17.59 6.64
C LEU D 400 49.54 -18.51 5.46
N TYR D 401 49.42 -18.00 4.24
CA TYR D 401 49.68 -18.77 3.03
C TYR D 401 51.19 -18.94 2.89
N SER D 402 51.74 -19.84 3.70
CA SER D 402 53.18 -20.01 3.87
C SER D 402 53.41 -21.40 4.44
N HIS D 403 54.62 -21.62 4.94
CA HIS D 403 54.95 -22.77 5.77
C HIS D 403 55.79 -22.27 6.94
N SER D 404 56.26 -23.21 7.76
CA SER D 404 56.80 -22.90 9.08
C SER D 404 58.22 -22.32 9.06
N ASP D 405 58.87 -22.22 7.90
CA ASP D 405 60.29 -21.90 7.86
C ASP D 405 60.60 -20.55 7.24
N GLU D 406 60.12 -20.29 6.02
CA GLU D 406 60.61 -19.17 5.23
C GLU D 406 60.00 -17.86 5.70
N ASN D 407 60.28 -16.79 4.94
CA ASN D 407 59.78 -15.45 5.22
C ASN D 407 59.32 -14.88 3.88
N ILE D 408 58.02 -15.02 3.59
CA ILE D 408 57.50 -14.62 2.29
C ILE D 408 57.44 -13.10 2.15
N MET D 409 57.32 -12.38 3.27
CA MET D 409 57.24 -10.92 3.23
C MET D 409 58.53 -10.28 2.72
N GLU D 410 59.68 -10.89 3.02
CA GLU D 410 60.95 -10.41 2.49
C GLU D 410 61.04 -10.64 0.98
N LYS D 411 60.48 -11.75 0.51
CA LYS D 411 60.50 -12.04 -0.93
C LYS D 411 59.51 -11.16 -1.69
N ILE D 412 58.39 -10.81 -1.05
CA ILE D 412 57.44 -9.89 -1.66
C ILE D 412 58.01 -8.49 -1.70
N ALA D 413 58.73 -8.09 -0.65
CA ALA D 413 59.32 -6.76 -0.60
C ALA D 413 60.53 -6.65 -1.53
N GLN D 414 61.56 -7.46 -1.29
CA GLN D 414 62.77 -7.45 -2.11
C GLN D 414 62.70 -8.62 -3.09
N GLY D 415 62.06 -8.39 -4.22
CA GLY D 415 61.86 -9.44 -5.19
C GLY D 415 61.82 -8.92 -6.62
N ASN D 416 61.50 -9.83 -7.53
CA ASN D 416 61.42 -9.53 -8.95
C ASN D 416 60.03 -8.97 -9.28
N ALA D 417 59.71 -8.89 -10.56
CA ALA D 417 58.38 -8.46 -10.96
C ALA D 417 57.40 -9.63 -10.98
N LEU D 418 57.88 -10.84 -11.26
CA LEU D 418 57.00 -11.99 -11.28
C LEU D 418 56.59 -12.39 -9.86
N THR D 419 57.49 -12.25 -8.89
CA THR D 419 57.13 -12.56 -7.52
C THR D 419 56.17 -11.52 -6.95
N ILE D 420 56.37 -10.25 -7.29
CA ILE D 420 55.47 -9.22 -6.78
C ILE D 420 54.12 -9.27 -7.48
N ILE D 421 54.03 -9.80 -8.71
CA ILE D 421 52.71 -9.98 -9.26
C ILE D 421 52.08 -11.29 -8.77
N ASP D 422 52.91 -12.27 -8.37
CA ASP D 422 52.40 -13.51 -7.79
C ASP D 422 51.77 -13.26 -6.43
N ALA D 423 52.33 -12.32 -5.65
CA ALA D 423 51.74 -11.94 -4.37
C ALA D 423 50.37 -11.30 -4.57
N ILE D 424 50.21 -10.51 -5.63
CA ILE D 424 48.93 -9.89 -5.92
C ILE D 424 47.92 -10.94 -6.34
N ILE D 425 48.36 -11.95 -7.10
CA ILE D 425 47.48 -13.07 -7.46
C ILE D 425 47.05 -13.85 -6.21
N VAL D 426 47.96 -14.03 -5.26
CA VAL D 426 47.64 -14.73 -4.01
C VAL D 426 46.59 -13.96 -3.20
N LEU D 427 46.76 -12.65 -3.07
CA LEU D 427 45.75 -11.84 -2.36
C LEU D 427 44.42 -11.83 -3.10
N GLU D 428 44.46 -11.78 -4.43
CA GLU D 428 43.25 -11.86 -5.25
C GLU D 428 42.47 -13.15 -4.97
N ASN D 429 43.17 -14.29 -5.06
CA ASN D 429 42.55 -15.59 -4.83
C ASN D 429 42.05 -15.76 -3.40
N THR D 430 42.84 -15.34 -2.41
CA THR D 430 42.47 -15.52 -1.01
C THR D 430 41.28 -14.63 -0.63
N LEU D 431 41.28 -13.37 -1.07
CA LEU D 431 40.17 -12.48 -0.78
C LEU D 431 38.89 -12.91 -1.48
N GLN D 432 39.00 -13.41 -2.72
CA GLN D 432 37.81 -13.89 -3.42
C GLN D 432 37.26 -15.15 -2.75
N TRP D 433 38.14 -16.04 -2.29
CA TRP D 433 37.69 -17.25 -1.62
C TRP D 433 37.05 -16.95 -0.27
N MET D 434 37.59 -15.97 0.47
CA MET D 434 37.00 -15.66 1.77
C MET D 434 35.70 -14.88 1.63
N SER D 435 35.61 -13.99 0.63
CA SER D 435 34.36 -13.30 0.38
C SER D 435 33.30 -14.23 -0.20
N GLU D 436 33.72 -15.34 -0.81
CA GLU D 436 32.78 -16.32 -1.32
C GLU D 436 32.00 -17.01 -0.20
N GLN D 437 32.59 -17.13 0.99
CA GLN D 437 31.99 -17.92 2.06
C GLN D 437 31.71 -17.11 3.33
N LYS D 438 31.78 -15.77 3.25
CA LYS D 438 31.51 -14.85 4.37
C LYS D 438 32.40 -15.11 5.57
N LEU D 439 33.63 -15.58 5.32
CA LEU D 439 34.58 -15.92 6.37
C LEU D 439 35.42 -14.69 6.68
N ASP D 440 35.21 -14.10 7.84
CA ASP D 440 35.95 -12.91 8.23
C ASP D 440 37.37 -13.29 8.67
N ILE D 441 38.18 -12.25 8.87
CA ILE D 441 39.54 -12.46 9.35
C ILE D 441 39.54 -12.72 10.86
N THR D 442 38.47 -12.31 11.56
CA THR D 442 38.32 -12.63 12.98
C THR D 442 38.09 -14.13 13.18
N THR D 443 37.19 -14.72 12.40
CA THR D 443 36.93 -16.15 12.50
C THR D 443 38.13 -16.97 12.04
N LEU D 444 38.80 -16.52 10.99
CA LEU D 444 39.99 -17.20 10.48
C LEU D 444 41.14 -17.11 11.49
N GLN D 445 41.23 -15.99 12.21
CA GLN D 445 42.20 -15.85 13.28
C GLN D 445 41.87 -16.77 14.44
N ALA D 446 40.58 -16.89 14.78
CA ALA D 446 40.17 -17.81 15.84
C ALA D 446 40.39 -19.27 15.47
N MET D 447 40.43 -19.59 14.18
CA MET D 447 40.63 -20.96 13.73
C MET D 447 42.09 -21.30 13.44
N LEU D 448 42.97 -20.32 13.19
CA LEU D 448 44.31 -20.66 12.70
C LEU D 448 45.47 -20.11 13.54
N THR D 449 45.25 -19.64 14.77
CA THR D 449 46.38 -19.12 15.51
C THR D 449 47.13 -20.22 16.25
N LYS D 450 48.29 -19.81 16.80
CA LYS D 450 49.21 -20.69 17.52
C LYS D 450 49.66 -20.07 18.83
N GLN D 451 48.92 -19.08 19.34
CA GLN D 451 49.39 -18.29 20.48
C GLN D 451 49.19 -19.04 21.79
N TYR D 452 47.93 -19.36 22.12
CA TYR D 452 47.53 -20.17 23.28
C TYR D 452 47.97 -19.53 24.59
N SER D 453 47.35 -18.38 24.88
CA SER D 453 47.63 -17.65 26.12
C SER D 453 47.24 -18.47 27.34
N THR D 454 48.15 -18.54 28.30
CA THR D 454 47.98 -19.36 29.50
C THR D 454 47.04 -18.63 30.45
N THR D 455 45.79 -19.08 30.51
CA THR D 455 44.78 -18.49 31.38
C THR D 455 43.80 -19.57 31.79
N ALA D 456 43.73 -19.86 33.08
CA ALA D 456 42.81 -20.87 33.59
C ALA D 456 41.44 -20.24 33.75
N THR D 457 40.58 -20.49 32.77
CA THR D 457 39.20 -20.01 32.84
C THR D 457 38.39 -20.95 33.74
N PRO D 458 37.37 -20.41 34.43
CA PRO D 458 36.48 -21.29 35.21
C PRO D 458 35.63 -22.22 34.36
N GLU D 459 35.43 -21.90 33.07
CA GLU D 459 34.75 -22.82 32.18
C GLU D 459 35.53 -24.11 31.99
N LEU D 460 36.86 -24.01 31.85
CA LEU D 460 37.67 -25.22 31.75
C LEU D 460 37.69 -26.00 33.06
N PHE D 461 37.64 -25.32 34.20
CA PHE D 461 37.62 -26.02 35.48
C PHE D 461 36.32 -26.79 35.66
N ASN D 462 35.19 -26.15 35.35
CA ASN D 462 33.91 -26.85 35.43
C ASN D 462 33.75 -27.90 34.33
N PHE D 463 34.46 -27.76 33.22
CA PHE D 463 34.42 -28.78 32.18
C PHE D 463 35.22 -30.00 32.57
N LEU D 464 36.43 -29.80 33.09
CA LEU D 464 37.31 -30.91 33.44
C LEU D 464 37.02 -31.47 34.82
N SER D 465 36.12 -30.87 35.58
CA SER D 465 35.66 -31.53 36.80
C SER D 465 34.68 -32.65 36.49
N ASN D 466 33.93 -32.54 35.38
CA ASN D 466 33.10 -33.66 34.95
C ASN D 466 33.93 -34.84 34.50
N ILE D 467 35.02 -34.58 33.77
CA ILE D 467 35.78 -35.66 33.14
C ILE D 467 36.53 -36.49 34.18
N TYR D 468 36.71 -35.98 35.40
CA TYR D 468 37.34 -36.71 36.48
C TYR D 468 36.37 -37.10 37.57
N GLN D 469 35.29 -36.36 37.76
CA GLN D 469 34.38 -36.63 38.87
C GLN D 469 33.38 -37.72 38.50
N THR D 470 33.05 -37.84 37.20
CA THR D 470 32.31 -39.00 36.72
C THR D 470 33.23 -40.21 36.55
N LEU D 471 34.24 -40.07 35.71
CA LEU D 471 35.21 -41.13 35.45
C LEU D 471 36.29 -41.02 36.51
N GLY D 472 36.25 -41.90 37.51
CA GLY D 472 37.15 -41.82 38.63
C GLY D 472 38.60 -42.14 38.28
N LYS D 473 39.45 -42.14 39.30
CA LYS D 473 40.88 -42.35 39.10
C LYS D 473 41.14 -43.79 38.65
N GLN D 474 41.74 -43.93 37.47
CA GLN D 474 41.95 -45.24 36.86
C GLN D 474 43.37 -45.26 36.29
N VAL D 475 43.70 -46.36 35.61
CA VAL D 475 45.07 -46.66 35.20
C VAL D 475 45.25 -46.46 33.70
N TYR D 476 44.25 -45.86 33.02
CA TYR D 476 44.16 -45.75 31.57
C TYR D 476 44.21 -47.14 30.91
N SER D 477 43.13 -47.88 31.14
CA SER D 477 42.87 -49.04 30.30
C SER D 477 42.30 -48.57 28.96
N GLU D 478 42.12 -49.52 28.06
CA GLU D 478 41.47 -49.20 26.79
C GLU D 478 39.96 -49.27 26.89
N SER D 479 39.42 -49.72 28.02
CA SER D 479 38.00 -49.54 28.32
C SER D 479 37.71 -48.12 28.78
N LEU D 480 38.72 -47.44 29.32
CA LEU D 480 38.60 -46.03 29.67
C LEU D 480 38.46 -45.15 28.43
N LYS D 481 38.90 -45.62 27.28
CA LYS D 481 38.98 -44.78 26.09
C LYS D 481 37.61 -44.44 25.49
N PRO D 482 36.65 -45.38 25.30
CA PRO D 482 35.32 -44.93 24.84
C PRO D 482 34.57 -44.12 25.87
N ASN D 483 34.80 -44.36 27.16
CA ASN D 483 34.22 -43.52 28.20
C ASN D 483 34.73 -42.10 28.11
N LEU D 484 36.03 -41.96 27.83
CA LEU D 484 36.63 -40.64 27.74
C LEU D 484 36.13 -39.89 26.51
N TYR D 485 35.97 -40.59 25.38
CA TYR D 485 35.41 -39.94 24.20
C TYR D 485 33.95 -39.57 24.41
N ARG D 486 33.18 -40.44 25.06
CA ARG D 486 31.76 -40.18 25.29
C ARG D 486 31.55 -38.99 26.22
N SER D 487 32.35 -38.89 27.28
CA SER D 487 32.18 -37.80 28.21
C SER D 487 32.74 -36.48 27.66
N LEU D 488 33.81 -36.51 26.86
CA LEU D 488 34.23 -35.29 26.17
C LEU D 488 33.22 -34.87 25.11
N ALA D 489 32.55 -35.82 24.46
CA ALA D 489 31.57 -35.47 23.45
C ALA D 489 30.32 -34.87 24.06
N ASN D 490 29.88 -35.41 25.20
CA ASN D 490 28.72 -34.86 25.88
C ASN D 490 29.04 -33.63 26.71
N GLY D 491 30.32 -33.36 26.97
CA GLY D 491 30.68 -32.09 27.59
C GLY D 491 30.41 -30.91 26.68
N PHE D 492 30.83 -31.00 25.42
CA PHE D 492 30.35 -30.10 24.38
C PHE D 492 29.00 -30.61 23.89
N HIS D 493 28.47 -29.98 22.85
CA HIS D 493 27.32 -30.55 22.15
C HIS D 493 27.80 -31.23 20.87
N LEU D 494 28.54 -32.32 21.07
CA LEU D 494 29.13 -33.04 19.94
C LEU D 494 28.68 -34.49 19.90
N LYS D 495 29.23 -35.25 18.97
CA LYS D 495 28.99 -36.69 18.88
C LYS D 495 30.25 -37.44 19.29
N ALA D 496 30.06 -38.71 19.67
CA ALA D 496 31.17 -39.49 20.21
C ALA D 496 32.18 -39.85 19.13
N ASN D 497 31.71 -40.19 17.93
CA ASN D 497 32.62 -40.57 16.87
C ASN D 497 33.33 -39.36 16.27
N VAL D 498 32.72 -38.17 16.36
CA VAL D 498 33.38 -36.97 15.90
C VAL D 498 34.55 -36.61 16.81
N VAL D 499 34.36 -36.75 18.13
CA VAL D 499 35.45 -36.50 19.07
C VAL D 499 36.50 -37.59 18.98
N ALA D 500 36.09 -38.85 18.74
CA ALA D 500 37.05 -39.92 18.53
C ALA D 500 37.83 -39.73 17.24
N GLY D 501 37.26 -39.04 16.26
CA GLY D 501 38.03 -38.66 15.09
C GLY D 501 38.97 -37.49 15.36
N LEU D 502 38.51 -36.50 16.13
CA LEU D 502 39.31 -35.29 16.33
C LEU D 502 40.48 -35.51 17.27
N VAL D 503 40.36 -36.42 18.24
CA VAL D 503 41.50 -36.68 19.13
C VAL D 503 42.58 -37.46 18.40
N ASN D 504 42.17 -38.41 17.55
CA ASN D 504 43.13 -39.13 16.71
C ASN D 504 43.69 -38.22 15.63
N TRP D 505 42.92 -37.23 15.20
CA TRP D 505 43.41 -36.17 14.34
C TRP D 505 44.52 -35.38 15.00
N LEU D 506 44.30 -34.95 16.25
CA LEU D 506 45.30 -34.24 17.03
C LEU D 506 46.35 -35.18 17.63
N ALA D 507 46.19 -36.49 17.49
CA ALA D 507 47.25 -37.40 17.90
C ALA D 507 48.45 -37.37 16.97
N LYS D 508 48.32 -36.80 15.78
CA LYS D 508 49.39 -36.77 14.79
C LYS D 508 50.02 -35.39 14.67
N ASN D 509 49.24 -34.35 14.40
CA ASN D 509 49.75 -32.99 14.50
C ASN D 509 49.91 -32.64 15.97
N ASP D 510 51.03 -32.00 16.31
CA ASP D 510 51.44 -31.73 17.70
C ASP D 510 51.52 -33.03 18.50
N SER D 511 52.52 -33.84 18.14
CA SER D 511 52.73 -35.18 18.70
C SER D 511 53.05 -35.21 20.20
N GLU D 512 53.23 -34.04 20.84
CA GLU D 512 53.25 -33.99 22.29
C GLU D 512 51.90 -34.35 22.88
N PHE D 513 50.81 -34.06 22.18
CA PHE D 513 49.49 -34.43 22.65
C PHE D 513 49.27 -35.93 22.49
N THR D 514 48.78 -36.54 23.56
CA THR D 514 48.33 -37.93 23.52
C THR D 514 47.14 -38.00 24.46
N LEU D 515 46.16 -38.83 24.12
CA LEU D 515 44.97 -38.99 24.96
C LEU D 515 45.33 -39.59 26.32
N GLU D 516 46.31 -40.49 26.34
CA GLU D 516 46.85 -40.98 27.61
C GLU D 516 47.50 -39.85 28.40
N ARG D 517 48.28 -39.00 27.74
CA ARG D 517 48.89 -37.86 28.41
C ARG D 517 47.85 -36.85 28.85
N PHE D 518 46.75 -36.72 28.10
CA PHE D 518 45.66 -35.84 28.51
C PHE D 518 44.97 -36.37 29.76
N TRP D 519 44.75 -37.68 29.84
CA TRP D 519 44.14 -38.24 31.05
C TRP D 519 45.09 -38.19 32.23
N GLN D 520 46.39 -38.36 32.00
CA GLN D 520 47.36 -38.23 33.09
C GLN D 520 47.45 -36.80 33.59
N ASN D 521 47.33 -35.83 32.68
CA ASN D 521 47.34 -34.42 33.10
C ASN D 521 46.05 -34.04 33.82
N ILE D 522 44.93 -34.68 33.48
CA ILE D 522 43.72 -34.50 34.26
C ILE D 522 43.87 -35.10 35.65
N SER D 523 44.48 -36.28 35.74
CA SER D 523 44.59 -36.95 37.03
C SER D 523 45.67 -36.37 37.92
N MET D 524 46.62 -35.61 37.37
CA MET D 524 47.60 -34.90 38.19
C MET D 524 46.95 -33.85 39.06
N THR D 525 46.22 -32.92 38.44
CA THR D 525 45.37 -32.00 39.18
C THR D 525 44.08 -32.71 39.56
N PHE D 526 43.12 -31.95 40.07
CA PHE D 526 41.82 -32.45 40.55
C PHE D 526 42.00 -33.52 41.62
N ALA D 527 42.86 -33.20 42.59
CA ALA D 527 43.17 -34.07 43.73
C ALA D 527 42.07 -34.00 44.77
N GLU D 528 42.40 -34.40 46.01
CA GLU D 528 41.48 -34.26 47.13
C GLU D 528 41.05 -32.82 47.37
N GLU D 529 41.90 -31.85 47.00
CA GLU D 529 41.55 -30.43 47.06
C GLU D 529 41.88 -29.77 45.73
N PRO D 530 40.94 -29.75 44.78
CA PRO D 530 41.16 -29.02 43.53
C PRO D 530 40.80 -27.55 43.66
N SER D 531 41.45 -26.75 42.83
CA SER D 531 41.21 -25.30 42.80
C SER D 531 41.62 -24.78 41.43
N LEU D 532 41.54 -23.46 41.28
CA LEU D 532 41.84 -22.83 40.00
C LEU D 532 43.31 -22.51 39.84
N HIS D 533 44.03 -22.32 40.94
CA HIS D 533 45.47 -22.08 40.85
C HIS D 533 46.23 -23.33 40.45
N GLN D 534 45.67 -24.52 40.72
CA GLN D 534 46.28 -25.75 40.25
C GLN D 534 46.23 -25.85 38.73
N LEU D 535 45.20 -25.30 38.10
CA LEU D 535 45.20 -25.17 36.64
C LEU D 535 46.14 -24.08 36.17
N GLU D 536 46.28 -22.99 36.93
CA GLU D 536 47.22 -21.93 36.54
C GLU D 536 48.66 -22.42 36.59
N VAL D 537 48.98 -23.36 37.48
CA VAL D 537 50.31 -23.93 37.49
C VAL D 537 50.51 -24.87 36.30
N HIS D 538 49.58 -25.81 36.13
CA HIS D 538 49.74 -26.88 35.14
C HIS D 538 49.25 -26.40 33.78
N GLN D 539 50.07 -25.54 33.15
CA GLN D 539 49.83 -24.98 31.82
C GLN D 539 49.75 -25.92 30.61
N PRO D 540 50.29 -27.16 30.59
CA PRO D 540 49.99 -28.03 29.43
C PRO D 540 48.52 -28.40 29.26
N LEU D 541 47.72 -28.49 30.33
CA LEU D 541 46.28 -28.62 30.15
C LEU D 541 45.68 -27.37 29.51
N LEU D 542 46.18 -26.19 29.87
CA LEU D 542 45.69 -24.97 29.27
C LEU D 542 46.13 -24.83 27.82
N ILE D 543 47.19 -25.51 27.42
CA ILE D 543 47.53 -25.60 26.00
C ILE D 543 46.63 -26.60 25.30
N GLN D 544 46.47 -27.79 25.88
CA GLN D 544 45.81 -28.90 25.20
C GLN D 544 44.31 -28.69 25.06
N CYS D 545 43.66 -28.05 26.03
CA CYS D 545 42.22 -27.84 25.93
C CYS D 545 41.88 -26.78 24.89
N GLN D 546 42.68 -25.71 24.82
CA GLN D 546 42.50 -24.73 23.76
C GLN D 546 42.86 -25.31 22.40
N LYS D 547 43.84 -26.22 22.37
CA LYS D 547 44.19 -26.92 21.15
C LYS D 547 43.04 -27.81 20.67
N LEU D 548 42.35 -28.49 21.60
CA LEU D 548 41.15 -29.24 21.25
C LEU D 548 40.04 -28.32 20.77
N SER D 549 39.88 -27.16 21.42
CA SER D 549 38.82 -26.23 21.06
C SER D 549 39.00 -25.64 19.67
N GLN D 550 40.25 -25.51 19.22
CA GLN D 550 40.51 -25.05 17.85
C GLN D 550 39.98 -26.06 16.82
N TYR D 551 40.27 -27.34 17.00
CA TYR D 551 39.77 -28.34 16.07
C TYR D 551 38.27 -28.54 16.21
N VAL D 552 37.71 -28.27 17.40
CA VAL D 552 36.26 -28.27 17.53
C VAL D 552 35.64 -27.13 16.73
N LEU D 553 36.28 -25.95 16.73
CA LEU D 553 35.81 -24.83 15.91
C LEU D 553 35.92 -25.15 14.42
N ILE D 554 36.98 -25.85 14.02
CA ILE D 554 37.14 -26.23 12.62
C ILE D 554 36.10 -27.28 12.22
N ALA D 555 35.79 -28.20 13.13
CA ALA D 555 34.80 -29.23 12.82
C ALA D 555 33.38 -28.68 12.83
N GLN D 556 33.13 -27.62 13.61
CA GLN D 556 31.80 -26.99 13.58
C GLN D 556 31.65 -26.05 12.40
N TRP D 557 32.73 -25.41 11.97
CA TRP D 557 32.65 -24.53 10.81
C TRP D 557 32.46 -25.32 9.52
N ALA D 558 33.33 -26.31 9.29
CA ALA D 558 33.22 -27.15 8.10
C ALA D 558 32.08 -28.16 8.20
N GLU D 559 31.47 -28.31 9.39
CA GLU D 559 30.32 -29.17 9.64
C GLU D 559 30.65 -30.63 9.30
N LEU D 560 31.73 -31.11 9.88
CA LEU D 560 32.24 -32.45 9.55
C LEU D 560 31.38 -33.53 10.19
N SER D 561 31.13 -34.58 9.41
CA SER D 561 30.54 -35.79 9.93
C SER D 561 31.62 -36.67 10.56
N GLU D 562 31.27 -37.88 10.97
CA GLU D 562 32.29 -38.77 11.50
C GLU D 562 33.03 -39.50 10.39
N GLN D 563 32.34 -39.83 9.30
CA GLN D 563 32.99 -40.46 8.17
C GLN D 563 33.73 -39.47 7.29
N GLU D 564 33.36 -38.18 7.35
CA GLU D 564 34.18 -37.15 6.73
C GLU D 564 35.54 -37.06 7.41
N ILE D 565 35.57 -37.15 8.74
CA ILE D 565 36.84 -37.17 9.47
C ILE D 565 37.57 -38.48 9.23
N ALA D 566 36.82 -39.58 9.20
CA ALA D 566 37.42 -40.90 9.00
C ALA D 566 38.03 -41.06 7.62
N LEU D 567 37.54 -40.30 6.63
CA LEU D 567 38.13 -40.33 5.30
C LEU D 567 39.44 -39.58 5.26
N ILE D 568 39.61 -38.54 6.08
CA ILE D 568 40.86 -37.81 6.10
C ILE D 568 41.86 -38.45 7.08
N LEU D 569 41.39 -39.30 7.99
CA LEU D 569 42.27 -40.06 8.86
C LEU D 569 42.76 -41.36 8.22
N LEU D 570 42.56 -41.54 6.91
CA LEU D 570 43.20 -42.61 6.18
C LEU D 570 44.71 -42.37 6.17
N PRO D 571 45.53 -43.44 6.11
CA PRO D 571 46.99 -43.27 6.33
C PRO D 571 47.72 -42.44 5.28
N ASN D 572 47.10 -42.10 4.15
CA ASN D 572 47.67 -41.09 3.27
C ASN D 572 46.63 -40.03 2.94
N GLY D 573 45.36 -40.43 2.91
CA GLY D 573 44.26 -39.49 2.77
C GLY D 573 44.14 -38.83 1.41
N ILE D 574 44.39 -37.52 1.37
CA ILE D 574 44.21 -36.73 0.15
C ILE D 574 45.45 -36.76 -0.73
N ASP D 575 46.53 -37.39 -0.26
CA ASP D 575 47.81 -37.67 -0.94
C ASP D 575 48.64 -36.43 -1.22
N ASN D 576 48.19 -35.23 -0.85
CA ASN D 576 49.08 -34.06 -0.89
C ASN D 576 50.17 -34.19 0.16
N ARG D 577 49.78 -34.58 1.38
CA ARG D 577 50.71 -34.92 2.44
C ARG D 577 50.26 -36.24 3.06
N GLY D 578 50.83 -36.60 4.20
CA GLY D 578 50.46 -37.83 4.89
C GLY D 578 49.10 -37.76 5.56
N SER D 579 48.93 -38.63 6.54
CA SER D 579 47.68 -38.69 7.30
C SER D 579 47.56 -37.48 8.22
N ALA D 580 46.31 -37.03 8.43
CA ALA D 580 45.93 -35.91 9.28
C ALA D 580 46.68 -34.63 8.95
N PRO D 581 46.33 -33.92 7.88
CA PRO D 581 47.03 -32.68 7.55
C PRO D 581 46.77 -31.58 8.56
N SER D 582 47.77 -30.71 8.70
CA SER D 582 47.75 -29.66 9.71
C SER D 582 46.76 -28.56 9.33
N PRO D 583 46.17 -27.88 10.33
CA PRO D 583 45.18 -26.83 10.02
C PRO D 583 45.79 -25.55 9.48
N SER D 584 46.02 -25.51 8.17
CA SER D 584 46.44 -24.33 7.44
C SER D 584 45.29 -23.83 6.58
N ILE D 585 45.57 -22.85 5.71
CA ILE D 585 44.58 -22.45 4.72
C ILE D 585 44.34 -23.56 3.71
N THR D 586 45.37 -24.39 3.45
CA THR D 586 45.25 -25.47 2.47
C THR D 586 44.21 -26.51 2.88
N LEU D 587 44.25 -26.94 4.15
CA LEU D 587 43.21 -27.82 4.68
C LEU D 587 41.85 -27.13 4.68
N LEU D 588 41.82 -25.85 5.04
CA LEU D 588 40.57 -25.15 5.28
C LEU D 588 39.88 -24.74 3.98
N LYS D 589 40.58 -24.84 2.84
CA LYS D 589 39.95 -24.75 1.53
C LYS D 589 39.76 -26.10 0.87
N LEU D 590 40.55 -27.11 1.26
CA LEU D 590 40.28 -28.48 0.88
C LEU D 590 38.92 -28.94 1.39
N LEU D 591 38.60 -28.57 2.64
CA LEU D 591 37.29 -28.89 3.19
C LEU D 591 36.17 -28.14 2.50
N SER D 592 36.46 -26.93 2.00
CA SER D 592 35.47 -26.16 1.27
C SER D 592 35.15 -26.80 -0.08
N GLU D 593 36.20 -27.19 -0.81
CA GLU D 593 36.00 -27.92 -2.06
C GLU D 593 35.37 -29.29 -1.82
N PHE D 594 35.63 -29.89 -0.66
CA PHE D 594 35.00 -31.14 -0.27
C PHE D 594 33.50 -30.98 -0.05
N LYS D 595 33.10 -29.89 0.60
CA LYS D 595 31.69 -29.61 0.78
C LYS D 595 31.02 -29.28 -0.55
N LEU D 596 31.76 -28.64 -1.47
CA LEU D 596 31.25 -28.42 -2.82
C LEU D 596 31.04 -29.75 -3.55
N CYS D 597 31.94 -30.72 -3.32
CA CYS D 597 31.75 -32.06 -3.87
C CYS D 597 30.51 -32.74 -3.29
N GLN D 598 30.25 -32.54 -2.01
CA GLN D 598 29.04 -33.09 -1.41
C GLN D 598 27.79 -32.40 -1.95
N GLN D 599 27.88 -31.14 -2.33
CA GLN D 599 26.71 -30.44 -2.86
C GLN D 599 26.43 -30.81 -4.32
N GLU D 600 27.48 -31.07 -5.10
CA GLU D 600 27.29 -31.23 -6.54
C GLU D 600 26.66 -32.57 -6.92
N ALA D 601 26.87 -33.62 -6.11
CA ALA D 601 26.68 -34.98 -6.59
C ALA D 601 25.22 -35.41 -6.75
N LYS D 602 24.32 -34.86 -5.93
CA LYS D 602 22.87 -35.14 -5.98
C LYS D 602 22.53 -36.61 -5.73
N VAL D 603 23.40 -37.33 -5.03
CA VAL D 603 23.16 -38.72 -4.64
C VAL D 603 23.41 -38.85 -3.14
N SER D 604 23.31 -40.08 -2.63
CA SER D 604 23.66 -40.36 -1.25
C SER D 604 25.16 -40.13 -1.04
N GLN D 605 25.52 -39.51 0.08
CA GLN D 605 26.90 -39.11 0.27
C GLN D 605 27.78 -40.25 0.78
N SER D 606 27.21 -41.26 1.43
CA SER D 606 28.01 -42.42 1.83
C SER D 606 28.48 -43.21 0.62
N GLU D 607 27.71 -43.17 -0.47
CA GLU D 607 28.19 -43.65 -1.77
C GLU D 607 29.44 -42.89 -2.20
N LEU D 608 29.44 -41.57 -2.02
CA LEU D 608 30.61 -40.76 -2.36
C LEU D 608 31.80 -41.10 -1.49
N PHE D 609 31.57 -41.37 -0.19
CA PHE D 609 32.70 -41.71 0.67
C PHE D 609 33.26 -43.07 0.33
N ASP D 610 32.41 -44.01 -0.09
CA ASP D 610 32.92 -45.32 -0.51
C ASP D 610 33.72 -45.21 -1.80
N ILE D 611 33.21 -44.46 -2.79
CA ILE D 611 33.92 -44.25 -4.05
C ILE D 611 35.25 -43.55 -3.83
N MET D 612 35.24 -42.49 -3.01
CA MET D 612 36.46 -41.77 -2.68
C MET D 612 37.42 -42.62 -1.87
N GLN D 613 36.90 -43.55 -1.07
CA GLN D 613 37.75 -44.46 -0.31
C GLN D 613 38.43 -45.47 -1.23
N GLN D 614 37.72 -45.99 -2.23
CA GLN D 614 38.40 -46.84 -3.21
C GLN D 614 39.38 -46.04 -4.08
N LEU D 615 39.14 -44.74 -4.26
CA LEU D 615 40.15 -43.92 -4.94
C LEU D 615 41.36 -43.67 -4.07
N ILE D 616 41.22 -43.69 -2.75
CA ILE D 616 42.37 -43.52 -1.87
C ILE D 616 43.07 -44.86 -1.62
N THR D 617 42.31 -45.93 -1.38
CA THR D 617 42.91 -47.24 -1.11
C THR D 617 43.42 -47.87 -2.40
N ASP D 618 43.88 -49.12 -2.32
CA ASP D 618 44.68 -49.72 -3.38
C ASP D 618 44.02 -50.88 -4.10
N THR D 619 42.87 -51.37 -3.63
CA THR D 619 42.17 -52.58 -4.11
C THR D 619 43.08 -53.81 -4.12
N ASN D 620 43.99 -53.88 -3.17
CA ASN D 620 44.75 -55.09 -2.88
C ASN D 620 44.62 -55.50 -1.42
N GLU D 621 44.63 -54.52 -0.50
CA GLU D 621 44.27 -54.81 0.89
C GLU D 621 42.78 -55.00 1.04
N LYS D 622 41.99 -54.34 0.18
CA LYS D 622 40.53 -54.44 0.28
C LYS D 622 40.05 -55.82 -0.14
N GLN D 623 40.64 -56.39 -1.21
CA GLN D 623 40.22 -57.70 -1.69
C GLN D 623 40.59 -58.80 -0.70
N GLU D 624 41.80 -58.75 -0.14
CA GLU D 624 42.18 -59.74 0.86
C GLU D 624 41.41 -59.55 2.16
N LYS D 625 41.01 -58.32 2.47
CA LYS D 625 40.20 -58.09 3.66
C LYS D 625 38.79 -58.64 3.48
N LEU D 626 38.25 -58.54 2.26
CA LEU D 626 36.97 -59.18 1.97
C LEU D 626 37.08 -60.69 2.00
N ARG D 627 38.20 -61.25 1.52
CA ARG D 627 38.40 -62.69 1.60
C ARG D 627 38.54 -63.16 3.05
N ASN D 628 39.17 -62.37 3.91
CA ASN D 628 39.29 -62.73 5.32
C ASN D 628 37.93 -62.67 6.02
N SER D 629 37.18 -61.59 5.81
CA SER D 629 35.84 -61.47 6.38
C SER D 629 34.83 -62.44 5.75
N ALA D 630 35.17 -63.04 4.62
CA ALA D 630 34.35 -64.06 3.98
C ALA D 630 34.64 -65.45 4.55
N ASP D 631 35.93 -65.78 4.70
CA ASP D 631 36.29 -67.04 5.33
C ASP D 631 35.92 -67.06 6.81
N LYS D 632 35.78 -65.89 7.44
CA LYS D 632 35.29 -65.85 8.81
C LYS D 632 33.85 -66.34 8.90
N VAL D 633 32.99 -65.98 7.95
CA VAL D 633 31.61 -66.42 8.07
C VAL D 633 31.46 -67.86 7.59
N ILE D 634 32.33 -68.32 6.66
CA ILE D 634 32.38 -69.75 6.35
C ILE D 634 32.77 -70.56 7.58
N ARG D 635 33.79 -70.08 8.30
CA ARG D 635 34.23 -70.73 9.54
C ARG D 635 33.14 -70.75 10.60
N SER D 636 32.38 -69.66 10.72
CA SER D 636 31.34 -69.59 11.76
C SER D 636 30.16 -70.50 11.45
N ILE D 637 29.75 -70.58 10.17
CA ILE D 637 28.63 -71.45 9.83
C ILE D 637 29.02 -72.92 9.93
N ALA D 638 30.25 -73.25 9.51
CA ALA D 638 30.74 -74.62 9.67
C ALA D 638 30.90 -74.99 11.14
N LYS D 639 31.30 -74.03 11.99
CA LYS D 639 31.41 -74.30 13.41
C LYS D 639 30.05 -74.47 14.06
N SER D 640 29.04 -73.75 13.58
CA SER D 640 27.68 -73.93 14.11
C SER D 640 27.12 -75.30 13.73
N ILE D 641 27.38 -75.77 12.51
CA ILE D 641 26.92 -77.10 12.13
C ILE D 641 27.69 -78.18 12.89
N GLY D 642 28.99 -77.97 13.09
CA GLY D 642 29.77 -78.91 13.88
C GLY D 642 29.38 -78.94 15.35
N SER D 643 28.85 -77.83 15.87
CA SER D 643 28.37 -77.82 17.25
C SER D 643 26.96 -78.37 17.38
N ILE D 644 26.15 -78.32 16.30
CA ILE D 644 24.81 -78.86 16.42
C ILE D 644 24.78 -80.36 16.13
N ASN D 645 25.76 -80.86 15.36
CA ASN D 645 25.80 -82.29 15.06
C ASN D 645 26.21 -83.09 16.29
N ASN D 646 26.99 -82.47 17.19
CA ASN D 646 27.37 -83.12 18.44
C ASN D 646 26.16 -83.31 19.35
N SER D 647 25.30 -82.30 19.43
CA SER D 647 24.09 -82.42 20.24
C SER D 647 23.09 -83.39 19.63
N MET D 648 23.01 -83.44 18.30
CA MET D 648 22.16 -84.43 17.66
C MET D 648 22.67 -85.85 17.89
N ASP D 649 24.00 -86.03 17.89
CA ASP D 649 24.58 -87.34 18.18
C ASP D 649 24.36 -87.72 19.64
N ASP D 650 24.39 -86.74 20.54
CA ASP D 650 24.13 -86.98 21.96
C ASP D 650 22.69 -87.42 22.19
N ILE D 651 21.73 -86.73 21.55
CA ILE D 651 20.32 -87.10 21.69
C ILE D 651 20.05 -88.46 21.07
N ASP D 652 20.70 -88.76 19.93
CA ASP D 652 20.54 -90.07 19.29
C ASP D 652 21.12 -91.19 20.15
N SER D 653 22.25 -90.94 20.80
CA SER D 653 22.86 -91.94 21.67
C SER D 653 22.00 -92.18 22.91
N THR D 654 21.44 -91.12 23.50
CA THR D 654 20.59 -91.31 24.68
C THR D 654 19.27 -92.01 24.31
N ILE D 655 18.72 -91.74 23.13
CA ILE D 655 17.51 -92.44 22.69
C ILE D 655 17.80 -93.91 22.41
N SER D 656 18.99 -94.20 21.86
CA SER D 656 19.37 -95.59 21.64
C SER D 656 19.61 -96.34 22.95
N ILE D 657 20.16 -95.64 23.96
CA ILE D 657 20.34 -96.25 25.28
C ILE D 657 18.99 -96.52 25.94
N ARG D 658 18.08 -95.55 25.90
CA ARG D 658 16.77 -95.75 26.53
C ARG D 658 15.88 -96.72 25.76
N ASN D 659 16.15 -96.95 24.48
CA ASN D 659 15.47 -98.02 23.78
C ASN D 659 16.07 -99.38 24.10
N GLY D 660 17.39 -99.45 24.25
CA GLY D 660 18.03 -100.70 24.61
C GLY D 660 17.74 -101.16 26.03
N SER D 661 17.54 -100.21 26.95
CA SER D 661 17.25 -100.54 28.34
C SER D 661 15.80 -100.96 28.57
N ALA D 662 14.94 -100.82 27.57
CA ALA D 662 13.54 -101.19 27.71
C ALA D 662 13.37 -102.69 27.50
N THR D 663 12.60 -103.32 28.37
CA THR D 663 12.21 -104.72 28.28
C THR D 663 10.69 -104.80 28.13
N LEU D 664 10.15 -106.00 28.32
CA LEU D 664 8.73 -106.26 28.08
C LEU D 664 7.83 -105.44 29.01
N PHE D 665 8.13 -105.47 30.32
CA PHE D 665 7.42 -104.78 31.40
C PHE D 665 5.91 -105.01 31.40
N PRO D 666 5.44 -106.17 31.86
CA PRO D 666 3.98 -106.47 31.85
C PRO D 666 3.13 -105.55 32.70
N PRO D 667 3.67 -104.78 33.66
CA PRO D 667 2.96 -103.53 33.99
C PRO D 667 3.29 -102.44 32.98
N GLU D 668 2.27 -102.02 32.23
CA GLU D 668 2.49 -101.06 31.14
C GLU D 668 2.35 -99.62 31.62
N HIS D 669 1.16 -99.24 32.07
CA HIS D 669 0.96 -97.92 32.65
C HIS D 669 1.64 -97.69 34.02
N PRO D 670 1.96 -98.73 34.88
CA PRO D 670 2.84 -98.42 36.02
C PRO D 670 4.27 -98.09 35.63
N MET D 671 4.88 -98.92 34.81
CA MET D 671 6.33 -98.82 34.66
C MET D 671 6.79 -98.59 33.23
N TYR D 672 6.14 -99.19 32.24
CA TYR D 672 6.53 -99.02 30.85
C TYR D 672 6.14 -97.65 30.31
N LYS D 673 5.15 -97.00 30.92
CA LYS D 673 4.65 -95.72 30.43
C LYS D 673 5.41 -94.56 31.09
N ALA D 674 6.73 -94.67 31.04
CA ALA D 674 7.63 -93.55 31.33
C ALA D 674 8.74 -93.40 30.31
N LEU D 675 9.18 -94.46 29.66
CA LEU D 675 10.22 -94.39 28.65
C LEU D 675 9.67 -93.95 27.30
N LYS D 676 8.40 -94.23 27.02
CA LYS D 676 7.81 -93.86 25.74
C LYS D 676 7.69 -92.34 25.61
N LEU D 677 7.25 -91.67 26.67
CA LEU D 677 7.20 -90.21 26.66
C LEU D 677 8.61 -89.62 26.65
N GLU D 678 9.55 -90.26 27.32
CA GLU D 678 10.93 -89.78 27.39
C GLU D 678 11.66 -89.95 26.07
N VAL D 679 11.20 -90.86 25.21
CA VAL D 679 11.73 -90.95 23.85
C VAL D 679 10.99 -89.99 22.92
N SER D 680 9.65 -89.94 23.03
CA SER D 680 8.84 -89.13 22.13
C SER D 680 9.03 -87.64 22.33
N ASN D 681 9.45 -87.20 23.53
CA ASN D 681 9.74 -85.79 23.72
C ASN D 681 11.07 -85.40 23.11
N LEU D 682 12.03 -86.31 23.08
CA LEU D 682 13.32 -86.05 22.45
C LEU D 682 13.27 -86.23 20.94
N GLU D 683 12.26 -86.95 20.44
CA GLU D 683 12.01 -87.00 19.00
C GLU D 683 11.73 -85.61 18.43
N LYS D 684 10.97 -84.80 19.16
CA LYS D 684 10.72 -83.42 18.75
C LYS D 684 11.99 -82.58 18.76
N SER D 685 12.91 -82.86 19.69
CA SER D 685 14.18 -82.16 19.69
C SER D 685 15.02 -82.56 18.49
N LYS D 686 14.95 -83.84 18.08
CA LYS D 686 15.62 -84.28 16.86
C LYS D 686 15.05 -83.57 15.63
N ILE D 687 13.72 -83.40 15.59
CA ILE D 687 13.08 -82.71 14.48
C ILE D 687 13.48 -81.23 14.45
N GLN D 688 13.61 -80.61 15.63
CA GLN D 688 14.04 -79.22 15.70
C GLN D 688 15.50 -79.04 15.27
N LEU D 689 16.36 -79.98 15.65
CA LEU D 689 17.77 -79.88 15.23
C LEU D 689 17.92 -80.12 13.74
N GLU D 690 17.10 -81.02 13.17
CA GLU D 690 17.11 -81.18 11.71
C GLU D 690 16.54 -79.96 11.00
N GLY D 691 15.57 -79.28 11.62
CA GLY D 691 15.05 -78.05 11.05
C GLY D 691 16.06 -76.92 11.07
N LYS D 692 16.92 -76.88 12.09
CA LYS D 692 18.02 -75.91 12.09
C LYS D 692 19.07 -76.29 11.06
N LYS D 693 19.36 -77.58 10.91
CA LYS D 693 20.40 -78.03 10.01
C LYS D 693 20.04 -77.80 8.55
N LYS D 694 18.76 -77.99 8.20
CA LYS D 694 18.32 -77.79 6.83
C LYS D 694 18.29 -76.32 6.40
N GLU D 695 18.46 -75.38 7.33
CA GLU D 695 18.68 -73.99 6.96
C GLU D 695 20.14 -73.57 7.07
N GLU D 696 20.90 -74.18 7.98
CA GLU D 696 22.32 -73.87 8.03
C GLU D 696 23.08 -74.46 6.83
N GLU D 697 22.55 -75.52 6.22
CA GLU D 697 23.12 -75.97 4.95
C GLU D 697 22.89 -74.95 3.83
N ILE D 698 21.73 -74.30 3.84
CA ILE D 698 21.46 -73.22 2.88
C ILE D 698 22.39 -72.03 3.17
N LYS D 699 22.70 -71.79 4.44
CA LYS D 699 23.68 -70.77 4.80
C LYS D 699 25.07 -71.09 4.24
N LEU D 700 25.50 -72.36 4.34
CA LEU D 700 26.76 -72.77 3.73
C LEU D 700 26.76 -72.59 2.21
N GLU D 701 25.66 -72.97 1.55
CA GLU D 701 25.62 -72.87 0.10
C GLU D 701 25.62 -71.42 -0.37
N GLN D 702 24.88 -70.55 0.32
CA GLN D 702 24.86 -69.14 -0.04
C GLN D 702 26.19 -68.46 0.25
N ALA D 703 26.88 -68.87 1.32
CA ALA D 703 28.22 -68.36 1.59
C ALA D 703 29.20 -68.78 0.51
N LYS D 704 29.27 -70.08 0.21
CA LYS D 704 30.19 -70.58 -0.80
C LYS D 704 29.84 -70.11 -2.21
N ASP D 705 28.62 -69.64 -2.45
CA ASP D 705 28.31 -68.99 -3.72
C ASP D 705 28.74 -67.53 -3.72
N ASN D 706 28.48 -66.78 -2.65
CA ASN D 706 28.80 -65.35 -2.62
C ASN D 706 30.25 -65.06 -2.29
N ILE D 707 31.06 -66.07 -2.05
CA ILE D 707 32.46 -65.87 -1.72
C ILE D 707 33.40 -66.31 -2.84
N GLN D 708 32.98 -67.25 -3.68
CA GLN D 708 33.73 -67.64 -4.86
C GLN D 708 33.43 -66.76 -6.08
N SER D 709 33.01 -65.51 -5.85
CA SER D 709 32.67 -64.60 -6.95
C SER D 709 33.32 -63.23 -6.77
N LEU D 710 34.36 -63.12 -5.94
CA LEU D 710 35.04 -61.85 -5.70
C LEU D 710 36.32 -61.78 -6.52
N ILE D 711 36.16 -61.56 -7.83
CA ILE D 711 37.28 -61.60 -8.76
C ILE D 711 37.37 -60.28 -9.53
N ASN D 712 36.23 -59.62 -9.73
CA ASN D 712 36.05 -58.66 -10.82
C ASN D 712 36.46 -57.24 -10.45
N ASN D 713 37.40 -57.05 -9.53
CA ASN D 713 37.91 -55.73 -9.19
C ASN D 713 39.00 -55.37 -10.20
N TRP D 714 38.70 -54.42 -11.08
CA TRP D 714 39.58 -54.11 -12.21
C TRP D 714 39.89 -52.61 -12.31
N ASP D 715 39.53 -51.83 -11.28
CA ASP D 715 39.90 -50.42 -11.05
C ASP D 715 39.30 -49.43 -12.03
N SER D 716 38.61 -49.90 -13.06
CA SER D 716 37.94 -48.99 -13.98
C SER D 716 36.49 -48.75 -13.61
N GLU D 717 35.95 -49.55 -12.69
CA GLU D 717 34.57 -49.44 -12.25
C GLU D 717 34.34 -48.27 -11.30
N ILE D 718 35.40 -47.71 -10.74
CA ILE D 718 35.26 -46.63 -9.76
C ILE D 718 34.93 -45.32 -10.47
N ILE D 719 35.51 -45.10 -11.64
CA ILE D 719 35.15 -43.92 -12.42
C ILE D 719 33.78 -44.10 -13.05
N ILE D 720 33.38 -45.35 -13.28
CA ILE D 720 32.00 -45.65 -13.66
C ILE D 720 31.05 -45.31 -12.52
N ARG D 721 31.47 -45.55 -11.28
CA ARG D 721 30.67 -45.13 -10.13
C ARG D 721 30.65 -43.62 -9.97
N LEU D 722 31.73 -42.94 -10.36
CA LEU D 722 31.71 -41.47 -10.38
C LEU D 722 30.73 -40.94 -11.41
N ALA D 723 30.73 -41.53 -12.61
CA ALA D 723 29.76 -41.15 -13.64
C ALA D 723 28.35 -41.57 -13.29
N ASP D 724 28.18 -42.53 -12.37
CA ASP D 724 26.86 -42.82 -11.82
C ASP D 724 26.46 -41.75 -10.80
N ALA D 725 27.38 -41.37 -9.91
CA ALA D 725 27.06 -40.44 -8.83
C ALA D 725 26.87 -39.02 -9.36
N TYR D 726 27.94 -38.43 -9.89
CA TYR D 726 27.79 -37.20 -10.65
C TYR D 726 27.15 -37.53 -11.98
N HIS D 727 26.20 -36.70 -12.42
CA HIS D 727 25.43 -37.00 -13.63
C HIS D 727 26.29 -36.74 -14.86
N TRP D 728 27.22 -37.65 -15.10
CA TRP D 728 28.14 -37.66 -16.23
C TRP D 728 27.76 -38.82 -17.14
N ASP D 729 28.59 -39.07 -18.13
CA ASP D 729 28.47 -40.25 -18.96
C ASP D 729 29.78 -41.02 -18.91
N ILE D 730 29.73 -42.28 -19.36
CA ILE D 730 30.84 -43.20 -19.18
C ILE D 730 32.01 -42.82 -20.06
N ASN D 731 31.72 -42.49 -21.33
CA ASN D 731 32.76 -42.31 -22.34
C ASN D 731 33.60 -41.07 -22.07
N ILE D 732 32.94 -39.94 -21.81
CA ILE D 732 33.67 -38.69 -21.57
C ILE D 732 34.44 -38.75 -20.26
N ALA D 733 33.81 -39.27 -19.20
CA ALA D 733 34.47 -39.30 -17.90
C ALA D 733 35.57 -40.34 -17.80
N ASN D 734 35.61 -41.32 -18.70
CA ASN D 734 36.76 -42.22 -18.71
C ASN D 734 37.85 -41.77 -19.68
N SER D 735 37.47 -41.21 -20.83
CA SER D 735 38.44 -40.70 -21.78
C SER D 735 39.18 -39.48 -21.24
N MET D 736 38.50 -38.64 -20.45
CA MET D 736 39.19 -37.53 -19.81
C MET D 736 40.18 -38.01 -18.76
N PHE D 737 39.81 -39.03 -17.98
CA PHE D 737 40.73 -39.53 -16.96
C PHE D 737 41.98 -40.13 -17.59
N ILE D 738 41.80 -40.94 -18.64
CA ILE D 738 42.96 -41.54 -19.30
C ILE D 738 43.81 -40.47 -19.99
N LEU D 739 43.18 -39.57 -20.74
CA LEU D 739 43.98 -38.60 -21.49
C LEU D 739 44.55 -37.48 -20.62
N ILE D 740 44.07 -37.29 -19.38
CA ILE D 740 44.78 -36.41 -18.46
C ILE D 740 45.94 -37.14 -17.82
N PHE D 741 45.68 -38.29 -17.20
CA PHE D 741 46.66 -38.89 -16.32
C PHE D 741 47.58 -39.89 -17.02
N GLY D 742 47.51 -40.00 -18.35
CA GLY D 742 48.38 -40.92 -19.06
C GLY D 742 49.86 -40.57 -19.02
N GLU D 743 50.19 -39.31 -18.72
CA GLU D 743 51.58 -38.93 -18.56
C GLU D 743 52.12 -39.32 -17.19
N LYS D 744 51.25 -39.46 -16.19
CA LYS D 744 51.67 -39.65 -14.81
C LYS D 744 51.57 -41.10 -14.35
N ILE D 745 50.53 -41.81 -14.76
CA ILE D 745 50.36 -43.21 -14.36
C ILE D 745 50.26 -44.10 -15.61
N ASN D 746 50.10 -45.40 -15.40
CA ASN D 746 50.41 -46.40 -16.43
C ASN D 746 49.30 -46.59 -17.46
N PHE D 747 48.08 -46.91 -17.02
CA PHE D 747 46.93 -47.26 -17.85
C PHE D 747 47.24 -48.46 -18.76
N THR D 748 47.44 -49.61 -18.12
CA THR D 748 47.47 -50.87 -18.85
C THR D 748 46.05 -51.32 -19.15
N PHE D 749 45.71 -51.44 -20.42
CA PHE D 749 44.36 -51.82 -20.82
C PHE D 749 44.17 -53.33 -20.71
N HIS D 750 43.01 -53.79 -21.16
CA HIS D 750 42.64 -55.20 -21.02
C HIS D 750 42.79 -55.91 -22.36
N TYR D 751 43.15 -57.19 -22.30
CA TYR D 751 43.42 -58.02 -23.47
C TYR D 751 42.11 -58.34 -24.19
N GLU D 752 42.23 -58.81 -25.44
CA GLU D 752 41.12 -59.10 -26.36
C GLU D 752 40.26 -57.86 -26.64
N ASN D 753 40.89 -56.68 -26.60
CA ASN D 753 40.19 -55.42 -26.80
C ASN D 753 41.00 -54.44 -27.64
N ARG D 754 41.75 -54.97 -28.63
CA ARG D 754 42.55 -54.11 -29.50
C ARG D 754 41.67 -53.22 -30.38
N ASN D 755 40.76 -53.81 -31.13
CA ASN D 755 39.82 -53.05 -31.93
C ASN D 755 38.72 -52.39 -31.10
N ASP D 756 38.59 -52.76 -29.83
CA ASP D 756 37.50 -52.27 -29.01
C ASP D 756 37.74 -50.83 -28.56
N TYR D 757 38.99 -50.47 -28.28
CA TYR D 757 39.33 -49.14 -27.81
C TYR D 757 39.99 -48.37 -28.95
N HIS D 758 39.16 -47.73 -29.77
CA HIS D 758 39.66 -46.88 -30.83
C HIS D 758 40.17 -45.57 -30.25
N TYR D 759 41.41 -45.22 -30.59
CA TYR D 759 42.00 -43.96 -30.15
C TYR D 759 42.36 -43.11 -31.35
N GLU D 760 41.96 -41.84 -31.31
CA GLU D 760 42.37 -40.84 -32.28
C GLU D 760 42.74 -39.55 -31.56
N GLU D 761 43.33 -38.63 -32.32
CA GLU D 761 43.91 -37.44 -31.70
C GLU D 761 42.83 -36.42 -31.33
N HIS D 762 41.80 -36.31 -32.16
CA HIS D 762 40.81 -35.25 -31.97
C HIS D 762 39.76 -35.63 -30.92
N TYR D 763 39.33 -36.88 -30.91
CA TYR D 763 38.34 -37.38 -29.96
C TYR D 763 38.80 -38.77 -29.52
N GLY D 764 39.59 -38.81 -28.45
CA GLY D 764 40.26 -40.03 -28.05
C GLY D 764 39.40 -40.95 -27.21
N TYR D 765 39.64 -42.26 -27.39
CA TYR D 765 39.09 -43.34 -26.56
C TYR D 765 37.55 -43.35 -26.60
N ARG D 766 37.03 -43.79 -27.73
CA ARG D 766 35.58 -43.81 -27.95
C ARG D 766 34.86 -44.87 -27.11
N PHE D 767 35.55 -45.93 -26.68
CA PHE D 767 35.05 -46.96 -25.77
C PHE D 767 33.79 -47.63 -26.32
N GLU D 768 34.00 -48.40 -27.39
CA GLU D 768 32.90 -49.11 -28.05
C GLU D 768 32.20 -50.12 -27.13
N GLN D 769 32.88 -50.60 -26.10
CA GLN D 769 32.26 -51.42 -25.06
C GLN D 769 32.57 -50.81 -23.70
N LYS D 770 32.32 -51.57 -22.62
CA LYS D 770 32.63 -51.09 -21.28
C LYS D 770 34.15 -50.93 -21.11
N PRO D 771 34.60 -49.81 -20.55
CA PRO D 771 36.04 -49.59 -20.40
C PRO D 771 36.63 -50.39 -19.25
N MET D 772 37.71 -51.10 -19.54
CA MET D 772 38.33 -52.04 -18.60
C MET D 772 39.83 -51.74 -18.56
N TYR D 773 40.29 -51.06 -17.51
CA TYR D 773 41.70 -50.71 -17.42
C TYR D 773 42.11 -50.55 -15.97
N SER D 774 43.33 -51.00 -15.67
CA SER D 774 44.00 -50.75 -14.39
C SER D 774 44.94 -49.57 -14.56
N PHE D 775 45.12 -48.79 -13.50
CA PHE D 775 45.85 -47.54 -13.68
C PHE D 775 46.85 -47.22 -12.57
N ASP D 776 47.23 -48.20 -11.75
CA ASP D 776 48.37 -48.12 -10.82
C ASP D 776 48.20 -46.98 -9.80
N LYS D 777 47.29 -47.20 -8.86
CA LYS D 777 46.88 -46.21 -7.87
C LYS D 777 47.98 -45.80 -6.89
N LYS D 778 47.59 -44.96 -5.92
CA LYS D 778 48.45 -44.27 -4.94
C LYS D 778 49.67 -43.61 -5.60
N LEU D 779 49.45 -43.05 -6.79
CA LEU D 779 50.42 -42.19 -7.45
C LEU D 779 49.80 -40.88 -7.89
N THR D 780 48.49 -40.85 -8.11
CA THR D 780 47.73 -39.63 -8.27
C THR D 780 47.42 -39.03 -6.90
N ASN D 781 46.68 -37.93 -6.90
CA ASN D 781 46.15 -37.33 -5.67
C ASN D 781 44.69 -37.74 -5.58
N GLY D 782 44.36 -38.54 -4.57
CA GLY D 782 43.13 -39.31 -4.50
C GLY D 782 41.85 -38.49 -4.42
N PHE D 783 41.95 -37.21 -4.09
CA PHE D 783 40.78 -36.34 -4.07
C PHE D 783 40.93 -35.09 -4.94
N GLY D 784 42.14 -34.59 -5.15
CA GLY D 784 42.33 -33.51 -6.10
C GLY D 784 42.11 -33.92 -7.55
N SER D 785 42.19 -35.22 -7.83
CA SER D 785 41.92 -35.70 -9.19
C SER D 785 40.44 -35.59 -9.53
N ILE D 786 39.57 -35.82 -8.54
CA ILE D 786 38.15 -35.58 -8.73
C ILE D 786 37.89 -34.09 -9.00
N LEU D 787 38.61 -33.22 -8.29
CA LEU D 787 38.49 -31.79 -8.50
C LEU D 787 39.02 -31.37 -9.86
N LEU D 788 39.99 -32.09 -10.41
CA LEU D 788 40.40 -31.83 -11.78
C LEU D 788 39.34 -32.28 -12.77
N LEU D 789 38.86 -33.52 -12.61
CA LEU D 789 37.88 -34.11 -13.53
C LEU D 789 36.58 -33.34 -13.56
N LYS D 790 36.17 -32.74 -12.44
CA LYS D 790 34.98 -31.90 -12.43
C LYS D 790 35.11 -30.69 -13.34
N ASN D 791 36.21 -29.95 -13.22
CA ASN D 791 36.38 -28.76 -14.02
C ASN D 791 36.63 -29.09 -15.49
N HIS D 792 37.31 -30.21 -15.75
CA HIS D 792 37.49 -30.66 -17.13
C HIS D 792 36.17 -31.04 -17.80
N ILE D 793 35.34 -31.83 -17.12
CA ILE D 793 34.06 -32.22 -17.69
C ILE D 793 33.08 -31.05 -17.66
N TYR D 794 33.28 -30.08 -16.77
CA TYR D 794 32.45 -28.89 -16.73
C TYR D 794 32.73 -27.98 -17.92
N ILE D 795 34.00 -27.87 -18.31
CA ILE D 795 34.33 -27.13 -19.52
C ILE D 795 33.89 -27.92 -20.77
N ALA D 796 33.93 -29.26 -20.69
CA ALA D 796 33.43 -30.09 -21.77
C ALA D 796 31.92 -29.91 -21.99
N GLU D 797 31.18 -29.76 -20.90
CA GLU D 797 29.73 -29.60 -20.99
C GLU D 797 29.32 -28.16 -21.18
N LYS D 798 30.18 -27.20 -20.86
CA LYS D 798 29.83 -25.80 -20.99
C LYS D 798 30.14 -25.26 -22.39
N LEU D 799 31.36 -25.49 -22.87
CA LEU D 799 31.68 -25.04 -24.22
C LEU D 799 31.30 -26.04 -25.28
N LYS D 800 30.89 -27.25 -24.88
CA LYS D 800 30.41 -28.33 -25.76
C LYS D 800 31.46 -28.69 -26.82
N ILE D 801 32.61 -29.13 -26.33
CA ILE D 801 33.73 -29.53 -27.16
C ILE D 801 33.85 -31.04 -27.01
N HIS D 802 34.73 -31.67 -27.77
CA HIS D 802 35.10 -33.03 -27.48
C HIS D 802 36.02 -33.06 -26.24
N PRO D 803 36.05 -34.19 -25.53
CA PRO D 803 37.07 -34.37 -24.49
C PRO D 803 38.48 -34.52 -25.03
N GLY D 804 38.66 -34.85 -26.31
CA GLY D 804 40.00 -35.01 -26.84
C GLY D 804 40.69 -33.72 -27.24
N THR D 805 40.02 -32.57 -27.16
CA THR D 805 40.59 -31.30 -27.56
C THR D 805 40.72 -30.29 -26.42
N ILE D 806 40.15 -30.56 -25.24
CA ILE D 806 40.44 -29.74 -24.06
C ILE D 806 41.91 -29.88 -23.70
N ILE D 807 42.46 -31.07 -23.90
CA ILE D 807 43.89 -31.26 -23.67
C ILE D 807 44.74 -30.62 -24.78
N LYS D 808 44.17 -30.42 -25.97
CA LYS D 808 44.88 -29.61 -26.95
C LYS D 808 44.83 -28.13 -26.60
N ILE D 809 43.73 -27.68 -25.99
CA ILE D 809 43.68 -26.33 -25.40
C ILE D 809 44.72 -26.20 -24.30
N LYS D 810 44.87 -27.25 -23.49
CA LYS D 810 45.89 -27.26 -22.45
C LYS D 810 47.30 -27.23 -23.03
N ASN D 811 47.51 -27.91 -24.16
CA ASN D 811 48.80 -27.86 -24.82
C ASN D 811 49.09 -26.47 -25.38
N TYR D 812 48.07 -25.83 -25.96
CA TYR D 812 48.24 -24.47 -26.46
C TYR D 812 48.50 -23.47 -25.34
N ILE D 813 47.88 -23.66 -24.18
CA ILE D 813 48.09 -22.73 -23.07
C ILE D 813 49.43 -22.98 -22.38
N PHE D 814 49.64 -24.20 -21.88
CA PHE D 814 50.77 -24.47 -21.00
C PHE D 814 52.02 -24.92 -21.73
N ASP D 815 51.92 -25.32 -23.00
CA ASP D 815 53.07 -25.80 -23.75
C ASP D 815 53.27 -25.11 -25.09
N ASP D 816 52.27 -24.35 -25.55
CA ASP D 816 52.40 -23.32 -26.58
C ASP D 816 52.80 -23.87 -27.93
N LYS D 817 52.05 -24.87 -28.42
CA LYS D 817 52.33 -25.44 -29.73
C LYS D 817 52.01 -24.46 -30.84
N SER D 818 50.84 -23.79 -30.75
CA SER D 818 50.33 -22.79 -31.68
C SER D 818 50.10 -23.33 -33.10
N ASN D 819 50.17 -24.64 -33.28
CA ASN D 819 49.74 -25.29 -34.50
C ASN D 819 48.40 -25.96 -34.34
N GLU D 820 47.83 -25.92 -33.14
CA GLU D 820 46.56 -26.56 -32.83
C GLU D 820 45.38 -25.62 -33.00
N LEU D 821 45.62 -24.36 -33.37
CA LEU D 821 44.54 -23.38 -33.46
C LEU D 821 43.59 -23.69 -34.61
N GLU D 822 44.09 -24.32 -35.67
CA GLU D 822 43.23 -24.79 -36.76
C GLU D 822 42.28 -25.89 -36.33
N ASN D 823 42.58 -26.57 -35.23
CA ASN D 823 41.68 -27.59 -34.68
C ASN D 823 40.71 -26.98 -33.67
N ILE D 824 41.23 -26.19 -32.73
CA ILE D 824 40.41 -25.63 -31.66
C ILE D 824 39.40 -24.63 -32.22
N ALA D 825 39.81 -23.87 -33.24
CA ALA D 825 38.87 -22.94 -33.85
C ALA D 825 37.81 -23.66 -34.66
N ASN D 826 38.16 -24.80 -35.27
CA ASN D 826 37.18 -25.56 -36.02
C ASN D 826 36.23 -26.34 -35.12
N LYS D 827 36.62 -26.62 -33.88
CA LYS D 827 35.76 -27.40 -33.01
C LYS D 827 35.30 -26.65 -31.76
N LEU D 828 35.54 -25.35 -31.69
CA LEU D 828 34.73 -24.48 -30.84
C LEU D 828 33.53 -23.91 -31.58
N ARG D 829 33.40 -24.23 -32.85
CA ARG D 829 32.34 -23.80 -33.72
C ARG D 829 31.17 -24.78 -33.69
N VAL D 830 31.22 -25.78 -32.81
CA VAL D 830 30.36 -26.95 -32.92
C VAL D 830 28.94 -26.62 -32.48
N ASN D 831 28.76 -26.22 -31.23
CA ASN D 831 27.47 -25.74 -30.78
C ASN D 831 27.47 -24.25 -30.52
N LEU D 832 28.62 -23.59 -30.62
CA LEU D 832 28.74 -22.16 -30.45
C LEU D 832 29.06 -21.52 -31.79
N GLY D 833 28.72 -20.24 -31.91
CA GLY D 833 28.91 -19.53 -33.16
C GLY D 833 27.93 -19.98 -34.23
N SER D 834 26.64 -20.01 -33.88
CA SER D 834 25.62 -20.37 -34.82
C SER D 834 25.43 -19.26 -35.85
N PRO D 835 25.00 -19.58 -37.07
CA PRO D 835 24.81 -18.55 -38.11
C PRO D 835 23.64 -17.60 -37.84
N THR D 836 22.83 -17.84 -36.81
CA THR D 836 21.83 -16.88 -36.35
C THR D 836 22.19 -16.54 -34.90
N SER D 837 23.13 -15.61 -34.74
CA SER D 837 23.60 -15.15 -33.44
C SER D 837 24.25 -13.78 -33.62
N THR D 838 24.96 -13.32 -32.59
CA THR D 838 25.66 -12.06 -32.64
C THR D 838 27.19 -12.22 -32.58
N VAL D 839 27.68 -13.41 -32.27
CA VAL D 839 29.12 -13.63 -32.22
C VAL D 839 29.73 -13.56 -33.61
N LEU D 840 29.00 -14.06 -34.61
CA LEU D 840 29.49 -14.05 -35.98
C LEU D 840 29.54 -12.65 -36.56
N ASN D 841 28.73 -11.73 -36.03
CA ASN D 841 28.87 -10.32 -36.36
C ASN D 841 30.20 -9.76 -35.89
N LYS D 842 30.64 -10.14 -34.68
CA LYS D 842 31.93 -9.69 -34.18
C LYS D 842 33.07 -10.36 -34.92
N ILE D 843 32.87 -11.61 -35.35
CA ILE D 843 33.82 -12.29 -36.25
C ILE D 843 34.00 -11.50 -37.54
N ASN D 844 32.89 -11.06 -38.14
CA ASN D 844 32.97 -10.32 -39.39
C ASN D 844 33.57 -8.93 -39.20
N GLU D 845 33.28 -8.29 -38.07
CA GLU D 845 33.88 -6.99 -37.78
C GLU D 845 35.38 -7.09 -37.55
N SER D 846 35.84 -8.16 -36.92
CA SER D 846 37.27 -8.35 -36.79
C SER D 846 37.93 -8.82 -38.08
N ARG D 847 37.16 -9.45 -38.98
CA ARG D 847 37.71 -9.86 -40.26
C ARG D 847 37.86 -8.69 -41.24
N ARG D 848 36.91 -7.74 -41.22
CA ARG D 848 37.03 -6.63 -42.16
C ARG D 848 38.19 -5.70 -41.82
N ASP D 849 38.56 -5.61 -40.53
CA ASP D 849 39.67 -4.75 -40.15
C ASP D 849 41.00 -5.33 -40.63
N ALA D 850 41.07 -6.66 -40.73
CA ALA D 850 42.23 -7.29 -41.32
C ALA D 850 42.21 -7.19 -42.84
N LEU D 851 41.05 -7.42 -43.45
CA LEU D 851 40.97 -7.46 -44.91
C LEU D 851 41.16 -6.09 -45.53
N VAL D 852 40.62 -5.03 -44.92
CA VAL D 852 40.79 -3.68 -45.45
C VAL D 852 42.24 -3.22 -45.35
N ASN D 853 42.88 -3.49 -44.21
CA ASN D 853 44.28 -3.09 -44.04
C ASN D 853 45.21 -3.92 -44.92
N TYR D 854 44.90 -5.20 -45.12
CA TYR D 854 45.70 -6.01 -46.04
C TYR D 854 45.49 -5.60 -47.47
N TYR D 855 44.29 -5.15 -47.83
CA TYR D 855 44.08 -4.70 -49.20
C TYR D 855 44.72 -3.34 -49.41
N LEU D 856 44.85 -2.54 -48.35
CA LEU D 856 45.64 -1.31 -48.47
C LEU D 856 47.13 -1.61 -48.53
N ALA D 857 47.56 -2.74 -47.96
CA ALA D 857 48.97 -3.10 -48.00
C ALA D 857 49.38 -3.63 -49.37
N LYS D 858 48.57 -4.51 -49.96
CA LYS D 858 48.96 -5.20 -51.19
C LYS D 858 47.78 -5.30 -52.14
N ASN D 859 48.11 -5.55 -53.41
CA ASN D 859 47.19 -6.05 -54.44
C ASN D 859 46.04 -5.10 -54.78
N VAL D 860 46.38 -3.87 -55.17
CA VAL D 860 45.45 -2.99 -55.86
C VAL D 860 46.18 -2.63 -57.16
N SER D 861 45.56 -1.86 -58.03
CA SER D 861 46.31 -1.13 -59.05
C SER D 861 47.09 -0.03 -58.33
N GLY D 862 48.41 -0.20 -58.24
CA GLY D 862 49.25 0.68 -57.45
C GLY D 862 49.44 2.07 -58.03
N ASP D 863 49.00 2.31 -59.26
CA ASP D 863 49.15 3.63 -59.86
C ASP D 863 48.20 4.64 -59.23
N GLU D 864 47.11 4.18 -58.62
CA GLU D 864 46.22 5.07 -57.89
C GLU D 864 46.66 5.15 -56.44
N LYS D 865 46.70 6.37 -55.89
CA LYS D 865 47.12 6.58 -54.52
C LYS D 865 46.03 6.18 -53.55
N ILE D 866 46.03 4.91 -53.13
CA ILE D 866 45.05 4.38 -52.21
C ILE D 866 45.79 3.95 -50.95
N LYS D 867 45.66 4.72 -49.88
CA LYS D 867 46.45 4.49 -48.68
C LYS D 867 45.58 4.32 -47.44
N THR D 868 44.47 5.03 -47.38
CA THR D 868 43.59 5.00 -46.23
C THR D 868 42.29 4.29 -46.58
N ALA D 869 41.39 4.20 -45.60
CA ALA D 869 40.13 3.50 -45.81
C ALA D 869 39.14 4.34 -46.62
N GLU D 870 39.26 5.67 -46.59
CA GLU D 870 38.39 6.49 -47.42
C GLU D 870 38.78 6.42 -48.88
N GLN D 871 40.08 6.28 -49.16
CA GLN D 871 40.54 6.03 -50.52
C GLN D 871 39.98 4.72 -51.06
N LEU D 872 39.98 3.69 -50.22
CA LEU D 872 39.39 2.41 -50.60
C LEU D 872 37.88 2.50 -50.73
N TYR D 873 37.25 3.37 -49.94
CA TYR D 873 35.82 3.58 -50.08
C TYR D 873 35.48 4.24 -51.40
N GLN D 874 36.32 5.20 -51.83
CA GLN D 874 36.14 5.80 -53.14
C GLN D 874 36.44 4.80 -54.25
N TYR D 875 37.34 3.86 -54.01
CA TYR D 875 37.72 2.91 -55.06
C TYR D 875 36.70 1.79 -55.22
N LEU D 876 36.50 0.97 -54.18
CA LEU D 876 35.64 -0.20 -54.29
C LEU D 876 34.17 0.08 -54.07
N LEU D 877 33.78 1.34 -53.84
CA LEU D 877 32.39 1.81 -53.81
C LEU D 877 31.56 1.15 -52.71
N LEU D 878 32.19 0.62 -51.67
CA LEU D 878 31.51 -0.13 -50.63
C LEU D 878 32.03 0.29 -49.27
N ASP D 879 31.14 0.32 -48.28
CA ASP D 879 31.43 0.94 -46.99
C ASP D 879 32.40 0.06 -46.21
N THR D 880 33.68 0.43 -46.23
CA THR D 880 34.75 -0.32 -45.58
C THR D 880 34.85 -0.03 -44.08
N LYS D 881 33.89 0.69 -43.49
CA LYS D 881 33.88 0.94 -42.06
C LYS D 881 32.49 0.72 -41.48
N ILE D 882 31.65 -0.03 -42.15
CA ILE D 882 30.25 -0.19 -41.74
C ILE D 882 30.17 -1.22 -40.61
N GLY D 883 29.17 -1.04 -39.74
CA GLY D 883 28.92 -1.97 -38.66
C GLY D 883 28.14 -3.18 -39.13
N HIS D 884 27.59 -3.92 -38.18
CA HIS D 884 26.86 -5.13 -38.48
C HIS D 884 25.35 -4.95 -38.47
N GLU D 885 24.85 -3.82 -37.98
CA GLU D 885 23.42 -3.63 -37.81
C GLU D 885 22.74 -3.11 -39.06
N VAL D 886 23.49 -2.65 -40.06
CA VAL D 886 22.91 -2.06 -41.25
C VAL D 886 22.61 -3.18 -42.25
N LYS D 887 21.38 -3.21 -42.76
CA LYS D 887 20.95 -4.22 -43.71
C LYS D 887 20.50 -3.56 -45.00
N THR D 888 20.85 -4.17 -46.13
CA THR D 888 20.63 -3.57 -47.44
C THR D 888 20.50 -4.65 -48.50
N SER D 889 19.37 -4.64 -49.23
CA SER D 889 19.15 -5.56 -50.32
C SER D 889 20.19 -5.35 -51.43
N PRO D 890 20.57 -6.40 -52.16
CA PRO D 890 21.73 -6.29 -53.08
C PRO D 890 21.52 -5.36 -54.26
N ILE D 891 20.29 -5.25 -54.78
CA ILE D 891 20.04 -4.31 -55.86
C ILE D 891 20.14 -2.87 -55.34
N ALA D 892 19.72 -2.64 -54.09
CA ALA D 892 19.87 -1.32 -53.51
C ALA D 892 21.32 -0.97 -53.27
N GLU D 893 22.14 -1.96 -52.89
CA GLU D 893 23.56 -1.71 -52.70
C GLU D 893 24.27 -1.47 -54.03
N ALA D 894 23.83 -2.16 -55.10
CA ALA D 894 24.39 -1.90 -56.42
C ALA D 894 24.00 -0.50 -56.92
N ILE D 895 22.77 -0.09 -56.66
CA ILE D 895 22.33 1.27 -56.98
C ILE D 895 23.16 2.30 -56.23
N SER D 896 23.43 2.06 -54.95
CA SER D 896 24.20 3.03 -54.17
C SER D 896 25.66 3.09 -54.64
N SER D 897 26.23 1.94 -55.01
CA SER D 897 27.61 1.93 -55.51
C SER D 897 27.71 2.64 -56.85
N LEU D 898 26.75 2.44 -57.75
CA LEU D 898 26.80 3.14 -59.02
C LEU D 898 26.49 4.62 -58.88
N GLN D 899 25.68 5.01 -57.89
CA GLN D 899 25.44 6.42 -57.66
C GLN D 899 26.69 7.11 -57.11
N ILE D 900 27.44 6.43 -56.26
CA ILE D 900 28.74 6.96 -55.80
C ILE D 900 29.71 7.06 -56.97
N TYR D 901 29.69 6.08 -57.89
CA TYR D 901 30.59 6.11 -59.03
C TYR D 901 30.25 7.25 -60.00
N ILE D 902 28.97 7.47 -60.27
CA ILE D 902 28.58 8.58 -61.16
C ILE D 902 28.87 9.92 -60.50
N ASN D 903 28.62 10.04 -59.19
CA ASN D 903 28.91 11.30 -58.51
C ASN D 903 30.40 11.58 -58.43
N ARG D 904 31.24 10.55 -58.44
CA ARG D 904 32.67 10.81 -58.56
C ARG D 904 33.09 11.13 -59.98
N CYS D 905 32.45 10.52 -60.99
CA CYS D 905 32.91 10.74 -62.36
C CYS D 905 32.42 12.05 -62.94
N VAL D 906 31.27 12.55 -62.48
CA VAL D 906 30.76 13.83 -62.97
C VAL D 906 31.60 14.99 -62.43
N ASP D 907 31.99 14.92 -61.16
CA ASP D 907 32.68 16.01 -60.49
C ASP D 907 34.16 16.11 -60.84
N GLY D 908 34.64 15.41 -61.87
CA GLY D 908 36.00 15.58 -62.35
C GLY D 908 37.08 14.99 -61.48
N GLU D 909 36.73 14.16 -60.50
CA GLU D 909 37.74 13.58 -59.62
C GLU D 909 38.41 12.36 -60.22
N GLU D 910 37.94 11.87 -61.36
CA GLU D 910 38.60 10.79 -62.07
C GLU D 910 39.73 11.36 -62.91
N ASN D 911 40.92 10.80 -62.77
CA ASN D 911 42.11 11.37 -63.38
C ASN D 911 42.14 11.17 -64.90
N ASP D 912 42.15 9.91 -65.33
CA ASP D 912 42.09 9.56 -66.75
C ASP D 912 40.72 8.99 -67.04
N LEU D 913 40.00 9.60 -67.96
CA LEU D 913 38.62 9.20 -68.24
C LEU D 913 38.28 9.55 -69.68
N HIS D 914 37.11 9.11 -70.12
CA HIS D 914 36.75 9.08 -71.53
C HIS D 914 35.89 10.30 -71.85
N GLU D 915 36.43 11.22 -72.64
CA GLU D 915 35.79 12.52 -72.85
C GLU D 915 34.74 12.51 -73.95
N LYS D 916 34.92 11.72 -75.00
CA LYS D 916 34.01 11.83 -76.14
C LYS D 916 32.70 11.06 -75.96
N ASN D 917 32.51 10.39 -74.82
CA ASN D 917 31.17 10.00 -74.40
C ASN D 917 30.58 10.94 -73.36
N ILE D 918 31.42 11.59 -72.56
CA ILE D 918 30.97 12.65 -71.67
C ILE D 918 30.40 13.81 -72.48
N SER D 919 30.97 14.07 -73.66
CA SER D 919 30.40 15.03 -74.60
C SER D 919 29.02 14.61 -75.11
N THR D 920 28.69 13.32 -75.06
CA THR D 920 27.37 12.86 -75.50
C THR D 920 26.37 12.77 -74.35
N HIS D 921 26.83 12.47 -73.14
CA HIS D 921 25.92 12.31 -72.00
C HIS D 921 25.60 13.63 -71.30
N PHE D 922 26.38 14.68 -71.53
CA PHE D 922 26.08 16.00 -71.00
C PHE D 922 25.50 16.92 -72.07
N SER D 923 24.65 16.37 -72.92
CA SER D 923 23.98 17.14 -73.97
C SER D 923 22.78 17.89 -73.41
N SER D 924 21.88 18.34 -74.29
CA SER D 924 20.69 19.04 -73.85
C SER D 924 19.77 18.12 -73.04
N ASP D 925 19.42 16.96 -73.60
CA ASP D 925 18.56 16.00 -72.91
C ASP D 925 19.16 14.59 -73.01
N ASN D 926 20.03 14.26 -72.07
CA ASN D 926 20.49 12.89 -71.86
C ASN D 926 20.52 12.65 -70.36
N PHE D 927 21.18 11.56 -69.96
CA PHE D 927 21.08 11.11 -68.58
C PHE D 927 21.88 12.00 -67.63
N LEU D 928 23.12 12.31 -67.98
CA LEU D 928 23.96 13.05 -67.05
C LEU D 928 23.70 14.54 -67.03
N HIS D 929 22.90 15.06 -67.96
CA HIS D 929 22.51 16.47 -67.88
C HIS D 929 21.47 16.68 -66.80
N GLY D 930 20.47 15.79 -66.75
CA GLY D 930 19.50 15.83 -65.68
C GLY D 930 19.89 14.94 -64.52
N TRP D 931 21.20 14.86 -64.25
CA TRP D 931 21.67 14.09 -63.10
C TRP D 931 21.26 14.76 -61.79
N ASN D 932 21.74 15.98 -61.56
CA ASN D 932 21.44 16.70 -60.33
C ASN D 932 19.97 17.06 -60.22
N SER D 933 19.30 17.26 -61.36
CA SER D 933 17.87 17.56 -61.33
C SER D 933 17.05 16.32 -60.99
N TYR D 934 17.25 15.24 -61.71
CA TYR D 934 16.36 14.09 -61.54
C TYR D 934 17.06 12.81 -61.16
N ASN D 935 18.22 12.51 -61.75
CA ASN D 935 18.71 11.13 -61.78
C ASN D 935 19.60 10.78 -60.60
N LYS D 936 19.83 11.69 -59.66
CA LYS D 936 20.63 11.36 -58.47
C LYS D 936 19.92 10.41 -57.52
N ARG D 937 18.61 10.21 -57.68
CA ARG D 937 17.81 9.59 -56.66
C ARG D 937 16.77 8.72 -57.34
N TYR D 938 16.47 7.56 -56.74
CA TYR D 938 15.46 6.68 -57.33
C TYR D 938 14.07 7.29 -57.21
N ALA D 939 13.80 8.02 -56.13
CA ALA D 939 12.47 8.60 -55.93
C ALA D 939 12.18 9.69 -56.96
N ARG D 940 13.16 10.56 -57.22
CA ARG D 940 12.96 11.63 -58.19
C ARG D 940 12.91 11.10 -59.62
N TRP D 941 13.73 10.09 -59.90
CA TRP D 941 13.70 9.43 -61.21
C TRP D 941 12.37 8.74 -61.46
N ALA D 942 11.85 8.05 -60.43
CA ALA D 942 10.54 7.41 -60.54
C ALA D 942 9.43 8.43 -60.71
N GLY D 943 9.54 9.57 -60.01
CA GLY D 943 8.55 10.61 -60.17
C GLY D 943 8.53 11.22 -61.56
N LYS D 944 9.71 11.37 -62.17
CA LYS D 944 9.75 11.88 -63.53
C LYS D 944 9.26 10.85 -64.54
N GLU D 945 9.67 9.59 -64.38
CA GLU D 945 9.23 8.58 -65.34
C GLU D 945 7.76 8.21 -65.20
N LYS D 946 7.17 8.46 -64.03
CA LYS D 946 5.73 8.26 -63.88
C LYS D 946 4.93 9.50 -64.20
N LEU D 947 5.51 10.70 -64.09
CA LEU D 947 4.78 11.90 -64.48
C LEU D 947 4.65 12.00 -66.00
N MET D 948 5.59 11.44 -66.74
CA MET D 948 5.49 11.42 -68.18
C MET D 948 4.68 10.23 -68.70
N TYR D 949 4.48 9.21 -67.88
CA TYR D 949 3.68 8.06 -68.24
C TYR D 949 2.29 8.10 -67.64
N TYR D 950 2.09 8.81 -66.53
CA TYR D 950 0.77 9.11 -65.99
C TYR D 950 0.71 10.59 -65.66
N ALA D 951 0.24 11.40 -66.61
CA ALA D 951 -0.14 12.76 -66.27
C ALA D 951 -1.45 12.81 -65.50
N ALA D 952 -2.23 11.73 -65.55
CA ALA D 952 -3.54 11.70 -64.89
C ALA D 952 -3.42 11.65 -63.38
N ASP D 953 -2.38 10.99 -62.86
CA ASP D 953 -2.27 10.80 -61.42
C ASP D 953 -1.84 12.09 -60.72
N TYR D 954 -1.16 12.98 -61.44
CA TYR D 954 -0.53 14.15 -60.85
C TYR D 954 -1.20 15.45 -61.25
N ILE D 955 -2.46 15.40 -61.64
CA ILE D 955 -3.13 16.54 -62.24
C ILE D 955 -4.18 17.08 -61.27
N ASP D 956 -4.49 18.36 -61.40
CA ASP D 956 -5.47 19.01 -60.55
C ASP D 956 -6.01 20.24 -61.28
N PRO D 957 -7.26 20.64 -61.00
CA PRO D 957 -7.81 21.81 -61.72
C PRO D 957 -7.26 23.13 -61.24
N THR D 958 -6.69 23.18 -60.03
CA THR D 958 -6.21 24.44 -59.48
C THR D 958 -4.84 24.81 -60.04
N LEU D 959 -3.85 23.95 -59.81
CA LEU D 959 -2.49 24.21 -60.28
C LEU D 959 -2.42 23.86 -61.77
N ARG D 960 -2.43 24.87 -62.63
CA ARG D 960 -2.39 24.63 -64.06
C ARG D 960 -1.63 25.76 -64.73
N TYR D 961 -0.85 25.41 -65.74
CA TYR D 961 -0.21 26.40 -66.58
C TYR D 961 -1.20 26.94 -67.61
N ASN D 962 -0.96 28.18 -68.04
CA ASN D 962 -1.81 28.93 -68.99
C ASN D 962 -3.24 29.08 -68.45
N LYS D 963 -3.34 29.56 -67.22
CA LYS D 963 -4.63 29.98 -66.70
C LYS D 963 -4.93 31.40 -67.15
N THR D 964 -6.11 31.61 -67.70
CA THR D 964 -6.51 32.94 -68.13
C THR D 964 -6.85 33.80 -66.93
N GLU D 965 -6.95 35.11 -67.17
CA GLU D 965 -7.39 36.03 -66.12
C GLU D 965 -8.85 35.82 -65.78
N LEU D 966 -9.64 35.40 -66.77
CA LEU D 966 -11.04 35.07 -66.53
C LEU D 966 -11.16 33.80 -65.69
N PHE D 967 -10.19 32.90 -65.81
CA PHE D 967 -10.15 31.73 -64.94
C PHE D 967 -9.83 32.11 -63.51
N ASN D 968 -8.99 33.13 -63.32
CA ASN D 968 -8.72 33.60 -61.98
C ASN D 968 -9.92 34.35 -61.40
N THR D 969 -10.71 34.98 -62.26
CA THR D 969 -11.93 35.62 -61.78
C THR D 969 -12.97 34.56 -61.39
N PHE D 970 -13.10 33.50 -62.18
CA PHE D 970 -14.04 32.42 -61.86
C PHE D 970 -13.60 31.65 -60.62
N GLU D 971 -12.31 31.33 -60.52
CA GLU D 971 -11.79 30.42 -59.51
C GLU D 971 -11.92 31.01 -58.11
N GLN D 972 -11.85 32.33 -57.99
CA GLN D 972 -11.96 33.02 -56.72
C GLN D 972 -13.27 33.76 -56.58
N SER D 973 -14.28 33.37 -57.37
CA SER D 973 -15.66 33.76 -57.16
C SER D 973 -16.49 32.64 -56.57
N ILE D 974 -16.13 31.40 -56.84
CA ILE D 974 -16.79 30.24 -56.24
C ILE D 974 -16.06 29.78 -54.99
N ASN D 975 -15.21 30.63 -54.42
CA ASN D 975 -14.38 30.26 -53.29
C ASN D 975 -15.11 30.46 -51.96
N ASN D 976 -16.32 29.91 -51.86
CA ASN D 976 -17.13 29.99 -50.66
C ASN D 976 -16.75 28.85 -49.72
N SER D 977 -17.55 28.63 -48.68
CA SER D 977 -17.39 27.48 -47.79
C SER D 977 -18.56 26.50 -47.88
N ARG D 978 -19.78 26.95 -47.66
CA ARG D 978 -20.94 26.08 -47.84
C ARG D 978 -21.59 26.51 -49.15
N LEU D 979 -21.06 25.99 -50.26
CA LEU D 979 -21.47 26.42 -51.58
C LEU D 979 -22.90 26.03 -51.92
N THR D 980 -23.51 26.86 -52.76
CA THR D 980 -24.77 26.55 -53.42
C THR D 980 -24.52 26.55 -54.92
N GLU D 981 -25.52 26.10 -55.66
CA GLU D 981 -25.40 26.09 -57.11
C GLU D 981 -25.65 27.47 -57.71
N LYS D 982 -26.31 28.36 -56.95
CA LYS D 982 -26.54 29.72 -57.42
C LYS D 982 -25.23 30.49 -57.59
N SER D 983 -24.28 30.27 -56.68
CA SER D 983 -23.02 31.00 -56.73
C SER D 983 -22.18 30.57 -57.92
N VAL D 984 -22.13 29.26 -58.20
CA VAL D 984 -21.34 28.80 -59.34
C VAL D 984 -22.04 29.13 -60.66
N LYS D 985 -23.38 29.19 -60.67
CA LYS D 985 -24.05 29.66 -61.87
C LYS D 985 -23.85 31.15 -62.09
N SER D 986 -23.76 31.94 -61.01
CA SER D 986 -23.49 33.37 -61.18
C SER D 986 -22.07 33.62 -61.67
N ALA D 987 -21.11 32.84 -61.16
CA ALA D 987 -19.74 32.96 -61.66
C ALA D 987 -19.64 32.47 -63.10
N LEU D 988 -20.46 31.49 -63.48
CA LEU D 988 -20.49 31.03 -64.86
C LEU D 988 -21.06 32.10 -65.79
N GLN D 989 -22.11 32.79 -65.33
CA GLN D 989 -22.67 33.91 -66.09
C GLN D 989 -21.66 35.04 -66.25
N SER D 990 -20.91 35.34 -65.18
CA SER D 990 -19.89 36.37 -65.27
C SER D 990 -18.76 35.96 -66.21
N TYR D 991 -18.44 34.67 -66.26
CA TYR D 991 -17.44 34.18 -67.20
C TYR D 991 -17.90 34.35 -68.65
N LEU D 992 -19.16 33.98 -68.94
CA LEU D 992 -19.64 34.15 -70.31
C LEU D 992 -19.81 35.62 -70.70
N ILE D 993 -20.18 36.48 -69.76
CA ILE D 993 -20.29 37.90 -70.06
C ILE D 993 -18.92 38.50 -70.32
N SER D 994 -17.90 38.03 -69.61
CA SER D 994 -16.55 38.50 -69.87
C SER D 994 -15.98 37.91 -71.17
N TYR D 995 -16.40 36.69 -71.52
CA TYR D 995 -15.96 36.10 -72.78
C TYR D 995 -16.58 36.79 -73.98
N GLU D 996 -17.85 37.20 -73.86
CA GLU D 996 -18.56 37.78 -74.99
C GLU D 996 -17.97 39.10 -75.43
N LYS D 997 -17.30 39.82 -74.53
CA LYS D 997 -16.57 41.02 -74.93
C LYS D 997 -15.34 40.67 -75.76
N LEU D 998 -14.58 39.66 -75.32
CA LEU D 998 -13.38 39.25 -76.02
C LEU D 998 -13.68 38.56 -77.35
N ALA D 999 -14.88 38.02 -77.50
CA ALA D 999 -15.30 37.41 -78.76
C ALA D 999 -15.71 38.44 -79.81
N GLN D 1000 -15.59 39.73 -79.52
CA GLN D 1000 -15.95 40.79 -80.44
C GLN D 1000 -14.78 41.71 -80.78
N ILE D 1001 -13.57 41.33 -80.39
CA ILE D 1001 -12.41 42.17 -80.64
C ILE D 1001 -12.07 42.14 -82.12
N ASP D 1002 -11.85 43.31 -82.69
CA ASP D 1002 -11.73 43.50 -84.12
C ASP D 1002 -10.27 43.70 -84.46
N THR D 1003 -9.66 42.70 -85.11
CA THR D 1003 -8.23 42.74 -85.38
C THR D 1003 -7.90 43.74 -86.48
N ILE D 1004 -7.07 44.72 -86.16
CA ILE D 1004 -6.71 45.80 -87.09
C ILE D 1004 -5.31 45.61 -87.65
N LYS D 1005 -4.31 45.56 -86.79
CA LYS D 1005 -2.91 45.67 -87.21
C LYS D 1005 -2.18 44.38 -86.90
N GLU D 1006 -1.37 43.92 -87.83
CA GLU D 1006 -0.59 42.71 -87.67
C GLU D 1006 0.90 43.05 -87.67
N LEU D 1007 1.70 42.11 -87.17
CA LEU D 1007 3.16 42.28 -87.13
C LEU D 1007 3.79 40.91 -87.00
N TYR D 1008 4.60 40.51 -87.96
CA TYR D 1008 5.31 39.24 -87.91
C TYR D 1008 6.76 39.50 -87.60
N VAL D 1009 7.17 39.22 -86.37
CA VAL D 1009 8.57 39.26 -85.99
C VAL D 1009 9.25 38.01 -86.52
N GLU D 1010 10.40 38.18 -87.17
CA GLU D 1010 11.08 37.05 -87.78
C GLU D 1010 12.13 36.41 -86.89
N ASN D 1011 12.74 37.18 -86.00
CA ASN D 1011 13.73 36.60 -85.08
C ASN D 1011 13.05 35.72 -84.06
N ILE D 1012 12.21 36.31 -83.22
CA ILE D 1012 11.29 35.56 -82.38
C ILE D 1012 10.10 35.21 -83.26
N LYS D 1013 9.85 33.91 -83.45
CA LYS D 1013 8.92 33.48 -84.49
C LYS D 1013 7.47 33.72 -84.11
N THR D 1014 7.07 34.97 -83.90
CA THR D 1014 5.76 35.29 -83.36
C THR D 1014 5.02 36.29 -84.23
N HIS D 1015 3.70 36.18 -84.20
CA HIS D 1015 2.80 37.20 -84.71
C HIS D 1015 2.39 38.11 -83.55
N PHE D 1016 2.02 39.33 -83.86
CA PHE D 1016 1.43 40.24 -82.89
C PHE D 1016 0.25 40.95 -83.53
N PHE D 1017 -0.85 41.01 -82.80
CA PHE D 1017 -2.08 41.58 -83.29
C PHE D 1017 -2.49 42.75 -82.42
N LEU D 1018 -3.22 43.69 -83.02
CA LEU D 1018 -3.76 44.83 -82.32
C LEU D 1018 -5.25 44.87 -82.59
N GLY D 1019 -6.05 44.76 -81.54
CA GLY D 1019 -7.47 44.60 -81.75
C GLY D 1019 -8.34 45.61 -81.05
N LYS D 1020 -9.18 46.30 -81.81
CA LYS D 1020 -10.14 47.24 -81.26
C LYS D 1020 -11.42 46.51 -80.87
N THR D 1021 -12.13 47.03 -79.88
CA THR D 1021 -13.43 46.47 -79.55
C THR D 1021 -14.51 47.26 -80.27
N ARG D 1022 -15.76 46.79 -80.16
CA ARG D 1022 -16.87 47.39 -80.90
C ARG D 1022 -17.62 48.36 -80.00
N GLU D 1023 -16.90 49.41 -79.60
CA GLU D 1023 -17.48 50.56 -78.91
C GLU D 1023 -17.00 51.81 -79.61
N SER D 1024 -17.67 52.93 -79.35
CA SER D 1024 -17.22 54.17 -79.99
C SER D 1024 -15.97 54.74 -79.31
N PRO D 1025 -15.80 54.64 -77.98
CA PRO D 1025 -14.43 54.66 -77.45
C PRO D 1025 -13.68 53.42 -77.91
N CYS D 1026 -12.36 53.58 -78.10
CA CYS D 1026 -11.60 52.64 -78.90
C CYS D 1026 -11.33 51.32 -78.17
N GLN D 1027 -10.58 51.39 -77.06
CA GLN D 1027 -10.26 50.26 -76.18
C GLN D 1027 -9.54 49.13 -76.94
N TYR D 1028 -8.32 49.43 -77.38
CA TYR D 1028 -7.54 48.44 -78.11
C TYR D 1028 -7.01 47.35 -77.18
N TYR D 1029 -6.61 46.24 -77.80
CA TYR D 1029 -6.12 45.05 -77.11
C TYR D 1029 -4.95 44.49 -77.90
N TRP D 1030 -4.32 43.43 -77.39
CA TRP D 1030 -3.25 42.77 -78.12
C TRP D 1030 -3.19 41.29 -77.76
N ARG D 1031 -2.60 40.51 -78.66
CA ARG D 1031 -2.43 39.07 -78.47
C ARG D 1031 -1.22 38.64 -79.28
N SER D 1032 -0.87 37.36 -79.21
CA SER D 1032 0.28 36.86 -79.95
C SER D 1032 0.14 35.37 -80.23
N GLY D 1033 0.51 34.95 -81.43
CA GLY D 1033 0.70 33.55 -81.76
C GLY D 1033 2.18 33.24 -81.77
N GLU D 1034 2.56 32.18 -81.04
CA GLU D 1034 3.93 32.06 -80.54
C GLU D 1034 4.80 31.08 -81.34
N GLN D 1035 4.42 30.71 -82.56
CA GLN D 1035 5.31 29.86 -83.36
C GLN D 1035 5.10 30.18 -84.84
N LEU D 1036 5.64 29.30 -85.70
CA LEU D 1036 5.39 29.40 -87.13
C LEU D 1036 3.93 29.15 -87.45
N SER D 1037 3.42 29.91 -88.43
CA SER D 1037 2.01 29.81 -88.80
C SER D 1037 1.70 28.47 -89.48
N ASN D 1038 2.69 27.82 -90.07
CA ASN D 1038 2.49 26.55 -90.74
C ASN D 1038 3.45 25.48 -90.24
N ASP D 1039 3.88 25.59 -88.98
CA ASP D 1039 4.57 24.48 -88.33
C ASP D 1039 3.59 23.32 -88.11
N SER D 1040 2.35 23.66 -87.77
CA SER D 1040 1.23 22.74 -87.78
C SER D 1040 -0.02 23.56 -88.05
N HIS D 1041 -1.19 22.98 -87.80
CA HIS D 1041 -2.43 23.75 -87.86
C HIS D 1041 -2.55 24.73 -86.70
N HIS D 1042 -1.82 24.51 -85.61
CA HIS D 1042 -1.97 25.28 -84.38
C HIS D 1042 -0.85 26.31 -84.28
N LEU D 1043 -1.24 27.57 -84.05
CA LEU D 1043 -0.36 28.53 -83.41
C LEU D 1043 -0.54 28.43 -81.91
N ARG D 1044 0.48 28.83 -81.16
CA ARG D 1044 0.36 28.93 -79.71
C ARG D 1044 -0.16 30.32 -79.40
N TRP D 1045 -1.47 30.43 -79.19
CA TRP D 1045 -2.11 31.73 -79.12
C TRP D 1045 -1.97 32.31 -77.72
N SER D 1046 -2.65 33.43 -77.49
CA SER D 1046 -2.55 34.13 -76.22
C SER D 1046 -3.87 34.82 -75.93
N GLU D 1047 -4.04 35.18 -74.67
CA GLU D 1047 -5.20 35.91 -74.22
C GLU D 1047 -5.16 37.34 -74.76
N TRP D 1048 -6.32 37.88 -75.13
CA TRP D 1048 -6.42 39.30 -75.41
C TRP D 1048 -6.16 40.08 -74.12
N LYS D 1049 -5.10 40.88 -74.11
CA LYS D 1049 -4.78 41.73 -72.99
C LYS D 1049 -4.83 43.18 -73.43
N LYS D 1050 -5.16 44.07 -72.49
CA LYS D 1050 -5.46 45.46 -72.81
C LYS D 1050 -4.19 46.27 -72.92
N VAL D 1051 -4.08 47.04 -74.01
CA VAL D 1051 -3.04 48.06 -74.08
C VAL D 1051 -3.46 49.22 -73.20
N GLU D 1052 -2.58 49.63 -72.30
CA GLU D 1052 -3.00 50.40 -71.13
C GLU D 1052 -3.09 51.90 -71.40
N CYS D 1053 -2.07 52.50 -72.01
CA CYS D 1053 -1.85 53.93 -71.91
C CYS D 1053 -2.22 54.68 -73.18
N ASN D 1054 -3.03 55.74 -73.02
CA ASN D 1054 -3.15 56.91 -73.89
C ASN D 1054 -3.77 56.64 -75.27
N ILE D 1055 -4.07 55.40 -75.61
CA ILE D 1055 -4.84 55.14 -76.82
C ILE D 1055 -6.33 55.25 -76.61
N ASN D 1056 -6.79 55.16 -75.37
CA ASN D 1056 -8.18 54.88 -75.09
C ASN D 1056 -9.03 56.14 -74.98
N GLY D 1057 -8.45 57.31 -75.21
CA GLY D 1057 -9.24 58.52 -75.24
C GLY D 1057 -10.13 58.57 -76.47
N THR D 1058 -11.24 59.30 -76.36
CA THR D 1058 -12.17 59.46 -77.47
C THR D 1058 -11.63 60.53 -78.41
N GLU D 1059 -10.63 60.13 -79.19
CA GLU D 1059 -10.03 61.01 -80.19
C GLU D 1059 -9.98 60.27 -81.53
N GLU D 1060 -9.37 60.87 -82.53
CA GLU D 1060 -9.33 60.30 -83.87
C GLU D 1060 -7.89 60.27 -84.34
N LYS D 1061 -7.47 59.13 -84.88
CA LYS D 1061 -6.06 58.88 -85.18
C LYS D 1061 -5.85 58.87 -86.69
N PHE D 1062 -4.76 59.51 -87.13
CA PHE D 1062 -4.33 59.34 -88.51
C PHE D 1062 -3.91 57.91 -88.78
N PHE D 1063 -2.90 57.44 -88.05
CA PHE D 1063 -2.42 56.08 -88.18
C PHE D 1063 -2.20 55.49 -86.80
N ILE D 1064 -2.11 54.17 -86.76
CA ILE D 1064 -1.57 53.45 -85.62
C ILE D 1064 -0.85 52.21 -86.13
N ASN D 1065 0.45 52.13 -85.85
CA ASN D 1065 1.25 51.04 -86.40
C ASN D 1065 2.11 50.39 -85.33
N LEU D 1066 2.19 49.07 -85.39
CA LEU D 1066 3.11 48.32 -84.56
C LEU D 1066 4.50 48.34 -85.20
N SER D 1067 5.51 48.19 -84.34
CA SER D 1067 6.90 48.12 -84.81
C SER D 1067 7.72 47.43 -83.74
N TRP D 1068 8.54 46.47 -84.17
CA TRP D 1068 9.35 45.67 -83.26
C TRP D 1068 10.75 46.27 -83.22
N TYR D 1069 11.07 46.95 -82.13
CA TYR D 1069 12.32 47.69 -82.04
C TYR D 1069 12.90 47.55 -80.65
N ARG D 1070 14.22 47.36 -80.60
CA ARG D 1070 14.99 47.12 -79.36
C ARG D 1070 14.46 45.91 -78.60
N ASN D 1071 14.03 44.88 -79.35
CA ASN D 1071 13.44 43.65 -78.84
C ASN D 1071 12.20 43.92 -77.99
N ARG D 1072 11.50 44.98 -78.33
CA ARG D 1072 10.29 45.43 -77.67
C ARG D 1072 9.22 45.61 -78.74
N LEU D 1073 8.01 45.90 -78.32
CA LEU D 1073 6.93 46.17 -79.25
C LEU D 1073 6.54 47.63 -79.10
N TYR D 1074 6.99 48.47 -80.02
CA TYR D 1074 6.50 49.83 -80.02
C TYR D 1074 5.16 49.93 -80.72
N VAL D 1075 4.39 50.95 -80.34
CA VAL D 1075 3.16 51.30 -81.03
C VAL D 1075 3.05 52.82 -81.04
N ASP D 1076 2.76 53.39 -82.22
CA ASP D 1076 2.86 54.82 -82.44
C ASP D 1076 1.56 55.31 -83.07
N TRP D 1077 1.12 56.50 -82.67
CA TRP D 1077 -0.11 57.03 -83.26
C TRP D 1077 -0.13 58.55 -83.17
N LEU D 1078 -0.75 59.17 -84.17
CA LEU D 1078 -1.09 60.59 -84.15
C LEU D 1078 -2.53 60.78 -83.71
N ASN D 1079 -2.94 62.05 -83.65
CA ASN D 1079 -4.29 62.41 -83.21
C ASN D 1079 -4.79 63.55 -84.07
N LYS D 1080 -5.93 63.34 -84.74
CA LYS D 1080 -6.47 64.34 -85.66
C LYS D 1080 -7.13 65.45 -84.86
N THR D 1081 -6.31 66.42 -84.43
CA THR D 1081 -6.82 67.62 -83.78
C THR D 1081 -5.88 68.77 -84.15
N ALA D 1082 -6.45 69.94 -84.46
CA ALA D 1082 -5.76 70.95 -85.24
C ALA D 1082 -4.62 71.61 -84.46
N PHE D 1083 -4.95 72.28 -83.35
CA PHE D 1083 -4.00 73.01 -82.48
C PHE D 1083 -3.23 74.08 -83.24
N LYS D 1084 -3.97 75.11 -83.63
CA LYS D 1084 -3.35 76.34 -84.13
C LYS D 1084 -2.63 77.00 -82.97
N THR D 1085 -1.31 76.88 -82.94
CA THR D 1085 -0.52 77.47 -81.86
C THR D 1085 0.16 78.77 -82.26
N ASP D 1086 0.60 78.89 -83.51
CA ASP D 1086 1.16 80.13 -84.02
C ASP D 1086 0.09 81.17 -84.33
N GLU D 1087 -1.19 80.76 -84.31
CA GLU D 1087 -2.42 81.53 -84.52
C GLU D 1087 -2.44 82.37 -85.80
N GLY D 1088 -1.57 82.04 -86.75
CA GLY D 1088 -1.70 82.47 -88.13
C GLY D 1088 -1.64 81.26 -89.03
N LYS D 1089 -1.02 80.20 -88.53
CA LYS D 1089 -0.83 78.96 -89.27
C LYS D 1089 -2.09 78.09 -89.23
N GLY D 1090 -2.07 77.05 -90.05
CA GLY D 1090 -3.15 76.08 -90.09
C GLY D 1090 -2.60 74.67 -90.10
N LYS D 1091 -3.26 73.78 -89.34
CA LYS D 1091 -2.82 72.40 -89.08
C LYS D 1091 -1.40 72.38 -88.53
N SER D 1092 -1.17 73.21 -87.51
CA SER D 1092 0.19 73.58 -87.15
C SER D 1092 0.91 72.45 -86.41
N GLU D 1093 0.33 71.95 -85.33
CA GLU D 1093 0.94 70.87 -84.57
C GLU D 1093 -0.10 69.81 -84.22
N TYR D 1094 0.35 68.56 -84.32
CA TYR D 1094 -0.46 67.39 -83.99
C TYR D 1094 0.27 66.59 -82.93
N HIS D 1095 -0.49 65.93 -82.06
CA HIS D 1095 0.10 65.18 -80.97
C HIS D 1095 0.52 63.80 -81.43
N TYR D 1096 1.76 63.44 -81.12
CA TYR D 1096 2.33 62.15 -81.47
C TYR D 1096 2.68 61.40 -80.20
N ASN D 1097 2.57 60.07 -80.25
CA ASN D 1097 2.70 59.25 -79.06
C ASN D 1097 3.47 57.98 -79.37
N ALA D 1098 3.89 57.31 -78.30
CA ALA D 1098 4.57 56.03 -78.41
C ALA D 1098 4.36 55.26 -77.11
N ALA D 1099 4.65 53.97 -77.14
CA ALA D 1099 4.57 53.11 -75.97
C ALA D 1099 5.41 51.88 -76.25
N TYR D 1100 5.66 51.09 -75.21
CA TYR D 1100 6.31 49.80 -75.41
C TYR D 1100 5.91 48.79 -74.36
N LYS D 1101 5.49 47.63 -74.84
CA LYS D 1101 5.27 46.45 -74.00
C LYS D 1101 6.60 45.96 -73.45
N ASN D 1102 6.71 45.89 -72.12
CA ASN D 1102 7.83 45.22 -71.48
C ASN D 1102 7.58 43.73 -71.40
N ASP D 1103 8.55 43.01 -70.85
CA ASP D 1103 8.42 41.56 -70.75
C ASP D 1103 7.63 41.11 -69.52
N ASN D 1104 7.08 42.03 -68.75
CA ASN D 1104 6.05 41.74 -67.78
C ASN D 1104 4.65 41.93 -68.35
N ASN D 1105 4.55 42.08 -69.67
CA ASN D 1105 3.33 42.49 -70.39
C ASN D 1105 2.78 43.80 -69.84
N ALA D 1106 3.68 44.72 -69.49
CA ALA D 1106 3.32 46.01 -68.94
C ALA D 1106 3.75 47.10 -69.91
N TRP D 1107 2.85 48.06 -70.13
CA TRP D 1107 3.04 49.09 -71.14
C TRP D 1107 3.66 50.32 -70.51
N ASN D 1108 4.86 50.68 -70.94
CA ASN D 1108 5.47 51.94 -70.59
C ASN D 1108 5.06 52.97 -71.62
N ASP D 1109 5.73 54.12 -71.65
CA ASP D 1109 5.27 55.26 -72.45
C ASP D 1109 6.48 56.10 -72.82
N ASN D 1110 6.91 56.02 -74.08
CA ASN D 1110 8.10 56.73 -74.52
C ASN D 1110 7.86 58.22 -74.67
N ILE D 1111 6.98 58.61 -75.59
CA ILE D 1111 6.95 59.97 -76.09
C ILE D 1111 5.84 60.80 -75.46
N SER D 1112 4.59 60.31 -75.49
CA SER D 1112 3.51 60.83 -74.67
C SER D 1112 3.18 62.30 -74.90
N ASN D 1113 2.45 62.59 -75.99
CA ASN D 1113 1.73 63.85 -76.20
C ASN D 1113 2.68 64.99 -76.57
N MET D 1114 3.57 64.70 -77.52
CA MET D 1114 4.49 65.67 -78.11
C MET D 1114 3.93 66.21 -79.42
N LYS D 1115 4.10 67.52 -79.63
CA LYS D 1115 3.48 68.21 -80.75
C LYS D 1115 4.40 68.19 -81.97
N ILE D 1116 3.87 67.69 -83.09
CA ILE D 1116 4.62 67.56 -84.35
C ILE D 1116 3.70 68.00 -85.48
N GLY D 1117 4.20 68.84 -86.38
CA GLY D 1117 3.46 69.16 -87.58
C GLY D 1117 3.48 68.03 -88.59
N LEU D 1118 2.47 68.00 -89.46
CA LEU D 1118 2.34 66.91 -90.42
C LEU D 1118 3.41 67.00 -91.51
N PRO D 1119 4.00 65.87 -91.88
CA PRO D 1119 4.94 65.86 -93.02
C PRO D 1119 4.24 66.13 -94.34
N TRP D 1120 3.11 65.44 -94.56
CA TRP D 1120 2.31 65.68 -95.75
C TRP D 1120 1.36 66.84 -95.50
N GLU D 1121 1.12 67.64 -96.54
CA GLU D 1121 0.38 68.89 -96.34
C GLU D 1121 -1.12 68.63 -96.24
N GLN D 1122 -1.74 68.16 -97.33
CA GLN D 1122 -3.16 67.77 -97.30
C GLN D 1122 -3.39 66.78 -98.44
N SER D 1123 -3.35 65.49 -98.11
CA SER D 1123 -3.73 64.39 -98.98
C SER D 1123 -3.81 63.14 -98.13
N LYS D 1124 -4.83 62.31 -98.39
CA LYS D 1124 -5.03 61.11 -97.57
C LYS D 1124 -3.99 60.05 -97.87
N ASP D 1125 -3.45 60.02 -99.08
CA ASP D 1125 -2.47 59.02 -99.48
C ASP D 1125 -1.27 59.71 -100.09
N ILE D 1126 -0.07 59.36 -99.61
CA ILE D 1126 1.17 59.81 -100.22
C ILE D 1126 1.98 58.59 -100.60
N ASP D 1127 3.18 58.81 -101.16
CA ASP D 1127 3.97 57.70 -101.66
C ASP D 1127 4.75 57.01 -100.53
N GLU D 1128 5.64 57.74 -99.88
CA GLU D 1128 6.58 57.17 -98.93
C GLU D 1128 6.62 58.03 -97.68
N ILE D 1129 6.64 57.38 -96.52
CA ILE D 1129 6.69 58.10 -95.25
C ILE D 1129 7.40 57.26 -94.18
N PRO D 1130 8.72 57.37 -94.05
CA PRO D 1130 9.39 56.79 -92.88
C PRO D 1130 9.62 57.82 -91.80
N PRO D 1131 9.41 57.45 -90.54
CA PRO D 1131 9.84 58.32 -89.43
C PRO D 1131 11.23 57.96 -88.94
N ILE D 1132 11.93 58.98 -88.41
CA ILE D 1132 13.29 58.81 -87.90
C ILE D 1132 13.30 57.83 -86.73
N PHE D 1133 12.24 57.80 -85.93
CA PHE D 1133 11.85 56.71 -85.05
C PHE D 1133 12.79 56.57 -83.84
N ILE D 1134 13.83 57.38 -83.75
CA ILE D 1134 14.56 57.63 -82.51
C ILE D 1134 14.41 59.12 -82.24
N ASN D 1135 13.33 59.49 -81.55
CA ASN D 1135 13.09 60.81 -80.95
C ASN D 1135 13.01 61.99 -81.93
N GLN D 1136 13.10 61.75 -83.24
CA GLN D 1136 13.13 62.84 -84.22
C GLN D 1136 12.16 62.55 -85.37
N ASP D 1137 12.11 63.47 -86.34
CA ASP D 1137 10.99 63.56 -87.29
C ASP D 1137 11.52 63.94 -88.68
N ASN D 1138 11.27 63.09 -89.67
CA ASN D 1138 11.45 63.42 -91.10
C ASN D 1138 10.58 62.50 -91.94
N VAL D 1139 10.84 62.51 -93.25
CA VAL D 1139 10.25 61.58 -94.20
C VAL D 1139 11.34 60.65 -94.70
N GLY D 1240 24.42 54.87 -89.91
CA GLY D 1240 24.48 56.28 -89.56
C GLY D 1240 24.01 56.55 -88.14
N GLY D 1241 23.24 55.63 -87.59
CA GLY D 1241 22.73 55.77 -86.25
C GLY D 1241 21.25 56.09 -86.17
N ASN D 1242 20.44 55.49 -87.04
CA ASN D 1242 19.00 55.66 -87.02
C ASN D 1242 18.33 54.48 -87.70
N SER D 1243 17.01 54.40 -87.56
CA SER D 1243 16.21 53.38 -88.22
C SER D 1243 14.99 54.05 -88.83
N PHE D 1244 14.23 53.29 -89.61
CA PHE D 1244 13.07 53.82 -90.30
C PHE D 1244 12.00 52.74 -90.43
N ASN D 1245 10.75 53.16 -90.46
CA ASN D 1245 9.60 52.28 -90.62
C ASN D 1245 8.80 52.68 -91.86
N ARG D 1246 7.64 52.08 -92.02
CA ARG D 1246 6.65 52.53 -92.99
C ARG D 1246 5.31 52.64 -92.29
N ILE D 1247 4.60 53.73 -92.56
CA ILE D 1247 3.42 54.08 -91.76
C ILE D 1247 2.25 53.17 -92.08
N THR D 1248 1.97 52.95 -93.37
CA THR D 1248 0.89 52.11 -93.89
C THR D 1248 -0.47 52.57 -93.36
N PHE D 1249 -0.86 53.76 -93.84
CA PHE D 1249 -2.11 54.39 -93.44
C PHE D 1249 -3.32 53.53 -93.78
N ASP D 1250 -4.38 53.74 -92.98
CA ASP D 1250 -5.77 53.39 -93.32
C ASP D 1250 -5.96 51.89 -93.54
N THR D 1251 -5.44 51.10 -92.61
CA THR D 1251 -5.67 49.67 -92.70
C THR D 1251 -7.07 49.33 -92.15
N ASN D 1252 -7.47 48.08 -92.33
CA ASN D 1252 -8.84 47.66 -92.07
C ASN D 1252 -8.84 46.36 -91.31
N ILE D 1253 -10.02 45.72 -91.27
CA ILE D 1253 -10.24 44.50 -90.50
C ILE D 1253 -9.51 43.34 -91.15
N ILE D 1254 -8.71 42.63 -90.36
CA ILE D 1254 -8.09 41.39 -90.81
C ILE D 1254 -8.99 40.24 -90.38
N HIS D 1255 -9.56 39.53 -91.36
CA HIS D 1255 -10.46 38.43 -91.05
C HIS D 1255 -9.69 37.14 -90.82
N GLU D 1256 -8.78 36.79 -91.72
CA GLU D 1256 -8.01 35.56 -91.62
C GLU D 1256 -6.53 35.84 -91.79
N LEU D 1257 -5.72 35.08 -91.09
CA LEU D 1257 -4.28 35.12 -91.26
C LEU D 1257 -3.92 34.44 -92.59
N ASP D 1258 -2.69 34.67 -93.04
CA ASP D 1258 -2.21 34.12 -94.30
C ASP D 1258 -2.06 32.61 -94.20
N GLY D 1259 -2.73 31.88 -95.08
CA GLY D 1259 -2.58 30.43 -95.16
C GLY D 1259 -3.49 29.63 -94.26
N ASP D 1260 -4.80 29.86 -94.38
CA ASP D 1260 -5.87 29.08 -93.74
C ASP D 1260 -5.75 29.10 -92.21
N ILE D 1261 -5.69 30.30 -91.66
CA ILE D 1261 -5.81 30.51 -90.22
C ILE D 1261 -6.81 31.63 -90.01
N SER D 1262 -7.92 31.30 -89.34
CA SER D 1262 -8.98 32.28 -89.10
C SER D 1262 -8.77 32.93 -87.75
N LEU D 1263 -8.85 34.25 -87.71
CA LEU D 1263 -8.75 35.01 -86.48
C LEU D 1263 -10.09 35.18 -85.79
N LEU D 1264 -11.18 34.73 -86.41
CA LEU D 1264 -12.54 34.94 -85.93
C LEU D 1264 -12.95 33.82 -84.96
N PRO D 1265 -13.78 34.13 -83.98
CA PRO D 1265 -14.34 33.08 -83.13
C PRO D 1265 -15.59 32.52 -83.76
N PRO D 1266 -16.12 31.41 -83.24
CA PRO D 1266 -17.51 31.07 -83.54
C PRO D 1266 -18.46 32.02 -82.83
N ASP D 1267 -19.72 31.98 -83.27
CA ASP D 1267 -20.69 32.98 -82.84
C ASP D 1267 -21.05 32.81 -81.37
N SER D 1268 -20.93 33.90 -80.62
CA SER D 1268 -21.17 33.89 -79.18
C SER D 1268 -22.63 34.14 -78.83
N LEU D 1269 -23.47 34.42 -79.81
CA LEU D 1269 -24.90 34.61 -79.54
C LEU D 1269 -25.64 33.36 -79.05
N PRO D 1270 -25.46 32.14 -79.59
CA PRO D 1270 -26.19 31.00 -79.02
C PRO D 1270 -25.74 30.61 -77.63
N LEU D 1271 -24.50 30.90 -77.25
CA LEU D 1271 -24.07 30.66 -75.87
C LEU D 1271 -24.81 31.59 -74.91
N VAL D 1272 -25.11 32.81 -75.35
CA VAL D 1272 -25.89 33.72 -74.53
C VAL D 1272 -27.37 33.33 -74.56
N GLU D 1273 -27.84 32.74 -75.67
CA GLU D 1273 -29.18 32.16 -75.72
C GLU D 1273 -29.34 31.05 -74.69
N LYS D 1274 -28.30 30.25 -74.51
CA LYS D 1274 -28.38 29.10 -73.63
C LYS D 1274 -27.91 29.39 -72.21
N LEU D 1275 -27.31 30.55 -71.95
CA LEU D 1275 -27.14 31.00 -70.58
C LEU D 1275 -28.48 31.23 -69.90
N GLN D 1276 -29.46 31.74 -70.66
CA GLN D 1276 -30.75 32.10 -70.10
C GLN D 1276 -31.64 30.90 -69.86
N THR D 1277 -31.32 29.76 -70.45
CA THR D 1277 -31.90 28.49 -70.07
C THR D 1277 -31.00 27.86 -69.00
N SER D 1278 -31.18 26.57 -68.72
CA SER D 1278 -30.38 25.91 -67.71
C SER D 1278 -28.93 25.73 -68.18
N VAL D 1279 -28.07 25.37 -67.24
CA VAL D 1279 -26.68 25.07 -67.55
C VAL D 1279 -26.59 23.76 -68.33
N ASP D 1280 -27.51 22.83 -68.07
CA ASP D 1280 -27.51 21.52 -68.72
C ASP D 1280 -27.81 21.63 -70.20
N GLU D 1281 -28.57 22.66 -70.61
CA GLU D 1281 -28.80 22.89 -72.03
C GLU D 1281 -27.68 23.69 -72.68
N LEU D 1282 -26.65 24.07 -71.91
CA LEU D 1282 -25.48 24.76 -72.45
C LEU D 1282 -24.26 23.84 -72.50
N LEU D 1283 -23.91 23.22 -71.37
CA LEU D 1283 -22.77 22.31 -71.30
C LEU D 1283 -23.21 20.91 -71.71
N SER D 1284 -23.59 20.80 -72.99
CA SER D 1284 -24.01 19.53 -73.56
C SER D 1284 -23.32 19.33 -74.90
N TYR D 1285 -23.34 18.08 -75.36
CA TYR D 1285 -22.62 17.72 -76.58
C TYR D 1285 -23.31 18.28 -77.82
N SER D 1286 -24.64 18.44 -77.77
CA SER D 1286 -25.38 18.95 -78.92
C SER D 1286 -25.08 20.42 -79.16
N THR D 1287 -24.68 21.15 -78.12
CA THR D 1287 -24.27 22.53 -78.30
C THR D 1287 -22.79 22.61 -78.67
N GLN D 1288 -22.03 21.58 -78.37
CA GLN D 1288 -20.63 21.53 -78.77
C GLN D 1288 -20.45 20.96 -80.16
N LYS D 1289 -21.50 20.45 -80.81
CA LYS D 1289 -21.35 19.95 -82.17
C LYS D 1289 -21.38 21.05 -83.21
N ASP D 1290 -22.53 21.70 -83.36
CA ASP D 1290 -22.75 22.56 -84.53
C ASP D 1290 -22.30 23.99 -84.27
N LYS D 1291 -22.42 24.44 -83.02
CA LYS D 1291 -22.14 25.83 -82.69
C LYS D 1291 -20.66 26.08 -82.48
N ILE D 1292 -19.89 25.05 -82.18
CA ILE D 1292 -18.44 25.12 -81.99
C ILE D 1292 -17.83 23.93 -82.72
N GLY D 1293 -16.86 24.20 -83.58
CA GLY D 1293 -16.29 23.13 -84.38
C GLY D 1293 -15.36 22.23 -83.60
N LEU D 1294 -14.87 21.20 -84.31
CA LEU D 1294 -13.77 20.39 -83.80
C LEU D 1294 -12.45 21.12 -83.94
N ASP D 1295 -12.17 21.63 -85.14
CA ASP D 1295 -10.97 22.41 -85.36
C ASP D 1295 -11.12 23.82 -84.81
N ALA D 1296 -12.36 24.28 -84.65
CA ALA D 1296 -12.60 25.57 -84.00
C ALA D 1296 -12.53 25.46 -82.49
N PHE D 1297 -12.47 24.24 -81.94
CA PHE D 1297 -12.32 24.09 -80.51
C PHE D 1297 -10.87 24.36 -80.12
N SER D 1298 -9.95 24.09 -81.01
CA SER D 1298 -8.59 24.58 -80.95
C SER D 1298 -8.50 25.84 -81.81
N GLY D 1299 -7.29 26.35 -81.99
CA GLY D 1299 -7.15 27.55 -82.79
C GLY D 1299 -7.08 28.82 -81.95
N SER D 1300 -7.57 29.92 -82.50
CA SER D 1300 -7.26 31.24 -81.94
C SER D 1300 -7.93 31.47 -80.60
N TYR D 1301 -9.22 31.15 -80.49
CA TYR D 1301 -9.95 31.31 -79.24
C TYR D 1301 -10.11 30.00 -78.49
N GLY D 1302 -9.16 29.06 -78.67
CA GLY D 1302 -9.36 27.71 -78.17
C GLY D 1302 -9.17 27.56 -76.68
N ILE D 1303 -8.38 28.44 -76.06
CA ILE D 1303 -8.12 28.33 -74.62
C ILE D 1303 -9.40 28.55 -73.84
N TYR D 1304 -10.23 29.49 -74.31
CA TYR D 1304 -11.51 29.77 -73.67
C TYR D 1304 -12.45 28.58 -73.78
N PHE D 1305 -12.40 27.84 -74.88
CA PHE D 1305 -13.35 26.73 -75.01
C PHE D 1305 -12.90 25.49 -74.26
N TRP D 1306 -11.60 25.18 -74.30
CA TRP D 1306 -11.04 24.13 -73.45
C TRP D 1306 -11.38 24.40 -71.98
N GLU D 1307 -11.10 25.62 -71.53
CA GLU D 1307 -11.41 26.03 -70.17
C GLU D 1307 -12.90 25.95 -69.87
N PHE D 1308 -13.73 26.57 -70.71
CA PHE D 1308 -15.14 26.75 -70.41
C PHE D 1308 -15.95 25.46 -70.48
N PHE D 1309 -15.60 24.54 -71.37
CA PHE D 1309 -16.33 23.29 -71.43
C PHE D 1309 -15.61 22.14 -70.76
N PHE D 1310 -14.41 22.35 -70.23
CA PHE D 1310 -13.80 21.22 -69.57
C PHE D 1310 -13.27 21.50 -68.17
N HIS D 1311 -12.65 22.66 -67.92
CA HIS D 1311 -12.03 22.94 -66.64
C HIS D 1311 -12.99 23.62 -65.67
N ILE D 1312 -14.09 24.17 -66.17
CA ILE D 1312 -15.12 24.73 -65.30
C ILE D 1312 -15.89 23.63 -64.57
N PRO D 1313 -16.30 22.50 -65.19
CA PRO D 1313 -16.80 21.39 -64.34
C PRO D 1313 -15.74 20.77 -63.45
N PHE D 1314 -14.47 20.72 -63.88
CA PHE D 1314 -13.36 20.33 -63.00
C PHE D 1314 -13.31 21.13 -61.71
N LEU D 1315 -13.09 22.43 -61.83
CA LEU D 1315 -12.90 23.23 -60.63
C LEU D 1315 -14.22 23.57 -59.96
N ALA D 1316 -15.35 23.26 -60.59
CA ALA D 1316 -16.60 23.25 -59.84
C ALA D 1316 -16.70 22.01 -58.95
N SER D 1317 -16.50 20.83 -59.54
CA SER D 1317 -16.72 19.58 -58.80
C SER D 1317 -15.66 19.34 -57.74
N MET D 1318 -14.40 19.72 -58.01
CA MET D 1318 -13.38 19.54 -57.00
C MET D 1318 -13.54 20.54 -55.87
N ARG D 1319 -14.11 21.71 -56.14
CA ARG D 1319 -14.41 22.66 -55.08
C ARG D 1319 -15.58 22.18 -54.24
N PHE D 1320 -16.59 21.56 -54.85
CA PHE D 1320 -17.65 20.93 -54.06
C PHE D 1320 -17.14 19.75 -53.25
N LEU D 1321 -16.17 18.99 -53.79
CA LEU D 1321 -15.55 17.91 -53.01
C LEU D 1321 -14.77 18.44 -51.82
N ASN D 1322 -13.99 19.51 -52.03
CA ASN D 1322 -13.21 20.09 -50.95
C ASN D 1322 -14.08 20.73 -49.88
N GLU D 1323 -15.29 21.16 -50.22
CA GLU D 1323 -16.20 21.72 -49.25
C GLU D 1323 -17.28 20.73 -48.82
N GLN D 1324 -17.20 19.48 -49.28
CA GLN D 1324 -17.99 18.34 -48.80
C GLN D 1324 -19.48 18.53 -49.04
N ARG D 1325 -19.82 18.82 -50.30
CA ARG D 1325 -21.19 18.79 -50.81
C ARG D 1325 -21.19 17.74 -51.91
N PHE D 1326 -21.34 16.48 -51.53
CA PHE D 1326 -21.04 15.37 -52.42
C PHE D 1326 -22.16 15.14 -53.44
N ASP D 1327 -23.42 15.33 -53.03
CA ASP D 1327 -24.54 15.12 -53.93
C ASP D 1327 -24.59 16.17 -55.03
N LEU D 1328 -23.92 17.31 -54.83
CA LEU D 1328 -23.79 18.31 -55.87
C LEU D 1328 -22.42 18.27 -56.52
N ALA D 1329 -21.44 17.64 -55.88
CA ALA D 1329 -20.17 17.37 -56.53
C ALA D 1329 -20.33 16.32 -57.63
N GLN D 1330 -21.24 15.37 -57.45
CA GLN D 1330 -21.47 14.37 -58.48
C GLN D 1330 -22.18 14.96 -59.69
N HIS D 1331 -23.03 15.97 -59.45
CA HIS D 1331 -23.84 16.56 -60.51
C HIS D 1331 -22.98 17.32 -61.52
N TRP D 1332 -21.86 17.88 -61.09
CA TRP D 1332 -21.01 18.65 -62.01
C TRP D 1332 -19.96 17.79 -62.69
N LEU D 1333 -19.72 16.58 -62.22
CA LEU D 1333 -19.01 15.61 -63.06
C LEU D 1333 -19.94 14.90 -64.02
N LYS D 1334 -21.25 15.06 -63.88
CA LYS D 1334 -22.15 14.57 -64.92
C LYS D 1334 -22.10 15.42 -66.19
N TYR D 1335 -21.44 16.58 -66.15
CA TYR D 1335 -21.20 17.36 -67.35
C TYR D 1335 -19.90 16.97 -68.05
N LEU D 1336 -19.13 16.05 -67.47
CA LEU D 1336 -17.95 15.49 -68.13
C LEU D 1336 -18.10 14.00 -68.42
N LEU D 1337 -18.41 13.19 -67.41
CA LEU D 1337 -18.57 11.75 -67.56
C LEU D 1337 -19.83 11.30 -66.86
N ASN D 1338 -20.78 10.78 -67.63
CA ASN D 1338 -21.96 10.13 -67.07
C ASN D 1338 -22.02 8.73 -67.65
N SER D 1339 -22.33 7.76 -66.80
CA SER D 1339 -22.36 6.36 -67.20
C SER D 1339 -23.77 6.02 -67.66
N ALA D 1340 -23.98 6.16 -68.97
CA ALA D 1340 -25.25 5.93 -69.66
C ALA D 1340 -26.37 6.79 -69.07
N GLY D 1341 -26.18 8.10 -69.19
CA GLY D 1341 -27.12 9.00 -68.55
C GLY D 1341 -27.49 10.26 -69.30
N TYR D 1342 -26.96 10.46 -70.51
CA TYR D 1342 -27.33 11.65 -71.28
C TYR D 1342 -28.60 11.33 -72.05
N ARG D 1343 -29.69 12.01 -71.71
CA ARG D 1343 -31.00 11.59 -72.18
C ARG D 1343 -31.82 12.71 -72.80
N ASP D 1344 -31.63 13.95 -72.32
CA ASP D 1344 -32.37 15.14 -72.75
C ASP D 1344 -33.88 14.98 -72.59
N ARG D 1345 -34.31 14.59 -71.40
CA ARG D 1345 -35.64 14.75 -70.82
C ARG D 1345 -36.76 13.93 -71.45
N ASN D 1346 -36.53 13.21 -72.56
CA ASN D 1346 -37.53 12.28 -73.10
C ASN D 1346 -36.83 11.04 -73.63
N GLY D 1347 -36.60 10.06 -72.74
CA GLY D 1347 -35.90 8.82 -73.07
C GLY D 1347 -34.57 9.05 -73.74
N ASN D 1348 -34.31 8.34 -74.86
CA ASN D 1348 -33.38 8.80 -75.89
C ASN D 1348 -31.93 9.00 -75.44
N LEU D 1349 -31.18 7.91 -75.29
CA LEU D 1349 -29.81 7.92 -74.77
C LEU D 1349 -28.76 8.75 -75.53
N LEU D 1350 -29.18 9.45 -76.60
CA LEU D 1350 -28.35 10.44 -77.32
C LEU D 1350 -27.12 9.80 -77.95
N LYS D 1351 -27.36 8.86 -78.86
CA LYS D 1351 -26.25 8.16 -79.48
C LYS D 1351 -25.73 8.94 -80.68
N GLU D 1352 -24.51 8.58 -81.10
CA GLU D 1352 -23.99 9.05 -82.37
C GLU D 1352 -24.51 8.17 -83.51
N GLY D 1353 -24.10 6.90 -83.50
CA GLY D 1353 -24.74 5.87 -84.29
C GLY D 1353 -25.38 4.89 -83.34
N ASP D 1354 -24.72 3.75 -83.12
CA ASP D 1354 -25.06 2.87 -82.02
C ASP D 1354 -24.25 3.16 -80.76
N ASN D 1355 -23.29 4.08 -80.84
CA ASN D 1355 -22.42 4.41 -79.72
C ASN D 1355 -23.20 5.26 -78.73
N ILE D 1356 -23.54 4.68 -77.59
CA ILE D 1356 -24.15 5.44 -76.50
C ILE D 1356 -23.12 6.40 -75.94
N LEU D 1357 -23.51 7.67 -75.81
CA LEU D 1357 -22.57 8.72 -75.49
C LEU D 1357 -22.31 8.79 -73.99
N TYR D 1358 -21.04 8.69 -73.60
CA TYR D 1358 -20.67 8.76 -72.20
C TYR D 1358 -19.90 10.04 -71.85
N TRP D 1359 -19.13 10.57 -72.78
CA TRP D 1359 -18.31 11.76 -72.54
C TRP D 1359 -18.99 12.96 -73.16
N ASN D 1360 -19.34 13.94 -72.32
CA ASN D 1360 -20.05 15.11 -72.82
C ASN D 1360 -19.10 16.10 -73.48
N SER D 1361 -17.85 16.17 -73.02
CA SER D 1361 -16.89 17.10 -73.58
C SER D 1361 -16.48 16.67 -74.98
N LEU D 1362 -16.11 17.65 -75.80
CA LEU D 1362 -15.88 17.41 -77.22
C LEU D 1362 -14.50 16.82 -77.56
N PRO D 1363 -13.36 17.26 -77.02
CA PRO D 1363 -12.10 16.58 -77.37
C PRO D 1363 -11.94 15.23 -76.73
N LEU D 1364 -12.69 14.94 -75.67
CA LEU D 1364 -12.67 13.62 -75.07
C LEU D 1364 -13.46 12.61 -75.87
N GLN D 1365 -14.28 13.08 -76.81
CA GLN D 1365 -15.13 12.18 -77.58
C GLN D 1365 -14.33 11.40 -78.61
N GLN D 1366 -13.34 12.03 -79.24
CA GLN D 1366 -12.57 11.39 -80.29
C GLN D 1366 -11.19 10.98 -79.77
N ASP D 1367 -10.48 10.23 -80.60
CA ASP D 1367 -9.12 9.79 -80.33
C ASP D 1367 -8.23 10.46 -81.36
N THR D 1368 -7.48 11.48 -80.93
CA THR D 1368 -6.71 12.30 -81.85
C THR D 1368 -5.21 12.10 -81.65
N ASP D 1369 -4.46 12.40 -82.71
CA ASP D 1369 -3.01 12.29 -82.73
C ASP D 1369 -2.40 13.69 -82.67
N TRP D 1370 -1.36 13.84 -81.85
CA TRP D 1370 -0.62 15.08 -81.75
C TRP D 1370 0.72 14.91 -82.44
N ASP D 1371 1.22 16.01 -83.02
CA ASP D 1371 2.39 15.95 -83.89
C ASP D 1371 3.44 17.01 -83.57
N LYS D 1372 3.15 17.96 -82.70
CA LYS D 1372 4.06 19.08 -82.49
C LYS D 1372 5.05 18.85 -81.34
N ASN D 1373 4.58 18.30 -80.23
CA ASN D 1373 5.23 18.46 -78.93
C ASN D 1373 6.51 17.66 -78.82
N THR D 1374 7.59 18.21 -79.37
CA THR D 1374 8.93 17.67 -79.27
C THR D 1374 9.61 18.27 -78.04
N LEU D 1375 10.43 17.44 -77.37
CA LEU D 1375 11.22 17.80 -76.19
C LEU D 1375 10.32 18.25 -75.04
N THR D 1376 9.55 17.30 -74.53
CA THR D 1376 8.84 17.46 -73.27
C THR D 1376 9.76 17.29 -72.07
N LEU D 1377 10.98 16.80 -72.27
CA LEU D 1377 11.99 16.62 -71.23
C LEU D 1377 12.38 17.90 -70.48
N PRO D 1378 12.32 19.12 -71.08
CA PRO D 1378 12.33 20.32 -70.21
C PRO D 1378 11.00 20.64 -69.54
N THR D 1379 9.87 20.36 -70.20
CA THR D 1379 8.56 20.79 -69.70
C THR D 1379 8.01 19.72 -68.76
N ASP D 1380 8.15 19.94 -67.46
CA ASP D 1380 7.69 18.99 -66.46
C ASP D 1380 6.21 19.17 -66.11
N ASP D 1381 5.46 19.89 -66.95
CA ASP D 1381 4.04 20.10 -66.71
C ASP D 1381 3.26 18.85 -67.09
N PRO D 1382 2.43 18.31 -66.19
CA PRO D 1382 1.52 17.23 -66.60
C PRO D 1382 0.37 17.72 -67.47
N ASP D 1383 0.05 19.02 -67.43
CA ASP D 1383 -1.09 19.52 -68.20
C ASP D 1383 -0.76 19.62 -69.69
N VAL D 1384 0.48 19.90 -70.04
CA VAL D 1384 0.90 19.89 -71.44
C VAL D 1384 0.87 18.46 -71.98
N ILE D 1385 1.26 17.50 -71.15
CA ILE D 1385 1.20 16.08 -71.53
C ILE D 1385 -0.25 15.64 -71.69
N ALA D 1386 -1.13 16.14 -70.83
CA ALA D 1386 -2.55 15.77 -70.93
C ALA D 1386 -3.23 16.46 -72.11
N MET D 1387 -2.76 17.64 -72.51
CA MET D 1387 -3.27 18.28 -73.72
C MET D 1387 -2.64 17.71 -74.98
N GLN D 1388 -1.55 16.95 -74.86
CA GLN D 1388 -1.01 16.25 -76.02
C GLN D 1388 -1.94 15.13 -76.46
N ASP D 1389 -2.27 14.22 -75.54
CA ASP D 1389 -3.27 13.18 -75.78
C ASP D 1389 -4.36 13.23 -74.73
N PRO D 1390 -5.63 13.32 -75.12
CA PRO D 1390 -6.71 13.49 -74.13
C PRO D 1390 -7.06 12.26 -73.32
N MET D 1391 -6.33 11.15 -73.46
CA MET D 1391 -6.60 9.99 -72.61
C MET D 1391 -6.17 10.21 -71.17
N GLN D 1392 -5.25 11.15 -70.94
CA GLN D 1392 -4.86 11.47 -69.57
C GLN D 1392 -5.98 12.16 -68.82
N TYR D 1393 -6.64 13.14 -69.45
CA TYR D 1393 -7.81 13.75 -68.84
C TYR D 1393 -8.95 12.76 -68.70
N LYS D 1394 -9.07 11.87 -69.67
CA LYS D 1394 -10.09 10.83 -69.64
C LYS D 1394 -9.87 9.86 -68.48
N LEU D 1395 -8.62 9.61 -68.12
CA LEU D 1395 -8.34 8.79 -66.95
C LEU D 1395 -8.51 9.57 -65.65
N ALA D 1396 -8.23 10.89 -65.70
CA ALA D 1396 -8.35 11.72 -64.50
C ALA D 1396 -9.81 11.88 -64.08
N ILE D 1397 -10.72 12.05 -65.03
CA ILE D 1397 -12.14 12.18 -64.69
C ILE D 1397 -12.69 10.87 -64.14
N PHE D 1398 -12.22 9.74 -64.67
CA PHE D 1398 -12.62 8.43 -64.18
C PHE D 1398 -12.16 8.20 -62.75
N MET D 1399 -10.92 8.61 -62.44
CA MET D 1399 -10.43 8.46 -61.08
C MET D 1399 -11.11 9.43 -60.11
N ARG D 1400 -11.49 10.62 -60.56
CA ARG D 1400 -12.24 11.52 -59.69
C ARG D 1400 -13.65 11.01 -59.45
N THR D 1401 -14.26 10.36 -60.44
CA THR D 1401 -15.56 9.73 -60.25
C THR D 1401 -15.50 8.62 -59.20
N LEU D 1402 -14.44 7.80 -59.25
CA LEU D 1402 -14.29 6.74 -58.26
C LEU D 1402 -14.00 7.29 -56.88
N ASP D 1403 -13.16 8.33 -56.79
CA ASP D 1403 -12.89 9.01 -55.52
C ASP D 1403 -14.16 9.60 -54.92
N LEU D 1404 -15.02 10.15 -55.78
CA LEU D 1404 -16.22 10.80 -55.30
C LEU D 1404 -17.24 9.77 -54.81
N ILE D 1405 -17.32 8.62 -55.48
CA ILE D 1405 -18.27 7.59 -55.06
C ILE D 1405 -17.82 6.94 -53.76
N ILE D 1406 -16.52 6.66 -53.62
CA ILE D 1406 -16.08 6.11 -52.34
C ILE D 1406 -16.09 7.16 -51.24
N SER D 1407 -16.03 8.45 -51.59
CA SER D 1407 -16.19 9.49 -50.57
C SER D 1407 -17.63 9.60 -50.10
N GLN D 1408 -18.60 9.38 -51.01
CA GLN D 1408 -19.99 9.33 -50.59
C GLN D 1408 -20.26 8.10 -49.74
N GLY D 1409 -19.58 6.98 -50.05
CA GLY D 1409 -19.70 5.81 -49.20
C GLY D 1409 -19.12 6.03 -47.80
N ASP D 1410 -17.97 6.70 -47.72
CA ASP D 1410 -17.39 7.02 -46.43
C ASP D 1410 -18.22 8.04 -45.67
N GLN D 1411 -18.89 8.95 -46.37
CA GLN D 1411 -19.77 9.90 -45.71
C GLN D 1411 -20.98 9.21 -45.10
N ALA D 1412 -21.48 8.17 -45.76
CA ALA D 1412 -22.56 7.36 -45.20
C ALA D 1412 -22.05 6.26 -44.28
N TYR D 1413 -20.76 6.22 -43.96
CA TYR D 1413 -20.23 5.23 -43.06
C TYR D 1413 -19.83 5.80 -41.71
N ARG D 1414 -19.60 7.11 -41.61
CA ARG D 1414 -19.17 7.72 -40.35
C ARG D 1414 -20.31 7.98 -39.39
N GLN D 1415 -21.56 7.71 -39.78
CA GLN D 1415 -22.69 7.95 -38.91
C GLN D 1415 -23.11 6.71 -38.13
N LEU D 1416 -22.69 5.53 -38.59
CA LEU D 1416 -22.71 4.26 -37.85
C LEU D 1416 -24.12 3.78 -37.51
N GLU D 1417 -25.13 4.21 -38.25
CA GLU D 1417 -26.47 3.65 -38.12
C GLU D 1417 -26.66 2.58 -39.18
N ARG D 1418 -27.42 1.54 -38.83
CA ARG D 1418 -27.50 0.37 -39.71
C ARG D 1418 -28.26 0.67 -41.00
N ASP D 1419 -29.23 1.59 -40.94
CA ASP D 1419 -29.83 2.09 -42.17
C ASP D 1419 -28.81 2.87 -42.99
N THR D 1420 -27.96 3.64 -42.31
CA THR D 1420 -26.94 4.41 -43.00
C THR D 1420 -25.82 3.50 -43.50
N LEU D 1421 -25.56 2.38 -42.82
CA LEU D 1421 -24.58 1.43 -43.33
C LEU D 1421 -25.13 0.68 -44.55
N ALA D 1422 -26.42 0.39 -44.56
CA ALA D 1422 -27.04 -0.19 -45.74
C ALA D 1422 -27.04 0.79 -46.91
N GLU D 1423 -27.18 2.09 -46.62
CA GLU D 1423 -27.00 3.11 -47.64
C GLU D 1423 -25.54 3.20 -48.08
N ALA D 1424 -24.60 2.92 -47.19
CA ALA D 1424 -23.19 3.07 -47.50
C ALA D 1424 -22.67 1.93 -48.37
N LYS D 1425 -23.23 0.74 -48.20
CA LYS D 1425 -22.75 -0.43 -48.96
C LYS D 1425 -23.02 -0.29 -50.46
N ILE D 1426 -24.09 0.43 -50.81
CA ILE D 1426 -24.51 0.57 -52.20
C ILE D 1426 -23.51 1.38 -53.02
N TYR D 1427 -22.85 2.35 -52.39
CA TYR D 1427 -21.85 3.13 -53.10
C TYR D 1427 -20.61 2.29 -53.42
N TYR D 1428 -20.24 1.36 -52.54
CA TYR D 1428 -19.10 0.52 -52.86
C TYR D 1428 -19.47 -0.54 -53.88
N ILE D 1429 -20.74 -0.97 -53.90
CA ILE D 1429 -21.25 -1.77 -55.01
C ILE D 1429 -21.09 -1.03 -56.33
N GLN D 1430 -21.49 0.25 -56.34
CA GLN D 1430 -21.44 1.05 -57.57
C GLN D 1430 -20.01 1.31 -58.02
N ALA D 1431 -19.09 1.48 -57.08
CA ALA D 1431 -17.68 1.65 -57.43
C ALA D 1431 -17.10 0.36 -58.00
N SER D 1432 -17.46 -0.79 -57.41
CA SER D 1432 -16.99 -2.06 -57.96
C SER D 1432 -17.64 -2.37 -59.31
N GLN D 1433 -18.81 -1.81 -59.58
CA GLN D 1433 -19.41 -1.98 -60.89
C GLN D 1433 -18.79 -1.07 -61.93
N LEU D 1434 -18.32 0.11 -61.54
CA LEU D 1434 -17.59 0.95 -62.51
C LEU D 1434 -16.20 0.40 -62.79
N LEU D 1435 -15.52 -0.14 -61.78
CA LEU D 1435 -14.20 -0.69 -62.02
C LEU D 1435 -14.22 -1.99 -62.82
N GLY D 1436 -15.33 -2.72 -62.80
CA GLY D 1436 -15.41 -3.94 -63.60
C GLY D 1436 -14.90 -5.13 -62.83
N SER D 1437 -13.94 -5.85 -63.43
CA SER D 1437 -13.34 -7.02 -62.82
C SER D 1437 -11.84 -6.81 -62.69
N ARG D 1438 -11.27 -7.33 -61.60
CA ARG D 1438 -9.86 -7.11 -61.32
C ARG D 1438 -9.00 -7.98 -62.24
N PRO D 1439 -8.01 -7.41 -62.93
CA PRO D 1439 -7.19 -8.21 -63.83
C PRO D 1439 -6.16 -9.04 -63.08
N ASP D 1440 -5.57 -10.00 -63.79
CA ASP D 1440 -4.51 -10.83 -63.25
C ASP D 1440 -3.19 -10.05 -63.22
N LEU D 1441 -2.18 -10.68 -62.61
CA LEU D 1441 -0.84 -10.10 -62.56
C LEU D 1441 0.19 -11.21 -62.75
N ASN D 1442 1.34 -10.82 -63.34
CA ASN D 1442 2.48 -11.71 -63.62
C ASN D 1442 2.07 -12.92 -64.46
N ARG D 1443 1.32 -12.69 -65.54
CA ARG D 1443 0.90 -13.77 -66.42
C ARG D 1443 1.19 -13.46 -67.89
N GLY D 1444 2.14 -12.58 -68.17
CA GLY D 1444 2.60 -12.37 -69.53
C GLY D 1444 4.07 -12.01 -69.58
N HIS D 1445 4.85 -12.81 -70.30
CA HIS D 1445 6.32 -12.69 -70.41
C HIS D 1445 6.97 -12.68 -69.03
N GLN D 1446 6.88 -13.86 -68.40
CA GLN D 1446 7.37 -14.06 -67.03
C GLN D 1446 8.86 -13.74 -66.95
N TRP D 1447 9.25 -13.12 -65.83
CA TRP D 1447 10.58 -12.55 -65.67
C TRP D 1447 11.63 -13.64 -65.53
N GLU D 1448 12.42 -13.84 -66.57
CA GLU D 1448 13.58 -14.70 -66.50
C GLU D 1448 14.69 -13.98 -65.75
N ASN D 1449 15.51 -14.76 -65.04
CA ASN D 1449 16.56 -14.20 -64.21
C ASN D 1449 17.70 -13.75 -65.10
N ILE D 1450 17.73 -12.46 -65.42
CA ILE D 1450 18.73 -11.88 -66.32
C ILE D 1450 19.85 -11.30 -65.47
N LYS D 1451 21.09 -11.52 -65.90
CA LYS D 1451 22.26 -11.22 -65.10
C LYS D 1451 22.88 -9.85 -65.41
N LEU D 1452 22.10 -8.93 -65.98
CA LEU D 1452 22.39 -7.49 -66.09
C LEU D 1452 23.54 -7.16 -67.06
N ALA D 1453 24.23 -8.17 -67.58
CA ALA D 1453 25.14 -7.98 -68.69
C ALA D 1453 24.53 -8.41 -70.01
N GLU D 1454 23.35 -9.04 -69.97
CA GLU D 1454 22.60 -9.35 -71.17
C GLU D 1454 21.65 -8.23 -71.57
N GLU D 1455 21.48 -7.22 -70.72
CA GLU D 1455 20.59 -6.12 -71.00
C GLU D 1455 21.23 -5.16 -72.00
N SER D 1456 20.41 -4.21 -72.47
CA SER D 1456 20.87 -3.16 -73.36
C SER D 1456 20.57 -1.81 -72.71
N ARG D 1457 21.16 -0.76 -73.28
CA ARG D 1457 20.90 0.59 -72.78
C ARG D 1457 19.47 1.01 -73.08
N GLN D 1458 18.98 0.67 -74.27
CA GLN D 1458 17.70 1.16 -74.73
C GLN D 1458 16.53 0.40 -74.09
N ALA D 1459 15.33 0.85 -74.40
CA ALA D 1459 14.10 0.16 -74.06
C ALA D 1459 13.79 -0.90 -75.12
N GLU D 1460 12.54 -1.36 -75.12
CA GLU D 1460 11.94 -2.37 -76.00
C GLU D 1460 12.80 -3.61 -76.21
N ASN D 1461 13.47 -4.06 -75.15
CA ASN D 1461 14.13 -5.36 -75.17
C ASN D 1461 13.13 -6.49 -74.94
N GLY D 1462 11.92 -6.16 -74.53
CA GLY D 1462 10.89 -7.14 -74.28
C GLY D 1462 10.84 -7.68 -72.87
N HIS D 1463 11.51 -7.04 -71.91
CA HIS D 1463 11.60 -7.58 -70.58
C HIS D 1463 11.15 -6.63 -69.48
N PHE D 1464 10.99 -5.34 -69.75
CA PHE D 1464 10.67 -4.40 -68.68
C PHE D 1464 9.25 -3.86 -68.71
N LEU D 1465 8.56 -3.88 -69.87
CA LEU D 1465 7.11 -4.06 -69.97
C LEU D 1465 6.24 -3.14 -69.11
N PRO D 1466 5.89 -1.94 -69.59
CA PRO D 1466 5.27 -0.88 -68.76
C PRO D 1466 4.05 -1.35 -67.99
N PRO D 1467 3.94 -1.00 -66.73
CA PRO D 1467 3.08 -1.73 -65.79
C PRO D 1467 1.64 -1.29 -65.86
N TYR D 1468 0.83 -1.90 -64.98
CA TYR D 1468 -0.52 -1.45 -64.73
C TYR D 1468 -0.49 -0.20 -63.86
N ASN D 1469 -1.61 0.51 -63.82
CA ASN D 1469 -1.72 1.78 -63.12
C ASN D 1469 -1.59 1.58 -61.61
N GLU D 1470 -1.31 2.67 -60.90
CA GLU D 1470 -1.12 2.57 -59.47
C GLU D 1470 -2.41 2.88 -58.71
N ILE D 1471 -3.11 3.94 -59.13
CA ILE D 1471 -4.27 4.41 -58.40
C ILE D 1471 -5.48 3.52 -58.67
N LEU D 1472 -5.64 3.07 -59.93
CA LEU D 1472 -6.70 2.12 -60.24
C LEU D 1472 -6.43 0.76 -59.62
N LEU D 1473 -5.16 0.44 -59.35
CA LEU D 1473 -4.88 -0.79 -58.61
C LEU D 1473 -5.15 -0.61 -57.12
N SER D 1474 -4.95 0.60 -56.60
CA SER D 1474 -5.22 0.84 -55.19
C SER D 1474 -6.71 0.94 -54.88
N TYR D 1475 -7.51 1.29 -55.89
CA TYR D 1475 -8.96 1.37 -55.70
C TYR D 1475 -9.58 0.02 -55.41
N TRP D 1476 -9.06 -1.05 -56.03
CA TRP D 1476 -9.54 -2.39 -55.74
C TRP D 1476 -9.25 -2.77 -54.29
N ASP D 1477 -8.09 -2.36 -53.78
CA ASP D 1477 -7.72 -2.67 -52.40
C ASP D 1477 -8.55 -1.85 -51.42
N LYS D 1478 -8.85 -0.60 -51.76
CA LYS D 1478 -9.74 0.23 -50.94
C LYS D 1478 -11.13 -0.38 -50.85
N LEU D 1479 -11.69 -0.77 -52.00
CA LEU D 1479 -13.02 -1.38 -52.00
C LEU D 1479 -13.03 -2.72 -51.29
N GLU D 1480 -11.93 -3.49 -51.38
CA GLU D 1480 -11.87 -4.77 -50.69
C GLU D 1480 -11.84 -4.59 -49.17
N ILE D 1481 -11.06 -3.63 -48.68
CA ILE D 1481 -11.01 -3.37 -47.24
C ILE D 1481 -12.34 -2.83 -46.73
N ARG D 1482 -12.97 -1.93 -47.49
CA ARG D 1482 -14.22 -1.34 -46.99
C ARG D 1482 -15.40 -2.29 -47.09
N LEU D 1483 -15.44 -3.16 -48.10
CA LEU D 1483 -16.47 -4.19 -48.14
C LEU D 1483 -16.22 -5.27 -47.11
N TYR D 1484 -14.96 -5.55 -46.77
CA TYR D 1484 -14.66 -6.47 -45.68
C TYR D 1484 -15.08 -5.90 -44.34
N ASN D 1485 -14.97 -4.59 -44.16
CA ASN D 1485 -15.47 -3.97 -42.94
C ASN D 1485 -16.99 -3.93 -42.91
N LEU D 1486 -17.64 -3.77 -44.07
CA LEU D 1486 -19.10 -3.75 -44.12
C LEU D 1486 -19.71 -5.12 -43.88
N ARG D 1487 -19.09 -6.17 -44.40
CA ARG D 1487 -19.65 -7.51 -44.30
C ARG D 1487 -19.40 -8.16 -42.95
N HIS D 1488 -18.81 -7.43 -42.02
CA HIS D 1488 -18.80 -7.72 -40.60
C HIS D 1488 -19.30 -6.47 -39.88
N ASN D 1489 -19.19 -6.43 -38.56
CA ASN D 1489 -19.43 -5.19 -37.83
C ASN D 1489 -18.14 -4.50 -37.44
N LEU D 1490 -17.13 -4.54 -38.32
CA LEU D 1490 -15.95 -3.73 -38.11
C LEU D 1490 -16.23 -2.29 -38.51
N ASN D 1491 -15.46 -1.37 -37.93
CA ASN D 1491 -15.46 0.02 -38.32
C ASN D 1491 -14.38 0.19 -39.40
N LEU D 1492 -14.04 1.43 -39.77
CA LEU D 1492 -12.89 1.62 -40.64
C LEU D 1492 -11.59 1.33 -39.91
N ASP D 1493 -11.56 1.52 -38.59
CA ASP D 1493 -10.38 1.25 -37.78
C ASP D 1493 -10.29 -0.20 -37.31
N GLY D 1494 -11.18 -1.07 -37.80
CA GLY D 1494 -11.22 -2.43 -37.32
C GLY D 1494 -11.92 -2.61 -35.98
N GLN D 1495 -12.49 -1.55 -35.43
CA GLN D 1495 -13.18 -1.63 -34.15
C GLN D 1495 -14.51 -2.33 -34.33
N PRO D 1496 -14.86 -3.30 -33.49
CA PRO D 1496 -16.15 -3.98 -33.63
C PRO D 1496 -17.30 -3.10 -33.16
N LEU D 1497 -18.33 -2.98 -34.00
CA LEU D 1497 -19.55 -2.30 -33.60
C LEU D 1497 -20.30 -3.08 -32.55
N HIS D 1498 -20.37 -4.40 -32.70
CA HIS D 1498 -20.95 -5.27 -31.70
C HIS D 1498 -19.88 -5.69 -30.72
N LEU D 1499 -20.10 -5.42 -29.44
CA LEU D 1499 -19.13 -5.75 -28.40
C LEU D 1499 -19.07 -7.27 -28.21
N PRO D 1500 -17.87 -7.82 -28.06
CA PRO D 1500 -17.72 -9.28 -28.05
C PRO D 1500 -18.17 -9.88 -26.72
N LEU D 1501 -18.26 -11.21 -26.70
CA LEU D 1501 -18.65 -11.95 -25.52
C LEU D 1501 -17.46 -12.14 -24.58
N PHE D 1502 -17.77 -12.41 -23.32
CA PHE D 1502 -16.78 -12.55 -22.26
C PHE D 1502 -16.76 -13.99 -21.76
N ALA D 1503 -15.59 -14.45 -21.36
CA ALA D 1503 -15.39 -15.82 -20.87
C ALA D 1503 -15.00 -15.80 -19.40
N THR D 1504 -15.57 -16.73 -18.64
CA THR D 1504 -15.31 -16.84 -17.20
C THR D 1504 -15.44 -18.29 -16.79
N PRO D 1505 -14.43 -18.86 -16.12
CA PRO D 1505 -14.56 -20.23 -15.61
C PRO D 1505 -15.52 -20.30 -14.43
N VAL D 1506 -16.28 -21.38 -14.37
CA VAL D 1506 -17.36 -21.54 -13.40
C VAL D 1506 -17.06 -22.74 -12.52
N ASP D 1507 -17.12 -22.53 -11.19
CA ASP D 1507 -17.07 -23.55 -10.15
C ASP D 1507 -15.81 -24.40 -10.17
N PRO D 1508 -14.66 -23.88 -9.73
CA PRO D 1508 -13.47 -24.72 -9.59
C PRO D 1508 -13.66 -25.75 -8.47
N LYS D 1509 -13.34 -27.00 -8.78
CA LYS D 1509 -13.65 -28.12 -7.89
C LYS D 1509 -12.68 -28.16 -6.72
N ALA D 1510 -13.23 -28.23 -5.51
CA ALA D 1510 -12.41 -28.41 -4.31
C ALA D 1510 -11.99 -29.88 -4.19
N LEU D 1511 -10.89 -30.09 -3.48
CA LEU D 1511 -10.37 -31.45 -3.32
C LEU D 1511 -11.20 -32.23 -2.30
N GLN D 1512 -10.88 -33.52 -2.20
CA GLN D 1512 -11.64 -34.43 -1.37
C GLN D 1512 -10.82 -34.92 -0.18
N ARG D 1513 -11.53 -35.43 0.82
CA ARG D 1513 -10.93 -35.83 2.08
C ARG D 1513 -10.42 -37.26 2.02
N GLN D 1514 -9.23 -37.48 2.58
CA GLN D 1514 -8.66 -38.80 2.75
C GLN D 1514 -8.59 -39.15 4.22
N HIS D 1515 -8.33 -40.42 4.50
CA HIS D 1515 -8.10 -40.86 5.87
C HIS D 1515 -7.08 -41.98 5.87
N GLY D 1516 -6.51 -42.22 7.05
CA GLY D 1516 -5.48 -43.23 7.21
C GLY D 1516 -6.06 -44.62 7.34
N ALA D 1517 -6.43 -45.22 6.21
CA ALA D 1517 -7.11 -46.52 6.19
C ALA D 1517 -6.15 -47.70 6.27
N GLY D 1518 -4.93 -47.49 6.76
CA GLY D 1518 -3.98 -48.55 7.03
C GLY D 1518 -4.36 -49.47 8.16
N ASN D 1519 -5.43 -49.17 8.89
CA ASN D 1519 -6.02 -50.07 9.85
C ASN D 1519 -7.09 -50.89 9.15
N GLY D 1520 -6.96 -52.21 9.22
CA GLY D 1520 -7.90 -53.09 8.55
C GLY D 1520 -8.57 -54.08 9.48
N ILE D 1521 -8.49 -55.35 9.15
CA ILE D 1521 -9.00 -56.40 10.02
C ILE D 1521 -7.93 -56.77 11.04
N ASN D 1522 -8.36 -57.17 12.22
CA ASN D 1522 -7.46 -57.74 13.23
C ASN D 1522 -7.49 -59.26 13.12
N SER D 1523 -6.32 -59.87 13.20
CA SER D 1523 -6.20 -61.31 13.29
C SER D 1523 -5.92 -61.65 14.74
N GLY D 1524 -6.91 -62.26 15.40
CA GLY D 1524 -6.78 -62.55 16.83
C GLY D 1524 -5.80 -63.68 17.07
N GLU D 1525 -4.71 -63.38 17.78
CA GLU D 1525 -3.70 -64.36 18.13
C GLU D 1525 -4.19 -65.22 19.29
N GLN D 1526 -3.97 -66.52 19.18
CA GLN D 1526 -4.42 -67.45 20.21
C GLN D 1526 -3.47 -67.43 21.40
N MET D 1527 -3.79 -68.24 22.41
CA MET D 1527 -3.02 -68.31 23.64
C MET D 1527 -2.51 -69.73 23.84
N ALA D 1528 -1.32 -69.83 24.43
CA ALA D 1528 -0.69 -71.13 24.67
C ALA D 1528 -1.27 -71.76 25.93
N THR D 1529 -0.64 -72.82 26.41
CA THR D 1529 -1.08 -73.50 27.63
C THR D 1529 0.14 -73.79 28.50
N ALA D 1530 0.16 -73.21 29.69
CA ALA D 1530 1.21 -73.51 30.66
C ALA D 1530 0.98 -74.89 31.24
N GLN D 1531 2.05 -75.65 31.43
CA GLN D 1531 1.88 -77.05 31.81
C GLN D 1531 1.61 -77.17 33.30
N THR D 1532 2.61 -76.85 34.12
CA THR D 1532 2.58 -77.02 35.58
C THR D 1532 3.64 -76.11 36.18
N SER D 1533 3.60 -76.02 37.50
CA SER D 1533 4.69 -75.48 38.30
C SER D 1533 4.53 -76.04 39.70
N LEU D 1534 5.65 -76.40 40.34
CA LEU D 1534 5.57 -76.97 41.67
C LEU D 1534 5.54 -75.92 42.76
N TYR D 1535 5.54 -74.63 42.41
CA TYR D 1535 5.34 -73.61 43.40
C TYR D 1535 3.86 -73.32 43.59
N ARG D 1536 3.51 -72.90 44.79
CA ARG D 1536 2.13 -72.61 45.10
C ARG D 1536 1.75 -71.23 44.57
N PHE D 1537 0.52 -70.84 44.83
CA PHE D 1537 -0.08 -69.63 44.28
C PHE D 1537 0.48 -68.28 44.76
N PRO D 1538 0.81 -68.05 46.06
CA PRO D 1538 1.29 -66.70 46.43
C PRO D 1538 2.62 -66.30 45.82
N LEU D 1539 3.58 -67.22 45.68
CA LEU D 1539 4.86 -66.85 45.06
C LEU D 1539 4.69 -66.58 43.58
N LEU D 1540 3.80 -67.33 42.91
CA LEU D 1540 3.51 -67.08 41.51
C LEU D 1540 2.84 -65.73 41.32
N ILE D 1541 1.99 -65.31 42.26
CA ILE D 1541 1.38 -63.98 42.15
C ILE D 1541 2.42 -62.89 42.43
N GLU D 1542 3.28 -63.09 43.43
CA GLU D 1542 4.33 -62.13 43.72
C GLU D 1542 5.33 -61.96 42.58
N ARG D 1543 5.51 -62.98 41.74
CA ARG D 1543 6.36 -62.80 40.57
C ARG D 1543 5.58 -62.24 39.38
N ALA D 1544 4.35 -62.71 39.17
CA ALA D 1544 3.57 -62.31 38.00
C ALA D 1544 3.13 -60.85 38.08
N LYS D 1545 2.90 -60.34 39.28
CA LYS D 1545 2.52 -58.94 39.44
C LYS D 1545 3.67 -58.01 39.04
N SER D 1546 4.89 -58.35 39.42
CA SER D 1546 6.06 -57.58 39.02
C SER D 1546 6.31 -57.69 37.53
N ALA D 1547 6.08 -58.87 36.94
CA ALA D 1547 6.23 -59.04 35.49
C ALA D 1547 5.23 -58.18 34.72
N VAL D 1548 3.98 -58.16 35.15
CA VAL D 1548 2.97 -57.34 34.48
C VAL D 1548 3.25 -55.85 34.69
N SER D 1549 3.80 -55.47 35.84
CA SER D 1549 4.20 -54.08 36.05
C SER D 1549 5.31 -53.66 35.09
N SER D 1550 6.25 -54.57 34.83
CA SER D 1550 7.29 -54.31 33.83
C SER D 1550 6.70 -54.15 32.43
N VAL D 1551 5.69 -54.98 32.10
CA VAL D 1551 5.02 -54.88 30.80
C VAL D 1551 4.30 -53.54 30.65
N ILE D 1552 3.65 -53.08 31.72
CA ILE D 1552 2.93 -51.80 31.66
C ILE D 1552 3.91 -50.63 31.54
N GLN D 1553 5.05 -50.71 32.23
CA GLN D 1553 6.08 -49.69 32.12
C GLN D 1553 6.64 -49.59 30.70
N PHE D 1554 6.94 -50.73 30.08
CA PHE D 1554 7.44 -50.64 28.71
C PHE D 1554 6.35 -50.32 27.70
N GLY D 1555 5.08 -50.57 28.02
CA GLY D 1555 4.01 -50.08 27.17
C GLY D 1555 3.92 -48.57 27.18
N ASN D 1556 4.09 -47.96 28.35
CA ASN D 1556 4.14 -46.51 28.44
C ASN D 1556 5.34 -45.93 27.70
N SER D 1557 6.50 -46.59 27.82
CA SER D 1557 7.69 -46.14 27.09
C SER D 1557 7.50 -46.27 25.58
N LEU D 1558 6.82 -47.34 25.13
CA LEU D 1558 6.57 -47.52 23.71
C LEU D 1558 5.60 -46.48 23.18
N GLN D 1559 4.61 -46.09 23.98
CA GLN D 1559 3.69 -45.04 23.56
C GLN D 1559 4.39 -43.69 23.46
N SER D 1560 5.31 -43.41 24.39
CA SER D 1560 6.05 -42.14 24.35
C SER D 1560 6.96 -42.06 23.13
N VAL D 1561 7.72 -43.13 22.86
CA VAL D 1561 8.60 -43.17 21.69
C VAL D 1561 7.79 -43.10 20.41
N LEU D 1562 6.65 -43.78 20.39
CA LEU D 1562 5.85 -43.89 19.19
C LEU D 1562 5.08 -42.61 18.88
N GLU D 1563 4.87 -41.73 19.87
CA GLU D 1563 4.33 -40.43 19.55
C GLU D 1563 5.42 -39.40 19.23
N ARG D 1564 6.61 -39.53 19.82
CA ARG D 1564 7.71 -38.64 19.45
C ARG D 1564 8.18 -38.87 18.02
N GLN D 1565 8.04 -40.11 17.53
CA GLN D 1565 8.41 -40.41 16.15
C GLN D 1565 7.53 -39.67 15.16
N ASP D 1566 6.21 -39.69 15.38
CA ASP D 1566 5.28 -38.98 14.51
C ASP D 1566 5.41 -37.47 14.64
N ASN D 1567 5.70 -36.97 15.85
CA ASN D 1567 5.92 -35.53 16.01
C ASN D 1567 7.18 -35.07 15.29
N GLU D 1568 8.21 -35.91 15.27
CA GLU D 1568 9.42 -35.57 14.53
C GLU D 1568 9.18 -35.59 13.03
N ALA D 1569 8.35 -36.52 12.55
CA ALA D 1569 7.98 -36.53 11.13
C ALA D 1569 7.23 -35.27 10.73
N MET D 1570 6.27 -34.83 11.57
CA MET D 1570 5.53 -33.61 11.29
C MET D 1570 6.42 -32.38 11.31
N THR D 1571 7.32 -32.29 12.30
CA THR D 1571 8.25 -31.17 12.39
C THR D 1571 9.17 -31.09 11.18
N LEU D 1572 9.65 -32.25 10.72
CA LEU D 1572 10.58 -32.27 9.60
C LEU D 1572 9.89 -31.88 8.30
N LEU D 1573 8.63 -32.33 8.11
CA LEU D 1573 7.85 -31.91 6.95
C LEU D 1573 7.59 -30.41 6.95
N PHE D 1574 7.26 -29.86 8.13
CA PHE D 1574 7.03 -28.43 8.23
C PHE D 1574 8.28 -27.62 7.92
N GLN D 1575 9.45 -28.10 8.36
CA GLN D 1575 10.70 -27.42 8.06
C GLN D 1575 10.99 -27.41 6.57
N GLN D 1576 10.77 -28.55 5.88
CA GLN D 1576 10.99 -28.62 4.44
C GLN D 1576 10.08 -27.68 3.67
N GLN D 1577 8.81 -27.65 4.01
CA GLN D 1577 7.90 -26.84 3.22
C GLN D 1577 8.03 -25.35 3.53
N GLN D 1578 8.42 -24.99 4.76
CA GLN D 1578 8.74 -23.60 5.04
C GLN D 1578 10.02 -23.17 4.32
N GLN D 1579 10.97 -24.10 4.17
CA GLN D 1579 12.17 -23.82 3.38
C GLN D 1579 11.85 -23.57 1.91
N LYS D 1580 10.79 -24.19 1.39
CA LYS D 1580 10.37 -23.90 0.02
C LYS D 1580 9.64 -22.55 -0.10
N VAL D 1581 8.77 -22.25 0.87
CA VAL D 1581 8.01 -21.00 0.85
C VAL D 1581 8.94 -19.80 0.98
N LEU D 1582 10.00 -19.92 1.78
CA LEU D 1582 10.93 -18.82 1.94
C LEU D 1582 11.88 -18.65 0.76
N GLN D 1583 11.77 -19.47 -0.28
CA GLN D 1583 12.42 -19.25 -1.57
C GLN D 1583 11.49 -18.60 -2.58
N HIS D 1584 10.22 -19.02 -2.59
CA HIS D 1584 9.26 -18.32 -3.45
C HIS D 1584 9.03 -16.87 -3.01
N THR D 1585 9.16 -16.60 -1.70
CA THR D 1585 9.11 -15.21 -1.23
C THR D 1585 10.32 -14.40 -1.73
N LYS D 1586 11.47 -15.04 -1.85
CA LYS D 1586 12.63 -14.39 -2.45
C LYS D 1586 12.40 -14.08 -3.92
N ASP D 1587 11.67 -14.94 -4.63
CA ASP D 1587 11.31 -14.61 -6.02
C ASP D 1587 10.39 -13.40 -6.11
N ILE D 1588 9.44 -13.29 -5.17
CA ILE D 1588 8.57 -12.11 -5.09
C ILE D 1588 9.40 -10.85 -4.89
N GLN D 1589 10.37 -10.92 -3.97
CA GLN D 1589 11.22 -9.77 -3.72
C GLN D 1589 12.20 -9.50 -4.86
N ASN D 1590 12.45 -10.49 -5.71
CA ASN D 1590 13.22 -10.24 -6.93
C ASN D 1590 12.42 -9.43 -7.94
N ASN D 1591 11.12 -9.70 -8.08
CA ASN D 1591 10.33 -8.88 -9.00
C ASN D 1591 10.05 -7.49 -8.44
N ASN D 1592 10.03 -7.36 -7.11
CA ASN D 1592 9.70 -6.07 -6.49
C ASN D 1592 10.78 -5.02 -6.75
N ILE D 1593 12.01 -5.43 -7.04
CA ILE D 1593 13.02 -4.43 -7.39
C ILE D 1593 12.99 -4.11 -8.88
N GLN D 1594 12.49 -5.01 -9.72
CA GLN D 1594 12.36 -4.70 -11.14
C GLN D 1594 11.27 -3.66 -11.37
N VAL D 1595 10.20 -3.71 -10.55
CA VAL D 1595 9.15 -2.69 -10.61
C VAL D 1595 9.72 -1.30 -10.33
N LEU D 1596 10.57 -1.19 -9.31
CA LEU D 1596 11.13 0.13 -8.98
C LEU D 1596 12.24 0.54 -9.95
N GLN D 1597 12.95 -0.42 -10.55
CA GLN D 1597 13.89 -0.06 -11.60
C GLN D 1597 13.18 0.47 -12.85
N ALA D 1598 11.95 0.01 -13.10
CA ALA D 1598 11.19 0.62 -14.18
C ALA D 1598 10.62 1.98 -13.77
N ASN D 1599 10.28 2.16 -12.49
CA ASN D 1599 9.79 3.46 -12.04
C ASN D 1599 10.86 4.55 -12.07
N LEU D 1600 12.13 4.18 -11.85
CA LEU D 1600 13.21 5.16 -11.99
C LEU D 1600 13.33 5.67 -13.43
N GLU D 1601 13.24 4.78 -14.41
CA GLU D 1601 13.33 5.21 -15.79
C GLU D 1601 12.03 5.84 -16.28
N ALA D 1602 10.92 5.64 -15.58
CA ALA D 1602 9.72 6.42 -15.85
C ALA D 1602 9.80 7.81 -15.24
N THR D 1603 10.61 8.01 -14.19
CA THR D 1603 10.79 9.33 -13.60
C THR D 1603 11.87 10.14 -14.33
N ASN D 1604 12.89 9.46 -14.88
CA ASN D 1604 13.90 10.14 -15.69
C ASN D 1604 13.32 10.76 -16.96
N SER D 1605 12.29 10.15 -17.54
CA SER D 1605 11.69 10.73 -18.74
C SER D 1605 10.90 12.00 -18.42
N LEU D 1606 10.24 12.02 -17.25
CA LEU D 1606 9.60 13.24 -16.77
C LEU D 1606 10.61 14.35 -16.52
N LYS D 1607 11.75 13.99 -15.92
CA LYS D 1607 12.78 14.98 -15.62
C LYS D 1607 13.41 15.52 -16.91
N SER D 1608 13.63 14.64 -17.90
CA SER D 1608 14.16 15.08 -19.18
C SER D 1608 13.16 15.92 -19.96
N ALA D 1609 11.86 15.62 -19.84
CA ALA D 1609 10.84 16.43 -20.51
C ALA D 1609 10.76 17.82 -19.92
N ALA D 1610 10.85 17.93 -18.58
CA ALA D 1610 10.83 19.24 -17.95
C ALA D 1610 12.08 20.05 -18.30
N LYS D 1611 13.24 19.39 -18.36
CA LYS D 1611 14.46 20.09 -18.75
C LYS D 1611 14.42 20.52 -20.22
N GLN D 1612 13.81 19.72 -21.10
CA GLN D 1612 13.69 20.10 -22.50
C GLN D 1612 12.73 21.27 -22.68
N ARG D 1613 11.64 21.29 -21.92
CA ARG D 1613 10.69 22.40 -22.01
C ARG D 1613 11.31 23.69 -21.48
N SER D 1614 12.08 23.61 -20.39
CA SER D 1614 12.77 24.79 -19.88
C SER D 1614 13.83 25.28 -20.84
N LYS D 1615 14.54 24.36 -21.50
CA LYS D 1615 15.54 24.75 -22.49
C LYS D 1615 14.89 25.41 -23.70
N HIS D 1616 13.72 24.92 -24.10
CA HIS D 1616 12.98 25.52 -25.23
C HIS D 1616 12.55 26.94 -24.93
N TYR D 1617 11.95 27.16 -23.75
CA TYR D 1617 11.54 28.52 -23.43
C TYR D 1617 12.72 29.43 -23.14
N LYS D 1618 13.84 28.89 -22.68
CA LYS D 1618 15.03 29.71 -22.49
C LYS D 1618 15.63 30.14 -23.83
N GLU D 1619 15.61 29.24 -24.83
CA GLU D 1619 16.07 29.61 -26.17
C GLU D 1619 15.15 30.64 -26.81
N LEU D 1620 13.83 30.51 -26.61
CA LEU D 1620 12.90 31.52 -27.11
C LEU D 1620 13.12 32.86 -26.43
N LEU D 1621 13.38 32.86 -25.13
CA LEU D 1621 13.51 34.11 -24.40
C LEU D 1621 14.87 34.75 -24.62
N ASP D 1622 15.89 33.98 -25.00
CA ASP D 1622 17.19 34.55 -25.30
C ASP D 1622 17.34 34.96 -26.76
N ASN D 1623 16.57 34.36 -27.68
CA ASN D 1623 16.65 34.82 -29.06
C ASN D 1623 15.88 36.11 -29.30
N GLY D 1624 14.97 36.47 -28.41
CA GLY D 1624 14.23 37.71 -28.56
C GLY D 1624 13.21 37.62 -29.69
N ILE D 1625 12.94 38.76 -30.31
CA ILE D 1625 12.05 38.79 -31.46
C ILE D 1625 12.80 38.36 -32.71
N SER D 1626 12.05 37.85 -33.69
CA SER D 1626 12.62 37.25 -34.89
C SER D 1626 13.19 38.32 -35.82
N SER D 1627 13.85 37.85 -36.88
CA SER D 1627 14.32 38.77 -37.90
C SER D 1627 13.17 39.29 -38.75
N ARG D 1628 12.17 38.45 -38.99
CA ARG D 1628 11.01 38.88 -39.76
C ARG D 1628 10.12 39.80 -38.93
N GLU D 1629 10.05 39.60 -37.62
CA GLU D 1629 9.33 40.51 -36.75
C GLU D 1629 10.01 41.87 -36.69
N GLN D 1630 11.34 41.88 -36.62
CA GLN D 1630 12.09 43.13 -36.65
C GLN D 1630 11.95 43.83 -38.00
N SER D 1631 11.91 43.08 -39.09
CA SER D 1631 11.71 43.67 -40.41
C SER D 1631 10.31 44.27 -40.54
N GLY D 1632 9.29 43.53 -40.12
CA GLY D 1632 7.92 44.03 -40.17
C GLY D 1632 7.63 45.15 -39.21
N LEU D 1633 8.46 45.34 -38.19
CA LEU D 1633 8.27 46.50 -37.33
C LEU D 1633 9.17 47.67 -37.73
N ASP D 1634 10.24 47.41 -38.48
CA ASP D 1634 11.02 48.53 -39.03
C ASP D 1634 10.33 49.14 -40.24
N LEU D 1635 9.65 48.33 -41.05
CA LEU D 1635 9.00 48.86 -42.24
C LEU D 1635 7.81 49.75 -41.91
N ARG D 1636 7.14 49.51 -40.78
CA ARG D 1636 6.03 50.38 -40.39
C ARG D 1636 6.53 51.77 -40.01
N ILE D 1637 7.68 51.85 -39.35
CA ILE D 1637 8.25 53.16 -39.02
C ILE D 1637 8.80 53.84 -40.26
N ASP D 1638 9.41 53.06 -41.16
CA ASP D 1638 9.89 53.63 -42.41
C ASP D 1638 8.74 54.06 -43.33
N ALA D 1639 7.55 53.49 -43.14
CA ALA D 1639 6.37 53.94 -43.86
C ALA D 1639 5.70 55.14 -43.18
N GLY D 1640 5.80 55.22 -41.86
CA GLY D 1640 5.32 56.42 -41.17
C GLY D 1640 6.22 57.60 -41.40
N ALA D 1641 7.48 57.37 -41.75
CA ALA D 1641 8.40 58.46 -42.03
C ALA D 1641 8.21 59.08 -43.41
N VAL D 1642 7.40 58.48 -44.28
CA VAL D 1642 7.11 59.09 -45.58
C VAL D 1642 5.70 59.63 -45.65
N ASN D 1643 4.83 59.31 -44.69
CA ASN D 1643 3.59 60.06 -44.55
C ASN D 1643 3.82 61.47 -44.03
N ILE D 1644 4.94 61.70 -43.34
CA ILE D 1644 5.30 63.07 -42.96
C ILE D 1644 5.70 63.87 -44.19
N ALA D 1645 6.43 63.24 -45.11
CA ALA D 1645 6.99 63.95 -46.26
C ALA D 1645 5.96 64.24 -47.33
N SER D 1646 4.75 63.66 -47.26
CA SER D 1646 3.69 63.96 -48.20
C SER D 1646 2.76 65.05 -47.71
N VAL D 1647 3.23 65.89 -46.80
CA VAL D 1647 2.44 66.97 -46.22
C VAL D 1647 2.76 68.31 -46.87
N ALA D 1648 4.04 68.64 -46.99
CA ALA D 1648 4.44 69.89 -47.63
C ALA D 1648 4.14 69.98 -49.13
N PRO D 1649 4.22 68.92 -49.95
CA PRO D 1649 3.74 69.07 -51.33
C PRO D 1649 2.26 69.36 -51.49
N LEU D 1650 1.39 68.89 -50.58
CA LEU D 1650 -0.03 69.24 -50.67
C LEU D 1650 -0.26 70.72 -50.41
N MET D 1651 0.40 71.27 -49.38
CA MET D 1651 0.24 72.69 -49.10
C MET D 1651 0.88 73.55 -50.17
N LEU D 1652 1.95 73.06 -50.80
CA LEU D 1652 2.55 73.81 -51.89
C LEU D 1652 1.69 73.75 -53.15
N ALA D 1653 1.05 72.61 -53.41
CA ALA D 1653 0.13 72.50 -54.54
C ALA D 1653 -1.09 73.39 -54.36
N ALA D 1654 -1.60 73.48 -53.13
CA ALA D 1654 -2.72 74.37 -52.88
C ALA D 1654 -2.31 75.83 -52.89
N ALA D 1655 -1.04 76.12 -52.57
CA ALA D 1655 -0.54 77.47 -52.78
C ALA D 1655 -0.49 77.81 -54.26
N LEU D 1656 -0.06 76.87 -55.09
CA LEU D 1656 0.07 77.15 -56.52
C LEU D 1656 -1.28 77.18 -57.22
N ASP D 1657 -2.28 76.47 -56.71
CA ASP D 1657 -3.59 76.46 -57.35
C ASP D 1657 -4.36 77.76 -57.17
N THR D 1658 -4.02 78.59 -56.20
CA THR D 1658 -4.72 79.85 -56.02
C THR D 1658 -4.21 80.93 -56.95
N ALA D 1659 -3.14 80.68 -57.69
CA ALA D 1659 -2.72 81.59 -58.74
C ALA D 1659 -3.71 81.51 -59.90
N PRO D 1660 -3.93 82.61 -60.61
CA PRO D 1660 -4.84 82.57 -61.76
C PRO D 1660 -4.26 81.75 -62.89
N ASN D 1661 -5.16 81.12 -63.65
CA ASN D 1661 -4.83 80.07 -64.60
C ASN D 1661 -5.03 80.51 -66.05
N VAL D 1662 -6.12 81.17 -66.34
CA VAL D 1662 -6.45 81.56 -67.70
C VAL D 1662 -6.07 83.03 -67.89
N PHE D 1663 -5.51 83.35 -69.05
CA PHE D 1663 -5.05 84.69 -69.37
C PHE D 1663 -5.66 85.09 -70.71
N GLY D 1664 -5.43 86.36 -71.10
CA GLY D 1664 -5.86 86.79 -72.40
C GLY D 1664 -7.36 86.94 -72.58
N LEU D 1665 -7.93 87.98 -71.97
CA LEU D 1665 -9.36 88.32 -72.02
C LEU D 1665 -10.24 87.29 -71.35
N ALA D 1666 -9.68 86.51 -70.42
CA ALA D 1666 -10.47 85.68 -69.52
C ALA D 1666 -9.67 85.55 -68.23
N ASP D 1667 -9.96 86.42 -67.28
CA ASP D 1667 -9.26 86.42 -66.01
C ASP D 1667 -9.73 85.24 -65.16
N GLY D 1668 -8.84 84.74 -64.31
CA GLY D 1668 -9.26 83.76 -63.34
C GLY D 1668 -8.73 82.36 -63.56
N GLY D 1669 -9.54 81.36 -63.26
CA GLY D 1669 -9.12 79.98 -63.22
C GLY D 1669 -8.56 79.54 -61.90
N SER D 1670 -8.49 80.43 -60.92
CA SER D 1670 -7.92 80.09 -59.62
C SER D 1670 -8.91 79.31 -58.78
N HIS D 1671 -8.51 78.12 -58.33
CA HIS D 1671 -9.36 77.31 -57.48
C HIS D 1671 -9.46 77.92 -56.10
N TRP D 1672 -10.68 78.26 -55.67
CA TRP D 1672 -10.83 79.06 -54.46
C TRP D 1672 -10.70 78.22 -53.20
N GLY D 1673 -11.15 76.98 -53.25
CA GLY D 1673 -11.17 76.18 -52.04
C GLY D 1673 -10.00 75.23 -51.92
N ALA D 1674 -8.91 75.49 -52.64
CA ALA D 1674 -7.81 74.52 -52.73
C ALA D 1674 -7.05 74.42 -51.41
N VAL D 1675 -6.84 75.54 -50.73
CA VAL D 1675 -6.14 75.53 -49.45
C VAL D 1675 -6.97 74.85 -48.36
N PRO D 1676 -8.30 75.03 -48.25
CA PRO D 1676 -9.03 74.15 -47.32
C PRO D 1676 -9.09 72.68 -47.71
N TYR D 1677 -9.05 72.33 -49.01
CA TYR D 1677 -8.97 70.91 -49.37
C TYR D 1677 -7.64 70.32 -48.95
N ALA D 1678 -6.56 71.07 -49.10
CA ALA D 1678 -5.26 70.56 -48.66
C ALA D 1678 -5.17 70.52 -47.14
N THR D 1679 -5.87 71.41 -46.45
CA THR D 1679 -5.93 71.33 -44.99
C THR D 1679 -6.64 70.06 -44.55
N SER D 1680 -7.77 69.74 -45.21
CA SER D 1680 -8.48 68.50 -44.90
C SER D 1680 -7.66 67.26 -45.23
N ALA D 1681 -6.97 67.27 -46.38
CA ALA D 1681 -6.18 66.12 -46.78
C ALA D 1681 -4.96 65.93 -45.89
N THR D 1682 -4.31 67.04 -45.51
CA THR D 1682 -3.20 67.01 -44.57
C THR D 1682 -3.64 66.46 -43.22
N LEU D 1683 -4.83 66.85 -42.77
CA LEU D 1683 -5.28 66.39 -41.46
C LEU D 1683 -5.73 64.93 -41.50
N GLN D 1684 -6.22 64.45 -42.66
CA GLN D 1684 -6.47 63.03 -42.84
C GLN D 1684 -5.18 62.22 -42.83
N ILE D 1685 -4.13 62.75 -43.47
CA ILE D 1685 -2.81 62.09 -43.45
C ILE D 1685 -2.28 62.02 -42.02
N SER D 1686 -2.48 63.09 -41.25
CA SER D 1686 -2.05 63.10 -39.85
C SER D 1686 -2.82 62.08 -39.00
N ALA D 1687 -4.12 61.93 -39.26
CA ALA D 1687 -4.90 60.92 -38.54
C ALA D 1687 -4.47 59.50 -38.87
N GLY D 1688 -4.24 59.23 -40.17
CA GLY D 1688 -3.75 57.92 -40.56
C GLY D 1688 -2.37 57.61 -40.04
N LEU D 1689 -1.52 58.64 -39.96
CA LEU D 1689 -0.17 58.50 -39.38
C LEU D 1689 -0.24 58.16 -37.91
N THR D 1690 -1.11 58.84 -37.16
CA THR D 1690 -1.21 58.58 -35.73
C THR D 1690 -1.81 57.20 -35.45
N GLU D 1691 -2.75 56.75 -36.30
CA GLU D 1691 -3.26 55.39 -36.13
C GLU D 1691 -2.23 54.33 -36.52
N SER D 1692 -1.35 54.64 -37.48
CA SER D 1692 -0.25 53.72 -37.79
C SER D 1692 0.72 53.61 -36.63
N ARG D 1693 1.00 54.73 -35.96
CA ARG D 1693 1.85 54.71 -34.76
C ARG D 1693 1.20 53.93 -33.62
N ALA D 1694 -0.13 54.03 -33.49
CA ALA D 1694 -0.84 53.24 -32.49
C ALA D 1694 -0.76 51.76 -32.79
N ASN D 1695 -0.80 51.38 -34.07
CA ASN D 1695 -0.66 49.98 -34.44
C ASN D 1695 0.74 49.46 -34.13
N ILE D 1696 1.77 50.30 -34.36
CA ILE D 1696 3.15 49.94 -33.99
C ILE D 1696 3.26 49.68 -32.49
N ASN D 1697 2.63 50.56 -31.69
CA ASN D 1697 2.68 50.40 -30.24
C ASN D 1697 1.96 49.14 -29.78
N ASP D 1698 0.85 48.79 -30.43
CA ASP D 1698 0.13 47.58 -30.04
C ASP D 1698 0.88 46.31 -30.41
N ILE D 1699 1.53 46.29 -31.58
CA ILE D 1699 2.35 45.13 -31.97
C ILE D 1699 3.48 44.91 -30.97
N LYS D 1700 4.16 46.00 -30.60
CA LYS D 1700 5.26 45.87 -29.66
C LYS D 1700 4.79 45.50 -28.25
N ALA D 1701 3.59 45.95 -27.88
CA ALA D 1701 3.02 45.56 -26.59
C ALA D 1701 2.66 44.07 -26.55
N ASN D 1702 2.14 43.52 -27.65
CA ASN D 1702 1.89 42.09 -27.70
C ASN D 1702 3.19 41.29 -27.63
N TYR D 1703 4.26 41.82 -28.21
CA TYR D 1703 5.56 41.16 -28.09
C TYR D 1703 6.04 41.15 -26.64
N ASP D 1704 5.82 42.24 -25.91
CA ASP D 1704 6.22 42.30 -24.49
C ASP D 1704 5.38 41.34 -23.65
N ARG D 1705 4.08 41.24 -23.94
CA ARG D 1705 3.22 40.33 -23.18
C ARG D 1705 3.59 38.87 -23.41
N ARG D 1706 3.96 38.51 -24.64
CA ARG D 1706 4.37 37.12 -24.82
C ARG D 1706 5.78 36.85 -24.29
N GLU D 1707 6.63 37.88 -24.17
CA GLU D 1707 7.88 37.68 -23.42
C GLU D 1707 7.63 37.40 -21.95
N GLN D 1708 6.66 38.11 -21.34
CA GLN D 1708 6.31 37.82 -19.95
C GLN D 1708 5.72 36.43 -19.78
N GLU D 1709 4.91 36.00 -20.75
CA GLU D 1709 4.34 34.65 -20.66
C GLU D 1709 5.42 33.58 -20.83
N TRP D 1710 6.40 33.82 -21.70
CA TRP D 1710 7.52 32.91 -21.84
C TRP D 1710 8.34 32.83 -20.56
N THR D 1711 8.53 33.96 -19.88
CA THR D 1711 9.25 33.95 -18.61
C THR D 1711 8.50 33.12 -17.56
N LEU D 1712 7.17 33.26 -17.51
CA LEU D 1712 6.36 32.43 -16.60
C LEU D 1712 6.48 30.95 -16.91
N GLN D 1713 6.44 30.59 -18.20
CA GLN D 1713 6.50 29.16 -18.57
C GLN D 1713 7.88 28.58 -18.29
N LYS D 1714 8.94 29.37 -18.49
CA LYS D 1714 10.29 28.93 -18.20
C LYS D 1714 10.49 28.70 -16.70
N ASN D 1715 9.94 29.60 -15.87
CA ASN D 1715 10.06 29.44 -14.44
C ASN D 1715 9.26 28.24 -13.94
N GLN D 1716 8.09 28.00 -14.52
CA GLN D 1716 7.31 26.82 -14.12
C GLN D 1716 7.97 25.52 -14.54
N ALA D 1717 8.65 25.51 -15.70
CA ALA D 1717 9.39 24.31 -16.09
C ALA D 1717 10.61 24.08 -15.20
N ASP D 1718 11.25 25.16 -14.73
CA ASP D 1718 12.36 24.99 -13.79
C ASP D 1718 11.87 24.45 -12.44
N LYS D 1719 10.71 24.92 -11.97
CA LYS D 1719 10.14 24.37 -10.74
C LYS D 1719 9.70 22.92 -10.91
N ASP D 1720 9.23 22.55 -12.09
CA ASP D 1720 8.88 21.14 -12.33
C ASP D 1720 10.13 20.26 -12.36
N ALA D 1721 11.23 20.76 -12.90
CA ALA D 1721 12.48 19.99 -12.85
C ALA D 1721 13.01 19.86 -11.42
N GLU D 1722 12.86 20.91 -10.61
CA GLU D 1722 13.28 20.83 -9.21
C GLU D 1722 12.38 19.91 -8.40
N GLN D 1723 11.12 19.75 -8.80
CA GLN D 1723 10.27 18.73 -8.21
C GLN D 1723 10.73 17.33 -8.58
N LEU D 1724 10.92 17.10 -9.88
CA LEU D 1724 11.20 15.76 -10.38
C LEU D 1724 12.58 15.27 -9.98
N ALA D 1725 13.51 16.15 -9.65
CA ALA D 1725 14.79 15.71 -9.07
C ALA D 1725 14.57 15.05 -7.71
N HIS D 1726 13.77 15.66 -6.84
CA HIS D 1726 13.49 15.08 -5.53
C HIS D 1726 12.63 13.83 -5.66
N GLN D 1727 11.74 13.79 -6.65
CA GLN D 1727 10.94 12.59 -6.82
C GLN D 1727 11.78 11.43 -7.36
N TYR D 1728 12.79 11.73 -8.20
CA TYR D 1728 13.76 10.73 -8.61
C TYR D 1728 14.57 10.21 -7.42
N THR D 1729 14.93 11.11 -6.50
CA THR D 1729 15.63 10.70 -5.29
C THR D 1729 14.76 9.79 -4.41
N SER D 1730 13.45 10.09 -4.35
CA SER D 1730 12.51 9.25 -3.61
C SER D 1730 12.39 7.86 -4.20
N VAL D 1731 12.28 7.77 -5.53
CA VAL D 1731 12.15 6.46 -6.17
C VAL D 1731 13.46 5.68 -6.07
N GLN D 1732 14.60 6.36 -6.08
CA GLN D 1732 15.87 5.66 -5.92
C GLN D 1732 16.07 5.13 -4.50
N GLU D 1733 15.58 5.86 -3.51
CA GLU D 1733 15.66 5.32 -2.15
C GLU D 1733 14.63 4.24 -1.90
N GLN D 1734 13.49 4.27 -2.61
CA GLN D 1734 12.60 3.10 -2.61
C GLN D 1734 13.27 1.89 -3.22
N LEU D 1735 14.09 2.11 -4.26
CA LEU D 1735 14.84 1.01 -4.87
C LEU D 1735 15.86 0.43 -3.89
N ASN D 1736 16.52 1.29 -3.11
CA ASN D 1736 17.44 0.80 -2.08
C ASN D 1736 16.71 0.02 -0.99
N MET D 1737 15.51 0.47 -0.62
CA MET D 1737 14.73 -0.23 0.40
C MET D 1737 14.27 -1.60 -0.09
N ALA D 1738 13.83 -1.70 -1.34
CA ALA D 1738 13.45 -2.99 -1.89
C ALA D 1738 14.65 -3.91 -2.09
N GLN D 1739 15.80 -3.34 -2.44
CA GLN D 1739 17.00 -4.15 -2.64
C GLN D 1739 17.57 -4.62 -1.32
N LYS D 1740 17.24 -3.97 -0.20
CA LYS D 1740 17.54 -4.54 1.11
C LYS D 1740 16.49 -5.53 1.58
N GLN D 1741 15.22 -5.37 1.17
CA GLN D 1741 14.22 -6.40 1.46
C GLN D 1741 14.53 -7.73 0.77
N ARG D 1742 15.15 -7.67 -0.42
CA ARG D 1742 15.62 -8.89 -1.06
C ARG D 1742 16.68 -9.60 -0.22
N ASN D 1743 17.62 -8.84 0.35
CA ASN D 1743 18.65 -9.42 1.19
C ASN D 1743 18.07 -9.98 2.48
N LEU D 1744 17.03 -9.34 3.01
CA LEU D 1744 16.33 -9.87 4.17
C LEU D 1744 15.65 -11.19 3.86
N ALA D 1745 15.04 -11.31 2.68
CA ALA D 1745 14.39 -12.56 2.31
C ALA D 1745 15.40 -13.68 2.08
N GLU D 1746 16.54 -13.36 1.47
CA GLU D 1746 17.59 -14.36 1.30
C GLU D 1746 18.20 -14.78 2.63
N LEU D 1747 18.32 -13.85 3.57
CA LEU D 1747 18.80 -14.19 4.91
C LEU D 1747 17.82 -15.09 5.65
N GLU D 1748 16.51 -14.84 5.50
CA GLU D 1748 15.52 -15.71 6.11
C GLU D 1748 15.51 -17.11 5.49
N GLN D 1749 15.79 -17.20 4.18
CA GLN D 1749 15.96 -18.51 3.55
C GLN D 1749 17.17 -19.25 4.13
N GLY D 1750 18.27 -18.52 4.36
CA GLY D 1750 19.42 -19.12 5.02
C GLY D 1750 19.14 -19.58 6.44
N HIS D 1751 18.30 -18.84 7.16
CA HIS D 1751 17.95 -19.25 8.52
C HIS D 1751 17.06 -20.49 8.50
N ALA D 1752 16.18 -20.61 7.51
CA ALA D 1752 15.37 -21.82 7.37
C ALA D 1752 16.24 -23.04 7.05
N ASP D 1753 17.27 -22.83 6.22
CA ASP D 1753 18.20 -23.92 5.91
C ASP D 1753 19.01 -24.31 7.15
N ALA D 1754 19.37 -23.35 8.00
CA ALA D 1754 20.10 -23.66 9.22
C ALA D 1754 19.24 -24.43 10.21
N LEU D 1755 17.97 -24.06 10.34
CA LEU D 1755 17.07 -24.80 11.23
C LEU D 1755 16.82 -26.21 10.72
N TYR D 1756 16.67 -26.39 9.40
CA TYR D 1756 16.47 -27.73 8.88
C TYR D 1756 17.74 -28.56 9.00
N GLN D 1757 18.92 -27.93 8.94
CA GLN D 1757 20.14 -28.70 9.11
C GLN D 1757 20.31 -29.15 10.57
N MET D 1758 20.01 -28.28 11.53
CA MET D 1758 20.10 -28.74 12.91
C MET D 1758 18.91 -29.58 13.35
N GLN D 1759 17.84 -29.65 12.56
CA GLN D 1759 16.86 -30.71 12.79
C GLN D 1759 17.32 -32.03 12.19
N SER D 1760 18.07 -31.99 11.09
CA SER D 1760 18.53 -33.23 10.48
C SER D 1760 19.70 -33.83 11.25
N THR D 1761 20.69 -33.03 11.60
CA THR D 1761 21.88 -33.51 12.29
C THR D 1761 21.71 -33.58 13.80
N ARG D 1762 20.49 -33.37 14.29
CA ARG D 1762 20.15 -33.54 15.70
C ARG D 1762 20.33 -35.00 16.11
N PHE D 1763 20.78 -35.21 17.35
CA PHE D 1763 20.94 -36.58 17.83
C PHE D 1763 19.59 -37.25 18.03
N THR D 1764 18.69 -36.60 18.75
CA THR D 1764 17.34 -37.14 18.95
C THR D 1764 16.41 -36.76 17.80
N GLY D 1765 16.88 -37.00 16.57
CA GLY D 1765 16.09 -36.77 15.39
C GLY D 1765 15.35 -38.03 15.00
N LYS D 1766 15.04 -38.14 13.72
CA LYS D 1766 14.22 -39.26 13.28
C LYS D 1766 15.02 -40.56 13.25
N GLU D 1767 16.33 -40.49 13.03
CA GLU D 1767 17.15 -41.70 12.99
C GLU D 1767 17.35 -42.33 14.37
N LEU D 1768 17.05 -41.60 15.45
CA LEU D 1768 17.06 -42.15 16.79
C LEU D 1768 15.71 -42.74 17.16
N TYR D 1769 14.62 -42.11 16.74
CA TYR D 1769 13.32 -42.66 17.10
C TYR D 1769 12.92 -43.82 16.21
N ASN D 1770 13.44 -43.91 14.98
CA ASN D 1770 13.27 -45.14 14.20
C ASN D 1770 13.97 -46.31 14.87
N TRP D 1771 15.17 -46.08 15.39
CA TRP D 1771 15.91 -47.11 16.10
C TRP D 1771 15.19 -47.53 17.38
N MET D 1772 14.73 -46.55 18.17
CA MET D 1772 14.05 -46.87 19.42
C MET D 1772 12.71 -47.54 19.18
N ALA D 1773 12.01 -47.15 18.10
CA ALA D 1773 10.75 -47.81 17.78
C ALA D 1773 10.97 -49.25 17.34
N GLY D 1774 11.93 -49.47 16.44
CA GLY D 1774 12.19 -50.80 15.94
C GLY D 1774 12.79 -51.73 16.97
N ARG D 1775 13.43 -51.20 18.00
CA ARG D 1775 13.91 -52.07 19.07
C ARG D 1775 12.86 -52.27 20.16
N LEU D 1776 12.25 -51.19 20.62
CA LEU D 1776 11.32 -51.26 21.75
C LEU D 1776 10.03 -51.98 21.39
N SER D 1777 9.52 -51.78 20.18
CA SER D 1777 8.31 -52.49 19.77
C SER D 1777 8.57 -53.97 19.52
N GLY D 1778 9.81 -54.35 19.24
CA GLY D 1778 10.15 -55.74 19.07
C GLY D 1778 10.44 -56.44 20.37
N LEU D 1779 10.99 -55.71 21.34
CA LEU D 1779 11.23 -56.29 22.64
C LEU D 1779 9.98 -56.33 23.51
N TYR D 1780 9.00 -55.45 23.24
CA TYR D 1780 7.79 -55.42 24.04
C TYR D 1780 6.92 -56.65 23.80
N PHE D 1781 6.88 -57.14 22.57
CA PHE D 1781 6.15 -58.36 22.28
C PHE D 1781 6.85 -59.59 22.88
N GLN D 1782 8.18 -59.58 22.90
CA GLN D 1782 8.89 -60.69 23.53
C GLN D 1782 8.73 -60.69 25.04
N LEU D 1783 8.65 -59.50 25.63
CA LEU D 1783 8.35 -59.41 27.06
C LEU D 1783 6.92 -59.86 27.34
N PHE D 1784 6.00 -59.56 26.43
CA PHE D 1784 4.61 -60.01 26.59
C PHE D 1784 4.51 -61.53 26.49
N ASP D 1785 5.24 -62.15 25.56
CA ASP D 1785 5.25 -63.61 25.48
C ASP D 1785 6.10 -64.26 26.55
N ALA D 1786 6.92 -63.51 27.27
CA ALA D 1786 7.56 -64.06 28.45
C ALA D 1786 6.67 -63.94 29.68
N THR D 1787 5.79 -62.95 29.70
CA THR D 1787 4.96 -62.64 30.86
C THR D 1787 3.66 -63.45 30.87
N GLN D 1788 3.02 -63.60 29.71
CA GLN D 1788 1.73 -64.29 29.63
C GLN D 1788 1.74 -65.77 30.08
N PRO D 1789 2.79 -66.57 29.86
CA PRO D 1789 2.80 -67.90 30.52
C PRO D 1789 2.82 -67.87 32.04
N LEU D 1790 3.33 -66.81 32.69
CA LEU D 1790 3.18 -66.74 34.15
C LEU D 1790 1.74 -66.62 34.58
N CYS D 1791 0.97 -65.81 33.86
CA CYS D 1791 -0.45 -65.68 34.17
C CYS D 1791 -1.19 -66.99 33.90
N LEU D 1792 -0.78 -67.71 32.86
CA LEU D 1792 -1.39 -69.02 32.62
C LEU D 1792 -0.96 -70.05 33.68
N MET D 1793 0.27 -69.95 34.19
CA MET D 1793 0.70 -70.77 35.33
C MET D 1793 -0.19 -70.50 36.54
N ALA D 1794 -0.42 -69.23 36.84
CA ALA D 1794 -1.20 -68.85 38.01
C ALA D 1794 -2.64 -69.32 37.90
N LYS D 1795 -3.20 -69.25 36.68
CA LYS D 1795 -4.54 -69.78 36.45
C LYS D 1795 -4.58 -71.29 36.64
N ALA D 1796 -3.63 -72.01 36.05
CA ALA D 1796 -3.62 -73.47 36.15
C ALA D 1796 -3.24 -73.97 37.53
N VAL D 1797 -2.62 -73.14 38.36
CA VAL D 1797 -2.34 -73.53 39.74
C VAL D 1797 -3.53 -73.24 40.65
N LEU D 1798 -4.21 -72.11 40.43
CA LEU D 1798 -5.40 -71.84 41.25
C LEU D 1798 -6.56 -72.75 40.87
N GLU D 1799 -6.57 -73.30 39.65
CA GLU D 1799 -7.58 -74.29 39.30
C GLU D 1799 -7.39 -75.63 40.01
N LYS D 1800 -6.27 -75.84 40.70
CA LYS D 1800 -6.16 -77.01 41.58
C LYS D 1800 -7.05 -76.84 42.81
N GLU D 1801 -6.85 -75.76 43.57
CA GLU D 1801 -7.59 -75.55 44.80
C GLU D 1801 -9.01 -75.07 44.52
N VAL D 1802 -9.14 -73.90 43.91
CA VAL D 1802 -10.44 -73.36 43.55
C VAL D 1802 -10.95 -74.12 42.34
N ASP D 1803 -12.19 -74.61 42.41
CA ASP D 1803 -12.75 -75.41 41.34
C ASP D 1803 -13.03 -74.55 40.11
N LYS D 1804 -13.12 -75.22 38.96
CA LYS D 1804 -13.18 -74.55 37.65
C LYS D 1804 -14.54 -73.97 37.32
N ALA D 1805 -15.46 -73.86 38.27
CA ALA D 1805 -16.74 -73.20 38.02
C ALA D 1805 -16.66 -71.69 38.22
N LYS D 1806 -15.51 -71.16 38.64
CA LYS D 1806 -15.37 -69.74 38.93
C LYS D 1806 -14.24 -69.07 38.18
N THR D 1807 -13.25 -69.81 37.71
CA THR D 1807 -12.12 -69.25 36.97
C THR D 1807 -12.31 -69.33 35.47
N ASP D 1808 -13.55 -69.25 35.00
CA ASP D 1808 -13.85 -69.46 33.58
C ASP D 1808 -13.40 -68.26 32.74
N GLY D 1809 -13.99 -67.10 32.98
CA GLY D 1809 -13.71 -65.94 32.15
C GLY D 1809 -12.55 -65.09 32.66
N LEU D 1810 -11.35 -65.66 32.63
CA LEU D 1810 -10.15 -64.93 33.05
C LEU D 1810 -9.18 -64.73 31.90
N PHE D 1811 -8.74 -65.79 31.24
CA PHE D 1811 -7.72 -65.71 30.21
C PHE D 1811 -8.23 -66.33 28.92
N ILE D 1812 -9.44 -65.95 28.53
CA ILE D 1812 -10.02 -66.44 27.30
C ILE D 1812 -9.42 -65.72 26.09
N ARG D 1813 -9.30 -64.41 26.17
CA ARG D 1813 -8.83 -63.60 25.06
C ARG D 1813 -7.38 -63.19 25.28
N SER D 1814 -6.62 -63.12 24.19
CA SER D 1814 -5.29 -62.55 24.26
C SER D 1814 -5.36 -61.04 24.22
N GLY D 1815 -4.66 -60.38 25.14
CA GLY D 1815 -4.68 -58.93 25.21
C GLY D 1815 -3.90 -58.22 24.13
N TRP D 1816 -3.10 -58.95 23.37
CA TRP D 1816 -2.30 -58.34 22.32
C TRP D 1816 -3.17 -58.01 21.12
N ASN D 1817 -2.87 -56.87 20.50
CA ASN D 1817 -3.57 -56.41 19.30
C ASN D 1817 -2.53 -56.08 18.24
N ASP D 1818 -2.45 -56.92 17.20
CA ASP D 1818 -1.46 -56.74 16.15
C ASP D 1818 -1.72 -55.51 15.29
N LEU D 1819 -2.98 -55.05 15.22
CA LEU D 1819 -3.29 -53.94 14.33
C LEU D 1819 -2.77 -52.62 14.89
N TYR D 1820 -2.73 -52.49 16.20
CA TYR D 1820 -1.99 -51.44 16.86
C TYR D 1820 -0.65 -52.03 17.26
N GLN D 1821 0.11 -51.34 18.09
CA GLN D 1821 1.43 -51.85 18.46
C GLN D 1821 1.38 -52.68 19.74
N GLY D 1822 0.27 -53.32 20.01
CA GLY D 1822 0.11 -54.06 21.25
C GLY D 1822 -0.06 -53.17 22.45
N LEU D 1823 -0.55 -51.95 22.25
CA LEU D 1823 -0.75 -51.03 23.36
C LEU D 1823 -1.85 -51.52 24.27
N LEU D 1824 -1.72 -51.19 25.56
CA LEU D 1824 -2.65 -51.57 26.62
C LEU D 1824 -2.82 -53.08 26.75
N ALA D 1825 -1.76 -53.82 26.44
CA ALA D 1825 -1.80 -55.27 26.60
C ALA D 1825 -1.47 -55.68 28.02
N GLY D 1826 -0.67 -54.87 28.72
CA GLY D 1826 -0.40 -55.14 30.12
C GLY D 1826 -1.56 -54.85 31.04
N GLU D 1827 -2.49 -53.99 30.61
CA GLU D 1827 -3.67 -53.71 31.42
C GLU D 1827 -4.59 -54.91 31.48
N ASP D 1828 -4.71 -55.64 30.37
CA ASP D 1828 -5.50 -56.87 30.36
C ASP D 1828 -4.92 -57.90 31.33
N LEU D 1829 -3.59 -58.02 31.36
CA LEU D 1829 -2.97 -58.95 32.30
C LEU D 1829 -3.11 -58.48 33.73
N GLN D 1830 -3.06 -57.16 33.96
CA GLN D 1830 -3.22 -56.63 35.31
C GLN D 1830 -4.63 -56.85 35.83
N LEU D 1831 -5.64 -56.58 35.00
CA LEU D 1831 -7.03 -56.85 35.37
C LEU D 1831 -7.27 -58.33 35.59
N ASN D 1832 -6.75 -59.18 34.71
CA ASN D 1832 -7.01 -60.61 34.84
C ASN D 1832 -6.17 -61.27 35.91
N LEU D 1833 -5.14 -60.62 36.43
CA LEU D 1833 -4.51 -61.09 37.65
C LEU D 1833 -5.19 -60.56 38.90
N GLN D 1834 -5.74 -59.34 38.84
CA GLN D 1834 -6.48 -58.82 39.99
C GLN D 1834 -7.75 -59.61 40.22
N LYS D 1835 -8.43 -60.00 39.14
CA LYS D 1835 -9.65 -60.79 39.25
C LYS D 1835 -9.34 -62.21 39.73
N LEU D 1836 -8.19 -62.75 39.29
CA LEU D 1836 -7.72 -64.05 39.76
C LEU D 1836 -7.38 -64.02 41.26
N GLU D 1837 -6.72 -62.95 41.70
CA GLU D 1837 -6.38 -62.77 43.10
C GLU D 1837 -7.64 -62.60 43.96
N ASN D 1838 -8.66 -61.95 43.42
CA ASN D 1838 -9.92 -61.82 44.17
C ASN D 1838 -10.65 -63.16 44.27
N VAL D 1839 -10.58 -63.96 43.21
CA VAL D 1839 -11.12 -65.33 43.26
C VAL D 1839 -10.38 -66.16 44.31
N TRP D 1840 -9.06 -65.94 44.45
CA TRP D 1840 -8.31 -66.68 45.45
C TRP D 1840 -8.62 -66.22 46.87
N LEU D 1841 -8.79 -64.91 47.07
CA LEU D 1841 -9.01 -64.44 48.44
C LEU D 1841 -10.45 -64.63 48.91
N MET D 1842 -11.42 -64.59 47.99
CA MET D 1842 -12.80 -64.92 48.38
C MET D 1842 -12.96 -66.41 48.63
N GLU D 1843 -12.70 -67.23 47.63
CA GLU D 1843 -13.09 -68.64 47.64
C GLU D 1843 -11.95 -69.59 47.98
N GLU D 1844 -11.08 -69.24 48.92
CA GLU D 1844 -10.18 -70.23 49.51
C GLU D 1844 -10.75 -70.67 50.84
N GLN D 1845 -10.80 -71.99 51.05
CA GLN D 1845 -11.48 -72.58 52.19
C GLN D 1845 -10.50 -73.27 53.12
N ARG D 1846 -10.93 -73.45 54.36
CA ARG D 1846 -10.13 -74.11 55.37
C ARG D 1846 -10.08 -75.61 55.09
N ALA D 1847 -8.86 -76.16 55.11
CA ALA D 1847 -8.67 -77.59 54.92
C ALA D 1847 -9.14 -78.36 56.13
N LEU D 1848 -9.55 -79.61 55.90
CA LEU D 1848 -9.94 -80.54 56.96
C LEU D 1848 -8.95 -81.70 56.89
N GLU D 1849 -7.92 -81.64 57.73
CA GLU D 1849 -6.82 -82.58 57.65
C GLU D 1849 -7.22 -83.94 58.24
N VAL D 1850 -6.72 -85.01 57.63
CA VAL D 1850 -6.91 -86.36 58.15
C VAL D 1850 -5.59 -87.10 58.04
N GLU D 1851 -5.10 -87.63 59.16
CA GLU D 1851 -3.90 -88.47 59.17
C GLU D 1851 -4.34 -89.92 59.31
N ARG D 1852 -4.12 -90.71 58.27
CA ARG D 1852 -4.53 -92.10 58.24
C ARG D 1852 -3.31 -93.00 58.08
N THR D 1853 -3.20 -94.01 58.93
CA THR D 1853 -2.07 -94.94 58.94
C THR D 1853 -2.56 -96.30 58.45
N VAL D 1854 -2.32 -96.62 57.18
CA VAL D 1854 -2.70 -97.91 56.61
C VAL D 1854 -1.41 -98.70 56.41
N SER D 1855 -1.09 -99.55 57.38
CA SER D 1855 0.08 -100.40 57.28
C SER D 1855 -0.16 -101.53 56.27
N LEU D 1856 0.90 -102.23 55.92
CA LEU D 1856 0.75 -103.39 55.05
C LEU D 1856 0.56 -104.68 55.87
N ALA D 1857 -0.37 -104.61 56.81
CA ALA D 1857 -1.01 -105.77 57.39
C ALA D 1857 -2.37 -106.01 56.76
N GLN D 1858 -2.60 -105.48 55.57
CA GLN D 1858 -3.85 -105.65 54.85
C GLN D 1858 -3.70 -106.54 53.63
N HIS D 1859 -2.49 -107.00 53.33
CA HIS D 1859 -2.34 -108.04 52.30
C HIS D 1859 -2.95 -109.34 52.75
N TYR D 1860 -3.00 -109.59 54.06
CA TYR D 1860 -3.79 -110.69 54.60
C TYR D 1860 -5.28 -110.46 54.39
N GLN D 1861 -5.70 -109.20 54.36
CA GLN D 1861 -7.08 -108.83 54.14
C GLN D 1861 -7.42 -108.64 52.66
N GLN D 1862 -6.40 -108.54 51.81
CA GLN D 1862 -6.54 -108.00 50.45
C GLN D 1862 -7.33 -108.95 49.56
N LEU D 1863 -8.58 -108.57 49.28
CA LEU D 1863 -9.46 -109.06 48.21
C LEU D 1863 -10.02 -110.45 48.46
N SER D 1864 -9.53 -111.13 49.51
CA SER D 1864 -10.03 -112.41 50.03
C SER D 1864 -9.98 -113.55 49.01
N ASP D 1865 -9.24 -113.40 47.91
CA ASP D 1865 -9.09 -114.47 46.93
C ASP D 1865 -7.60 -114.70 46.71
N HIS D 1866 -6.81 -113.64 46.90
CA HIS D 1866 -5.35 -113.72 46.86
C HIS D 1866 -4.85 -112.96 48.09
N LYS D 1867 -4.72 -113.66 49.19
CA LYS D 1867 -4.24 -113.09 50.44
C LYS D 1867 -2.97 -113.83 50.85
N PHE D 1868 -2.12 -113.14 51.61
CA PHE D 1868 -0.84 -113.70 52.01
C PHE D 1868 -0.31 -112.92 53.21
N ASN D 1869 0.61 -113.55 53.92
CA ASN D 1869 1.33 -112.91 55.01
C ASN D 1869 2.61 -112.31 54.45
N LEU D 1870 2.87 -111.04 54.76
CA LEU D 1870 3.92 -110.29 54.07
C LEU D 1870 5.30 -110.72 54.53
N ALA D 1871 5.51 -110.84 55.85
CA ALA D 1871 6.83 -111.17 56.38
C ALA D 1871 7.24 -112.59 56.02
N GLU D 1872 6.28 -113.53 56.02
CA GLU D 1872 6.57 -114.90 55.62
C GLU D 1872 6.89 -114.98 54.13
N ILE D 1873 6.18 -114.23 53.29
CA ILE D 1873 6.43 -114.37 51.86
C ILE D 1873 7.70 -113.64 51.46
N VAL D 1874 8.11 -112.58 52.16
CA VAL D 1874 9.38 -111.97 51.80
C VAL D 1874 10.54 -112.80 52.34
N THR D 1875 10.32 -113.53 53.44
CA THR D 1875 11.28 -114.54 53.88
C THR D 1875 11.42 -115.64 52.84
N GLY D 1876 10.30 -116.00 52.18
CA GLY D 1876 10.37 -116.88 51.04
C GLY D 1876 11.08 -116.27 49.84
N TYR D 1877 10.97 -114.96 49.67
CA TYR D 1877 11.65 -114.31 48.55
C TYR D 1877 13.11 -113.98 48.84
N MET D 1878 13.60 -114.21 50.06
CA MET D 1878 15.03 -113.97 50.31
C MET D 1878 15.92 -114.98 49.62
N ALA D 1879 15.41 -116.17 49.31
CA ALA D 1879 16.10 -117.16 48.49
C ALA D 1879 15.21 -117.52 47.31
N GLN D 1880 15.77 -118.34 46.41
CA GLN D 1880 15.11 -118.86 45.21
C GLN D 1880 14.63 -117.71 44.31
N ASP D 1881 15.61 -117.01 43.76
CA ASP D 1881 15.42 -115.73 43.09
C ASP D 1881 14.57 -115.86 41.83
N LYS D 1882 14.02 -114.71 41.42
CA LYS D 1882 13.25 -114.53 40.17
C LYS D 1882 11.99 -115.40 40.14
N ASP D 1883 11.20 -115.33 41.20
CA ASP D 1883 9.87 -115.92 41.24
C ASP D 1883 8.83 -114.82 41.51
N GLN D 1884 7.58 -115.24 41.68
CA GLN D 1884 6.48 -114.30 41.89
C GLN D 1884 5.30 -115.02 42.50
N LYS D 1885 4.71 -114.42 43.53
CA LYS D 1885 3.36 -114.76 43.98
C LYS D 1885 2.61 -113.44 43.95
N THR D 1886 2.02 -113.14 42.80
CA THR D 1886 1.21 -111.94 42.65
C THR D 1886 -0.13 -112.13 43.34
N GLY D 1887 -0.55 -111.11 44.09
CA GLY D 1887 -1.93 -111.08 44.54
C GLY D 1887 -2.81 -110.79 43.35
N ASN D 1888 -2.70 -109.57 42.82
CA ASN D 1888 -3.44 -109.16 41.64
C ASN D 1888 -2.50 -108.35 40.76
N GLU D 1889 -3.05 -107.71 39.75
CA GLU D 1889 -2.32 -106.70 38.99
C GLU D 1889 -2.36 -105.35 39.67
N GLN D 1890 -3.21 -105.19 40.68
CA GLN D 1890 -3.27 -104.00 41.51
C GLN D 1890 -2.42 -104.12 42.76
N ASP D 1891 -2.49 -105.24 43.46
CA ASP D 1891 -1.75 -105.47 44.70
C ASP D 1891 -0.97 -106.76 44.57
N PHE D 1892 0.36 -106.68 44.70
CA PHE D 1892 1.22 -107.84 44.54
C PHE D 1892 2.56 -107.58 45.19
N VAL D 1893 3.31 -108.66 45.39
CA VAL D 1893 4.71 -108.61 45.80
C VAL D 1893 5.49 -109.51 44.86
N GLU D 1894 6.42 -108.94 44.10
CA GLU D 1894 7.18 -109.70 43.12
C GLU D 1894 8.64 -109.28 43.18
N LEU D 1895 9.43 -109.88 42.29
CA LEU D 1895 10.75 -109.36 41.95
C LEU D 1895 11.08 -109.80 40.53
N LYS D 1896 11.29 -108.83 39.64
CA LYS D 1896 11.71 -109.12 38.28
C LYS D 1896 13.21 -109.36 38.24
N ASN D 1897 13.94 -108.52 38.95
CA ASN D 1897 15.38 -108.58 39.16
C ASN D 1897 15.60 -108.77 40.65
N SER D 1898 16.84 -108.54 41.10
CA SER D 1898 17.11 -108.51 42.54
C SER D 1898 16.31 -107.42 43.25
N THR D 1899 15.93 -106.36 42.54
CA THR D 1899 14.94 -105.41 43.03
C THR D 1899 13.58 -106.09 43.20
N LEU D 1900 13.00 -105.98 44.39
CA LEU D 1900 11.65 -106.46 44.63
C LEU D 1900 10.66 -105.29 44.65
N ILE D 1901 9.42 -105.59 44.29
CA ILE D 1901 8.37 -104.58 44.16
C ILE D 1901 7.23 -104.99 45.07
N ALA D 1902 6.87 -104.11 46.01
CA ALA D 1902 5.74 -104.34 46.90
C ALA D 1902 4.66 -103.32 46.52
N SER D 1903 3.85 -103.66 45.53
CA SER D 1903 2.88 -102.71 45.00
C SER D 1903 1.64 -102.66 45.88
N LEU D 1904 0.87 -101.59 45.69
CA LEU D 1904 -0.30 -101.31 46.53
C LEU D 1904 -1.23 -100.35 45.80
N SER D 1905 -2.45 -100.80 45.52
CA SER D 1905 -3.43 -99.95 44.85
C SER D 1905 -4.03 -98.95 45.83
N ILE D 1906 -4.30 -97.75 45.32
CA ILE D 1906 -4.85 -96.69 46.15
C ILE D 1906 -6.36 -96.87 46.35
N LYS D 1907 -7.04 -97.42 45.33
CA LYS D 1907 -8.47 -97.71 45.47
C LYS D 1907 -8.72 -98.84 46.46
N GLY D 1908 -7.78 -99.78 46.56
CA GLY D 1908 -7.87 -100.85 47.54
C GLY D 1908 -7.61 -100.42 48.97
N LEU D 1909 -7.14 -99.19 49.18
CA LEU D 1909 -6.96 -98.68 50.54
C LEU D 1909 -8.30 -98.42 51.22
N ASN D 1910 -9.32 -98.06 50.43
CA ASN D 1910 -10.68 -97.75 50.90
C ASN D 1910 -10.67 -96.63 51.94
N LEU D 1911 -10.20 -95.46 51.53
CA LEU D 1911 -10.13 -94.32 52.44
C LEU D 1911 -11.37 -93.46 52.40
N VAL D 1912 -12.28 -93.69 51.45
CA VAL D 1912 -13.56 -92.99 51.44
C VAL D 1912 -14.57 -93.59 52.39
N GLU D 1913 -14.25 -94.72 53.02
CA GLU D 1913 -15.09 -95.31 54.06
C GLU D 1913 -14.82 -94.73 55.43
N ASP D 1914 -13.74 -93.96 55.59
CA ASP D 1914 -13.43 -93.39 56.90
C ASP D 1914 -14.39 -92.28 57.27
N TYR D 1915 -14.66 -91.38 56.33
CA TYR D 1915 -15.60 -90.28 56.52
C TYR D 1915 -16.70 -90.45 55.46
N PRO D 1916 -17.64 -91.34 55.70
CA PRO D 1916 -18.58 -91.74 54.64
C PRO D 1916 -19.72 -90.76 54.43
N GLU D 1917 -20.72 -91.19 53.67
CA GLU D 1917 -22.01 -90.53 53.60
C GLU D 1917 -22.75 -90.63 54.94
N THR D 1918 -23.93 -90.01 54.99
CA THR D 1918 -24.80 -89.70 56.14
C THR D 1918 -24.21 -88.63 57.06
N MET D 1919 -22.99 -88.16 56.80
CA MET D 1919 -22.53 -86.87 57.28
C MET D 1919 -21.93 -86.14 56.09
N HIS D 1920 -22.36 -84.91 55.88
CA HIS D 1920 -22.24 -84.25 54.58
C HIS D 1920 -21.00 -83.37 54.57
N LEU D 1921 -19.94 -83.87 53.95
CA LEU D 1921 -18.68 -83.17 53.79
C LEU D 1921 -17.89 -83.85 52.69
N GLY D 1922 -16.86 -83.17 52.20
CA GLY D 1922 -15.95 -83.78 51.27
C GLY D 1922 -16.43 -84.01 49.86
N ASP D 1923 -16.59 -82.94 49.08
CA ASP D 1923 -16.75 -83.10 47.64
C ASP D 1923 -15.53 -83.78 47.03
N ILE D 1924 -14.33 -83.27 47.31
CA ILE D 1924 -13.09 -83.83 46.80
C ILE D 1924 -12.18 -84.19 47.96
N ARG D 1925 -11.49 -85.33 47.82
CA ARG D 1925 -10.46 -85.77 48.75
C ARG D 1925 -9.12 -85.79 48.02
N ARG D 1926 -8.17 -84.99 48.50
CA ARG D 1926 -6.88 -84.83 47.85
C ARG D 1926 -5.79 -85.25 48.82
N ILE D 1927 -4.83 -86.04 48.33
CA ILE D 1927 -3.70 -86.44 49.17
C ILE D 1927 -2.77 -85.25 49.35
N LYS D 1928 -2.42 -84.95 50.60
CA LYS D 1928 -1.52 -83.84 50.90
C LYS D 1928 -0.07 -84.30 50.97
N GLN D 1929 0.22 -85.40 51.64
CA GLN D 1929 1.59 -85.83 51.89
C GLN D 1929 1.58 -87.29 52.34
N ILE D 1930 2.51 -88.07 51.80
CA ILE D 1930 2.65 -89.48 52.16
C ILE D 1930 4.03 -89.70 52.75
N SER D 1931 4.07 -90.18 54.00
CA SER D 1931 5.32 -90.50 54.67
C SER D 1931 5.30 -91.97 55.06
N VAL D 1932 6.48 -92.56 55.17
CA VAL D 1932 6.65 -94.00 55.34
C VAL D 1932 7.41 -94.26 56.64
N SER D 1933 6.96 -95.25 57.40
CA SER D 1933 7.73 -95.76 58.52
C SER D 1933 8.06 -97.23 58.28
N LEU D 1934 9.22 -97.65 58.79
CA LEU D 1934 9.69 -99.02 58.65
C LEU D 1934 10.07 -99.55 60.02
N PRO D 1935 9.33 -100.52 60.58
CA PRO D 1935 9.70 -101.13 61.86
C PRO D 1935 10.75 -102.24 61.73
N ALA D 1936 11.80 -101.98 60.95
CA ALA D 1936 12.89 -102.91 60.77
C ALA D 1936 14.01 -102.60 61.78
N LEU D 1937 14.96 -103.51 61.90
CA LEU D 1937 16.13 -103.29 62.73
C LEU D 1937 17.30 -102.87 61.84
N LEU D 1938 17.91 -101.74 62.17
CA LEU D 1938 19.02 -101.23 61.39
C LEU D 1938 20.25 -101.08 62.27
N GLY D 1939 20.03 -100.92 63.56
CA GLY D 1939 21.12 -100.76 64.49
C GLY D 1939 21.72 -99.39 64.42
N PRO D 1940 23.06 -99.30 64.49
CA PRO D 1940 23.72 -97.99 64.54
C PRO D 1940 23.60 -97.14 63.26
N TYR D 1941 24.07 -97.64 62.11
CA TYR D 1941 24.17 -96.79 60.94
C TYR D 1941 23.84 -97.50 59.63
N GLN D 1942 23.00 -98.53 59.65
CA GLN D 1942 22.63 -99.21 58.41
C GLN D 1942 21.43 -98.50 57.80
N ASP D 1943 21.44 -98.38 56.47
CA ASP D 1943 20.46 -97.58 55.76
C ASP D 1943 19.55 -98.47 54.91
N VAL D 1944 18.31 -98.04 54.77
CA VAL D 1944 17.38 -98.65 53.83
C VAL D 1944 17.29 -97.75 52.60
N GLN D 1945 17.48 -98.34 51.42
CA GLN D 1945 17.12 -97.70 50.17
C GLN D 1945 15.78 -98.24 49.73
N ALA D 1946 14.90 -97.34 49.28
CA ALA D 1946 13.57 -97.68 48.80
C ALA D 1946 13.03 -96.50 48.02
N THR D 1947 12.03 -96.77 47.18
CA THR D 1947 11.38 -95.72 46.41
C THR D 1947 9.87 -95.77 46.65
N LEU D 1948 9.17 -94.81 46.05
CA LEU D 1948 7.73 -94.84 45.91
C LEU D 1948 7.40 -94.20 44.56
N ASP D 1949 6.44 -94.79 43.85
CA ASP D 1949 6.03 -94.28 42.56
C ASP D 1949 4.52 -94.22 42.48
N TYR D 1950 4.03 -93.44 41.53
CA TYR D 1950 2.61 -93.36 41.22
C TYR D 1950 2.39 -93.93 39.82
N ALA D 1951 1.36 -94.75 39.68
CA ALA D 1951 1.18 -95.55 38.46
C ALA D 1951 0.10 -95.01 37.55
N GLY D 1952 -0.97 -94.43 38.08
CA GLY D 1952 -2.08 -94.00 37.28
C GLY D 1952 -1.77 -92.75 36.46
N GLU D 1953 -2.73 -92.38 35.62
CA GLU D 1953 -2.59 -91.18 34.82
C GLU D 1953 -2.94 -89.96 35.65
N ASN D 1954 -2.10 -88.92 35.55
CA ASN D 1954 -2.31 -87.71 36.33
C ASN D 1954 -1.60 -86.58 35.59
N THR D 1955 -2.37 -85.67 35.00
CA THR D 1955 -1.84 -84.51 34.30
C THR D 1955 -1.69 -83.30 35.21
N HIS D 1956 -1.56 -83.51 36.51
CA HIS D 1956 -1.51 -82.42 37.47
C HIS D 1956 -0.36 -82.50 38.46
N LEU D 1957 0.30 -83.66 38.57
CA LEU D 1957 1.55 -83.73 39.31
C LEU D 1957 2.62 -82.94 38.56
N ALA D 1958 3.32 -82.06 39.27
CA ALA D 1958 3.96 -80.92 38.61
C ALA D 1958 5.24 -81.31 37.87
N LYS D 1959 6.28 -81.68 38.62
CA LYS D 1959 7.56 -82.06 38.00
C LYS D 1959 8.35 -82.85 39.04
N GLY D 1960 8.53 -84.14 38.81
CA GLY D 1960 9.26 -84.96 39.76
C GLY D 1960 8.55 -85.21 41.08
N CYS D 1961 7.25 -84.95 41.15
CA CYS D 1961 6.46 -85.19 42.35
C CYS D 1961 5.83 -86.58 42.37
N THR D 1962 6.21 -87.45 41.44
CA THR D 1962 5.72 -88.82 41.47
C THR D 1962 6.59 -89.73 42.32
N ALA D 1963 7.80 -89.29 42.68
CA ALA D 1963 8.77 -90.15 43.33
C ALA D 1963 9.06 -89.65 44.73
N LEU D 1964 9.62 -90.55 45.53
CA LEU D 1964 9.95 -90.31 46.94
C LEU D 1964 10.88 -91.41 47.38
N ALA D 1965 11.92 -91.06 48.12
CA ALA D 1965 12.93 -92.02 48.54
C ALA D 1965 12.94 -92.17 50.06
N ILE D 1966 13.33 -93.35 50.51
CA ILE D 1966 13.40 -93.68 51.93
C ILE D 1966 14.86 -93.81 52.30
N SER D 1967 15.23 -93.27 53.47
CA SER D 1967 16.60 -93.43 53.93
C SER D 1967 16.75 -93.66 55.44
N ARG D 1968 15.67 -93.66 56.21
CA ARG D 1968 15.82 -93.69 57.66
C ARG D 1968 15.12 -94.88 58.32
N GLY D 1969 13.88 -95.18 57.94
CA GLY D 1969 13.09 -96.18 58.62
C GLY D 1969 12.09 -95.61 59.62
N MET D 1970 12.40 -94.47 60.20
CA MET D 1970 11.45 -93.76 61.05
C MET D 1970 10.41 -93.05 60.16
N ASN D 1971 9.49 -92.31 60.76
CA ASN D 1971 8.48 -91.56 60.02
C ASN D 1971 9.18 -90.43 59.28
N ASP D 1972 9.48 -90.66 58.01
CA ASP D 1972 10.23 -89.71 57.21
C ASP D 1972 9.55 -89.52 55.85
N SER D 1973 9.95 -88.46 55.17
CA SER D 1973 9.39 -88.11 53.88
C SER D 1973 10.53 -87.96 52.88
N GLY D 1974 10.17 -87.57 51.65
CA GLY D 1974 11.16 -87.33 50.62
C GLY D 1974 11.61 -85.89 50.55
N GLN D 1975 11.79 -85.26 51.71
CA GLN D 1975 12.35 -83.92 51.82
C GLN D 1975 13.21 -83.84 53.07
N PHE D 1976 14.27 -83.05 53.01
CA PHE D 1976 14.98 -82.68 54.22
C PHE D 1976 14.15 -81.62 54.95
N GLN D 1977 14.00 -81.81 56.27
CA GLN D 1977 13.22 -80.97 57.21
C GLN D 1977 11.85 -80.60 56.64
N LEU D 1978 11.00 -81.63 56.51
CA LEU D 1978 9.66 -81.56 55.94
C LEU D 1978 8.79 -80.46 56.54
N ASP D 1979 8.39 -79.49 55.71
CA ASP D 1979 7.69 -78.32 56.16
C ASP D 1979 6.50 -78.07 55.24
N PHE D 1980 5.31 -77.97 55.83
CA PHE D 1980 4.09 -77.71 55.08
C PHE D 1980 3.92 -76.23 54.75
N ASN D 1981 4.57 -75.34 55.50
CA ASN D 1981 4.45 -73.91 55.27
C ASN D 1981 5.58 -73.42 54.37
N ASP D 1982 5.64 -74.00 53.17
CA ASP D 1982 6.62 -73.64 52.17
C ASP D 1982 5.88 -73.34 50.86
N GLY D 1983 6.54 -72.56 50.00
CA GLY D 1983 5.95 -72.19 48.72
C GLY D 1983 5.87 -73.30 47.70
N LYS D 1984 6.54 -74.43 47.94
CA LYS D 1984 6.54 -75.55 47.02
C LYS D 1984 5.45 -76.56 47.39
N TYR D 1985 5.16 -77.45 46.45
CA TYR D 1985 4.27 -78.57 46.74
C TYR D 1985 5.05 -79.69 47.43
N LEU D 1986 4.40 -80.82 47.60
CA LEU D 1986 4.97 -81.99 48.24
C LEU D 1986 4.93 -83.16 47.27
N PRO D 1987 5.71 -84.22 47.52
CA PRO D 1987 5.52 -85.45 46.75
C PRO D 1987 4.16 -86.07 47.02
N PHE D 1988 3.55 -86.57 45.94
CA PHE D 1988 2.21 -87.18 45.93
C PHE D 1988 1.11 -86.21 46.35
N GLU D 1989 1.36 -84.90 46.21
CA GLU D 1989 0.37 -83.91 46.59
C GLU D 1989 -0.55 -83.65 45.40
N GLY D 1990 -1.84 -83.79 45.61
CA GLY D 1990 -2.80 -83.57 44.54
C GLY D 1990 -3.29 -84.83 43.86
N ILE D 1991 -3.33 -85.94 44.56
CA ILE D 1991 -3.80 -87.22 44.03
C ILE D 1991 -5.11 -87.55 44.71
N ASP D 1992 -6.13 -87.89 43.91
CA ASP D 1992 -7.41 -88.30 44.45
C ASP D 1992 -7.31 -89.62 45.20
N ILE D 1993 -8.27 -89.85 46.09
CA ILE D 1993 -8.33 -91.12 46.80
C ILE D 1993 -8.84 -92.22 45.88
N SER D 1994 -9.96 -91.96 45.18
CA SER D 1994 -10.55 -92.95 44.30
C SER D 1994 -9.90 -92.87 42.92
N ASP D 1995 -8.65 -93.33 42.86
CA ASP D 1995 -7.91 -93.45 41.61
C ASP D 1995 -7.55 -94.91 41.38
N LYS D 1996 -7.23 -95.21 40.12
CA LYS D 1996 -6.80 -96.54 39.74
C LYS D 1996 -5.28 -96.65 39.60
N GLY D 1997 -4.55 -95.77 40.26
CA GLY D 1997 -3.11 -95.88 40.31
C GLY D 1997 -2.64 -96.64 41.52
N THR D 1998 -1.43 -97.20 41.42
CA THR D 1998 -0.87 -98.02 42.48
C THR D 1998 0.40 -97.39 43.01
N LEU D 1999 0.61 -97.52 44.32
CA LEU D 1999 1.86 -97.11 44.95
C LEU D 1999 2.83 -98.28 44.87
N VAL D 2000 3.97 -98.06 44.21
CA VAL D 2000 4.76 -99.17 43.69
C VAL D 2000 5.73 -99.72 44.72
N LEU D 2001 6.49 -98.83 45.37
CA LEU D 2001 7.37 -99.13 46.52
C LEU D 2001 8.44 -100.17 46.14
N ARG D 2002 9.35 -99.75 45.28
CA ARG D 2002 10.44 -100.60 44.83
C ARG D 2002 11.63 -100.49 45.76
N PHE D 2003 12.12 -101.64 46.21
CA PHE D 2003 13.41 -101.68 46.86
C PHE D 2003 14.50 -101.97 45.83
N PRO D 2004 15.71 -101.46 46.02
CA PRO D 2004 16.83 -101.86 45.17
C PRO D 2004 17.33 -103.28 45.45
N ASN D 2005 18.47 -103.62 44.84
CA ASN D 2005 18.98 -104.98 44.70
C ASN D 2005 19.15 -105.72 46.02
N ALA D 2006 18.35 -106.78 46.21
CA ALA D 2006 18.39 -107.57 47.44
C ALA D 2006 19.47 -108.64 47.42
N THR D 2007 20.03 -108.96 46.25
CA THR D 2007 21.21 -109.82 46.19
C THR D 2007 22.42 -109.08 46.76
N SER D 2008 22.43 -107.76 46.64
CA SER D 2008 23.43 -106.87 47.21
C SER D 2008 23.16 -106.65 48.70
N LYS D 2009 23.71 -105.55 49.24
CA LYS D 2009 23.70 -105.24 50.67
C LYS D 2009 22.31 -105.12 51.29
N GLN D 2010 21.24 -105.10 50.49
CA GLN D 2010 19.88 -105.09 51.03
C GLN D 2010 19.50 -106.39 51.71
N LYS D 2011 20.22 -107.48 51.45
CA LYS D 2011 19.97 -108.72 52.18
C LYS D 2011 20.41 -108.54 53.63
N LEU D 2012 19.66 -109.18 54.54
CA LEU D 2012 19.69 -109.14 56.02
C LEU D 2012 19.09 -107.82 56.53
N LEU D 2013 18.79 -106.89 55.62
CA LEU D 2013 17.95 -105.74 55.91
C LEU D 2013 16.51 -105.99 55.52
N LEU D 2014 16.31 -106.61 54.35
CA LEU D 2014 14.98 -107.00 53.90
C LEU D 2014 14.47 -108.26 54.60
N GLN D 2015 15.35 -109.00 55.27
CA GLN D 2015 14.91 -110.19 56.01
C GLN D 2015 14.06 -109.81 57.21
N SER D 2016 14.57 -108.92 58.06
CA SER D 2016 13.83 -108.43 59.22
C SER D 2016 12.90 -107.31 58.77
N LEU D 2017 11.79 -107.68 58.15
CA LEU D 2017 10.80 -106.72 57.69
C LEU D 2017 9.42 -107.19 58.14
N SER D 2018 8.85 -106.51 59.12
CA SER D 2018 7.50 -106.81 59.58
C SER D 2018 6.48 -106.37 58.54
N ASP D 2019 6.42 -105.07 58.28
CA ASP D 2019 5.49 -104.47 57.32
C ASP D 2019 5.96 -103.07 57.00
N ILE D 2020 5.14 -102.33 56.25
CA ILE D 2020 5.41 -100.95 55.86
C ILE D 2020 4.21 -100.11 56.27
N ILE D 2021 4.46 -99.04 57.02
CA ILE D 2021 3.40 -98.37 57.77
C ILE D 2021 2.60 -97.41 56.89
N LEU D 2022 3.28 -96.59 56.08
CA LEU D 2022 2.67 -95.69 55.08
C LEU D 2022 1.69 -94.69 55.71
N HIS D 2023 2.25 -93.79 56.51
CA HIS D 2023 1.47 -92.70 57.09
C HIS D 2023 0.94 -91.78 56.01
N ILE D 2024 -0.37 -91.79 55.79
CA ILE D 2024 -1.01 -91.01 54.73
C ILE D 2024 -1.69 -89.81 55.35
N ARG D 2025 -1.37 -88.62 54.84
CA ARG D 2025 -2.00 -87.38 55.26
C ARG D 2025 -2.71 -86.80 54.05
N TYR D 2026 -4.04 -86.78 54.08
CA TYR D 2026 -4.81 -86.23 52.98
C TYR D 2026 -5.72 -85.13 53.50
N THR D 2027 -6.29 -84.39 52.55
CA THR D 2027 -7.07 -83.19 52.83
C THR D 2027 -8.49 -83.38 52.30
N ILE D 2028 -9.45 -83.27 53.19
CA ILE D 2028 -10.86 -83.23 52.82
C ILE D 2028 -11.27 -81.77 52.65
N ARG D 2029 -11.84 -81.43 51.50
CA ARG D 2029 -12.24 -80.05 51.27
C ARG D 2029 -13.47 -80.04 50.37
N SER D 2030 -14.29 -79.01 50.54
CA SER D 2030 -15.51 -78.86 49.77
C SER D 2030 -15.20 -78.39 48.35
N ALA E 58 47.11 51.17 -42.06
CA ALA E 58 45.93 50.35 -41.84
C ALA E 58 45.60 49.29 -42.93
N PRO E 59 45.80 49.56 -44.24
CA PRO E 59 45.78 48.43 -45.19
C PRO E 59 47.00 47.54 -45.09
N LYS E 60 48.10 48.03 -44.51
CA LYS E 60 49.28 47.19 -44.30
C LYS E 60 49.05 46.12 -43.25
N ILE E 61 48.06 46.29 -42.38
CA ILE E 61 47.62 45.20 -41.52
C ILE E 61 46.69 44.28 -42.30
N LEU E 62 45.94 44.83 -43.24
CA LEU E 62 44.95 44.04 -43.99
C LEU E 62 45.60 43.12 -45.00
N GLN E 63 46.79 43.47 -45.51
CA GLN E 63 47.46 42.67 -46.53
C GLN E 63 47.92 41.28 -46.06
N PRO E 64 48.51 41.09 -44.86
CA PRO E 64 48.70 39.69 -44.41
C PRO E 64 47.40 38.98 -44.11
N GLU E 65 46.37 39.71 -43.68
CA GLU E 65 45.05 39.12 -43.55
C GLU E 65 44.43 38.79 -44.90
N ALA E 66 44.87 39.47 -45.97
CA ALA E 66 44.34 39.22 -47.31
C ALA E 66 45.07 38.09 -48.03
N ARG E 67 46.36 37.90 -47.79
CA ARG E 67 47.11 36.93 -48.58
C ARG E 67 46.92 35.51 -48.08
N THR E 68 46.82 35.31 -46.77
CA THR E 68 46.83 33.95 -46.24
C THR E 68 45.45 33.30 -46.33
N ASP E 69 44.49 33.82 -45.54
CA ASP E 69 43.06 33.50 -45.46
C ASP E 69 42.75 32.11 -44.87
N LEU E 70 43.76 31.23 -44.84
CA LEU E 70 43.69 29.82 -44.47
C LEU E 70 45.08 29.24 -44.68
N SER E 71 45.30 27.97 -44.33
CA SER E 71 46.54 27.31 -44.70
C SER E 71 46.32 25.87 -45.16
N LEU E 72 45.08 25.49 -45.45
CA LEU E 72 44.80 24.31 -46.25
C LEU E 72 44.89 24.75 -47.70
N ALA E 73 45.40 23.88 -48.56
CA ALA E 73 45.76 24.29 -49.92
C ALA E 73 44.52 24.60 -50.75
N GLU E 74 43.70 23.58 -51.03
CA GLU E 74 42.37 23.64 -51.65
C GLU E 74 42.42 24.07 -53.13
N GLY E 75 43.57 24.49 -53.62
CA GLY E 75 43.74 24.85 -55.01
C GLY E 75 43.10 26.15 -55.44
N ILE E 76 41.78 26.21 -55.37
CA ILE E 76 41.02 27.25 -56.08
C ILE E 76 41.05 28.56 -55.30
N PRO E 77 40.90 28.62 -53.94
CA PRO E 77 41.31 29.85 -53.24
C PRO E 77 42.81 29.86 -53.00
N GLU E 78 43.36 31.03 -52.71
CA GLU E 78 44.79 31.20 -52.49
C GLU E 78 45.09 31.09 -51.00
N ARG E 79 46.10 30.29 -50.66
CA ARG E 79 46.46 30.04 -49.28
C ARG E 79 47.95 30.27 -49.06
N ALA E 80 48.30 30.70 -47.85
CA ALA E 80 49.68 30.78 -47.40
C ALA E 80 49.84 29.91 -46.16
N ASN E 81 51.07 29.48 -45.91
CA ASN E 81 51.36 28.45 -44.92
C ASN E 81 51.37 29.01 -43.50
N GLU E 82 51.89 28.20 -42.58
CA GLU E 82 52.27 28.58 -41.21
C GLU E 82 51.06 29.04 -40.40
N TYR E 83 50.16 28.09 -40.19
CA TYR E 83 48.94 28.28 -39.40
C TYR E 83 49.22 27.98 -37.93
N ALA E 84 48.15 27.82 -37.15
CA ALA E 84 48.24 27.34 -35.78
C ALA E 84 46.97 26.60 -35.43
N ASP E 85 47.04 25.80 -34.40
CA ASP E 85 45.87 25.13 -33.86
C ASP E 85 44.99 26.16 -33.17
N PRO E 86 43.72 26.30 -33.55
CA PRO E 86 42.80 27.13 -32.76
C PRO E 86 42.52 26.48 -31.41
N ALA E 87 42.02 27.32 -30.49
CA ALA E 87 41.91 27.02 -29.06
C ALA E 87 43.24 26.56 -28.48
N SER E 88 44.26 27.40 -28.68
CA SER E 88 45.56 27.22 -28.07
C SER E 88 46.21 28.58 -27.94
N ILE E 89 47.19 28.67 -27.04
CA ILE E 89 47.91 29.92 -26.80
C ILE E 89 48.70 30.34 -28.04
N GLN E 90 49.17 29.37 -28.80
CA GLN E 90 49.96 29.62 -30.00
C GLN E 90 49.12 30.17 -31.16
N SER E 91 47.79 30.20 -31.02
CA SER E 91 46.93 30.87 -31.98
C SER E 91 47.05 32.39 -31.83
N LEU E 92 46.40 33.11 -32.76
CA LEU E 92 46.48 34.57 -32.80
C LEU E 92 45.28 35.25 -32.17
N PHE E 93 44.17 34.53 -31.97
CA PHE E 93 43.00 35.09 -31.32
C PHE E 93 42.80 34.49 -29.93
N SER E 94 43.89 34.09 -29.28
CA SER E 94 43.85 33.39 -28.03
C SER E 94 43.68 34.35 -26.86
N PRO E 95 43.37 33.84 -25.66
CA PRO E 95 43.56 34.66 -24.47
C PRO E 95 45.01 34.99 -24.20
N GLY E 96 45.96 34.21 -24.71
CA GLY E 96 47.36 34.55 -24.56
C GLY E 96 47.77 35.77 -25.35
N ARG E 97 47.27 35.88 -26.59
CA ARG E 97 47.54 37.05 -27.41
C ARG E 97 46.86 38.29 -26.84
N TYR E 98 45.62 38.12 -26.35
CA TYR E 98 44.91 39.23 -25.71
C TYR E 98 45.62 39.68 -24.43
N LEU E 99 46.16 38.72 -23.68
CA LEU E 99 46.92 39.06 -22.48
C LEU E 99 48.22 39.75 -22.82
N CYS E 100 48.89 39.32 -23.90
CA CYS E 100 50.12 39.96 -24.35
C CYS E 100 49.88 41.40 -24.79
N GLU E 101 48.82 41.61 -25.57
CA GLU E 101 48.49 42.95 -26.03
C GLU E 101 48.07 43.84 -24.87
N LEU E 102 47.30 43.29 -23.93
CA LEU E 102 46.84 44.07 -22.79
C LEU E 102 47.98 44.41 -21.85
N TYR E 103 48.96 43.51 -21.72
CA TYR E 103 50.11 43.79 -20.87
C TYR E 103 51.05 44.81 -21.49
N HIS E 104 51.30 44.71 -22.81
CA HIS E 104 52.20 45.68 -23.42
C HIS E 104 51.54 47.04 -23.62
N VAL E 105 50.20 47.11 -23.59
CA VAL E 105 49.55 48.40 -23.41
C VAL E 105 49.71 48.87 -21.98
N ALA E 106 49.52 47.97 -21.02
CA ALA E 106 49.34 48.37 -19.63
C ALA E 106 50.63 48.78 -18.95
N LYS E 107 51.78 48.28 -19.41
CA LYS E 107 53.04 48.67 -18.79
C LYS E 107 53.63 49.94 -19.40
N GLU E 108 52.85 50.69 -20.18
CA GLU E 108 53.30 51.94 -20.78
C GLU E 108 52.51 53.14 -20.25
N LEU E 109 51.73 52.96 -19.19
CA LEU E 109 50.87 54.02 -18.69
C LEU E 109 51.40 54.73 -17.46
N HIS E 110 52.39 54.17 -16.78
CA HIS E 110 53.09 54.85 -15.71
C HIS E 110 54.58 54.87 -16.01
N GLU E 111 55.30 55.75 -15.33
CA GLU E 111 56.76 55.69 -15.35
C GLU E 111 57.22 54.45 -14.60
N ASP E 112 58.34 53.87 -15.06
CA ASP E 112 58.87 52.65 -14.45
C ASP E 112 59.32 52.84 -13.01
N GLY E 113 59.70 54.06 -12.62
CA GLY E 113 60.09 54.32 -11.25
C GLY E 113 58.96 54.50 -10.26
N ASN E 114 57.71 54.59 -10.74
CA ASN E 114 56.57 54.80 -9.86
C ASN E 114 56.27 53.55 -9.06
N LYS E 115 55.54 53.76 -7.96
CA LYS E 115 55.01 52.66 -7.16
C LYS E 115 53.71 52.11 -7.72
N LEU E 116 53.13 52.77 -8.71
CA LEU E 116 51.89 52.33 -9.33
C LEU E 116 52.11 51.50 -10.58
N HIS E 117 53.36 51.35 -11.01
CA HIS E 117 53.68 50.51 -12.15
C HIS E 117 53.40 49.05 -11.81
N ILE E 118 53.09 48.26 -12.85
CA ILE E 118 52.65 46.89 -12.63
C ILE E 118 53.78 46.02 -12.11
N ASP E 119 54.98 46.16 -12.70
CA ASP E 119 56.12 45.38 -12.26
C ASP E 119 56.63 45.83 -10.89
N LYS E 120 56.22 47.00 -10.41
CA LYS E 120 56.50 47.41 -9.06
C LYS E 120 55.41 46.97 -8.07
N ARG E 121 54.14 46.93 -8.51
CA ARG E 121 53.09 46.47 -7.61
C ARG E 121 52.90 44.96 -7.65
N ARG E 122 53.12 44.32 -8.80
CA ARG E 122 53.02 42.86 -8.92
C ARG E 122 54.15 42.37 -9.82
N PRO E 123 55.24 41.88 -9.25
CA PRO E 123 56.28 41.24 -10.07
C PRO E 123 55.90 39.87 -10.60
N ASP E 124 54.73 39.34 -10.21
CA ASP E 124 54.32 38.01 -10.67
C ASP E 124 53.93 38.01 -12.13
N LEU E 125 53.26 39.08 -12.60
CA LEU E 125 52.76 39.13 -13.96
C LEU E 125 53.87 39.25 -15.00
N GLN E 126 55.06 39.69 -14.60
CA GLN E 126 56.17 39.78 -15.54
C GLN E 126 56.70 38.40 -15.91
N ASP E 127 56.55 37.42 -15.02
CA ASP E 127 57.14 36.10 -15.20
C ASP E 127 56.08 35.03 -15.40
N LEU E 128 54.91 35.42 -15.91
CA LEU E 128 53.86 34.45 -16.20
C LEU E 128 54.17 33.72 -17.50
N VAL E 129 54.12 32.40 -17.46
CA VAL E 129 54.46 31.59 -18.63
C VAL E 129 53.24 31.44 -19.52
N LEU E 130 53.34 31.93 -20.76
CA LEU E 130 52.29 31.72 -21.74
C LEU E 130 52.31 30.28 -22.22
N ASN E 131 51.49 29.44 -21.60
CA ASN E 131 51.47 28.01 -21.87
C ASN E 131 50.02 27.58 -21.94
N ASN E 132 49.75 26.53 -22.72
CA ASN E 132 48.39 26.02 -22.79
C ASN E 132 47.97 25.31 -21.51
N SER E 133 48.94 24.85 -20.71
CA SER E 133 48.64 24.39 -19.36
C SER E 133 48.17 25.55 -18.49
N ASN E 134 48.78 26.73 -18.65
CA ASN E 134 48.29 27.91 -17.94
C ASN E 134 46.98 28.41 -18.50
N MET E 135 46.61 27.99 -19.71
CA MET E 135 45.33 28.38 -20.28
C MET E 135 44.19 27.51 -19.76
N ASN E 136 44.38 26.19 -19.78
CA ASN E 136 43.24 25.28 -19.65
C ASN E 136 43.10 24.62 -18.29
N GLN E 137 44.11 24.70 -17.42
CA GLN E 137 44.04 24.05 -16.11
C GLN E 137 43.14 24.86 -15.18
N GLU E 138 42.21 24.18 -14.51
CA GLU E 138 41.28 24.82 -13.59
C GLU E 138 41.95 24.96 -12.22
N VAL E 139 42.84 25.93 -12.12
CA VAL E 139 43.44 26.29 -10.85
C VAL E 139 42.41 27.06 -10.05
N SER E 140 42.31 26.76 -8.75
CA SER E 140 41.35 27.48 -7.92
C SER E 140 41.89 28.85 -7.56
N SER E 141 40.99 29.80 -7.36
CA SER E 141 41.32 31.06 -6.73
C SER E 141 41.51 30.81 -5.23
N LEU E 142 41.97 31.86 -4.53
CA LEU E 142 42.45 31.88 -3.14
C LEU E 142 43.77 31.12 -2.98
N GLU E 143 44.29 30.55 -4.06
CA GLU E 143 45.67 30.08 -4.07
C GLU E 143 46.59 31.13 -4.67
N ILE E 144 46.13 31.80 -5.73
CA ILE E 144 46.91 32.85 -6.38
C ILE E 144 47.03 34.06 -5.47
N LEU E 145 45.95 34.39 -4.75
CA LEU E 145 45.97 35.49 -3.79
C LEU E 145 46.95 35.24 -2.67
N LEU E 146 46.95 34.03 -2.12
CA LEU E 146 47.89 33.70 -1.06
C LEU E 146 49.32 33.66 -1.56
N ASN E 147 49.54 33.22 -2.81
CA ASN E 147 50.89 33.23 -3.35
C ASN E 147 51.42 34.64 -3.55
N VAL E 148 50.57 35.55 -4.03
CA VAL E 148 50.98 36.94 -4.22
C VAL E 148 51.20 37.64 -2.87
N LEU E 149 50.37 37.32 -1.87
CA LEU E 149 50.56 37.93 -0.56
C LEU E 149 51.78 37.37 0.17
N GLN E 150 52.08 36.09 -0.03
CA GLN E 150 53.27 35.49 0.56
C GLN E 150 54.54 35.80 -0.23
N THR E 151 54.41 36.37 -1.44
CA THR E 151 55.60 36.83 -2.15
C THR E 151 56.27 37.98 -1.41
N LYS E 152 55.48 38.92 -0.88
CA LYS E 152 56.07 40.05 -0.17
C LYS E 152 56.50 39.67 1.23
N THR E 153 55.54 39.27 2.07
CA THR E 153 55.82 38.87 3.45
C THR E 153 55.48 37.40 3.64
N PRO E 154 56.41 36.58 4.12
CA PRO E 154 56.14 35.15 4.26
C PRO E 154 55.17 34.86 5.40
N LEU E 155 54.79 33.59 5.49
CA LEU E 155 53.78 33.18 6.45
C LEU E 155 54.34 33.09 7.87
N ASP E 156 55.64 32.81 8.00
CA ASP E 156 56.24 32.70 9.34
C ASP E 156 56.36 34.04 10.03
N GLU E 157 56.30 35.14 9.28
CA GLU E 157 56.30 36.47 9.86
C GLU E 157 55.05 36.71 10.70
N LEU E 158 53.93 36.08 10.34
CA LEU E 158 52.69 36.22 11.12
C LEU E 158 52.81 35.53 12.47
N THR E 159 53.45 34.36 12.51
CA THR E 159 53.65 33.66 13.78
C THR E 159 54.66 34.39 14.66
N LYS E 160 55.69 34.95 14.04
CA LYS E 160 56.73 35.70 14.76
C LYS E 160 56.28 37.11 15.12
N ASP E 161 55.10 37.54 14.65
CA ASP E 161 54.70 38.94 14.73
C ASP E 161 54.40 39.38 16.16
N THR E 162 54.59 40.68 16.40
CA THR E 162 54.29 41.30 17.69
C THR E 162 52.80 41.65 17.76
N GLU E 163 52.44 42.46 18.75
CA GLU E 163 51.06 42.71 19.15
C GLU E 163 50.67 44.16 18.87
N ALA E 164 49.41 44.47 19.20
CA ALA E 164 48.88 45.84 19.32
C ALA E 164 48.99 46.62 18.01
N HIS E 165 48.27 46.15 17.01
CA HIS E 165 48.37 46.71 15.67
C HIS E 165 47.36 47.82 15.47
N ALA E 166 47.33 48.41 14.27
CA ALA E 166 46.71 49.71 14.05
C ALA E 166 45.21 49.62 13.78
N ASN E 167 44.48 49.03 14.73
CA ASN E 167 43.01 49.08 14.83
C ASN E 167 42.33 48.50 13.60
N ASP E 168 42.58 47.21 13.37
CA ASP E 168 41.98 46.52 12.25
C ASP E 168 40.66 45.86 12.65
N SER E 169 39.81 45.64 11.64
CA SER E 169 38.56 44.94 11.88
C SER E 169 38.82 43.45 12.07
N SER E 170 37.96 42.83 12.89
CA SER E 170 37.87 41.39 13.17
C SER E 170 39.05 40.81 13.93
N PHE E 171 40.09 41.62 14.19
CA PHE E 171 41.17 41.36 15.15
C PHE E 171 41.91 40.05 14.89
N THR E 172 42.11 39.71 13.62
CA THR E 172 42.76 38.45 13.27
C THR E 172 44.28 38.56 13.24
N LEU E 173 44.83 39.75 13.43
CA LEU E 173 46.24 39.98 13.10
C LEU E 173 47.22 39.41 14.12
N PRO E 174 46.99 39.46 15.48
CA PRO E 174 47.87 38.66 16.35
C PRO E 174 47.61 37.18 16.17
N TYR E 175 48.23 36.62 15.13
CA TYR E 175 47.80 35.39 14.50
C TYR E 175 48.80 34.27 14.76
N ASP E 176 48.28 33.08 15.01
CA ASP E 176 49.08 31.86 15.11
C ASP E 176 48.48 30.86 14.14
N ASP E 177 49.28 30.41 13.17
CA ASP E 177 48.79 29.44 12.20
C ASP E 177 48.58 28.07 12.84
N ASN E 178 49.36 27.76 13.88
CA ASN E 178 49.37 26.42 14.45
C ASN E 178 48.07 26.11 15.18
N LEU E 179 47.56 27.06 15.96
CA LEU E 179 46.29 26.86 16.65
C LEU E 179 45.13 26.79 15.66
N THR E 180 45.23 27.53 14.55
CA THR E 180 44.20 27.48 13.52
C THR E 180 44.19 26.13 12.82
N VAL E 181 45.39 25.57 12.54
CA VAL E 181 45.48 24.25 11.92
C VAL E 181 44.93 23.18 12.87
N ILE E 182 45.30 23.24 14.15
CA ILE E 182 44.80 22.28 15.13
C ILE E 182 43.28 22.37 15.28
N ASN E 183 42.75 23.59 15.32
CA ASN E 183 41.30 23.77 15.47
C ASN E 183 40.55 23.29 14.24
N ALA E 184 41.06 23.57 13.03
CA ALA E 184 40.35 23.15 11.83
C ALA E 184 40.46 21.65 11.60
N ILE E 185 41.58 21.02 11.98
CA ILE E 185 41.68 19.57 11.95
C ILE E 185 40.72 18.95 12.97
N LEU E 186 40.54 19.60 14.11
CA LEU E 186 39.61 19.09 15.09
C LEU E 186 38.15 19.43 14.81
N GLU E 187 37.87 20.29 13.83
CA GLU E 187 36.48 20.59 13.46
C GLU E 187 35.78 19.36 12.90
N ASP E 188 36.26 18.81 11.78
CA ASP E 188 35.55 17.74 11.10
C ASP E 188 35.61 16.40 11.81
N LYS E 189 36.57 16.22 12.72
CA LYS E 189 36.72 14.97 13.44
C LYS E 189 35.77 14.85 14.63
N ALA E 190 34.95 15.88 14.88
CA ALA E 190 33.98 15.95 15.98
C ALA E 190 34.67 15.77 17.34
N ILE E 191 35.75 16.52 17.54
CA ILE E 191 36.51 16.53 18.79
C ILE E 191 36.84 17.98 19.09
N SER E 192 36.33 18.50 20.20
CA SER E 192 36.80 19.80 20.61
C SER E 192 38.01 19.63 21.52
N LEU E 193 38.68 20.74 21.84
CA LEU E 193 39.73 20.68 22.85
C LEU E 193 39.15 20.38 24.23
N ARG E 194 37.90 20.80 24.48
CA ARG E 194 37.25 20.41 25.71
C ARG E 194 36.89 18.92 25.70
N GLU E 195 36.46 18.41 24.55
CA GLU E 195 36.12 16.99 24.47
C GLU E 195 37.36 16.12 24.54
N ILE E 196 38.49 16.62 24.03
CA ILE E 196 39.75 15.90 24.19
C ILE E 196 40.35 16.12 25.56
N ALA E 197 39.85 17.09 26.33
CA ALA E 197 40.29 17.29 27.70
C ALA E 197 39.46 16.54 28.72
N VAL E 198 38.21 16.21 28.38
CA VAL E 198 37.36 15.43 29.30
C VAL E 198 37.83 13.98 29.34
N LEU E 199 38.08 13.39 28.17
CA LEU E 199 38.51 12.00 28.08
C LEU E 199 39.90 11.77 28.65
N LEU E 200 40.76 12.79 28.66
CA LEU E 200 42.14 12.63 29.08
C LEU E 200 42.39 13.28 30.45
N THR E 201 41.38 13.27 31.31
CA THR E 201 41.50 13.83 32.66
C THR E 201 41.34 12.69 33.67
N GLU E 202 42.39 12.46 34.45
CA GLU E 202 42.33 11.45 35.51
C GLU E 202 41.49 11.90 36.69
N GLU E 203 41.25 13.20 36.80
CA GLU E 203 40.58 13.81 37.93
C GLU E 203 39.07 13.89 37.68
N SER E 204 38.37 14.70 38.47
CA SER E 204 36.96 15.01 38.29
C SER E 204 36.78 16.07 37.20
N ASP E 205 35.62 16.72 37.21
CA ASP E 205 35.34 17.83 36.29
C ASP E 205 36.42 18.90 36.37
N PHE E 206 36.81 19.41 35.20
CA PHE E 206 38.09 20.07 35.04
C PHE E 206 38.09 21.48 35.62
N SER E 207 39.24 21.86 36.19
CA SER E 207 39.52 23.25 36.45
C SER E 207 39.67 23.99 35.11
N PRO E 208 39.28 25.25 35.05
CA PRO E 208 39.30 25.96 33.76
C PRO E 208 40.71 26.33 33.30
N THR E 209 41.38 25.39 32.63
CA THR E 209 42.72 25.64 32.13
C THR E 209 42.68 26.66 31.00
N PRO E 210 43.69 27.54 30.89
CA PRO E 210 43.65 28.60 29.88
C PRO E 210 43.95 28.18 28.46
N ALA E 211 44.06 26.90 28.17
CA ALA E 211 44.02 26.45 26.78
C ALA E 211 42.61 26.10 26.34
N LEU E 212 41.68 25.99 27.28
CA LEU E 212 40.28 25.75 26.95
C LEU E 212 39.49 27.03 26.78
N VAL E 213 39.98 28.14 27.35
CA VAL E 213 39.36 29.43 27.07
C VAL E 213 39.65 29.85 25.63
N GLN E 214 40.81 29.45 25.09
CA GLN E 214 41.19 29.89 23.75
C GLN E 214 40.43 29.17 22.65
N GLU E 215 39.79 28.05 22.96
CA GLU E 215 39.08 27.29 21.94
C GLU E 215 37.65 27.74 21.77
N GLN E 216 36.92 27.93 22.88
CA GLN E 216 35.53 28.36 22.78
C GLN E 216 35.45 29.86 22.52
N LEU E 217 35.99 30.66 23.43
CA LEU E 217 36.24 32.07 23.17
C LEU E 217 37.36 32.14 22.14
N GLY E 218 37.03 32.54 20.91
CA GLY E 218 37.97 32.55 19.81
C GLY E 218 39.16 33.47 20.03
N LEU E 219 40.33 32.89 20.28
CA LEU E 219 41.41 33.64 20.88
C LEU E 219 42.71 32.86 20.71
N ASN E 220 43.79 33.58 20.39
CA ASN E 220 45.11 33.02 20.18
C ASN E 220 45.90 33.00 21.48
N PRO E 221 46.96 32.18 21.58
CA PRO E 221 47.85 32.30 22.75
C PRO E 221 48.72 33.53 22.73
N ALA E 222 48.79 34.25 21.62
CA ALA E 222 49.43 35.57 21.59
C ALA E 222 48.44 36.67 21.92
N SER E 223 47.16 36.49 21.61
CA SER E 223 46.15 37.42 22.06
C SER E 223 45.84 37.26 23.53
N TYR E 224 46.10 36.06 24.08
CA TYR E 224 45.84 35.82 25.50
C TYR E 224 46.87 36.52 26.37
N ALA E 225 48.05 36.83 25.83
CA ALA E 225 49.13 37.46 26.58
C ALA E 225 49.08 38.97 26.54
N LEU E 226 47.97 39.56 26.08
CA LEU E 226 47.86 41.02 26.00
C LEU E 226 46.58 41.57 26.59
N ILE E 227 45.55 40.76 26.77
CA ILE E 227 44.20 41.26 27.06
C ILE E 227 43.96 41.28 28.57
N ASP E 228 45.05 41.51 29.32
CA ASP E 228 45.02 41.85 30.74
C ASP E 228 43.94 42.87 31.07
N ILE E 229 43.32 42.67 32.24
CA ILE E 229 42.00 43.23 32.53
C ILE E 229 42.06 44.21 33.69
N LYS E 230 41.08 45.10 33.72
CA LYS E 230 40.73 45.93 34.86
C LYS E 230 39.22 45.90 35.00
N SER E 231 38.65 46.77 35.83
CA SER E 231 37.20 46.72 35.97
C SER E 231 36.48 47.42 34.81
N PRO E 232 36.95 48.58 34.27
CA PRO E 232 36.76 48.79 32.83
C PRO E 232 38.01 48.38 32.08
N LEU E 233 37.89 47.78 30.90
CA LEU E 233 39.09 47.24 30.26
C LEU E 233 39.86 48.33 29.53
N ASP E 234 39.27 48.83 28.45
CA ASP E 234 39.84 49.77 27.49
C ASP E 234 38.74 49.94 26.44
N GLU E 235 38.97 50.84 25.49
CA GLU E 235 38.22 50.82 24.25
C GLU E 235 38.92 50.01 23.17
N SER E 236 39.87 49.17 23.55
CA SER E 236 40.57 48.27 22.62
C SER E 236 40.35 46.81 22.97
N TYR E 237 40.61 46.41 24.22
CA TYR E 237 40.48 45.01 24.59
C TYR E 237 39.02 44.60 24.69
N ALA E 238 38.14 45.53 25.05
CA ALA E 238 36.71 45.28 25.03
C ALA E 238 36.22 44.99 23.62
N LYS E 239 36.80 45.66 22.62
CA LYS E 239 36.46 45.35 21.22
C LYS E 239 36.95 43.97 20.82
N ARG E 240 38.13 43.56 21.32
CA ARG E 240 38.64 42.23 21.01
C ARG E 240 37.77 41.14 21.61
N LEU E 241 37.37 41.30 22.87
CA LEU E 241 36.52 40.29 23.49
C LEU E 241 35.09 40.36 22.96
N ALA E 242 34.65 41.52 22.50
CA ALA E 242 33.32 41.66 21.94
C ALA E 242 33.24 41.15 20.51
N HIS E 243 34.37 41.05 19.81
CA HIS E 243 34.41 40.32 18.57
C HIS E 243 34.62 38.83 18.79
N ALA E 244 35.35 38.46 19.85
CA ALA E 244 35.54 37.05 20.18
C ALA E 244 34.22 36.42 20.64
N THR E 245 33.48 37.13 21.48
CA THR E 245 32.08 36.81 21.70
C THR E 245 31.23 37.36 20.56
N GLN E 246 29.96 37.02 20.56
CA GLN E 246 29.02 37.62 19.62
C GLN E 246 28.23 38.74 20.30
N LEU E 247 28.96 39.69 20.88
CA LEU E 247 28.35 40.70 21.75
C LEU E 247 28.79 42.10 21.32
N SER E 248 28.26 43.09 22.02
CA SER E 248 28.66 44.47 21.84
C SER E 248 29.68 44.85 22.92
N VAL E 249 30.00 46.13 23.02
CA VAL E 249 31.03 46.58 23.95
C VAL E 249 30.43 46.84 25.34
N GLU E 250 29.22 47.40 25.38
CA GLU E 250 28.61 47.78 26.66
C GLU E 250 28.24 46.55 27.49
N GLN E 251 27.64 45.55 26.84
CA GLN E 251 27.25 44.32 27.54
C GLN E 251 28.47 43.56 28.05
N LEU E 252 29.58 43.62 27.32
CA LEU E 252 30.78 42.96 27.79
C LEU E 252 31.47 43.76 28.90
N GLN E 253 31.28 45.08 28.91
CA GLN E 253 31.71 45.85 30.08
C GLN E 253 30.85 45.55 31.29
N TRP E 254 29.55 45.25 31.09
CA TRP E 254 28.73 44.74 32.18
C TRP E 254 29.26 43.41 32.70
N LEU E 255 29.62 42.50 31.78
CA LEU E 255 30.18 41.21 32.17
C LEU E 255 31.47 41.35 32.97
N ASN E 256 32.34 42.28 32.57
CA ASN E 256 33.60 42.43 33.28
C ASN E 256 33.42 43.19 34.58
N LYS E 257 32.44 44.09 34.65
CA LYS E 257 32.13 44.74 35.93
C LYS E 257 31.54 43.75 36.92
N ASN E 258 30.80 42.77 36.41
CA ASN E 258 30.13 41.82 37.29
C ASN E 258 31.06 40.70 37.72
N ALA E 259 31.71 40.01 36.78
CA ALA E 259 32.45 38.78 37.07
C ALA E 259 33.67 39.02 37.95
N ILE E 260 34.22 40.23 37.98
CA ILE E 260 35.28 40.54 38.92
C ILE E 260 34.75 40.56 40.36
N GLU E 261 33.50 40.99 40.54
CA GLU E 261 32.92 41.03 41.88
C GLU E 261 32.69 39.63 42.44
N ASN E 262 32.22 38.70 41.63
CA ASN E 262 32.01 37.33 42.10
C ASN E 262 33.20 36.45 41.74
N SER E 263 34.37 36.89 42.21
CA SER E 263 35.63 36.20 41.95
C SER E 263 36.36 35.94 43.26
N SER E 264 37.63 35.54 43.17
CA SER E 264 38.42 35.31 44.37
C SER E 264 38.64 36.59 45.16
N ASN E 265 39.26 37.60 44.53
CA ASN E 265 39.52 38.87 45.19
C ASN E 265 38.99 40.02 44.35
N LYS E 266 38.55 41.07 45.04
CA LYS E 266 37.94 42.23 44.40
C LYS E 266 38.94 43.14 43.71
N ASN E 267 40.23 43.02 44.05
CA ASN E 267 41.27 43.91 43.52
C ASN E 267 41.82 43.43 42.18
N ASP E 268 41.05 42.62 41.45
CA ASP E 268 41.33 41.99 40.17
C ASP E 268 42.66 41.25 40.11
N PRO E 269 42.79 40.08 40.76
CA PRO E 269 43.76 39.10 40.25
C PRO E 269 43.07 38.18 39.27
N ALA E 270 43.80 37.18 38.75
CA ALA E 270 43.25 36.00 38.07
C ALA E 270 42.44 36.38 36.82
N LYS E 271 43.19 36.87 35.83
CA LYS E 271 42.70 37.01 34.44
C LYS E 271 42.06 35.73 33.92
N LEU E 272 42.65 34.58 34.29
CA LEU E 272 42.17 33.27 33.91
C LEU E 272 40.72 33.04 34.34
N GLU E 273 40.36 33.49 35.54
CA GLU E 273 39.01 33.27 36.05
C GLU E 273 37.97 34.06 35.27
N ILE E 274 38.27 35.33 34.98
CA ILE E 274 37.32 36.19 34.26
C ILE E 274 37.16 35.72 32.82
N LEU E 275 38.27 35.33 32.19
CA LEU E 275 38.15 34.79 30.84
C LEU E 275 37.48 33.43 30.83
N ALA E 276 37.58 32.66 31.92
CA ALA E 276 36.85 31.41 32.03
C ALA E 276 35.36 31.65 32.15
N VAL E 277 34.97 32.68 32.89
CA VAL E 277 33.55 33.06 32.99
C VAL E 277 33.02 33.47 31.63
N ILE E 278 33.81 34.20 30.85
CA ILE E 278 33.38 34.61 29.51
C ILE E 278 33.30 33.40 28.57
N SER E 279 34.25 32.46 28.69
CA SER E 279 34.26 31.28 27.82
C SER E 279 33.09 30.34 28.12
N GLU E 280 32.76 30.16 29.39
CA GLU E 280 31.63 29.32 29.71
C GLU E 280 30.32 30.08 29.78
N TYR E 281 30.35 31.39 29.49
CA TYR E 281 29.19 32.06 28.91
C TYR E 281 29.02 31.66 27.44
N ARG E 282 30.12 31.64 26.69
CA ARG E 282 30.06 31.31 25.27
C ARG E 282 29.56 29.89 25.03
N ARG E 283 29.96 28.95 25.89
CA ARG E 283 29.45 27.58 25.80
C ARG E 283 27.94 27.52 25.99
N LEU E 284 27.43 28.18 27.02
CA LEU E 284 26.00 28.11 27.32
C LEU E 284 25.18 28.88 26.30
N HIS E 285 25.74 29.95 25.72
CA HIS E 285 25.04 30.64 24.66
C HIS E 285 25.14 29.90 23.33
N GLN E 286 26.14 29.03 23.16
CA GLN E 286 26.15 28.20 21.96
C GLN E 286 25.16 27.07 22.08
N ARG E 287 25.01 26.49 23.27
CA ARG E 287 24.14 25.33 23.45
C ARG E 287 22.71 25.73 23.82
N TYR E 288 22.48 26.95 24.31
CA TYR E 288 21.15 27.40 24.69
C TYR E 288 20.97 28.84 24.24
N GLY E 289 19.94 29.49 24.76
CA GLY E 289 19.67 30.88 24.42
C GLY E 289 20.00 31.83 25.54
N LEU E 290 20.95 31.45 26.39
CA LEU E 290 21.35 32.28 27.53
C LEU E 290 22.12 33.50 27.04
N SER E 291 21.43 34.64 27.03
CA SER E 291 22.05 35.92 26.62
C SER E 291 22.83 36.50 27.80
N VAL E 292 23.17 37.79 27.69
CA VAL E 292 24.10 38.39 28.65
C VAL E 292 23.43 38.58 30.00
N ASP E 293 22.21 39.11 30.01
CA ASP E 293 21.52 39.49 31.24
C ASP E 293 21.10 38.30 32.11
N PRO E 294 20.54 37.19 31.59
CA PRO E 294 20.31 36.04 32.48
C PRO E 294 21.58 35.38 32.99
N PHE E 295 22.66 35.42 32.22
CA PHE E 295 23.92 34.85 32.68
C PHE E 295 24.51 35.68 33.81
N ILE E 296 24.49 37.01 33.66
CA ILE E 296 24.88 37.92 34.74
C ILE E 296 24.02 37.69 35.97
N ALA E 297 22.70 37.60 35.78
CA ALA E 297 21.78 37.39 36.89
C ALA E 297 21.95 36.03 37.56
N ILE E 298 22.51 35.05 36.84
CA ILE E 298 22.94 33.82 37.48
C ILE E 298 24.17 34.08 38.35
N ILE E 299 25.16 34.78 37.82
CA ILE E 299 26.40 34.94 38.58
C ILE E 299 26.35 36.14 39.54
N ASN E 300 25.81 37.27 39.11
CA ASN E 300 25.86 38.51 39.90
C ASN E 300 24.50 39.20 39.81
N ALA E 301 24.50 40.48 40.16
CA ALA E 301 23.28 41.27 40.32
C ALA E 301 22.44 41.31 39.05
N VAL E 302 21.12 41.25 39.24
CA VAL E 302 20.20 41.40 38.12
C VAL E 302 20.27 42.84 37.65
N ASN E 303 20.27 43.03 36.32
CA ASN E 303 20.49 44.35 35.73
C ASN E 303 19.28 45.25 35.99
N THR E 304 19.48 46.26 36.85
CA THR E 304 18.40 47.17 37.23
C THR E 304 18.49 48.52 36.54
N THR E 305 19.54 48.76 35.76
CA THR E 305 19.72 50.06 35.11
C THR E 305 18.89 50.13 33.85
N HIS E 306 17.95 51.07 33.80
CA HIS E 306 17.21 51.30 32.57
C HIS E 306 18.09 52.06 31.60
N THR E 307 18.18 51.54 30.37
CA THR E 307 19.20 51.92 29.42
C THR E 307 18.53 52.37 28.13
N ASN E 308 19.32 52.44 27.05
CA ASN E 308 18.87 52.82 25.72
C ASN E 308 18.18 51.67 24.97
N GLU E 309 17.65 50.68 25.70
CA GLU E 309 16.81 49.61 25.18
C GLU E 309 15.39 50.11 24.91
N ASN E 310 14.46 49.18 24.75
CA ASN E 310 13.07 49.51 24.41
C ASN E 310 12.40 50.38 25.48
N LYS E 311 12.20 49.84 26.67
CA LYS E 311 11.70 50.71 27.73
C LYS E 311 12.47 50.59 29.03
N THR E 312 12.86 49.38 29.42
CA THR E 312 13.19 49.11 30.82
C THR E 312 14.37 48.16 30.89
N SER E 313 14.72 47.79 32.12
CA SER E 313 15.86 46.94 32.42
C SER E 313 15.42 45.48 32.49
N PHE E 314 16.39 44.60 32.74
CA PHE E 314 16.11 43.17 32.84
C PHE E 314 15.38 42.83 34.13
N PHE E 315 15.59 43.64 35.17
CA PHE E 315 14.96 43.38 36.46
C PHE E 315 13.45 43.60 36.40
N GLN E 316 13.02 44.72 35.83
CA GLN E 316 11.59 44.96 35.67
C GLN E 316 11.01 44.12 34.53
N GLN E 317 11.85 43.61 33.63
CA GLN E 317 11.37 42.68 32.62
C GLN E 317 11.01 41.33 33.25
N ILE E 318 11.82 40.88 34.21
CA ILE E 318 11.60 39.59 34.85
C ILE E 318 10.68 39.73 36.06
N PHE E 319 11.12 40.50 37.05
CA PHE E 319 10.30 40.79 38.22
C PHE E 319 9.49 42.04 37.92
N SER E 320 8.18 41.86 37.71
CA SER E 320 7.35 42.86 37.04
C SER E 320 7.24 44.17 37.84
N THR E 321 6.97 44.07 39.14
CA THR E 321 6.95 45.27 39.98
C THR E 321 7.39 44.92 41.40
N LEU E 322 8.68 45.09 41.66
CA LEU E 322 9.26 44.98 42.99
C LEU E 322 10.19 46.16 43.22
N ASP E 323 10.87 46.15 44.36
CA ASP E 323 11.79 47.21 44.73
C ASP E 323 13.11 46.59 45.18
N VAL E 324 14.19 46.99 44.51
CA VAL E 324 15.53 46.74 45.04
C VAL E 324 15.67 47.49 46.37
N ASP E 325 16.24 46.80 47.37
CA ASP E 325 16.29 47.24 48.78
C ASP E 325 14.89 47.49 49.33
N ALA E 326 14.11 46.41 49.37
CA ALA E 326 12.83 46.37 50.04
C ALA E 326 12.85 45.28 51.10
N GLY E 327 11.92 45.37 52.03
CA GLY E 327 11.77 44.32 53.02
C GLY E 327 11.01 43.13 52.44
N PHE E 328 11.46 41.93 52.82
CA PHE E 328 10.84 40.71 52.30
C PHE E 328 10.74 39.71 53.46
N ASN E 329 9.56 39.62 54.05
CA ASN E 329 9.26 38.60 55.06
C ASN E 329 8.81 37.30 54.38
N PHE E 330 9.70 36.73 53.57
CA PHE E 330 9.41 35.45 52.92
C PHE E 330 9.60 34.26 53.85
N LEU E 331 9.90 34.48 55.13
CA LEU E 331 9.68 33.44 56.12
C LEU E 331 8.21 33.09 56.20
N ASP E 332 7.33 34.10 56.14
CA ASP E 332 5.92 33.78 56.02
C ASP E 332 5.42 33.85 54.58
N GLN E 333 5.27 35.08 54.04
CA GLN E 333 4.67 35.35 52.73
C GLN E 333 4.66 36.83 52.41
N GLY E 334 4.14 37.17 51.24
CA GLY E 334 3.87 38.55 50.90
C GLY E 334 3.13 38.65 49.58
N SER E 335 3.02 39.89 49.09
CA SER E 335 2.47 40.12 47.76
C SER E 335 3.53 40.00 46.66
N TRP E 336 4.80 40.02 47.04
CA TRP E 336 5.88 39.73 46.10
C TRP E 336 5.93 38.27 45.72
N GLU E 337 5.37 37.41 46.56
CA GLU E 337 5.46 35.96 46.40
C GLU E 337 4.71 35.46 45.18
N VAL E 338 3.74 36.24 44.70
CA VAL E 338 3.11 35.95 43.41
C VAL E 338 4.07 36.22 42.27
N ILE E 339 4.76 37.36 42.32
CA ILE E 339 5.57 37.80 41.18
C ILE E 339 6.86 37.00 41.08
N ILE E 340 7.43 36.57 42.21
CA ILE E 340 8.64 35.75 42.16
C ILE E 340 8.33 34.39 41.57
N ARG E 341 7.15 33.84 41.85
CA ARG E 341 6.75 32.59 41.22
C ARG E 341 6.32 32.79 39.77
N LYS E 342 5.84 33.99 39.40
CA LYS E 342 5.67 34.33 37.99
C LYS E 342 7.00 34.25 37.27
N ALA E 343 8.03 34.84 37.86
CA ALA E 343 9.33 34.95 37.22
C ALA E 343 10.02 33.58 37.14
N LEU E 344 10.27 32.97 38.29
CA LEU E 344 11.16 31.83 38.37
C LEU E 344 10.46 30.50 38.11
N GLY E 345 9.15 30.42 38.32
CA GLY E 345 8.43 29.19 38.08
C GLY E 345 8.44 28.21 39.22
N ILE E 346 8.56 28.69 40.45
CA ILE E 346 8.74 27.83 41.63
C ILE E 346 7.37 27.57 42.24
N THR E 347 7.25 26.45 42.96
CA THR E 347 6.10 26.20 43.82
C THR E 347 6.33 26.91 45.15
N ALA E 348 5.49 26.63 46.15
CA ALA E 348 5.58 27.33 47.43
C ALA E 348 6.66 26.74 48.32
N GLU E 349 6.62 25.42 48.55
CA GLU E 349 7.59 24.82 49.46
C GLU E 349 8.97 24.73 48.83
N GLU E 350 9.05 24.62 47.50
CA GLU E 350 10.35 24.71 46.85
C GLU E 350 10.94 26.11 46.96
N LEU E 351 10.09 27.14 46.97
CA LEU E 351 10.57 28.50 47.24
C LEU E 351 11.02 28.64 48.69
N LEU E 352 10.33 27.96 49.61
CA LEU E 352 10.75 28.00 51.00
C LEU E 352 12.09 27.28 51.19
N ARG E 353 12.28 26.15 50.51
CA ARG E 353 13.56 25.43 50.60
C ARG E 353 14.67 26.20 49.89
N ILE E 354 14.33 26.94 48.83
CA ILE E 354 15.34 27.69 48.10
C ILE E 354 15.69 28.97 48.85
N ALA E 355 14.84 29.39 49.78
CA ALA E 355 15.16 30.45 50.72
C ALA E 355 15.82 29.93 52.00
N LYS E 356 15.68 28.64 52.31
CA LYS E 356 16.46 28.05 53.40
C LYS E 356 17.94 28.08 53.10
N TYR E 357 18.32 27.65 51.90
CA TYR E 357 19.64 27.92 51.38
C TYR E 357 19.71 29.38 50.93
N CYS E 358 20.94 29.83 50.64
CA CYS E 358 21.34 31.17 50.20
C CYS E 358 21.03 32.28 51.21
N PHE E 359 20.46 31.95 52.37
CA PHE E 359 20.36 32.87 53.48
C PHE E 359 20.61 32.22 54.83
N GLY E 360 20.64 30.89 54.92
CA GLY E 360 20.74 30.22 56.19
C GLY E 360 19.40 30.14 56.91
N LYS E 361 19.32 29.21 57.86
CA LYS E 361 18.09 29.05 58.63
C LYS E 361 18.11 29.88 59.92
N SER E 362 18.51 31.13 59.80
CA SER E 362 18.51 32.04 60.94
C SER E 362 17.89 33.39 60.62
N SER E 363 18.12 33.91 59.42
CA SER E 363 17.70 35.24 59.03
C SER E 363 16.80 35.19 57.80
N ILE E 364 15.80 34.30 57.83
CA ILE E 364 14.89 34.20 56.70
C ILE E 364 13.87 35.33 56.76
N SER E 365 13.62 35.87 57.95
CA SER E 365 12.50 36.79 58.16
C SER E 365 12.79 38.18 57.59
N ASN E 366 13.78 38.86 58.13
CA ASN E 366 14.03 40.27 57.79
C ASN E 366 15.23 40.32 56.85
N VAL E 367 14.96 40.34 55.55
CA VAL E 367 15.98 40.41 54.53
C VAL E 367 15.74 41.66 53.68
N LYS E 368 16.76 42.49 53.54
CA LYS E 368 16.71 43.65 52.64
C LYS E 368 17.39 43.25 51.35
N MET E 369 16.60 42.74 50.40
CA MET E 369 17.13 42.20 49.16
C MET E 369 17.50 43.34 48.24
N ASN E 370 18.80 43.53 48.00
CA ASN E 370 19.25 44.38 46.91
C ASN E 370 19.29 43.55 45.63
N SER E 371 19.93 44.08 44.59
CA SER E 371 20.02 43.36 43.32
C SER E 371 20.91 42.12 43.41
N LYS E 372 21.74 41.99 44.44
CA LYS E 372 22.58 40.81 44.59
C LYS E 372 21.86 39.68 45.31
N LYS E 373 20.86 40.00 46.14
CA LYS E 373 20.10 38.94 46.82
C LYS E 373 19.05 38.32 45.91
N PHE E 374 18.55 39.05 44.92
CA PHE E 374 17.68 38.44 43.92
C PHE E 374 18.45 37.48 43.02
N SER E 375 19.77 37.66 42.91
CA SER E 375 20.59 36.70 42.19
C SER E 375 20.66 35.36 42.91
N GLN E 376 20.60 35.38 44.24
CA GLN E 376 20.62 34.15 45.02
C GLN E 376 19.39 33.29 44.75
N LEU E 377 18.27 33.93 44.37
CA LEU E 377 17.05 33.22 44.02
C LEU E 377 16.97 32.88 42.54
N TYR E 378 17.43 33.79 41.67
CA TYR E 378 17.42 33.52 40.24
C TYR E 378 18.40 32.42 39.87
N ARG E 379 19.53 32.36 40.60
CA ARG E 379 20.62 31.42 40.32
C ARG E 379 20.19 29.98 40.55
N MET E 380 19.62 29.71 41.72
CA MET E 380 19.25 28.36 42.13
C MET E 380 17.98 27.84 41.44
N ALA E 381 17.31 28.68 40.65
CA ALA E 381 16.06 28.30 40.02
C ALA E 381 16.05 28.49 38.51
N MET E 382 17.09 29.07 37.91
CA MET E 382 17.18 29.10 36.46
C MET E 382 18.17 28.10 35.88
N ILE E 383 19.11 27.61 36.67
CA ILE E 383 19.93 26.47 36.25
C ILE E 383 19.11 25.23 35.91
N PRO E 384 18.05 24.85 36.66
CA PRO E 384 17.23 23.73 36.16
C PRO E 384 16.45 24.03 34.89
N ARG E 385 15.81 25.20 34.79
CA ARG E 385 14.90 25.43 33.66
C ARG E 385 15.61 25.69 32.34
N THR E 386 16.85 26.19 32.36
CA THR E 386 17.61 26.25 31.12
C THR E 386 18.09 24.88 30.69
N LEU E 387 18.17 23.93 31.62
CA LEU E 387 18.36 22.53 31.28
C LEU E 387 16.97 21.90 31.14
N GLY E 388 16.91 20.58 31.05
CA GLY E 388 15.62 19.92 30.96
C GLY E 388 15.14 19.38 32.28
N VAL E 389 15.51 20.06 33.38
CA VAL E 389 15.34 19.53 34.72
C VAL E 389 14.37 20.42 35.48
N SER E 390 13.57 19.83 36.36
CA SER E 390 12.77 20.60 37.29
C SER E 390 13.61 20.93 38.52
N PHE E 391 12.95 21.40 39.59
CA PHE E 391 13.68 21.99 40.70
C PHE E 391 14.07 20.96 41.75
N SER E 392 13.12 20.13 42.18
CA SER E 392 13.44 19.08 43.15
C SER E 392 14.33 18.01 42.54
N GLN E 393 14.19 17.78 41.22
CA GLN E 393 15.07 16.84 40.53
C GLN E 393 16.51 17.34 40.50
N ALA E 394 16.70 18.64 40.24
CA ALA E 394 18.05 19.19 40.23
C ALA E 394 18.63 19.26 41.63
N GLU E 395 17.79 19.54 42.63
CA GLU E 395 18.23 19.47 44.02
C GLU E 395 18.69 18.07 44.40
N TYR E 396 17.94 17.06 43.95
CA TYR E 396 18.28 15.67 44.25
C TYR E 396 19.56 15.24 43.53
N LEU E 397 19.73 15.65 42.29
CA LEU E 397 20.93 15.29 41.54
C LEU E 397 22.16 16.04 42.02
N TRP E 398 21.97 17.24 42.57
CA TRP E 398 23.07 17.91 43.26
C TRP E 398 23.42 17.22 44.58
N GLN E 399 22.41 16.81 45.34
CA GLN E 399 22.67 16.27 46.67
C GLN E 399 23.15 14.82 46.65
N LEU E 400 22.85 14.06 45.59
CA LEU E 400 23.41 12.71 45.50
C LEU E 400 24.90 12.75 45.20
N TYR E 401 25.31 13.60 44.27
CA TYR E 401 26.72 13.76 43.90
C TYR E 401 27.41 14.56 45.00
N SER E 402 27.67 13.88 46.11
CA SER E 402 28.13 14.50 47.35
C SER E 402 28.78 13.42 48.20
N HIS E 403 29.00 13.72 49.46
CA HIS E 403 29.34 12.74 50.48
C HIS E 403 28.51 13.03 51.72
N SER E 404 28.76 12.28 52.79
CA SER E 404 27.86 12.21 53.93
C SER E 404 27.93 13.42 54.86
N ASP E 405 28.82 14.38 54.63
CA ASP E 405 29.08 15.41 55.62
C ASP E 405 28.66 16.81 55.17
N GLU E 406 29.12 17.26 54.01
CA GLU E 406 29.03 18.67 53.64
C GLU E 406 27.63 19.03 53.16
N ASN E 407 27.49 20.25 52.66
CA ASN E 407 26.22 20.79 52.15
C ASN E 407 26.57 21.52 50.87
N ILE E 408 26.43 20.82 49.74
CA ILE E 408 26.84 21.38 48.45
C ILE E 408 25.87 22.45 47.97
N MET E 409 24.60 22.39 48.40
CA MET E 409 23.60 23.38 47.99
C MET E 409 23.92 24.77 48.51
N GLU E 410 24.51 24.86 49.71
CA GLU E 410 24.93 26.15 50.24
C GLU E 410 26.10 26.72 49.44
N LYS E 411 26.99 25.85 48.98
CA LYS E 411 28.13 26.30 48.19
C LYS E 411 27.72 26.70 46.78
N ILE E 412 26.71 26.03 46.23
CA ILE E 412 26.17 26.39 44.93
C ILE E 412 25.42 27.70 45.03
N ALA E 413 24.69 27.92 46.12
CA ALA E 413 23.92 29.15 46.29
C ALA E 413 24.84 30.33 46.62
N GLN E 414 25.57 30.23 47.73
CA GLN E 414 26.48 31.30 48.16
C GLN E 414 27.90 30.90 47.78
N GLY E 415 28.28 31.20 46.54
CA GLY E 415 29.58 30.79 46.04
C GLY E 415 30.14 31.77 45.03
N ASN E 416 31.27 31.37 44.44
CA ASN E 416 31.97 32.17 43.44
C ASN E 416 31.35 31.92 42.06
N ALA E 417 32.04 32.37 41.02
CA ALA E 417 31.57 32.09 39.66
C ALA E 417 32.08 30.74 39.17
N LEU E 418 33.24 30.30 39.64
CA LEU E 418 33.75 29.00 39.22
C LEU E 418 32.98 27.87 39.86
N THR E 419 32.53 28.04 41.11
CA THR E 419 31.73 27.00 41.74
C THR E 419 30.34 26.92 41.12
N ILE E 420 29.75 28.07 40.77
CA ILE E 420 28.43 28.04 40.16
C ILE E 420 28.49 27.56 38.72
N ILE E 421 29.62 27.69 38.03
CA ILE E 421 29.69 27.07 36.72
C ILE E 421 30.08 25.59 36.85
N ASP E 422 30.74 25.19 37.94
CA ASP E 422 31.06 23.80 38.19
C ASP E 422 29.79 23.01 38.48
N ALA E 423 28.83 23.62 39.16
CA ALA E 423 27.54 22.96 39.41
C ALA E 423 26.78 22.72 38.10
N ILE E 424 26.88 23.67 37.16
CA ILE E 424 26.24 23.50 35.86
C ILE E 424 26.92 22.39 35.07
N ILE E 425 28.25 22.27 35.19
CA ILE E 425 28.97 21.16 34.55
C ILE E 425 28.56 19.82 35.16
N VAL E 426 28.34 19.79 36.48
CA VAL E 426 27.90 18.56 37.14
C VAL E 426 26.52 18.14 36.67
N LEU E 427 25.58 19.09 36.58
CA LEU E 427 24.25 18.74 36.06
C LEU E 427 24.29 18.33 34.59
N GLU E 428 25.14 18.99 33.79
CA GLU E 428 25.35 18.61 32.40
C GLU E 428 25.80 17.16 32.27
N ASN E 429 26.86 16.80 33.00
CA ASN E 429 27.40 15.45 32.97
C ASN E 429 26.43 14.41 33.50
N THR E 430 25.74 14.70 34.61
CA THR E 430 24.82 13.73 35.21
C THR E 430 23.59 13.51 34.34
N LEU E 431 23.02 14.58 33.78
CA LEU E 431 21.85 14.44 32.92
C LEU E 431 22.21 13.73 31.61
N GLN E 432 23.40 14.00 31.06
CA GLN E 432 23.81 13.31 29.84
C GLN E 432 24.06 11.84 30.10
N TRP E 433 24.65 11.52 31.26
CA TRP E 433 24.90 10.11 31.60
C TRP E 433 23.60 9.35 31.87
N MET E 434 22.62 10.01 32.50
CA MET E 434 21.37 9.30 32.77
C MET E 434 20.51 9.17 31.52
N SER E 435 20.53 10.18 30.65
CA SER E 435 19.82 10.06 29.39
C SER E 435 20.50 9.09 28.44
N GLU E 436 21.79 8.82 28.64
CA GLU E 436 22.51 7.84 27.83
C GLU E 436 21.99 6.42 28.08
N GLN E 437 21.48 6.14 29.28
CA GLN E 437 21.12 4.78 29.66
C GLN E 437 19.65 4.61 30.03
N LYS E 438 18.81 5.60 29.73
CA LYS E 438 17.37 5.59 30.00
C LYS E 438 17.04 5.37 31.47
N LEU E 439 17.92 5.86 32.35
CA LEU E 439 17.77 5.69 33.79
C LEU E 439 17.00 6.88 34.33
N ASP E 440 15.75 6.64 34.74
CA ASP E 440 14.92 7.70 35.28
C ASP E 440 15.34 8.04 36.71
N ILE E 441 14.76 9.13 37.22
CA ILE E 441 15.01 9.54 38.59
C ILE E 441 14.21 8.68 39.56
N THR E 442 13.14 8.06 39.09
CA THR E 442 12.38 7.11 39.90
C THR E 442 13.20 5.85 40.20
N THR E 443 13.83 5.28 39.17
CA THR E 443 14.67 4.10 39.36
C THR E 443 15.91 4.42 40.19
N LEU E 444 16.51 5.59 39.94
CA LEU E 444 17.67 6.01 40.70
C LEU E 444 17.32 6.27 42.16
N GLN E 445 16.12 6.78 42.42
CA GLN E 445 15.62 6.94 43.78
C GLN E 445 15.39 5.59 44.44
N ALA E 446 14.84 4.62 43.69
CA ALA E 446 14.65 3.29 44.24
C ALA E 446 15.96 2.56 44.51
N MET E 447 17.04 2.95 43.81
CA MET E 447 18.33 2.32 44.02
C MET E 447 19.23 3.04 45.02
N LEU E 448 18.99 4.32 45.32
CA LEU E 448 19.96 5.07 46.11
C LEU E 448 19.42 5.72 47.39
N THR E 449 18.22 5.37 47.85
CA THR E 449 17.74 6.04 49.05
C THR E 449 18.24 5.37 50.34
N LYS E 450 17.98 6.06 51.45
CA LYS E 450 18.40 5.65 52.78
C LYS E 450 17.25 5.74 53.78
N GLN E 451 16.01 5.78 53.31
CA GLN E 451 14.88 6.08 54.18
C GLN E 451 14.46 4.86 55.01
N TYR E 452 14.08 3.78 54.31
CA TYR E 452 13.74 2.47 54.89
C TYR E 452 12.58 2.57 55.88
N SER E 453 11.41 2.89 55.33
CA SER E 453 10.19 3.00 56.12
C SER E 453 9.83 1.66 56.75
N THR E 454 9.53 1.70 58.05
CA THR E 454 9.25 0.50 58.82
C THR E 454 7.83 0.04 58.53
N THR E 455 7.71 -1.01 57.71
CA THR E 455 6.41 -1.56 57.35
C THR E 455 6.57 -3.04 57.08
N ALA E 456 5.90 -3.86 57.89
CA ALA E 456 5.97 -5.31 57.73
C ALA E 456 5.00 -5.73 56.64
N THR E 457 5.54 -5.94 55.44
CA THR E 457 4.71 -6.42 54.34
C THR E 457 4.51 -7.93 54.47
N PRO E 458 3.37 -8.45 54.00
CA PRO E 458 3.18 -9.91 53.99
C PRO E 458 4.10 -10.65 53.04
N GLU E 459 4.67 -9.96 52.04
CA GLU E 459 5.67 -10.59 51.18
C GLU E 459 6.92 -10.95 51.95
N LEU E 460 7.37 -10.07 52.86
CA LEU E 460 8.51 -10.40 53.69
C LEU E 460 8.20 -11.52 54.68
N PHE E 461 6.97 -11.59 55.18
CA PHE E 461 6.61 -12.66 56.10
C PHE E 461 6.61 -14.01 55.39
N ASN E 462 6.00 -14.07 54.20
CA ASN E 462 6.03 -15.31 53.43
C ASN E 462 7.41 -15.63 52.88
N PHE E 463 8.27 -14.62 52.72
CA PHE E 463 9.64 -14.89 52.28
C PHE E 463 10.48 -15.47 53.41
N LEU E 464 10.39 -14.87 54.59
CA LEU E 464 11.19 -15.29 55.73
C LEU E 464 10.59 -16.47 56.48
N SER E 465 9.38 -16.90 56.12
CA SER E 465 8.91 -18.17 56.66
C SER E 465 9.56 -19.36 55.98
N ASN E 466 9.96 -19.21 54.72
CA ASN E 466 10.75 -20.26 54.06
C ASN E 466 12.13 -20.41 54.70
N ILE E 467 12.78 -19.28 55.02
CA ILE E 467 14.16 -19.32 55.47
C ILE E 467 14.29 -19.94 56.86
N TYR E 468 13.19 -20.02 57.61
CA TYR E 468 13.19 -20.66 58.92
C TYR E 468 12.44 -21.97 58.94
N GLN E 469 11.45 -22.15 58.06
CA GLN E 469 10.64 -23.36 58.10
C GLN E 469 11.31 -24.50 57.36
N THR E 470 12.13 -24.19 56.36
CA THR E 470 13.00 -25.20 55.76
C THR E 470 14.23 -25.44 56.63
N LEU E 471 15.01 -24.39 56.86
CA LEU E 471 16.22 -24.45 57.67
C LEU E 471 15.80 -24.24 59.12
N GLY E 472 15.73 -25.33 59.89
CA GLY E 472 15.24 -25.27 61.25
C GLY E 472 16.15 -24.52 62.20
N LYS E 473 15.74 -24.48 63.47
CA LYS E 473 16.48 -23.73 64.48
C LYS E 473 17.84 -24.38 64.74
N GLN E 474 18.90 -23.62 64.50
CA GLN E 474 20.27 -24.12 64.60
C GLN E 474 21.10 -23.08 65.33
N VAL E 475 22.40 -23.34 65.42
CA VAL E 475 23.32 -22.59 66.28
C VAL E 475 24.23 -21.67 65.45
N TYR E 476 23.93 -21.52 64.16
CA TYR E 476 24.78 -20.85 63.17
C TYR E 476 26.17 -21.48 63.12
N SER E 477 26.19 -22.72 62.62
CA SER E 477 27.45 -23.28 62.17
C SER E 477 27.83 -22.68 60.81
N GLU E 478 29.02 -23.03 60.34
CA GLU E 478 29.41 -22.61 59.01
C GLU E 478 28.92 -23.56 57.93
N SER E 479 28.31 -24.68 58.32
CA SER E 479 27.55 -25.49 57.37
C SER E 479 26.18 -24.88 57.11
N LEU E 480 25.68 -24.08 58.05
CA LEU E 480 24.44 -23.32 57.85
C LEU E 480 24.60 -22.25 56.79
N LYS E 481 25.83 -21.80 56.54
CA LYS E 481 26.05 -20.65 55.68
C LYS E 481 25.78 -20.92 54.19
N PRO E 482 26.24 -22.02 53.57
CA PRO E 482 25.81 -22.26 52.17
C PRO E 482 24.34 -22.57 52.04
N ASN E 483 23.74 -23.21 53.06
CA ASN E 483 22.29 -23.42 53.06
C ASN E 483 21.54 -22.10 53.07
N LEU E 484 22.04 -21.14 53.85
CA LEU E 484 21.38 -19.85 53.96
C LEU E 484 21.51 -19.06 52.66
N TYR E 485 22.69 -19.14 52.01
CA TYR E 485 22.83 -18.47 50.72
C TYR E 485 21.97 -19.14 49.65
N ARG E 486 21.90 -20.47 49.66
CA ARG E 486 21.12 -21.19 48.66
C ARG E 486 19.63 -20.89 48.79
N SER E 487 19.13 -20.86 50.02
CA SER E 487 17.71 -20.61 50.22
C SER E 487 17.34 -19.14 50.00
N LEU E 488 18.23 -18.20 50.34
CA LEU E 488 17.98 -16.81 49.96
C LEU E 488 18.06 -16.61 48.46
N ALA E 489 18.93 -17.35 47.76
CA ALA E 489 19.04 -17.22 46.32
C ALA E 489 17.83 -17.78 45.61
N ASN E 490 17.31 -18.91 46.09
CA ASN E 490 16.12 -19.49 45.49
C ASN E 490 14.83 -18.84 45.97
N GLY E 491 14.89 -18.04 47.04
CA GLY E 491 13.72 -17.24 47.41
C GLY E 491 13.42 -16.18 46.37
N PHE E 492 14.44 -15.43 45.95
CA PHE E 492 14.36 -14.60 44.75
C PHE E 492 14.59 -15.49 43.54
N HIS E 493 14.68 -14.90 42.35
CA HIS E 493 15.15 -15.63 41.19
C HIS E 493 16.62 -15.26 40.93
N LEU E 494 17.47 -15.68 41.85
CA LEU E 494 18.89 -15.33 41.79
C LEU E 494 19.76 -16.57 41.75
N LYS E 495 21.08 -16.37 41.77
CA LYS E 495 22.04 -17.46 41.86
C LYS E 495 22.68 -17.46 43.24
N ALA E 496 23.25 -18.61 43.62
CA ALA E 496 23.78 -18.76 44.96
C ALA E 496 25.06 -17.96 45.16
N ASN E 497 25.92 -17.91 44.14
CA ASN E 497 27.17 -17.19 44.29
C ASN E 497 26.95 -15.68 44.19
N VAL E 498 25.89 -15.25 43.50
CA VAL E 498 25.58 -13.82 43.45
C VAL E 498 25.11 -13.33 44.81
N VAL E 499 24.28 -14.13 45.51
CA VAL E 499 23.84 -13.76 46.85
C VAL E 499 24.99 -13.88 47.85
N ALA E 500 25.87 -14.88 47.66
CA ALA E 500 27.05 -14.97 48.52
C ALA E 500 28.02 -13.83 48.28
N GLY E 501 28.00 -13.23 47.09
CA GLY E 501 28.74 -12.00 46.88
C GLY E 501 28.07 -10.79 47.50
N LEU E 502 26.75 -10.71 47.39
CA LEU E 502 26.04 -9.50 47.84
C LEU E 502 25.94 -9.42 49.37
N VAL E 503 25.89 -10.55 50.06
CA VAL E 503 25.84 -10.49 51.52
C VAL E 503 27.21 -10.10 52.08
N ASN E 504 28.29 -10.61 51.47
CA ASN E 504 29.63 -10.17 51.85
C ASN E 504 29.90 -8.73 51.42
N TRP E 505 29.25 -8.30 50.34
CA TRP E 505 29.24 -6.90 49.95
C TRP E 505 28.62 -6.02 51.03
N LEU E 506 27.45 -6.41 51.52
CA LEU E 506 26.76 -5.71 52.59
C LEU E 506 27.36 -6.04 53.97
N ALA E 507 28.29 -6.97 54.06
CA ALA E 507 28.98 -7.19 55.32
C ALA E 507 29.95 -6.06 55.66
N LYS E 508 30.30 -5.20 54.70
CA LYS E 508 31.27 -4.14 54.92
C LYS E 508 30.60 -2.78 55.01
N ASN E 509 29.81 -2.38 54.01
CA ASN E 509 28.98 -1.20 54.15
C ASN E 509 27.83 -1.52 55.09
N ASP E 510 27.52 -0.60 56.01
CA ASP E 510 26.56 -0.79 57.10
C ASP E 510 26.96 -2.02 57.94
N SER E 511 28.06 -1.85 58.67
CA SER E 511 28.67 -2.90 59.47
C SER E 511 27.83 -3.41 60.63
N GLU E 512 26.67 -2.79 60.89
CA GLU E 512 25.68 -3.40 61.78
C GLU E 512 25.12 -4.69 61.19
N PHE E 513 25.03 -4.78 59.87
CA PHE E 513 24.55 -5.99 59.23
C PHE E 513 25.61 -7.09 59.31
N THR E 514 25.18 -8.27 59.72
CA THR E 514 26.01 -9.46 59.69
C THR E 514 25.06 -10.61 59.36
N LEU E 515 25.54 -11.59 58.58
CA LEU E 515 24.72 -12.74 58.23
C LEU E 515 24.36 -13.56 59.47
N GLU E 516 25.28 -13.64 60.44
CA GLU E 516 24.95 -14.25 61.73
C GLU E 516 23.87 -13.46 62.45
N ARG E 517 23.97 -12.12 62.44
CA ARG E 517 22.95 -11.30 63.05
C ARG E 517 21.62 -11.39 62.30
N PHE E 518 21.68 -11.58 60.98
CA PHE E 518 20.47 -11.77 60.21
C PHE E 518 19.78 -13.09 60.57
N TRP E 519 20.57 -14.16 60.74
CA TRP E 519 19.97 -15.43 61.15
C TRP E 519 19.46 -15.39 62.57
N GLN E 520 20.15 -14.67 63.46
CA GLN E 520 19.65 -14.51 64.83
C GLN E 520 18.36 -13.71 64.87
N ASN E 521 18.25 -12.68 64.01
CA ASN E 521 17.03 -11.90 63.95
C ASN E 521 15.88 -12.69 63.32
N ILE E 522 16.18 -13.61 62.41
CA ILE E 522 15.15 -14.53 61.92
C ILE E 522 14.71 -15.48 63.02
N SER E 523 15.66 -16.00 63.80
CA SER E 523 15.31 -16.98 64.82
C SER E 523 14.67 -16.36 66.06
N MET E 524 14.81 -15.04 66.26
CA MET E 524 14.11 -14.37 67.36
C MET E 524 12.60 -14.41 67.15
N THR E 525 12.14 -13.90 66.01
CA THR E 525 10.76 -14.07 65.60
C THR E 525 10.59 -15.47 65.01
N PHE E 526 9.42 -15.71 64.41
CA PHE E 526 9.03 -17.00 63.83
C PHE E 526 9.13 -18.12 64.87
N ALA E 527 8.55 -17.86 66.03
CA ALA E 527 8.50 -18.78 67.16
C ALA E 527 7.41 -19.84 66.95
N GLU E 528 6.99 -20.48 68.04
CA GLU E 528 5.86 -21.42 67.99
C GLU E 528 4.58 -20.76 67.48
N GLU E 529 4.42 -19.44 67.68
CA GLU E 529 3.30 -18.68 67.13
C GLU E 529 3.83 -17.44 66.43
N PRO E 530 4.13 -17.54 65.13
CA PRO E 530 4.53 -16.35 64.36
C PRO E 530 3.31 -15.59 63.84
N SER E 531 3.51 -14.30 63.64
CA SER E 531 2.47 -13.42 63.12
C SER E 531 3.13 -12.21 62.48
N LEU E 532 2.31 -11.28 62.03
CA LEU E 532 2.81 -10.10 61.33
C LEU E 532 3.16 -8.97 62.28
N HIS E 533 2.54 -8.93 63.46
CA HIS E 533 2.89 -7.91 64.44
C HIS E 533 4.25 -8.17 65.07
N GLN E 534 4.71 -9.41 65.07
CA GLN E 534 6.06 -9.72 65.52
C GLN E 534 7.11 -9.14 64.59
N LEU E 535 6.80 -9.05 63.29
CA LEU E 535 7.68 -8.31 62.38
C LEU E 535 7.55 -6.80 62.56
N GLU E 536 6.34 -6.32 62.88
CA GLU E 536 6.16 -4.88 63.12
C GLU E 536 6.92 -4.42 64.35
N VAL E 537 7.09 -5.29 65.35
CA VAL E 537 7.91 -4.94 66.50
C VAL E 537 9.38 -4.95 66.14
N HIS E 538 9.85 -6.04 65.54
CA HIS E 538 11.28 -6.24 65.31
C HIS E 538 11.67 -5.57 64.00
N GLN E 539 11.77 -4.25 64.04
CA GLN E 539 12.18 -3.39 62.92
C GLN E 539 13.59 -3.54 62.34
N PRO E 540 14.63 -4.09 63.02
CA PRO E 540 15.88 -4.34 62.28
C PRO E 540 15.77 -5.34 61.14
N LEU E 541 14.89 -6.34 61.21
CA LEU E 541 14.63 -7.16 60.03
C LEU E 541 14.02 -6.35 58.91
N LEU E 542 13.12 -5.42 59.24
CA LEU E 542 12.52 -4.57 58.22
C LEU E 542 13.52 -3.59 57.64
N ILE E 543 14.59 -3.27 58.37
CA ILE E 543 15.67 -2.50 57.77
C ILE E 543 16.54 -3.39 56.88
N GLN E 544 16.92 -4.57 57.40
CA GLN E 544 17.92 -5.40 56.73
C GLN E 544 17.39 -6.05 55.46
N CYS E 545 16.11 -6.40 55.40
CA CYS E 545 15.57 -7.03 54.21
C CYS E 545 15.41 -6.02 53.07
N GLN E 546 14.99 -4.79 53.40
CA GLN E 546 14.95 -3.74 52.39
C GLN E 546 16.36 -3.33 51.97
N LYS E 547 17.30 -3.39 52.90
CA LYS E 547 18.70 -3.13 52.58
C LYS E 547 19.25 -4.18 51.62
N LEU E 548 18.89 -5.44 51.82
CA LEU E 548 19.24 -6.49 50.86
C LEU E 548 18.58 -6.27 49.51
N SER E 549 17.32 -5.85 49.53
CA SER E 549 16.58 -5.65 48.28
C SER E 549 17.13 -4.51 47.45
N GLN E 550 17.74 -3.51 48.10
CA GLN E 550 18.40 -2.43 47.36
C GLN E 550 19.60 -2.96 46.55
N TYR E 551 20.45 -3.77 47.18
CA TYR E 551 21.59 -4.33 46.46
C TYR E 551 21.16 -5.37 45.44
N VAL E 552 20.02 -6.04 45.69
CA VAL E 552 19.46 -6.92 44.66
C VAL E 552 19.01 -6.11 43.44
N LEU E 553 18.41 -4.94 43.66
CA LEU E 553 18.03 -4.07 42.55
C LEU E 553 19.25 -3.55 41.80
N ILE E 554 20.33 -3.26 42.52
CA ILE E 554 21.55 -2.80 41.87
C ILE E 554 22.21 -3.93 41.08
N ALA E 555 22.15 -5.16 41.60
CA ALA E 555 22.74 -6.29 40.90
C ALA E 555 21.90 -6.72 39.70
N GLN E 556 20.59 -6.48 39.74
CA GLN E 556 19.76 -6.78 38.58
C GLN E 556 19.83 -5.68 37.53
N TRP E 557 20.02 -4.43 37.94
CA TRP E 557 20.15 -3.35 36.98
C TRP E 557 21.47 -3.43 36.23
N ALA E 558 22.58 -3.52 36.98
CA ALA E 558 23.89 -3.63 36.36
C ALA E 558 24.16 -5.01 35.79
N GLU E 559 23.29 -5.99 36.08
CA GLU E 559 23.36 -7.36 35.55
C GLU E 559 24.67 -8.03 35.92
N LEU E 560 24.98 -8.00 37.22
CA LEU E 560 26.26 -8.50 37.71
C LEU E 560 26.32 -10.01 37.67
N SER E 561 27.47 -10.54 37.25
CA SER E 561 27.77 -11.95 37.40
C SER E 561 28.31 -12.21 38.80
N GLU E 562 28.76 -13.44 39.05
CA GLU E 562 29.35 -13.71 40.35
C GLU E 562 30.81 -13.30 40.40
N GLN E 563 31.53 -13.43 39.29
CA GLN E 563 32.91 -13.00 39.25
C GLN E 563 33.03 -11.50 39.05
N GLU E 564 32.00 -10.84 38.52
CA GLU E 564 31.97 -9.38 38.53
C GLU E 564 31.89 -8.85 39.95
N ILE E 565 31.08 -9.50 40.80
CA ILE E 565 31.02 -9.12 42.21
C ILE E 565 32.31 -9.52 42.93
N ALA E 566 32.86 -10.68 42.59
CA ALA E 566 34.08 -11.16 43.23
C ALA E 566 35.28 -10.30 42.88
N LEU E 567 35.25 -9.63 41.73
CA LEU E 567 36.34 -8.72 41.38
C LEU E 567 36.27 -7.43 42.19
N ILE E 568 35.07 -6.99 42.58
CA ILE E 568 34.95 -5.78 43.38
C ILE E 568 35.06 -6.09 44.87
N LEU E 569 34.90 -7.36 45.26
CA LEU E 569 35.14 -7.78 46.64
C LEU E 569 36.61 -8.11 46.92
N LEU E 570 37.51 -7.75 46.01
CA LEU E 570 38.93 -7.80 46.29
C LEU E 570 39.26 -6.78 47.38
N PRO E 571 40.30 -7.02 48.21
CA PRO E 571 40.50 -6.18 49.41
C PRO E 571 40.85 -4.73 49.14
N ASN E 572 41.16 -4.34 47.91
CA ASN E 572 41.22 -2.92 47.57
C ASN E 572 40.38 -2.63 46.33
N GLY E 573 40.28 -3.61 45.44
CA GLY E 573 39.37 -3.53 44.31
C GLY E 573 39.77 -2.52 43.25
N ILE E 574 38.98 -1.46 43.12
CA ILE E 574 39.16 -0.47 42.06
C ILE E 574 40.17 0.61 42.47
N ASP E 575 40.64 0.57 43.73
CA ASP E 575 41.67 1.41 44.35
C ASP E 575 41.27 2.87 44.52
N ASN E 576 40.07 3.27 44.14
CA ASN E 576 39.58 4.60 44.53
C ASN E 576 39.32 4.66 46.03
N ARG E 577 38.67 3.63 46.56
CA ARG E 577 38.51 3.43 47.99
C ARG E 577 38.86 1.99 48.32
N GLY E 578 38.54 1.55 49.53
CA GLY E 578 38.82 0.18 49.94
C GLY E 578 37.89 -0.84 49.31
N SER E 579 37.79 -1.99 49.97
CA SER E 579 36.94 -3.06 49.48
C SER E 579 35.48 -2.72 49.69
N ALA E 580 34.63 -3.20 48.76
CA ALA E 580 33.18 -3.02 48.73
C ALA E 580 32.76 -1.57 48.81
N PRO E 581 32.86 -0.80 47.74
CA PRO E 581 32.45 0.61 47.78
C PRO E 581 30.95 0.77 47.95
N SER E 582 30.59 1.88 48.60
CA SER E 582 29.20 2.13 48.96
C SER E 582 28.38 2.50 47.72
N PRO E 583 27.06 2.19 47.72
CA PRO E 583 26.24 2.49 46.55
C PRO E 583 25.90 3.97 46.40
N SER E 584 26.81 4.72 45.76
CA SER E 584 26.61 6.09 45.38
C SER E 584 26.46 6.18 43.86
N ILE E 585 26.45 7.40 43.33
CA ILE E 585 26.50 7.57 41.88
C ILE E 585 27.86 7.11 41.34
N THR E 586 28.92 7.24 42.14
CA THR E 586 30.28 6.87 41.70
C THR E 586 30.38 5.38 41.40
N LEU E 587 29.86 4.53 42.30
CA LEU E 587 29.78 3.09 42.03
C LEU E 587 28.87 2.80 40.84
N LEU E 588 27.75 3.51 40.75
CA LEU E 588 26.72 3.17 39.78
C LEU E 588 27.07 3.66 38.37
N LYS E 589 28.11 4.49 38.24
CA LYS E 589 28.69 4.80 36.94
C LYS E 589 30.00 4.05 36.70
N LEU E 590 30.68 3.62 37.77
CA LEU E 590 31.79 2.69 37.64
C LEU E 590 31.33 1.38 37.02
N LEU E 591 30.16 0.89 37.45
CA LEU E 591 29.60 -0.32 36.87
C LEU E 591 29.18 -0.12 35.41
N SER E 592 28.77 1.09 35.06
CA SER E 592 28.41 1.40 33.68
C SER E 592 29.63 1.38 32.78
N GLU E 593 30.71 2.03 33.22
CA GLU E 593 31.97 1.98 32.47
C GLU E 593 32.55 0.57 32.44
N PHE E 594 32.28 -0.22 33.49
CA PHE E 594 32.69 -1.61 33.53
C PHE E 594 31.95 -2.46 32.49
N LYS E 595 30.65 -2.22 32.34
CA LYS E 595 29.88 -2.90 31.29
C LYS E 595 30.32 -2.45 29.90
N LEU E 596 30.72 -1.18 29.77
CA LEU E 596 31.29 -0.71 28.50
C LEU E 596 32.62 -1.42 28.21
N CYS E 597 33.41 -1.69 29.25
CA CYS E 597 34.63 -2.49 29.08
C CYS E 597 34.33 -3.90 28.64
N GLN E 598 33.26 -4.49 29.18
CA GLN E 598 32.87 -5.82 28.74
C GLN E 598 32.35 -5.83 27.30
N GLN E 599 31.75 -4.71 26.86
CA GLN E 599 31.25 -4.66 25.49
C GLN E 599 32.38 -4.42 24.48
N GLU E 600 33.40 -3.66 24.85
CA GLU E 600 34.39 -3.23 23.87
C GLU E 600 35.35 -4.34 23.47
N ALA E 601 35.61 -5.31 24.35
CA ALA E 601 36.81 -6.15 24.23
C ALA E 601 36.74 -7.19 23.12
N LYS E 602 35.54 -7.70 22.81
CA LYS E 602 35.30 -8.68 21.74
C LYS E 602 36.04 -10.01 21.96
N VAL E 603 36.35 -10.33 23.22
CA VAL E 603 36.97 -11.60 23.59
C VAL E 603 36.15 -12.22 24.72
N SER E 604 36.64 -13.34 25.23
CA SER E 604 36.04 -13.96 26.40
C SER E 604 36.22 -13.06 27.61
N GLN E 605 35.17 -12.93 28.42
CA GLN E 605 35.21 -11.95 29.50
C GLN E 605 35.94 -12.46 30.74
N SER E 606 36.03 -13.79 30.93
CA SER E 606 36.81 -14.32 32.05
C SER E 606 38.30 -14.05 31.86
N GLU E 607 38.75 -13.97 30.59
CA GLU E 607 40.07 -13.45 30.28
C GLU E 607 40.23 -12.03 30.79
N LEU E 608 39.20 -11.18 30.60
CA LEU E 608 39.25 -9.81 31.10
C LEU E 608 39.29 -9.77 32.62
N PHE E 609 38.56 -10.66 33.29
CA PHE E 609 38.58 -10.65 34.74
C PHE E 609 39.92 -11.13 35.28
N ASP E 610 40.57 -12.07 34.59
CA ASP E 610 41.89 -12.49 35.02
C ASP E 610 42.93 -11.38 34.82
N ILE E 611 42.89 -10.71 33.66
CA ILE E 611 43.80 -9.59 33.38
C ILE E 611 43.60 -8.45 34.37
N MET E 612 42.34 -8.11 34.62
CA MET E 612 42.01 -7.06 35.58
C MET E 612 42.38 -7.47 37.01
N GLN E 613 42.33 -8.77 37.30
CA GLN E 613 42.72 -9.25 38.62
C GLN E 613 44.23 -9.16 38.82
N GLN E 614 45.02 -9.46 37.77
CA GLN E 614 46.45 -9.22 37.89
C GLN E 614 46.78 -7.74 37.93
N LEU E 615 45.94 -6.89 37.34
CA LEU E 615 46.15 -5.46 37.51
C LEU E 615 45.78 -4.97 38.91
N ILE E 616 44.89 -5.67 39.59
CA ILE E 616 44.56 -5.30 40.97
C ILE E 616 45.54 -5.93 41.95
N THR E 617 45.88 -7.21 41.77
CA THR E 617 46.78 -7.90 42.68
C THR E 617 48.23 -7.47 42.43
N ASP E 618 49.18 -8.11 43.13
CA ASP E 618 50.53 -7.59 43.22
C ASP E 618 51.60 -8.46 42.54
N THR E 619 51.25 -9.65 42.06
CA THR E 619 52.18 -10.66 41.51
C THR E 619 53.32 -10.99 42.48
N ASN E 620 53.03 -10.95 43.76
CA ASN E 620 53.91 -11.50 44.80
C ASN E 620 53.20 -12.50 45.68
N GLU E 621 51.93 -12.23 46.03
CA GLU E 621 51.11 -13.25 46.66
C GLU E 621 50.67 -14.31 45.65
N LYS E 622 50.52 -13.92 44.39
CA LYS E 622 50.07 -14.85 43.35
C LYS E 622 51.14 -15.89 43.06
N GLN E 623 52.40 -15.47 42.98
CA GLN E 623 53.48 -16.40 42.66
C GLN E 623 53.71 -17.39 43.79
N GLU E 624 53.69 -16.92 45.04
CA GLU E 624 53.85 -17.85 46.16
C GLU E 624 52.61 -18.73 46.33
N LYS E 625 51.44 -18.24 45.93
CA LYS E 625 50.25 -19.08 45.99
C LYS E 625 50.29 -20.18 44.94
N LEU E 626 50.85 -19.87 43.76
CA LEU E 626 51.06 -20.90 42.75
C LEU E 626 52.12 -21.90 43.19
N ARG E 627 53.17 -21.43 43.88
CA ARG E 627 54.17 -22.36 44.42
C ARG E 627 53.59 -23.25 45.50
N ASN E 628 52.68 -22.73 46.33
CA ASN E 628 52.04 -23.55 47.36
C ASN E 628 51.12 -24.60 46.74
N SER E 629 50.28 -24.18 45.79
CA SER E 629 49.40 -25.12 45.10
C SER E 629 50.16 -26.07 44.17
N ALA E 630 51.42 -25.78 43.88
CA ALA E 630 52.26 -26.67 43.09
C ALA E 630 52.94 -27.72 43.97
N ASP E 631 53.48 -27.28 45.11
CA ASP E 631 54.04 -28.24 46.06
C ASP E 631 52.98 -29.11 46.69
N LYS E 632 51.72 -28.67 46.70
CA LYS E 632 50.63 -29.53 47.15
C LYS E 632 50.45 -30.74 46.22
N VAL E 633 50.54 -30.53 44.91
CA VAL E 633 50.33 -31.68 44.03
C VAL E 633 51.59 -32.55 43.95
N ILE E 634 52.78 -31.96 44.15
CA ILE E 634 53.99 -32.77 44.32
C ILE E 634 53.86 -33.67 45.56
N ARG E 635 53.38 -33.09 46.66
CA ARG E 635 53.16 -33.84 47.89
C ARG E 635 52.14 -34.95 47.71
N SER E 636 51.06 -34.68 46.96
CA SER E 636 50.01 -35.68 46.80
C SER E 636 50.46 -36.83 45.91
N ILE E 637 51.21 -36.56 44.85
CA ILE E 637 51.67 -37.63 43.97
C ILE E 637 52.75 -38.47 44.67
N ALA E 638 53.64 -37.81 45.43
CA ALA E 638 54.63 -38.56 46.20
C ALA E 638 53.97 -39.39 47.31
N LYS E 639 52.90 -38.88 47.91
CA LYS E 639 52.17 -39.64 48.92
C LYS E 639 51.43 -40.82 48.31
N SER E 640 50.93 -40.68 47.08
CA SER E 640 50.28 -41.82 46.42
C SER E 640 51.28 -42.91 46.07
N ILE E 641 52.49 -42.53 45.64
CA ILE E 641 53.50 -43.54 45.35
C ILE E 641 54.00 -44.19 46.65
N GLY E 642 54.14 -43.41 47.72
CA GLY E 642 54.51 -43.98 49.00
C GLY E 642 53.45 -44.87 49.61
N SER E 643 52.18 -44.64 49.26
CA SER E 643 51.12 -45.51 49.73
C SER E 643 50.96 -46.77 48.86
N ILE E 644 51.36 -46.70 47.59
CA ILE E 644 51.23 -47.88 46.76
C ILE E 644 52.44 -48.81 46.91
N ASN E 645 53.61 -48.25 47.29
CA ASN E 645 54.79 -49.09 47.47
C ASN E 645 54.66 -49.96 48.71
N ASN E 646 53.91 -49.49 49.71
CA ASN E 646 53.65 -50.29 50.90
C ASN E 646 52.80 -51.51 50.58
N SER E 647 51.77 -51.33 49.74
CA SER E 647 50.94 -52.47 49.35
C SER E 647 51.70 -53.43 48.45
N MET E 648 52.57 -52.90 47.58
CA MET E 648 53.40 -53.78 46.76
C MET E 648 54.37 -54.59 47.62
N ASP E 649 54.93 -53.96 48.66
CA ASP E 649 55.82 -54.67 49.58
C ASP E 649 55.06 -55.71 50.39
N ASP E 650 53.80 -55.42 50.74
CA ASP E 650 52.97 -56.37 51.46
C ASP E 650 52.66 -57.60 50.60
N ILE E 651 52.29 -57.37 49.33
CA ILE E 651 52.01 -58.48 48.42
C ILE E 651 53.27 -59.31 48.15
N ASP E 652 54.42 -58.63 48.03
CA ASP E 652 55.68 -59.34 47.80
C ASP E 652 56.06 -60.18 49.03
N SER E 653 55.83 -59.65 50.23
CA SER E 653 56.14 -60.40 51.44
C SER E 653 55.22 -61.60 51.61
N THR E 654 53.93 -61.45 51.29
CA THR E 654 53.02 -62.59 51.39
C THR E 654 53.32 -63.66 50.33
N ILE E 655 53.73 -63.24 49.13
CA ILE E 655 54.11 -64.22 48.11
C ILE E 655 55.40 -64.94 48.49
N SER E 656 56.34 -64.23 49.12
CA SER E 656 57.56 -64.88 49.60
C SER E 656 57.29 -65.85 50.74
N ILE E 657 56.33 -65.51 51.61
CA ILE E 657 55.94 -66.42 52.69
C ILE E 657 55.27 -67.67 52.13
N ARG E 658 54.33 -67.50 51.19
CA ARG E 658 53.64 -68.65 50.63
C ARG E 658 54.51 -69.48 49.71
N ASN E 659 55.61 -68.90 49.19
CA ASN E 659 56.58 -69.72 48.48
C ASN E 659 57.50 -70.47 49.45
N GLY E 660 57.86 -69.83 50.56
CA GLY E 660 58.69 -70.50 51.55
C GLY E 660 57.99 -71.61 52.29
N SER E 661 56.67 -71.49 52.48
CA SER E 661 55.89 -72.51 53.18
C SER E 661 55.57 -73.72 52.31
N ALA E 662 55.85 -73.66 51.01
CA ALA E 662 55.56 -74.78 50.12
C ALA E 662 56.69 -75.82 50.21
N THR E 663 56.30 -77.08 50.29
CA THR E 663 57.20 -78.23 50.26
C THR E 663 56.85 -79.07 49.04
N LEU E 664 57.39 -80.29 49.01
CA LEU E 664 57.26 -81.17 47.84
C LEU E 664 55.81 -81.51 47.54
N PHE E 665 55.07 -81.97 48.57
CA PHE E 665 53.66 -82.37 48.53
C PHE E 665 53.35 -83.39 47.43
N PRO E 666 53.69 -84.67 47.62
CA PRO E 666 53.43 -85.69 46.57
C PRO E 666 51.97 -85.91 46.23
N PRO E 667 50.99 -85.50 47.05
CA PRO E 667 49.69 -85.19 46.43
C PRO E 667 49.72 -83.80 45.81
N GLU E 668 49.58 -83.74 44.49
CA GLU E 668 49.72 -82.47 43.78
C GLU E 668 48.36 -81.77 43.64
N HIS E 669 47.43 -82.38 42.91
CA HIS E 669 46.08 -81.85 42.82
C HIS E 669 45.26 -81.91 44.11
N PRO E 670 45.49 -82.85 45.11
CA PRO E 670 44.81 -82.64 46.41
C PRO E 670 45.31 -81.43 47.19
N MET E 671 46.61 -81.29 47.35
CA MET E 671 47.10 -80.33 48.34
C MET E 671 48.02 -79.27 47.76
N TYR E 672 48.88 -79.62 46.79
CA TYR E 672 49.79 -78.64 46.22
C TYR E 672 49.08 -77.67 45.28
N LYS E 673 47.92 -78.06 44.74
CA LYS E 673 47.20 -77.24 43.77
C LYS E 673 46.22 -76.31 44.49
N ALA E 674 46.75 -75.61 45.49
CA ALA E 674 46.07 -74.46 46.08
C ALA E 674 46.99 -73.26 46.28
N LEU E 675 48.28 -73.47 46.47
CA LEU E 675 49.22 -72.37 46.62
C LEU E 675 49.64 -71.76 45.29
N LYS E 676 49.61 -72.55 44.21
CA LYS E 676 50.00 -72.05 42.90
C LYS E 676 49.01 -71.01 42.38
N LEU E 677 47.71 -71.28 42.55
CA LEU E 677 46.71 -70.29 42.17
C LEU E 677 46.76 -69.07 43.09
N GLU E 678 47.05 -69.30 44.38
CA GLU E 678 47.12 -68.22 45.35
C GLU E 678 48.34 -67.33 45.15
N VAL E 679 49.37 -67.82 44.48
CA VAL E 679 50.49 -66.98 44.07
C VAL E 679 50.21 -66.32 42.73
N SER E 680 49.67 -67.09 41.77
CA SER E 680 49.45 -66.58 40.42
C SER E 680 48.35 -65.53 40.34
N ASN E 681 47.41 -65.53 41.28
CA ASN E 681 46.40 -64.48 41.31
C ASN E 681 46.96 -63.17 41.86
N LEU E 682 47.91 -63.26 42.79
CA LEU E 682 48.56 -62.06 43.33
C LEU E 682 49.65 -61.54 42.40
N GLU E 683 50.16 -62.38 41.49
CA GLU E 683 51.05 -61.90 40.44
C GLU E 683 50.39 -60.85 39.56
N LYS E 684 49.10 -61.05 39.26
CA LYS E 684 48.35 -60.06 38.49
C LYS E 684 48.17 -58.76 39.27
N SER E 685 48.04 -58.85 40.60
CA SER E 685 47.97 -57.65 41.42
C SER E 685 49.30 -56.91 41.41
N LYS E 686 50.41 -57.65 41.41
CA LYS E 686 51.74 -57.03 41.27
C LYS E 686 51.86 -56.30 39.93
N ILE E 687 51.36 -56.92 38.86
CA ILE E 687 51.41 -56.30 37.53
C ILE E 687 50.54 -55.05 37.49
N GLN E 688 49.39 -55.08 38.16
CA GLN E 688 48.52 -53.89 38.21
C GLN E 688 49.14 -52.76 39.01
N LEU E 689 49.82 -53.09 40.12
CA LEU E 689 50.47 -52.03 40.91
C LEU E 689 51.66 -51.45 40.17
N GLU E 690 52.38 -52.27 39.41
CA GLU E 690 53.45 -51.73 38.57
C GLU E 690 52.90 -50.89 37.43
N GLY E 691 51.72 -51.25 36.91
CA GLY E 691 51.08 -50.42 35.89
C GLY E 691 50.62 -49.08 36.41
N LYS E 692 50.20 -49.04 37.68
CA LYS E 692 49.88 -47.75 38.29
C LYS E 692 51.16 -46.94 38.56
N LYS E 693 52.23 -47.61 38.97
CA LYS E 693 53.46 -46.92 39.33
C LYS E 693 54.14 -46.31 38.10
N LYS E 694 54.08 -47.01 36.96
CA LYS E 694 54.71 -46.50 35.74
C LYS E 694 53.97 -45.32 35.13
N GLU E 695 52.78 -44.97 35.61
CA GLU E 695 52.13 -43.73 35.24
C GLU E 695 52.23 -42.66 36.32
N GLU E 696 52.29 -43.06 37.59
CA GLU E 696 52.52 -42.07 38.64
C GLU E 696 53.94 -41.51 38.62
N GLU E 697 54.91 -42.26 38.07
CA GLU E 697 56.23 -41.68 37.84
C GLU E 697 56.19 -40.62 36.76
N ILE E 698 55.36 -40.81 35.73
CA ILE E 698 55.16 -39.78 34.71
C ILE E 698 54.46 -38.58 35.31
N LYS E 699 53.55 -38.81 36.27
CA LYS E 699 52.93 -37.70 37.00
C LYS E 699 53.96 -36.89 37.78
N LEU E 700 54.89 -37.57 38.46
CA LEU E 700 55.98 -36.86 39.15
C LEU E 700 56.85 -36.06 38.19
N GLU E 701 57.20 -36.65 37.04
CA GLU E 701 58.06 -35.95 36.09
C GLU E 701 57.38 -34.73 35.48
N GLN E 702 56.08 -34.86 35.13
CA GLN E 702 55.36 -33.74 34.57
C GLN E 702 55.13 -32.64 35.62
N ALA E 703 54.93 -33.02 36.89
CA ALA E 703 54.83 -32.03 37.95
C ALA E 703 56.14 -31.28 38.13
N LYS E 704 57.25 -32.01 38.31
CA LYS E 704 58.54 -31.37 38.50
C LYS E 704 59.03 -30.60 37.28
N ASP E 705 58.47 -30.88 36.09
CA ASP E 705 58.76 -30.03 34.94
C ASP E 705 57.89 -28.77 34.93
N ASN E 706 56.59 -28.89 35.21
CA ASN E 706 55.70 -27.73 35.14
C ASN E 706 55.74 -26.85 36.38
N ILE E 707 56.54 -27.20 37.38
CA ILE E 707 56.63 -26.42 38.60
C ILE E 707 57.96 -25.70 38.74
N GLN E 708 59.03 -26.21 38.11
CA GLN E 708 60.31 -25.52 38.06
C GLN E 708 60.41 -24.54 36.89
N SER E 709 59.28 -24.01 36.42
CA SER E 709 59.26 -23.08 35.30
C SER E 709 58.41 -21.84 35.59
N LEU E 710 58.12 -21.55 36.85
CA LEU E 710 57.30 -20.39 37.23
C LEU E 710 58.21 -19.26 37.68
N ILE E 711 58.85 -18.60 36.71
CA ILE E 711 59.85 -17.57 37.01
C ILE E 711 59.49 -16.27 36.31
N ASN E 712 58.79 -16.37 35.18
CA ASN E 712 58.79 -15.31 34.17
C ASN E 712 57.71 -14.27 34.37
N ASN E 713 57.28 -14.02 35.60
CA ASN E 713 56.31 -12.96 35.89
C ASN E 713 57.07 -11.65 36.03
N TRP E 714 56.91 -10.76 35.05
CA TRP E 714 57.70 -9.55 34.96
C TRP E 714 56.84 -8.30 34.80
N ASP E 715 55.51 -8.42 34.98
CA ASP E 715 54.52 -7.35 35.08
C ASP E 715 54.29 -6.55 33.80
N SER E 716 55.07 -6.81 32.76
CA SER E 716 54.83 -6.14 31.49
C SER E 716 53.96 -6.97 30.55
N GLU E 717 53.74 -8.24 30.88
CA GLU E 717 52.93 -9.13 30.07
C GLU E 717 51.44 -8.88 30.21
N ILE E 718 51.02 -8.15 31.24
CA ILE E 718 49.60 -7.91 31.47
C ILE E 718 49.06 -6.89 30.49
N ILE E 719 49.86 -5.87 30.16
CA ILE E 719 49.43 -4.91 29.16
C ILE E 719 49.54 -5.53 27.77
N ILE E 720 50.43 -6.51 27.60
CA ILE E 720 50.44 -7.32 26.39
C ILE E 720 49.15 -8.14 26.29
N ARG E 721 48.65 -8.64 27.42
CA ARG E 721 47.35 -9.32 27.42
C ARG E 721 46.20 -8.36 27.15
N LEU E 722 46.33 -7.10 27.58
CA LEU E 722 45.34 -6.08 27.23
C LEU E 722 45.34 -5.81 25.73
N ALA E 723 46.52 -5.68 25.14
CA ALA E 723 46.63 -5.50 23.69
C ALA E 723 46.24 -6.75 22.92
N ASP E 724 46.25 -7.91 23.57
CA ASP E 724 45.65 -9.10 22.97
C ASP E 724 44.13 -9.06 23.04
N ALA E 725 43.58 -8.67 24.19
CA ALA E 725 42.13 -8.71 24.39
C ALA E 725 41.44 -7.59 23.60
N TYR E 726 41.72 -6.34 23.96
CA TYR E 726 41.33 -5.23 23.10
C TYR E 726 42.23 -5.21 21.88
N HIS E 727 41.64 -4.98 20.71
CA HIS E 727 42.40 -5.08 19.46
C HIS E 727 43.30 -3.86 19.30
N TRP E 728 44.38 -3.86 20.08
CA TRP E 728 45.41 -2.85 20.08
C TRP E 728 46.68 -3.46 19.50
N ASP E 729 47.77 -2.70 19.59
CA ASP E 729 49.08 -3.22 19.27
C ASP E 729 50.00 -3.03 20.46
N ILE E 730 51.14 -3.73 20.43
CA ILE E 730 52.00 -3.83 21.61
C ILE E 730 52.69 -2.49 21.87
N ASN E 731 53.20 -1.86 20.81
CA ASN E 731 54.07 -0.70 20.93
C ASN E 731 53.31 0.52 21.45
N ILE E 732 52.15 0.81 20.86
CA ILE E 732 51.37 1.98 21.27
C ILE E 732 50.81 1.77 22.68
N ALA E 733 50.27 0.58 22.96
CA ALA E 733 49.64 0.35 24.26
C ALA E 733 50.65 0.22 25.39
N ASN E 734 51.92 -0.03 25.09
CA ASN E 734 52.91 0.01 26.17
C ASN E 734 53.58 1.36 26.31
N SER E 735 53.83 2.05 25.19
CA SER E 735 54.42 3.38 25.24
C SER E 735 53.45 4.39 25.86
N MET E 736 52.14 4.24 25.63
CA MET E 736 51.18 5.11 26.28
C MET E 736 51.15 4.87 27.78
N PHE E 737 51.22 3.61 28.21
CA PHE E 737 51.18 3.31 29.64
C PHE E 737 52.40 3.89 30.35
N ILE E 738 53.59 3.71 29.76
CA ILE E 738 54.80 4.24 30.37
C ILE E 738 54.80 5.77 30.36
N LEU E 739 54.46 6.39 29.22
CA LEU E 739 54.54 7.83 29.15
C LEU E 739 53.38 8.55 29.85
N ILE E 740 52.31 7.84 30.21
CA ILE E 740 51.31 8.44 31.11
C ILE E 740 51.77 8.30 32.55
N PHE E 741 52.07 7.09 32.98
CA PHE E 741 52.22 6.82 34.40
C PHE E 741 53.65 6.98 34.90
N GLY E 742 54.57 7.46 34.06
CA GLY E 742 55.96 7.63 34.50
C GLY E 742 56.15 8.69 35.56
N GLU E 743 55.19 9.61 35.72
CA GLU E 743 55.28 10.59 36.79
C GLU E 743 54.82 10.01 38.13
N LYS E 744 53.99 8.97 38.10
CA LYS E 744 53.35 8.47 39.30
C LYS E 744 54.00 7.19 39.83
N ILE E 745 54.43 6.29 38.95
CA ILE E 745 55.07 5.05 39.37
C ILE E 745 56.46 4.95 38.75
N ASN E 746 57.17 3.86 39.05
CA ASN E 746 58.63 3.80 38.89
C ASN E 746 59.08 3.52 37.45
N PHE E 747 58.62 2.40 36.88
CA PHE E 747 59.04 1.87 35.57
C PHE E 747 60.55 1.64 35.52
N THR E 748 60.98 0.66 36.32
CA THR E 748 62.34 0.14 36.20
C THR E 748 62.40 -0.84 35.04
N PHE E 749 63.20 -0.55 34.03
CA PHE E 749 63.28 -1.40 32.86
C PHE E 749 64.20 -2.60 33.12
N HIS E 750 64.44 -3.37 32.06
CA HIS E 750 65.19 -4.60 32.19
C HIS E 750 66.61 -4.43 31.64
N TYR E 751 67.55 -5.12 32.26
CA TYR E 751 68.97 -5.03 31.93
C TYR E 751 69.24 -5.66 30.56
N GLU E 752 70.43 -5.35 30.01
CA GLU E 752 70.88 -5.76 28.67
C GLU E 752 69.94 -5.27 27.57
N ASN E 753 69.30 -4.12 27.80
CA ASN E 753 68.35 -3.55 26.86
C ASN E 753 68.50 -2.04 26.75
N ARG E 754 69.73 -1.53 26.83
CA ARG E 754 69.97 -0.09 26.71
C ARG E 754 69.65 0.42 25.31
N ASN E 755 70.26 -0.19 24.29
CA ASN E 755 69.96 0.19 22.91
C ASN E 755 68.62 -0.36 22.43
N ASP E 756 68.00 -1.26 23.19
CA ASP E 756 66.78 -1.91 22.75
C ASP E 756 65.57 -0.97 22.88
N TYR E 757 65.55 -0.14 23.91
CA TYR E 757 64.42 0.75 24.17
C TYR E 757 64.85 2.17 23.79
N HIS E 758 64.69 2.51 22.52
CA HIS E 758 64.96 3.87 22.06
C HIS E 758 63.84 4.80 22.51
N TYR E 759 64.22 5.89 23.16
CA TYR E 759 63.26 6.90 23.59
C TYR E 759 63.57 8.23 22.95
N GLU E 760 62.55 8.86 22.38
CA GLU E 760 62.64 10.22 21.88
C GLU E 760 61.39 11.00 22.30
N GLU E 761 61.44 12.31 22.08
CA GLU E 761 60.41 13.19 22.62
C GLU E 761 59.13 13.10 21.79
N HIS E 762 59.26 12.98 20.48
CA HIS E 762 58.10 13.07 19.60
C HIS E 762 57.34 11.75 19.53
N TYR E 763 58.05 10.62 19.50
CA TYR E 763 57.45 9.29 19.43
C TYR E 763 58.26 8.39 20.36
N GLY E 764 57.85 8.34 21.62
CA GLY E 764 58.63 7.68 22.65
C GLY E 764 58.44 6.18 22.72
N TYR E 765 59.53 5.50 23.09
CA TYR E 765 59.56 4.07 23.42
C TYR E 765 59.10 3.21 22.24
N ARG E 766 59.97 3.12 21.24
CA ARG E 766 59.67 2.37 20.02
C ARG E 766 59.61 0.87 20.22
N PHE E 767 60.28 0.34 21.24
CA PHE E 767 60.23 -1.08 21.65
C PHE E 767 60.65 -2.01 20.51
N GLU E 768 61.95 -1.94 20.18
CA GLU E 768 62.52 -2.76 19.12
C GLU E 768 62.39 -4.26 19.38
N GLN E 769 62.26 -4.67 20.64
CA GLN E 769 61.94 -6.05 20.97
C GLN E 769 60.73 -6.07 21.90
N LYS E 770 60.47 -7.21 22.54
CA LYS E 770 59.36 -7.32 23.48
C LYS E 770 59.62 -6.44 24.71
N PRO E 771 58.64 -5.64 25.13
CA PRO E 771 58.84 -4.75 26.28
C PRO E 771 58.82 -5.49 27.60
N MET E 772 59.85 -5.23 28.41
CA MET E 772 60.07 -5.95 29.66
C MET E 772 60.32 -4.92 30.76
N TYR E 773 59.31 -4.65 31.58
CA TYR E 773 59.45 -3.66 32.63
C TYR E 773 58.52 -3.97 33.80
N SER E 774 59.03 -3.73 35.01
CA SER E 774 58.24 -3.75 36.23
C SER E 774 57.83 -2.33 36.59
N PHE E 775 56.66 -2.16 37.20
CA PHE E 775 56.16 -0.80 37.35
C PHE E 775 55.53 -0.50 38.71
N ASP E 776 55.78 -1.34 39.73
CA ASP E 776 55.49 -1.05 41.14
C ASP E 776 53.98 -0.82 41.36
N LYS E 777 53.24 -1.92 41.30
CA LYS E 777 51.78 -1.90 41.36
C LYS E 777 51.20 -1.44 42.71
N LYS E 778 49.87 -1.52 42.81
CA LYS E 778 49.02 -0.99 43.90
C LYS E 778 49.39 0.44 44.27
N LEU E 779 49.71 1.25 43.26
CA LEU E 779 49.87 2.68 43.41
C LEU E 779 49.07 3.44 42.36
N THR E 780 48.77 2.81 41.23
CA THR E 780 47.79 3.30 40.27
C THR E 780 46.38 2.93 40.73
N ASN E 781 45.39 3.28 39.93
CA ASN E 781 44.02 2.83 40.13
C ASN E 781 43.76 1.68 39.17
N GLY E 782 43.55 0.49 39.72
CA GLY E 782 43.64 -0.77 39.00
C GLY E 782 42.61 -0.97 37.89
N PHE E 783 41.55 -0.16 37.86
CA PHE E 783 40.57 -0.24 36.79
C PHE E 783 40.33 1.10 36.10
N GLY E 784 40.51 2.23 36.77
CA GLY E 784 40.46 3.51 36.10
C GLY E 784 41.61 3.74 35.14
N SER E 785 42.73 3.02 35.32
CA SER E 785 43.85 3.15 34.40
C SER E 785 43.53 2.54 33.05
N ILE E 786 42.76 1.45 33.03
CA ILE E 786 42.26 0.89 31.78
C ILE E 786 41.34 1.89 31.09
N LEU E 787 40.51 2.59 31.87
CA LEU E 787 39.63 3.60 31.32
C LEU E 787 40.39 4.82 30.81
N LEU E 788 41.56 5.09 31.38
CA LEU E 788 42.41 6.14 30.80
C LEU E 788 43.03 5.66 29.50
N LEU E 789 43.62 4.46 29.49
CA LEU E 789 44.31 3.92 28.33
C LEU E 789 43.39 3.73 27.14
N LYS E 790 42.12 3.41 27.38
CA LYS E 790 41.15 3.30 26.29
C LYS E 790 40.97 4.62 25.57
N ASN E 791 40.73 5.70 26.31
CA ASN E 791 40.49 6.99 25.66
C ASN E 791 41.76 7.55 25.05
N HIS E 792 42.92 7.28 25.66
CA HIS E 792 44.19 7.70 25.07
C HIS E 792 44.45 6.99 23.73
N ILE E 793 44.29 5.66 23.71
CA ILE E 793 44.52 4.92 22.46
C ILE E 793 43.39 5.17 21.47
N TYR E 794 42.21 5.55 21.96
CA TYR E 794 41.10 5.89 21.06
C TYR E 794 41.34 7.21 20.36
N ILE E 795 41.93 8.18 21.06
CA ILE E 795 42.32 9.43 20.40
C ILE E 795 43.53 9.18 19.49
N ALA E 796 44.41 8.25 19.86
CA ALA E 796 45.54 7.88 19.01
C ALA E 796 45.08 7.24 17.71
N GLU E 797 44.01 6.44 17.76
CA GLU E 797 43.51 5.78 16.57
C GLU E 797 42.51 6.63 15.81
N LYS E 798 41.92 7.63 16.45
CA LYS E 798 40.93 8.46 15.78
C LYS E 798 41.58 9.63 15.05
N LEU E 799 42.44 10.39 15.73
CA LEU E 799 43.11 11.48 15.06
C LEU E 799 44.38 11.04 14.35
N LYS E 800 44.82 9.80 14.56
CA LYS E 800 45.98 9.18 13.90
C LYS E 800 47.25 9.99 14.13
N ILE E 801 47.60 10.13 15.41
CA ILE E 801 48.78 10.86 15.83
C ILE E 801 49.75 9.81 16.37
N HIS E 802 50.95 10.22 16.72
CA HIS E 802 51.81 9.35 17.50
C HIS E 802 51.32 9.29 18.95
N PRO E 803 51.64 8.21 19.66
CA PRO E 803 51.41 8.21 21.11
C PRO E 803 52.32 9.14 21.89
N GLY E 804 53.44 9.58 21.32
CA GLY E 804 54.32 10.47 22.05
C GLY E 804 53.91 11.93 22.05
N THR E 805 52.86 12.30 21.32
CA THR E 805 52.43 13.69 21.23
C THR E 805 51.04 13.95 21.79
N ILE E 806 50.27 12.91 22.13
CA ILE E 806 49.03 13.12 22.87
C ILE E 806 49.36 13.68 24.26
N ILE E 807 50.47 13.27 24.83
CA ILE E 807 50.91 13.83 26.09
C ILE E 807 51.47 15.25 25.91
N LYS E 808 51.94 15.61 24.72
CA LYS E 808 52.25 17.01 24.47
C LYS E 808 50.98 17.85 24.30
N ILE E 809 49.92 17.26 23.74
CA ILE E 809 48.60 17.91 23.75
C ILE E 809 48.12 18.09 25.18
N LYS E 810 48.36 17.09 26.03
CA LYS E 810 48.00 17.20 27.44
C LYS E 810 48.81 18.27 28.15
N ASN E 811 50.08 18.43 27.78
CA ASN E 811 50.90 19.49 28.35
C ASN E 811 50.41 20.86 27.92
N TYR E 812 50.01 20.99 26.65
CA TYR E 812 49.47 22.25 26.16
C TYR E 812 48.12 22.58 26.81
N ILE E 813 47.30 21.58 27.09
CA ILE E 813 46.01 21.84 27.72
C ILE E 813 46.16 22.12 29.20
N PHE E 814 46.73 21.17 29.96
CA PHE E 814 46.70 21.22 31.40
C PHE E 814 47.89 21.95 32.02
N ASP E 815 48.96 22.19 31.26
CA ASP E 815 50.15 22.84 31.79
C ASP E 815 50.61 24.03 30.97
N ASP E 816 50.08 24.20 29.75
CA ASP E 816 50.08 25.45 28.99
C ASP E 816 51.48 25.90 28.60
N LYS E 817 52.24 25.01 27.96
CA LYS E 817 53.58 25.36 27.51
C LYS E 817 53.52 26.36 26.36
N SER E 818 52.64 26.11 25.38
CA SER E 818 52.40 26.94 24.19
C SER E 818 53.63 27.07 23.28
N ASN E 819 54.67 26.29 23.52
CA ASN E 819 55.78 26.15 22.59
C ASN E 819 55.69 24.85 21.82
N GLU E 820 54.70 24.01 22.12
CA GLU E 820 54.53 22.71 21.49
C GLU E 820 53.62 22.77 20.27
N LEU E 821 53.08 23.95 19.94
CA LEU E 821 52.12 24.06 18.84
C LEU E 821 52.79 23.82 17.50
N GLU E 822 54.08 24.14 17.37
CA GLU E 822 54.82 23.83 16.16
C GLU E 822 55.01 22.33 15.95
N ASN E 823 54.84 21.52 17.00
CA ASN E 823 54.89 20.07 16.89
C ASN E 823 53.51 19.49 16.61
N ILE E 824 52.52 19.91 17.40
CA ILE E 824 51.18 19.35 17.31
C ILE E 824 50.53 19.73 15.98
N ALA E 825 50.81 20.94 15.49
CA ALA E 825 50.27 21.33 14.19
C ALA E 825 50.96 20.59 13.05
N ASN E 826 52.25 20.29 13.21
CA ASN E 826 52.94 19.54 12.18
C ASN E 826 52.59 18.06 12.18
N LYS E 827 52.10 17.53 13.30
CA LYS E 827 51.79 16.11 13.36
C LYS E 827 50.31 15.81 13.59
N LEU E 828 49.44 16.81 13.52
CA LEU E 828 48.03 16.57 13.23
C LEU E 828 47.74 16.63 11.73
N ARG E 829 48.76 16.89 10.94
CA ARG E 829 48.68 16.98 9.49
C ARG E 829 48.97 15.63 8.84
N VAL E 830 49.09 14.58 9.65
CA VAL E 830 49.69 13.32 9.20
C VAL E 830 48.73 12.55 8.30
N ASN E 831 47.59 12.16 8.84
CA ASN E 831 46.54 11.57 8.02
C ASN E 831 45.35 12.48 7.84
N LEU E 832 45.35 13.63 8.51
CA LEU E 832 44.29 14.61 8.38
C LEU E 832 44.83 15.84 7.65
N GLY E 833 43.91 16.58 7.04
CA GLY E 833 44.31 17.74 6.26
C GLY E 833 45.00 17.36 4.96
N SER E 834 44.38 16.46 4.22
CA SER E 834 44.92 16.05 2.93
C SER E 834 44.77 17.18 1.91
N PRO E 835 45.66 17.25 0.92
CA PRO E 835 45.57 18.32 -0.09
C PRO E 835 44.37 18.20 -1.03
N THR E 836 43.60 17.11 -0.97
CA THR E 836 42.32 16.99 -1.67
C THR E 836 41.26 16.79 -0.59
N SER E 837 40.81 17.90 0.01
CA SER E 837 39.79 17.88 1.05
C SER E 837 39.18 19.28 1.13
N THR E 838 38.41 19.53 2.19
CA THR E 838 37.81 20.84 2.42
C THR E 838 38.37 21.56 3.63
N VAL E 839 39.14 20.88 4.48
CA VAL E 839 39.71 21.51 5.66
C VAL E 839 40.78 22.53 5.26
N LEU E 840 41.54 22.22 4.21
CA LEU E 840 42.59 23.13 3.75
C LEU E 840 42.01 24.39 3.11
N ASN E 841 40.77 24.32 2.61
CA ASN E 841 40.07 25.53 2.19
C ASN E 841 39.80 26.45 3.37
N LYS E 842 39.41 25.90 4.51
CA LYS E 842 39.19 26.71 5.71
C LYS E 842 40.51 27.23 6.28
N ILE E 843 41.58 26.44 6.14
CA ILE E 843 42.92 26.91 6.48
C ILE E 843 43.29 28.14 5.64
N ASN E 844 43.03 28.09 4.34
CA ASN E 844 43.36 29.20 3.46
C ASN E 844 42.47 30.42 3.73
N GLU E 845 41.20 30.19 4.05
CA GLU E 845 40.31 31.30 4.38
C GLU E 845 40.71 31.98 5.69
N SER E 846 41.19 31.21 6.67
CA SER E 846 41.68 31.84 7.88
C SER E 846 43.05 32.46 7.69
N ARG E 847 43.83 31.99 6.71
CA ARG E 847 45.12 32.61 6.44
C ARG E 847 45.01 33.92 5.69
N ARG E 848 44.04 34.05 4.78
CA ARG E 848 43.94 35.31 4.03
C ARG E 848 43.44 36.44 4.92
N ASP E 849 42.66 36.14 5.95
CA ASP E 849 42.18 37.20 6.83
C ASP E 849 43.30 37.75 7.70
N ALA E 850 44.31 36.93 7.99
CA ALA E 850 45.50 37.41 8.66
C ALA E 850 46.42 38.14 7.70
N LEU E 851 46.61 37.60 6.49
CA LEU E 851 47.57 38.19 5.54
C LEU E 851 47.09 39.54 5.01
N VAL E 852 45.79 39.68 4.73
CA VAL E 852 45.27 40.95 4.22
C VAL E 852 45.35 42.03 5.28
N ASN E 853 44.99 41.70 6.53
CA ASN E 853 45.05 42.69 7.60
C ASN E 853 46.49 43.04 7.96
N TYR E 854 47.40 42.08 7.90
CA TYR E 854 48.80 42.37 8.13
C TYR E 854 49.41 43.19 7.01
N TYR E 855 48.96 42.98 5.77
CA TYR E 855 49.47 43.78 4.67
C TYR E 855 48.87 45.19 4.73
N LEU E 856 47.68 45.34 5.29
CA LEU E 856 47.16 46.68 5.54
C LEU E 856 47.88 47.35 6.70
N ALA E 857 48.42 46.55 7.63
CA ALA E 857 49.14 47.12 8.76
C ALA E 857 50.54 47.59 8.36
N LYS E 858 51.28 46.81 7.59
CA LYS E 858 52.67 47.09 7.30
C LYS E 858 52.98 46.79 5.84
N ASN E 859 54.09 47.37 5.37
CA ASN E 859 54.82 46.96 4.16
C ASN E 859 54.02 47.12 2.87
N VAL E 860 53.55 48.34 2.61
CA VAL E 860 53.09 48.74 1.27
C VAL E 860 53.92 49.98 0.98
N SER E 861 53.78 50.55 -0.22
CA SER E 861 54.17 51.94 -0.43
C SER E 861 53.21 52.81 0.36
N GLY E 862 53.68 53.40 1.46
CA GLY E 862 52.82 54.14 2.38
C GLY E 862 52.30 55.46 1.85
N ASP E 863 52.82 55.94 0.70
CA ASP E 863 52.35 57.20 0.16
C ASP E 863 50.94 57.08 -0.40
N GLU E 864 50.51 55.88 -0.76
CA GLU E 864 49.14 55.65 -1.20
C GLU E 864 48.27 55.31 0.01
N LYS E 865 47.09 55.93 0.09
CA LYS E 865 46.17 55.71 1.20
C LYS E 865 45.47 54.36 1.05
N ILE E 866 46.07 53.31 1.59
CA ILE E 866 45.52 51.96 1.53
C ILE E 866 45.24 51.51 2.95
N LYS E 867 43.96 51.50 3.33
CA LYS E 867 43.59 51.24 4.71
C LYS E 867 42.61 50.09 4.84
N THR E 868 41.73 49.91 3.88
CA THR E 868 40.72 48.87 3.91
C THR E 868 41.01 47.81 2.87
N ALA E 869 40.15 46.80 2.81
CA ALA E 869 40.36 45.70 1.87
C ALA E 869 40.01 46.08 0.44
N GLU E 870 39.12 47.05 0.25
CA GLU E 870 38.81 47.50 -1.10
C GLU E 870 39.95 48.34 -1.69
N GLN E 871 40.64 49.10 -0.83
CA GLN E 871 41.85 49.80 -1.26
C GLN E 871 42.92 48.81 -1.70
N LEU E 872 43.08 47.72 -0.96
CA LEU E 872 44.02 46.68 -1.35
C LEU E 872 43.56 45.94 -2.60
N TYR E 873 42.24 45.83 -2.80
CA TYR E 873 41.73 45.23 -4.02
C TYR E 873 42.03 46.10 -5.23
N GLN E 874 41.93 47.41 -5.07
CA GLN E 874 42.32 48.33 -6.14
C GLN E 874 43.82 48.31 -6.37
N TYR E 875 44.61 48.05 -5.31
CA TYR E 875 46.06 48.09 -5.45
C TYR E 875 46.62 46.80 -6.07
N LEU E 876 46.43 45.66 -5.40
CA LEU E 876 47.02 44.40 -5.85
C LEU E 876 46.22 43.67 -6.91
N LEU E 877 45.09 44.23 -7.35
CA LEU E 877 44.30 43.76 -8.49
C LEU E 877 43.77 42.32 -8.31
N LEU E 878 43.65 41.85 -7.08
CA LEU E 878 43.27 40.47 -6.79
C LEU E 878 42.26 40.45 -5.66
N ASP E 879 41.30 39.53 -5.75
CA ASP E 879 40.12 39.53 -4.88
C ASP E 879 40.52 39.13 -3.46
N THR E 880 40.69 40.12 -2.60
CA THR E 880 41.11 39.91 -1.22
C THR E 880 39.97 39.50 -0.29
N LYS E 881 38.80 39.20 -0.83
CA LYS E 881 37.68 38.71 -0.02
C LYS E 881 37.00 37.51 -0.67
N ILE E 882 37.69 36.81 -1.56
CA ILE E 882 37.09 35.73 -2.33
C ILE E 882 37.02 34.47 -1.48
N GLY E 883 36.01 33.63 -1.74
CA GLY E 883 35.87 32.37 -1.07
C GLY E 883 36.76 31.30 -1.68
N HIS E 884 36.46 30.05 -1.34
CA HIS E 884 37.26 28.93 -1.80
C HIS E 884 36.66 28.20 -2.99
N GLU E 885 35.39 28.47 -3.32
CA GLU E 885 34.70 27.72 -4.36
C GLU E 885 34.95 28.26 -5.76
N VAL E 886 35.52 29.45 -5.89
CA VAL E 886 35.72 30.06 -7.19
C VAL E 886 37.04 29.58 -7.77
N LYS E 887 37.00 29.08 -9.01
CA LYS E 887 38.17 28.56 -9.69
C LYS E 887 38.42 29.35 -10.96
N THR E 888 39.70 29.63 -11.25
CA THR E 888 40.07 30.51 -12.35
C THR E 888 41.46 30.15 -12.85
N SER E 889 41.58 29.86 -14.15
CA SER E 889 42.86 29.59 -14.78
C SER E 889 43.75 30.83 -14.71
N PRO E 890 45.08 30.64 -14.61
CA PRO E 890 45.97 31.78 -14.32
C PRO E 890 46.04 32.84 -15.41
N ILE E 891 45.92 32.46 -16.68
CA ILE E 891 45.90 33.45 -17.75
C ILE E 891 44.61 34.26 -17.68
N ALA E 892 43.50 33.64 -17.30
CA ALA E 892 42.25 34.36 -17.13
C ALA E 892 42.32 35.33 -15.95
N GLU E 893 43.01 34.93 -14.88
CA GLU E 893 43.17 35.83 -13.74
C GLU E 893 44.11 36.99 -14.06
N ALA E 894 45.14 36.74 -14.88
CA ALA E 894 46.00 37.83 -15.33
C ALA E 894 45.26 38.80 -16.24
N ILE E 895 44.39 38.27 -17.11
CA ILE E 895 43.54 39.11 -17.96
C ILE E 895 42.61 39.96 -17.11
N SER E 896 42.01 39.37 -16.07
CA SER E 896 41.09 40.13 -15.22
C SER E 896 41.82 41.20 -14.41
N SER E 897 43.03 40.89 -13.94
CA SER E 897 43.81 41.88 -13.19
C SER E 897 44.23 43.05 -14.09
N LEU E 898 44.65 42.76 -15.32
CA LEU E 898 45.03 43.85 -16.22
C LEU E 898 43.81 44.62 -16.71
N GLN E 899 42.64 44.00 -16.81
CA GLN E 899 41.44 44.73 -17.17
C GLN E 899 41.01 45.68 -16.05
N ILE E 900 41.16 45.24 -14.79
CA ILE E 900 40.91 46.13 -13.66
C ILE E 900 41.92 47.28 -13.65
N TYR E 901 43.18 47.00 -14.00
CA TYR E 901 44.19 48.05 -14.02
C TYR E 901 43.93 49.09 -15.11
N ILE E 902 43.55 48.64 -16.32
CA ILE E 902 43.26 49.57 -17.40
C ILE E 902 41.99 50.37 -17.09
N ASN E 903 40.97 49.73 -16.51
CA ASN E 903 39.76 50.44 -16.16
C ASN E 903 39.99 51.46 -15.03
N ARG E 904 40.98 51.22 -14.17
CA ARG E 904 41.32 52.26 -13.22
C ARG E 904 42.16 53.36 -13.84
N CYS E 905 43.04 53.04 -14.79
CA CYS E 905 43.94 54.05 -15.32
C CYS E 905 43.26 54.95 -16.36
N VAL E 906 42.26 54.44 -17.06
CA VAL E 906 41.53 55.25 -18.04
C VAL E 906 40.66 56.29 -17.34
N ASP E 907 39.99 55.88 -16.25
CA ASP E 907 39.02 56.74 -15.56
C ASP E 907 39.66 57.80 -14.66
N GLY E 908 40.96 58.05 -14.77
CA GLY E 908 41.59 59.14 -14.08
C GLY E 908 41.77 58.96 -12.59
N GLU E 909 41.59 57.75 -12.06
CA GLU E 909 41.73 57.53 -10.64
C GLU E 909 43.17 57.33 -10.20
N GLU E 910 44.10 57.23 -11.15
CA GLU E 910 45.52 57.17 -10.83
C GLU E 910 46.03 58.60 -10.61
N ASN E 911 46.72 58.81 -9.49
CA ASN E 911 47.11 60.17 -9.09
C ASN E 911 48.24 60.70 -9.95
N ASP E 912 49.40 60.04 -9.92
CA ASP E 912 50.53 60.42 -10.74
C ASP E 912 50.68 59.36 -11.83
N LEU E 913 50.64 59.80 -13.09
CA LEU E 913 50.65 58.88 -14.21
C LEU E 913 51.26 59.56 -15.42
N HIS E 914 51.47 58.79 -16.48
CA HIS E 914 52.30 59.21 -17.61
C HIS E 914 51.39 59.70 -18.73
N GLU E 915 51.45 61.00 -19.01
CA GLU E 915 50.50 61.63 -19.91
C GLU E 915 50.89 61.53 -21.39
N LYS E 916 52.17 61.55 -21.71
CA LYS E 916 52.57 61.62 -23.11
C LYS E 916 52.54 60.28 -23.82
N ASN E 917 52.20 59.19 -23.12
CA ASN E 917 51.78 57.96 -23.80
C ASN E 917 50.26 57.81 -23.84
N ILE E 918 49.55 58.39 -22.86
CA ILE E 918 48.10 58.47 -22.90
C ILE E 918 47.65 59.32 -24.09
N SER E 919 48.44 60.34 -24.43
CA SER E 919 48.21 61.10 -25.65
C SER E 919 48.38 60.26 -26.92
N THR E 920 49.13 59.16 -26.86
CA THR E 920 49.31 58.29 -28.01
C THR E 920 48.31 57.15 -28.05
N HIS E 921 47.87 56.66 -26.89
CA HIS E 921 46.94 55.53 -26.87
C HIS E 921 45.48 55.94 -26.98
N PHE E 922 45.16 57.21 -26.76
CA PHE E 922 43.81 57.72 -26.96
C PHE E 922 43.69 58.50 -28.26
N SER E 923 44.36 58.03 -29.31
CA SER E 923 44.31 58.64 -30.63
C SER E 923 43.04 58.24 -31.38
N SER E 924 43.02 58.43 -32.69
CA SER E 924 41.87 58.04 -33.50
C SER E 924 41.68 56.53 -33.50
N ASP E 925 42.73 55.78 -33.83
CA ASP E 925 42.66 54.32 -33.86
C ASP E 925 43.88 53.72 -33.14
N ASN E 926 43.78 53.57 -31.83
CA ASN E 926 44.72 52.79 -31.04
C ASN E 926 43.91 51.96 -30.04
N PHE E 927 44.60 51.41 -29.06
CA PHE E 927 43.98 50.41 -28.19
C PHE E 927 43.01 51.06 -27.21
N LEU E 928 43.41 52.14 -26.55
CA LEU E 928 42.57 52.70 -25.50
C LEU E 928 41.45 53.58 -26.05
N HIS E 929 41.45 53.90 -27.34
CA HIS E 929 40.31 54.61 -27.89
C HIS E 929 39.12 53.69 -28.09
N GLY E 930 39.38 52.49 -28.60
CA GLY E 930 38.34 51.48 -28.70
C GLY E 930 38.33 50.57 -27.49
N TRP E 931 38.61 51.13 -26.32
CA TRP E 931 38.54 50.35 -25.09
C TRP E 931 37.11 49.99 -24.75
N ASN E 932 36.26 51.01 -24.53
CA ASN E 932 34.87 50.78 -24.17
C ASN E 932 34.07 50.15 -25.31
N SER E 933 34.47 50.42 -26.55
CA SER E 933 33.80 49.81 -27.69
C SER E 933 34.16 48.33 -27.82
N TYR E 934 35.44 48.02 -27.88
CA TYR E 934 35.83 46.65 -28.19
C TYR E 934 36.69 45.98 -27.12
N ASN E 935 37.64 46.69 -26.53
CA ASN E 935 38.75 46.05 -25.86
C ASN E 935 38.52 45.77 -24.39
N LYS E 936 37.35 46.10 -23.85
CA LYS E 936 37.06 45.79 -22.45
C LYS E 936 36.86 44.31 -22.20
N ARG E 937 36.69 43.51 -23.23
CA ARG E 937 36.19 42.16 -23.08
C ARG E 937 36.89 41.28 -24.10
N TYR E 938 37.21 40.04 -23.70
CA TYR E 938 37.86 39.12 -24.61
C TYR E 938 36.93 38.70 -25.74
N ALA E 939 35.63 38.57 -25.46
CA ALA E 939 34.69 38.14 -26.48
C ALA E 939 34.52 39.19 -27.57
N ARG E 940 34.41 40.46 -27.19
CA ARG E 940 34.24 41.52 -28.17
C ARG E 940 35.53 41.76 -28.95
N TRP E 941 36.68 41.66 -28.27
CA TRP E 941 37.96 41.77 -28.95
C TRP E 941 38.17 40.65 -29.95
N ALA E 942 37.81 39.42 -29.57
CA ALA E 942 37.91 38.29 -30.47
C ALA E 942 36.96 38.44 -31.65
N GLY E 943 35.76 38.98 -31.41
CA GLY E 943 34.82 39.21 -32.50
C GLY E 943 35.32 40.24 -33.49
N LYS E 944 35.99 41.29 -33.00
CA LYS E 944 36.54 42.27 -33.92
C LYS E 944 37.75 41.74 -34.67
N GLU E 945 38.65 41.03 -33.98
CA GLU E 945 39.83 40.52 -34.66
C GLU E 945 39.52 39.37 -35.60
N LYS E 946 38.40 38.67 -35.41
CA LYS E 946 37.97 37.65 -36.36
C LYS E 946 37.07 38.21 -37.46
N LEU E 947 36.36 39.30 -37.21
CA LEU E 947 35.57 39.91 -38.28
C LEU E 947 36.45 40.57 -39.32
N MET E 948 37.62 41.05 -38.92
CA MET E 948 38.55 41.63 -39.88
C MET E 948 39.44 40.59 -40.54
N TYR E 949 39.54 39.39 -39.95
CA TYR E 949 40.32 38.31 -40.53
C TYR E 949 39.45 37.29 -41.24
N TYR E 950 38.18 37.17 -40.87
CA TYR E 950 37.19 36.38 -41.61
C TYR E 950 35.94 37.23 -41.79
N ALA E 951 35.86 37.95 -42.91
CA ALA E 951 34.59 38.53 -43.31
C ALA E 951 33.63 37.47 -43.85
N ALA E 952 34.14 36.30 -44.22
CA ALA E 952 33.32 35.26 -44.81
C ALA E 952 32.41 34.59 -43.78
N ASP E 953 32.86 34.49 -42.53
CA ASP E 953 32.07 33.78 -41.53
C ASP E 953 30.88 34.59 -41.06
N TYR E 954 30.94 35.92 -41.20
CA TYR E 954 29.97 36.83 -40.61
C TYR E 954 29.11 37.52 -41.66
N ILE E 955 29.00 36.94 -42.86
CA ILE E 955 28.40 37.64 -43.99
C ILE E 955 27.06 36.97 -44.31
N ASP E 956 26.18 37.74 -44.93
CA ASP E 956 24.84 37.26 -45.30
C ASP E 956 24.31 38.13 -46.43
N PRO E 957 23.46 37.59 -47.31
CA PRO E 957 22.95 38.39 -48.42
C PRO E 957 21.92 39.40 -48.00
N THR E 958 21.27 39.22 -46.85
CA THR E 958 20.19 40.11 -46.44
C THR E 958 20.75 41.39 -45.83
N LEU E 959 21.51 41.27 -44.74
CA LEU E 959 22.07 42.42 -44.05
C LEU E 959 23.30 42.89 -44.81
N ARG E 960 23.16 43.96 -45.58
CA ARG E 960 24.27 44.46 -46.37
C ARG E 960 24.19 45.98 -46.46
N TYR E 961 25.34 46.63 -46.39
CA TYR E 961 25.41 48.06 -46.63
C TYR E 961 25.39 48.32 -48.14
N ASN E 962 24.91 49.52 -48.51
CA ASN E 962 24.74 49.98 -49.89
C ASN E 962 23.83 49.03 -50.69
N LYS E 963 22.66 48.76 -50.14
CA LYS E 963 21.63 48.08 -50.89
C LYS E 963 20.86 49.10 -51.71
N THR E 964 20.70 48.82 -53.00
CA THR E 964 19.94 49.71 -53.86
C THR E 964 18.44 49.57 -53.60
N GLU E 965 17.68 50.53 -54.11
CA GLU E 965 16.22 50.45 -54.01
C GLU E 965 15.68 49.32 -54.87
N LEU E 966 16.35 49.03 -55.98
CA LEU E 966 15.98 47.90 -56.81
C LEU E 966 16.26 46.58 -56.10
N PHE E 967 17.27 46.55 -55.23
CA PHE E 967 17.52 45.38 -54.42
C PHE E 967 16.43 45.18 -53.39
N ASN E 968 15.87 46.27 -52.87
CA ASN E 968 14.75 46.15 -51.95
C ASN E 968 13.48 45.73 -52.68
N THR E 969 13.35 46.10 -53.95
CA THR E 969 12.22 45.63 -54.74
C THR E 969 12.35 44.14 -55.05
N PHE E 970 13.56 43.69 -55.38
CA PHE E 970 13.79 42.28 -55.65
C PHE E 970 13.64 41.43 -54.40
N GLU E 971 14.22 41.90 -53.29
CA GLU E 971 14.33 41.11 -52.07
C GLU E 971 12.98 40.81 -51.45
N GLN E 972 12.02 41.71 -51.62
CA GLN E 972 10.68 41.56 -51.08
C GLN E 972 9.66 41.25 -52.18
N SER E 973 10.12 40.78 -53.33
CA SER E 973 9.27 40.17 -54.35
C SER E 973 9.39 38.66 -54.36
N ILE E 974 10.54 38.13 -53.96
CA ILE E 974 10.74 36.69 -53.85
C ILE E 974 10.47 36.22 -52.42
N ASN E 975 9.78 37.02 -51.63
CA ASN E 975 9.55 36.74 -50.21
C ASN E 975 8.32 35.87 -50.02
N ASN E 976 8.25 34.76 -50.74
CA ASN E 976 7.14 33.82 -50.65
C ASN E 976 7.43 32.81 -49.52
N SER E 977 6.64 31.74 -49.46
CA SER E 977 6.90 30.64 -48.54
C SER E 977 7.26 29.35 -49.25
N ARG E 978 6.42 28.86 -50.15
CA ARG E 978 6.77 27.69 -50.95
C ARG E 978 7.12 28.21 -52.34
N LEU E 979 8.36 28.63 -52.49
CA LEU E 979 8.81 29.31 -53.69
C LEU E 979 8.84 28.38 -54.90
N THR E 980 8.63 28.98 -56.06
CA THR E 980 8.87 28.36 -57.35
C THR E 980 9.93 29.16 -58.08
N GLU E 981 10.41 28.62 -59.19
CA GLU E 981 11.40 29.34 -59.98
C GLU E 981 10.76 30.41 -60.85
N LYS E 982 9.46 30.33 -61.09
CA LYS E 982 8.75 31.34 -61.85
C LYS E 982 8.75 32.68 -61.14
N SER E 983 8.61 32.66 -59.82
CA SER E 983 8.54 33.91 -59.06
C SER E 983 9.89 34.63 -59.04
N VAL E 984 10.98 33.87 -58.87
CA VAL E 984 12.29 34.51 -58.86
C VAL E 984 12.71 34.93 -60.26
N LYS E 985 12.25 34.22 -61.31
CA LYS E 985 12.50 34.70 -62.65
C LYS E 985 11.68 35.95 -62.98
N SER E 986 10.47 36.07 -62.44
CA SER E 986 9.69 37.28 -62.65
C SER E 986 10.28 38.46 -61.93
N ALA E 987 10.79 38.25 -60.71
CA ALA E 987 11.46 39.33 -60.00
C ALA E 987 12.79 39.70 -60.68
N LEU E 988 13.44 38.73 -61.31
CA LEU E 988 14.65 39.02 -62.08
C LEU E 988 14.34 39.84 -63.32
N GLN E 989 13.23 39.52 -63.99
CA GLN E 989 12.79 40.32 -65.14
C GLN E 989 12.44 41.74 -64.72
N SER E 990 11.77 41.90 -63.57
CA SER E 990 11.45 43.23 -63.07
C SER E 990 12.71 44.01 -62.70
N TYR E 991 13.73 43.32 -62.19
CA TYR E 991 15.00 43.97 -61.89
C TYR E 991 15.68 44.47 -63.16
N LEU E 992 15.72 43.64 -64.21
CA LEU E 992 16.35 44.10 -65.45
C LEU E 992 15.55 45.19 -66.15
N ILE E 993 14.22 45.16 -66.06
CA ILE E 993 13.41 46.22 -66.65
C ILE E 993 13.61 47.52 -65.90
N SER E 994 13.77 47.45 -64.58
CA SER E 994 14.07 48.66 -63.82
C SER E 994 15.49 49.15 -64.04
N TYR E 995 16.43 48.23 -64.31
CA TYR E 995 17.80 48.64 -64.59
C TYR E 995 17.92 49.29 -65.97
N GLU E 996 17.16 48.82 -66.94
CA GLU E 996 17.27 49.31 -68.31
C GLU E 996 16.83 50.78 -68.42
N LYS E 997 15.97 51.25 -67.53
CA LYS E 997 15.64 52.66 -67.48
C LYS E 997 16.82 53.48 -66.97
N LEU E 998 17.46 53.02 -65.90
CA LEU E 998 18.59 53.73 -65.32
C LEU E 998 19.83 53.68 -66.20
N ALA E 999 19.92 52.70 -67.09
CA ALA E 999 21.03 52.61 -68.02
C ALA E 999 20.87 53.55 -69.21
N GLN E 1000 19.84 54.39 -69.24
CA GLN E 1000 19.60 55.33 -70.32
C GLN E 1000 19.56 56.77 -69.84
N ILE E 1001 19.96 57.03 -68.59
CA ILE E 1001 19.91 58.38 -68.05
C ILE E 1001 21.01 59.21 -68.69
N ASP E 1002 20.65 60.40 -69.13
CA ASP E 1002 21.49 61.24 -69.97
C ASP E 1002 22.05 62.37 -69.10
N THR E 1003 23.34 62.31 -68.81
CA THR E 1003 23.96 63.26 -67.89
C THR E 1003 24.10 64.63 -68.53
N ILE E 1004 23.48 65.64 -67.92
CA ILE E 1004 23.45 67.00 -68.46
C ILE E 1004 24.41 67.92 -67.71
N LYS E 1005 24.20 68.08 -66.40
CA LYS E 1005 24.84 69.12 -65.62
C LYS E 1005 25.75 68.49 -64.58
N GLU E 1006 26.94 69.06 -64.42
CA GLU E 1006 27.92 68.59 -63.45
C GLU E 1006 28.15 69.67 -62.40
N LEU E 1007 28.72 69.26 -61.28
CA LEU E 1007 29.05 70.17 -60.19
C LEU E 1007 30.10 69.52 -59.31
N TYR E 1008 31.26 70.14 -59.19
CA TYR E 1008 32.32 69.63 -58.33
C TYR E 1008 32.41 70.50 -57.09
N VAL E 1009 31.92 69.98 -55.97
CA VAL E 1009 32.09 70.63 -54.68
C VAL E 1009 33.52 70.39 -54.22
N GLU E 1010 34.19 71.45 -53.77
CA GLU E 1010 35.58 71.33 -53.37
C GLU E 1010 35.77 71.08 -51.88
N ASN E 1011 34.85 71.56 -51.04
CA ASN E 1011 34.96 71.31 -49.61
C ASN E 1011 34.68 69.85 -49.29
N ILE E 1012 33.46 69.40 -49.56
CA ILE E 1012 33.14 67.99 -49.59
C ILE E 1012 33.57 67.46 -50.94
N LYS E 1013 34.50 66.52 -50.96
CA LYS E 1013 35.19 66.15 -52.20
C LYS E 1013 34.31 65.33 -53.12
N THR E 1014 33.18 65.88 -53.59
CA THR E 1014 32.20 65.12 -54.32
C THR E 1014 31.85 65.78 -55.64
N HIS E 1015 31.48 64.95 -56.61
CA HIS E 1015 30.82 65.37 -57.82
C HIS E 1015 29.32 65.24 -57.64
N PHE E 1016 28.56 66.03 -58.39
CA PHE E 1016 27.13 65.88 -58.46
C PHE E 1016 26.67 65.99 -59.90
N PHE E 1017 25.80 65.08 -60.30
CA PHE E 1017 25.35 65.01 -61.68
C PHE E 1017 23.84 65.19 -61.73
N LEU E 1018 23.36 65.69 -62.85
CA LEU E 1018 21.94 65.86 -63.09
C LEU E 1018 21.62 65.17 -64.40
N GLY E 1019 20.75 64.16 -64.35
CA GLY E 1019 20.55 63.36 -65.53
C GLY E 1019 19.11 63.24 -65.98
N LYS E 1020 18.87 63.58 -67.24
CA LYS E 1020 17.56 63.45 -67.86
C LYS E 1020 17.41 62.04 -68.42
N THR E 1021 16.17 61.56 -68.48
CA THR E 1021 15.93 60.28 -69.14
C THR E 1021 15.51 60.54 -70.59
N ARG E 1022 15.37 59.46 -71.36
CA ARG E 1022 15.08 59.58 -72.78
C ARG E 1022 13.58 59.42 -73.03
N GLU E 1023 12.83 60.38 -72.48
CA GLU E 1023 11.42 60.53 -72.76
C GLU E 1023 11.16 61.99 -73.10
N SER E 1024 10.02 62.27 -73.72
CA SER E 1024 9.73 63.66 -74.04
C SER E 1024 9.29 64.46 -72.81
N PRO E 1025 8.54 63.89 -71.84
CA PRO E 1025 8.62 64.44 -70.49
C PRO E 1025 10.00 64.21 -69.91
N CYS E 1026 10.44 65.15 -69.07
CA CYS E 1026 11.86 65.29 -68.76
C CYS E 1026 12.36 64.20 -67.82
N GLN E 1027 11.84 64.18 -66.59
CA GLN E 1027 12.14 63.19 -65.55
C GLN E 1027 13.63 63.16 -65.21
N TYR E 1028 14.10 64.24 -64.61
CA TYR E 1028 15.50 64.33 -64.25
C TYR E 1028 15.82 63.45 -63.03
N TYR E 1029 17.11 63.20 -62.83
CA TYR E 1029 17.64 62.34 -61.78
C TYR E 1029 18.91 62.97 -61.23
N TRP E 1030 19.50 62.36 -60.21
CA TRP E 1030 20.77 62.84 -59.69
C TRP E 1030 21.57 61.69 -59.09
N ARG E 1031 22.88 61.88 -59.01
CA ARG E 1031 23.79 60.90 -58.44
C ARG E 1031 25.01 61.66 -57.92
N SER E 1032 25.95 60.93 -57.31
CA SER E 1032 27.14 61.57 -56.79
C SER E 1032 28.30 60.58 -56.71
N GLY E 1033 29.49 61.05 -57.08
CA GLY E 1033 30.73 60.33 -56.82
C GLY E 1033 31.43 60.96 -55.61
N GLU E 1034 31.80 60.12 -54.65
CA GLU E 1034 32.00 60.58 -53.27
C GLU E 1034 33.45 60.76 -52.87
N GLN E 1035 34.39 60.84 -53.81
CA GLN E 1035 35.78 61.11 -53.44
C GLN E 1035 36.47 61.88 -54.57
N LEU E 1036 37.79 61.96 -54.48
CA LEU E 1036 38.59 62.52 -55.55
C LEU E 1036 38.49 61.68 -56.81
N SER E 1037 38.46 62.34 -57.97
CA SER E 1037 38.32 61.64 -59.24
C SER E 1037 39.58 60.85 -59.59
N ASN E 1038 40.73 61.23 -59.04
CA ASN E 1038 41.98 60.54 -59.32
C ASN E 1038 42.69 60.11 -58.04
N ASP E 1039 41.92 59.87 -56.97
CA ASP E 1039 42.49 59.21 -55.80
C ASP E 1039 42.82 57.76 -56.15
N SER E 1040 41.98 57.12 -56.95
CA SER E 1040 42.25 55.87 -57.60
C SER E 1040 41.46 55.85 -58.91
N HIS E 1041 41.33 54.66 -59.50
CA HIS E 1041 40.45 54.52 -60.66
C HIS E 1041 38.98 54.62 -60.27
N HIS E 1042 38.65 54.39 -59.00
CA HIS E 1042 37.28 54.29 -58.56
C HIS E 1042 36.85 55.58 -57.87
N LEU E 1043 35.72 56.13 -58.31
CA LEU E 1043 34.92 57.00 -57.47
C LEU E 1043 33.95 56.15 -56.67
N ARG E 1044 33.50 56.68 -55.54
CA ARG E 1044 32.45 56.03 -54.77
C ARG E 1044 31.13 56.55 -55.30
N TRP E 1045 30.50 55.79 -56.18
CA TRP E 1045 29.35 56.29 -56.92
C TRP E 1045 28.09 56.15 -56.10
N SER E 1046 26.96 56.43 -56.72
CA SER E 1046 25.67 56.42 -56.05
C SER E 1046 24.59 56.01 -57.02
N GLU E 1047 23.46 55.60 -56.46
CA GLU E 1047 22.29 55.24 -57.25
C GLU E 1047 21.68 56.49 -57.87
N TRP E 1048 21.18 56.37 -59.10
CA TRP E 1048 20.36 57.43 -59.65
C TRP E 1048 19.07 57.55 -58.86
N LYS E 1049 18.86 58.69 -58.24
CA LYS E 1049 17.64 58.95 -57.50
C LYS E 1049 16.91 60.12 -58.14
N LYS E 1050 15.59 60.12 -58.02
CA LYS E 1050 14.76 61.06 -58.76
C LYS E 1050 14.67 62.40 -58.04
N VAL E 1051 14.89 63.48 -58.79
CA VAL E 1051 14.57 64.80 -58.28
C VAL E 1051 13.05 64.96 -58.32
N GLU E 1052 12.47 65.34 -57.19
CA GLU E 1052 11.05 65.11 -56.99
C GLU E 1052 10.16 66.22 -57.56
N CYS E 1053 10.47 67.49 -57.29
CA CYS E 1053 9.50 68.56 -57.39
C CYS E 1053 9.70 69.44 -58.62
N ASN E 1054 8.62 69.64 -59.37
CA ASN E 1054 8.35 70.78 -60.26
C ASN E 1054 9.23 70.85 -61.50
N ILE E 1055 10.21 69.98 -61.66
CA ILE E 1055 10.95 69.92 -62.92
C ILE E 1055 10.25 69.05 -63.95
N ASN E 1056 9.35 68.17 -63.52
CA ASN E 1056 8.91 67.06 -64.36
C ASN E 1056 7.70 67.41 -65.21
N GLY E 1057 7.24 68.65 -65.19
CA GLY E 1057 6.17 69.05 -66.08
C GLY E 1057 6.67 69.13 -67.51
N THR E 1058 5.74 68.97 -68.45
CA THR E 1058 6.05 69.05 -69.88
C THR E 1058 6.11 70.51 -70.28
N GLU E 1059 7.22 71.15 -69.90
CA GLU E 1059 7.46 72.54 -70.25
C GLU E 1059 8.86 72.66 -70.85
N GLU E 1060 9.30 73.88 -71.14
CA GLU E 1060 10.58 74.11 -71.78
C GLU E 1060 11.36 75.12 -70.98
N LYS E 1061 12.63 74.81 -70.73
CA LYS E 1061 13.45 75.57 -69.78
C LYS E 1061 14.51 76.35 -70.52
N PHE E 1062 14.71 77.61 -70.12
CA PHE E 1062 15.87 78.36 -70.61
C PHE E 1062 17.16 77.72 -70.11
N PHE E 1063 17.31 77.63 -68.80
CA PHE E 1063 18.49 77.02 -68.20
C PHE E 1063 18.06 76.13 -67.06
N ILE E 1064 18.98 75.25 -66.67
CA ILE E 1064 18.89 74.55 -65.39
C ILE E 1064 20.30 74.32 -64.88
N ASN E 1065 20.59 74.88 -63.71
CA ASN E 1065 21.95 74.83 -63.18
C ASN E 1065 21.97 74.37 -61.73
N LEU E 1066 22.95 73.54 -61.41
CA LEU E 1066 23.20 73.17 -60.04
C LEU E 1066 24.05 74.25 -59.36
N SER E 1067 23.92 74.34 -58.04
CA SER E 1067 24.71 75.28 -57.26
C SER E 1067 24.76 74.80 -55.82
N TRP E 1068 25.95 74.78 -55.24
CA TRP E 1068 26.15 74.28 -53.89
C TRP E 1068 26.18 75.47 -52.94
N TYR E 1069 25.09 75.63 -52.19
CA TYR E 1069 24.93 76.81 -51.35
C TYR E 1069 24.30 76.41 -50.03
N ARG E 1070 24.81 77.01 -48.94
CA ARG E 1070 24.41 76.72 -47.56
C ARG E 1070 24.57 75.24 -47.23
N ASN E 1071 25.63 74.63 -47.78
CA ASN E 1071 25.95 73.20 -47.63
C ASN E 1071 24.82 72.30 -48.12
N ARG E 1072 24.09 72.81 -49.11
CA ARG E 1072 22.96 72.13 -49.73
C ARG E 1072 23.20 72.13 -51.22
N LEU E 1073 22.35 71.46 -51.95
CA LEU E 1073 22.41 71.45 -53.41
C LEU E 1073 21.19 72.18 -53.94
N TYR E 1074 21.38 73.43 -54.36
CA TYR E 1074 20.27 74.10 -55.03
C TYR E 1074 20.24 73.71 -56.50
N VAL E 1075 19.05 73.81 -57.08
CA VAL E 1075 18.87 73.68 -58.53
C VAL E 1075 17.79 74.67 -58.96
N ASP E 1076 18.09 75.42 -60.02
CA ASP E 1076 17.28 76.57 -60.41
C ASP E 1076 16.94 76.47 -61.89
N TRP E 1077 15.73 76.86 -62.26
CA TRP E 1077 15.35 76.79 -63.67
C TRP E 1077 14.25 77.79 -63.97
N LEU E 1078 14.28 78.31 -65.19
CA LEU E 1078 13.18 79.10 -65.75
C LEU E 1078 12.30 78.22 -66.62
N ASN E 1079 11.27 78.82 -67.20
CA ASN E 1079 10.30 78.13 -68.03
C ASN E 1079 9.93 79.02 -69.20
N LYS E 1080 10.16 78.53 -70.42
CA LYS E 1080 9.89 79.32 -71.63
C LYS E 1080 8.38 79.36 -71.89
N THR E 1081 7.71 80.30 -71.22
CA THR E 1081 6.30 80.56 -71.50
C THR E 1081 6.04 82.04 -71.25
N ALA E 1082 5.27 82.65 -72.15
CA ALA E 1082 5.31 84.11 -72.32
C ALA E 1082 4.71 84.86 -71.14
N PHE E 1083 3.41 84.64 -70.87
CA PHE E 1083 2.65 85.28 -69.78
C PHE E 1083 2.66 86.81 -69.89
N LYS E 1084 1.98 87.28 -70.94
CA LYS E 1084 1.65 88.70 -71.04
C LYS E 1084 0.67 89.03 -69.94
N THR E 1085 1.15 89.70 -68.89
CA THR E 1085 0.30 90.07 -67.76
C THR E 1085 -0.11 91.53 -67.79
N ASP E 1086 0.76 92.42 -68.24
CA ASP E 1086 0.42 93.82 -68.40
C ASP E 1086 -0.43 94.07 -69.65
N GLU E 1087 -0.57 93.06 -70.51
CA GLU E 1087 -1.36 92.99 -71.75
C GLU E 1087 -1.10 94.14 -72.73
N GLY E 1088 0.02 94.83 -72.58
CA GLY E 1088 0.59 95.67 -73.61
C GLY E 1088 2.03 95.27 -73.84
N LYS E 1089 2.63 94.66 -72.82
CA LYS E 1089 4.02 94.24 -72.84
C LYS E 1089 4.20 92.92 -73.58
N GLY E 1090 5.45 92.57 -73.83
CA GLY E 1090 5.80 91.30 -74.45
C GLY E 1090 6.94 90.65 -73.71
N LYS E 1091 6.84 89.32 -73.56
CA LYS E 1091 7.76 88.49 -72.76
C LYS E 1091 7.87 89.04 -71.33
N SER E 1092 6.71 89.29 -70.73
CA SER E 1092 6.66 90.15 -69.55
C SER E 1092 7.17 89.45 -68.31
N GLU E 1093 6.62 88.29 -67.98
CA GLU E 1093 7.06 87.54 -66.80
C GLU E 1093 7.23 86.07 -67.13
N TYR E 1094 8.29 85.48 -66.58
CA TYR E 1094 8.62 84.09 -66.73
C TYR E 1094 8.71 83.46 -65.35
N HIS E 1095 8.34 82.18 -65.25
CA HIS E 1095 8.34 81.51 -63.96
C HIS E 1095 9.72 81.00 -63.61
N TYR E 1096 10.16 81.32 -62.40
CA TYR E 1096 11.45 80.90 -61.88
C TYR E 1096 11.25 80.01 -60.67
N ASN E 1097 12.15 79.05 -60.48
CA ASN E 1097 11.98 78.02 -59.48
C ASN E 1097 13.30 77.72 -58.79
N ALA E 1098 13.20 77.02 -57.66
CA ALA E 1098 14.36 76.56 -56.93
C ALA E 1098 13.97 75.33 -56.12
N ALA E 1099 14.97 74.62 -55.63
CA ALA E 1099 14.76 73.45 -54.78
C ALA E 1099 16.06 73.20 -54.03
N TYR E 1100 15.99 72.33 -53.02
CA TYR E 1100 17.23 71.89 -52.38
C TYR E 1100 17.10 70.49 -51.80
N LYS E 1101 18.07 69.66 -52.15
CA LYS E 1101 18.27 68.35 -51.54
C LYS E 1101 18.67 68.52 -50.08
N ASN E 1102 17.88 67.93 -49.18
CA ASN E 1102 18.27 67.83 -47.78
C ASN E 1102 19.16 66.61 -47.59
N ASP E 1103 19.60 66.41 -46.34
CA ASP E 1103 20.50 65.29 -46.04
C ASP E 1103 19.76 63.98 -45.81
N ASN E 1104 18.43 63.96 -45.97
CA ASN E 1104 17.67 62.73 -46.10
C ASN E 1104 17.46 62.33 -47.54
N ASN E 1105 18.20 62.98 -48.47
CA ASN E 1105 18.00 62.89 -49.91
C ASN E 1105 16.57 63.24 -50.31
N ALA E 1106 16.00 64.23 -49.61
CA ALA E 1106 14.64 64.67 -49.84
C ALA E 1106 14.66 66.10 -50.35
N TRP E 1107 13.87 66.36 -51.39
CA TRP E 1107 13.87 67.63 -52.10
C TRP E 1107 12.80 68.55 -51.53
N ASN E 1108 13.24 69.66 -50.95
CA ASN E 1108 12.33 70.73 -50.55
C ASN E 1108 12.17 71.68 -51.74
N ASP E 1109 11.62 72.86 -51.51
CA ASP E 1109 11.21 73.74 -52.59
C ASP E 1109 11.26 75.18 -52.09
N ASN E 1110 12.28 75.93 -52.52
CA ASN E 1110 12.45 77.30 -52.04
C ASN E 1110 11.45 78.27 -52.66
N ILE E 1111 11.51 78.45 -53.97
CA ILE E 1111 10.90 79.60 -54.61
C ILE E 1111 9.57 79.25 -55.25
N SER E 1112 9.53 78.23 -56.10
CA SER E 1112 8.28 77.60 -56.54
C SER E 1112 7.32 78.53 -57.28
N ASN E 1113 7.60 78.81 -58.56
CA ASN E 1113 6.65 79.37 -59.52
C ASN E 1113 6.41 80.86 -59.28
N MET E 1114 7.52 81.59 -59.11
CA MET E 1114 7.54 83.05 -58.99
C MET E 1114 7.83 83.69 -60.34
N LYS E 1115 7.13 84.78 -60.63
CA LYS E 1115 7.19 85.42 -61.95
C LYS E 1115 8.30 86.47 -61.98
N ILE E 1116 9.21 86.34 -62.95
CA ILE E 1116 10.35 87.23 -63.12
C ILE E 1116 10.51 87.52 -64.61
N GLY E 1117 10.67 88.79 -64.97
CA GLY E 1117 11.00 89.13 -66.34
C GLY E 1117 12.45 88.83 -66.67
N LEU E 1118 12.71 88.62 -67.96
CA LEU E 1118 14.04 88.22 -68.40
C LEU E 1118 15.04 89.38 -68.26
N PRO E 1119 16.25 89.10 -67.79
CA PRO E 1119 17.30 90.13 -67.76
C PRO E 1119 17.76 90.51 -69.16
N TRP E 1120 18.01 89.51 -70.00
CA TRP E 1120 18.37 89.75 -71.39
C TRP E 1120 17.10 89.91 -72.21
N GLU E 1121 17.16 90.79 -73.21
CA GLU E 1121 15.94 91.14 -73.94
C GLU E 1121 15.58 90.07 -74.96
N GLN E 1122 16.42 89.88 -75.99
CA GLN E 1122 16.21 88.80 -76.95
C GLN E 1122 17.56 88.50 -77.60
N SER E 1123 18.24 87.47 -77.09
CA SER E 1123 19.45 86.89 -77.66
C SER E 1123 19.73 85.60 -76.91
N LYS E 1124 20.13 84.57 -77.66
CA LYS E 1124 20.35 83.26 -77.03
C LYS E 1124 21.61 83.24 -76.18
N ASP E 1125 22.60 84.07 -76.51
CA ASP E 1125 23.85 84.11 -75.78
C ASP E 1125 24.17 85.54 -75.38
N ILE E 1126 24.47 85.75 -74.11
CA ILE E 1126 24.95 87.05 -73.62
C ILE E 1126 26.31 86.84 -72.97
N ASP E 1127 26.90 87.91 -72.45
CA ASP E 1127 28.24 87.81 -71.90
C ASP E 1127 28.23 87.28 -70.47
N GLU E 1128 27.58 88.00 -69.56
CA GLU E 1128 27.66 87.70 -68.14
C GLU E 1128 26.26 87.77 -67.54
N ILE E 1129 25.95 86.81 -66.67
CA ILE E 1129 24.64 86.77 -66.03
C ILE E 1129 24.73 86.10 -64.65
N PRO E 1130 25.00 86.86 -63.59
CA PRO E 1130 24.85 86.32 -62.24
C PRO E 1130 23.51 86.67 -61.64
N PRO E 1131 22.86 85.74 -60.94
CA PRO E 1131 21.68 86.09 -60.15
C PRO E 1131 22.05 86.40 -58.71
N ILE E 1132 21.23 87.25 -58.08
CA ILE E 1132 21.43 87.68 -56.69
C ILE E 1132 21.35 86.48 -55.75
N PHE E 1133 20.51 85.50 -56.07
CA PHE E 1133 20.55 84.13 -55.58
C PHE E 1133 20.16 84.03 -54.10
N ILE E 1134 19.88 85.13 -53.44
CA ILE E 1134 19.13 85.16 -52.19
C ILE E 1134 17.88 85.99 -52.47
N ASN E 1135 16.83 85.32 -52.95
CA ASN E 1135 15.46 85.83 -53.08
C ASN E 1135 15.27 87.04 -54.00
N GLN E 1136 16.31 87.52 -54.68
CA GLN E 1136 16.22 88.73 -55.50
C GLN E 1136 16.85 88.50 -56.87
N ASP E 1137 16.84 89.54 -57.71
CA ASP E 1137 17.06 89.39 -59.15
C ASP E 1137 17.86 90.57 -59.69
N ASN E 1138 19.02 90.30 -60.28
CA ASN E 1138 19.77 91.27 -61.09
C ASN E 1138 20.69 90.51 -62.05
N VAL E 1139 21.62 91.25 -62.65
CA VAL E 1139 22.69 90.70 -63.47
C VAL E 1139 24.01 90.91 -62.74
N GLY E 1240 29.01 92.15 -48.55
CA GLY E 1240 27.83 93.00 -48.62
C GLY E 1240 26.56 92.29 -48.17
N GLY E 1241 26.59 90.97 -48.22
CA GLY E 1241 25.45 90.17 -47.82
C GLY E 1241 24.70 89.52 -48.97
N ASN E 1242 25.43 89.05 -49.98
CA ASN E 1242 24.84 88.33 -51.10
C ASN E 1242 25.89 87.45 -51.75
N SER E 1243 25.43 86.58 -52.65
CA SER E 1243 26.31 85.72 -53.43
C SER E 1243 25.86 85.77 -54.89
N PHE E 1244 26.65 85.16 -55.76
CA PHE E 1244 26.35 85.18 -57.20
C PHE E 1244 26.85 83.89 -57.83
N ASN E 1245 26.18 83.49 -58.91
CA ASN E 1245 26.52 82.29 -59.67
C ASN E 1245 26.81 82.68 -61.12
N ARG E 1246 26.96 81.67 -61.97
CA ARG E 1246 26.96 81.86 -63.41
C ARG E 1246 26.00 80.87 -64.03
N ILE E 1247 25.21 81.34 -65.00
CA ILE E 1247 24.07 80.57 -65.48
C ILE E 1247 24.54 79.41 -66.35
N THR E 1248 25.44 79.68 -67.30
CA THR E 1248 26.01 78.72 -68.26
C THR E 1248 24.90 78.04 -69.07
N PHE E 1249 24.28 78.85 -69.93
CA PHE E 1249 23.19 78.41 -70.78
C PHE E 1249 23.61 77.27 -71.71
N ASP E 1250 22.61 76.46 -72.08
CA ASP E 1250 22.64 75.58 -73.26
C ASP E 1250 23.75 74.55 -73.20
N THR E 1251 23.85 73.87 -72.06
CA THR E 1251 24.81 72.78 -71.96
C THR E 1251 24.24 71.52 -72.61
N ASN E 1252 25.09 70.51 -72.75
CA ASN E 1252 24.77 69.33 -73.55
C ASN E 1252 25.16 68.08 -72.77
N ILE E 1253 25.20 66.96 -73.51
CA ILE E 1253 25.46 65.65 -72.93
C ILE E 1253 26.92 65.54 -72.50
N ILE E 1254 27.14 65.15 -71.25
CA ILE E 1254 28.48 64.84 -70.77
C ILE E 1254 28.70 63.35 -70.94
N HIS E 1255 29.65 62.99 -71.80
CA HIS E 1255 29.92 61.57 -72.05
C HIS E 1255 30.90 61.01 -71.02
N GLU E 1256 32.01 61.70 -70.81
CA GLU E 1256 33.03 61.23 -69.89
C GLU E 1256 33.43 62.34 -68.94
N LEU E 1257 33.74 61.95 -67.70
CA LEU E 1257 34.30 62.87 -66.72
C LEU E 1257 35.74 63.20 -67.10
N ASP E 1258 36.26 64.26 -66.50
CA ASP E 1258 37.63 64.72 -66.78
C ASP E 1258 38.64 63.71 -66.25
N GLY E 1259 39.51 63.22 -67.13
CA GLY E 1259 40.60 62.34 -66.74
C GLY E 1259 40.27 60.87 -66.71
N ASP E 1260 39.77 60.35 -67.83
CA ASP E 1260 39.55 58.90 -68.07
C ASP E 1260 38.57 58.30 -67.06
N ILE E 1261 37.40 58.93 -66.95
CA ILE E 1261 36.28 58.36 -66.21
C ILE E 1261 35.06 58.46 -67.09
N SER E 1262 34.49 57.32 -67.46
CA SER E 1262 33.33 57.27 -68.34
C SER E 1262 32.06 57.23 -67.50
N LEU E 1263 31.10 58.09 -67.85
CA LEU E 1263 29.81 58.11 -67.19
C LEU E 1263 28.81 57.16 -67.83
N LEU E 1264 29.18 56.51 -68.93
CA LEU E 1264 28.30 55.67 -69.73
C LEU E 1264 28.31 54.25 -69.20
N PRO E 1265 27.18 53.54 -69.30
CA PRO E 1265 27.16 52.12 -68.97
C PRO E 1265 27.56 51.30 -70.18
N PRO E 1266 27.81 50.01 -70.02
CA PRO E 1266 27.81 49.11 -71.18
C PRO E 1266 26.38 48.92 -71.68
N ASP E 1267 26.29 48.39 -72.90
CA ASP E 1267 25.02 48.32 -73.61
C ASP E 1267 24.06 47.35 -72.95
N SER E 1268 22.86 47.82 -72.64
CA SER E 1268 21.85 47.03 -71.95
C SER E 1268 20.98 46.22 -72.90
N LEU E 1269 21.15 46.39 -74.21
CA LEU E 1269 20.40 45.59 -75.17
C LEU E 1269 20.70 44.09 -75.15
N PRO E 1270 21.95 43.60 -75.07
CA PRO E 1270 22.12 42.13 -75.02
C PRO E 1270 21.62 41.49 -73.73
N LEU E 1271 21.57 42.22 -72.62
CA LEU E 1271 20.97 41.67 -71.42
C LEU E 1271 19.47 41.47 -71.59
N VAL E 1272 18.83 42.34 -72.36
CA VAL E 1272 17.42 42.16 -72.68
C VAL E 1272 17.23 41.07 -73.73
N GLU E 1273 18.21 40.89 -74.62
CA GLU E 1273 18.21 39.76 -75.54
C GLU E 1273 18.25 38.44 -74.79
N LYS E 1274 19.02 38.38 -73.71
CA LYS E 1274 19.21 37.15 -72.97
C LYS E 1274 18.22 36.97 -71.82
N LEU E 1275 17.45 38.01 -71.47
CA LEU E 1275 16.30 37.80 -70.60
C LEU E 1275 15.27 36.89 -71.27
N GLN E 1276 15.11 37.04 -72.58
CA GLN E 1276 14.08 36.31 -73.31
C GLN E 1276 14.45 34.86 -73.56
N THR E 1277 15.73 34.52 -73.42
CA THR E 1277 16.17 33.14 -73.34
C THR E 1277 16.19 32.73 -71.88
N SER E 1278 16.83 31.61 -71.54
CA SER E 1278 16.88 31.16 -70.16
C SER E 1278 17.77 32.07 -69.32
N VAL E 1279 17.67 31.88 -68.00
CA VAL E 1279 18.53 32.60 -67.07
C VAL E 1279 19.96 32.09 -67.18
N ASP E 1280 20.13 30.80 -67.51
CA ASP E 1280 21.46 30.20 -67.60
C ASP E 1280 22.26 30.78 -68.77
N GLU E 1281 21.58 31.23 -69.82
CA GLU E 1281 22.27 31.91 -70.90
C GLU E 1281 22.51 33.38 -70.62
N LEU E 1282 22.08 33.88 -69.47
CA LEU E 1282 22.33 35.26 -69.07
C LEU E 1282 23.38 35.34 -67.96
N LEU E 1283 23.18 34.59 -66.87
CA LEU E 1283 24.11 34.58 -65.75
C LEU E 1283 25.21 33.56 -66.02
N SER E 1284 26.00 33.84 -67.04
CA SER E 1284 27.10 32.98 -67.43
C SER E 1284 28.34 33.83 -67.67
N TYR E 1285 29.50 33.16 -67.69
CA TYR E 1285 30.77 33.86 -67.81
C TYR E 1285 30.98 34.42 -69.21
N SER E 1286 30.43 33.75 -70.23
CA SER E 1286 30.58 34.20 -71.60
C SER E 1286 29.83 35.50 -71.86
N THR E 1287 28.78 35.76 -71.09
CA THR E 1287 28.08 37.04 -71.20
C THR E 1287 28.72 38.10 -70.32
N GLN E 1288 29.49 37.68 -69.31
CA GLN E 1288 30.23 38.61 -68.48
C GLN E 1288 31.59 38.95 -69.07
N LYS E 1289 32.02 38.29 -70.14
CA LYS E 1289 33.31 38.63 -70.74
C LYS E 1289 33.22 39.85 -71.65
N ASP E 1290 32.50 39.71 -72.76
CA ASP E 1290 32.61 40.71 -73.83
C ASP E 1290 31.61 41.83 -73.66
N LYS E 1291 30.45 41.52 -73.09
CA LYS E 1291 29.37 42.49 -72.99
C LYS E 1291 29.52 43.41 -71.79
N ILE E 1292 30.29 42.99 -70.79
CA ILE E 1292 30.57 43.78 -69.60
C ILE E 1292 32.05 43.63 -69.30
N GLY E 1293 32.75 44.75 -69.15
CA GLY E 1293 34.18 44.69 -68.96
C GLY E 1293 34.59 44.25 -67.58
N LEU E 1294 35.91 44.14 -67.40
CA LEU E 1294 36.48 43.96 -66.06
C LEU E 1294 36.50 45.28 -65.32
N ASP E 1295 37.02 46.33 -65.94
CA ASP E 1295 37.02 47.65 -65.34
C ASP E 1295 35.64 48.29 -65.44
N ALA E 1296 34.81 47.84 -66.40
CA ALA E 1296 33.44 48.30 -66.47
C ALA E 1296 32.55 47.58 -65.48
N PHE E 1297 33.04 46.53 -64.83
CA PHE E 1297 32.26 45.87 -63.79
C PHE E 1297 32.28 46.69 -62.52
N SER E 1298 33.34 47.44 -62.30
CA SER E 1298 33.39 48.52 -61.34
C SER E 1298 33.12 49.82 -62.08
N GLY E 1299 33.27 50.95 -61.39
CA GLY E 1299 33.01 52.21 -62.05
C GLY E 1299 31.63 52.74 -61.76
N SER E 1300 31.06 53.48 -62.73
CA SER E 1300 29.90 54.32 -62.45
C SER E 1300 28.65 53.49 -62.20
N TYR E 1301 28.39 52.49 -63.03
CA TYR E 1301 27.23 51.63 -62.86
C TYR E 1301 27.59 50.29 -62.23
N GLY E 1302 28.65 50.26 -61.42
CA GLY E 1302 29.18 49.00 -60.95
C GLY E 1302 28.38 48.32 -59.87
N ILE E 1303 27.62 49.09 -59.08
CA ILE E 1303 26.83 48.53 -57.98
C ILE E 1303 25.76 47.60 -58.54
N TYR E 1304 25.15 47.99 -59.66
CA TYR E 1304 24.15 47.17 -60.32
C TYR E 1304 24.72 45.88 -60.83
N PHE E 1305 25.97 45.87 -61.29
CA PHE E 1305 26.52 44.64 -61.85
C PHE E 1305 27.02 43.69 -60.76
N TRP E 1306 27.67 44.24 -59.73
CA TRP E 1306 28.01 43.44 -58.55
C TRP E 1306 26.76 42.78 -57.98
N GLU E 1307 25.72 43.58 -57.75
CA GLU E 1307 24.45 43.08 -57.27
C GLU E 1307 23.83 42.04 -58.20
N PHE E 1308 23.69 42.38 -59.48
CA PHE E 1308 22.92 41.57 -60.41
C PHE E 1308 23.59 40.26 -60.76
N PHE E 1309 24.92 40.21 -60.83
CA PHE E 1309 25.58 38.97 -61.14
C PHE E 1309 26.16 38.28 -59.93
N PHE E 1310 26.05 38.86 -58.74
CA PHE E 1310 26.60 38.13 -57.62
C PHE E 1310 25.65 37.98 -56.43
N HIS E 1311 24.90 39.02 -56.08
CA HIS E 1311 24.05 38.99 -54.90
C HIS E 1311 22.66 38.50 -55.18
N ILE E 1312 22.25 38.47 -56.44
CA ILE E 1312 20.97 37.89 -56.83
C ILE E 1312 21.00 36.37 -56.72
N PRO E 1313 22.05 35.63 -57.14
CA PRO E 1313 22.10 34.21 -56.77
C PRO E 1313 22.28 33.98 -55.27
N PHE E 1314 23.00 34.84 -54.56
CA PHE E 1314 23.05 34.80 -53.09
C PHE E 1314 21.67 34.81 -52.45
N LEU E 1315 20.92 35.89 -52.66
CA LEU E 1315 19.65 36.01 -51.96
C LEU E 1315 18.55 35.20 -52.64
N ALA E 1316 18.82 34.62 -53.81
CA ALA E 1316 17.93 33.57 -54.30
C ALA E 1316 18.18 32.27 -53.55
N SER E 1317 19.43 31.82 -53.48
CA SER E 1317 19.74 30.52 -52.93
C SER E 1317 19.55 30.47 -51.41
N MET E 1318 19.86 31.56 -50.72
CA MET E 1318 19.65 31.56 -49.28
C MET E 1318 18.17 31.65 -48.94
N ARG E 1319 17.38 32.26 -49.80
CA ARG E 1319 15.93 32.27 -49.61
C ARG E 1319 15.34 30.89 -49.87
N PHE E 1320 15.84 30.17 -50.87
CA PHE E 1320 15.41 28.79 -51.05
C PHE E 1320 15.87 27.89 -49.90
N LEU E 1321 17.04 28.15 -49.32
CA LEU E 1321 17.47 27.41 -48.14
C LEU E 1321 16.57 27.70 -46.94
N ASN E 1322 16.22 28.97 -46.71
CA ASN E 1322 15.37 29.31 -45.59
C ASN E 1322 13.95 28.78 -45.76
N GLU E 1323 13.50 28.55 -46.98
CA GLU E 1323 12.19 27.98 -47.21
C GLU E 1323 12.24 26.49 -47.54
N GLN E 1324 13.42 25.88 -47.47
CA GLN E 1324 13.64 24.43 -47.52
C GLN E 1324 13.19 23.84 -48.86
N ARG E 1325 13.70 24.41 -49.94
CA ARG E 1325 13.62 23.84 -51.28
C ARG E 1325 15.06 23.61 -51.72
N PHE E 1326 15.63 22.47 -51.31
CA PHE E 1326 17.07 22.29 -51.38
C PHE E 1326 17.55 21.95 -52.80
N ASP E 1327 16.74 21.19 -53.54
CA ASP E 1327 17.12 20.81 -54.90
C ASP E 1327 17.10 22.00 -55.84
N LEU E 1328 16.40 23.07 -55.47
CA LEU E 1328 16.43 24.31 -56.23
C LEU E 1328 17.33 25.35 -55.58
N ALA E 1329 17.65 25.18 -54.29
CA ALA E 1329 18.68 26.00 -53.67
C ALA E 1329 20.05 25.69 -54.21
N GLN E 1330 20.30 24.42 -54.58
CA GLN E 1330 21.59 24.07 -55.15
C GLN E 1330 21.74 24.62 -56.56
N HIS E 1331 20.63 24.72 -57.30
CA HIS E 1331 20.66 25.16 -58.69
C HIS E 1331 21.07 26.62 -58.83
N TRP E 1332 20.75 27.46 -57.84
CA TRP E 1332 21.11 28.87 -57.92
C TRP E 1332 22.48 29.18 -57.35
N LEU E 1333 23.08 28.26 -56.60
CA LEU E 1333 24.51 28.37 -56.35
C LEU E 1333 25.34 27.78 -57.48
N LYS E 1334 24.72 27.10 -58.44
CA LYS E 1334 25.45 26.72 -59.64
C LYS E 1334 25.72 27.91 -60.56
N TYR E 1335 25.10 29.06 -60.31
CA TYR E 1335 25.43 30.28 -61.03
C TYR E 1335 26.57 31.05 -60.38
N LEU E 1336 27.06 30.59 -59.23
CA LEU E 1336 28.25 31.16 -58.60
C LEU E 1336 29.41 30.19 -58.56
N LEU E 1337 29.21 29.00 -57.98
CA LEU E 1337 30.25 27.98 -57.87
C LEU E 1337 29.70 26.64 -58.32
N ASN E 1338 30.25 26.09 -59.39
CA ASN E 1338 29.97 24.72 -59.79
C ASN E 1338 31.28 23.98 -59.88
N SER E 1339 31.29 22.74 -59.38
CA SER E 1339 32.51 21.95 -59.31
C SER E 1339 32.58 21.12 -60.59
N ALA E 1340 33.29 21.68 -61.58
CA ALA E 1340 33.49 21.11 -62.92
C ALA E 1340 32.16 20.82 -63.61
N GLY E 1341 31.40 21.88 -63.84
CA GLY E 1341 30.06 21.69 -64.36
C GLY E 1341 29.56 22.69 -65.38
N TYR E 1342 30.39 23.66 -65.77
CA TYR E 1342 29.96 24.62 -66.78
C TYR E 1342 30.28 24.04 -68.14
N ARG E 1343 29.25 23.73 -68.92
CA ARG E 1343 29.43 22.91 -70.11
C ARG E 1343 28.80 23.50 -71.37
N ASP E 1344 27.70 24.25 -71.20
CA ASP E 1344 26.92 24.85 -72.31
C ASP E 1344 26.45 23.82 -73.32
N ARG E 1345 25.81 22.76 -72.83
CA ARG E 1345 24.88 21.87 -73.54
C ARG E 1345 25.51 20.95 -74.58
N ASN E 1346 26.80 21.08 -74.90
CA ASN E 1346 27.47 20.11 -75.80
C ASN E 1346 28.89 19.88 -75.30
N GLY E 1347 29.05 18.94 -74.36
CA GLY E 1347 30.34 18.62 -73.75
C GLY E 1347 31.05 19.84 -73.20
N ASN E 1348 32.34 20.00 -73.52
CA ASN E 1348 33.01 21.30 -73.55
C ASN E 1348 33.04 22.06 -72.22
N LEU E 1349 33.92 21.67 -71.31
CA LEU E 1349 34.02 22.22 -69.94
C LEU E 1349 34.27 23.72 -69.81
N LEU E 1350 34.36 24.45 -70.92
CA LEU E 1350 34.42 25.92 -70.97
C LEU E 1350 35.66 26.45 -70.26
N LYS E 1351 36.82 26.09 -70.78
CA LYS E 1351 38.06 26.50 -70.16
C LYS E 1351 38.49 27.88 -70.66
N GLU E 1352 39.38 28.51 -69.90
CA GLU E 1352 40.07 29.70 -70.40
C GLU E 1352 41.25 29.31 -71.27
N GLY E 1353 42.24 28.65 -70.67
CA GLY E 1353 43.26 27.94 -71.41
C GLY E 1353 43.12 26.46 -71.10
N ASP E 1354 43.96 25.96 -70.21
CA ASP E 1354 43.74 24.66 -69.59
C ASP E 1354 42.97 24.75 -68.28
N ASN E 1355 42.70 25.96 -67.81
CA ASN E 1355 42.02 26.19 -66.54
C ASN E 1355 40.53 25.89 -66.71
N ILE E 1356 40.08 24.78 -66.14
CA ILE E 1356 38.66 24.46 -66.13
C ILE E 1356 37.95 25.47 -65.23
N LEU E 1357 36.87 26.06 -65.72
CA LEU E 1357 36.24 27.19 -65.06
C LEU E 1357 35.30 26.69 -63.97
N TYR E 1358 35.51 27.17 -62.75
CA TYR E 1358 34.67 26.81 -61.62
C TYR E 1358 33.81 27.96 -61.11
N TRP E 1359 34.30 29.20 -61.22
CA TRP E 1359 33.59 30.37 -60.71
C TRP E 1359 32.95 31.10 -61.88
N ASN E 1360 31.63 31.19 -61.86
CA ASN E 1360 30.92 31.83 -62.96
C ASN E 1360 30.97 33.35 -62.86
N SER E 1361 31.03 33.89 -61.65
CA SER E 1361 31.05 35.33 -61.48
C SER E 1361 32.40 35.90 -61.93
N LEU E 1362 32.37 37.16 -62.36
CA LEU E 1362 33.55 37.75 -62.99
C LEU E 1362 34.62 38.28 -62.02
N PRO E 1363 34.31 38.99 -60.91
CA PRO E 1363 35.42 39.39 -60.03
C PRO E 1363 35.97 38.25 -59.20
N LEU E 1364 35.24 37.15 -59.06
CA LEU E 1364 35.76 35.98 -58.38
C LEU E 1364 36.73 35.20 -59.25
N GLN E 1365 36.75 35.48 -60.55
CA GLN E 1365 37.61 34.71 -61.45
C GLN E 1365 39.08 35.09 -61.29
N GLN E 1366 39.37 36.37 -61.07
CA GLN E 1366 40.74 36.84 -60.98
C GLN E 1366 41.12 37.10 -59.52
N ASP E 1367 42.41 37.36 -59.31
CA ASP E 1367 42.96 37.71 -58.01
C ASP E 1367 43.46 39.14 -58.10
N THR E 1368 42.72 40.07 -57.51
CA THR E 1368 43.00 41.49 -57.67
C THR E 1368 43.49 42.10 -56.37
N ASP E 1369 44.21 43.21 -56.50
CA ASP E 1369 44.76 43.97 -55.39
C ASP E 1369 43.95 45.25 -55.20
N TRP E 1370 43.65 45.57 -53.95
CA TRP E 1370 42.97 46.81 -53.61
C TRP E 1370 43.97 47.76 -52.96
N ASP E 1371 43.75 49.06 -53.19
CA ASP E 1371 44.73 50.07 -52.82
C ASP E 1371 44.13 51.25 -52.06
N LYS E 1372 42.81 51.35 -51.97
CA LYS E 1372 42.20 52.55 -51.40
C LYS E 1372 41.93 52.44 -49.90
N ASN E 1373 41.41 51.28 -49.46
CA ASN E 1373 40.67 51.18 -48.21
C ASN E 1373 41.56 51.31 -46.98
N THR E 1374 41.87 52.55 -46.63
CA THR E 1374 42.62 52.89 -45.42
C THR E 1374 41.61 53.13 -44.29
N LEU E 1375 42.00 52.72 -43.07
CA LEU E 1375 41.24 52.89 -41.84
C LEU E 1375 39.88 52.18 -41.93
N THR E 1376 39.97 50.84 -41.99
CA THR E 1376 38.80 49.99 -41.79
C THR E 1376 38.42 49.86 -40.32
N LEU E 1377 39.28 50.30 -39.41
CA LEU E 1377 39.05 50.28 -37.97
C LEU E 1377 37.80 51.05 -37.50
N PRO E 1378 37.33 52.13 -38.19
CA PRO E 1378 35.95 52.57 -37.94
C PRO E 1378 34.87 51.74 -38.61
N THR E 1379 35.13 51.20 -39.80
CA THR E 1379 34.09 50.53 -40.58
C THR E 1379 34.04 49.06 -40.20
N ASP E 1380 33.08 48.70 -39.35
CA ASP E 1380 32.93 47.34 -38.87
C ASP E 1380 32.11 46.46 -39.84
N ASP E 1381 31.92 46.92 -41.08
CA ASP E 1381 31.17 46.16 -42.06
C ASP E 1381 32.02 45.02 -42.61
N PRO E 1382 31.55 43.77 -42.55
CA PRO E 1382 32.26 42.71 -43.26
C PRO E 1382 32.12 42.77 -44.77
N ASP E 1383 31.11 43.48 -45.29
CA ASP E 1383 30.92 43.53 -46.73
C ASP E 1383 31.92 44.45 -47.42
N VAL E 1384 32.36 45.51 -46.74
CA VAL E 1384 33.41 46.36 -47.28
C VAL E 1384 34.73 45.60 -47.32
N ILE E 1385 34.98 44.79 -46.29
CA ILE E 1385 36.17 43.94 -46.24
C ILE E 1385 36.12 42.89 -47.34
N ALA E 1386 34.93 42.35 -47.61
CA ALA E 1386 34.80 41.34 -48.65
C ALA E 1386 34.87 41.96 -50.05
N MET E 1387 34.48 43.21 -50.20
CA MET E 1387 34.68 43.91 -51.46
C MET E 1387 36.09 44.45 -51.63
N GLN E 1388 36.89 44.48 -50.56
CA GLN E 1388 38.30 44.82 -50.69
C GLN E 1388 39.05 43.72 -51.41
N ASP E 1389 38.97 42.49 -50.90
CA ASP E 1389 39.53 41.32 -51.56
C ASP E 1389 38.45 40.25 -51.76
N PRO E 1390 38.24 39.78 -52.99
CA PRO E 1390 37.13 38.85 -53.25
C PRO E 1390 37.34 37.43 -52.74
N MET E 1391 38.42 37.13 -52.02
CA MET E 1391 38.58 35.80 -51.45
C MET E 1391 37.62 35.55 -50.30
N GLN E 1392 37.11 36.61 -49.66
CA GLN E 1392 36.12 36.44 -48.60
C GLN E 1392 34.80 35.94 -49.16
N TYR E 1393 34.34 36.53 -50.27
CA TYR E 1393 33.14 36.02 -50.92
C TYR E 1393 33.36 34.62 -51.48
N LYS E 1394 34.58 34.37 -51.96
CA LYS E 1394 34.94 33.06 -52.49
C LYS E 1394 34.92 32.01 -51.40
N LEU E 1395 35.25 32.37 -50.16
CA LEU E 1395 35.14 31.44 -49.05
C LEU E 1395 33.70 31.31 -48.58
N ALA E 1396 32.92 32.39 -48.68
CA ALA E 1396 31.53 32.36 -48.25
C ALA E 1396 30.67 31.45 -49.13
N ILE E 1397 30.89 31.48 -50.44
CA ILE E 1397 30.12 30.62 -51.34
C ILE E 1397 30.49 29.16 -51.13
N PHE E 1398 31.76 28.88 -50.83
CA PHE E 1398 32.21 27.52 -50.55
C PHE E 1398 31.58 26.98 -49.26
N MET E 1399 31.49 27.83 -48.23
CA MET E 1399 30.85 27.40 -47.00
C MET E 1399 29.35 27.23 -47.16
N ARG E 1400 28.70 28.07 -47.98
CA ARG E 1400 27.27 27.86 -48.22
C ARG E 1400 27.01 26.60 -49.04
N THR E 1401 27.93 26.25 -49.94
CA THR E 1401 27.81 25.00 -50.69
C THR E 1401 27.90 23.80 -49.75
N LEU E 1402 28.84 23.85 -48.80
CA LEU E 1402 28.96 22.75 -47.84
C LEU E 1402 27.77 22.68 -46.89
N ASP E 1403 27.27 23.84 -46.43
CA ASP E 1403 26.06 23.89 -45.62
C ASP E 1403 24.87 23.31 -46.36
N LEU E 1404 24.77 23.59 -47.65
CA LEU E 1404 23.63 23.14 -48.42
C LEU E 1404 23.69 21.63 -48.67
N ILE E 1405 24.89 21.10 -48.88
CA ILE E 1405 25.02 19.66 -49.11
C ILE E 1405 24.76 18.88 -47.83
N ILE E 1406 25.27 19.35 -46.69
CA ILE E 1406 24.95 18.65 -45.44
C ILE E 1406 23.51 18.87 -45.03
N SER E 1407 22.86 19.96 -45.48
CA SER E 1407 21.44 20.12 -45.22
C SER E 1407 20.60 19.17 -46.06
N GLN E 1408 21.03 18.90 -47.30
CA GLN E 1408 20.35 17.87 -48.09
C GLN E 1408 20.56 16.50 -47.50
N GLY E 1409 21.73 16.24 -46.92
CA GLY E 1409 21.95 14.98 -46.22
C GLY E 1409 21.07 14.84 -45.00
N ASP E 1410 20.92 15.92 -44.22
CA ASP E 1410 20.04 15.88 -43.05
C ASP E 1410 18.57 15.76 -43.46
N GLN E 1411 18.20 16.34 -44.60
CA GLN E 1411 16.83 16.20 -45.09
C GLN E 1411 16.53 14.76 -45.49
N ALA E 1412 17.51 14.06 -46.02
CA ALA E 1412 17.36 12.64 -46.32
C ALA E 1412 17.68 11.75 -45.12
N TYR E 1413 17.90 12.32 -43.94
CA TYR E 1413 18.16 11.52 -42.76
C TYR E 1413 17.01 11.53 -41.76
N ARG E 1414 16.12 12.53 -41.82
CA ARG E 1414 15.02 12.63 -40.88
C ARG E 1414 13.84 11.73 -41.22
N GLN E 1415 13.88 11.02 -42.35
CA GLN E 1415 12.79 10.15 -42.73
C GLN E 1415 13.00 8.71 -42.30
N LEU E 1416 14.25 8.33 -41.99
CA LEU E 1416 14.62 7.11 -41.27
C LEU E 1416 14.29 5.83 -42.02
N GLU E 1417 14.14 5.88 -43.33
CA GLU E 1417 14.01 4.69 -44.16
C GLU E 1417 15.39 4.31 -44.69
N ARG E 1418 15.63 3.00 -44.83
CA ARG E 1418 16.98 2.55 -45.15
C ARG E 1418 17.38 2.90 -46.58
N ASP E 1419 16.41 2.95 -47.50
CA ASP E 1419 16.67 3.53 -48.81
C ASP E 1419 17.00 5.00 -48.71
N THR E 1420 16.30 5.71 -47.83
CA THR E 1420 16.54 7.13 -47.65
C THR E 1420 17.84 7.36 -46.88
N LEU E 1421 18.25 6.43 -46.03
CA LEU E 1421 19.56 6.55 -45.38
C LEU E 1421 20.69 6.27 -46.36
N ALA E 1422 20.48 5.35 -47.30
CA ALA E 1422 21.46 5.13 -48.35
C ALA E 1422 21.55 6.33 -49.28
N GLU E 1423 20.42 7.01 -49.50
CA GLU E 1423 20.46 8.29 -50.21
C GLU E 1423 21.14 9.38 -49.40
N ALA E 1424 21.04 9.30 -48.07
CA ALA E 1424 21.60 10.36 -47.22
C ALA E 1424 23.11 10.25 -47.11
N LYS E 1425 23.65 9.03 -47.14
CA LYS E 1425 25.09 8.83 -46.99
C LYS E 1425 25.88 9.45 -48.14
N ILE E 1426 25.29 9.50 -49.33
CA ILE E 1426 25.97 9.98 -50.52
C ILE E 1426 26.27 11.47 -50.44
N TYR E 1427 25.40 12.25 -49.77
CA TYR E 1427 25.66 13.67 -49.62
C TYR E 1427 26.83 13.93 -48.69
N TYR E 1428 27.00 13.10 -47.66
CA TYR E 1428 28.16 13.31 -46.80
C TYR E 1428 29.44 12.82 -47.45
N ILE E 1429 29.34 11.81 -48.33
CA ILE E 1429 30.46 11.47 -49.22
C ILE E 1429 30.86 12.67 -50.06
N GLN E 1430 29.87 13.34 -50.66
CA GLN E 1430 30.13 14.46 -51.56
C GLN E 1430 30.71 15.65 -50.80
N ALA E 1431 30.26 15.88 -49.57
CA ALA E 1431 30.83 16.94 -48.74
C ALA E 1431 32.27 16.63 -48.36
N SER E 1432 32.56 15.37 -48.01
CA SER E 1432 33.94 15.00 -47.70
C SER E 1432 34.83 15.03 -48.94
N GLN E 1433 34.25 14.88 -50.12
CA GLN E 1433 35.04 15.01 -51.35
C GLN E 1433 35.30 16.47 -51.71
N LEU E 1434 34.38 17.38 -51.38
CA LEU E 1434 34.66 18.79 -51.60
C LEU E 1434 35.67 19.32 -50.60
N LEU E 1435 35.59 18.88 -49.35
CA LEU E 1435 36.55 19.36 -48.36
C LEU E 1435 37.96 18.80 -48.57
N GLY E 1436 38.09 17.65 -49.24
CA GLY E 1436 39.42 17.14 -49.51
C GLY E 1436 39.90 16.25 -48.38
N SER E 1437 41.09 16.57 -47.85
CA SER E 1437 41.68 15.83 -46.75
C SER E 1437 41.94 16.77 -45.58
N ARG E 1438 41.76 16.24 -44.37
CA ARG E 1438 41.87 17.06 -43.17
C ARG E 1438 43.35 17.36 -42.89
N PRO E 1439 43.71 18.62 -42.69
CA PRO E 1439 45.12 18.94 -42.42
C PRO E 1439 45.52 18.60 -40.99
N ASP E 1440 46.83 18.60 -40.77
CA ASP E 1440 47.39 18.38 -39.44
C ASP E 1440 47.26 19.64 -38.58
N LEU E 1441 47.61 19.51 -37.31
CA LEU E 1441 47.61 20.65 -36.39
C LEU E 1441 48.82 20.55 -35.46
N ASN E 1442 49.30 21.72 -35.04
CA ASN E 1442 50.46 21.89 -34.15
C ASN E 1442 51.71 21.20 -34.69
N ARG E 1443 52.01 21.42 -35.98
CA ARG E 1443 53.21 20.83 -36.58
C ARG E 1443 54.05 21.86 -37.32
N GLY E 1444 53.93 23.14 -36.97
CA GLY E 1444 54.82 24.15 -37.50
C GLY E 1444 55.07 25.25 -36.49
N HIS E 1445 56.36 25.47 -36.15
CA HIS E 1445 56.80 26.44 -35.13
C HIS E 1445 56.10 26.18 -33.79
N GLN E 1446 56.47 25.03 -33.21
CA GLN E 1446 55.87 24.57 -31.96
C GLN E 1446 56.06 25.59 -30.84
N TRP E 1447 55.04 25.73 -30.01
CA TRP E 1447 54.96 26.81 -29.03
C TRP E 1447 55.95 26.59 -27.91
N GLU E 1448 57.02 27.37 -27.90
CA GLU E 1448 57.93 27.39 -26.77
C GLU E 1448 57.30 28.17 -25.63
N ASN E 1449 57.63 27.77 -24.40
CA ASN E 1449 57.04 28.40 -23.23
C ASN E 1449 57.68 29.75 -23.00
N ILE E 1450 57.01 30.81 -23.46
CA ILE E 1450 57.51 32.17 -23.39
C ILE E 1450 56.92 32.82 -22.15
N LYS E 1451 57.75 33.57 -21.42
CA LYS E 1451 57.39 34.09 -20.11
C LYS E 1451 56.87 35.51 -20.13
N LEU E 1452 56.34 35.97 -21.28
CA LEU E 1452 55.53 37.18 -21.46
C LEU E 1452 56.30 38.49 -21.24
N ALA E 1453 57.55 38.41 -20.81
CA ALA E 1453 58.44 39.55 -20.83
C ALA E 1453 59.40 39.52 -22.01
N GLU E 1454 59.44 38.40 -22.73
CA GLU E 1454 60.20 38.29 -23.97
C GLU E 1454 59.38 38.70 -25.18
N GLU E 1455 58.09 38.93 -25.01
CA GLU E 1455 57.23 39.31 -26.13
C GLU E 1455 57.42 40.79 -26.47
N SER E 1456 56.83 41.19 -27.58
CA SER E 1456 56.83 42.58 -28.02
C SER E 1456 55.38 43.05 -28.14
N ARG E 1457 55.22 44.37 -28.28
CA ARG E 1457 53.90 44.93 -28.49
C ARG E 1457 53.34 44.56 -29.86
N GLN E 1458 54.20 44.57 -30.88
CA GLN E 1458 53.75 44.39 -32.25
C GLN E 1458 53.48 42.92 -32.56
N ALA E 1459 53.01 42.69 -33.78
CA ALA E 1459 52.84 41.36 -34.35
C ALA E 1459 54.17 40.93 -34.99
N GLU E 1460 54.10 39.90 -35.85
CA GLU E 1460 55.18 39.26 -36.61
C GLU E 1460 56.44 38.98 -35.79
N ASN E 1461 56.26 38.57 -34.53
CA ASN E 1461 57.37 38.06 -33.75
C ASN E 1461 57.69 36.61 -34.11
N GLY E 1462 56.80 35.96 -34.85
CA GLY E 1462 56.98 34.59 -35.27
C GLY E 1462 56.42 33.56 -34.32
N HIS E 1463 55.57 33.95 -33.39
CA HIS E 1463 55.09 33.03 -32.37
C HIS E 1463 53.58 32.94 -32.26
N PHE E 1464 52.82 33.87 -32.85
CA PHE E 1464 51.38 33.84 -32.65
C PHE E 1464 50.57 33.43 -33.87
N LEU E 1465 51.11 33.55 -35.09
CA LEU E 1465 50.85 32.65 -36.23
C LEU E 1465 49.38 32.41 -36.56
N PRO E 1466 48.76 33.25 -37.40
CA PRO E 1466 47.29 33.27 -37.61
C PRO E 1466 46.73 31.89 -37.96
N PRO E 1467 45.62 31.52 -37.34
CA PRO E 1467 45.24 30.10 -37.26
C PRO E 1467 44.51 29.62 -38.51
N TYR E 1468 44.10 28.36 -38.44
CA TYR E 1468 43.21 27.78 -39.42
C TYR E 1468 41.79 28.27 -39.16
N ASN E 1469 40.92 28.11 -40.15
CA ASN E 1469 39.55 28.62 -40.10
C ASN E 1469 38.74 27.88 -39.04
N GLU E 1470 37.62 28.47 -38.64
CA GLU E 1470 36.81 27.87 -37.60
C GLU E 1470 35.69 27.01 -38.18
N ILE E 1471 35.02 27.53 -39.21
CA ILE E 1471 33.84 26.87 -39.76
C ILE E 1471 34.25 25.70 -40.65
N LEU E 1472 35.32 25.86 -41.43
CA LEU E 1472 35.84 24.74 -42.21
C LEU E 1472 36.46 23.67 -41.32
N LEU E 1473 36.90 24.04 -40.12
CA LEU E 1473 37.35 23.03 -39.18
C LEU E 1473 36.17 22.33 -38.52
N SER E 1474 35.06 23.04 -38.33
CA SER E 1474 33.89 22.42 -37.72
C SER E 1474 33.14 21.52 -38.69
N TYR E 1475 33.31 21.76 -40.00
CA TYR E 1475 32.67 20.91 -40.99
C TYR E 1475 33.21 19.49 -40.98
N TRP E 1476 34.51 19.33 -40.74
CA TRP E 1476 35.08 17.99 -40.60
C TRP E 1476 34.49 17.25 -39.42
N ASP E 1477 34.25 17.96 -38.32
CA ASP E 1477 33.67 17.33 -37.14
C ASP E 1477 32.21 16.98 -37.36
N LYS E 1478 31.48 17.84 -38.07
CA LYS E 1478 30.09 17.54 -38.44
C LYS E 1478 30.00 16.30 -39.31
N LEU E 1479 30.84 16.21 -40.34
CA LEU E 1479 30.84 15.05 -41.22
C LEU E 1479 31.29 13.79 -40.48
N GLU E 1480 32.22 13.92 -39.53
CA GLU E 1480 32.67 12.77 -38.77
C GLU E 1480 31.57 12.23 -37.88
N ILE E 1481 30.83 13.11 -37.20
CA ILE E 1481 29.73 12.68 -36.34
C ILE E 1481 28.60 12.06 -37.16
N ARG E 1482 28.27 12.66 -38.30
CA ARG E 1482 27.14 12.15 -39.08
C ARG E 1482 27.50 10.87 -39.83
N LEU E 1483 28.74 10.70 -40.29
CA LEU E 1483 29.13 9.42 -40.85
C LEU E 1483 29.28 8.34 -39.79
N TYR E 1484 29.65 8.72 -38.56
CA TYR E 1484 29.67 7.76 -37.47
C TYR E 1484 28.27 7.31 -37.09
N ASN E 1485 27.28 8.20 -37.21
CA ASN E 1485 25.91 7.80 -36.98
C ASN E 1485 25.38 6.95 -38.13
N LEU E 1486 25.81 7.22 -39.36
CA LEU E 1486 25.37 6.43 -40.50
C LEU E 1486 25.96 5.03 -40.51
N ARG E 1487 27.22 4.89 -40.12
CA ARG E 1487 27.89 3.60 -40.19
C ARG E 1487 27.52 2.68 -39.02
N HIS E 1488 26.61 3.10 -38.17
CA HIS E 1488 25.88 2.26 -37.24
C HIS E 1488 24.40 2.54 -37.47
N ASN E 1489 23.54 2.02 -36.59
CA ASN E 1489 22.14 2.42 -36.61
C ASN E 1489 21.82 3.45 -35.54
N LEU E 1490 22.74 4.38 -35.30
CA LEU E 1490 22.43 5.53 -34.47
C LEU E 1490 21.61 6.55 -35.25
N ASN E 1491 20.86 7.35 -34.52
CA ASN E 1491 20.15 8.50 -35.07
C ASN E 1491 21.08 9.70 -34.95
N LEU E 1492 20.58 10.91 -35.19
CA LEU E 1492 21.39 12.09 -34.88
C LEU E 1492 21.52 12.30 -33.38
N ASP E 1493 20.54 11.85 -32.60
CA ASP E 1493 20.57 11.97 -31.16
C ASP E 1493 21.28 10.81 -30.48
N GLY E 1494 21.92 9.92 -31.24
CA GLY E 1494 22.52 8.73 -30.68
C GLY E 1494 21.55 7.62 -30.35
N GLN E 1495 20.27 7.79 -30.69
CA GLN E 1495 19.28 6.76 -30.42
C GLN E 1495 19.45 5.60 -31.39
N PRO E 1496 19.44 4.36 -30.91
CA PRO E 1496 19.59 3.22 -31.83
C PRO E 1496 18.32 2.97 -32.62
N LEU E 1497 18.47 2.84 -33.94
CA LEU E 1497 17.34 2.46 -34.79
C LEU E 1497 16.95 1.01 -34.54
N HIS E 1498 17.93 0.13 -34.39
CA HIS E 1498 17.69 -1.25 -34.03
C HIS E 1498 17.68 -1.37 -32.51
N LEU E 1499 16.58 -1.90 -31.96
CA LEU E 1499 16.45 -2.03 -30.53
C LEU E 1499 17.38 -3.13 -30.01
N PRO E 1500 18.04 -2.91 -28.88
CA PRO E 1500 19.08 -3.84 -28.43
C PRO E 1500 18.48 -5.11 -27.83
N LEU E 1501 19.34 -6.07 -27.59
CA LEU E 1501 18.96 -7.35 -27.00
C LEU E 1501 18.85 -7.22 -25.47
N PHE E 1502 18.12 -8.16 -24.88
CA PHE E 1502 17.85 -8.17 -23.45
C PHE E 1502 18.50 -9.38 -22.81
N ALA E 1503 18.93 -9.21 -21.56
CA ALA E 1503 19.61 -10.26 -20.82
C ALA E 1503 18.76 -10.70 -19.62
N THR E 1504 18.71 -12.01 -19.38
CA THR E 1504 17.93 -12.57 -18.30
C THR E 1504 18.62 -13.84 -17.80
N PRO E 1505 18.88 -13.96 -16.50
CA PRO E 1505 19.46 -15.21 -15.99
C PRO E 1505 18.42 -16.33 -15.97
N VAL E 1506 18.89 -17.54 -16.27
CA VAL E 1506 18.02 -18.69 -16.47
C VAL E 1506 18.36 -19.75 -15.42
N ASP E 1507 17.33 -20.24 -14.72
CA ASP E 1507 17.35 -21.39 -13.82
C ASP E 1507 18.36 -21.25 -12.67
N PRO E 1508 18.07 -20.43 -11.65
CA PRO E 1508 18.94 -20.41 -10.46
C PRO E 1508 18.85 -21.72 -9.70
N LYS E 1509 20.02 -22.27 -9.36
CA LYS E 1509 20.10 -23.62 -8.80
C LYS E 1509 19.67 -23.63 -7.34
N ALA E 1510 18.75 -24.53 -7.01
CA ALA E 1510 18.36 -24.74 -5.62
C ALA E 1510 19.41 -25.57 -4.89
N LEU E 1511 19.45 -25.41 -3.56
CA LEU E 1511 20.44 -26.12 -2.76
C LEU E 1511 20.05 -27.58 -2.60
N GLN E 1512 20.96 -28.35 -2.02
CA GLN E 1512 20.80 -29.79 -1.87
C GLN E 1512 20.62 -30.18 -0.42
N ARG E 1513 20.09 -31.39 -0.23
CA ARG E 1513 19.73 -31.90 1.08
C ARG E 1513 20.92 -32.56 1.76
N GLN E 1514 21.07 -32.30 3.05
CA GLN E 1514 22.05 -32.96 3.89
C GLN E 1514 21.34 -33.83 4.92
N HIS E 1515 22.13 -34.68 5.58
CA HIS E 1515 21.59 -35.48 6.68
C HIS E 1515 22.69 -35.68 7.72
N GLY E 1516 22.27 -36.05 8.92
CA GLY E 1516 23.18 -36.24 10.03
C GLY E 1516 23.86 -37.59 9.98
N ALA E 1517 24.90 -37.71 9.15
CA ALA E 1517 25.58 -38.97 8.92
C ALA E 1517 26.65 -39.28 9.95
N GLY E 1518 26.57 -38.67 11.14
CA GLY E 1518 27.43 -38.98 12.26
C GLY E 1518 27.20 -40.34 12.88
N ASN E 1519 26.17 -41.06 12.42
CA ASN E 1519 25.97 -42.46 12.78
C ASN E 1519 26.65 -43.31 11.73
N GLY E 1520 27.55 -44.19 12.17
CA GLY E 1520 28.30 -45.02 11.25
C GLY E 1520 28.14 -46.51 11.52
N ILE E 1521 29.26 -47.19 11.68
CA ILE E 1521 29.25 -48.60 12.05
C ILE E 1521 29.18 -48.71 13.57
N ASN E 1522 28.54 -49.76 14.06
CA ASN E 1522 28.57 -50.09 15.47
C ASN E 1522 29.66 -51.11 15.73
N SER E 1523 30.41 -50.90 16.81
CA SER E 1523 31.38 -51.88 17.29
C SER E 1523 30.74 -52.62 18.46
N GLY E 1524 30.42 -53.89 18.25
CA GLY E 1524 29.73 -54.65 19.27
C GLY E 1524 30.65 -54.99 20.43
N GLU E 1525 30.31 -54.49 21.61
CA GLU E 1525 31.09 -54.75 22.81
C GLU E 1525 30.77 -56.14 23.35
N GLN E 1526 31.80 -56.87 23.76
CA GLN E 1526 31.63 -58.22 24.24
C GLN E 1526 31.13 -58.21 25.68
N MET E 1527 30.92 -59.41 26.24
CA MET E 1527 30.41 -59.57 27.58
C MET E 1527 31.42 -60.35 28.43
N ALA E 1528 31.48 -60.01 29.71
CA ALA E 1528 32.41 -60.66 30.62
C ALA E 1528 31.83 -61.99 31.09
N THR E 1529 32.45 -62.60 32.10
CA THR E 1529 31.97 -63.85 32.67
C THR E 1529 32.00 -63.76 34.18
N ALA E 1530 30.82 -63.88 34.80
CA ALA E 1530 30.73 -63.92 36.25
C ALA E 1530 31.23 -65.27 36.74
N GLN E 1531 31.97 -65.27 37.84
CA GLN E 1531 32.61 -66.52 38.27
C GLN E 1531 31.63 -67.42 39.00
N THR E 1532 31.20 -67.00 40.19
CA THR E 1532 30.35 -67.78 41.08
C THR E 1532 29.68 -66.84 42.04
N SER E 1533 28.73 -67.38 42.81
CA SER E 1533 28.19 -66.75 44.00
C SER E 1533 27.61 -67.86 44.86
N LEU E 1534 27.79 -67.77 46.17
CA LEU E 1534 27.28 -68.80 47.05
C LEU E 1534 25.83 -68.59 47.45
N TYR E 1535 25.19 -67.53 46.95
CA TYR E 1535 23.76 -67.38 47.16
C TYR E 1535 22.98 -68.11 46.09
N ARG E 1536 21.79 -68.55 46.46
CA ARG E 1536 20.95 -69.28 45.53
C ARG E 1536 20.23 -68.29 44.60
N PHE E 1537 19.40 -68.83 43.74
CA PHE E 1537 18.75 -68.09 42.67
C PHE E 1537 17.68 -67.06 43.08
N PRO E 1538 16.78 -67.30 44.07
CA PRO E 1538 15.76 -66.26 44.36
C PRO E 1538 16.31 -64.95 44.90
N LEU E 1539 17.34 -64.99 45.76
CA LEU E 1539 17.90 -63.73 46.27
C LEU E 1539 18.63 -62.97 45.17
N LEU E 1540 19.30 -63.70 44.27
CA LEU E 1540 19.95 -63.06 43.13
C LEU E 1540 18.93 -62.42 42.20
N ILE E 1541 17.76 -63.02 42.03
CA ILE E 1541 16.73 -62.40 41.21
C ILE E 1541 16.13 -61.19 41.91
N GLU E 1542 15.89 -61.29 43.22
CA GLU E 1542 15.37 -60.16 43.99
C GLU E 1542 16.31 -58.96 44.01
N ARG E 1543 17.62 -59.18 43.87
CA ARG E 1543 18.54 -58.06 43.76
C ARG E 1543 18.68 -57.57 42.31
N ALA E 1544 18.75 -58.50 41.36
CA ALA E 1544 19.00 -58.14 39.97
C ALA E 1544 17.81 -57.42 39.34
N LYS E 1545 16.59 -57.73 39.80
CA LYS E 1545 15.41 -57.05 39.28
C LYS E 1545 15.39 -55.58 39.69
N SER E 1546 15.78 -55.31 40.94
CA SER E 1546 15.87 -53.92 41.40
C SER E 1546 17.02 -53.18 40.71
N ALA E 1547 18.12 -53.88 40.45
CA ALA E 1547 19.24 -53.25 39.73
C ALA E 1547 18.85 -52.87 38.30
N VAL E 1548 18.14 -53.77 37.60
CA VAL E 1548 17.70 -53.47 36.25
C VAL E 1548 16.64 -52.38 36.24
N SER E 1549 15.80 -52.32 37.28
CA SER E 1549 14.83 -51.22 37.39
C SER E 1549 15.53 -49.87 37.56
N SER E 1550 16.63 -49.85 38.32
CA SER E 1550 17.43 -48.64 38.44
C SER E 1550 18.04 -48.24 37.10
N VAL E 1551 18.51 -49.22 36.32
CA VAL E 1551 19.08 -48.96 35.00
C VAL E 1551 18.03 -48.37 34.07
N ILE E 1552 16.80 -48.89 34.11
CA ILE E 1552 15.73 -48.39 33.24
C ILE E 1552 15.32 -46.98 33.64
N GLN E 1553 15.29 -46.69 34.95
CA GLN E 1553 14.99 -45.35 35.44
C GLN E 1553 16.03 -44.33 34.97
N PHE E 1554 17.32 -44.68 35.08
CA PHE E 1554 18.31 -43.71 34.61
C PHE E 1554 18.41 -43.66 33.09
N GLY E 1555 17.96 -44.69 32.38
CA GLY E 1555 17.85 -44.58 30.94
C GLY E 1555 16.77 -43.59 30.53
N ASN E 1556 15.63 -43.60 31.24
CA ASN E 1556 14.59 -42.60 31.00
C ASN E 1556 15.07 -41.20 31.33
N SER E 1557 15.82 -41.05 32.43
CA SER E 1557 16.37 -39.74 32.79
C SER E 1557 17.38 -39.26 31.76
N LEU E 1558 18.19 -40.17 31.23
CA LEU E 1558 19.17 -39.80 30.21
C LEU E 1558 18.48 -39.39 28.91
N GLN E 1559 17.39 -40.04 28.56
CA GLN E 1559 16.64 -39.65 27.36
C GLN E 1559 16.01 -38.27 27.53
N SER E 1560 15.49 -37.98 28.73
CA SER E 1560 14.90 -36.67 28.98
C SER E 1560 15.93 -35.54 28.91
N VAL E 1561 17.08 -35.73 29.57
CA VAL E 1561 18.14 -34.74 29.54
C VAL E 1561 18.69 -34.57 28.12
N LEU E 1562 18.80 -35.68 27.40
CA LEU E 1562 19.40 -35.67 26.08
C LEU E 1562 18.48 -35.08 25.02
N GLU E 1563 17.17 -35.04 25.26
CA GLU E 1563 16.31 -34.29 24.35
C GLU E 1563 16.16 -32.82 24.76
N ARG E 1564 16.25 -32.50 26.06
CA ARG E 1564 16.22 -31.10 26.46
C ARG E 1564 17.47 -30.36 26.00
N GLN E 1565 18.60 -31.06 25.89
CA GLN E 1565 19.82 -30.44 25.40
C GLN E 1565 19.68 -29.98 23.94
N ASP E 1566 19.13 -30.85 23.09
CA ASP E 1566 18.91 -30.49 21.69
C ASP E 1566 17.84 -29.43 21.53
N ASN E 1567 16.79 -29.46 22.36
CA ASN E 1567 15.78 -28.42 22.30
C ASN E 1567 16.33 -27.07 22.72
N GLU E 1568 17.26 -27.06 23.68
CA GLU E 1568 17.89 -25.80 24.07
C GLU E 1568 18.80 -25.27 22.99
N ALA E 1569 19.49 -26.18 22.27
CA ALA E 1569 20.31 -25.75 21.13
C ALA E 1569 19.47 -25.13 20.02
N MET E 1570 18.32 -25.74 19.72
CA MET E 1570 17.41 -25.19 18.69
C MET E 1570 16.85 -23.84 19.10
N THR E 1571 16.43 -23.72 20.38
CA THR E 1571 15.89 -22.46 20.89
C THR E 1571 16.93 -21.34 20.84
N LEU E 1572 18.17 -21.67 21.18
CA LEU E 1572 19.23 -20.65 21.21
C LEU E 1572 19.58 -20.19 19.80
N LEU E 1573 19.61 -21.12 18.83
CA LEU E 1573 19.83 -20.75 17.44
C LEU E 1573 18.72 -19.86 16.91
N PHE E 1574 17.47 -20.19 17.24
CA PHE E 1574 16.34 -19.37 16.80
C PHE E 1574 16.39 -17.97 17.38
N GLN E 1575 16.81 -17.85 18.65
CA GLN E 1575 16.94 -16.53 19.27
C GLN E 1575 18.02 -15.68 18.57
N GLN E 1576 19.16 -16.30 18.25
CA GLN E 1576 20.23 -15.57 17.56
C GLN E 1576 19.80 -15.08 16.19
N GLN E 1577 19.14 -15.95 15.42
CA GLN E 1577 18.82 -15.54 14.07
C GLN E 1577 17.64 -14.58 14.01
N GLN E 1578 16.71 -14.66 14.97
CA GLN E 1578 15.67 -13.64 15.07
C GLN E 1578 16.25 -12.30 15.51
N GLN E 1579 17.30 -12.33 16.35
CA GLN E 1579 18.00 -11.12 16.72
C GLN E 1579 18.69 -10.46 15.53
N LYS E 1580 19.11 -11.26 14.54
CA LYS E 1580 19.69 -10.67 13.33
C LYS E 1580 18.61 -10.10 12.38
N VAL E 1581 17.50 -10.82 12.25
CA VAL E 1581 16.39 -10.38 11.38
C VAL E 1581 15.78 -9.07 11.88
N LEU E 1582 15.68 -8.93 13.21
CA LEU E 1582 15.12 -7.70 13.77
C LEU E 1582 16.09 -6.51 13.73
N GLN E 1583 17.29 -6.68 13.20
CA GLN E 1583 18.19 -5.59 12.86
C GLN E 1583 18.11 -5.21 11.39
N HIS E 1584 18.00 -6.20 10.51
CA HIS E 1584 17.77 -5.89 9.10
C HIS E 1584 16.41 -5.21 8.88
N THR E 1585 15.42 -5.53 9.70
CA THR E 1585 14.14 -4.81 9.64
C THR E 1585 14.30 -3.35 10.05
N LYS E 1586 15.19 -3.08 11.02
CA LYS E 1586 15.50 -1.71 11.39
C LYS E 1586 16.17 -0.96 10.24
N ASP E 1587 17.00 -1.66 9.45
CA ASP E 1587 17.57 -1.00 8.26
C ASP E 1587 16.50 -0.65 7.23
N ILE E 1588 15.51 -1.54 7.05
CA ILE E 1588 14.37 -1.23 6.17
C ILE E 1588 13.64 0.01 6.64
N GLN E 1589 13.39 0.09 7.95
CA GLN E 1589 12.71 1.26 8.49
C GLN E 1589 13.58 2.51 8.48
N ASN E 1590 14.90 2.35 8.38
CA ASN E 1590 15.78 3.51 8.16
C ASN E 1590 15.62 4.07 6.76
N ASN E 1591 15.49 3.21 5.75
CA ASN E 1591 15.28 3.74 4.40
C ASN E 1591 13.86 4.30 4.21
N ASN E 1592 12.90 3.78 4.97
CA ASN E 1592 11.51 4.20 4.81
C ASN E 1592 11.30 5.65 5.22
N ILE E 1593 12.16 6.20 6.09
CA ILE E 1593 12.02 7.62 6.41
C ILE E 1593 12.77 8.49 5.41
N GLN E 1594 13.78 7.96 4.72
CA GLN E 1594 14.45 8.74 3.69
C GLN E 1594 13.54 8.94 2.49
N VAL E 1595 12.70 7.94 2.19
CA VAL E 1595 11.71 8.08 1.12
C VAL E 1595 10.76 9.25 1.41
N LEU E 1596 10.28 9.35 2.64
CA LEU E 1596 9.35 10.42 2.97
C LEU E 1596 10.04 11.77 3.13
N GLN E 1597 11.32 11.77 3.53
CA GLN E 1597 12.06 13.03 3.52
C GLN E 1597 12.30 13.54 2.10
N ALA E 1598 12.37 12.65 1.12
CA ALA E 1598 12.42 13.13 -0.26
C ALA E 1598 11.05 13.57 -0.75
N ASN E 1599 9.98 12.92 -0.27
CA ASN E 1599 8.63 13.34 -0.67
C ASN E 1599 8.26 14.71 -0.12
N LEU E 1600 8.76 15.08 1.06
CA LEU E 1600 8.53 16.43 1.58
C LEU E 1600 9.15 17.49 0.68
N GLU E 1601 10.37 17.27 0.23
CA GLU E 1601 11.01 18.24 -0.64
C GLU E 1601 10.49 18.15 -2.07
N ALA E 1602 9.82 17.07 -2.45
CA ALA E 1602 9.07 17.06 -3.70
C ALA E 1602 7.74 17.80 -3.59
N THR E 1603 7.18 17.91 -2.39
CA THR E 1603 5.95 18.67 -2.18
C THR E 1603 6.21 20.16 -1.99
N ASN E 1604 7.35 20.52 -1.39
CA ASN E 1604 7.74 21.92 -1.28
C ASN E 1604 7.96 22.59 -2.62
N SER E 1605 8.43 21.85 -3.62
CA SER E 1605 8.63 22.44 -4.95
C SER E 1605 7.30 22.73 -5.63
N LEU E 1606 6.31 21.85 -5.44
CA LEU E 1606 4.96 22.12 -5.92
C LEU E 1606 4.37 23.35 -5.24
N LYS E 1607 4.56 23.47 -3.92
CA LYS E 1607 4.03 24.61 -3.19
C LYS E 1607 4.70 25.91 -3.61
N SER E 1608 6.01 25.87 -3.85
CA SER E 1608 6.73 27.05 -4.32
C SER E 1608 6.34 27.42 -5.75
N ALA E 1609 6.06 26.43 -6.60
CA ALA E 1609 5.61 26.70 -7.95
C ALA E 1609 4.24 27.36 -7.97
N ALA E 1610 3.33 26.88 -7.12
CA ALA E 1610 2.01 27.50 -7.04
C ALA E 1610 2.09 28.92 -6.49
N LYS E 1611 2.94 29.15 -5.49
CA LYS E 1611 3.11 30.50 -4.97
C LYS E 1611 3.76 31.43 -5.99
N GLN E 1612 4.68 30.92 -6.80
CA GLN E 1612 5.31 31.75 -7.84
C GLN E 1612 4.32 32.10 -8.94
N ARG E 1613 3.46 31.15 -9.32
CA ARG E 1613 2.46 31.43 -10.34
C ARG E 1613 1.41 32.43 -9.85
N SER E 1614 1.01 32.32 -8.57
CA SER E 1614 0.07 33.29 -8.00
C SER E 1614 0.71 34.67 -7.89
N LYS E 1615 2.01 34.74 -7.55
CA LYS E 1615 2.70 36.01 -7.48
C LYS E 1615 2.83 36.65 -8.86
N HIS E 1616 3.06 35.82 -9.90
CA HIS E 1616 3.16 36.33 -11.26
C HIS E 1616 1.85 36.93 -11.73
N TYR E 1617 0.73 36.22 -11.53
CA TYR E 1617 -0.55 36.77 -11.95
C TYR E 1617 -0.98 37.95 -11.08
N LYS E 1618 -0.55 38.00 -9.82
CA LYS E 1618 -0.85 39.16 -8.99
C LYS E 1618 -0.08 40.39 -9.45
N GLU E 1619 1.17 40.20 -9.87
CA GLU E 1619 1.94 41.32 -10.41
C GLU E 1619 1.37 41.80 -11.74
N LEU E 1620 0.90 40.87 -12.59
CA LEU E 1620 0.24 41.27 -13.83
C LEU E 1620 -1.05 42.02 -13.56
N LEU E 1621 -1.82 41.58 -12.58
CA LEU E 1621 -3.10 42.19 -12.30
C LEU E 1621 -2.98 43.50 -11.55
N ASP E 1622 -1.87 43.72 -10.84
CA ASP E 1622 -1.66 44.99 -10.16
C ASP E 1622 -0.93 46.01 -11.02
N ASN E 1623 -0.17 45.57 -12.02
CA ASN E 1623 0.46 46.55 -12.91
C ASN E 1623 -0.53 47.12 -13.93
N GLY E 1624 -1.65 46.45 -14.17
CA GLY E 1624 -2.62 46.96 -15.11
C GLY E 1624 -2.15 46.82 -16.55
N ILE E 1625 -2.61 47.74 -17.39
CA ILE E 1625 -2.17 47.77 -18.77
C ILE E 1625 -0.81 48.47 -18.87
N SER E 1626 -0.06 48.14 -19.92
CA SER E 1626 1.31 48.58 -20.07
C SER E 1626 1.37 50.05 -20.45
N SER E 1627 2.59 50.57 -20.49
CA SER E 1627 2.78 51.95 -20.96
C SER E 1627 2.61 52.03 -22.46
N ARG E 1628 3.03 50.99 -23.18
CA ARG E 1628 2.86 50.98 -24.63
C ARG E 1628 1.42 50.74 -25.02
N GLU E 1629 0.68 49.97 -24.22
CA GLU E 1629 -0.75 49.80 -24.45
C GLU E 1629 -1.50 51.10 -24.21
N GLN E 1630 -1.12 51.83 -23.15
CA GLN E 1630 -1.73 53.13 -22.89
C GLN E 1630 -1.38 54.14 -23.98
N SER E 1631 -0.15 54.09 -24.49
CA SER E 1631 0.23 54.98 -25.59
C SER E 1631 -0.54 54.66 -26.86
N GLY E 1632 -0.64 53.38 -27.22
CA GLY E 1632 -1.37 52.98 -28.40
C GLY E 1632 -2.87 53.16 -28.29
N LEU E 1633 -3.40 53.30 -27.09
CA LEU E 1633 -4.82 53.61 -26.96
C LEU E 1633 -5.08 55.10 -26.79
N ASP E 1634 -4.06 55.87 -26.37
CA ASP E 1634 -4.21 57.33 -26.37
C ASP E 1634 -4.07 57.90 -27.77
N LEU E 1635 -3.20 57.32 -28.60
CA LEU E 1635 -2.98 57.85 -29.93
C LEU E 1635 -4.19 57.65 -30.84
N ARG E 1636 -4.98 56.60 -30.62
CA ARG E 1636 -6.18 56.40 -31.42
C ARG E 1636 -7.23 57.48 -31.12
N ILE E 1637 -7.35 57.88 -29.87
CA ILE E 1637 -8.29 58.95 -29.53
C ILE E 1637 -7.76 60.30 -30.02
N ASP E 1638 -6.45 60.51 -29.92
CA ASP E 1638 -5.86 61.73 -30.45
C ASP E 1638 -5.93 61.80 -31.97
N ALA E 1639 -6.03 60.64 -32.64
CA ALA E 1639 -6.25 60.61 -34.08
C ALA E 1639 -7.72 60.76 -34.44
N GLY E 1640 -8.61 60.28 -33.58
CA GLY E 1640 -10.03 60.52 -33.80
C GLY E 1640 -10.43 61.95 -33.53
N ALA E 1641 -9.63 62.67 -32.73
CA ALA E 1641 -9.91 64.07 -32.44
C ALA E 1641 -9.48 65.01 -33.57
N VAL E 1642 -8.76 64.52 -34.57
CA VAL E 1642 -8.42 65.36 -35.73
C VAL E 1642 -9.19 64.97 -36.97
N ASN E 1643 -9.89 63.83 -36.97
CA ASN E 1643 -10.88 63.58 -38.00
C ASN E 1643 -12.11 64.45 -37.83
N ILE E 1644 -12.36 64.94 -36.61
CA ILE E 1644 -13.43 65.91 -36.41
C ILE E 1644 -13.05 67.25 -37.04
N ALA E 1645 -11.79 67.64 -36.90
CA ALA E 1645 -11.35 68.96 -37.33
C ALA E 1645 -11.17 69.06 -38.85
N SER E 1646 -11.20 67.95 -39.57
CA SER E 1646 -11.12 67.97 -41.03
C SER E 1646 -12.50 67.99 -41.69
N VAL E 1647 -13.52 68.42 -40.96
CA VAL E 1647 -14.89 68.46 -41.46
C VAL E 1647 -15.28 69.86 -41.91
N ALA E 1648 -15.02 70.86 -41.08
CA ALA E 1648 -15.34 72.24 -41.46
C ALA E 1648 -14.51 72.81 -42.62
N PRO E 1649 -13.22 72.50 -42.82
CA PRO E 1649 -12.56 72.96 -44.06
C PRO E 1649 -13.14 72.38 -45.34
N LEU E 1650 -13.69 71.15 -45.34
CA LEU E 1650 -14.31 70.64 -46.56
C LEU E 1650 -15.58 71.42 -46.91
N MET E 1651 -16.42 71.70 -45.91
CA MET E 1651 -17.63 72.46 -46.18
C MET E 1651 -17.31 73.91 -46.54
N LEU E 1652 -16.23 74.45 -45.99
CA LEU E 1652 -15.83 75.80 -46.38
C LEU E 1652 -15.23 75.84 -47.78
N ALA E 1653 -14.50 74.80 -48.17
CA ALA E 1653 -13.97 74.72 -49.53
C ALA E 1653 -15.09 74.56 -50.55
N ALA E 1654 -16.11 73.78 -50.21
CA ALA E 1654 -17.24 73.66 -51.12
C ALA E 1654 -18.11 74.90 -51.14
N ALA E 1655 -18.12 75.67 -50.05
CA ALA E 1655 -18.75 76.98 -50.10
C ALA E 1655 -18.00 77.91 -51.04
N LEU E 1656 -16.67 77.87 -51.00
CA LEU E 1656 -15.89 78.78 -51.84
C LEU E 1656 -15.87 78.36 -53.30
N ASP E 1657 -16.05 77.07 -53.58
CA ASP E 1657 -16.04 76.61 -54.97
C ASP E 1657 -17.29 76.99 -55.75
N THR E 1658 -18.39 77.33 -55.08
CA THR E 1658 -19.59 77.72 -55.78
C THR E 1658 -19.56 79.19 -56.22
N ALA E 1659 -18.57 79.94 -55.79
CA ALA E 1659 -18.36 81.28 -56.31
C ALA E 1659 -17.86 81.19 -57.76
N PRO E 1660 -18.23 82.14 -58.60
CA PRO E 1660 -17.73 82.12 -59.98
C PRO E 1660 -16.24 82.38 -60.05
N ASN E 1661 -15.61 81.78 -61.06
CA ASN E 1661 -14.17 81.66 -61.14
C ASN E 1661 -13.57 82.51 -62.27
N VAL E 1662 -14.19 82.48 -63.43
CA VAL E 1662 -13.67 83.17 -64.60
C VAL E 1662 -14.43 84.49 -64.76
N PHE E 1663 -13.71 85.54 -65.12
CA PHE E 1663 -14.28 86.87 -65.26
C PHE E 1663 -13.86 87.43 -66.62
N GLY E 1664 -14.41 88.59 -66.98
CA GLY E 1664 -13.98 89.24 -68.20
C GLY E 1664 -14.46 88.57 -69.47
N LEU E 1665 -15.75 88.69 -69.78
CA LEU E 1665 -16.40 88.14 -70.97
C LEU E 1665 -16.41 86.63 -71.00
N ALA E 1666 -16.31 85.99 -69.83
CA ALA E 1666 -16.58 84.56 -69.70
C ALA E 1666 -17.08 84.35 -68.27
N ASP E 1667 -18.39 84.36 -68.11
CA ASP E 1667 -19.01 84.18 -66.81
C ASP E 1667 -18.89 82.72 -66.39
N GLY E 1668 -18.83 82.50 -65.08
CA GLY E 1668 -18.93 81.14 -64.58
C GLY E 1668 -17.65 80.57 -63.99
N GLY E 1669 -17.42 79.28 -64.21
CA GLY E 1669 -16.36 78.56 -63.54
C GLY E 1669 -16.75 77.97 -62.21
N SER E 1670 -17.99 78.18 -61.77
CA SER E 1670 -18.42 77.70 -60.46
C SER E 1670 -18.75 76.21 -60.53
N HIS E 1671 -18.10 75.42 -59.69
CA HIS E 1671 -18.36 73.99 -59.64
C HIS E 1671 -19.73 73.74 -59.00
N TRP E 1672 -20.62 73.09 -59.75
CA TRP E 1672 -22.01 73.02 -59.31
C TRP E 1672 -22.22 71.95 -58.25
N GLY E 1673 -21.49 70.85 -58.34
CA GLY E 1673 -21.72 69.75 -57.43
C GLY E 1673 -20.78 69.70 -56.26
N ALA E 1674 -20.15 70.82 -55.93
CA ALA E 1674 -19.07 70.80 -54.93
C ALA E 1674 -19.61 70.58 -53.53
N VAL E 1675 -20.76 71.17 -53.21
CA VAL E 1675 -21.37 70.98 -51.89
C VAL E 1675 -21.89 69.55 -51.71
N PRO E 1676 -22.51 68.87 -52.69
CA PRO E 1676 -22.75 67.43 -52.48
C PRO E 1676 -21.50 66.56 -52.43
N TYR E 1677 -20.41 66.92 -53.12
CA TYR E 1677 -19.17 66.15 -52.95
C TYR E 1677 -18.62 66.31 -51.54
N ALA E 1678 -18.68 67.51 -50.98
CA ALA E 1678 -18.21 67.68 -49.62
C ALA E 1678 -19.14 67.03 -48.61
N THR E 1679 -20.44 66.95 -48.93
CA THR E 1679 -21.36 66.19 -48.07
C THR E 1679 -21.00 64.71 -48.06
N SER E 1680 -20.71 64.15 -49.23
CA SER E 1680 -20.29 62.74 -49.32
C SER E 1680 -18.96 62.51 -48.61
N ALA E 1681 -17.99 63.42 -48.78
CA ALA E 1681 -16.68 63.24 -48.16
C ALA E 1681 -16.76 63.41 -46.65
N THR E 1682 -17.55 64.36 -46.18
CA THR E 1682 -17.79 64.55 -44.76
C THR E 1682 -18.44 63.32 -44.14
N LEU E 1683 -19.37 62.71 -44.87
CA LEU E 1683 -20.06 61.56 -44.31
C LEU E 1683 -19.17 60.31 -44.34
N GLN E 1684 -18.26 60.23 -45.31
CA GLN E 1684 -17.24 59.17 -45.29
C GLN E 1684 -16.27 59.34 -44.12
N ILE E 1685 -15.89 60.59 -43.82
CA ILE E 1685 -15.03 60.86 -42.66
C ILE E 1685 -15.74 60.48 -41.37
N SER E 1686 -17.05 60.76 -41.30
CA SER E 1686 -17.83 60.38 -40.13
C SER E 1686 -17.93 58.86 -39.95
N ALA E 1687 -18.07 58.14 -41.07
CA ALA E 1687 -18.11 56.67 -41.01
C ALA E 1687 -16.78 56.09 -40.56
N GLY E 1688 -15.67 56.61 -41.10
CA GLY E 1688 -14.36 56.15 -40.68
C GLY E 1688 -14.05 56.50 -39.23
N LEU E 1689 -14.54 57.65 -38.77
CA LEU E 1689 -14.39 58.05 -37.37
C LEU E 1689 -15.14 57.12 -36.44
N THR E 1690 -16.38 56.76 -36.80
CA THR E 1690 -17.16 55.87 -35.95
C THR E 1690 -16.59 54.46 -35.93
N GLU E 1691 -16.02 54.00 -37.05
CA GLU E 1691 -15.37 52.69 -37.03
C GLU E 1691 -14.06 52.72 -36.24
N SER E 1692 -13.36 53.86 -36.23
CA SER E 1692 -12.17 53.98 -35.37
C SER E 1692 -12.55 53.94 -33.89
N ARG E 1693 -13.68 54.57 -33.54
CA ARG E 1693 -14.16 54.50 -32.16
C ARG E 1693 -14.59 53.09 -31.78
N ALA E 1694 -15.16 52.34 -32.73
CA ALA E 1694 -15.51 50.94 -32.49
C ALA E 1694 -14.27 50.09 -32.27
N ASN E 1695 -13.18 50.39 -33.00
CA ASN E 1695 -11.94 49.66 -32.79
C ASN E 1695 -11.33 49.96 -31.42
N ILE E 1696 -11.44 51.22 -30.97
CA ILE E 1696 -10.99 51.58 -29.62
C ILE E 1696 -11.76 50.80 -28.56
N ASN E 1697 -13.08 50.69 -28.75
CA ASN E 1697 -13.91 49.96 -27.79
C ASN E 1697 -13.58 48.47 -27.78
N ASP E 1698 -13.26 47.89 -28.94
CA ASP E 1698 -12.92 46.47 -28.98
C ASP E 1698 -11.56 46.18 -28.34
N ILE E 1699 -10.58 47.07 -28.55
CA ILE E 1699 -9.26 46.91 -27.90
C ILE E 1699 -9.41 46.95 -26.38
N LYS E 1700 -10.19 47.90 -25.89
CA LYS E 1700 -10.36 48.02 -24.45
C LYS E 1700 -11.18 46.87 -23.86
N ALA E 1701 -12.11 46.33 -24.66
CA ALA E 1701 -12.87 45.16 -24.22
C ALA E 1701 -12.00 43.91 -24.13
N ASN E 1702 -11.07 43.74 -25.07
CA ASN E 1702 -10.13 42.62 -24.96
C ASN E 1702 -9.21 42.77 -23.76
N TYR E 1703 -8.85 44.01 -23.40
CA TYR E 1703 -8.06 44.24 -22.20
C TYR E 1703 -8.85 43.84 -20.95
N ASP E 1704 -10.15 44.16 -20.91
CA ASP E 1704 -10.98 43.77 -19.78
C ASP E 1704 -11.15 42.26 -19.67
N ARG E 1705 -11.30 41.58 -20.82
CA ARG E 1705 -11.45 40.13 -20.80
C ARG E 1705 -10.18 39.43 -20.32
N ARG E 1706 -9.01 39.94 -20.72
CA ARG E 1706 -7.81 39.30 -20.20
C ARG E 1706 -7.52 39.67 -18.75
N GLU E 1707 -8.03 40.80 -18.25
CA GLU E 1707 -7.99 41.04 -16.81
C GLU E 1707 -8.84 40.04 -16.04
N GLN E 1708 -10.03 39.71 -16.56
CA GLN E 1708 -10.86 38.70 -15.92
C GLN E 1708 -10.22 37.31 -15.95
N GLU E 1709 -9.54 36.99 -17.06
CA GLU E 1709 -8.85 35.70 -17.13
C GLU E 1709 -7.67 35.64 -16.18
N TRP E 1710 -6.94 36.76 -16.01
CA TRP E 1710 -5.87 36.83 -15.03
C TRP E 1710 -6.39 36.66 -13.61
N THR E 1711 -7.55 37.23 -13.32
CA THR E 1711 -8.15 37.06 -11.99
C THR E 1711 -8.51 35.60 -11.72
N LEU E 1712 -9.05 34.92 -12.75
CA LEU E 1712 -9.34 33.49 -12.62
C LEU E 1712 -8.08 32.67 -12.38
N GLN E 1713 -7.00 32.96 -13.12
CA GLN E 1713 -5.77 32.19 -12.97
C GLN E 1713 -5.11 32.44 -11.62
N LYS E 1714 -5.19 33.67 -11.12
CA LYS E 1714 -4.65 34.00 -9.81
C LYS E 1714 -5.40 33.28 -8.70
N ASN E 1715 -6.74 33.23 -8.81
CA ASN E 1715 -7.53 32.54 -7.81
C ASN E 1715 -7.29 31.03 -7.84
N GLN E 1716 -7.12 30.46 -9.04
CA GLN E 1716 -6.82 29.02 -9.12
C GLN E 1716 -5.44 28.69 -8.58
N ALA E 1717 -4.46 29.59 -8.75
CA ALA E 1717 -3.15 29.35 -8.16
C ALA E 1717 -3.19 29.48 -6.64
N ASP E 1718 -4.02 30.38 -6.12
CA ASP E 1718 -4.18 30.47 -4.66
C ASP E 1718 -4.83 29.22 -4.09
N LYS E 1719 -5.84 28.67 -4.79
CA LYS E 1719 -6.45 27.42 -4.35
C LYS E 1719 -5.48 26.24 -4.46
N ASP E 1720 -4.60 26.25 -5.46
CA ASP E 1720 -3.60 25.18 -5.55
C ASP E 1720 -2.58 25.29 -4.41
N ALA E 1721 -2.21 26.50 -4.01
CA ALA E 1721 -1.32 26.66 -2.86
C ALA E 1721 -2.00 26.21 -1.56
N GLU E 1722 -3.29 26.50 -1.42
CA GLU E 1722 -4.02 26.05 -0.23
C GLU E 1722 -4.21 24.54 -0.22
N GLN E 1723 -4.24 23.91 -1.39
CA GLN E 1723 -4.20 22.44 -1.44
C GLN E 1723 -2.84 21.91 -1.00
N LEU E 1724 -1.78 22.45 -1.59
CA LEU E 1724 -0.45 21.89 -1.37
C LEU E 1724 0.07 22.16 0.03
N ALA E 1725 -0.46 23.15 0.75
CA ALA E 1725 -0.13 23.29 2.16
C ALA E 1725 -0.62 22.11 2.97
N HIS E 1726 -1.87 21.69 2.75
CA HIS E 1726 -2.41 20.54 3.47
C HIS E 1726 -1.75 19.25 3.03
N GLN E 1727 -1.37 19.17 1.76
CA GLN E 1727 -0.67 17.95 1.31
C GLN E 1727 0.74 17.88 1.88
N TYR E 1728 1.40 19.03 2.08
CA TYR E 1728 2.66 19.07 2.80
C TYR E 1728 2.50 18.63 4.25
N THR E 1729 1.40 19.04 4.88
CA THR E 1729 1.10 18.61 6.24
C THR E 1729 0.88 17.11 6.31
N SER E 1730 0.21 16.55 5.29
CA SER E 1730 0.01 15.10 5.23
C SER E 1730 1.31 14.34 5.08
N VAL E 1731 2.21 14.81 4.20
CA VAL E 1731 3.48 14.11 4.02
C VAL E 1731 4.37 14.26 5.25
N GLN E 1732 4.27 15.39 5.97
CA GLN E 1732 5.06 15.56 7.19
C GLN E 1732 4.55 14.67 8.31
N GLU E 1733 3.24 14.44 8.39
CA GLU E 1733 2.75 13.52 9.39
C GLU E 1733 3.00 12.05 9.00
N GLN E 1734 3.09 11.75 7.70
CA GLN E 1734 3.60 10.44 7.29
C GLN E 1734 5.05 10.26 7.71
N LEU E 1735 5.84 11.34 7.65
CA LEU E 1735 7.22 11.28 8.11
C LEU E 1735 7.30 11.02 9.60
N ASN E 1736 6.41 11.63 10.38
CA ASN E 1736 6.37 11.36 11.81
C ASN E 1736 5.96 9.92 12.11
N MET E 1737 5.03 9.37 11.31
CA MET E 1737 4.59 7.99 11.50
C MET E 1737 5.71 7.01 11.16
N ALA E 1738 6.46 7.26 10.09
CA ALA E 1738 7.58 6.38 9.76
C ALA E 1738 8.73 6.52 10.76
N GLN E 1739 8.93 7.72 11.29
CA GLN E 1739 9.99 7.93 12.26
C GLN E 1739 9.63 7.33 13.62
N LYS E 1740 8.34 7.10 13.88
CA LYS E 1740 7.98 6.28 15.05
C LYS E 1740 8.02 4.79 14.76
N GLN E 1741 7.78 4.37 13.51
CA GLN E 1741 7.96 2.96 13.16
C GLN E 1741 9.43 2.53 13.28
N ARG E 1742 10.36 3.45 13.01
CA ARG E 1742 11.77 3.16 13.26
C ARG E 1742 12.04 2.90 14.74
N ASN E 1743 11.44 3.70 15.62
CA ASN E 1743 11.63 3.50 17.05
C ASN E 1743 10.98 2.20 17.51
N LEU E 1744 9.86 1.83 16.89
CA LEU E 1744 9.24 0.54 17.19
C LEU E 1744 10.14 -0.62 16.79
N ALA E 1745 10.79 -0.51 15.63
CA ALA E 1745 11.69 -1.58 15.19
C ALA E 1745 12.92 -1.69 16.08
N GLU E 1746 13.47 -0.55 16.52
CA GLU E 1746 14.61 -0.57 17.43
C GLU E 1746 14.22 -1.11 18.80
N LEU E 1747 13.00 -0.83 19.24
CA LEU E 1747 12.52 -1.39 20.50
C LEU E 1747 12.34 -2.90 20.41
N GLU E 1748 11.84 -3.39 19.27
CA GLU E 1748 11.72 -4.84 19.08
C GLU E 1748 13.08 -5.52 19.01
N GLN E 1749 14.09 -4.84 18.46
CA GLN E 1749 15.46 -5.37 18.50
C GLN E 1749 15.97 -5.45 19.93
N GLY E 1750 15.67 -4.44 20.75
CA GLY E 1750 16.02 -4.49 22.16
C GLY E 1750 15.32 -5.61 22.91
N HIS E 1751 14.06 -5.89 22.56
CA HIS E 1751 13.35 -6.99 23.20
C HIS E 1751 13.93 -8.35 22.79
N ALA E 1752 14.38 -8.48 21.55
CA ALA E 1752 15.04 -9.71 21.13
C ALA E 1752 16.36 -9.90 21.87
N ASP E 1753 17.09 -8.81 22.10
CA ASP E 1753 18.33 -8.90 22.87
C ASP E 1753 18.05 -9.28 24.33
N ALA E 1754 16.96 -8.78 24.89
CA ALA E 1754 16.60 -9.13 26.27
C ALA E 1754 16.20 -10.60 26.40
N LEU E 1755 15.46 -11.13 25.42
CA LEU E 1755 15.10 -12.54 25.44
C LEU E 1755 16.32 -13.43 25.27
N TYR E 1756 17.25 -13.05 24.39
CA TYR E 1756 18.45 -13.85 24.22
C TYR E 1756 19.35 -13.76 25.45
N GLN E 1757 19.33 -12.63 26.17
CA GLN E 1757 20.13 -12.55 27.38
C GLN E 1757 19.55 -13.42 28.50
N MET E 1758 18.22 -13.42 28.65
CA MET E 1758 17.67 -14.31 29.66
C MET E 1758 17.56 -15.76 29.22
N GLN E 1759 17.80 -16.07 27.94
CA GLN E 1759 18.06 -17.45 27.57
C GLN E 1759 19.50 -17.84 27.85
N SER E 1760 20.44 -16.89 27.75
CA SER E 1760 21.83 -17.21 28.01
C SER E 1760 22.12 -17.31 29.51
N THR E 1761 21.65 -16.35 30.30
CA THR E 1761 21.90 -16.32 31.73
C THR E 1761 20.92 -17.16 32.52
N ARG E 1762 20.05 -17.91 31.86
CA ARG E 1762 19.14 -18.85 32.49
C ARG E 1762 19.93 -19.94 33.21
N PHE E 1763 19.41 -20.39 34.35
CA PHE E 1763 20.09 -21.47 35.08
C PHE E 1763 19.99 -22.78 34.32
N THR E 1764 18.78 -23.17 33.93
CA THR E 1764 18.59 -24.38 33.14
C THR E 1764 18.79 -24.13 31.66
N GLY E 1765 19.90 -23.49 31.31
CA GLY E 1765 20.27 -23.24 29.95
C GLY E 1765 21.15 -24.36 29.44
N LYS E 1766 21.97 -24.03 28.43
CA LYS E 1766 22.76 -25.08 27.80
C LYS E 1766 23.93 -25.51 28.70
N GLU E 1767 24.45 -24.62 29.54
CA GLU E 1767 25.56 -24.97 30.42
C GLU E 1767 25.15 -25.91 31.54
N LEU E 1768 23.85 -26.05 31.81
CA LEU E 1768 23.35 -27.04 32.75
C LEU E 1768 23.09 -28.38 32.09
N TYR E 1769 22.59 -28.38 30.86
CA TYR E 1769 22.31 -29.65 30.22
C TYR E 1769 23.56 -30.28 29.63
N ASN E 1770 24.59 -29.49 29.31
CA ASN E 1770 25.89 -30.09 28.98
C ASN E 1770 26.47 -30.80 30.18
N TRP E 1771 26.36 -30.20 31.36
CA TRP E 1771 26.83 -30.82 32.59
C TRP E 1771 26.05 -32.10 32.91
N MET E 1772 24.72 -32.03 32.83
CA MET E 1772 23.91 -33.19 33.14
C MET E 1772 24.10 -34.30 32.11
N ALA E 1773 24.31 -33.95 30.84
CA ALA E 1773 24.57 -34.97 29.84
C ALA E 1773 25.92 -35.64 30.08
N GLY E 1774 26.96 -34.84 30.30
CA GLY E 1774 28.29 -35.39 30.50
C GLY E 1774 28.45 -36.17 31.80
N ARG E 1775 27.61 -35.89 32.79
CA ARG E 1775 27.65 -36.70 34.00
C ARG E 1775 26.76 -37.93 33.91
N LEU E 1776 25.51 -37.74 33.47
CA LEU E 1776 24.52 -38.82 33.47
C LEU E 1776 24.85 -39.89 32.45
N SER E 1777 25.34 -39.50 31.26
CA SER E 1777 25.70 -40.48 30.26
C SER E 1777 26.97 -41.24 30.64
N GLY E 1778 27.80 -40.68 31.51
CA GLY E 1778 28.98 -41.37 31.98
C GLY E 1778 28.70 -42.28 33.14
N LEU E 1779 27.74 -41.90 33.97
CA LEU E 1779 27.35 -42.76 35.09
C LEU E 1779 26.42 -43.88 34.68
N TYR E 1780 25.68 -43.70 33.58
CA TYR E 1780 24.75 -44.73 33.13
C TYR E 1780 25.47 -45.96 32.60
N PHE E 1781 26.61 -45.75 31.93
CA PHE E 1781 27.40 -46.89 31.48
C PHE E 1781 28.06 -47.61 32.64
N GLN E 1782 28.47 -46.87 33.67
CA GLN E 1782 29.06 -47.51 34.85
C GLN E 1782 28.01 -48.29 35.64
N LEU E 1783 26.78 -47.77 35.68
CA LEU E 1783 25.68 -48.52 36.29
C LEU E 1783 25.36 -49.77 35.48
N PHE E 1784 25.46 -49.68 34.15
CA PHE E 1784 25.23 -50.84 33.30
C PHE E 1784 26.30 -51.91 33.51
N ASP E 1785 27.56 -51.50 33.64
CA ASP E 1785 28.62 -52.46 33.93
C ASP E 1785 28.63 -52.92 35.38
N ALA E 1786 27.91 -52.25 36.27
CA ALA E 1786 27.72 -52.81 37.59
C ALA E 1786 26.55 -53.77 37.64
N THR E 1787 25.57 -53.59 36.76
CA THR E 1787 24.34 -54.39 36.76
C THR E 1787 24.47 -55.68 35.96
N GLN E 1788 25.14 -55.63 34.80
CA GLN E 1788 25.24 -56.80 33.94
C GLN E 1788 25.97 -58.01 34.54
N PRO E 1789 27.00 -57.88 35.39
CA PRO E 1789 27.48 -59.08 36.11
C PRO E 1789 26.47 -59.73 37.04
N LEU E 1790 25.48 -59.01 37.57
CA LEU E 1790 24.43 -59.70 38.34
C LEU E 1790 23.61 -60.62 37.47
N CYS E 1791 23.26 -60.18 36.26
CA CYS E 1791 22.54 -61.03 35.33
C CYS E 1791 23.37 -62.22 34.91
N LEU E 1792 24.69 -62.03 34.76
CA LEU E 1792 25.54 -63.17 34.45
C LEU E 1792 25.69 -64.12 35.65
N MET E 1793 25.68 -63.59 36.88
CA MET E 1793 25.62 -64.43 38.08
C MET E 1793 24.37 -65.28 38.09
N ALA E 1794 23.22 -64.66 37.79
CA ALA E 1794 21.96 -65.37 37.83
C ALA E 1794 21.90 -66.45 36.77
N LYS E 1795 22.46 -66.18 35.59
CA LYS E 1795 22.55 -67.20 34.55
C LYS E 1795 23.45 -68.35 34.99
N ALA E 1796 24.63 -68.05 35.52
CA ALA E 1796 25.57 -69.10 35.91
C ALA E 1796 25.13 -69.86 37.15
N VAL E 1797 24.21 -69.31 37.94
CA VAL E 1797 23.67 -70.04 39.08
C VAL E 1797 22.50 -70.90 38.66
N LEU E 1798 21.64 -70.42 37.75
CA LEU E 1798 20.54 -71.27 37.28
C LEU E 1798 21.05 -72.39 36.38
N GLU E 1799 22.22 -72.22 35.75
CA GLU E 1799 22.81 -73.32 35.00
C GLU E 1799 23.32 -74.47 35.88
N LYS E 1800 23.38 -74.29 37.20
CA LYS E 1800 23.63 -75.42 38.09
C LYS E 1800 22.43 -76.36 38.12
N GLU E 1801 21.26 -75.84 38.49
CA GLU E 1801 20.07 -76.67 38.62
C GLU E 1801 19.48 -77.02 37.26
N VAL E 1802 19.02 -76.00 36.53
CA VAL E 1802 18.48 -76.21 35.19
C VAL E 1802 19.63 -76.48 34.24
N ASP E 1803 19.53 -77.55 33.46
CA ASP E 1803 20.59 -77.93 32.56
C ASP E 1803 20.73 -76.94 31.41
N LYS E 1804 21.91 -76.95 30.79
CA LYS E 1804 22.28 -75.93 29.80
C LYS E 1804 21.67 -76.15 28.42
N ALA E 1805 20.67 -77.02 28.27
CA ALA E 1805 19.99 -77.17 27.00
C ALA E 1805 18.84 -76.17 26.84
N LYS E 1806 18.57 -75.35 27.85
CA LYS E 1806 17.45 -74.42 27.81
C LYS E 1806 17.83 -72.97 28.07
N THR E 1807 18.97 -72.71 28.71
CA THR E 1807 19.43 -71.36 28.99
C THR E 1807 20.42 -70.85 27.94
N ASP E 1808 20.26 -71.28 26.69
CA ASP E 1808 21.24 -70.95 25.65
C ASP E 1808 21.12 -69.50 25.21
N GLY E 1809 19.96 -69.13 24.65
CA GLY E 1809 19.81 -67.80 24.10
C GLY E 1809 19.27 -66.79 25.09
N LEU E 1810 20.05 -66.48 26.12
CA LEU E 1810 19.66 -65.49 27.10
C LEU E 1810 20.58 -64.29 27.11
N PHE E 1811 21.88 -64.48 27.29
CA PHE E 1811 22.83 -63.39 27.42
C PHE E 1811 23.94 -63.52 26.39
N ILE E 1812 23.55 -63.76 25.14
CA ILE E 1812 24.51 -63.88 24.06
C ILE E 1812 24.99 -62.51 23.61
N ARG E 1813 24.08 -61.56 23.45
CA ARG E 1813 24.40 -60.23 22.96
C ARG E 1813 24.43 -59.23 24.10
N SER E 1814 25.34 -58.26 24.00
CA SER E 1814 25.34 -57.15 24.93
C SER E 1814 24.29 -56.12 24.50
N GLY E 1815 23.47 -55.68 25.45
CA GLY E 1815 22.42 -54.74 25.14
C GLY E 1815 22.89 -53.31 24.92
N TRP E 1816 24.15 -53.02 25.23
CA TRP E 1816 24.68 -51.68 25.06
C TRP E 1816 24.95 -51.39 23.59
N ASN E 1817 24.67 -50.15 23.19
CA ASN E 1817 24.91 -49.71 21.83
C ASN E 1817 25.72 -48.41 21.90
N ASP E 1818 26.99 -48.48 21.52
CA ASP E 1818 27.87 -47.32 21.58
C ASP E 1818 27.51 -46.23 20.59
N LEU E 1819 26.84 -46.58 19.48
CA LEU E 1819 26.56 -45.59 18.45
C LEU E 1819 25.46 -44.64 18.89
N TYR E 1820 24.52 -45.12 19.68
CA TYR E 1820 23.61 -44.28 20.41
C TYR E 1820 24.19 -44.10 21.82
N GLN E 1821 23.41 -43.57 22.74
CA GLN E 1821 23.93 -43.35 24.09
C GLN E 1821 23.65 -44.51 25.01
N GLY E 1822 23.56 -45.73 24.47
CA GLY E 1822 23.20 -46.87 25.27
C GLY E 1822 21.75 -46.89 25.68
N LEU E 1823 20.89 -46.23 24.91
CA LEU E 1823 19.47 -46.20 25.21
C LEU E 1823 18.86 -47.59 25.04
N LEU E 1824 17.83 -47.86 25.86
CA LEU E 1824 17.10 -49.12 25.88
C LEU E 1824 18.00 -50.32 26.17
N ALA E 1825 19.05 -50.10 26.95
CA ALA E 1825 19.92 -51.20 27.35
C ALA E 1825 19.38 -51.93 28.55
N GLY E 1826 18.62 -51.24 29.41
CA GLY E 1826 17.97 -51.89 30.53
C GLY E 1826 16.80 -52.76 30.14
N GLU E 1827 16.20 -52.50 28.97
CA GLU E 1827 15.10 -53.34 28.51
C GLU E 1827 15.59 -54.71 28.11
N ASP E 1828 16.78 -54.78 27.52
CA ASP E 1828 17.38 -56.08 27.19
C ASP E 1828 17.63 -56.91 28.45
N LEU E 1829 18.12 -56.25 29.51
CA LEU E 1829 18.34 -56.96 30.77
C LEU E 1829 17.03 -57.35 31.42
N GLN E 1830 16.00 -56.52 31.30
CA GLN E 1830 14.70 -56.85 31.88
C GLN E 1830 14.06 -58.04 31.18
N LEU E 1831 14.09 -58.04 29.84
CA LEU E 1831 13.59 -59.18 29.07
C LEU E 1831 14.39 -60.45 29.35
N ASN E 1832 15.71 -60.34 29.42
CA ASN E 1832 16.53 -61.53 29.62
C ASN E 1832 16.55 -62.00 31.06
N LEU E 1833 16.09 -61.19 32.00
CA LEU E 1833 15.81 -61.71 33.34
C LEU E 1833 14.42 -62.30 33.46
N GLN E 1834 13.44 -61.73 32.73
CA GLN E 1834 12.10 -62.31 32.74
C GLN E 1834 12.08 -63.68 32.10
N LYS E 1835 12.85 -63.84 31.01
CA LYS E 1835 12.92 -65.13 30.34
C LYS E 1835 13.68 -66.15 31.19
N LEU E 1836 14.71 -65.69 31.90
CA LEU E 1836 15.43 -66.52 32.85
C LEU E 1836 14.55 -66.99 33.99
N GLU E 1837 13.74 -66.07 34.54
CA GLU E 1837 12.80 -66.39 35.60
C GLU E 1837 11.72 -67.36 35.13
N ASN E 1838 11.30 -67.25 33.88
CA ASN E 1838 10.33 -68.20 33.35
C ASN E 1838 10.95 -69.58 33.16
N VAL E 1839 12.22 -69.63 32.75
CA VAL E 1839 12.94 -70.91 32.69
C VAL E 1839 13.07 -71.53 34.07
N TRP E 1840 13.24 -70.70 35.10
CA TRP E 1840 13.33 -71.24 36.46
C TRP E 1840 11.99 -71.72 36.97
N LEU E 1841 10.90 -71.01 36.67
CA LEU E 1841 9.61 -71.42 37.23
C LEU E 1841 8.98 -72.58 36.47
N MET E 1842 9.24 -72.69 35.15
CA MET E 1842 8.78 -73.86 34.42
C MET E 1842 9.59 -75.11 34.79
N GLU E 1843 10.89 -75.08 34.56
CA GLU E 1843 11.72 -76.28 34.59
C GLU E 1843 12.51 -76.44 35.88
N GLU E 1844 11.93 -76.13 37.04
CA GLU E 1844 12.52 -76.57 38.29
C GLU E 1844 11.77 -77.80 38.78
N GLN E 1845 12.51 -78.84 39.16
CA GLN E 1845 11.96 -80.14 39.48
C GLN E 1845 12.14 -80.47 40.95
N ARG E 1846 11.31 -81.40 41.41
CA ARG E 1846 11.36 -81.86 42.78
C ARG E 1846 12.59 -82.74 43.00
N ALA E 1847 13.33 -82.44 44.06
CA ALA E 1847 14.50 -83.24 44.41
C ALA E 1847 14.08 -84.59 44.97
N LEU E 1848 14.96 -85.57 44.80
CA LEU E 1848 14.79 -86.91 45.36
C LEU E 1848 15.94 -87.12 46.33
N GLU E 1849 15.68 -86.87 47.61
CA GLU E 1849 16.72 -86.87 48.62
C GLU E 1849 17.14 -88.30 48.97
N VAL E 1850 18.43 -88.48 49.23
CA VAL E 1850 18.96 -89.76 49.71
C VAL E 1850 19.96 -89.47 50.82
N GLU E 1851 19.75 -90.07 51.99
CA GLU E 1851 20.69 -89.97 53.09
C GLU E 1851 21.46 -91.29 53.18
N ARG E 1852 22.75 -91.24 52.90
CA ARG E 1852 23.60 -92.42 52.87
C ARG E 1852 24.71 -92.27 53.91
N THR E 1853 24.88 -93.30 54.74
CA THR E 1853 25.88 -93.31 55.81
C THR E 1853 26.97 -94.31 55.45
N VAL E 1854 28.09 -93.82 54.95
CA VAL E 1854 29.23 -94.66 54.59
C VAL E 1854 30.31 -94.40 55.64
N SER E 1855 30.37 -95.25 56.66
CA SER E 1855 31.39 -95.13 57.68
C SER E 1855 32.74 -95.58 57.14
N LEU E 1856 33.79 -95.31 57.90
CA LEU E 1856 35.12 -95.82 57.52
C LEU E 1856 35.40 -97.17 58.16
N ALA E 1857 34.43 -98.07 58.01
CA ALA E 1857 34.65 -99.51 58.14
C ALA E 1857 34.79 -100.17 56.78
N GLN E 1858 35.13 -99.38 55.76
CA GLN E 1858 35.32 -99.89 54.41
C GLN E 1858 36.78 -99.88 53.99
N HIS E 1859 37.68 -99.37 54.83
CA HIS E 1859 39.11 -99.53 54.56
C HIS E 1859 39.51 -101.00 54.65
N TYR E 1860 38.81 -101.78 55.47
CA TYR E 1860 38.97 -103.22 55.45
C TYR E 1860 38.47 -103.81 54.14
N GLN E 1861 37.49 -103.16 53.51
CA GLN E 1861 36.94 -103.59 52.23
C GLN E 1861 37.67 -102.99 51.04
N GLN E 1862 38.48 -101.95 51.27
CA GLN E 1862 38.95 -101.06 50.22
C GLN E 1862 39.94 -101.77 49.30
N LEU E 1863 39.46 -102.08 48.08
CA LEU E 1863 40.23 -102.42 46.88
C LEU E 1863 40.83 -103.83 46.92
N SER E 1864 40.76 -104.49 48.09
CA SER E 1864 41.15 -105.89 48.32
C SER E 1864 42.62 -106.20 47.99
N ASP E 1865 43.46 -105.17 47.84
CA ASP E 1865 44.88 -105.38 47.62
C ASP E 1865 45.67 -104.61 48.67
N HIS E 1866 45.07 -103.52 49.14
CA HIS E 1866 45.61 -102.73 50.24
C HIS E 1866 44.45 -102.46 51.19
N LYS E 1867 44.25 -103.38 52.13
CA LYS E 1867 43.20 -103.27 53.13
C LYS E 1867 43.83 -103.25 54.51
N PHE E 1868 43.13 -102.62 55.45
CA PHE E 1868 43.65 -102.46 56.80
C PHE E 1868 42.50 -102.18 57.75
N ASN E 1869 42.77 -102.40 59.04
CA ASN E 1869 41.85 -102.05 60.10
C ASN E 1869 42.21 -100.66 60.60
N LEU E 1870 41.22 -99.78 60.68
CA LEU E 1870 41.49 -98.36 60.90
C LEU E 1870 41.92 -98.07 62.33
N ALA E 1871 41.20 -98.63 63.31
CA ALA E 1871 41.51 -98.36 64.72
C ALA E 1871 42.85 -98.95 65.13
N GLU E 1872 43.19 -100.13 64.62
CA GLU E 1872 44.48 -100.73 64.89
C GLU E 1872 45.62 -99.94 64.26
N ILE E 1873 45.42 -99.45 63.04
CA ILE E 1873 46.53 -98.76 62.38
C ILE E 1873 46.70 -97.35 62.95
N VAL E 1874 45.64 -96.70 63.44
CA VAL E 1874 45.87 -95.39 64.05
C VAL E 1874 46.44 -95.57 65.46
N THR E 1875 46.16 -96.69 66.12
CA THR E 1875 46.87 -97.04 67.35
C THR E 1875 48.35 -97.26 67.07
N GLY E 1876 48.66 -97.84 65.90
CA GLY E 1876 50.05 -97.90 65.46
C GLY E 1876 50.63 -96.54 65.13
N TYR E 1877 49.81 -95.61 64.65
CA TYR E 1877 50.31 -94.27 64.34
C TYR E 1877 50.36 -93.35 65.55
N MET E 1878 49.89 -93.78 66.72
CA MET E 1878 50.01 -92.93 67.90
C MET E 1878 51.45 -92.81 68.39
N ALA E 1879 52.29 -93.79 68.08
CA ALA E 1879 53.73 -93.71 68.33
C ALA E 1879 54.47 -93.92 67.02
N GLN E 1880 55.79 -93.78 67.09
CA GLN E 1880 56.73 -93.96 65.96
C GLN E 1880 56.38 -93.04 64.79
N ASP E 1881 56.56 -91.74 65.05
CA ASP E 1881 56.07 -90.67 64.21
C ASP E 1881 56.71 -90.67 62.83
N LYS E 1882 56.02 -90.02 61.89
CA LYS E 1882 56.46 -89.77 60.51
C LYS E 1882 56.68 -91.06 59.73
N ASP E 1883 55.68 -91.93 59.75
CA ASP E 1883 55.64 -93.12 58.90
C ASP E 1883 54.39 -93.06 58.03
N GLN E 1884 54.16 -94.13 57.28
CA GLN E 1884 53.03 -94.21 56.36
C GLN E 1884 52.75 -95.65 55.99
N LYS E 1885 51.47 -96.02 56.03
CA LYS E 1885 50.99 -97.23 55.36
C LYS E 1885 49.86 -96.72 54.46
N THR E 1886 50.22 -96.32 53.25
CA THR E 1886 49.23 -95.90 52.28
C THR E 1886 48.48 -97.10 51.72
N GLY E 1887 47.16 -96.96 51.61
CA GLY E 1887 46.41 -97.92 50.84
C GLY E 1887 46.70 -97.69 49.37
N ASN E 1888 46.25 -96.55 48.86
CA ASN E 1888 46.50 -96.15 47.49
C ASN E 1888 46.82 -94.66 47.49
N GLU E 1889 46.87 -94.07 46.30
CA GLU E 1889 46.92 -92.62 46.18
C GLU E 1889 45.53 -92.01 46.25
N GLN E 1890 44.48 -92.84 46.18
CA GLN E 1890 43.11 -92.42 46.36
C GLN E 1890 42.64 -92.58 47.81
N ASP E 1891 42.94 -93.72 48.43
CA ASP E 1891 42.52 -94.01 49.80
C ASP E 1891 43.74 -94.39 50.60
N PHE E 1892 44.01 -93.66 51.68
CA PHE E 1892 45.18 -93.91 52.50
C PHE E 1892 45.01 -93.25 53.86
N VAL E 1893 45.86 -93.67 54.79
CA VAL E 1893 46.00 -93.02 56.09
C VAL E 1893 47.48 -92.78 56.31
N GLU E 1894 47.88 -91.52 56.42
CA GLU E 1894 49.29 -91.18 56.57
C GLU E 1894 49.43 -90.08 57.63
N LEU E 1895 50.67 -89.66 57.84
CA LEU E 1895 50.96 -88.40 58.51
C LEU E 1895 52.29 -87.88 58.00
N LYS E 1896 52.27 -86.69 57.40
CA LYS E 1896 53.51 -86.04 56.97
C LYS E 1896 54.18 -85.34 58.13
N ASN E 1897 53.37 -84.66 58.93
CA ASN E 1897 53.73 -83.98 60.16
C ASN E 1897 52.95 -84.67 61.28
N SER E 1898 52.90 -84.01 62.45
CA SER E 1898 52.02 -84.48 63.51
C SER E 1898 50.55 -84.50 63.09
N THR E 1899 50.17 -83.66 62.14
CA THR E 1899 48.88 -83.78 61.47
C THR E 1899 48.81 -85.10 60.69
N LEU E 1900 47.76 -85.88 60.95
CA LEU E 1900 47.51 -87.08 60.17
C LEU E 1900 46.38 -86.85 59.17
N ILE E 1901 46.42 -87.59 58.07
CA ILE E 1901 45.49 -87.44 56.96
C ILE E 1901 44.81 -88.77 56.75
N ALA E 1902 43.48 -88.79 56.84
CA ALA E 1902 42.68 -89.98 56.56
C ALA E 1902 41.88 -89.72 55.29
N SER E 1903 42.51 -89.97 54.15
CA SER E 1903 41.91 -89.63 52.87
C SER E 1903 40.89 -90.67 52.45
N LEU E 1904 40.03 -90.29 51.50
CA LEU E 1904 38.93 -91.14 51.07
C LEU E 1904 38.46 -90.67 49.70
N SER E 1905 38.54 -91.56 48.70
CA SER E 1905 38.09 -91.21 47.36
C SER E 1905 36.57 -91.30 47.26
N ILE E 1906 35.99 -90.39 46.48
CA ILE E 1906 34.54 -90.35 46.33
C ILE E 1906 34.08 -91.41 45.34
N LYS E 1907 34.88 -91.73 44.33
CA LYS E 1907 34.54 -92.79 43.39
C LYS E 1907 34.60 -94.16 44.06
N GLY E 1908 35.47 -94.33 45.05
CA GLY E 1908 35.54 -95.56 45.82
C GLY E 1908 34.39 -95.75 46.79
N LEU E 1909 33.55 -94.73 46.99
CA LEU E 1909 32.37 -94.89 47.84
C LEU E 1909 31.33 -95.77 47.17
N ASN E 1910 31.26 -95.74 45.84
CA ASN E 1910 30.32 -96.51 45.02
C ASN E 1910 28.87 -96.20 45.41
N LEU E 1911 28.49 -94.94 45.25
CA LEU E 1911 27.14 -94.52 45.60
C LEU E 1911 26.17 -94.61 44.43
N VAL E 1912 26.66 -94.86 43.21
CA VAL E 1912 25.78 -95.09 42.07
C VAL E 1912 25.24 -96.51 42.03
N GLU E 1913 25.72 -97.39 42.91
CA GLU E 1913 25.17 -98.73 43.02
C GLU E 1913 23.96 -98.80 43.94
N ASP E 1914 23.67 -97.73 44.69
CA ASP E 1914 22.53 -97.75 45.59
C ASP E 1914 21.21 -97.69 44.83
N TYR E 1915 21.12 -96.80 43.85
CA TYR E 1915 19.96 -96.65 42.99
C TYR E 1915 20.40 -96.91 41.56
N PRO E 1916 20.57 -98.18 41.18
CA PRO E 1916 21.23 -98.50 39.91
C PRO E 1916 20.33 -98.37 38.71
N GLU E 1917 20.81 -98.89 37.58
CA GLU E 1917 19.98 -99.13 36.40
C GLU E 1917 18.95 -100.23 36.69
N THR E 1918 18.11 -100.49 35.67
CA THR E 1918 16.87 -101.29 35.63
C THR E 1918 15.72 -100.62 36.40
N MET E 1919 15.96 -99.49 37.06
CA MET E 1919 14.90 -98.55 37.42
C MET E 1919 15.38 -97.18 36.98
N HIS E 1920 14.52 -96.48 36.24
CA HIS E 1920 14.97 -95.36 35.40
C HIS E 1920 14.76 -94.04 36.13
N LEU E 1921 15.85 -93.52 36.68
CA LEU E 1921 15.87 -92.24 37.39
C LEU E 1921 17.32 -91.77 37.47
N GLY E 1922 17.49 -90.50 37.81
CA GLY E 1922 18.82 -90.00 38.07
C GLY E 1922 19.75 -89.80 36.90
N ASP E 1923 19.47 -88.79 36.06
CA ASP E 1923 20.47 -88.34 35.10
C ASP E 1923 21.73 -87.85 35.81
N ILE E 1924 21.57 -86.95 36.77
CA ILE E 1924 22.69 -86.41 37.53
C ILE E 1924 22.47 -86.66 39.02
N ARG E 1925 23.56 -86.99 39.71
CA ARG E 1925 23.58 -87.14 41.16
C ARG E 1925 24.49 -86.06 41.74
N ARG E 1926 23.93 -85.19 42.57
CA ARG E 1926 24.67 -84.06 43.12
C ARG E 1926 24.66 -84.16 44.63
N ILE E 1927 25.83 -83.96 45.25
CA ILE E 1927 25.92 -83.97 46.71
C ILE E 1927 25.28 -82.70 47.26
N LYS E 1928 24.36 -82.85 48.21
CA LYS E 1928 23.70 -81.72 48.83
C LYS E 1928 24.43 -81.23 50.07
N GLN E 1929 24.82 -82.15 50.96
CA GLN E 1929 25.41 -81.77 52.25
C GLN E 1929 26.10 -82.99 52.85
N ILE E 1930 27.29 -82.77 53.40
CA ILE E 1930 28.07 -83.83 54.05
C ILE E 1930 28.27 -83.46 55.51
N SER E 1931 27.79 -84.32 56.40
CA SER E 1931 27.98 -84.15 57.84
C SER E 1931 28.72 -85.35 58.39
N VAL E 1932 29.43 -85.13 59.49
CA VAL E 1932 30.37 -86.11 60.05
C VAL E 1932 29.92 -86.44 61.47
N SER E 1933 29.96 -87.71 61.82
CA SER E 1933 29.82 -88.15 63.21
C SER E 1933 31.09 -88.87 63.64
N LEU E 1934 31.42 -88.72 64.92
CA LEU E 1934 32.61 -89.35 65.52
C LEU E 1934 32.19 -90.12 66.77
N PRO E 1935 32.25 -91.46 66.76
CA PRO E 1935 31.95 -92.24 67.96
C PRO E 1935 33.13 -92.36 68.93
N ALA E 1936 33.80 -91.24 69.20
CA ALA E 1936 34.90 -91.18 70.13
C ALA E 1936 34.38 -90.78 71.51
N LEU E 1937 35.23 -90.93 72.52
CA LEU E 1937 34.91 -90.49 73.87
C LEU E 1937 35.58 -89.15 74.12
N LEU E 1938 34.78 -88.17 74.53
CA LEU E 1938 35.30 -86.83 74.78
C LEU E 1938 35.01 -86.43 76.22
N GLY E 1939 33.98 -87.03 76.80
CA GLY E 1939 33.61 -86.72 78.16
C GLY E 1939 32.91 -85.38 78.26
N PRO E 1940 33.23 -84.60 79.30
CA PRO E 1940 32.51 -83.35 79.54
C PRO E 1940 32.72 -82.26 78.48
N TYR E 1941 33.97 -81.82 78.25
CA TYR E 1941 34.19 -80.64 77.42
C TYR E 1941 35.42 -80.73 76.53
N GLN E 1942 35.85 -81.93 76.14
CA GLN E 1942 37.00 -82.06 75.26
C GLN E 1942 36.55 -81.97 73.81
N ASP E 1943 37.33 -81.27 72.98
CA ASP E 1943 36.94 -80.95 71.62
C ASP E 1943 37.81 -81.70 70.62
N VAL E 1944 37.22 -82.05 69.49
CA VAL E 1944 37.95 -82.58 68.34
C VAL E 1944 38.11 -81.46 67.33
N GLN E 1945 39.35 -81.23 66.90
CA GLN E 1945 39.61 -80.42 65.72
C GLN E 1945 39.84 -81.37 64.54
N ALA E 1946 39.25 -81.03 63.40
CA ALA E 1946 39.36 -81.81 62.18
C ALA E 1946 38.90 -80.95 61.02
N THR E 1947 39.30 -81.32 59.81
CA THR E 1947 38.89 -80.62 58.61
C THR E 1947 38.28 -81.61 57.63
N LEU E 1948 37.80 -81.07 56.50
CA LEU E 1948 37.46 -81.83 55.32
C LEU E 1948 37.79 -80.99 54.12
N ASP E 1949 38.35 -81.61 53.08
CA ASP E 1949 38.72 -80.91 51.88
C ASP E 1949 38.24 -81.70 50.66
N TYR E 1950 38.18 -81.00 49.53
CA TYR E 1950 37.88 -81.61 48.25
C TYR E 1950 39.11 -81.50 47.36
N ALA E 1951 39.45 -82.58 46.68
CA ALA E 1951 40.72 -82.68 45.98
C ALA E 1951 40.61 -82.51 44.47
N GLY E 1952 39.51 -82.97 43.87
CA GLY E 1952 39.40 -82.93 42.42
C GLY E 1952 39.17 -81.53 41.88
N GLU E 1953 39.16 -81.44 40.56
CA GLU E 1953 38.91 -80.16 39.91
C GLU E 1953 37.41 -79.89 39.87
N ASN E 1954 37.03 -78.66 40.21
CA ASN E 1954 35.63 -78.28 40.26
C ASN E 1954 35.57 -76.77 40.09
N THR E 1955 35.09 -76.32 38.93
CA THR E 1955 34.92 -74.90 38.65
C THR E 1955 33.54 -74.39 39.03
N HIS E 1956 32.87 -75.04 39.98
CA HIS E 1956 31.51 -74.69 40.35
C HIS E 1956 31.30 -74.54 41.84
N LEU E 1957 32.22 -75.01 42.68
CA LEU E 1957 32.18 -74.69 44.09
C LEU E 1957 32.47 -73.20 44.26
N ALA E 1958 31.63 -72.51 45.04
CA ALA E 1958 31.49 -71.07 44.87
C ALA E 1958 32.64 -70.28 45.48
N LYS E 1959 32.74 -70.28 46.81
CA LYS E 1959 33.81 -69.56 47.49
C LYS E 1959 33.91 -70.11 48.90
N GLY E 1960 35.01 -70.81 49.19
CA GLY E 1960 35.19 -71.39 50.51
C GLY E 1960 34.28 -72.54 50.82
N CYS E 1961 33.63 -73.14 49.82
CA CYS E 1961 32.76 -74.28 50.01
C CYS E 1961 33.50 -75.61 49.86
N THR E 1962 34.82 -75.59 49.77
CA THR E 1962 35.59 -76.82 49.72
C THR E 1962 35.93 -77.34 51.11
N ALA E 1963 35.78 -76.51 52.15
CA ALA E 1963 36.25 -76.85 53.48
C ALA E 1963 35.08 -76.96 54.45
N LEU E 1964 35.36 -77.64 55.57
CA LEU E 1964 34.37 -77.91 56.60
C LEU E 1964 35.14 -78.35 57.84
N ALA E 1965 34.75 -77.85 59.01
CA ALA E 1965 35.45 -78.14 60.25
C ALA E 1965 34.56 -78.90 61.21
N ILE E 1966 35.20 -79.72 62.05
CA ILE E 1966 34.53 -80.55 63.04
C ILE E 1966 34.83 -79.97 64.41
N SER E 1967 33.82 -79.91 65.27
CA SER E 1967 34.05 -79.45 66.64
C SER E 1967 33.27 -80.21 67.71
N ARG E 1968 32.42 -81.16 67.36
CA ARG E 1968 31.55 -81.76 68.36
C ARG E 1968 31.71 -83.27 68.51
N GLY E 1969 31.76 -84.01 67.40
CA GLY E 1969 31.76 -85.45 67.44
C GLY E 1969 30.40 -86.06 67.15
N MET E 1970 29.32 -85.37 67.48
CA MET E 1970 27.98 -85.79 67.12
C MET E 1970 27.75 -85.48 65.63
N ASN E 1971 26.55 -85.77 65.12
CA ASN E 1971 26.21 -85.50 63.73
C ASN E 1971 26.13 -83.98 63.56
N ASP E 1972 27.22 -83.39 63.06
CA ASP E 1972 27.33 -81.96 62.93
C ASP E 1972 27.88 -81.60 61.55
N SER E 1973 27.71 -80.33 61.19
CA SER E 1973 28.16 -79.82 59.91
C SER E 1973 29.07 -78.63 60.13
N GLY E 1974 29.49 -78.02 59.03
CA GLY E 1974 30.31 -76.83 59.10
C GLY E 1974 29.51 -75.54 59.07
N GLN E 1975 28.38 -75.53 59.77
CA GLN E 1975 27.57 -74.34 59.96
C GLN E 1975 26.97 -74.36 61.35
N PHE E 1976 26.81 -73.18 61.94
CA PHE E 1976 25.98 -73.07 63.13
C PHE E 1976 24.51 -73.13 62.72
N GLN E 1977 23.73 -73.95 63.44
CA GLN E 1977 22.29 -74.23 63.23
C GLN E 1977 21.96 -74.49 61.75
N LEU E 1978 22.50 -75.62 61.27
CA LEU E 1978 22.40 -76.08 59.88
C LEU E 1978 20.98 -76.07 59.33
N ASP E 1979 20.73 -75.25 58.31
CA ASP E 1979 19.39 -75.05 57.78
C ASP E 1979 19.45 -75.13 56.26
N PHE E 1980 18.62 -76.01 55.69
CA PHE E 1980 18.55 -76.17 54.25
C PHE E 1980 17.70 -75.10 53.58
N ASN E 1981 16.80 -74.46 54.33
CA ASN E 1981 15.92 -73.43 53.78
C ASN E 1981 16.54 -72.04 53.98
N ASP E 1982 17.73 -71.88 53.42
CA ASP E 1982 18.47 -70.63 53.47
C ASP E 1982 18.88 -70.24 52.06
N GLY E 1983 19.12 -68.94 51.86
CA GLY E 1983 19.51 -68.45 50.55
C GLY E 1983 20.91 -68.80 50.11
N LYS E 1984 21.74 -69.32 51.02
CA LYS E 1984 23.12 -69.68 50.72
C LYS E 1984 23.21 -71.15 50.34
N TYR E 1985 24.35 -71.52 49.75
CA TYR E 1985 24.64 -72.92 49.50
C TYR E 1985 25.21 -73.56 50.77
N LEU E 1986 25.67 -74.79 50.65
CA LEU E 1986 26.24 -75.57 51.73
C LEU E 1986 27.66 -75.97 51.38
N PRO E 1987 28.47 -76.36 52.37
CA PRO E 1987 29.76 -76.97 52.03
C PRO E 1987 29.57 -78.29 51.30
N PHE E 1988 30.42 -78.51 50.29
CA PHE E 1988 30.43 -79.68 49.40
C PHE E 1988 29.14 -79.81 48.61
N GLU E 1989 28.40 -78.71 48.41
CA GLU E 1989 27.16 -78.75 47.67
C GLU E 1989 27.47 -78.55 46.18
N GLY E 1990 27.02 -79.48 45.36
CA GLY E 1990 27.26 -79.39 43.93
C GLY E 1990 28.42 -80.23 43.42
N ILE E 1991 28.71 -81.34 44.08
CA ILE E 1991 29.79 -82.24 43.68
C ILE E 1991 29.14 -83.53 43.16
N ASP E 1992 29.58 -83.98 41.99
CA ASP E 1992 29.10 -85.22 41.43
C ASP E 1992 29.55 -86.41 42.27
N ILE E 1993 28.82 -87.52 42.13
CA ILE E 1993 29.20 -88.75 42.80
C ILE E 1993 30.39 -89.39 42.11
N SER E 1994 30.31 -89.53 40.78
CA SER E 1994 31.39 -90.16 40.02
C SER E 1994 32.44 -89.11 39.65
N ASP E 1995 33.19 -88.70 40.67
CA ASP E 1995 34.32 -87.80 40.50
C ASP E 1995 35.60 -88.49 40.96
N LYS E 1996 36.73 -87.96 40.52
CA LYS E 1996 38.03 -88.47 40.92
C LYS E 1996 38.67 -87.62 42.00
N GLY E 1997 37.87 -86.89 42.76
CA GLY E 1997 38.37 -86.17 43.91
C GLY E 1997 38.26 -86.99 45.18
N THR E 1998 39.10 -86.64 46.16
CA THR E 1998 39.13 -87.37 47.42
C THR E 1998 38.76 -86.45 48.57
N LEU E 1999 38.06 -87.01 49.55
CA LEU E 1999 37.77 -86.30 50.79
C LEU E 1999 38.93 -86.52 51.75
N VAL E 2000 39.57 -85.44 52.17
CA VAL E 2000 40.93 -85.52 52.69
C VAL E 2000 40.94 -85.81 54.19
N LEU E 2001 40.15 -85.07 54.97
CA LEU E 2001 39.88 -85.30 56.40
C LEU E 2001 41.18 -85.24 57.22
N ARG E 2002 41.74 -84.04 57.29
CA ARG E 2002 42.96 -83.80 58.04
C ARG E 2002 42.67 -83.48 59.49
N PHE E 2003 43.30 -84.20 60.39
CA PHE E 2003 43.33 -83.78 61.78
C PHE E 2003 44.54 -82.91 62.04
N PRO E 2004 44.46 -81.97 62.97
CA PRO E 2004 45.65 -81.22 63.39
C PRO E 2004 46.60 -82.04 64.26
N ASN E 2005 47.59 -81.36 64.84
CA ASN E 2005 48.78 -81.95 65.46
C ASN E 2005 48.47 -82.96 66.56
N ALA E 2006 48.82 -84.22 66.30
CA ALA E 2006 48.57 -85.30 67.25
C ALA E 2006 49.66 -85.42 68.31
N THR E 2007 50.83 -84.81 68.10
CA THR E 2007 51.83 -84.70 69.16
C THR E 2007 51.33 -83.77 70.26
N SER E 2008 50.52 -82.78 69.89
CA SER E 2008 49.85 -81.87 70.80
C SER E 2008 48.64 -82.53 71.44
N LYS E 2009 47.71 -81.70 71.95
CA LYS E 2009 46.55 -82.14 72.73
C LYS E 2009 45.61 -83.13 72.03
N GLN E 2010 45.79 -83.36 70.72
CA GLN E 2010 44.99 -84.36 70.01
C GLN E 2010 45.33 -85.79 70.43
N LYS E 2011 46.47 -86.02 71.07
CA LYS E 2011 46.76 -87.34 71.61
C LYS E 2011 45.83 -87.61 72.79
N LEU E 2012 45.43 -88.90 72.91
CA LEU E 2012 44.45 -89.50 73.81
C LEU E 2012 43.02 -89.16 73.37
N LEU E 2013 42.88 -88.29 72.38
CA LEU E 2013 41.64 -88.08 71.66
C LEU E 2013 41.61 -88.91 70.39
N LEU E 2014 42.72 -88.93 69.66
CA LEU E 2014 42.87 -89.75 68.46
C LEU E 2014 43.11 -91.21 68.79
N GLN E 2015 43.45 -91.53 70.04
CA GLN E 2015 43.65 -92.93 70.42
C GLN E 2015 42.33 -93.69 70.41
N SER E 2016 41.34 -93.17 71.12
CA SER E 2016 40.01 -93.78 71.15
C SER E 2016 39.23 -93.31 69.91
N LEU E 2017 39.54 -93.94 68.77
CA LEU E 2017 38.87 -93.62 67.52
C LEU E 2017 38.45 -94.92 66.86
N SER E 2018 37.16 -95.21 66.86
CA SER E 2018 36.64 -96.38 66.19
C SER E 2018 36.69 -96.20 64.68
N ASP E 2019 35.96 -95.22 64.17
CA ASP E 2019 35.87 -94.91 62.74
C ASP E 2019 35.26 -93.51 62.59
N ILE E 2020 34.99 -93.13 61.35
CA ILE E 2020 34.39 -91.85 61.01
C ILE E 2020 33.17 -92.13 60.15
N ILE E 2021 32.01 -91.59 60.55
CA ILE E 2021 30.73 -92.07 60.04
C ILE E 2021 30.39 -91.45 58.69
N LEU E 2022 30.58 -90.13 58.52
CA LEU E 2022 30.42 -89.42 57.25
C LEU E 2022 29.02 -89.56 56.66
N HIS E 2023 28.05 -88.98 57.36
CA HIS E 2023 26.67 -88.93 56.88
C HIS E 2023 26.57 -88.10 55.60
N ILE E 2024 26.31 -88.76 54.48
CA ILE E 2024 26.28 -88.10 53.18
C ILE E 2024 24.82 -87.93 52.76
N ARG E 2025 24.45 -86.70 52.43
CA ARG E 2025 23.12 -86.39 51.92
C ARG E 2025 23.29 -85.85 50.51
N TYR E 2026 22.83 -86.60 49.52
CA TYR E 2026 22.93 -86.17 48.13
C TYR E 2026 21.54 -86.13 47.50
N THR E 2027 21.47 -85.53 46.33
CA THR E 2027 20.22 -85.27 45.63
C THR E 2027 20.24 -85.96 44.28
N ILE E 2028 19.28 -86.84 44.05
CA ILE E 2028 19.04 -87.42 42.75
C ILE E 2028 18.02 -86.58 42.01
N ARG E 2029 18.36 -86.15 40.80
CA ARG E 2029 17.44 -85.31 40.04
C ARG E 2029 17.63 -85.60 38.56
N SER E 2030 16.55 -85.41 37.80
CA SER E 2030 16.57 -85.67 36.37
C SER E 2030 17.27 -84.54 35.63
#